data_6U8Y
#
_entry.id   6U8Y
#
_cell.length_a   1.00
_cell.length_b   1.00
_cell.length_c   1.00
_cell.angle_alpha   90.00
_cell.angle_beta   90.00
_cell.angle_gamma   90.00
#
_symmetry.space_group_name_H-M   'P 1'
#
loop_
_entity.id
_entity.type
_entity.pdbx_description
1 polymer 'Monovalent cation/H+ antiporter subunit E'
2 polymer 'Monovalent cation/H+ antiporter subunit F'
3 polymer 'Monovalent cation/H+ antiporter subunit G'
4 polymer 'DUF4040 domain-containing protein'
5 polymer 'Monovalent cation/H+ antiporter subunit B'
6 polymer 'Monovalent cation/H+ antiporter subunit C'
7 polymer 'NADH dehydrogenase subunit N'
8 polymer 'NADH dehydrogenase subunit M'
9 polymer 'NADH dehydrogenase subunit B'
10 polymer 'NADH dehydrogenase subunit C'
11 polymer 'NADH dehydrogenase subunit D'
12 polymer 'NADH dehydrogenase subunit'
13 polymer 'NADH dehydrogenase subunit I'
14 non-polymer 'IRON/SULFUR CLUSTER'
#
loop_
_entity_poly.entity_id
_entity_poly.type
_entity_poly.pdbx_seq_one_letter_code
_entity_poly.pdbx_strand_id
1 'polypeptide(L)'
;MEEASSISRYLYTFIVLFIIWLFLTASLDPQELTIGALFSAIAALFTYEIFTTRGLANLHPKRVLYFIAYIPYFLWAMIM
ANLDVAYRVLHPKRPINPGIVECKTTLTNNVGKMALANSITLTPGTITLDVDGDKYFIHWIDVKDSSVEGASEHITKPFE
KFLRVIFE
;
A,a
2 'polypeptide(L)'
;MIGVNIYLLLIGVATLLSMYRVFRGPTTVDRLVAVDIMTTITVGLMVLFALYYRRIIFLDVALVYAILSFAGVIAFARYL
EGGL
;
B,b
3 'polypeptide(L)'
;MSVLSLIGELLVLFGTVFYLLSTLGLIRMPDVYNRMQTATKSATLGSLGVIIGTGIWALGEGFSVAWLTKAIVIAAFLLL
TNPISAHALIRAAYKSGIPLWEGSVVDKYKEHLERKKKEEGEQE
;
C,c
4 'polypeptide(L)'
;MNCIVCIEYIIVALMIISAILAVEWRDLLASTVGMAAVSLFASILFFFLQAPDVAMTEAAIGAALSAAVFIFAIKRTYRY
ETEEEEKLGWWVRW
;
D,d
5 'polypeptide(L)'
;MLKRVLAILTILVIGYWLAQGLADVPFGQDKMVVGKYYLEHVKEETGAVNAVTAVVVNYRGLDTLGEVTVLFIASTGVAA
LLWKKKRERTAKTEGSVVLTTGARLLFPFIALFGMYIFIHGHLTPGGGFPGGATIATAFLLMYLAFTIYEIPHRGFEVTE
GLAGMGYVITGLIGLAIGGYFLFDWIWQTWGWGHENIGRLFSGGFIPIIYTLIGIKVGTELSGIVDNMLKEEVKE
;
E,e
6 'polypeptide(L)'
;MISSYYFGAISLILIGLYAVLVKKNLLKILIGLSIMETGVNLLLISIGYVSGKSAPILSEGVTASNAVDPIPQALVLTAI
VIGVATTAMALSVAILLYEKYGTLNIEEIRRLRG
;
G,g
7 'polypeptide(L)'
;MSQVAALLIALPLISAFFVPVLKQIGKSLIKPFLVIITLLQTLIASWAFVQVYSTGKPIIIYAGGWKPPIGINLYIGHFA
ALFILVIAVVSFLMALFNFKAVTVEPIDKYAMLFLLLLLGATGMIATGDIFNLFVFMEITAISAYALTAYNKTGEAAEAS
MKYIVLGGIGSSFFLVGVALIYGATGTLNMAHLAMLANDINPTVVQVGLALIIFGLAVEAELFPLNAWAPDAYQAAPHPI
TVMFSAFVVKAGLYAMARILYLFKDVSGWSSLTKLLIAMATLTVVFAELSALRQKNVKRMIAYSSIGQVGLIALALSLGT
QEGVSAGVFHMLNHAIVKTMMFMAIGYVGITLGGTMIENFEGLGKRMPLTSLSLTIGGIATVGVPLFNVFWSKLRIILAA
AHEGNLWPVALVLFASVVEAVYYFRLIHTMWFKGKSGERIPEGAIAIVLLLLAMLIIVIGVYPTPFWNLVTKAGSDIVEV
SKYVANVLPGVKL
;
H,h
8 'polypeptide(L)'
;MNELPIILLSPLIGGALAWLIRVKGIREAIGVVSSAIPLYFLIKLYPALEGEPIRYSLNVGGFELTLALSHISWIFAMIA
AVVGLSAVLGLVSTAKDSNEWLFALMSLAGALGVFLANDFVVFFLSWEIMTFASFMMVFKYNRHASLKYFVLSIAGAYAM
LLAIGIIYAKTGSLSFPEISAIFRQDAMMGMMGGGGVFTKTETLLIYALFLVAFGVKAGMFPLHVWAPDAYSETNQSYTA
MFSGVLSKTGVYGFFLLYLLMYGKLAITLGNVRSAPTFGYIIAFLGGLTIMVGGILAALQEDIRKLFAYSSISQIGYILI
GLGIGTPLGIAAATYHAISHALFKGLFFLIVATIIYRTGKTEFKDYGGLAEKMPITFAMAFVAILSLAGIPPMAGFASKW
LIFEAVISRNLPILGAMVFFGSAIGFVYLIRFTYAVWFGQRPSDLEDVKDAPLPLAIGMGILAILNVIFGVAPGLVAREL
NKLFSNPPIGGTIWELDLGFGRYNGLLLSIWLVIGLIIAAILYFMGAGVRKVPVTDTYQSGNPVTMEYNLTIRRNFFLPL
KEAMAFWLKMSFDRLYHDIWKAIEELADLARSYVYNGNIQAYAWYLAIILLILVAMGV
;
X,x
9 'polypeptide(L)'
;MVDWRLFEPLFNWARKKSLWIVAFCTGCGGIEMPPLMTARYDLERFGIMPDPSPRQYDLFLITGYVTPKTLKRIIITYEM
APDPKYVLAHGSCPINGGIYWDAYNAIKQLDKYIPVDVYIAGCMPRPEAVMDGIKKLMEMIENGEADGWKRYKENYEWYR
KNQDELLGEGWREKEARKWIPWLMDKRKEVKE
;
J,j
10 'polypeptide(L)'
;MTWEKGEEIVKQILEKAPYAEGKVRRERRLEFRVPADKIRDFLRIMKESNFPLMLQITAVDWPKEGEIELVYHLINVELG
THAMVKTRIPRDLDKARMPTVKDIYPAAETYERDVHDFFGVYFEGNEKMEMPWILDDPERGLYPHRKDFDMLAYVKKKYK
ILDRFDEDKDKYVI
;
K,k
11 'polypeptide(L)'
;MVSQEELIREARQNGMELYPIDKDTYELFFGPQHMATENFSIILKMDGNRVVKAIANPGFLHRGFEKLAEYRPWYTNIAL
LLRICVPEPDVPEAIYSMAVDEIIGWEVPERAQWIRTLVLEMARVTAYLFWIMGLSFKLGVYTAGQWAAAYRERFMALFE
QLTGARVYHIYTIPGGVRRDIPGDKWLRQVRDTVEYLKDKLKDFDNVLFENYITYKRLEGIGVMDKKFALEEGVTGPNLR
ATGVAYDVRKSDPYLLYPELDFEIPVLKEGDALARVLVRRYELEQDLYIIEQLLDMGPPSGPYKVQDPKLKNLPRFKVPP
GEAFAHVEATKGDFGAYVVSDGGHKPYRVHIRGPSIAHGVRVLEQLLVGARLADVPAILMSLDNCPPDIDR
;
L,l
12 'polypeptide(L)'
;MIGVFLRALLIIIYATFVGFIFMGIIRKVTARIHRRIGPPIYQPIIDTLKFFGKKENITHGLIYDFGIIYAVGATILALM
FIPLGPISVLRAYGDLILVTFLLEIPMLGIMFAAMSSGNPYAGIGAQRALLTLLAIQVPLGLAIIAVAEYYGTFSTYEIV
MAQQKMGWSIFHLPLLLAAIAYDIVLQAMFGKEPFDIMIAPGEISLGPMVEFGGKHMGMLQIQHAMALFAETLFFSNIFL
GGGVVTAFGSPLLNTLASLAVLLVKQIAVLLIAIFVGAIFPRFTIDQAAKFYWKWPTIIAAIGAIMASL
;
M,m
13 'polypeptide(L)'
;MEEVTFRIAPEEKVKKKPSFLKPWFGLKYLFKKPVTIKIPYEFIEPAPRYRGFHTLDWKKCIGCNMCGQICPARAIEMTW
IEGEKRPHPKIDYGRCTFCQFCVDVCPTGALGFIETYMLTTTWREEELLLYDWVPIEPEKFKEIQEKFKDYKFPVEKIEF
NKETKEVTYYLRDGTTFKFKILGYGLKPPVKPQPTTKQQEEEKKESGQ
;
N,n
#
loop_
_chem_comp.id
_chem_comp.type
_chem_comp.name
_chem_comp.formula
SF4 non-polymer 'IRON/SULFUR CLUSTER' 'Fe4 S4'
#
# COMPACT_ATOMS: atom_id res chain seq x y z
N ILE A 7 -54.89 -8.54 -97.01
CA ILE A 7 -56.15 -9.09 -96.53
C ILE A 7 -56.30 -10.51 -97.03
N SER A 8 -55.69 -10.81 -98.18
CA SER A 8 -55.60 -12.15 -98.71
C SER A 8 -54.31 -12.83 -98.29
N ARG A 9 -53.30 -12.02 -97.97
CA ARG A 9 -52.08 -12.57 -97.39
C ARG A 9 -52.32 -13.09 -95.99
N TYR A 10 -53.34 -12.58 -95.30
CA TYR A 10 -53.72 -13.07 -93.99
C TYR A 10 -54.14 -14.53 -94.05
N LEU A 11 -55.02 -14.87 -94.99
CA LEU A 11 -55.39 -16.26 -95.16
C LEU A 11 -54.27 -17.07 -95.81
N TYR A 12 -53.29 -16.41 -96.45
CA TYR A 12 -52.09 -17.14 -96.88
C TYR A 12 -51.27 -17.61 -95.69
N THR A 13 -51.01 -16.72 -94.72
CA THR A 13 -50.33 -17.11 -93.49
C THR A 13 -51.13 -18.17 -92.74
N PHE A 14 -52.46 -18.05 -92.77
CA PHE A 14 -53.33 -19.06 -92.16
C PHE A 14 -53.14 -20.42 -92.82
N ILE A 15 -52.99 -20.44 -94.15
CA ILE A 15 -52.86 -21.70 -94.86
C ILE A 15 -51.53 -22.37 -94.56
N VAL A 16 -50.45 -21.59 -94.49
CA VAL A 16 -49.14 -22.16 -94.20
C VAL A 16 -49.06 -22.67 -92.77
N LEU A 17 -49.61 -21.91 -91.81
CA LEU A 17 -49.65 -22.36 -90.43
C LEU A 17 -50.55 -23.59 -90.26
N PHE A 18 -51.62 -23.67 -91.06
CA PHE A 18 -52.52 -24.81 -90.98
C PHE A 18 -51.87 -26.08 -91.51
N ILE A 19 -51.10 -25.97 -92.60
CA ILE A 19 -50.50 -27.17 -93.16
C ILE A 19 -49.31 -27.61 -92.33
N ILE A 20 -48.64 -26.69 -91.64
CA ILE A 20 -47.60 -27.09 -90.69
C ILE A 20 -48.23 -27.77 -89.48
N TRP A 21 -49.41 -27.31 -89.06
CA TRP A 21 -50.15 -28.00 -88.01
C TRP A 21 -50.61 -29.38 -88.47
N LEU A 22 -50.93 -29.51 -89.75
CA LEU A 22 -51.34 -30.82 -90.28
C LEU A 22 -50.16 -31.78 -90.29
N PHE A 23 -48.96 -31.30 -90.63
CA PHE A 23 -47.79 -32.16 -90.62
C PHE A 23 -47.31 -32.47 -89.21
N LEU A 24 -47.53 -31.56 -88.26
CA LEU A 24 -46.99 -31.71 -86.92
C LEU A 24 -47.74 -32.74 -86.10
N THR A 25 -49.02 -32.95 -86.43
CA THR A 25 -49.86 -33.95 -85.72
C THR A 25 -50.14 -35.13 -86.66
N ALA A 26 -49.49 -36.27 -86.39
CA ALA A 26 -49.66 -37.49 -87.22
C ALA A 26 -51.14 -37.85 -87.35
N SER A 27 -51.76 -38.22 -86.22
CA SER A 27 -53.17 -38.71 -86.24
C SER A 27 -54.14 -37.52 -86.21
N LEU A 28 -54.21 -36.77 -87.31
CA LEU A 28 -55.12 -35.60 -87.41
C LEU A 28 -56.58 -36.09 -87.38
N ASP A 29 -57.29 -35.80 -86.30
CA ASP A 29 -58.67 -36.21 -86.16
C ASP A 29 -59.59 -35.04 -86.47
N PRO A 30 -60.72 -35.30 -87.15
CA PRO A 30 -61.69 -34.22 -87.39
C PRO A 30 -62.33 -33.66 -86.13
N GLN A 31 -62.29 -34.40 -85.02
CA GLN A 31 -62.72 -33.90 -83.73
C GLN A 31 -61.57 -33.27 -82.94
N GLU A 32 -60.50 -32.88 -83.62
CA GLU A 32 -59.39 -32.18 -83.01
C GLU A 32 -59.01 -30.96 -83.84
N LEU A 33 -59.29 -31.03 -85.14
CA LEU A 33 -58.73 -30.09 -86.11
C LEU A 33 -59.31 -28.69 -85.95
N THR A 34 -60.52 -28.56 -85.39
CA THR A 34 -61.11 -27.24 -85.19
C THR A 34 -60.29 -26.42 -84.17
N ILE A 35 -59.63 -27.10 -83.24
CA ILE A 35 -58.87 -26.40 -82.22
C ILE A 35 -57.56 -25.86 -82.81
N GLY A 36 -56.93 -26.63 -83.69
CA GLY A 36 -55.71 -26.15 -84.33
C GLY A 36 -56.00 -25.11 -85.39
N ALA A 37 -57.16 -25.23 -86.05
CA ALA A 37 -57.58 -24.22 -87.01
C ALA A 37 -57.89 -22.91 -86.31
N LEU A 38 -58.44 -22.99 -85.11
CA LEU A 38 -58.70 -21.79 -84.32
C LEU A 38 -57.40 -21.12 -83.90
N PHE A 39 -56.43 -21.92 -83.44
CA PHE A 39 -55.19 -21.31 -82.96
C PHE A 39 -54.29 -20.85 -84.10
N SER A 40 -54.36 -21.51 -85.26
CA SER A 40 -53.70 -20.99 -86.45
C SER A 40 -54.33 -19.68 -86.88
N ALA A 41 -55.64 -19.52 -86.66
CA ALA A 41 -56.29 -18.28 -87.01
C ALA A 41 -55.88 -17.13 -86.07
N ILE A 42 -55.83 -17.39 -84.76
CA ILE A 42 -55.42 -16.33 -83.84
C ILE A 42 -53.93 -16.03 -83.99
N ALA A 43 -53.13 -17.02 -84.39
CA ALA A 43 -51.71 -16.76 -84.59
C ALA A 43 -51.50 -15.98 -85.89
N ALA A 44 -52.39 -16.19 -86.86
CA ALA A 44 -52.34 -15.40 -88.09
C ALA A 44 -52.71 -13.96 -87.83
N LEU A 45 -53.88 -13.72 -87.20
CA LEU A 45 -54.31 -12.36 -86.94
C LEU A 45 -53.47 -11.67 -85.87
N PHE A 46 -52.67 -12.43 -85.13
CA PHE A 46 -51.63 -11.81 -84.30
C PHE A 46 -50.60 -11.11 -85.18
N THR A 47 -49.86 -11.87 -85.99
CA THR A 47 -48.82 -11.31 -86.87
C THR A 47 -48.96 -11.93 -88.27
N TYR A 48 -49.76 -11.29 -89.13
CA TYR A 48 -49.75 -11.62 -90.55
C TYR A 48 -49.06 -10.56 -91.38
N GLU A 49 -48.43 -9.58 -90.76
CA GLU A 49 -47.61 -8.58 -91.43
C GLU A 49 -46.18 -9.02 -91.58
N ILE A 50 -45.97 -10.33 -91.61
CA ILE A 50 -44.64 -10.90 -91.63
C ILE A 50 -44.36 -11.66 -92.93
N PHE A 51 -45.33 -12.42 -93.44
CA PHE A 51 -45.12 -13.27 -94.60
C PHE A 51 -45.41 -12.55 -95.91
N THR A 52 -45.20 -11.24 -95.96
CA THR A 52 -45.55 -10.42 -97.13
C THR A 52 -44.56 -10.63 -98.27
N THR A 53 -44.63 -11.81 -98.87
CA THR A 53 -43.88 -12.08 -100.09
C THR A 53 -44.79 -11.83 -101.29
N ARG A 54 -45.11 -10.56 -101.51
CA ARG A 54 -46.01 -10.08 -102.56
C ARG A 54 -47.37 -10.78 -102.46
N GLY A 55 -48.00 -10.61 -101.30
CA GLY A 55 -49.36 -11.06 -101.07
C GLY A 55 -49.55 -12.57 -101.08
N LEU A 56 -50.76 -12.96 -101.46
CA LEU A 56 -51.18 -14.36 -101.57
C LEU A 56 -50.64 -15.04 -102.82
N ALA A 57 -50.17 -14.26 -103.80
CA ALA A 57 -49.86 -14.79 -105.12
C ALA A 57 -48.60 -15.66 -105.13
N ASN A 58 -48.67 -16.81 -104.44
CA ASN A 58 -47.65 -17.84 -104.48
C ASN A 58 -48.29 -19.21 -104.65
N LEU A 59 -49.57 -19.24 -105.02
CA LEU A 59 -50.35 -20.46 -105.16
C LEU A 59 -50.23 -21.08 -106.55
N HIS A 60 -49.28 -20.61 -107.37
CA HIS A 60 -49.12 -21.05 -108.75
C HIS A 60 -48.77 -22.53 -108.79
N PRO A 61 -49.52 -23.35 -109.54
CA PRO A 61 -49.25 -24.79 -109.57
C PRO A 61 -47.94 -25.14 -110.25
N LYS A 62 -47.39 -24.24 -111.07
CA LYS A 62 -46.05 -24.45 -111.59
C LYS A 62 -45.00 -24.24 -110.53
N ARG A 63 -45.25 -23.31 -109.60
CA ARG A 63 -44.22 -22.86 -108.68
C ARG A 63 -43.95 -23.89 -107.59
N VAL A 64 -45.01 -24.33 -106.90
CA VAL A 64 -44.84 -25.26 -105.79
C VAL A 64 -44.37 -26.62 -106.29
N LEU A 65 -44.78 -27.00 -107.51
CA LEU A 65 -44.29 -28.23 -108.10
C LEU A 65 -42.82 -28.10 -108.49
N TYR A 66 -42.41 -26.89 -108.90
CA TYR A 66 -40.99 -26.61 -109.17
C TYR A 66 -40.15 -26.78 -107.92
N PHE A 67 -40.62 -26.25 -106.78
CA PHE A 67 -39.82 -26.28 -105.56
C PHE A 67 -39.78 -27.68 -104.97
N ILE A 68 -40.88 -28.42 -105.02
CA ILE A 68 -40.88 -29.76 -104.46
C ILE A 68 -40.17 -30.74 -105.39
N ALA A 69 -40.14 -30.46 -106.69
CA ALA A 69 -39.32 -31.29 -107.57
C ALA A 69 -37.84 -30.98 -107.40
N TYR A 70 -37.48 -29.79 -106.94
CA TYR A 70 -36.07 -29.47 -106.80
C TYR A 70 -35.58 -29.40 -105.36
N ILE A 71 -36.38 -29.81 -104.38
CA ILE A 71 -35.81 -30.11 -103.07
C ILE A 71 -34.98 -31.41 -103.04
N PRO A 72 -35.27 -32.49 -103.81
CA PRO A 72 -34.24 -33.55 -103.86
C PRO A 72 -33.02 -33.16 -104.67
N TYR A 73 -33.16 -32.21 -105.60
CA TYR A 73 -32.03 -31.59 -106.25
C TYR A 73 -31.11 -30.91 -105.23
N PHE A 74 -31.73 -30.14 -104.32
CA PHE A 74 -31.02 -29.57 -103.17
C PHE A 74 -30.33 -30.65 -102.34
N LEU A 75 -31.10 -31.67 -101.94
CA LEU A 75 -30.60 -32.67 -101.01
C LEU A 75 -29.50 -33.53 -101.63
N TRP A 76 -29.56 -33.74 -102.95
CA TRP A 76 -28.48 -34.46 -103.63
C TRP A 76 -27.19 -33.64 -103.63
N ALA A 77 -27.33 -32.31 -103.80
CA ALA A 77 -26.17 -31.44 -103.65
C ALA A 77 -25.60 -31.50 -102.25
N MET A 78 -26.49 -31.55 -101.24
CA MET A 78 -26.02 -31.58 -99.85
C MET A 78 -25.25 -32.85 -99.54
N ILE A 79 -25.77 -34.01 -99.95
CA ILE A 79 -25.13 -35.27 -99.59
C ILE A 79 -23.81 -35.44 -100.35
N MET A 80 -23.75 -34.99 -101.60
CA MET A 80 -22.53 -35.12 -102.38
C MET A 80 -21.44 -34.19 -101.86
N ALA A 81 -21.81 -32.94 -101.54
CA ALA A 81 -20.83 -31.97 -101.07
C ALA A 81 -20.34 -32.30 -99.67
N ASN A 82 -21.23 -32.85 -98.84
CA ASN A 82 -20.80 -33.18 -97.48
C ASN A 82 -19.94 -34.43 -97.45
N LEU A 83 -20.19 -35.38 -98.36
CA LEU A 83 -19.25 -36.51 -98.49
C LEU A 83 -17.92 -36.06 -99.06
N ASP A 84 -17.92 -35.02 -99.89
CA ASP A 84 -16.66 -34.47 -100.40
C ASP A 84 -15.85 -33.85 -99.26
N VAL A 85 -16.50 -33.12 -98.36
CA VAL A 85 -15.75 -32.53 -97.26
C VAL A 85 -15.43 -33.58 -96.19
N ALA A 86 -16.12 -34.72 -96.23
CA ALA A 86 -15.69 -35.86 -95.43
C ALA A 86 -14.41 -36.47 -96.02
N TYR A 87 -14.29 -36.45 -97.35
CA TYR A 87 -13.07 -36.92 -98.00
C TYR A 87 -11.91 -35.94 -97.76
N ARG A 88 -12.24 -34.67 -97.46
CA ARG A 88 -11.22 -33.68 -97.15
C ARG A 88 -10.40 -34.01 -95.90
N VAL A 89 -10.93 -34.83 -95.00
CA VAL A 89 -10.22 -35.19 -93.77
C VAL A 89 -9.31 -36.35 -94.14
N LEU A 90 -8.15 -36.01 -94.72
CA LEU A 90 -7.08 -36.96 -94.97
C LEU A 90 -6.07 -36.84 -93.84
N HIS A 91 -5.33 -37.92 -93.60
CA HIS A 91 -4.72 -38.05 -92.29
C HIS A 91 -3.46 -37.18 -92.14
N PRO A 92 -2.48 -37.16 -93.07
CA PRO A 92 -1.54 -36.02 -93.02
C PRO A 92 -1.84 -34.93 -94.05
N LYS A 93 -2.78 -35.18 -94.96
CA LYS A 93 -2.82 -34.47 -96.23
C LYS A 93 -4.20 -33.87 -96.49
N ARG A 94 -4.38 -33.41 -97.73
CA ARG A 94 -5.51 -32.58 -98.15
C ARG A 94 -5.85 -31.42 -97.21
N PRO A 95 -4.93 -30.46 -97.03
CA PRO A 95 -5.20 -29.40 -96.07
C PRO A 95 -6.05 -28.29 -96.68
N ILE A 96 -7.12 -27.93 -95.99
CA ILE A 96 -7.99 -26.89 -96.49
C ILE A 96 -7.38 -25.53 -96.17
N ASN A 97 -7.28 -24.68 -97.17
CA ASN A 97 -7.03 -23.26 -96.97
C ASN A 97 -8.34 -22.50 -97.05
N PRO A 98 -8.49 -21.44 -96.28
CA PRO A 98 -9.77 -20.70 -96.28
C PRO A 98 -10.02 -19.93 -97.56
N GLY A 99 -11.25 -19.49 -97.75
CA GLY A 99 -11.61 -18.67 -98.88
C GLY A 99 -12.37 -17.45 -98.44
N ILE A 100 -12.35 -16.40 -99.25
CA ILE A 100 -13.03 -15.16 -98.91
C ILE A 100 -13.83 -14.70 -100.13
N VAL A 101 -13.85 -15.56 -101.15
CA VAL A 101 -14.32 -15.19 -102.48
C VAL A 101 -15.80 -14.86 -102.48
N GLU A 102 -16.19 -13.96 -103.38
CA GLU A 102 -17.51 -13.35 -103.37
C GLU A 102 -18.35 -13.81 -104.55
N CYS A 103 -19.65 -13.58 -104.45
CA CYS A 103 -20.60 -13.90 -105.51
C CYS A 103 -21.73 -12.87 -105.51
N LYS A 104 -22.04 -12.35 -106.69
CA LYS A 104 -23.07 -11.34 -106.84
C LYS A 104 -24.41 -11.98 -107.19
N THR A 105 -25.48 -11.31 -106.78
CA THR A 105 -26.84 -11.76 -107.06
C THR A 105 -27.64 -10.66 -107.74
N THR A 106 -28.78 -11.06 -108.28
CA THR A 106 -29.72 -10.15 -108.94
C THR A 106 -31.14 -10.46 -108.48
N LEU A 107 -31.27 -10.89 -107.23
CA LEU A 107 -32.53 -11.39 -106.70
C LEU A 107 -33.20 -10.34 -105.83
N THR A 108 -34.45 -10.02 -106.15
CA THR A 108 -35.34 -9.34 -105.23
C THR A 108 -36.05 -10.44 -104.42
N ASN A 109 -37.11 -10.06 -103.68
CA ASN A 109 -37.88 -10.96 -102.81
C ASN A 109 -36.95 -11.62 -101.77
N ASN A 110 -36.52 -10.77 -100.82
CA ASN A 110 -35.47 -10.99 -99.81
C ASN A 110 -35.44 -12.37 -99.14
N VAL A 111 -36.58 -13.05 -99.10
CA VAL A 111 -36.63 -14.46 -98.74
C VAL A 111 -35.83 -15.31 -99.73
N GLY A 112 -35.68 -14.85 -100.98
CA GLY A 112 -34.77 -15.51 -101.89
C GLY A 112 -33.31 -15.32 -101.51
N LYS A 113 -32.98 -14.17 -100.92
CA LYS A 113 -31.63 -13.97 -100.42
C LYS A 113 -31.37 -14.86 -99.21
N MET A 114 -32.39 -15.01 -98.36
CA MET A 114 -32.34 -16.04 -97.31
C MET A 114 -32.17 -17.43 -97.86
N ALA A 115 -32.92 -17.79 -98.90
CA ALA A 115 -32.88 -19.15 -99.40
C ALA A 115 -31.56 -19.43 -100.11
N LEU A 116 -30.98 -18.42 -100.78
CA LEU A 116 -29.68 -18.61 -101.39
C LEU A 116 -28.61 -18.75 -100.31
N ALA A 117 -28.71 -17.95 -99.24
CA ALA A 117 -27.73 -18.02 -98.17
C ALA A 117 -27.81 -19.35 -97.43
N ASN A 118 -29.02 -19.88 -97.24
CA ASN A 118 -29.17 -21.16 -96.56
C ASN A 118 -28.69 -22.31 -97.44
N SER A 119 -29.05 -22.28 -98.74
CA SER A 119 -28.63 -23.34 -99.64
C SER A 119 -27.14 -23.30 -99.89
N ILE A 120 -26.53 -22.11 -99.88
CA ILE A 120 -25.09 -22.08 -100.02
C ILE A 120 -24.42 -22.47 -98.71
N THR A 121 -25.10 -22.31 -97.56
CA THR A 121 -24.56 -22.80 -96.29
C THR A 121 -24.73 -24.30 -96.15
N LEU A 122 -25.56 -24.92 -96.99
CA LEU A 122 -25.73 -26.36 -96.97
C LEU A 122 -24.96 -27.09 -98.07
N THR A 123 -24.15 -26.38 -98.85
CA THR A 123 -23.22 -26.90 -99.83
C THR A 123 -21.80 -26.76 -99.23
N PRO A 124 -20.65 -27.24 -99.88
CA PRO A 124 -19.64 -28.03 -99.15
C PRO A 124 -18.98 -27.44 -97.90
N GLY A 125 -19.33 -26.24 -97.50
CA GLY A 125 -18.55 -25.53 -96.51
C GLY A 125 -18.57 -24.05 -96.84
N THR A 126 -19.33 -23.72 -97.88
CA THR A 126 -19.42 -22.35 -98.35
C THR A 126 -20.24 -21.50 -97.39
N ILE A 127 -19.62 -21.09 -96.28
CA ILE A 127 -20.35 -20.38 -95.24
C ILE A 127 -20.53 -18.92 -95.64
N THR A 128 -21.76 -18.45 -95.55
CA THR A 128 -22.08 -17.05 -95.78
C THR A 128 -21.54 -16.22 -94.64
N LEU A 129 -21.06 -15.01 -94.95
CA LEU A 129 -20.83 -14.01 -93.93
C LEU A 129 -21.11 -12.63 -94.51
N ASP A 130 -22.00 -11.89 -93.84
CA ASP A 130 -22.27 -10.47 -94.11
C ASP A 130 -22.76 -10.21 -95.53
N VAL A 131 -23.98 -10.68 -95.81
CA VAL A 131 -24.72 -10.32 -97.00
C VAL A 131 -24.91 -8.81 -97.09
N ASP A 132 -24.44 -8.21 -98.18
CA ASP A 132 -24.78 -6.84 -98.49
C ASP A 132 -25.81 -6.81 -99.61
N GLY A 133 -26.22 -5.60 -99.98
CA GLY A 133 -27.25 -5.44 -101.00
C GLY A 133 -26.81 -5.64 -102.43
N ASP A 134 -25.57 -6.06 -102.67
CA ASP A 134 -25.07 -6.21 -104.03
C ASP A 134 -24.57 -7.61 -104.32
N LYS A 135 -23.95 -8.25 -103.32
CA LYS A 135 -23.29 -9.53 -103.54
C LYS A 135 -23.41 -10.37 -102.28
N TYR A 136 -22.66 -11.47 -102.26
CA TYR A 136 -22.51 -12.30 -101.08
C TYR A 136 -21.01 -12.44 -100.80
N PHE A 137 -20.69 -12.78 -99.56
CA PHE A 137 -19.31 -13.05 -99.18
C PHE A 137 -19.25 -14.43 -98.56
N ILE A 138 -18.37 -15.26 -99.10
CA ILE A 138 -18.40 -16.69 -98.84
C ILE A 138 -17.08 -17.09 -98.21
N HIS A 139 -17.15 -17.82 -97.09
CA HIS A 139 -15.98 -18.50 -96.55
C HIS A 139 -15.84 -19.83 -97.27
N TRP A 140 -15.04 -19.82 -98.32
CA TRP A 140 -14.99 -20.91 -99.27
C TRP A 140 -14.08 -22.03 -98.75
N ILE A 141 -13.72 -22.96 -99.63
CA ILE A 141 -12.83 -24.08 -99.39
C ILE A 141 -11.56 -23.75 -100.15
N ASP A 142 -10.65 -24.74 -100.26
CA ASP A 142 -9.34 -24.64 -100.91
C ASP A 142 -9.37 -23.86 -102.22
N VAL A 143 -8.62 -22.76 -102.24
CA VAL A 143 -8.75 -21.76 -103.29
C VAL A 143 -7.92 -22.19 -104.50
N LYS A 144 -8.62 -22.60 -105.56
CA LYS A 144 -8.01 -22.87 -106.85
C LYS A 144 -8.77 -22.30 -108.02
N ASP A 145 -10.02 -21.85 -107.84
CA ASP A 145 -10.81 -21.38 -108.96
C ASP A 145 -10.51 -19.92 -109.30
N SER A 146 -10.81 -19.00 -108.38
CA SER A 146 -10.66 -17.57 -108.66
C SER A 146 -10.65 -16.80 -107.36
N SER A 147 -10.07 -15.59 -107.41
CA SER A 147 -10.13 -14.69 -106.27
C SER A 147 -11.43 -13.90 -106.30
N VAL A 148 -11.80 -13.37 -107.47
CA VAL A 148 -13.12 -12.82 -107.71
C VAL A 148 -13.79 -13.66 -108.78
N GLU A 149 -15.05 -14.02 -108.56
CA GLU A 149 -15.76 -14.93 -109.43
C GLU A 149 -16.88 -14.17 -110.15
N GLY A 150 -16.81 -14.13 -111.48
CA GLY A 150 -17.84 -13.49 -112.28
C GLY A 150 -19.05 -14.34 -112.56
N ALA A 151 -19.23 -15.43 -111.83
CA ALA A 151 -20.38 -16.31 -111.99
C ALA A 151 -20.67 -16.94 -110.63
N SER A 152 -21.45 -18.02 -110.65
CA SER A 152 -21.70 -18.83 -109.46
C SER A 152 -21.46 -20.31 -109.67
N GLU A 153 -21.38 -20.77 -110.92
CA GLU A 153 -21.30 -22.19 -111.22
C GLU A 153 -19.93 -22.76 -110.92
N HIS A 154 -18.92 -21.92 -110.75
CA HIS A 154 -17.58 -22.41 -110.42
C HIS A 154 -17.43 -22.64 -108.92
N ILE A 155 -18.14 -21.88 -108.10
CA ILE A 155 -18.05 -22.05 -106.65
C ILE A 155 -19.15 -22.97 -106.13
N THR A 156 -20.38 -22.78 -106.62
CA THR A 156 -21.52 -23.57 -106.21
C THR A 156 -22.12 -24.25 -107.44
N LYS A 157 -23.22 -24.85 -107.25
CA LYS A 157 -24.12 -25.31 -108.28
C LYS A 157 -25.11 -24.18 -108.59
N PRO A 158 -25.63 -24.07 -109.83
CA PRO A 158 -26.58 -22.99 -110.12
C PRO A 158 -27.91 -23.11 -109.39
N PHE A 159 -27.93 -22.76 -108.11
CA PHE A 159 -29.20 -22.53 -107.43
C PHE A 159 -29.80 -21.19 -107.80
N GLU A 160 -29.05 -20.34 -108.49
CA GLU A 160 -29.53 -18.99 -108.79
C GLU A 160 -30.63 -19.01 -109.85
N LYS A 161 -30.67 -20.04 -110.70
CA LYS A 161 -31.70 -20.09 -111.72
C LYS A 161 -33.04 -20.56 -111.16
N PHE A 162 -33.02 -21.40 -110.13
CA PHE A 162 -34.29 -21.91 -109.59
C PHE A 162 -34.82 -20.97 -108.52
N LEU A 163 -33.93 -20.24 -107.85
CA LEU A 163 -34.38 -19.21 -106.94
C LEU A 163 -34.79 -17.95 -107.68
N ARG A 164 -34.46 -17.86 -108.96
CA ARG A 164 -34.97 -16.80 -109.83
C ARG A 164 -36.46 -16.95 -110.14
N VAL A 165 -37.05 -18.12 -109.86
CA VAL A 165 -38.43 -18.37 -110.20
C VAL A 165 -39.19 -18.77 -108.93
N ILE A 166 -38.63 -18.40 -107.77
CA ILE A 166 -39.39 -18.51 -106.52
C ILE A 166 -40.48 -17.45 -106.41
N PHE A 167 -40.45 -16.44 -107.28
CA PHE A 167 -41.52 -15.46 -107.32
C PHE A 167 -42.24 -15.53 -108.65
N VAL B 4 -30.64 -50.69 -82.62
CA VAL B 4 -31.46 -50.08 -81.59
C VAL B 4 -30.62 -49.76 -80.37
N ASN B 5 -29.45 -50.39 -80.28
CA ASN B 5 -28.64 -50.35 -79.08
C ASN B 5 -27.23 -49.86 -79.32
N ILE B 6 -26.65 -50.18 -80.47
CA ILE B 6 -25.24 -49.90 -80.72
C ILE B 6 -25.04 -48.42 -81.00
N TYR B 7 -26.01 -47.80 -81.69
CA TYR B 7 -25.98 -46.39 -82.07
C TYR B 7 -25.85 -45.48 -80.85
N LEU B 8 -26.44 -45.92 -79.74
CA LEU B 8 -26.46 -45.14 -78.51
C LEU B 8 -25.05 -44.94 -77.97
N LEU B 9 -24.28 -46.03 -77.92
CA LEU B 9 -22.90 -45.93 -77.46
C LEU B 9 -22.03 -45.18 -78.46
N LEU B 10 -22.39 -45.24 -79.75
CA LEU B 10 -21.65 -44.43 -80.73
C LEU B 10 -21.89 -42.94 -80.51
N ILE B 11 -23.11 -42.55 -80.14
CA ILE B 11 -23.37 -41.13 -79.91
C ILE B 11 -22.70 -40.67 -78.61
N GLY B 12 -22.61 -41.55 -77.61
CA GLY B 12 -21.86 -41.20 -76.41
C GLY B 12 -20.38 -41.02 -76.69
N VAL B 13 -19.84 -41.85 -77.58
CA VAL B 13 -18.47 -41.67 -78.06
C VAL B 13 -18.31 -40.35 -78.78
N ALA B 14 -19.32 -39.96 -79.56
CA ALA B 14 -19.27 -38.71 -80.31
C ALA B 14 -19.28 -37.49 -79.38
N THR B 15 -20.10 -37.52 -78.33
CA THR B 15 -20.23 -36.31 -77.53
C THR B 15 -19.04 -36.11 -76.59
N LEU B 16 -18.45 -37.20 -76.07
CA LEU B 16 -17.27 -36.98 -75.24
C LEU B 16 -16.04 -36.74 -76.11
N LEU B 17 -16.11 -37.10 -77.40
CA LEU B 17 -15.03 -36.71 -78.30
C LEU B 17 -15.16 -35.24 -78.71
N SER B 18 -16.37 -34.69 -78.67
CA SER B 18 -16.53 -33.24 -78.88
C SER B 18 -16.19 -32.44 -77.64
N MET B 19 -16.06 -33.10 -76.49
CA MET B 19 -15.69 -32.41 -75.24
C MET B 19 -14.31 -31.77 -75.30
N TYR B 20 -13.42 -32.21 -76.20
CA TYR B 20 -12.06 -31.66 -76.28
C TYR B 20 -12.07 -30.18 -76.66
N ARG B 21 -13.06 -29.74 -77.40
CA ARG B 21 -13.08 -28.36 -77.85
C ARG B 21 -13.54 -27.39 -76.76
N VAL B 22 -14.26 -27.86 -75.74
CA VAL B 22 -14.74 -26.94 -74.72
C VAL B 22 -13.78 -26.94 -73.53
N PHE B 23 -12.97 -27.99 -73.40
CA PHE B 23 -12.00 -28.02 -72.30
C PHE B 23 -10.76 -27.21 -72.66
N ARG B 24 -10.13 -27.54 -73.78
CA ARG B 24 -9.03 -26.76 -74.33
C ARG B 24 -9.60 -25.73 -75.30
N GLY B 25 -8.73 -25.11 -76.09
CA GLY B 25 -9.16 -24.14 -77.06
C GLY B 25 -9.04 -22.74 -76.51
N PRO B 26 -8.04 -21.99 -76.98
CA PRO B 26 -7.70 -20.72 -76.32
C PRO B 26 -8.66 -19.59 -76.65
N THR B 27 -9.35 -19.68 -77.78
CA THR B 27 -10.19 -18.57 -78.21
C THR B 27 -11.47 -18.48 -77.37
N THR B 28 -12.20 -17.39 -77.57
CA THR B 28 -13.43 -17.16 -76.83
C THR B 28 -14.65 -17.77 -77.51
N VAL B 29 -14.51 -18.27 -78.73
CA VAL B 29 -15.65 -18.72 -79.51
C VAL B 29 -15.54 -20.20 -79.91
N ASP B 30 -14.39 -20.83 -79.70
CA ASP B 30 -14.30 -22.27 -79.94
C ASP B 30 -15.15 -23.05 -78.94
N ARG B 31 -15.33 -22.50 -77.73
CA ARG B 31 -16.29 -23.08 -76.80
C ARG B 31 -17.71 -22.95 -77.33
N LEU B 32 -17.98 -21.86 -78.03
CA LEU B 32 -19.33 -21.63 -78.57
C LEU B 32 -19.62 -22.59 -79.72
N VAL B 33 -18.62 -22.85 -80.57
CA VAL B 33 -18.83 -23.84 -81.62
C VAL B 33 -18.82 -25.24 -81.02
N ALA B 34 -18.28 -25.40 -79.81
CA ALA B 34 -18.39 -26.69 -79.15
C ALA B 34 -19.82 -26.96 -78.67
N VAL B 35 -20.48 -25.95 -78.08
CA VAL B 35 -21.80 -26.24 -77.50
C VAL B 35 -22.83 -26.37 -78.60
N ASP B 36 -22.70 -25.55 -79.66
CA ASP B 36 -23.74 -25.51 -80.70
C ASP B 36 -23.82 -26.81 -81.47
N ILE B 37 -22.69 -27.50 -81.64
CA ILE B 37 -22.71 -28.80 -82.30
C ILE B 37 -23.13 -29.87 -81.30
N MET B 38 -22.89 -29.62 -80.01
CA MET B 38 -23.28 -30.58 -78.98
C MET B 38 -24.79 -30.68 -78.83
N THR B 39 -25.52 -29.65 -79.24
CA THR B 39 -26.97 -29.71 -79.13
C THR B 39 -27.58 -30.56 -80.24
N THR B 40 -27.04 -30.47 -81.45
CA THR B 40 -27.64 -31.18 -82.57
C THR B 40 -27.40 -32.68 -82.48
N ILE B 41 -26.23 -33.07 -81.96
CA ILE B 41 -25.94 -34.50 -81.78
C ILE B 41 -26.81 -35.06 -80.67
N THR B 42 -27.17 -34.25 -79.68
CA THR B 42 -28.05 -34.74 -78.63
C THR B 42 -29.52 -34.65 -79.03
N VAL B 43 -29.85 -33.80 -80.00
CA VAL B 43 -31.16 -33.87 -80.62
C VAL B 43 -31.30 -35.17 -81.41
N GLY B 44 -30.27 -35.51 -82.17
CA GLY B 44 -30.22 -36.81 -82.84
C GLY B 44 -30.12 -37.98 -81.89
N LEU B 45 -29.66 -37.74 -80.66
CA LEU B 45 -29.79 -38.73 -79.60
C LEU B 45 -31.23 -38.82 -79.09
N MET B 46 -31.90 -37.68 -78.97
CA MET B 46 -33.23 -37.63 -78.38
C MET B 46 -34.29 -38.23 -79.29
N VAL B 47 -34.06 -38.17 -80.61
CA VAL B 47 -34.92 -38.89 -81.53
C VAL B 47 -34.65 -40.37 -81.46
N LEU B 48 -33.41 -40.76 -81.17
CA LEU B 48 -33.01 -42.17 -81.18
C LEU B 48 -33.66 -42.94 -80.04
N PHE B 49 -33.86 -42.29 -78.90
CA PHE B 49 -34.46 -42.97 -77.75
C PHE B 49 -35.94 -43.20 -77.91
N ALA B 50 -36.59 -42.52 -78.85
CA ALA B 50 -37.98 -42.82 -79.16
C ALA B 50 -38.11 -44.24 -79.70
N LEU B 51 -37.09 -44.70 -80.42
CA LEU B 51 -37.04 -46.12 -80.80
C LEU B 51 -36.75 -46.99 -79.59
N TYR B 52 -35.95 -46.48 -78.65
CA TYR B 52 -35.47 -47.32 -77.55
C TYR B 52 -36.56 -47.58 -76.51
N TYR B 53 -37.41 -46.61 -76.27
CA TYR B 53 -38.50 -46.76 -75.32
C TYR B 53 -39.84 -46.96 -75.99
N ARG B 54 -39.87 -46.92 -77.33
CA ARG B 54 -41.06 -47.20 -78.17
C ARG B 54 -42.20 -46.23 -77.88
N ARG B 55 -41.88 -44.98 -77.56
CA ARG B 55 -42.90 -44.01 -77.16
C ARG B 55 -43.10 -42.94 -78.22
N ILE B 56 -44.37 -42.63 -78.47
CA ILE B 56 -44.70 -41.63 -79.48
C ILE B 56 -44.51 -40.21 -78.97
N ILE B 57 -44.38 -40.03 -77.66
CA ILE B 57 -44.30 -38.69 -77.08
C ILE B 57 -42.88 -38.19 -76.92
N PHE B 58 -41.90 -39.06 -77.14
CA PHE B 58 -40.52 -38.66 -76.89
C PHE B 58 -39.93 -37.86 -78.04
N LEU B 59 -40.61 -37.77 -79.18
CA LEU B 59 -40.21 -36.83 -80.21
C LEU B 59 -40.69 -35.43 -79.91
N ASP B 60 -41.61 -35.28 -78.96
CA ASP B 60 -42.19 -33.97 -78.67
C ASP B 60 -41.24 -33.09 -77.87
N VAL B 61 -40.17 -33.67 -77.33
CA VAL B 61 -39.15 -32.85 -76.68
C VAL B 61 -38.01 -32.53 -77.62
N ALA B 62 -37.85 -33.32 -78.68
CA ALA B 62 -36.67 -33.21 -79.53
C ALA B 62 -36.72 -31.97 -80.39
N LEU B 63 -37.90 -31.69 -80.96
CA LEU B 63 -38.03 -30.52 -81.81
C LEU B 63 -38.04 -29.23 -80.99
N VAL B 64 -38.56 -29.29 -79.76
CA VAL B 64 -38.50 -28.14 -78.86
C VAL B 64 -37.06 -27.83 -78.50
N TYR B 65 -36.22 -28.86 -78.31
CA TYR B 65 -34.82 -28.56 -78.12
C TYR B 65 -34.14 -28.17 -79.42
N ALA B 66 -34.73 -28.49 -80.57
CA ALA B 66 -34.18 -28.02 -81.82
C ALA B 66 -34.43 -26.53 -82.05
N ILE B 67 -35.46 -25.96 -81.42
CA ILE B 67 -35.55 -24.50 -81.38
C ILE B 67 -34.47 -23.93 -80.47
N LEU B 68 -34.44 -24.37 -79.21
CA LEU B 68 -33.87 -23.55 -78.15
C LEU B 68 -32.34 -23.62 -78.11
N SER B 69 -31.74 -24.43 -78.98
CA SER B 69 -30.31 -24.25 -79.27
C SER B 69 -30.10 -22.98 -80.08
N PHE B 70 -30.91 -22.80 -81.11
CA PHE B 70 -30.67 -21.81 -82.16
C PHE B 70 -30.84 -20.39 -81.63
N ALA B 71 -31.82 -20.18 -80.76
CA ALA B 71 -31.99 -18.91 -80.07
C ALA B 71 -30.80 -18.61 -79.17
N GLY B 72 -30.29 -19.63 -78.49
CA GLY B 72 -29.16 -19.44 -77.61
C GLY B 72 -27.90 -19.05 -78.36
N VAL B 73 -27.64 -19.70 -79.49
CA VAL B 73 -26.40 -19.41 -80.22
C VAL B 73 -26.49 -18.13 -81.05
N ILE B 74 -27.69 -17.67 -81.39
CA ILE B 74 -27.79 -16.29 -81.86
C ILE B 74 -27.47 -15.31 -80.73
N ALA B 75 -28.04 -15.56 -79.54
CA ALA B 75 -27.87 -14.63 -78.43
C ALA B 75 -26.44 -14.62 -77.90
N PHE B 76 -25.74 -15.75 -77.98
CA PHE B 76 -24.33 -15.76 -77.60
C PHE B 76 -23.48 -15.04 -78.63
N ALA B 77 -23.85 -15.14 -79.91
CA ALA B 77 -23.11 -14.53 -81.00
C ALA B 77 -23.80 -13.29 -81.51
N ARG B 78 -24.40 -12.51 -80.64
CA ARG B 78 -24.90 -11.20 -81.02
C ARG B 78 -24.25 -10.09 -80.21
N TYR B 79 -23.93 -10.34 -78.94
CA TYR B 79 -23.14 -9.38 -78.16
C TYR B 79 -21.73 -9.28 -78.71
N LEU B 80 -21.22 -10.35 -79.33
CA LEU B 80 -19.88 -10.33 -79.91
C LEU B 80 -19.80 -9.38 -81.09
N GLU B 81 -20.92 -9.14 -81.75
CA GLU B 81 -20.98 -8.10 -82.78
C GLU B 81 -21.66 -6.83 -82.29
N GLY B 82 -22.73 -6.95 -81.51
CA GLY B 82 -23.44 -5.78 -81.02
C GLY B 82 -24.95 -5.96 -81.04
N SER C 5 -37.94 -50.48 -92.01
CA SER C 5 -37.42 -51.67 -92.67
C SER C 5 -35.90 -51.72 -92.57
N LEU C 6 -35.30 -52.64 -93.33
CA LEU C 6 -33.86 -52.88 -93.23
C LEU C 6 -33.04 -51.74 -93.81
N ILE C 7 -33.61 -51.02 -94.79
CA ILE C 7 -32.91 -49.90 -95.41
C ILE C 7 -32.74 -48.76 -94.42
N GLY C 8 -33.69 -48.61 -93.49
CA GLY C 8 -33.51 -47.67 -92.41
C GLY C 8 -32.41 -48.09 -91.46
N GLU C 9 -32.26 -49.40 -91.26
CA GLU C 9 -31.21 -49.93 -90.39
C GLU C 9 -29.83 -49.73 -90.98
N LEU C 10 -29.73 -49.55 -92.29
CA LEU C 10 -28.45 -49.15 -92.87
C LEU C 10 -28.31 -47.63 -93.00
N LEU C 11 -29.42 -46.91 -93.16
CA LEU C 11 -29.33 -45.45 -93.32
C LEU C 11 -28.95 -44.77 -92.02
N VAL C 12 -29.42 -45.30 -90.88
CA VAL C 12 -29.03 -44.71 -89.61
C VAL C 12 -27.58 -45.05 -89.29
N LEU C 13 -27.09 -46.20 -89.75
CA LEU C 13 -25.65 -46.49 -89.67
C LEU C 13 -24.83 -45.51 -90.49
N PHE C 14 -25.32 -45.17 -91.69
CA PHE C 14 -24.64 -44.17 -92.51
C PHE C 14 -24.66 -42.80 -91.83
N GLY C 15 -25.78 -42.45 -91.19
CA GLY C 15 -25.85 -41.17 -90.49
C GLY C 15 -25.02 -41.13 -89.24
N THR C 16 -24.83 -42.27 -88.57
CA THR C 16 -24.05 -42.21 -87.34
C THR C 16 -22.55 -42.33 -87.59
N VAL C 17 -22.11 -42.98 -88.68
CA VAL C 17 -20.72 -42.85 -89.09
C VAL C 17 -20.46 -41.43 -89.58
N PHE C 18 -21.49 -40.80 -90.17
CA PHE C 18 -21.39 -39.40 -90.54
C PHE C 18 -21.25 -38.50 -89.31
N TYR C 19 -21.98 -38.83 -88.24
CA TYR C 19 -21.84 -38.15 -86.96
C TYR C 19 -20.43 -38.26 -86.40
N LEU C 20 -19.88 -39.48 -86.39
CA LEU C 20 -18.60 -39.71 -85.76
C LEU C 20 -17.45 -39.11 -86.57
N LEU C 21 -17.55 -39.15 -87.89
CA LEU C 21 -16.53 -38.52 -88.72
C LEU C 21 -16.66 -37.00 -88.71
N SER C 22 -17.87 -36.50 -88.47
CA SER C 22 -18.07 -35.08 -88.20
C SER C 22 -17.32 -34.64 -86.96
N THR C 23 -17.48 -35.40 -85.88
CA THR C 23 -16.87 -35.01 -84.62
C THR C 23 -15.36 -35.19 -84.66
N LEU C 24 -14.89 -36.17 -85.43
CA LEU C 24 -13.45 -36.26 -85.68
C LEU C 24 -12.97 -35.08 -86.51
N GLY C 25 -13.80 -34.61 -87.43
CA GLY C 25 -13.45 -33.44 -88.21
C GLY C 25 -13.44 -32.15 -87.44
N LEU C 26 -14.16 -32.09 -86.33
CA LEU C 26 -14.14 -30.89 -85.48
C LEU C 26 -12.78 -30.70 -84.81
N ILE C 27 -12.16 -31.78 -84.36
CA ILE C 27 -10.88 -31.66 -83.68
C ILE C 27 -9.70 -31.67 -84.64
N ARG C 28 -9.88 -32.15 -85.87
CA ARG C 28 -8.81 -32.21 -86.85
C ARG C 28 -8.96 -31.01 -87.79
N MET C 29 -8.86 -29.81 -87.22
CA MET C 29 -8.83 -28.56 -87.97
C MET C 29 -7.94 -27.57 -87.24
N PRO C 30 -7.06 -26.86 -87.96
CA PRO C 30 -6.11 -25.95 -87.30
C PRO C 30 -6.72 -24.74 -86.62
N ASP C 31 -7.52 -23.94 -87.33
CA ASP C 31 -7.98 -22.67 -86.81
C ASP C 31 -9.48 -22.70 -86.54
N VAL C 32 -10.04 -21.54 -86.20
CA VAL C 32 -11.44 -21.42 -85.81
C VAL C 32 -12.37 -21.64 -87.00
N TYR C 33 -12.01 -21.08 -88.15
CA TYR C 33 -12.96 -20.97 -89.25
C TYR C 33 -13.23 -22.31 -89.92
N ASN C 34 -12.17 -23.10 -90.17
CA ASN C 34 -12.39 -24.41 -90.76
C ASN C 34 -13.01 -25.37 -89.75
N ARG C 35 -12.66 -25.20 -88.47
CA ARG C 35 -13.36 -25.87 -87.37
C ARG C 35 -14.84 -25.57 -87.38
N MET C 36 -15.21 -24.34 -87.68
CA MET C 36 -16.61 -23.99 -87.64
C MET C 36 -17.34 -24.50 -88.87
N GLN C 37 -16.67 -24.45 -90.03
CA GLN C 37 -17.33 -24.84 -91.27
C GLN C 37 -17.58 -26.34 -91.32
N THR C 38 -16.58 -27.18 -90.97
CA THR C 38 -16.79 -28.62 -91.15
C THR C 38 -17.72 -29.19 -90.08
N ALA C 39 -17.80 -28.52 -88.93
CA ALA C 39 -18.71 -28.95 -87.88
C ALA C 39 -20.15 -28.62 -88.22
N THR C 40 -20.37 -27.42 -88.78
CA THR C 40 -21.71 -27.12 -89.23
C THR C 40 -22.04 -27.78 -90.56
N LYS C 41 -21.07 -28.41 -91.23
CA LYS C 41 -21.44 -29.25 -92.36
C LYS C 41 -21.92 -30.62 -91.91
N SER C 42 -21.00 -31.41 -91.40
CA SER C 42 -21.20 -32.84 -91.36
C SER C 42 -21.95 -33.32 -90.13
N ALA C 43 -22.40 -32.39 -89.28
CA ALA C 43 -23.26 -32.74 -88.14
C ALA C 43 -24.68 -32.23 -88.33
N THR C 44 -25.08 -31.91 -89.56
CA THR C 44 -26.45 -31.47 -89.81
C THR C 44 -27.09 -32.06 -91.06
N LEU C 45 -26.36 -32.73 -91.94
CA LEU C 45 -27.00 -33.46 -93.03
C LEU C 45 -27.12 -34.95 -92.72
N GLY C 46 -26.11 -35.51 -92.05
CA GLY C 46 -26.27 -36.83 -91.48
C GLY C 46 -27.29 -36.85 -90.35
N SER C 47 -27.55 -35.69 -89.75
CA SER C 47 -28.67 -35.54 -88.83
C SER C 47 -29.99 -35.88 -89.50
N LEU C 48 -30.31 -35.19 -90.60
CA LEU C 48 -31.55 -35.47 -91.34
C LEU C 48 -31.56 -36.88 -91.91
N GLY C 49 -30.39 -37.42 -92.25
CA GLY C 49 -30.29 -38.82 -92.63
C GLY C 49 -30.74 -39.75 -91.51
N VAL C 50 -30.33 -39.44 -90.28
CA VAL C 50 -30.74 -40.24 -89.12
C VAL C 50 -32.23 -40.11 -88.87
N ILE C 51 -32.77 -38.90 -89.03
CA ILE C 51 -34.16 -38.67 -88.62
C ILE C 51 -35.13 -39.32 -89.62
N ILE C 52 -34.88 -39.13 -90.92
CA ILE C 52 -35.68 -39.82 -91.92
C ILE C 52 -35.42 -41.32 -91.88
N GLY C 53 -34.21 -41.71 -91.47
CA GLY C 53 -33.93 -43.11 -91.24
C GLY C 53 -34.76 -43.72 -90.12
N THR C 54 -34.95 -42.97 -89.03
CA THR C 54 -35.79 -43.45 -87.95
C THR C 54 -37.26 -43.47 -88.35
N GLY C 55 -37.67 -42.56 -89.22
CA GLY C 55 -39.00 -42.62 -89.81
C GLY C 55 -39.24 -43.89 -90.61
N ILE C 56 -38.31 -44.23 -91.50
CA ILE C 56 -38.46 -45.47 -92.25
C ILE C 56 -38.04 -46.70 -91.45
N TRP C 57 -37.39 -46.51 -90.29
CA TRP C 57 -37.36 -47.55 -89.28
C TRP C 57 -38.77 -47.86 -88.81
N ALA C 58 -39.57 -46.82 -88.61
CA ALA C 58 -40.96 -46.99 -88.19
C ALA C 58 -41.94 -47.07 -89.35
N LEU C 59 -41.45 -47.31 -90.57
CA LEU C 59 -42.35 -47.46 -91.73
C LEU C 59 -43.22 -48.69 -91.59
N GLY C 60 -42.62 -49.86 -91.37
CA GLY C 60 -43.37 -51.07 -91.14
C GLY C 60 -43.33 -51.45 -89.68
N GLU C 61 -42.16 -51.24 -89.06
CA GLU C 61 -41.98 -51.44 -87.63
C GLU C 61 -42.49 -50.22 -86.87
N GLY C 62 -42.17 -50.11 -85.59
CA GLY C 62 -42.72 -49.03 -84.80
C GLY C 62 -44.16 -49.36 -84.46
N PHE C 63 -45.07 -48.42 -84.71
CA PHE C 63 -46.49 -48.71 -84.52
C PHE C 63 -47.25 -48.65 -85.85
N SER C 64 -47.36 -47.50 -86.52
CA SER C 64 -47.77 -47.58 -87.92
C SER C 64 -46.88 -46.80 -88.89
N VAL C 65 -47.05 -45.48 -88.91
CA VAL C 65 -46.30 -44.64 -89.85
C VAL C 65 -46.00 -43.29 -89.24
N ALA C 66 -46.67 -42.98 -88.12
CA ALA C 66 -46.79 -41.60 -87.67
C ALA C 66 -45.49 -41.05 -87.08
N TRP C 67 -44.52 -41.92 -86.81
CA TRP C 67 -43.21 -41.41 -86.40
C TRP C 67 -42.50 -40.74 -87.56
N LEU C 68 -42.74 -41.21 -88.78
CA LEU C 68 -42.13 -40.63 -89.97
C LEU C 68 -42.60 -39.20 -90.18
N THR C 69 -43.84 -38.90 -89.79
CA THR C 69 -44.40 -37.56 -89.99
C THR C 69 -43.74 -36.55 -89.06
N LYS C 70 -43.64 -36.90 -87.77
CA LYS C 70 -42.92 -36.05 -86.83
C LYS C 70 -41.45 -35.98 -87.18
N ALA C 71 -40.91 -37.07 -87.75
CA ALA C 71 -39.51 -37.09 -88.16
C ALA C 71 -39.26 -36.12 -89.31
N ILE C 72 -40.16 -36.09 -90.29
CA ILE C 72 -39.96 -35.19 -91.42
C ILE C 72 -40.21 -33.75 -90.99
N VAL C 73 -41.00 -33.54 -89.93
CA VAL C 73 -41.20 -32.20 -89.41
C VAL C 73 -39.94 -31.68 -88.74
N ILE C 74 -39.35 -32.48 -87.84
CA ILE C 74 -38.14 -32.03 -87.15
C ILE C 74 -36.96 -32.00 -88.11
N ALA C 75 -36.95 -32.85 -89.14
CA ALA C 75 -35.87 -32.82 -90.11
C ALA C 75 -35.96 -31.58 -90.99
N ALA C 76 -37.16 -31.26 -91.50
CA ALA C 76 -37.30 -30.07 -92.32
C ALA C 76 -37.18 -28.80 -91.49
N PHE C 77 -37.40 -28.89 -90.18
CA PHE C 77 -37.15 -27.73 -89.33
C PHE C 77 -35.67 -27.57 -89.02
N LEU C 78 -34.98 -28.69 -88.78
CA LEU C 78 -33.55 -28.63 -88.46
C LEU C 78 -32.73 -28.26 -89.68
N LEU C 79 -33.28 -28.48 -90.88
CA LEU C 79 -32.52 -28.22 -92.10
C LEU C 79 -32.32 -26.73 -92.33
N LEU C 80 -33.32 -25.92 -91.99
CA LEU C 80 -33.20 -24.49 -92.29
C LEU C 80 -32.78 -23.64 -91.10
N THR C 81 -32.65 -24.22 -89.90
CA THR C 81 -32.30 -23.38 -88.76
C THR C 81 -30.81 -23.34 -88.45
N ASN C 82 -30.07 -24.39 -88.82
CA ASN C 82 -28.64 -24.44 -88.56
C ASN C 82 -27.79 -23.58 -89.52
N PRO C 83 -28.17 -23.36 -90.80
CA PRO C 83 -27.50 -22.30 -91.57
C PRO C 83 -27.46 -20.92 -90.94
N ILE C 84 -28.56 -20.48 -90.31
CA ILE C 84 -28.56 -19.16 -89.69
C ILE C 84 -27.69 -19.17 -88.43
N SER C 85 -27.64 -20.31 -87.75
CA SER C 85 -26.73 -20.47 -86.61
C SER C 85 -25.27 -20.40 -87.04
N ALA C 86 -24.94 -21.05 -88.15
CA ALA C 86 -23.56 -21.06 -88.64
C ALA C 86 -23.15 -19.70 -89.16
N HIS C 87 -24.07 -18.99 -89.83
CA HIS C 87 -23.77 -17.64 -90.30
C HIS C 87 -23.53 -16.69 -89.14
N ALA C 88 -24.45 -16.66 -88.18
CA ALA C 88 -24.32 -15.74 -87.06
C ALA C 88 -23.17 -16.14 -86.13
N LEU C 89 -22.74 -17.39 -86.16
CA LEU C 89 -21.53 -17.75 -85.45
C LEU C 89 -20.29 -17.25 -86.18
N ILE C 90 -20.29 -17.36 -87.51
CA ILE C 90 -19.14 -16.95 -88.30
C ILE C 90 -19.03 -15.43 -88.34
N ARG C 91 -20.15 -14.74 -88.58
CA ARG C 91 -20.14 -13.30 -88.82
C ARG C 91 -19.69 -12.53 -87.58
N ALA C 92 -20.09 -12.98 -86.40
CA ALA C 92 -19.63 -12.34 -85.17
C ALA C 92 -18.18 -12.72 -84.89
N ALA C 93 -17.71 -13.84 -85.43
CA ALA C 93 -16.34 -14.26 -85.17
C ALA C 93 -15.31 -13.46 -85.96
N TYR C 94 -15.74 -12.65 -86.92
CA TYR C 94 -14.78 -11.81 -87.63
C TYR C 94 -14.46 -10.55 -86.83
N LYS C 95 -15.44 -10.03 -86.10
CA LYS C 95 -15.18 -8.87 -85.27
C LYS C 95 -14.37 -9.28 -84.05
N SER C 96 -13.80 -8.26 -83.39
CA SER C 96 -12.91 -8.39 -82.23
C SER C 96 -11.71 -9.29 -82.54
N GLY C 97 -10.98 -8.93 -83.59
CA GLY C 97 -9.78 -9.65 -83.97
C GLY C 97 -10.07 -11.02 -84.56
N ILE C 98 -9.58 -12.06 -83.89
CA ILE C 98 -9.75 -13.48 -84.24
C ILE C 98 -9.24 -13.73 -85.66
N PRO C 99 -7.91 -13.78 -85.85
CA PRO C 99 -7.36 -13.90 -87.19
C PRO C 99 -7.60 -15.28 -87.80
N LEU C 100 -7.31 -15.37 -89.08
CA LEU C 100 -7.55 -16.57 -89.87
C LEU C 100 -6.25 -17.34 -90.06
N TRP C 101 -6.33 -18.40 -90.87
CA TRP C 101 -5.20 -19.26 -91.17
C TRP C 101 -4.35 -18.62 -92.27
N GLU C 102 -3.30 -19.30 -92.71
CA GLU C 102 -2.47 -18.88 -93.83
C GLU C 102 -3.24 -19.16 -95.13
N GLY C 103 -4.23 -18.32 -95.40
CA GLY C 103 -5.04 -18.49 -96.59
C GLY C 103 -4.39 -17.77 -97.76
N SER C 104 -4.87 -18.07 -98.97
CA SER C 104 -4.40 -17.36 -100.15
C SER C 104 -4.79 -15.89 -100.09
N VAL C 105 -6.09 -15.63 -99.98
CA VAL C 105 -6.61 -14.27 -99.87
C VAL C 105 -7.64 -14.26 -98.75
N VAL C 106 -7.57 -13.23 -97.89
CA VAL C 106 -8.55 -13.00 -96.84
C VAL C 106 -8.99 -11.54 -96.91
N ASP C 107 -8.32 -10.76 -97.76
CA ASP C 107 -8.42 -9.31 -97.71
C ASP C 107 -9.68 -8.78 -98.36
N LYS C 108 -10.33 -9.56 -99.23
CA LYS C 108 -11.45 -9.05 -100.02
C LYS C 108 -12.64 -8.66 -99.16
N TYR C 109 -12.78 -9.32 -98.01
CA TYR C 109 -13.77 -8.87 -97.04
C TYR C 109 -13.23 -7.72 -96.19
N LYS C 110 -11.92 -7.75 -95.89
CA LYS C 110 -11.32 -6.67 -95.14
C LYS C 110 -11.27 -5.39 -95.97
N GLU C 111 -10.93 -5.51 -97.25
CA GLU C 111 -10.85 -4.34 -98.11
C GLU C 111 -12.23 -3.77 -98.40
N HIS C 112 -13.26 -4.62 -98.40
CA HIS C 112 -14.60 -4.13 -98.67
C HIS C 112 -15.29 -3.62 -97.41
N LEU C 113 -14.72 -3.93 -96.22
CA LEU C 113 -14.91 -3.05 -95.04
C LEU C 113 -14.22 -1.70 -95.21
N GLU C 114 -12.92 -1.69 -95.44
CA GLU C 114 -12.19 -0.42 -95.47
C GLU C 114 -12.25 0.30 -96.81
N ARG C 115 -13.24 -0.03 -97.67
CA ARG C 115 -13.41 0.69 -98.93
C ARG C 115 -13.87 2.12 -98.69
N LYS C 116 -14.71 2.33 -97.66
CA LYS C 116 -15.25 3.64 -97.25
C LYS C 116 -15.97 4.39 -98.37
N CYS D 3 -25.17 -49.33 -75.18
CA CYS D 3 -25.33 -49.97 -73.88
C CYS D 3 -26.50 -49.39 -73.12
N ILE D 4 -26.47 -49.52 -71.80
CA ILE D 4 -27.52 -49.02 -70.92
C ILE D 4 -26.97 -48.01 -69.92
N VAL D 5 -26.01 -48.42 -69.11
CA VAL D 5 -25.50 -47.61 -68.02
C VAL D 5 -24.23 -46.85 -68.40
N CYS D 6 -23.54 -47.28 -69.46
CA CYS D 6 -22.27 -46.65 -69.83
C CYS D 6 -22.49 -45.25 -70.39
N ILE D 7 -23.52 -45.06 -71.22
CA ILE D 7 -23.83 -43.74 -71.74
C ILE D 7 -24.35 -42.84 -70.63
N GLU D 8 -24.98 -43.43 -69.62
CA GLU D 8 -25.41 -42.68 -68.45
C GLU D 8 -24.22 -42.16 -67.67
N TYR D 9 -23.19 -42.99 -67.50
CA TYR D 9 -21.97 -42.53 -66.84
C TYR D 9 -21.24 -41.49 -67.68
N ILE D 10 -21.33 -41.62 -69.01
CA ILE D 10 -20.72 -40.64 -69.92
C ILE D 10 -21.40 -39.29 -69.78
N ILE D 11 -22.74 -39.28 -69.78
CA ILE D 11 -23.49 -38.04 -69.69
C ILE D 11 -23.28 -37.39 -68.33
N VAL D 12 -23.21 -38.19 -67.26
CA VAL D 12 -23.11 -37.60 -65.94
C VAL D 12 -21.70 -37.08 -65.67
N ALA D 13 -20.66 -37.75 -66.21
CA ALA D 13 -19.32 -37.22 -66.05
C ALA D 13 -19.08 -36.04 -66.97
N LEU D 14 -19.82 -35.98 -68.08
CA LEU D 14 -19.73 -34.82 -68.97
C LEU D 14 -20.41 -33.62 -68.33
N MET D 15 -21.48 -33.86 -67.58
CA MET D 15 -22.14 -32.78 -66.85
C MET D 15 -21.24 -32.27 -65.73
N ILE D 16 -20.51 -33.18 -65.08
CA ILE D 16 -19.60 -32.76 -64.01
C ILE D 16 -18.40 -32.00 -64.58
N ILE D 17 -17.87 -32.44 -65.72
CA ILE D 17 -16.72 -31.73 -66.28
C ILE D 17 -17.16 -30.43 -66.93
N SER D 18 -18.45 -30.30 -67.27
CA SER D 18 -18.93 -29.01 -67.71
C SER D 18 -19.43 -28.17 -66.54
N ALA D 19 -19.47 -28.76 -65.34
CA ALA D 19 -19.78 -27.98 -64.15
C ALA D 19 -18.52 -27.37 -63.55
N ILE D 20 -17.46 -28.17 -63.43
CA ILE D 20 -16.20 -27.69 -62.86
C ILE D 20 -15.60 -26.61 -63.75
N LEU D 21 -15.67 -26.82 -65.07
CA LEU D 21 -15.14 -25.87 -66.02
C LEU D 21 -16.10 -24.74 -66.32
N ALA D 22 -17.26 -24.71 -65.67
CA ALA D 22 -18.15 -23.55 -65.74
C ALA D 22 -17.77 -22.48 -64.75
N VAL D 23 -16.98 -22.82 -63.73
CA VAL D 23 -16.57 -21.85 -62.72
C VAL D 23 -15.07 -21.61 -62.70
N GLU D 24 -14.26 -22.41 -63.40
CA GLU D 24 -12.83 -22.18 -63.45
C GLU D 24 -12.46 -21.05 -64.41
N TRP D 25 -13.28 -20.78 -65.42
CA TRP D 25 -12.94 -19.77 -66.40
C TRP D 25 -13.14 -18.37 -65.85
N ARG D 26 -12.42 -17.42 -66.45
CA ARG D 26 -12.59 -16.01 -66.12
C ARG D 26 -13.48 -15.28 -67.11
N ASP D 27 -13.48 -15.70 -68.37
CA ASP D 27 -14.33 -15.10 -69.38
C ASP D 27 -15.79 -15.42 -69.09
N LEU D 28 -16.61 -14.39 -68.90
CA LEU D 28 -17.99 -14.62 -68.47
C LEU D 28 -18.86 -15.11 -69.62
N LEU D 29 -18.52 -14.75 -70.87
CA LEU D 29 -19.21 -15.34 -72.02
C LEU D 29 -18.93 -16.83 -72.10
N ALA D 30 -17.72 -17.23 -71.73
CA ALA D 30 -17.40 -18.65 -71.62
C ALA D 30 -18.17 -19.30 -70.47
N SER D 31 -18.44 -18.54 -69.41
CA SER D 31 -19.24 -19.09 -68.31
C SER D 31 -20.69 -19.28 -68.72
N THR D 32 -21.20 -18.41 -69.60
CA THR D 32 -22.53 -18.64 -70.16
C THR D 32 -22.54 -19.85 -71.08
N VAL D 33 -21.43 -20.08 -71.79
CA VAL D 33 -21.28 -21.30 -72.59
C VAL D 33 -21.32 -22.53 -71.70
N GLY D 34 -20.60 -22.50 -70.59
CA GLY D 34 -20.61 -23.62 -69.66
C GLY D 34 -21.96 -23.81 -69.00
N MET D 35 -22.67 -22.71 -68.74
CA MET D 35 -24.02 -22.80 -68.20
C MET D 35 -24.98 -23.42 -69.20
N ALA D 36 -24.82 -23.08 -70.48
CA ALA D 36 -25.68 -23.66 -71.51
C ALA D 36 -25.40 -25.14 -71.71
N ALA D 37 -24.14 -25.54 -71.59
CA ALA D 37 -23.82 -26.96 -71.69
C ALA D 37 -24.32 -27.73 -70.48
N VAL D 38 -24.35 -27.10 -69.32
CA VAL D 38 -24.93 -27.76 -68.15
C VAL D 38 -26.44 -27.93 -68.33
N SER D 39 -27.11 -26.94 -68.92
CA SER D 39 -28.53 -27.07 -69.24
C SER D 39 -28.77 -28.14 -70.31
N LEU D 40 -27.79 -28.33 -71.21
CA LEU D 40 -27.85 -29.40 -72.19
C LEU D 40 -27.86 -30.76 -71.50
N PHE D 41 -26.86 -31.01 -70.66
CA PHE D 41 -26.71 -32.33 -70.07
C PHE D 41 -27.79 -32.58 -69.03
N ALA D 42 -28.31 -31.50 -68.42
CA ALA D 42 -29.47 -31.65 -67.54
C ALA D 42 -30.71 -32.05 -68.31
N SER D 43 -30.91 -31.46 -69.51
CA SER D 43 -32.07 -31.83 -70.31
C SER D 43 -31.96 -33.26 -70.83
N ILE D 44 -30.75 -33.68 -71.20
CA ILE D 44 -30.54 -35.04 -71.67
C ILE D 44 -30.72 -36.02 -70.52
N LEU D 45 -30.29 -35.65 -69.32
CA LEU D 45 -30.44 -36.54 -68.18
C LEU D 45 -31.90 -36.60 -67.72
N PHE D 46 -32.63 -35.49 -67.86
CA PHE D 46 -34.07 -35.50 -67.57
C PHE D 46 -34.79 -36.42 -68.53
N PHE D 47 -34.41 -36.36 -69.80
CA PHE D 47 -35.04 -37.20 -70.80
C PHE D 47 -34.64 -38.66 -70.63
N PHE D 48 -33.40 -38.91 -70.25
CA PHE D 48 -32.93 -40.28 -70.09
C PHE D 48 -33.48 -40.92 -68.83
N LEU D 49 -33.83 -40.09 -67.84
CA LEU D 49 -34.48 -40.58 -66.63
C LEU D 49 -35.99 -40.67 -66.81
N GLN D 50 -36.45 -40.49 -68.04
CA GLN D 50 -37.82 -40.77 -68.48
C GLN D 50 -38.84 -39.89 -67.76
N ALA D 51 -38.67 -38.59 -67.98
CA ALA D 51 -39.69 -37.61 -67.66
C ALA D 51 -39.56 -36.50 -68.69
N PRO D 52 -40.41 -36.52 -69.72
CA PRO D 52 -40.18 -35.61 -70.85
C PRO D 52 -40.69 -34.21 -70.61
N ASP D 53 -41.67 -34.08 -69.71
CA ASP D 53 -42.22 -32.78 -69.31
C ASP D 53 -41.15 -31.85 -68.75
N VAL D 54 -40.32 -32.34 -67.83
CA VAL D 54 -39.28 -31.51 -67.24
C VAL D 54 -38.15 -31.30 -68.25
N ALA D 55 -37.95 -32.28 -69.14
CA ALA D 55 -36.90 -32.16 -70.14
C ALA D 55 -37.20 -31.06 -71.14
N MET D 56 -38.44 -30.99 -71.62
CA MET D 56 -38.75 -29.93 -72.59
C MET D 56 -38.95 -28.59 -71.89
N THR D 57 -39.37 -28.58 -70.62
CA THR D 57 -39.47 -27.32 -69.90
C THR D 57 -38.08 -26.75 -69.61
N GLU D 58 -37.16 -27.60 -69.15
CA GLU D 58 -35.79 -27.16 -68.92
C GLU D 58 -35.07 -26.86 -70.23
N ALA D 59 -35.52 -27.47 -71.33
CA ALA D 59 -35.01 -27.10 -72.65
C ALA D 59 -35.44 -25.69 -73.00
N ALA D 60 -36.70 -25.36 -72.77
CA ALA D 60 -37.16 -24.02 -73.10
C ALA D 60 -36.78 -22.98 -72.06
N ILE D 61 -36.25 -23.39 -70.91
CA ILE D 61 -35.87 -22.45 -69.86
C ILE D 61 -34.36 -22.27 -69.75
N GLY D 62 -33.60 -23.36 -69.67
CA GLY D 62 -32.18 -23.24 -69.38
C GLY D 62 -31.28 -23.06 -70.58
N ALA D 63 -31.80 -23.34 -71.78
CA ALA D 63 -30.97 -23.27 -72.98
C ALA D 63 -30.91 -21.87 -73.56
N ALA D 64 -32.05 -21.16 -73.65
CA ALA D 64 -32.02 -19.80 -74.17
C ALA D 64 -32.95 -18.84 -73.41
N LEU D 65 -33.33 -19.18 -72.18
CA LEU D 65 -33.95 -18.21 -71.29
C LEU D 65 -33.24 -18.08 -69.96
N SER D 66 -32.28 -18.94 -69.66
CA SER D 66 -31.40 -18.76 -68.52
C SER D 66 -29.98 -18.47 -68.94
N ALA D 67 -29.50 -19.12 -70.01
CA ALA D 67 -28.19 -18.82 -70.54
C ALA D 67 -28.23 -17.60 -71.44
N ALA D 68 -29.32 -17.44 -72.20
CA ALA D 68 -29.41 -16.29 -73.09
C ALA D 68 -30.01 -15.08 -72.40
N VAL D 69 -30.31 -15.20 -71.10
CA VAL D 69 -30.61 -14.00 -70.33
C VAL D 69 -29.38 -13.55 -69.55
N PHE D 70 -28.38 -14.42 -69.41
CA PHE D 70 -27.23 -14.10 -68.57
C PHE D 70 -26.19 -13.31 -69.35
N ILE D 71 -25.86 -13.77 -70.56
CA ILE D 71 -24.99 -13.00 -71.45
C ILE D 71 -25.68 -11.72 -71.87
N PHE D 72 -27.01 -11.77 -71.92
CA PHE D 72 -27.85 -10.59 -72.08
C PHE D 72 -27.65 -9.59 -70.96
N ALA D 73 -27.24 -10.06 -69.78
CA ALA D 73 -26.92 -9.17 -68.67
C ALA D 73 -25.44 -8.77 -68.65
N ILE D 74 -24.53 -9.61 -69.15
CA ILE D 74 -23.13 -9.19 -69.21
C ILE D 74 -22.86 -8.26 -70.38
N LYS D 75 -23.85 -8.03 -71.25
CA LYS D 75 -23.74 -7.07 -72.34
C LYS D 75 -23.31 -5.68 -71.86
N ARG D 76 -24.07 -5.08 -70.96
CA ARG D 76 -23.75 -3.75 -70.44
C ARG D 76 -23.01 -3.83 -69.11
N THR D 77 -22.18 -4.85 -68.95
CA THR D 77 -21.43 -5.07 -67.72
C THR D 77 -20.02 -5.50 -68.14
N TYR D 78 -19.26 -6.08 -67.22
CA TYR D 78 -17.94 -6.61 -67.50
C TYR D 78 -18.01 -7.78 -68.48
N ARG D 79 -16.85 -8.15 -68.99
CA ARG D 79 -16.65 -9.40 -69.68
C ARG D 79 -15.57 -10.25 -69.06
N TYR D 80 -14.56 -9.65 -68.45
CA TYR D 80 -13.50 -10.37 -67.77
C TYR D 80 -13.77 -10.40 -66.28
N GLU D 81 -13.00 -11.26 -65.57
CA GLU D 81 -12.72 -11.10 -64.12
C GLU D 81 -12.02 -9.79 -63.79
N THR D 82 -11.23 -9.26 -64.72
CA THR D 82 -10.37 -8.08 -64.55
C THR D 82 -9.47 -8.25 -63.32
N GLU D 83 -8.60 -9.26 -63.40
CA GLU D 83 -7.61 -9.54 -62.37
C GLU D 83 -6.25 -9.16 -62.92
N GLU D 84 -5.69 -8.08 -62.39
CA GLU D 84 -4.40 -7.56 -62.85
C GLU D 84 -3.29 -7.85 -61.84
N LEU D 88 2.23 -7.29 -63.05
CA LEU D 88 2.51 -5.97 -63.61
C LEU D 88 1.80 -4.89 -62.82
N GLY D 89 2.44 -3.73 -62.70
CA GLY D 89 1.79 -2.58 -62.14
C GLY D 89 2.50 -1.98 -60.96
N TRP D 90 2.33 -0.67 -60.77
CA TRP D 90 2.98 0.01 -59.66
C TRP D 90 2.14 -0.08 -58.39
N TRP D 91 0.90 0.39 -58.47
CA TRP D 91 -0.04 0.36 -57.37
C TRP D 91 -1.09 -0.66 -57.78
N VAL D 92 -0.79 -1.93 -57.50
CA VAL D 92 -1.58 -3.05 -57.99
C VAL D 92 -1.62 -4.08 -56.88
N ARG D 93 -2.74 -4.80 -56.80
CA ARG D 93 -3.03 -5.79 -55.76
C ARG D 93 -2.87 -5.19 -54.37
N TRP D 94 -3.53 -4.06 -54.17
CA TRP D 94 -3.37 -3.29 -52.96
C TRP D 94 -4.67 -3.26 -52.17
N MET E 1 -4.17 -20.84 -52.07
CA MET E 1 -4.34 -22.28 -52.06
C MET E 1 -5.02 -22.74 -50.79
N LEU E 2 -5.11 -21.85 -49.80
CA LEU E 2 -5.72 -22.23 -48.54
C LEU E 2 -7.23 -22.31 -48.68
N LYS E 3 -7.85 -21.36 -49.38
CA LYS E 3 -9.30 -21.26 -49.42
C LYS E 3 -9.88 -22.35 -50.31
N ARG E 4 -9.24 -22.62 -51.44
CA ARG E 4 -9.76 -23.60 -52.37
C ARG E 4 -9.66 -25.01 -51.82
N VAL E 5 -8.50 -25.37 -51.25
CA VAL E 5 -8.32 -26.71 -50.71
C VAL E 5 -9.19 -26.93 -49.48
N LEU E 6 -9.34 -25.90 -48.63
CA LEU E 6 -10.17 -26.06 -47.45
C LEU E 6 -11.65 -26.16 -47.83
N ALA E 7 -12.06 -25.45 -48.89
CA ALA E 7 -13.42 -25.60 -49.37
C ALA E 7 -13.66 -26.98 -49.96
N ILE E 8 -12.65 -27.55 -50.61
CA ILE E 8 -12.79 -28.89 -51.18
C ILE E 8 -12.91 -29.94 -50.07
N LEU E 9 -12.19 -29.74 -48.96
CA LEU E 9 -12.35 -30.63 -47.80
C LEU E 9 -13.76 -30.57 -47.22
N THR E 10 -14.25 -29.36 -46.91
CA THR E 10 -15.58 -29.24 -46.32
C THR E 10 -16.68 -29.66 -47.29
N ILE E 11 -16.45 -29.48 -48.58
CA ILE E 11 -17.52 -29.82 -49.51
C ILE E 11 -17.47 -31.32 -49.81
N LEU E 12 -16.32 -31.93 -49.57
CA LEU E 12 -16.24 -33.39 -49.67
C LEU E 12 -16.95 -34.02 -48.49
N VAL E 13 -16.86 -33.41 -47.30
CA VAL E 13 -17.58 -34.02 -46.18
C VAL E 13 -19.07 -33.72 -46.30
N ILE E 14 -19.45 -32.63 -46.97
CA ILE E 14 -20.87 -32.38 -47.25
C ILE E 14 -21.41 -33.41 -48.22
N GLY E 15 -20.67 -33.67 -49.31
CA GLY E 15 -21.11 -34.66 -50.28
C GLY E 15 -21.14 -36.07 -49.73
N TYR E 16 -20.17 -36.40 -48.86
CA TYR E 16 -20.20 -37.70 -48.20
C TYR E 16 -21.36 -37.82 -47.24
N TRP E 17 -21.71 -36.71 -46.58
CA TRP E 17 -22.85 -36.72 -45.68
C TRP E 17 -24.16 -36.92 -46.42
N LEU E 18 -24.28 -36.30 -47.60
CA LEU E 18 -25.49 -36.49 -48.39
C LEU E 18 -25.53 -37.88 -49.01
N ALA E 19 -24.38 -38.41 -49.39
CA ALA E 19 -24.34 -39.74 -50.00
C ALA E 19 -24.61 -40.84 -48.98
N GLN E 20 -24.14 -40.65 -47.75
CA GLN E 20 -24.52 -41.56 -46.68
C GLN E 20 -26.00 -41.37 -46.33
N GLY E 21 -26.48 -40.13 -46.41
CA GLY E 21 -27.89 -39.86 -46.25
C GLY E 21 -28.75 -40.29 -47.42
N LEU E 22 -28.14 -40.67 -48.54
CA LEU E 22 -28.87 -41.17 -49.69
C LEU E 22 -28.94 -42.69 -49.70
N ALA E 23 -28.92 -43.30 -48.52
CA ALA E 23 -29.02 -44.75 -48.38
C ALA E 23 -30.46 -45.21 -48.18
N ASP E 24 -31.42 -44.49 -48.75
CA ASP E 24 -32.82 -44.86 -48.59
C ASP E 24 -33.15 -46.14 -49.35
N VAL E 25 -32.92 -46.15 -50.66
CA VAL E 25 -33.21 -47.30 -51.51
C VAL E 25 -32.39 -47.17 -52.80
N PRO E 26 -31.78 -48.24 -53.31
CA PRO E 26 -31.08 -48.15 -54.60
C PRO E 26 -32.03 -48.20 -55.79
N PHE E 27 -32.76 -47.09 -55.97
CA PHE E 27 -33.65 -46.85 -57.12
C PHE E 27 -34.77 -47.87 -57.22
N GLY E 28 -35.25 -48.33 -56.06
CA GLY E 28 -36.22 -49.40 -56.03
C GLY E 28 -37.62 -48.93 -56.36
N GLN E 29 -38.57 -49.84 -56.17
CA GLN E 29 -39.98 -49.62 -56.51
C GLN E 29 -40.77 -49.03 -55.36
N ASP E 30 -40.45 -49.42 -54.12
CA ASP E 30 -41.26 -49.09 -52.95
C ASP E 30 -41.11 -47.63 -52.55
N LYS E 31 -41.79 -46.73 -53.27
CA LYS E 31 -41.72 -45.31 -52.94
C LYS E 31 -43.09 -44.68 -52.74
N MET E 32 -44.08 -45.11 -53.53
CA MET E 32 -45.40 -44.48 -53.52
C MET E 32 -46.19 -44.99 -52.32
N VAL E 33 -46.35 -44.15 -51.32
CA VAL E 33 -47.31 -44.42 -50.26
C VAL E 33 -48.61 -43.66 -50.50
N VAL E 34 -48.56 -42.56 -51.24
CA VAL E 34 -49.73 -41.80 -51.62
C VAL E 34 -49.68 -41.64 -53.13
N GLY E 35 -48.51 -41.93 -53.72
CA GLY E 35 -48.31 -41.70 -55.14
C GLY E 35 -49.04 -42.67 -56.03
N LYS E 36 -49.44 -43.82 -55.50
CA LYS E 36 -50.22 -44.76 -56.30
C LYS E 36 -51.63 -44.22 -56.53
N TYR E 37 -52.14 -43.43 -55.60
CA TYR E 37 -53.46 -42.82 -55.77
C TYR E 37 -53.46 -41.77 -56.87
N TYR E 38 -52.30 -41.15 -57.12
CA TYR E 38 -52.21 -40.16 -58.19
C TYR E 38 -52.26 -40.84 -59.55
N LEU E 39 -51.78 -42.07 -59.63
CA LEU E 39 -51.71 -42.74 -60.92
C LEU E 39 -52.99 -43.53 -61.20
N GLU E 40 -53.49 -44.25 -60.21
CA GLU E 40 -54.64 -45.12 -60.44
C GLU E 40 -55.96 -44.37 -60.50
N HIS E 41 -55.97 -43.09 -60.16
CA HIS E 41 -57.19 -42.29 -60.14
C HIS E 41 -57.00 -41.00 -60.93
N VAL E 42 -56.35 -41.09 -62.09
CA VAL E 42 -56.11 -39.92 -62.92
C VAL E 42 -56.91 -39.97 -64.21
N LYS E 43 -57.38 -41.15 -64.62
CA LYS E 43 -58.12 -41.28 -65.85
C LYS E 43 -59.60 -41.00 -65.68
N GLU E 44 -60.11 -41.00 -64.46
CA GLU E 44 -61.52 -40.85 -64.22
C GLU E 44 -61.87 -39.70 -63.29
N GLU E 45 -60.89 -39.10 -62.63
CA GLU E 45 -61.16 -38.05 -61.65
C GLU E 45 -60.91 -36.65 -62.18
N THR E 46 -60.05 -36.52 -63.19
CA THR E 46 -59.83 -35.22 -63.84
C THR E 46 -60.25 -35.26 -65.30
N GLY E 47 -59.74 -36.23 -66.05
CA GLY E 47 -60.03 -36.34 -67.46
C GLY E 47 -58.77 -36.35 -68.29
N ALA E 48 -57.75 -35.62 -67.84
CA ALA E 48 -56.47 -35.58 -68.53
C ALA E 48 -55.75 -36.90 -68.30
N VAL E 49 -55.48 -37.63 -69.38
CA VAL E 49 -54.71 -38.87 -69.27
C VAL E 49 -53.26 -38.60 -68.96
N ASN E 50 -52.80 -37.37 -69.21
CA ASN E 50 -51.53 -36.89 -68.69
C ASN E 50 -51.48 -37.04 -67.18
N ALA E 51 -50.31 -37.39 -66.66
CA ALA E 51 -50.17 -37.56 -65.22
C ALA E 51 -49.84 -36.24 -64.55
N VAL E 52 -48.93 -35.46 -65.13
CA VAL E 52 -48.39 -34.33 -64.40
C VAL E 52 -49.31 -33.11 -64.51
N THR E 53 -50.08 -33.00 -65.59
CA THR E 53 -50.94 -31.83 -65.70
C THR E 53 -52.17 -31.92 -64.82
N ALA E 54 -52.52 -33.12 -64.36
CA ALA E 54 -53.67 -33.26 -63.49
C ALA E 54 -53.27 -33.11 -62.03
N VAL E 55 -52.01 -33.40 -61.70
CA VAL E 55 -51.61 -33.37 -60.30
C VAL E 55 -51.23 -31.96 -59.88
N VAL E 56 -50.75 -31.14 -60.83
CA VAL E 56 -50.19 -29.85 -60.45
C VAL E 56 -51.18 -28.70 -60.62
N VAL E 57 -52.31 -28.92 -61.30
CA VAL E 57 -53.29 -27.85 -61.45
C VAL E 57 -54.58 -28.22 -60.74
N ASN E 58 -54.91 -29.51 -60.69
CA ASN E 58 -56.10 -29.95 -59.98
C ASN E 58 -55.79 -30.46 -58.58
N TYR E 59 -54.86 -31.39 -58.44
CA TYR E 59 -54.59 -31.98 -57.13
C TYR E 59 -53.80 -31.02 -56.25
N ARG E 60 -52.59 -30.64 -56.69
CA ARG E 60 -51.84 -29.59 -56.02
C ARG E 60 -52.18 -28.24 -56.62
N GLY E 61 -53.45 -27.87 -56.50
CA GLY E 61 -54.02 -26.76 -57.23
C GLY E 61 -53.54 -25.38 -56.85
N LEU E 62 -52.86 -25.24 -55.72
CA LEU E 62 -52.35 -23.94 -55.29
C LEU E 62 -50.85 -23.83 -55.46
N ASP E 63 -50.30 -24.43 -56.51
CA ASP E 63 -48.87 -24.53 -56.72
C ASP E 63 -48.45 -24.09 -58.11
N THR E 64 -49.33 -24.24 -59.10
CA THR E 64 -49.15 -23.45 -60.31
C THR E 64 -49.62 -22.02 -60.08
N LEU E 65 -50.44 -21.81 -59.04
CA LEU E 65 -50.84 -20.46 -58.67
C LEU E 65 -49.71 -19.70 -58.00
N GLY E 66 -48.99 -20.36 -57.10
CA GLY E 66 -47.79 -19.76 -56.55
C GLY E 66 -46.70 -19.61 -57.59
N GLU E 67 -46.70 -20.50 -58.59
CA GLU E 67 -45.76 -20.40 -59.70
C GLU E 67 -46.00 -19.14 -60.53
N VAL E 68 -47.25 -18.89 -60.93
CA VAL E 68 -47.51 -17.69 -61.72
C VAL E 68 -47.38 -16.44 -60.85
N THR E 69 -47.60 -16.57 -59.54
CA THR E 69 -47.29 -15.48 -58.62
C THR E 69 -45.80 -15.16 -58.64
N VAL E 70 -44.95 -16.19 -58.68
CA VAL E 70 -43.50 -16.01 -58.71
C VAL E 70 -43.06 -15.40 -60.04
N LEU E 71 -43.66 -15.83 -61.15
CA LEU E 71 -43.22 -15.28 -62.43
C LEU E 71 -43.71 -13.84 -62.60
N PHE E 72 -44.94 -13.55 -62.20
CA PHE E 72 -45.44 -12.18 -62.24
C PHE E 72 -44.64 -11.27 -61.32
N ILE E 73 -44.18 -11.81 -60.17
CA ILE E 73 -43.42 -10.98 -59.26
C ILE E 73 -42.01 -10.77 -59.81
N ALA E 74 -41.52 -11.69 -60.65
CA ALA E 74 -40.24 -11.46 -61.31
C ALA E 74 -40.35 -10.38 -62.37
N SER E 75 -41.48 -10.33 -63.08
CA SER E 75 -41.73 -9.27 -64.05
C SER E 75 -41.80 -7.91 -63.37
N THR E 76 -42.63 -7.80 -62.33
CA THR E 76 -42.79 -6.50 -61.69
C THR E 76 -41.56 -6.12 -60.88
N GLY E 77 -40.74 -7.10 -60.50
CA GLY E 77 -39.53 -6.77 -59.78
C GLY E 77 -38.46 -6.22 -60.69
N VAL E 78 -38.28 -6.85 -61.86
CA VAL E 78 -37.30 -6.33 -62.82
C VAL E 78 -37.78 -5.01 -63.39
N ALA E 79 -39.10 -4.85 -63.54
CA ALA E 79 -39.63 -3.58 -64.02
C ALA E 79 -39.49 -2.47 -62.98
N ALA E 80 -39.57 -2.83 -61.70
CA ALA E 80 -39.36 -1.82 -60.67
C ALA E 80 -37.89 -1.51 -60.46
N LEU E 81 -37.02 -2.50 -60.70
CA LEU E 81 -35.59 -2.26 -60.56
C LEU E 81 -35.00 -1.48 -61.72
N LEU E 82 -35.67 -1.45 -62.87
CA LEU E 82 -35.18 -0.76 -64.06
C LEU E 82 -36.30 0.15 -64.54
N TRP E 83 -36.18 1.45 -64.27
CA TRP E 83 -37.22 2.39 -64.62
C TRP E 83 -36.61 3.76 -64.77
N LYS E 84 -36.63 4.29 -65.99
CA LYS E 84 -35.91 5.53 -66.29
C LYS E 84 -36.69 6.51 -67.15
N LYS E 85 -37.88 6.14 -67.64
CA LYS E 85 -38.75 6.96 -68.51
C LYS E 85 -38.11 7.31 -69.86
N LYS E 86 -36.98 6.69 -70.20
CA LYS E 86 -36.35 6.96 -71.48
C LYS E 86 -36.37 5.72 -72.35
N ARG E 87 -35.73 4.65 -71.87
CA ARG E 87 -35.81 3.29 -72.41
C ARG E 87 -35.40 3.22 -73.88
N GLU E 88 -34.11 3.47 -74.13
CA GLU E 88 -33.58 3.40 -75.48
C GLU E 88 -32.74 2.14 -75.68
N ARG E 89 -32.56 1.77 -76.94
CA ARG E 89 -31.73 0.61 -77.27
C ARG E 89 -30.26 0.97 -77.16
N THR E 90 -29.39 -0.02 -77.40
CA THR E 90 -27.99 0.13 -76.99
C THR E 90 -27.15 0.94 -77.96
N ALA E 91 -26.82 0.36 -79.11
CA ALA E 91 -26.24 1.10 -80.23
C ALA E 91 -26.78 0.52 -81.54
N LYS E 92 -27.33 -0.69 -81.43
CA LYS E 92 -28.13 -1.48 -82.38
C LYS E 92 -27.37 -2.08 -83.57
N THR E 93 -26.18 -1.52 -83.90
CA THR E 93 -24.98 -2.17 -84.49
C THR E 93 -25.32 -3.35 -85.42
N GLU E 94 -26.02 -3.07 -86.53
CA GLU E 94 -26.94 -3.97 -87.28
C GLU E 94 -26.32 -5.34 -87.55
N GLY E 95 -25.25 -5.45 -88.33
CA GLY E 95 -24.45 -6.67 -88.34
C GLY E 95 -24.71 -7.67 -89.45
N SER E 96 -25.98 -7.95 -89.73
CA SER E 96 -26.33 -8.96 -90.73
C SER E 96 -27.70 -8.65 -91.26
N VAL E 97 -28.00 -9.16 -92.46
CA VAL E 97 -29.35 -9.03 -93.00
C VAL E 97 -30.00 -10.37 -93.29
N VAL E 98 -29.25 -11.47 -93.25
CA VAL E 98 -29.89 -12.78 -93.23
C VAL E 98 -30.27 -13.18 -91.80
N LEU E 99 -29.95 -12.34 -90.81
CA LEU E 99 -30.42 -12.51 -89.45
C LEU E 99 -31.76 -11.85 -89.21
N THR E 100 -31.94 -10.60 -89.66
CA THR E 100 -33.22 -9.91 -89.47
C THR E 100 -34.31 -10.57 -90.28
N THR E 101 -34.05 -10.80 -91.56
CA THR E 101 -34.99 -11.57 -92.38
C THR E 101 -35.02 -13.03 -91.95
N GLY E 102 -33.95 -13.51 -91.33
CA GLY E 102 -33.95 -14.87 -90.82
C GLY E 102 -34.89 -15.09 -89.66
N ALA E 103 -34.90 -14.14 -88.72
CA ALA E 103 -35.84 -14.25 -87.61
C ALA E 103 -37.18 -13.62 -87.94
N ARG E 104 -37.30 -12.92 -89.06
CA ARG E 104 -38.58 -12.39 -89.51
C ARG E 104 -39.53 -13.53 -89.85
N LEU E 105 -39.19 -14.29 -90.90
CA LEU E 105 -40.03 -15.40 -91.33
C LEU E 105 -40.11 -16.52 -90.31
N LEU E 106 -39.10 -16.67 -89.47
CA LEU E 106 -39.12 -17.72 -88.46
C LEU E 106 -39.95 -17.35 -87.23
N PHE E 107 -40.36 -16.08 -87.12
CA PHE E 107 -41.12 -15.66 -85.95
C PHE E 107 -42.53 -16.23 -85.87
N PRO E 108 -43.33 -16.33 -86.96
CA PRO E 108 -44.58 -17.08 -86.84
C PRO E 108 -44.41 -18.59 -86.84
N PHE E 109 -43.24 -19.11 -87.21
CA PHE E 109 -43.02 -20.55 -87.12
C PHE E 109 -42.87 -21.01 -85.68
N ILE E 110 -42.38 -20.12 -84.82
CA ILE E 110 -42.36 -20.46 -83.39
C ILE E 110 -43.66 -20.02 -82.73
N ALA E 111 -44.34 -19.04 -83.30
CA ALA E 111 -45.61 -18.59 -82.74
C ALA E 111 -46.71 -19.63 -82.95
N LEU E 112 -46.64 -20.37 -84.06
CA LEU E 112 -47.58 -21.47 -84.27
C LEU E 112 -47.28 -22.61 -83.31
N PHE E 113 -46.00 -22.85 -83.05
CA PHE E 113 -45.60 -24.08 -82.38
C PHE E 113 -45.66 -23.93 -80.87
N GLY E 114 -45.39 -22.73 -80.37
CA GLY E 114 -45.49 -22.50 -78.94
C GLY E 114 -46.92 -22.57 -78.45
N MET E 115 -47.87 -22.18 -79.29
CA MET E 115 -49.27 -22.34 -78.94
C MET E 115 -49.67 -23.81 -78.92
N TYR E 116 -49.07 -24.60 -79.82
CA TYR E 116 -49.34 -26.04 -79.89
C TYR E 116 -48.91 -26.75 -78.61
N ILE E 117 -47.88 -26.25 -77.95
CA ILE E 117 -47.41 -26.89 -76.72
C ILE E 117 -48.41 -26.68 -75.59
N PHE E 118 -48.86 -25.44 -75.37
CA PHE E 118 -49.73 -25.27 -74.22
C PHE E 118 -51.19 -25.64 -74.48
N ILE E 119 -51.60 -25.82 -75.74
CA ILE E 119 -52.98 -26.29 -75.91
C ILE E 119 -53.05 -27.78 -75.65
N HIS E 120 -51.94 -28.48 -75.82
CA HIS E 120 -51.88 -29.93 -75.69
C HIS E 120 -51.14 -30.29 -74.43
N GLY E 121 -51.87 -30.41 -73.33
CA GLY E 121 -51.36 -31.01 -72.13
C GLY E 121 -52.12 -32.29 -71.84
N HIS E 122 -52.56 -32.97 -72.90
CA HIS E 122 -53.39 -34.15 -72.79
C HIS E 122 -52.65 -35.42 -73.20
N LEU E 123 -52.12 -35.46 -74.41
CA LEU E 123 -51.32 -36.59 -74.85
C LEU E 123 -49.85 -36.23 -74.96
N THR E 124 -49.56 -35.00 -75.14
CA THR E 124 -48.21 -34.50 -75.19
C THR E 124 -47.76 -34.11 -73.78
N PRO E 125 -46.47 -34.25 -73.47
CA PRO E 125 -45.98 -33.81 -72.17
C PRO E 125 -45.89 -32.30 -72.10
N GLY E 126 -45.54 -31.81 -70.90
CA GLY E 126 -45.26 -30.40 -70.72
C GLY E 126 -46.26 -29.64 -69.90
N GLY E 127 -46.99 -28.76 -70.55
CA GLY E 127 -47.93 -27.88 -69.90
C GLY E 127 -47.86 -26.50 -70.50
N GLY E 128 -48.25 -25.51 -69.72
CA GLY E 128 -48.23 -24.15 -70.22
C GLY E 128 -46.87 -23.49 -70.23
N PHE E 129 -45.94 -24.00 -69.46
CA PHE E 129 -44.68 -23.28 -69.23
C PHE E 129 -43.64 -23.43 -70.34
N PRO E 130 -43.39 -24.63 -70.93
CA PRO E 130 -42.49 -24.65 -72.09
C PRO E 130 -43.05 -23.91 -73.30
N GLY E 131 -44.36 -23.98 -73.52
CA GLY E 131 -44.95 -23.25 -74.63
C GLY E 131 -44.91 -21.75 -74.41
N GLY E 132 -45.13 -21.31 -73.18
CA GLY E 132 -45.02 -19.89 -72.88
C GLY E 132 -43.59 -19.39 -72.97
N ALA E 133 -42.64 -20.24 -72.57
CA ALA E 133 -41.24 -19.82 -72.63
C ALA E 133 -40.73 -19.79 -74.07
N THR E 134 -41.25 -20.66 -74.94
CA THR E 134 -40.83 -20.56 -76.33
C THR E 134 -41.63 -19.52 -77.10
N ILE E 135 -42.81 -19.12 -76.61
CA ILE E 135 -43.43 -17.90 -77.12
C ILE E 135 -42.57 -16.69 -76.77
N ALA E 136 -42.03 -16.67 -75.55
CA ALA E 136 -41.06 -15.65 -75.17
C ALA E 136 -39.77 -15.76 -75.98
N THR E 137 -39.40 -16.97 -76.40
CA THR E 137 -38.25 -17.14 -77.29
C THR E 137 -38.50 -16.52 -78.65
N ALA E 138 -39.71 -16.70 -79.19
CA ALA E 138 -40.08 -16.05 -80.45
C ALA E 138 -40.07 -14.55 -80.31
N PHE E 139 -40.55 -14.04 -79.17
CA PHE E 139 -40.43 -12.61 -78.87
C PHE E 139 -38.98 -12.18 -78.81
N LEU E 140 -38.10 -13.06 -78.30
CA LEU E 140 -36.69 -12.72 -78.21
C LEU E 140 -36.01 -12.75 -79.58
N LEU E 141 -36.46 -13.63 -80.46
CA LEU E 141 -35.90 -13.69 -81.81
C LEU E 141 -36.24 -12.43 -82.59
N MET E 142 -37.47 -11.94 -82.45
CA MET E 142 -37.79 -10.66 -83.05
C MET E 142 -37.17 -9.50 -82.30
N TYR E 143 -36.78 -9.72 -81.04
CA TYR E 143 -36.16 -8.66 -80.24
C TYR E 143 -34.65 -8.61 -80.37
N LEU E 144 -34.01 -9.69 -80.80
CA LEU E 144 -32.56 -9.71 -80.97
C LEU E 144 -32.17 -9.81 -82.44
N ALA E 145 -33.09 -9.46 -83.33
CA ALA E 145 -32.76 -9.39 -84.74
C ALA E 145 -33.38 -8.17 -85.41
N PHE E 146 -33.72 -7.14 -84.65
CA PHE E 146 -34.22 -5.90 -85.23
C PHE E 146 -33.59 -4.72 -84.50
N THR E 147 -33.81 -3.54 -85.06
CA THR E 147 -33.16 -2.33 -84.54
C THR E 147 -33.97 -1.65 -83.44
N ILE E 148 -35.28 -1.86 -83.36
CA ILE E 148 -36.03 -1.43 -82.19
C ILE E 148 -36.86 -2.57 -81.60
N TYR E 149 -37.90 -3.01 -82.33
CA TYR E 149 -38.95 -3.95 -81.90
C TYR E 149 -39.40 -3.71 -80.45
N GLU E 150 -39.96 -2.54 -80.22
CA GLU E 150 -40.60 -2.23 -78.95
C GLU E 150 -42.08 -2.54 -79.09
N ILE E 151 -42.50 -3.69 -78.57
CA ILE E 151 -43.94 -3.95 -78.45
C ILE E 151 -44.54 -2.94 -77.48
N PRO E 152 -45.70 -2.36 -77.78
CA PRO E 152 -46.24 -1.28 -76.92
C PRO E 152 -46.61 -1.78 -75.53
N HIS E 153 -45.96 -1.18 -74.53
CA HIS E 153 -46.10 -1.64 -73.14
C HIS E 153 -47.50 -1.32 -72.60
N ARG E 154 -48.00 -0.12 -72.88
CA ARG E 154 -49.36 0.24 -72.54
C ARG E 154 -50.30 -0.57 -73.43
N GLY E 155 -50.80 -1.68 -72.90
CA GLY E 155 -51.50 -2.67 -73.69
C GLY E 155 -50.77 -4.00 -73.80
N PHE E 156 -49.64 -4.17 -73.12
CA PHE E 156 -48.93 -5.43 -73.10
C PHE E 156 -49.08 -6.17 -71.78
N GLU E 157 -48.79 -5.51 -70.65
CA GLU E 157 -48.97 -6.13 -69.34
C GLU E 157 -50.42 -6.19 -68.93
N VAL E 158 -51.34 -5.59 -69.69
CA VAL E 158 -52.76 -5.73 -69.43
C VAL E 158 -53.19 -7.17 -69.66
N THR E 159 -52.73 -7.79 -70.75
CA THR E 159 -53.16 -9.16 -71.03
C THR E 159 -52.46 -10.17 -70.14
N GLU E 160 -51.31 -9.81 -69.55
CA GLU E 160 -50.66 -10.69 -68.59
C GLU E 160 -51.47 -10.79 -67.30
N GLY E 161 -51.85 -9.63 -66.75
CA GLY E 161 -52.74 -9.62 -65.61
C GLY E 161 -54.11 -10.18 -65.93
N LEU E 162 -54.56 -10.01 -67.17
CA LEU E 162 -55.85 -10.57 -67.59
C LEU E 162 -55.79 -12.10 -67.61
N ALA E 163 -54.65 -12.66 -68.01
CA ALA E 163 -54.52 -14.11 -68.05
C ALA E 163 -54.37 -14.70 -66.65
N GLY E 164 -53.67 -13.98 -65.76
CA GLY E 164 -53.63 -14.41 -64.37
C GLY E 164 -54.99 -14.33 -63.70
N MET E 165 -55.74 -13.26 -64.00
CA MET E 165 -57.13 -13.15 -63.57
C MET E 165 -57.97 -14.27 -64.15
N GLY E 166 -57.68 -14.67 -65.38
CA GLY E 166 -58.41 -15.76 -66.00
C GLY E 166 -58.14 -17.10 -65.32
N TYR E 167 -56.95 -17.27 -64.74
CA TYR E 167 -56.75 -18.40 -63.83
C TYR E 167 -57.64 -18.25 -62.60
N VAL E 168 -57.60 -17.08 -61.97
CA VAL E 168 -58.18 -16.95 -60.64
C VAL E 168 -59.70 -16.81 -60.73
N ILE E 169 -60.20 -16.30 -61.86
CA ILE E 169 -61.66 -16.27 -62.04
C ILE E 169 -62.20 -17.68 -62.25
N THR E 170 -61.36 -18.63 -62.67
CA THR E 170 -61.80 -20.02 -62.65
C THR E 170 -61.75 -20.58 -61.24
N GLY E 171 -60.96 -19.97 -60.36
CA GLY E 171 -61.03 -20.33 -58.96
C GLY E 171 -62.19 -19.65 -58.25
N LEU E 172 -62.52 -18.42 -58.67
CA LEU E 172 -63.56 -17.66 -58.00
C LEU E 172 -64.96 -18.05 -58.50
N ILE E 173 -65.10 -18.32 -59.80
CA ILE E 173 -66.36 -18.90 -60.26
C ILE E 173 -66.35 -20.41 -60.00
N GLY E 174 -65.17 -20.97 -59.75
CA GLY E 174 -65.10 -22.30 -59.17
C GLY E 174 -65.60 -22.33 -57.75
N LEU E 175 -65.64 -21.18 -57.07
CA LEU E 175 -66.17 -21.09 -55.73
C LEU E 175 -67.69 -21.01 -55.72
N ALA E 176 -68.35 -21.14 -56.88
CA ALA E 176 -69.80 -21.30 -56.91
C ALA E 176 -70.23 -22.62 -56.30
N ILE E 177 -69.35 -23.63 -56.34
CA ILE E 177 -69.52 -24.84 -55.55
C ILE E 177 -68.16 -25.35 -55.08
N GLY E 178 -67.91 -25.31 -53.78
CA GLY E 178 -66.74 -25.91 -53.18
C GLY E 178 -65.45 -25.16 -53.47
N GLY E 179 -64.34 -25.89 -53.30
CA GLY E 179 -63.03 -25.30 -53.45
C GLY E 179 -62.62 -25.02 -54.88
N TYR E 180 -62.41 -26.06 -55.68
CA TYR E 180 -62.12 -25.88 -57.10
C TYR E 180 -63.20 -26.48 -57.98
N PHE E 181 -63.42 -27.79 -57.90
CA PHE E 181 -64.51 -28.55 -58.52
C PHE E 181 -64.60 -28.44 -60.05
N LEU E 182 -63.58 -27.84 -60.67
CA LEU E 182 -63.23 -27.82 -62.10
C LEU E 182 -64.19 -27.00 -62.96
N PHE E 183 -65.42 -26.75 -62.48
CA PHE E 183 -66.48 -25.96 -63.11
C PHE E 183 -66.83 -26.34 -64.56
N ASP E 184 -66.26 -27.41 -65.10
CA ASP E 184 -66.29 -27.56 -66.56
C ASP E 184 -66.63 -28.93 -67.08
N TRP E 185 -66.37 -30.02 -66.34
CA TRP E 185 -66.57 -31.33 -66.95
C TRP E 185 -67.56 -32.13 -66.15
N ILE E 186 -67.71 -31.77 -64.87
CA ILE E 186 -68.57 -32.51 -63.96
C ILE E 186 -69.94 -31.87 -63.83
N TRP E 187 -70.08 -30.61 -64.21
CA TRP E 187 -71.39 -29.97 -64.28
C TRP E 187 -71.46 -29.14 -65.54
N GLN E 188 -72.60 -29.24 -66.24
CA GLN E 188 -72.81 -28.52 -67.50
C GLN E 188 -73.07 -27.05 -67.19
N THR E 189 -71.99 -26.34 -66.88
CA THR E 189 -72.07 -24.96 -66.44
C THR E 189 -72.18 -23.99 -67.62
N TRP E 190 -71.17 -23.97 -68.47
CA TRP E 190 -71.21 -23.19 -69.70
C TRP E 190 -71.34 -24.05 -70.94
N GLY E 191 -70.78 -25.25 -70.91
CA GLY E 191 -70.84 -26.16 -72.04
C GLY E 191 -70.96 -27.59 -71.57
N TRP E 192 -70.53 -28.53 -72.38
CA TRP E 192 -70.65 -29.93 -72.01
C TRP E 192 -69.42 -30.33 -71.21
N GLY E 193 -69.25 -31.63 -70.98
CA GLY E 193 -68.07 -32.13 -70.31
C GLY E 193 -68.04 -33.64 -70.30
N HIS E 194 -66.83 -34.22 -70.29
CA HIS E 194 -66.57 -35.66 -70.27
C HIS E 194 -67.21 -36.35 -71.47
N GLU E 195 -66.66 -36.06 -72.65
CA GLU E 195 -67.19 -36.71 -73.83
C GLU E 195 -66.65 -38.13 -73.96
N ASN E 196 -65.35 -38.31 -74.24
CA ASN E 196 -64.85 -39.67 -74.11
C ASN E 196 -63.68 -39.82 -73.15
N ILE E 197 -62.48 -39.43 -73.57
CA ILE E 197 -61.32 -39.56 -72.64
C ILE E 197 -60.00 -39.23 -73.36
N GLY E 198 -59.95 -39.36 -74.69
CA GLY E 198 -58.71 -39.07 -75.44
C GLY E 198 -59.02 -37.66 -75.91
N ARG E 199 -58.45 -37.25 -77.05
CA ARG E 199 -58.32 -35.84 -77.46
C ARG E 199 -59.67 -35.36 -77.99
N LEU E 200 -60.74 -36.06 -77.61
CA LEU E 200 -62.12 -35.72 -78.06
C LEU E 200 -62.77 -34.76 -77.05
N PHE E 201 -63.10 -33.55 -77.53
CA PHE E 201 -63.75 -32.51 -76.71
C PHE E 201 -62.85 -32.01 -75.58
N SER E 202 -61.53 -32.08 -75.78
CA SER E 202 -60.52 -31.43 -74.94
C SER E 202 -60.55 -31.94 -73.50
N GLY E 203 -60.89 -33.22 -73.33
CA GLY E 203 -60.84 -33.87 -72.04
C GLY E 203 -61.78 -33.30 -71.00
N GLY E 204 -61.23 -32.59 -70.02
CA GLY E 204 -62.02 -31.97 -68.98
C GLY E 204 -61.87 -30.46 -68.91
N PHE E 205 -61.20 -29.99 -67.86
CA PHE E 205 -61.00 -28.56 -67.62
C PHE E 205 -59.59 -28.09 -67.90
N ILE E 206 -58.62 -28.99 -67.90
CA ILE E 206 -57.20 -28.67 -68.00
C ILE E 206 -56.71 -27.96 -69.30
N PRO E 207 -57.39 -28.02 -70.51
CA PRO E 207 -56.78 -27.28 -71.62
C PRO E 207 -56.93 -25.77 -71.56
N ILE E 208 -58.08 -25.26 -71.15
CA ILE E 208 -58.32 -23.82 -71.23
C ILE E 208 -57.54 -23.10 -70.14
N ILE E 209 -57.23 -23.81 -69.05
CA ILE E 209 -56.39 -23.22 -68.02
C ILE E 209 -54.96 -23.17 -68.51
N TYR E 210 -54.57 -24.04 -69.44
CA TYR E 210 -53.22 -24.00 -69.96
C TYR E 210 -53.08 -22.97 -71.07
N THR E 211 -54.16 -22.73 -71.82
CA THR E 211 -54.16 -21.60 -72.74
C THR E 211 -54.00 -20.30 -71.97
N LEU E 212 -54.71 -20.15 -70.86
CA LEU E 212 -54.63 -18.91 -70.10
C LEU E 212 -53.29 -18.76 -69.37
N ILE E 213 -52.78 -19.84 -68.76
CA ILE E 213 -51.49 -19.76 -68.08
C ILE E 213 -50.34 -19.68 -69.08
N GLY E 214 -50.49 -20.33 -70.24
CA GLY E 214 -49.47 -20.18 -71.28
C GLY E 214 -49.45 -18.79 -71.88
N ILE E 215 -50.60 -18.13 -71.92
CA ILE E 215 -50.64 -16.73 -72.37
C ILE E 215 -49.96 -15.83 -71.32
N LYS E 216 -50.20 -16.13 -70.04
CA LYS E 216 -49.58 -15.34 -68.97
C LYS E 216 -48.07 -15.48 -68.97
N VAL E 217 -47.57 -16.72 -68.96
CA VAL E 217 -46.14 -16.94 -68.96
C VAL E 217 -45.52 -16.68 -70.33
N GLY E 218 -46.34 -16.56 -71.37
CA GLY E 218 -45.83 -16.17 -72.66
C GLY E 218 -45.44 -14.70 -72.72
N THR E 219 -46.26 -13.83 -72.13
CA THR E 219 -45.92 -12.42 -72.01
C THR E 219 -45.07 -12.13 -70.80
N GLU E 220 -44.59 -13.16 -70.11
CA GLU E 220 -43.83 -12.97 -68.88
C GLU E 220 -42.38 -12.60 -69.21
N LEU E 221 -41.64 -13.54 -69.81
CA LEU E 221 -40.21 -13.33 -70.01
C LEU E 221 -39.93 -12.33 -71.12
N SER E 222 -40.89 -12.15 -72.04
CA SER E 222 -40.74 -11.14 -73.08
C SER E 222 -40.70 -9.74 -72.49
N GLY E 223 -41.51 -9.49 -71.45
CA GLY E 223 -41.44 -8.22 -70.76
C GLY E 223 -40.15 -8.04 -69.99
N ILE E 224 -39.59 -9.13 -69.47
CA ILE E 224 -38.34 -9.06 -68.71
C ILE E 224 -37.18 -8.69 -69.62
N VAL E 225 -37.06 -9.37 -70.77
CA VAL E 225 -35.99 -9.02 -71.69
C VAL E 225 -36.23 -7.68 -72.36
N ASP E 226 -37.50 -7.24 -72.40
CA ASP E 226 -37.80 -5.90 -72.93
C ASP E 226 -37.24 -4.81 -72.04
N ASN E 227 -37.63 -4.82 -70.77
CA ASN E 227 -37.14 -3.74 -69.91
C ASN E 227 -35.74 -3.98 -69.39
N MET E 228 -35.09 -5.08 -69.75
CA MET E 228 -33.67 -5.22 -69.50
C MET E 228 -32.80 -4.91 -70.72
N LEU E 229 -33.39 -4.81 -71.91
CA LEU E 229 -32.68 -4.25 -73.06
C LEU E 229 -33.06 -2.79 -73.29
N LYS E 230 -32.89 -1.95 -72.27
CA LYS E 230 -33.20 -0.53 -72.40
C LYS E 230 -32.10 0.24 -71.69
N GLU E 231 -31.34 1.03 -72.45
CA GLU E 231 -30.35 1.91 -71.86
C GLU E 231 -30.98 3.26 -71.57
N GLU E 232 -30.15 4.26 -71.26
CA GLU E 232 -30.60 5.63 -71.12
C GLU E 232 -31.15 6.19 -72.43
N ILE F 2 -22.96 -46.30 -55.28
CA ILE F 2 -24.04 -45.36 -55.53
C ILE F 2 -24.30 -45.20 -57.04
N SER F 3 -25.55 -44.90 -57.39
CA SER F 3 -25.91 -44.72 -58.79
C SER F 3 -25.39 -43.39 -59.31
N SER F 4 -25.30 -43.28 -60.63
CA SER F 4 -24.67 -42.11 -61.23
C SER F 4 -25.55 -40.88 -61.07
N TYR F 5 -26.87 -41.07 -60.99
CA TYR F 5 -27.77 -39.93 -60.88
C TYR F 5 -27.65 -39.27 -59.52
N TYR F 6 -27.54 -40.08 -58.46
CA TYR F 6 -27.38 -39.55 -57.10
C TYR F 6 -26.10 -38.76 -56.97
N PHE F 7 -24.98 -39.36 -57.41
CA PHE F 7 -23.69 -38.70 -57.33
C PHE F 7 -23.63 -37.48 -58.24
N GLY F 8 -24.20 -37.56 -59.44
CA GLY F 8 -24.16 -36.43 -60.35
C GLY F 8 -25.07 -35.29 -59.96
N ALA F 9 -26.22 -35.57 -59.36
CA ALA F 9 -27.08 -34.52 -58.85
C ALA F 9 -26.54 -33.89 -57.59
N ILE F 10 -25.85 -34.65 -56.74
CA ILE F 10 -25.26 -34.04 -55.56
C ILE F 10 -23.93 -33.37 -55.90
N SER F 11 -23.28 -33.76 -56.99
CA SER F 11 -22.05 -33.07 -57.36
C SER F 11 -22.34 -31.79 -58.13
N LEU F 12 -23.50 -31.70 -58.78
CA LEU F 12 -23.90 -30.44 -59.39
C LEU F 12 -24.27 -29.43 -58.33
N ILE F 13 -24.95 -29.88 -57.27
CA ILE F 13 -25.18 -29.05 -56.09
C ILE F 13 -23.85 -28.72 -55.41
N LEU F 14 -22.91 -29.66 -55.44
CA LEU F 14 -21.60 -29.44 -54.84
C LEU F 14 -20.83 -28.34 -55.58
N ILE F 15 -20.82 -28.39 -56.91
CA ILE F 15 -20.09 -27.40 -57.69
C ILE F 15 -20.77 -26.04 -57.61
N GLY F 16 -22.11 -26.04 -57.58
CA GLY F 16 -22.84 -24.79 -57.39
C GLY F 16 -22.60 -24.19 -56.01
N LEU F 17 -22.37 -25.05 -55.01
CA LEU F 17 -22.02 -24.54 -53.68
C LEU F 17 -20.59 -24.05 -53.63
N TYR F 18 -19.67 -24.76 -54.30
CA TYR F 18 -18.26 -24.37 -54.37
C TYR F 18 -18.07 -23.06 -55.10
N ALA F 19 -18.97 -22.71 -56.01
CA ALA F 19 -18.85 -21.46 -56.78
C ALA F 19 -19.48 -20.28 -56.07
N VAL F 20 -19.93 -20.47 -54.83
CA VAL F 20 -20.40 -19.37 -54.00
C VAL F 20 -19.35 -18.96 -52.98
N LEU F 21 -18.55 -19.90 -52.48
CA LEU F 21 -17.58 -19.60 -51.45
C LEU F 21 -16.32 -18.96 -52.02
N VAL F 22 -15.67 -19.64 -52.96
CA VAL F 22 -14.29 -19.29 -53.30
C VAL F 22 -14.21 -18.24 -54.40
N LYS F 23 -15.28 -18.04 -55.17
CA LYS F 23 -15.20 -17.14 -56.30
C LYS F 23 -15.47 -15.71 -55.88
N LYS F 24 -14.87 -14.77 -56.61
CA LYS F 24 -14.87 -13.37 -56.18
C LYS F 24 -15.68 -12.46 -57.09
N ASN F 25 -15.75 -12.74 -58.39
CA ASN F 25 -16.60 -11.95 -59.26
C ASN F 25 -18.06 -12.27 -58.99
N LEU F 26 -18.92 -11.26 -59.11
CA LEU F 26 -20.30 -11.43 -58.67
C LEU F 26 -21.11 -12.30 -59.63
N LEU F 27 -20.88 -12.12 -60.92
CA LEU F 27 -21.63 -12.92 -61.90
C LEU F 27 -21.20 -14.37 -61.89
N LYS F 28 -19.97 -14.66 -61.46
CA LYS F 28 -19.59 -16.05 -61.24
C LYS F 28 -20.37 -16.65 -60.07
N ILE F 29 -20.69 -15.83 -59.06
CA ILE F 29 -21.49 -16.31 -57.94
C ILE F 29 -22.92 -16.61 -58.40
N LEU F 30 -23.44 -15.80 -59.31
CA LEU F 30 -24.77 -16.07 -59.84
C LEU F 30 -24.78 -17.31 -60.72
N ILE F 31 -23.66 -17.59 -61.40
CA ILE F 31 -23.51 -18.82 -62.17
C ILE F 31 -23.56 -20.02 -61.22
N GLY F 32 -22.93 -19.87 -60.05
CA GLY F 32 -23.00 -20.92 -59.05
C GLY F 32 -24.41 -21.13 -58.50
N LEU F 33 -25.17 -20.04 -58.35
CA LEU F 33 -26.55 -20.16 -57.89
C LEU F 33 -27.40 -20.89 -58.91
N SER F 34 -27.26 -20.56 -60.19
CA SER F 34 -28.07 -21.21 -61.23
C SER F 34 -27.68 -22.68 -61.41
N ILE F 35 -26.38 -22.98 -61.32
CA ILE F 35 -25.91 -24.36 -61.43
C ILE F 35 -26.45 -25.19 -60.27
N MET F 36 -26.45 -24.62 -59.07
CA MET F 36 -26.89 -25.34 -57.90
C MET F 36 -28.40 -25.58 -57.94
N GLU F 37 -29.16 -24.63 -58.49
CA GLU F 37 -30.59 -24.85 -58.66
C GLU F 37 -30.87 -25.92 -59.71
N THR F 38 -30.02 -25.97 -60.75
CA THR F 38 -30.16 -27.01 -61.77
C THR F 38 -29.89 -28.40 -61.19
N GLY F 39 -28.85 -28.52 -60.37
CA GLY F 39 -28.59 -29.80 -59.71
C GLY F 39 -29.64 -30.16 -58.69
N VAL F 40 -30.29 -29.16 -58.11
CA VAL F 40 -31.35 -29.40 -57.14
C VAL F 40 -32.57 -30.01 -57.82
N ASN F 41 -32.96 -29.46 -58.97
CA ASN F 41 -34.11 -30.06 -59.64
C ASN F 41 -33.75 -31.37 -60.30
N LEU F 42 -32.46 -31.60 -60.58
CA LEU F 42 -32.04 -32.92 -61.05
C LEU F 42 -32.17 -33.97 -59.95
N LEU F 43 -31.80 -33.61 -58.72
CA LEU F 43 -32.04 -34.51 -57.58
C LEU F 43 -33.53 -34.70 -57.35
N LEU F 44 -34.30 -33.62 -57.53
CA LEU F 44 -35.75 -33.68 -57.31
C LEU F 44 -36.43 -34.64 -58.26
N ILE F 45 -35.92 -34.80 -59.48
CA ILE F 45 -36.44 -35.85 -60.34
C ILE F 45 -35.89 -37.21 -59.92
N SER F 46 -34.60 -37.29 -59.66
CA SER F 46 -33.97 -38.58 -59.36
C SER F 46 -34.20 -39.03 -57.93
N ILE F 47 -35.46 -39.15 -57.52
CA ILE F 47 -35.78 -39.74 -56.23
C ILE F 47 -36.72 -40.91 -56.46
N GLY F 48 -37.55 -40.80 -57.49
CA GLY F 48 -38.64 -41.75 -57.65
C GLY F 48 -38.52 -42.72 -58.79
N TYR F 49 -37.33 -42.85 -59.40
CA TYR F 49 -37.19 -43.78 -60.51
C TYR F 49 -37.25 -45.22 -60.01
N VAL F 50 -38.17 -46.00 -60.56
CA VAL F 50 -38.50 -47.30 -60.03
C VAL F 50 -37.72 -48.39 -60.74
N SER F 51 -36.83 -47.99 -61.66
CA SER F 51 -35.92 -48.88 -62.39
C SER F 51 -36.69 -49.95 -63.17
N GLY F 52 -37.43 -49.50 -64.18
CA GLY F 52 -38.34 -50.40 -64.86
C GLY F 52 -39.41 -49.74 -65.67
N LYS F 53 -40.67 -50.07 -65.36
CA LYS F 53 -41.88 -49.57 -66.00
C LYS F 53 -41.84 -48.05 -66.19
N SER F 54 -42.13 -47.61 -67.42
CA SER F 54 -41.82 -46.23 -67.76
C SER F 54 -42.68 -45.73 -68.92
N ALA F 55 -43.71 -44.96 -68.60
CA ALA F 55 -44.37 -44.00 -69.47
C ALA F 55 -45.17 -43.07 -68.59
N PRO F 56 -44.57 -41.98 -68.09
CA PRO F 56 -45.33 -41.04 -67.23
C PRO F 56 -46.52 -40.42 -67.94
N ILE F 57 -46.34 -39.92 -69.14
CA ILE F 57 -47.47 -39.47 -69.93
C ILE F 57 -47.62 -40.32 -71.19
N LEU F 58 -48.34 -41.43 -71.10
CA LEU F 58 -49.13 -41.82 -72.26
C LEU F 58 -50.56 -42.13 -71.85
N SER F 59 -50.70 -43.11 -70.95
CA SER F 59 -51.96 -43.66 -70.43
C SER F 59 -52.96 -44.11 -71.50
N GLU F 60 -52.51 -44.29 -72.74
CA GLU F 60 -53.34 -44.82 -73.81
C GLU F 60 -52.76 -46.08 -74.42
N GLY F 61 -51.51 -46.03 -74.87
CA GLY F 61 -50.85 -47.20 -75.42
C GLY F 61 -50.18 -48.01 -74.34
N VAL F 62 -49.77 -47.32 -73.27
CA VAL F 62 -49.16 -47.97 -72.12
C VAL F 62 -50.21 -48.14 -71.03
N THR F 63 -50.22 -49.31 -70.40
CA THR F 63 -51.10 -49.61 -69.28
C THR F 63 -50.77 -48.71 -68.09
N ALA F 64 -51.79 -48.46 -67.28
CA ALA F 64 -51.62 -47.71 -66.04
C ALA F 64 -50.93 -48.58 -65.00
N SER F 65 -50.61 -47.96 -63.85
CA SER F 65 -49.77 -48.53 -62.78
C SER F 65 -48.41 -49.00 -63.32
N ASN F 66 -47.91 -48.29 -64.34
CA ASN F 66 -46.60 -48.56 -64.90
C ASN F 66 -45.86 -47.28 -65.24
N ALA F 67 -46.34 -46.13 -64.75
CA ALA F 67 -45.67 -44.87 -64.95
C ALA F 67 -44.68 -44.65 -63.81
N VAL F 68 -43.82 -43.66 -63.96
CA VAL F 68 -42.79 -43.36 -62.96
C VAL F 68 -43.23 -42.08 -62.28
N ASP F 69 -43.19 -42.09 -60.95
CA ASP F 69 -43.16 -41.01 -59.96
C ASP F 69 -43.99 -39.77 -60.30
N PRO F 70 -45.32 -39.84 -60.24
CA PRO F 70 -46.13 -38.66 -60.57
C PRO F 70 -46.10 -37.56 -59.52
N ILE F 71 -45.50 -37.76 -58.36
CA ILE F 71 -45.35 -36.67 -57.39
C ILE F 71 -44.18 -35.73 -57.72
N PRO F 72 -42.92 -36.18 -57.94
CA PRO F 72 -41.84 -35.19 -58.11
C PRO F 72 -41.86 -34.48 -59.44
N GLN F 73 -42.55 -35.00 -60.44
CA GLN F 73 -42.66 -34.27 -61.70
C GLN F 73 -43.52 -33.01 -61.55
N ALA F 74 -44.40 -32.98 -60.56
CA ALA F 74 -45.11 -31.75 -60.22
C ALA F 74 -44.33 -30.87 -59.25
N LEU F 75 -43.37 -31.45 -58.52
CA LEU F 75 -42.53 -30.64 -57.65
C LEU F 75 -41.48 -29.90 -58.45
N VAL F 76 -41.15 -30.40 -59.64
CA VAL F 76 -40.05 -29.85 -60.40
C VAL F 76 -40.56 -28.85 -61.44
N LEU F 77 -41.86 -28.90 -61.76
CA LEU F 77 -42.41 -28.03 -62.78
C LEU F 77 -42.47 -26.59 -62.29
N THR F 78 -42.57 -26.39 -60.98
CA THR F 78 -42.43 -25.05 -60.43
C THR F 78 -40.97 -24.76 -60.08
N ALA F 79 -40.26 -25.73 -59.50
CA ALA F 79 -38.94 -25.48 -58.91
C ALA F 79 -37.84 -25.24 -59.93
N ILE F 80 -38.12 -25.40 -61.23
CA ILE F 80 -37.17 -24.96 -62.24
C ILE F 80 -37.37 -23.49 -62.56
N VAL F 81 -38.62 -23.09 -62.81
CA VAL F 81 -38.87 -21.71 -63.18
C VAL F 81 -38.81 -20.79 -61.97
N ILE F 82 -38.85 -21.37 -60.75
CA ILE F 82 -38.39 -20.68 -59.54
C ILE F 82 -36.97 -20.18 -59.74
N GLY F 83 -36.11 -21.05 -60.29
CA GLY F 83 -34.70 -20.69 -60.46
C GLY F 83 -34.49 -19.62 -61.51
N VAL F 84 -35.24 -19.66 -62.61
CA VAL F 84 -35.02 -18.66 -63.64
C VAL F 84 -35.67 -17.34 -63.25
N ALA F 85 -36.72 -17.36 -62.43
CA ALA F 85 -37.28 -16.11 -61.93
C ALA F 85 -36.37 -15.48 -60.88
N THR F 86 -35.75 -16.30 -60.03
CA THR F 86 -34.82 -15.79 -59.05
C THR F 86 -33.54 -15.27 -59.73
N THR F 87 -33.12 -15.95 -60.79
CA THR F 87 -31.94 -15.49 -61.53
C THR F 87 -32.23 -14.22 -62.31
N ALA F 88 -33.43 -14.12 -62.90
CA ALA F 88 -33.81 -12.88 -63.59
C ALA F 88 -33.97 -11.73 -62.61
N MET F 89 -34.34 -12.02 -61.37
CA MET F 89 -34.42 -10.97 -60.36
C MET F 89 -33.03 -10.52 -59.92
N ALA F 90 -32.14 -11.47 -59.67
CA ALA F 90 -30.79 -11.14 -59.22
C ALA F 90 -29.95 -10.49 -60.30
N LEU F 91 -30.25 -10.76 -61.57
CA LEU F 91 -29.49 -10.15 -62.64
C LEU F 91 -29.76 -8.66 -62.75
N SER F 92 -30.96 -8.21 -62.36
CA SER F 92 -31.25 -6.78 -62.32
C SER F 92 -30.38 -6.08 -61.30
N VAL F 93 -30.18 -6.71 -60.14
CA VAL F 93 -29.30 -6.16 -59.12
C VAL F 93 -27.85 -6.21 -59.58
N ALA F 94 -27.50 -7.23 -60.36
CA ALA F 94 -26.15 -7.31 -60.94
C ALA F 94 -25.92 -6.21 -61.98
N ILE F 95 -26.97 -5.70 -62.60
CA ILE F 95 -26.85 -4.57 -63.51
C ILE F 95 -26.78 -3.26 -62.75
N LEU F 96 -27.62 -3.13 -61.72
CA LEU F 96 -27.67 -1.89 -60.94
C LEU F 96 -26.40 -1.67 -60.13
N LEU F 97 -25.72 -2.74 -59.74
CA LEU F 97 -24.52 -2.59 -58.93
C LEU F 97 -23.34 -2.11 -59.76
N TYR F 98 -23.33 -2.40 -61.06
CA TYR F 98 -22.31 -1.79 -61.91
C TYR F 98 -22.72 -0.43 -62.42
N GLU F 99 -24.03 -0.14 -62.47
CA GLU F 99 -24.44 1.21 -62.87
C GLU F 99 -24.16 2.23 -61.77
N LYS F 100 -24.59 1.94 -60.54
CA LYS F 100 -24.44 2.92 -59.46
C LYS F 100 -23.02 2.98 -58.94
N TYR F 101 -22.43 1.82 -58.63
CA TYR F 101 -21.04 1.78 -58.22
C TYR F 101 -20.12 1.71 -59.42
N GLY F 102 -18.85 1.39 -59.20
CA GLY F 102 -17.91 1.39 -60.30
C GLY F 102 -17.30 0.04 -60.63
N THR F 103 -17.67 -0.99 -59.90
CA THR F 103 -17.07 -2.30 -60.09
C THR F 103 -18.04 -3.40 -59.70
N LEU F 104 -17.62 -4.64 -59.90
CA LEU F 104 -18.45 -5.80 -59.59
C LEU F 104 -17.62 -6.88 -58.90
N ASN F 105 -16.84 -6.49 -57.89
CA ASN F 105 -16.10 -7.45 -57.08
C ASN F 105 -16.49 -7.27 -55.62
N ILE F 106 -16.67 -8.40 -54.93
CA ILE F 106 -17.24 -8.39 -53.59
C ILE F 106 -16.31 -7.81 -52.54
N GLU F 107 -15.02 -7.71 -52.81
CA GLU F 107 -14.11 -7.06 -51.88
C GLU F 107 -14.01 -5.56 -52.10
N GLU F 108 -14.50 -5.06 -53.23
CA GLU F 108 -14.38 -3.64 -53.55
C GLU F 108 -15.67 -2.87 -53.36
N ILE F 109 -16.82 -3.55 -53.28
CA ILE F 109 -18.08 -2.86 -53.08
C ILE F 109 -18.15 -2.41 -51.63
N ARG F 110 -17.84 -1.14 -51.40
CA ARG F 110 -17.89 -0.54 -50.07
C ARG F 110 -18.94 0.56 -50.11
N ARG F 111 -19.95 0.44 -49.25
CA ARG F 111 -21.08 1.37 -49.25
C ARG F 111 -20.70 2.73 -48.70
N SER G 2 -65.59 -23.93 -43.28
CA SER G 2 -66.23 -23.50 -44.52
C SER G 2 -65.18 -22.99 -45.50
N GLN G 3 -65.28 -23.43 -46.75
CA GLN G 3 -64.34 -22.97 -47.77
C GLN G 3 -64.70 -21.63 -48.36
N VAL G 4 -65.73 -20.95 -47.83
CA VAL G 4 -66.03 -19.59 -48.24
C VAL G 4 -64.97 -18.64 -47.71
N ALA G 5 -64.27 -19.01 -46.64
CA ALA G 5 -63.19 -18.23 -46.07
C ALA G 5 -61.84 -18.57 -46.69
N ALA G 6 -61.82 -19.08 -47.92
CA ALA G 6 -60.58 -19.35 -48.64
C ALA G 6 -60.06 -18.14 -49.39
N LEU G 7 -60.69 -16.98 -49.22
CA LEU G 7 -60.27 -15.74 -49.88
C LEU G 7 -59.13 -15.04 -49.16
N LEU G 8 -58.45 -15.70 -48.24
CA LEU G 8 -57.25 -15.10 -47.65
C LEU G 8 -56.09 -15.10 -48.62
N ILE G 9 -56.14 -15.96 -49.65
CA ILE G 9 -55.13 -15.97 -50.71
C ILE G 9 -55.70 -15.46 -52.02
N ALA G 10 -56.97 -15.77 -52.31
CA ALA G 10 -57.53 -15.48 -53.63
C ALA G 10 -57.81 -14.00 -53.80
N LEU G 11 -58.30 -13.34 -52.75
CA LEU G 11 -58.59 -11.91 -52.86
C LEU G 11 -57.35 -11.02 -52.99
N PRO G 12 -56.24 -11.24 -52.25
CA PRO G 12 -55.01 -10.50 -52.61
C PRO G 12 -54.49 -10.86 -53.98
N LEU G 13 -54.78 -12.08 -54.47
CA LEU G 13 -54.28 -12.50 -55.76
C LEU G 13 -55.00 -11.78 -56.88
N ILE G 14 -56.34 -11.74 -56.81
CA ILE G 14 -57.14 -11.11 -57.85
C ILE G 14 -56.92 -9.61 -57.84
N SER G 15 -56.64 -9.03 -56.67
CA SER G 15 -56.41 -7.59 -56.65
C SER G 15 -54.99 -7.26 -57.12
N ALA G 16 -54.03 -8.17 -56.91
CA ALA G 16 -52.70 -7.92 -57.44
C ALA G 16 -52.62 -8.21 -58.93
N PHE G 17 -53.59 -8.94 -59.47
CA PHE G 17 -53.69 -9.08 -60.91
C PHE G 17 -54.65 -8.07 -61.53
N PHE G 18 -55.36 -7.29 -60.73
CA PHE G 18 -56.17 -6.20 -61.25
C PHE G 18 -55.46 -4.85 -61.19
N VAL G 19 -54.40 -4.74 -60.38
CA VAL G 19 -53.66 -3.48 -60.29
C VAL G 19 -52.74 -3.20 -61.50
N PRO G 20 -52.16 -4.17 -62.25
CA PRO G 20 -51.56 -3.75 -63.52
C PRO G 20 -52.56 -3.59 -64.64
N VAL G 21 -53.84 -3.93 -64.39
CA VAL G 21 -54.90 -3.62 -65.34
C VAL G 21 -55.36 -2.18 -65.21
N LEU G 22 -55.30 -1.60 -64.02
CA LEU G 22 -55.64 -0.21 -63.81
C LEU G 22 -54.45 0.72 -63.73
N LYS G 23 -53.24 0.24 -64.06
CA LYS G 23 -52.09 1.14 -64.05
C LYS G 23 -52.02 2.01 -65.29
N GLN G 24 -52.67 1.61 -66.38
CA GLN G 24 -52.72 2.44 -67.57
C GLN G 24 -54.02 3.21 -67.70
N ILE G 25 -55.03 2.88 -66.87
CA ILE G 25 -56.30 3.60 -66.89
C ILE G 25 -56.20 4.97 -66.24
N GLY G 26 -55.11 5.24 -65.52
CA GLY G 26 -54.89 6.57 -64.98
C GLY G 26 -53.75 6.55 -63.97
N LYS G 27 -53.70 7.63 -63.19
CA LYS G 27 -52.77 7.77 -62.08
C LYS G 27 -53.45 7.93 -60.73
N SER G 28 -54.70 8.39 -60.69
CA SER G 28 -55.43 8.70 -59.47
C SER G 28 -55.69 7.47 -58.61
N LEU G 29 -56.42 6.50 -59.13
CA LEU G 29 -56.83 5.35 -58.34
C LEU G 29 -55.83 4.20 -58.51
N ILE G 30 -54.60 4.47 -58.11
CA ILE G 30 -53.57 3.43 -58.09
C ILE G 30 -53.25 3.10 -56.63
N LYS G 31 -52.73 4.08 -55.91
CA LYS G 31 -52.43 3.97 -54.49
C LYS G 31 -53.69 3.91 -53.62
N PRO G 32 -54.80 4.60 -53.92
CA PRO G 32 -56.04 4.28 -53.19
C PRO G 32 -56.69 2.96 -53.58
N PHE G 33 -56.16 2.22 -54.57
CA PHE G 33 -56.66 0.87 -54.78
C PHE G 33 -56.07 -0.10 -53.76
N LEU G 34 -54.99 0.29 -53.09
CA LEU G 34 -54.36 -0.62 -52.15
C LEU G 34 -55.06 -0.57 -50.79
N VAL G 35 -55.64 0.58 -50.42
CA VAL G 35 -56.18 0.72 -49.07
C VAL G 35 -57.50 -0.03 -48.93
N ILE G 36 -58.35 0.02 -49.96
CA ILE G 36 -59.68 -0.58 -49.86
C ILE G 36 -59.58 -2.10 -49.90
N ILE G 37 -58.56 -2.62 -50.59
CA ILE G 37 -58.39 -4.05 -50.66
C ILE G 37 -57.83 -4.62 -49.37
N THR G 38 -56.87 -3.94 -48.73
CA THR G 38 -56.40 -4.47 -47.45
C THR G 38 -57.42 -4.24 -46.35
N LEU G 39 -58.34 -3.28 -46.53
CA LEU G 39 -59.49 -3.20 -45.63
C LEU G 39 -60.40 -4.41 -45.85
N LEU G 40 -60.58 -4.83 -47.10
CA LEU G 40 -61.29 -6.07 -47.38
C LEU G 40 -60.53 -7.28 -46.87
N GLN G 41 -59.20 -7.16 -46.78
CA GLN G 41 -58.39 -8.24 -46.21
C GLN G 41 -58.61 -8.35 -44.72
N THR G 42 -58.74 -7.21 -44.03
CA THR G 42 -59.11 -7.23 -42.62
C THR G 42 -60.51 -7.81 -42.42
N LEU G 43 -61.42 -7.57 -43.37
CA LEU G 43 -62.76 -8.12 -43.25
C LEU G 43 -62.75 -9.64 -43.41
N ILE G 44 -62.06 -10.14 -44.44
CA ILE G 44 -62.03 -11.59 -44.65
C ILE G 44 -61.16 -12.27 -43.60
N ALA G 45 -60.23 -11.53 -42.98
CA ALA G 45 -59.49 -12.10 -41.86
C ALA G 45 -60.36 -12.16 -40.61
N SER G 46 -61.17 -11.13 -40.37
CA SER G 46 -61.99 -11.08 -39.17
C SER G 46 -63.09 -12.12 -39.21
N TRP G 47 -63.56 -12.44 -40.42
CA TRP G 47 -64.51 -13.54 -40.59
C TRP G 47 -63.91 -14.85 -40.12
N ALA G 48 -62.70 -15.17 -40.59
CA ALA G 48 -62.03 -16.40 -40.18
C ALA G 48 -61.65 -16.34 -38.71
N PHE G 49 -61.36 -15.15 -38.20
CA PHE G 49 -60.91 -14.99 -36.82
C PHE G 49 -62.04 -15.29 -35.84
N VAL G 50 -63.22 -14.73 -36.09
CA VAL G 50 -64.33 -15.01 -35.20
C VAL G 50 -64.99 -16.34 -35.51
N GLN G 51 -64.67 -16.96 -36.66
CA GLN G 51 -65.22 -18.30 -36.88
C GLN G 51 -64.32 -19.37 -36.29
N VAL G 52 -63.02 -19.11 -36.18
CA VAL G 52 -62.11 -20.09 -35.58
C VAL G 52 -62.31 -20.15 -34.07
N TYR G 53 -62.38 -18.99 -33.42
CA TYR G 53 -62.54 -18.99 -31.97
C TYR G 53 -63.99 -19.12 -31.53
N SER G 54 -64.92 -19.29 -32.46
CA SER G 54 -66.28 -19.64 -32.08
C SER G 54 -66.35 -21.08 -31.57
N THR G 55 -65.87 -22.01 -32.36
CA THR G 55 -65.85 -23.43 -32.03
C THR G 55 -64.44 -23.86 -31.66
N GLY G 56 -64.25 -25.16 -31.46
CA GLY G 56 -62.93 -25.69 -31.18
C GLY G 56 -62.34 -26.41 -32.38
N LYS G 57 -62.82 -26.09 -33.57
CA LYS G 57 -62.39 -26.78 -34.78
C LYS G 57 -61.87 -25.76 -35.79
N PRO G 58 -60.70 -25.98 -36.36
CA PRO G 58 -60.22 -25.12 -37.44
C PRO G 58 -60.94 -25.40 -38.74
N ILE G 59 -60.81 -24.45 -39.68
CA ILE G 59 -61.39 -24.61 -41.00
C ILE G 59 -60.39 -25.32 -41.92
N ILE G 60 -60.71 -26.57 -42.26
CA ILE G 60 -59.83 -27.38 -43.15
C ILE G 60 -60.07 -26.97 -44.60
N ILE G 61 -59.70 -25.72 -44.95
CA ILE G 61 -59.89 -25.19 -46.33
C ILE G 61 -59.29 -26.19 -47.33
N TYR G 62 -60.14 -26.90 -48.06
CA TYR G 62 -59.70 -27.92 -49.05
C TYR G 62 -59.19 -27.22 -50.32
N ALA G 63 -58.43 -27.95 -51.14
CA ALA G 63 -57.88 -27.41 -52.40
C ALA G 63 -58.75 -27.89 -53.56
N GLY G 64 -59.97 -28.35 -53.26
CA GLY G 64 -60.90 -28.84 -54.29
C GLY G 64 -61.75 -29.99 -53.75
N GLY G 65 -62.07 -30.96 -54.61
CA GLY G 65 -62.88 -32.13 -54.21
C GLY G 65 -62.01 -33.32 -53.88
N TRP G 66 -60.80 -33.07 -53.35
CA TRP G 66 -59.86 -34.16 -52.99
C TRP G 66 -59.46 -34.02 -51.52
N LYS G 67 -59.90 -34.98 -50.68
CA LYS G 67 -59.60 -34.96 -49.26
C LYS G 67 -58.09 -35.15 -49.07
N PRO G 68 -57.51 -34.58 -48.02
CA PRO G 68 -56.11 -34.83 -47.71
C PRO G 68 -55.87 -36.29 -47.35
N PRO G 69 -54.65 -36.81 -47.53
CA PRO G 69 -53.39 -36.15 -47.90
C PRO G 69 -53.08 -36.08 -49.39
N ILE G 70 -54.01 -36.48 -50.25
CA ILE G 70 -53.69 -36.52 -51.67
C ILE G 70 -53.76 -35.12 -52.28
N GLY G 71 -54.37 -34.17 -51.58
CA GLY G 71 -54.46 -32.81 -52.03
C GLY G 71 -53.74 -31.84 -51.12
N ILE G 72 -54.05 -30.56 -51.29
CA ILE G 72 -53.54 -29.54 -50.38
C ILE G 72 -54.62 -29.14 -49.39
N ASN G 73 -54.26 -29.17 -48.10
CA ASN G 73 -55.11 -28.69 -47.03
C ASN G 73 -54.58 -27.39 -46.44
N LEU G 74 -55.44 -26.40 -46.25
CA LEU G 74 -55.05 -25.18 -45.55
C LEU G 74 -55.59 -25.26 -44.12
N TYR G 75 -54.77 -25.83 -43.24
CA TYR G 75 -55.17 -25.95 -41.84
C TYR G 75 -55.08 -24.58 -41.20
N ILE G 76 -56.16 -23.80 -41.31
CA ILE G 76 -56.20 -22.48 -40.72
C ILE G 76 -56.58 -22.69 -39.26
N GLY G 77 -55.59 -22.93 -38.42
CA GLY G 77 -55.81 -23.30 -37.05
C GLY G 77 -56.17 -22.11 -36.18
N HIS G 78 -56.06 -22.34 -34.87
CA HIS G 78 -56.23 -21.23 -33.93
C HIS G 78 -55.07 -20.24 -34.03
N PHE G 79 -53.90 -20.74 -34.40
CA PHE G 79 -52.75 -19.89 -34.70
C PHE G 79 -53.00 -19.02 -35.92
N ALA G 80 -53.52 -19.64 -36.97
CA ALA G 80 -53.44 -19.05 -38.29
C ALA G 80 -54.41 -17.89 -38.45
N ALA G 81 -55.61 -18.00 -37.87
CA ALA G 81 -56.59 -16.92 -37.97
C ALA G 81 -56.12 -15.71 -37.20
N LEU G 82 -55.44 -15.92 -36.07
CA LEU G 82 -54.86 -14.84 -35.29
C LEU G 82 -53.77 -14.12 -36.07
N PHE G 83 -52.91 -14.87 -36.75
CA PHE G 83 -51.80 -14.22 -37.43
C PHE G 83 -52.23 -13.59 -38.75
N ILE G 84 -53.22 -14.18 -39.41
CA ILE G 84 -53.79 -13.57 -40.61
C ILE G 84 -54.51 -12.27 -40.25
N LEU G 85 -55.14 -12.25 -39.07
CA LEU G 85 -55.77 -11.02 -38.58
C LEU G 85 -54.74 -9.94 -38.29
N VAL G 86 -53.64 -10.31 -37.63
CA VAL G 86 -52.69 -9.27 -37.24
C VAL G 86 -51.88 -8.80 -38.45
N ILE G 87 -51.68 -9.65 -39.46
CA ILE G 87 -50.99 -9.16 -40.65
C ILE G 87 -51.94 -8.34 -41.51
N ALA G 88 -53.25 -8.61 -41.43
CA ALA G 88 -54.20 -7.77 -42.15
C ALA G 88 -54.27 -6.39 -41.53
N VAL G 89 -54.24 -6.30 -40.20
CA VAL G 89 -54.36 -4.99 -39.57
C VAL G 89 -53.05 -4.22 -39.68
N VAL G 90 -51.92 -4.92 -39.76
CA VAL G 90 -50.65 -4.22 -39.94
C VAL G 90 -50.49 -3.74 -41.38
N SER G 91 -50.93 -4.56 -42.34
CA SER G 91 -50.87 -4.14 -43.74
C SER G 91 -51.86 -3.01 -44.02
N PHE G 92 -52.98 -2.99 -43.30
CA PHE G 92 -53.89 -1.85 -43.43
C PHE G 92 -53.30 -0.61 -42.77
N LEU G 93 -52.49 -0.79 -41.72
CA LEU G 93 -51.77 0.34 -41.15
C LEU G 93 -50.64 0.80 -42.06
N MET G 94 -50.16 -0.08 -42.95
CA MET G 94 -49.11 0.32 -43.88
C MET G 94 -49.71 1.01 -45.10
N ALA G 95 -50.91 0.60 -45.49
CA ALA G 95 -51.52 1.18 -46.69
C ALA G 95 -52.00 2.60 -46.43
N LEU G 96 -52.45 2.90 -45.22
CA LEU G 96 -52.80 4.27 -44.92
C LEU G 96 -51.58 5.10 -44.53
N PHE G 97 -50.40 4.47 -44.42
CA PHE G 97 -49.16 5.20 -44.24
C PHE G 97 -48.47 5.53 -45.56
N ASN G 98 -48.35 4.55 -46.47
CA ASN G 98 -47.52 4.74 -47.67
C ASN G 98 -48.17 5.60 -48.74
N PHE G 99 -49.31 6.22 -48.46
CA PHE G 99 -50.01 6.99 -49.47
C PHE G 99 -49.28 8.29 -49.77
N LYS G 100 -48.60 8.86 -48.77
CA LYS G 100 -47.90 10.14 -48.94
C LYS G 100 -46.53 10.07 -48.26
N ALA G 101 -45.82 8.95 -48.40
CA ALA G 101 -44.51 8.84 -47.79
C ALA G 101 -43.47 8.18 -48.69
N VAL G 102 -43.90 7.54 -49.77
CA VAL G 102 -43.02 6.79 -50.66
C VAL G 102 -43.02 7.33 -52.08
N THR G 103 -43.76 8.40 -52.36
CA THR G 103 -43.86 8.90 -53.73
C THR G 103 -42.57 9.65 -54.09
N VAL G 104 -41.52 8.88 -54.39
CA VAL G 104 -40.27 9.44 -54.89
C VAL G 104 -39.90 8.60 -56.12
N GLU G 105 -40.50 7.43 -56.20
CA GLU G 105 -40.02 6.34 -57.05
C GLU G 105 -41.23 5.76 -57.78
N PRO G 106 -41.07 4.79 -58.76
CA PRO G 106 -42.27 4.33 -59.52
C PRO G 106 -43.24 3.44 -58.75
N ILE G 107 -44.20 4.06 -58.06
CA ILE G 107 -45.26 3.37 -57.32
C ILE G 107 -46.31 2.80 -58.29
N ASP G 108 -46.13 3.06 -59.58
CA ASP G 108 -46.85 2.43 -60.67
C ASP G 108 -46.86 0.90 -60.57
N LYS G 109 -45.77 0.31 -60.08
CA LYS G 109 -45.73 -1.14 -59.90
C LYS G 109 -45.40 -1.59 -58.49
N TYR G 110 -45.33 -0.70 -57.52
CA TYR G 110 -45.01 -1.09 -56.15
C TYR G 110 -46.19 -1.76 -55.47
N ALA G 111 -47.41 -1.44 -55.89
CA ALA G 111 -48.61 -1.90 -55.20
C ALA G 111 -48.77 -3.41 -55.34
N MET G 112 -48.51 -3.94 -56.53
CA MET G 112 -48.58 -5.38 -56.72
C MET G 112 -47.49 -6.11 -55.97
N LEU G 113 -46.32 -5.48 -55.78
CA LEU G 113 -45.26 -6.13 -55.04
C LEU G 113 -45.61 -6.23 -53.56
N PHE G 114 -46.21 -5.16 -53.02
CA PHE G 114 -46.69 -5.17 -51.64
C PHE G 114 -47.79 -6.21 -51.44
N LEU G 115 -48.76 -6.25 -52.36
CA LEU G 115 -49.88 -7.15 -52.19
C LEU G 115 -49.48 -8.59 -52.42
N LEU G 116 -48.44 -8.84 -53.21
CA LEU G 116 -47.96 -10.20 -53.33
C LEU G 116 -47.21 -10.63 -52.08
N LEU G 117 -46.63 -9.67 -51.35
CA LEU G 117 -46.09 -10.00 -50.03
C LEU G 117 -47.21 -10.36 -49.06
N LEU G 118 -48.36 -9.70 -49.17
CA LEU G 118 -49.51 -10.08 -48.35
C LEU G 118 -50.04 -11.46 -48.75
N LEU G 119 -49.92 -11.80 -50.03
CA LEU G 119 -50.30 -13.14 -50.48
C LEU G 119 -49.39 -14.20 -49.90
N GLY G 120 -48.07 -13.95 -49.97
CA GLY G 120 -47.12 -14.85 -49.33
C GLY G 120 -47.31 -14.93 -47.83
N ALA G 121 -47.86 -13.86 -47.24
CA ALA G 121 -48.18 -13.87 -45.82
C ALA G 121 -49.28 -14.87 -45.48
N THR G 122 -50.45 -14.68 -46.07
CA THR G 122 -51.58 -15.57 -45.76
C THR G 122 -51.40 -16.95 -46.36
N GLY G 123 -50.43 -17.12 -47.25
CA GLY G 123 -50.08 -18.45 -47.70
C GLY G 123 -49.12 -19.15 -46.75
N MET G 124 -48.18 -18.41 -46.17
CA MET G 124 -47.15 -19.06 -45.36
C MET G 124 -47.67 -19.50 -44.01
N ILE G 125 -48.61 -18.75 -43.43
CA ILE G 125 -49.14 -19.15 -42.13
C ILE G 125 -50.52 -19.75 -42.35
N ALA G 126 -50.69 -20.42 -43.49
CA ALA G 126 -51.83 -21.32 -43.64
C ALA G 126 -51.48 -22.62 -44.34
N THR G 127 -50.21 -22.90 -44.58
CA THR G 127 -49.86 -23.99 -45.48
C THR G 127 -49.92 -25.34 -44.78
N GLY G 128 -50.36 -26.35 -45.52
CA GLY G 128 -50.36 -27.71 -45.02
C GLY G 128 -49.38 -28.61 -45.73
N ASP G 129 -49.20 -28.42 -47.04
CA ASP G 129 -48.22 -29.21 -47.77
C ASP G 129 -46.83 -28.63 -47.58
N ILE G 130 -45.83 -29.50 -47.55
CA ILE G 130 -44.45 -29.04 -47.48
C ILE G 130 -44.05 -28.40 -48.82
N PHE G 131 -44.68 -28.83 -49.92
CA PHE G 131 -44.48 -28.19 -51.20
C PHE G 131 -45.05 -26.77 -51.20
N ASN G 132 -46.28 -26.63 -50.72
CA ASN G 132 -46.92 -25.31 -50.65
C ASN G 132 -46.20 -24.41 -49.67
N LEU G 133 -45.65 -25.00 -48.61
CA LEU G 133 -44.78 -24.29 -47.67
C LEU G 133 -43.60 -23.68 -48.40
N PHE G 134 -42.94 -24.47 -49.26
CA PHE G 134 -41.80 -23.97 -50.02
C PHE G 134 -42.22 -22.90 -51.02
N VAL G 135 -43.36 -23.09 -51.69
CA VAL G 135 -43.76 -22.22 -52.79
C VAL G 135 -44.15 -20.85 -52.26
N PHE G 136 -44.93 -20.81 -51.18
CA PHE G 136 -45.28 -19.55 -50.56
C PHE G 136 -44.07 -18.86 -49.95
N MET G 137 -43.10 -19.64 -49.45
CA MET G 137 -41.89 -19.00 -48.93
C MET G 137 -41.06 -18.39 -50.06
N GLU G 138 -41.08 -19.00 -51.24
CA GLU G 138 -40.34 -18.39 -52.34
C GLU G 138 -41.07 -17.17 -52.89
N ILE G 139 -42.40 -17.13 -52.78
CA ILE G 139 -43.15 -15.92 -53.12
C ILE G 139 -42.72 -14.76 -52.24
N THR G 140 -42.67 -15.01 -50.92
CA THR G 140 -42.21 -13.99 -49.98
C THR G 140 -40.74 -13.64 -50.21
N ALA G 141 -39.94 -14.62 -50.62
CA ALA G 141 -38.52 -14.39 -50.83
C ALA G 141 -38.27 -13.48 -52.02
N ILE G 142 -38.92 -13.74 -53.16
CA ILE G 142 -38.69 -12.92 -54.33
C ILE G 142 -39.37 -11.56 -54.17
N SER G 143 -40.46 -11.52 -53.40
CA SER G 143 -41.03 -10.24 -52.97
C SER G 143 -40.01 -9.40 -52.23
N ALA G 144 -39.25 -10.03 -51.35
CA ALA G 144 -38.26 -9.28 -50.59
C ALA G 144 -37.04 -8.93 -51.45
N TYR G 145 -36.67 -9.82 -52.38
CA TYR G 145 -35.59 -9.54 -53.34
C TYR G 145 -35.89 -8.28 -54.13
N ALA G 146 -37.13 -8.15 -54.60
CA ALA G 146 -37.52 -7.03 -55.42
C ALA G 146 -37.78 -5.77 -54.62
N LEU G 147 -38.11 -5.89 -53.34
CA LEU G 147 -38.60 -4.72 -52.62
C LEU G 147 -37.58 -4.12 -51.65
N THR G 148 -36.56 -4.87 -51.23
CA THR G 148 -35.47 -4.20 -50.55
C THR G 148 -34.50 -3.55 -51.53
N ALA G 149 -34.56 -3.93 -52.80
CA ALA G 149 -33.77 -3.31 -53.85
C ALA G 149 -34.43 -2.06 -54.40
N TYR G 150 -35.70 -1.84 -54.12
CA TYR G 150 -36.45 -0.76 -54.74
C TYR G 150 -36.12 0.57 -54.07
N ASN G 151 -34.88 1.01 -54.21
CA ASN G 151 -34.53 2.41 -54.06
C ASN G 151 -33.51 2.88 -55.10
N LYS G 152 -32.69 1.98 -55.65
CA LYS G 152 -31.74 2.24 -56.72
C LYS G 152 -30.74 3.34 -56.35
N THR G 153 -30.06 3.14 -55.23
CA THR G 153 -29.12 4.17 -54.77
C THR G 153 -27.76 3.59 -54.40
N GLY G 154 -27.36 2.46 -54.98
CA GLY G 154 -26.06 1.91 -54.70
C GLY G 154 -25.97 1.18 -53.39
N GLU G 155 -26.08 1.92 -52.28
CA GLU G 155 -26.11 1.30 -50.96
C GLU G 155 -27.36 0.48 -50.74
N ALA G 156 -28.45 0.81 -51.44
CA ALA G 156 -29.65 0.00 -51.42
C ALA G 156 -29.65 -1.07 -52.48
N ALA G 157 -28.88 -0.89 -53.55
CA ALA G 157 -28.77 -1.92 -54.57
C ALA G 157 -28.03 -3.13 -54.04
N GLU G 158 -26.94 -2.88 -53.32
CA GLU G 158 -26.17 -3.97 -52.72
C GLU G 158 -26.90 -4.60 -51.56
N ALA G 159 -27.84 -3.88 -50.94
CA ALA G 159 -28.57 -4.39 -49.79
C ALA G 159 -29.44 -5.57 -50.14
N SER G 160 -29.86 -5.67 -51.41
CA SER G 160 -30.62 -6.84 -51.81
C SER G 160 -29.70 -8.00 -52.18
N MET G 161 -28.56 -7.68 -52.79
CA MET G 161 -27.70 -8.63 -53.49
C MET G 161 -27.27 -9.81 -52.63
N LYS G 162 -26.78 -9.51 -51.42
CA LYS G 162 -26.37 -10.56 -50.51
C LYS G 162 -27.59 -11.36 -50.04
N TYR G 163 -28.75 -10.74 -49.97
CA TYR G 163 -29.94 -11.49 -49.59
C TYR G 163 -30.44 -12.36 -50.73
N ILE G 164 -30.31 -11.91 -51.98
CA ILE G 164 -30.80 -12.73 -53.08
C ILE G 164 -29.90 -13.94 -53.27
N VAL G 165 -28.59 -13.77 -53.07
CA VAL G 165 -27.73 -14.93 -53.18
C VAL G 165 -27.82 -15.82 -51.93
N LEU G 166 -28.20 -15.28 -50.76
CA LEU G 166 -28.31 -16.16 -49.61
C LEU G 166 -29.66 -16.86 -49.57
N GLY G 167 -30.72 -16.16 -49.96
CA GLY G 167 -32.02 -16.81 -50.08
C GLY G 167 -32.07 -17.78 -51.23
N GLY G 168 -31.20 -17.61 -52.21
CA GLY G 168 -31.11 -18.60 -53.28
C GLY G 168 -30.46 -19.88 -52.81
N ILE G 169 -29.45 -19.77 -51.94
CA ILE G 169 -28.76 -20.97 -51.49
C ILE G 169 -29.58 -21.68 -50.43
N GLY G 170 -30.42 -20.95 -49.69
CA GLY G 170 -31.22 -21.57 -48.66
C GLY G 170 -32.43 -22.28 -49.23
N SER G 171 -33.05 -21.70 -50.26
CA SER G 171 -34.16 -22.35 -50.92
C SER G 171 -33.70 -23.59 -51.68
N SER G 172 -32.48 -23.54 -52.20
CA SER G 172 -31.84 -24.72 -52.80
C SER G 172 -31.67 -25.84 -51.79
N PHE G 173 -31.15 -25.53 -50.60
CA PHE G 173 -30.97 -26.55 -49.57
C PHE G 173 -32.32 -27.06 -49.06
N PHE G 174 -33.33 -26.19 -49.05
CA PHE G 174 -34.64 -26.60 -48.58
C PHE G 174 -35.28 -27.59 -49.54
N LEU G 175 -35.05 -27.42 -50.84
CA LEU G 175 -35.59 -28.39 -51.78
C LEU G 175 -34.86 -29.72 -51.70
N VAL G 176 -33.58 -29.70 -51.33
CA VAL G 176 -32.88 -30.96 -51.11
C VAL G 176 -33.46 -31.69 -49.90
N GLY G 177 -33.77 -30.94 -48.84
CA GLY G 177 -34.37 -31.56 -47.66
C GLY G 177 -35.77 -32.10 -47.91
N VAL G 178 -36.54 -31.40 -48.76
CA VAL G 178 -37.85 -31.90 -49.16
C VAL G 178 -37.71 -33.19 -49.96
N ALA G 179 -36.68 -33.24 -50.82
CA ALA G 179 -36.45 -34.42 -51.64
C ALA G 179 -36.02 -35.62 -50.80
N LEU G 180 -35.42 -35.37 -49.64
CA LEU G 180 -34.97 -36.47 -48.80
C LEU G 180 -36.07 -36.96 -47.87
N ILE G 181 -36.91 -36.05 -47.36
CA ILE G 181 -38.05 -36.46 -46.55
C ILE G 181 -39.07 -37.20 -47.41
N TYR G 182 -39.29 -36.72 -48.63
CA TYR G 182 -40.06 -37.49 -49.59
C TYR G 182 -39.33 -38.77 -50.00
N GLY G 183 -38.00 -38.77 -49.94
CA GLY G 183 -37.25 -39.95 -50.37
C GLY G 183 -37.38 -41.11 -49.40
N ALA G 184 -37.60 -40.81 -48.13
CA ALA G 184 -37.84 -41.87 -47.15
C ALA G 184 -39.32 -42.25 -47.14
N THR G 185 -40.19 -41.26 -46.95
CA THR G 185 -41.60 -41.56 -46.75
C THR G 185 -42.31 -41.85 -48.06
N GLY G 186 -42.34 -40.86 -48.95
CA GLY G 186 -43.14 -40.90 -50.15
C GLY G 186 -44.38 -40.03 -50.08
N THR G 187 -44.65 -39.43 -48.93
CA THR G 187 -45.79 -38.53 -48.76
C THR G 187 -45.29 -37.11 -48.53
N LEU G 188 -46.21 -36.16 -48.66
CA LEU G 188 -45.86 -34.75 -48.56
C LEU G 188 -46.67 -34.00 -47.52
N ASN G 189 -47.94 -34.31 -47.38
CA ASN G 189 -48.81 -33.61 -46.44
C ASN G 189 -48.40 -33.93 -45.01
N MET G 190 -48.34 -32.88 -44.17
CA MET G 190 -47.83 -33.03 -42.81
C MET G 190 -48.77 -33.84 -41.93
N ALA G 191 -50.03 -33.97 -42.34
CA ALA G 191 -50.94 -34.87 -41.63
C ALA G 191 -50.50 -36.32 -41.79
N HIS G 192 -50.18 -36.73 -43.01
CA HIS G 192 -49.75 -38.09 -43.27
C HIS G 192 -48.26 -38.28 -43.04
N LEU G 193 -47.55 -37.20 -42.77
CA LEU G 193 -46.11 -37.25 -42.58
C LEU G 193 -45.73 -37.56 -41.14
N ALA G 194 -46.42 -36.94 -40.18
CA ALA G 194 -46.03 -37.09 -38.78
C ALA G 194 -46.45 -38.44 -38.22
N MET G 195 -47.58 -38.97 -38.68
CA MET G 195 -47.98 -40.31 -38.29
C MET G 195 -47.08 -41.37 -38.90
N LEU G 196 -46.38 -41.05 -39.97
CA LEU G 196 -45.45 -41.97 -40.63
C LEU G 196 -44.02 -41.80 -40.15
N ALA G 197 -43.58 -40.58 -39.85
CA ALA G 197 -42.19 -40.33 -39.49
C ALA G 197 -41.95 -40.67 -38.02
N ASN G 198 -41.96 -41.96 -37.73
CA ASN G 198 -41.43 -42.46 -36.48
C ASN G 198 -40.47 -43.60 -36.77
N ASP G 199 -40.74 -44.32 -37.86
CA ASP G 199 -39.92 -45.48 -38.22
C ASP G 199 -39.65 -45.50 -39.73
N ILE G 200 -39.41 -44.35 -40.34
CA ILE G 200 -39.11 -44.33 -41.77
C ILE G 200 -37.67 -44.80 -42.01
N ASN G 201 -36.70 -44.06 -41.49
CA ASN G 201 -35.29 -44.45 -41.35
C ASN G 201 -34.64 -43.48 -40.38
N PRO G 202 -33.97 -43.97 -39.35
CA PRO G 202 -33.34 -43.04 -38.38
C PRO G 202 -32.12 -42.31 -38.93
N THR G 203 -31.52 -42.78 -40.02
CA THR G 203 -30.35 -42.13 -40.58
C THR G 203 -30.67 -41.28 -41.81
N VAL G 204 -31.90 -41.35 -42.31
CA VAL G 204 -32.32 -40.55 -43.45
C VAL G 204 -33.13 -39.34 -43.01
N VAL G 205 -33.93 -39.50 -41.96
CA VAL G 205 -34.72 -38.38 -41.44
C VAL G 205 -33.85 -37.35 -40.75
N GLN G 206 -32.64 -37.71 -40.29
CA GLN G 206 -31.80 -36.75 -39.60
C GLN G 206 -31.26 -35.70 -40.56
N VAL G 207 -30.71 -36.14 -41.69
CA VAL G 207 -30.11 -35.21 -42.65
C VAL G 207 -31.20 -34.39 -43.33
N GLY G 208 -32.36 -35.01 -43.57
CA GLY G 208 -33.47 -34.30 -44.19
C GLY G 208 -34.07 -33.24 -43.28
N LEU G 209 -34.24 -33.58 -41.99
CA LEU G 209 -34.79 -32.61 -41.05
C LEU G 209 -33.80 -31.50 -40.77
N ALA G 210 -32.51 -31.84 -40.68
CA ALA G 210 -31.49 -30.82 -40.43
C ALA G 210 -31.41 -29.84 -41.60
N LEU G 211 -31.49 -30.35 -42.82
CA LEU G 211 -31.40 -29.47 -43.97
C LEU G 211 -32.70 -28.70 -44.21
N ILE G 212 -33.84 -29.26 -43.79
CA ILE G 212 -35.10 -28.53 -43.92
C ILE G 212 -35.15 -27.37 -42.94
N ILE G 213 -34.74 -27.60 -41.69
CA ILE G 213 -34.67 -26.53 -40.70
C ILE G 213 -33.62 -25.50 -41.12
N PHE G 214 -32.53 -25.96 -41.72
CA PHE G 214 -31.49 -25.08 -42.25
C PHE G 214 -32.04 -24.18 -43.34
N GLY G 215 -32.56 -24.77 -44.41
CA GLY G 215 -33.00 -23.99 -45.55
C GLY G 215 -34.23 -23.16 -45.29
N LEU G 216 -35.02 -23.51 -44.27
CA LEU G 216 -36.09 -22.63 -43.86
C LEU G 216 -35.58 -21.54 -42.93
N ALA G 217 -34.40 -21.72 -42.34
CA ALA G 217 -33.88 -20.69 -41.47
C ALA G 217 -33.26 -19.53 -42.23
N VAL G 218 -32.76 -19.78 -43.45
CA VAL G 218 -31.97 -18.78 -44.18
C VAL G 218 -32.79 -17.57 -44.56
N GLU G 219 -34.04 -17.79 -45.00
CA GLU G 219 -34.93 -16.68 -45.31
C GLU G 219 -35.36 -15.94 -44.04
N ALA G 220 -35.37 -16.63 -42.91
CA ALA G 220 -35.53 -16.00 -41.61
C ALA G 220 -34.15 -15.62 -41.11
N GLU G 221 -34.01 -15.33 -39.82
CA GLU G 221 -32.71 -14.90 -39.34
C GLU G 221 -32.38 -15.62 -38.05
N LEU G 222 -31.24 -16.32 -38.00
CA LEU G 222 -30.66 -16.37 -36.67
C LEU G 222 -29.24 -15.81 -36.57
N PHE G 223 -28.22 -16.67 -36.70
CA PHE G 223 -26.85 -16.16 -36.61
C PHE G 223 -26.11 -15.99 -37.94
N PRO G 224 -26.00 -17.04 -38.83
CA PRO G 224 -25.16 -16.84 -40.02
C PRO G 224 -25.86 -16.02 -41.08
N LEU G 225 -27.09 -16.44 -41.31
CA LEU G 225 -28.02 -16.00 -42.34
C LEU G 225 -28.92 -14.89 -41.84
N ASN G 226 -28.33 -13.89 -41.22
CA ASN G 226 -29.08 -12.77 -40.72
C ASN G 226 -28.62 -11.42 -41.25
N ALA G 227 -27.33 -11.26 -41.54
CA ALA G 227 -26.73 -9.95 -41.72
C ALA G 227 -27.20 -9.21 -42.97
N TRP G 228 -27.95 -9.88 -43.85
CA TRP G 228 -28.71 -9.16 -44.85
C TRP G 228 -29.88 -8.39 -44.24
N ALA G 229 -30.39 -8.81 -43.07
CA ALA G 229 -31.57 -8.15 -42.53
C ALA G 229 -31.27 -6.82 -41.87
N PRO G 230 -30.18 -6.64 -41.09
CA PRO G 230 -29.80 -5.27 -40.76
C PRO G 230 -28.92 -4.62 -41.82
N ASP G 231 -29.24 -4.89 -43.07
CA ASP G 231 -28.90 -4.24 -44.32
C ASP G 231 -30.17 -4.00 -45.13
N ALA G 232 -31.23 -4.76 -44.87
CA ALA G 232 -32.48 -4.60 -45.60
C ALA G 232 -33.35 -3.52 -44.97
N TYR G 233 -33.43 -3.52 -43.64
CA TYR G 233 -34.19 -2.47 -42.96
C TYR G 233 -33.53 -1.12 -43.10
N GLN G 234 -32.20 -1.10 -43.21
CA GLN G 234 -31.49 0.16 -43.36
C GLN G 234 -31.73 0.77 -44.73
N ALA G 235 -31.91 -0.07 -45.75
CA ALA G 235 -32.06 0.39 -47.12
C ALA G 235 -33.27 -0.27 -47.76
N ALA G 236 -34.43 0.35 -47.57
CA ALA G 236 -35.68 -0.08 -48.18
C ALA G 236 -36.64 1.08 -48.15
N PRO G 237 -37.76 1.01 -48.87
CA PRO G 237 -38.87 1.92 -48.56
C PRO G 237 -39.34 1.72 -47.13
N HIS G 238 -39.62 2.84 -46.47
CA HIS G 238 -40.04 2.85 -45.06
C HIS G 238 -41.28 2.03 -44.73
N PRO G 239 -42.34 1.92 -45.56
CA PRO G 239 -43.44 1.03 -45.15
C PRO G 239 -43.08 -0.44 -45.22
N ILE G 240 -42.24 -0.87 -46.16
CA ILE G 240 -41.95 -2.29 -46.24
C ILE G 240 -40.92 -2.72 -45.21
N THR G 241 -40.21 -1.79 -44.59
CA THR G 241 -39.38 -2.15 -43.44
C THR G 241 -40.24 -2.63 -42.28
N VAL G 242 -41.45 -2.07 -42.15
CA VAL G 242 -42.40 -2.57 -41.17
C VAL G 242 -42.83 -3.98 -41.53
N MET G 243 -43.33 -4.14 -42.76
CA MET G 243 -43.93 -5.39 -43.19
C MET G 243 -42.91 -6.53 -43.27
N PHE G 244 -41.63 -6.19 -43.38
CA PHE G 244 -40.61 -7.21 -43.23
C PHE G 244 -40.36 -7.48 -41.75
N SER G 245 -40.16 -6.43 -40.96
CA SER G 245 -39.81 -6.62 -39.55
C SER G 245 -41.00 -7.10 -38.73
N ALA G 246 -42.21 -6.68 -39.10
CA ALA G 246 -43.38 -7.26 -38.46
C ALA G 246 -43.59 -8.68 -38.93
N PHE G 247 -43.80 -8.86 -40.24
CA PHE G 247 -44.29 -10.17 -40.66
C PHE G 247 -43.19 -11.22 -40.85
N VAL G 248 -42.31 -11.01 -41.82
CA VAL G 248 -41.59 -12.07 -42.54
C VAL G 248 -40.68 -12.87 -41.60
N VAL G 249 -40.26 -12.23 -40.51
CA VAL G 249 -39.56 -12.96 -39.46
C VAL G 249 -40.49 -13.95 -38.74
N LYS G 250 -41.78 -13.63 -38.60
CA LYS G 250 -42.67 -14.48 -37.83
C LYS G 250 -43.10 -15.71 -38.63
N ALA G 251 -43.30 -15.56 -39.93
CA ALA G 251 -43.69 -16.71 -40.74
C ALA G 251 -42.58 -17.73 -40.82
N GLY G 252 -41.35 -17.25 -41.00
CA GLY G 252 -40.20 -18.15 -41.01
C GLY G 252 -39.99 -18.81 -39.67
N LEU G 253 -40.15 -18.06 -38.58
CA LEU G 253 -39.92 -18.66 -37.27
C LEU G 253 -41.07 -19.56 -36.85
N TYR G 254 -42.27 -19.36 -37.40
CA TYR G 254 -43.36 -20.26 -37.07
C TYR G 254 -43.26 -21.53 -37.89
N ALA G 255 -43.02 -21.40 -39.20
CA ALA G 255 -42.96 -22.57 -40.05
C ALA G 255 -41.73 -23.42 -39.76
N MET G 256 -40.65 -22.79 -39.28
CA MET G 256 -39.56 -23.58 -38.71
C MET G 256 -40.03 -24.31 -37.45
N ALA G 257 -40.74 -23.60 -36.57
CA ALA G 257 -41.17 -24.23 -35.33
C ALA G 257 -42.46 -25.03 -35.51
N ARG G 258 -43.09 -24.94 -36.67
CA ARG G 258 -44.16 -25.88 -36.95
C ARG G 258 -43.55 -27.24 -37.26
N ILE G 259 -42.75 -27.29 -38.33
CA ILE G 259 -42.27 -28.55 -38.86
C ILE G 259 -41.28 -29.23 -37.91
N LEU G 260 -40.68 -28.46 -37.00
CA LEU G 260 -39.83 -29.07 -35.98
C LEU G 260 -40.66 -29.82 -34.96
N TYR G 261 -41.87 -29.33 -34.64
CA TYR G 261 -42.78 -30.03 -33.75
C TYR G 261 -43.72 -30.95 -34.51
N LEU G 262 -43.39 -31.25 -35.76
CA LEU G 262 -44.09 -32.28 -36.52
C LEU G 262 -43.31 -33.59 -36.51
N PHE G 263 -42.03 -33.54 -36.18
CA PHE G 263 -41.18 -34.74 -36.09
C PHE G 263 -40.64 -34.96 -34.69
N LYS G 264 -41.46 -34.77 -33.65
CA LYS G 264 -40.95 -34.82 -32.27
C LYS G 264 -41.00 -36.23 -31.70
N ASP G 265 -40.46 -37.18 -32.45
CA ASP G 265 -40.36 -38.55 -31.95
C ASP G 265 -39.04 -39.20 -32.35
N VAL G 266 -38.35 -38.62 -33.33
CA VAL G 266 -37.21 -39.29 -33.94
C VAL G 266 -35.95 -39.01 -33.16
N SER G 267 -34.91 -39.81 -33.41
CA SER G 267 -33.61 -39.60 -32.82
C SER G 267 -32.82 -38.60 -33.65
N GLY G 268 -31.90 -37.89 -32.97
CA GLY G 268 -31.18 -36.80 -33.56
C GLY G 268 -31.93 -35.48 -33.57
N TRP G 269 -33.23 -35.51 -33.28
CA TRP G 269 -34.00 -34.27 -33.17
C TRP G 269 -33.57 -33.45 -31.96
N SER G 270 -33.17 -34.13 -30.88
CA SER G 270 -32.79 -33.43 -29.66
C SER G 270 -31.51 -32.64 -29.86
N SER G 271 -30.58 -33.16 -30.65
CA SER G 271 -29.40 -32.38 -30.98
C SER G 271 -29.74 -31.24 -31.93
N LEU G 272 -30.79 -31.39 -32.73
CA LEU G 272 -31.18 -30.31 -33.62
C LEU G 272 -31.78 -29.15 -32.85
N THR G 273 -32.67 -29.43 -31.90
CA THR G 273 -33.16 -28.34 -31.07
C THR G 273 -32.11 -27.84 -30.09
N LYS G 274 -31.10 -28.65 -29.75
CA LYS G 274 -30.01 -28.13 -28.94
C LYS G 274 -29.05 -27.27 -29.76
N LEU G 275 -29.05 -27.43 -31.07
CA LEU G 275 -28.37 -26.46 -31.92
C LEU G 275 -29.21 -25.19 -32.08
N LEU G 276 -30.53 -25.35 -32.20
CA LEU G 276 -31.37 -24.20 -32.51
C LEU G 276 -31.48 -23.27 -31.30
N ILE G 277 -31.45 -23.85 -30.10
CA ILE G 277 -31.29 -23.07 -28.87
C ILE G 277 -30.01 -22.27 -28.90
N ALA G 278 -28.89 -22.92 -29.26
CA ALA G 278 -27.58 -22.28 -29.19
C ALA G 278 -27.46 -21.17 -30.22
N MET G 279 -28.05 -21.36 -31.39
CA MET G 279 -27.94 -20.33 -32.43
C MET G 279 -28.89 -19.17 -32.15
N ALA G 280 -30.05 -19.46 -31.56
CA ALA G 280 -30.93 -18.39 -31.11
C ALA G 280 -30.31 -17.58 -29.99
N THR G 281 -29.59 -18.23 -29.06
CA THR G 281 -28.89 -17.45 -28.05
C THR G 281 -27.72 -16.69 -28.62
N LEU G 282 -27.05 -17.23 -29.64
CA LEU G 282 -25.99 -16.54 -30.33
C LEU G 282 -26.49 -15.37 -31.16
N THR G 283 -27.78 -15.31 -31.45
CA THR G 283 -28.31 -14.17 -32.18
C THR G 283 -29.04 -13.16 -31.32
N VAL G 284 -29.44 -13.50 -30.09
CA VAL G 284 -29.88 -12.44 -29.19
C VAL G 284 -28.71 -11.63 -28.68
N VAL G 285 -27.53 -12.22 -28.55
CA VAL G 285 -26.37 -11.47 -28.11
C VAL G 285 -25.79 -10.60 -29.23
N PHE G 286 -25.51 -11.16 -30.41
CA PHE G 286 -24.76 -10.43 -31.43
C PHE G 286 -25.57 -9.31 -32.05
N ALA G 287 -26.84 -9.57 -32.35
CA ALA G 287 -27.67 -8.55 -32.96
C ALA G 287 -27.95 -7.41 -31.98
N GLU G 288 -28.34 -7.73 -30.76
CA GLU G 288 -28.68 -6.69 -29.79
C GLU G 288 -27.46 -6.11 -29.09
N LEU G 289 -26.26 -6.53 -29.44
CA LEU G 289 -25.05 -5.85 -28.99
C LEU G 289 -24.33 -5.13 -30.12
N SER G 290 -24.64 -5.44 -31.39
CA SER G 290 -24.09 -4.68 -32.48
C SER G 290 -24.79 -3.34 -32.68
N ALA G 291 -25.89 -3.11 -31.96
CA ALA G 291 -26.57 -1.83 -32.00
C ALA G 291 -26.02 -0.84 -31.00
N LEU G 292 -24.98 -1.19 -30.27
CA LEU G 292 -24.53 -0.34 -29.17
C LEU G 292 -23.76 0.86 -29.70
N ARG G 293 -22.71 0.61 -30.46
CA ARG G 293 -21.98 1.68 -31.14
C ARG G 293 -22.52 1.89 -32.55
N GLN G 294 -23.82 2.07 -32.68
CA GLN G 294 -24.48 2.18 -33.97
C GLN G 294 -24.81 3.64 -34.25
N LYS G 295 -24.55 4.10 -35.47
CA LYS G 295 -24.74 5.51 -35.79
C LYS G 295 -26.10 5.75 -36.43
N ASN G 296 -26.42 5.01 -37.49
CA ASN G 296 -27.69 5.16 -38.18
C ASN G 296 -28.83 4.62 -37.34
N VAL G 297 -29.86 5.43 -37.12
CA VAL G 297 -30.89 5.07 -36.15
C VAL G 297 -31.84 4.04 -36.75
N LYS G 298 -31.89 3.95 -38.07
CA LYS G 298 -32.66 2.88 -38.69
C LYS G 298 -31.96 1.54 -38.48
N ARG G 299 -30.63 1.57 -38.50
CA ARG G 299 -29.86 0.39 -38.15
C ARG G 299 -29.94 0.07 -36.68
N MET G 300 -30.08 1.09 -35.82
CA MET G 300 -30.20 0.91 -34.38
C MET G 300 -31.49 0.24 -33.98
N ILE G 301 -32.50 0.27 -34.83
CA ILE G 301 -33.73 -0.48 -34.61
C ILE G 301 -33.73 -1.79 -35.39
N ALA G 302 -33.01 -1.80 -36.53
CA ALA G 302 -32.88 -3.01 -37.34
C ALA G 302 -32.19 -4.13 -36.57
N TYR G 303 -31.16 -3.78 -35.80
CA TYR G 303 -30.49 -4.76 -34.96
C TYR G 303 -31.38 -5.18 -33.81
N SER G 304 -32.26 -4.29 -33.36
CA SER G 304 -33.13 -4.62 -32.23
C SER G 304 -34.23 -5.58 -32.64
N SER G 305 -34.65 -5.52 -33.91
CA SER G 305 -35.73 -6.39 -34.36
C SER G 305 -35.25 -7.81 -34.56
N ILE G 306 -33.96 -7.98 -34.82
CA ILE G 306 -33.41 -9.32 -34.95
C ILE G 306 -33.26 -9.96 -33.57
N GLY G 307 -32.90 -9.14 -32.58
CA GLY G 307 -32.70 -9.68 -31.23
C GLY G 307 -34.00 -10.06 -30.56
N GLN G 308 -35.12 -9.51 -31.04
CA GLN G 308 -36.41 -9.88 -30.44
C GLN G 308 -36.96 -11.16 -31.06
N VAL G 309 -36.57 -11.45 -32.31
CA VAL G 309 -37.02 -12.67 -32.95
C VAL G 309 -36.14 -13.85 -32.54
N GLY G 310 -34.91 -13.58 -32.14
CA GLY G 310 -34.06 -14.63 -31.64
C GLY G 310 -34.57 -15.24 -30.34
N LEU G 311 -35.10 -14.42 -29.44
CA LEU G 311 -35.70 -14.96 -28.24
C LEU G 311 -37.07 -15.57 -28.48
N ILE G 312 -37.69 -15.28 -29.62
CA ILE G 312 -38.84 -16.05 -30.05
C ILE G 312 -38.41 -17.47 -30.45
N ALA G 313 -37.33 -17.59 -31.22
CA ALA G 313 -36.73 -18.89 -31.52
C ALA G 313 -36.25 -19.64 -30.29
N LEU G 314 -35.86 -18.91 -29.24
CA LEU G 314 -35.42 -19.51 -27.99
C LEU G 314 -36.50 -20.33 -27.31
N ALA G 315 -37.74 -19.88 -27.29
CA ALA G 315 -38.82 -20.62 -26.66
C ALA G 315 -39.72 -21.34 -27.64
N LEU G 316 -39.59 -21.08 -28.94
CA LEU G 316 -40.37 -21.84 -29.90
C LEU G 316 -39.84 -23.24 -30.09
N SER G 317 -38.57 -23.48 -29.78
CA SER G 317 -38.02 -24.83 -29.78
C SER G 317 -37.22 -25.06 -28.51
N LEU G 318 -37.93 -25.30 -27.41
CA LEU G 318 -37.27 -25.72 -26.19
C LEU G 318 -37.89 -27.01 -25.67
N GLY G 319 -39.22 -26.99 -25.50
CA GLY G 319 -39.94 -28.09 -24.91
C GLY G 319 -41.23 -28.36 -25.65
N THR G 320 -42.36 -28.35 -24.94
CA THR G 320 -43.63 -28.49 -25.63
C THR G 320 -44.62 -27.42 -25.23
N GLN G 321 -44.48 -26.86 -24.03
CA GLN G 321 -45.55 -26.07 -23.45
C GLN G 321 -44.91 -25.14 -22.43
N GLU G 322 -45.73 -24.25 -21.86
CA GLU G 322 -45.32 -23.18 -20.94
C GLU G 322 -44.21 -22.33 -21.57
N GLY G 323 -44.47 -21.88 -22.80
CA GLY G 323 -43.47 -21.16 -23.54
C GLY G 323 -43.48 -21.29 -25.05
N VAL G 324 -44.09 -22.34 -25.59
CA VAL G 324 -44.43 -22.32 -27.02
C VAL G 324 -45.72 -21.54 -27.21
N SER G 325 -46.72 -21.85 -26.39
CA SER G 325 -47.91 -21.03 -26.28
C SER G 325 -47.63 -19.67 -25.65
N ALA G 326 -46.47 -19.47 -25.06
CA ALA G 326 -46.04 -18.13 -24.71
C ALA G 326 -45.02 -17.56 -25.69
N GLY G 327 -44.46 -18.39 -26.57
CA GLY G 327 -43.66 -17.86 -27.65
C GLY G 327 -44.50 -17.18 -28.70
N VAL G 328 -45.71 -17.69 -28.94
CA VAL G 328 -46.65 -16.99 -29.81
C VAL G 328 -47.07 -15.66 -29.19
N PHE G 329 -47.05 -15.58 -27.86
CA PHE G 329 -47.39 -14.37 -27.13
C PHE G 329 -46.35 -13.29 -27.34
N HIS G 330 -45.16 -13.67 -27.82
CA HIS G 330 -44.19 -12.68 -28.27
C HIS G 330 -44.36 -12.31 -29.72
N MET G 331 -44.78 -13.24 -30.58
CA MET G 331 -44.87 -12.92 -31.99
C MET G 331 -46.06 -12.02 -32.29
N LEU G 332 -47.20 -12.22 -31.63
CA LEU G 332 -48.30 -11.31 -31.88
C LEU G 332 -48.13 -9.99 -31.13
N ASN G 333 -47.12 -9.89 -30.27
CA ASN G 333 -46.87 -8.69 -29.50
C ASN G 333 -45.72 -7.85 -30.03
N HIS G 334 -44.64 -8.48 -30.49
CA HIS G 334 -43.51 -7.69 -30.98
C HIS G 334 -43.79 -7.09 -32.35
N ALA G 335 -44.76 -7.63 -33.08
CA ALA G 335 -45.15 -7.05 -34.37
C ALA G 335 -45.75 -5.67 -34.18
N ILE G 336 -46.52 -5.48 -33.13
CA ILE G 336 -47.14 -4.19 -32.87
C ILE G 336 -46.10 -3.16 -32.42
N VAL G 337 -45.21 -3.56 -31.51
CA VAL G 337 -44.24 -2.58 -31.01
C VAL G 337 -43.18 -2.29 -32.06
N LYS G 338 -42.90 -3.22 -32.98
CA LYS G 338 -41.99 -2.90 -34.06
C LYS G 338 -42.73 -2.24 -35.23
N THR G 339 -44.05 -2.28 -35.23
CA THR G 339 -44.79 -1.39 -36.12
C THR G 339 -44.63 0.05 -35.65
N MET G 340 -44.55 0.26 -34.33
CA MET G 340 -44.41 1.62 -33.81
C MET G 340 -43.04 2.21 -34.12
N MET G 341 -41.99 1.40 -34.02
CA MET G 341 -40.63 1.85 -34.24
C MET G 341 -40.43 2.36 -35.65
N PHE G 342 -40.77 1.55 -36.65
CA PHE G 342 -40.46 1.92 -38.03
C PHE G 342 -41.48 2.89 -38.58
N MET G 343 -42.54 3.16 -37.83
CA MET G 343 -43.33 4.33 -38.15
C MET G 343 -42.61 5.62 -37.81
N ALA G 344 -42.08 5.72 -36.60
CA ALA G 344 -41.45 6.95 -36.17
C ALA G 344 -40.16 7.23 -36.92
N ILE G 345 -39.33 6.21 -37.14
CA ILE G 345 -38.15 6.37 -37.99
C ILE G 345 -38.50 6.73 -39.42
N GLY G 346 -39.57 6.16 -39.96
CA GLY G 346 -40.04 6.49 -41.29
C GLY G 346 -40.54 7.91 -41.40
N TYR G 347 -41.28 8.37 -40.39
CA TYR G 347 -41.79 9.73 -40.40
C TYR G 347 -40.70 10.77 -40.19
N VAL G 348 -39.66 10.45 -39.41
CA VAL G 348 -38.51 11.34 -39.35
C VAL G 348 -37.76 11.37 -40.68
N GLY G 349 -37.51 10.21 -41.28
CA GLY G 349 -36.79 10.14 -42.54
C GLY G 349 -37.53 10.75 -43.72
N ILE G 350 -38.85 10.87 -43.60
CA ILE G 350 -39.61 11.53 -44.66
C ILE G 350 -39.88 13.00 -44.35
N THR G 351 -39.90 13.40 -43.08
CA THR G 351 -40.13 14.82 -42.78
C THR G 351 -38.84 15.61 -42.85
N LEU G 352 -37.89 15.28 -41.98
CA LEU G 352 -36.61 16.00 -41.94
C LEU G 352 -35.72 15.59 -43.10
N GLY G 353 -35.44 14.29 -43.21
CA GLY G 353 -34.58 13.80 -44.28
C GLY G 353 -33.46 12.93 -43.75
N GLY G 354 -33.40 11.69 -44.20
CA GLY G 354 -32.39 10.76 -43.74
C GLY G 354 -32.67 10.26 -42.33
N THR G 355 -31.80 9.36 -41.88
CA THR G 355 -31.92 8.76 -40.56
C THR G 355 -30.63 8.86 -39.76
N MET G 356 -29.76 9.81 -40.07
CA MET G 356 -28.59 10.06 -39.24
C MET G 356 -29.03 10.70 -37.94
N ILE G 357 -28.26 10.44 -36.86
CA ILE G 357 -28.56 11.01 -35.54
C ILE G 357 -28.47 12.53 -35.56
N GLU G 358 -27.58 13.08 -36.40
CA GLU G 358 -27.39 14.53 -36.48
C GLU G 358 -28.64 15.22 -37.04
N ASN G 359 -29.38 14.55 -37.91
CA ASN G 359 -30.69 15.02 -38.32
C ASN G 359 -31.82 14.28 -37.63
N PHE G 360 -31.51 13.48 -36.62
CA PHE G 360 -32.51 12.91 -35.72
C PHE G 360 -32.49 13.59 -34.36
N GLU G 361 -31.44 14.34 -34.06
CA GLU G 361 -31.31 14.97 -32.75
C GLU G 361 -32.32 16.10 -32.61
N GLY G 362 -32.83 16.27 -31.41
CA GLY G 362 -33.74 17.37 -31.16
C GLY G 362 -35.15 17.16 -31.64
N LEU G 363 -35.87 16.22 -31.05
CA LEU G 363 -37.27 15.99 -31.40
C LEU G 363 -38.22 16.10 -30.21
N GLY G 364 -37.78 16.64 -29.10
CA GLY G 364 -38.67 16.83 -27.98
C GLY G 364 -39.66 17.93 -28.25
N LYS G 365 -39.17 19.14 -28.45
CA LYS G 365 -40.01 20.28 -28.75
C LYS G 365 -40.28 20.41 -30.25
N ARG G 366 -39.32 19.98 -31.08
CA ARG G 366 -39.46 20.13 -32.52
C ARG G 366 -40.56 19.25 -33.07
N MET G 367 -40.53 17.98 -32.76
CA MET G 367 -41.56 17.10 -33.27
C MET G 367 -42.68 16.96 -32.25
N PRO G 368 -43.90 16.76 -32.69
CA PRO G 368 -44.97 16.36 -31.77
C PRO G 368 -44.83 14.94 -31.26
N LEU G 369 -45.90 14.44 -30.67
CA LEU G 369 -45.99 13.17 -29.95
C LEU G 369 -45.69 11.90 -30.76
N THR G 370 -45.31 12.03 -32.04
CA THR G 370 -44.62 10.96 -32.75
C THR G 370 -43.34 10.55 -32.02
N SER G 371 -42.61 11.54 -31.48
CA SER G 371 -41.46 11.23 -30.66
C SER G 371 -41.87 10.55 -29.36
N LEU G 372 -43.05 10.86 -28.85
CA LEU G 372 -43.59 10.13 -27.72
C LEU G 372 -43.95 8.70 -28.12
N SER G 373 -44.30 8.48 -29.39
CA SER G 373 -44.56 7.11 -29.84
C SER G 373 -43.27 6.31 -29.93
N LEU G 374 -42.18 6.93 -30.35
CA LEU G 374 -40.88 6.25 -30.29
C LEU G 374 -40.44 6.05 -28.86
N THR G 375 -40.80 6.98 -27.97
CA THR G 375 -40.49 6.84 -26.55
C THR G 375 -41.21 5.64 -25.95
N ILE G 376 -42.53 5.58 -26.13
CA ILE G 376 -43.33 4.50 -25.57
C ILE G 376 -43.14 3.19 -26.33
N GLY G 377 -42.49 3.23 -27.49
CA GLY G 377 -42.06 2.00 -28.13
C GLY G 377 -40.73 1.51 -27.61
N GLY G 378 -39.77 2.42 -27.44
CA GLY G 378 -38.46 2.02 -26.96
C GLY G 378 -38.47 1.63 -25.50
N ILE G 379 -39.45 2.14 -24.76
CA ILE G 379 -39.69 1.66 -23.40
C ILE G 379 -40.10 0.19 -23.44
N ALA G 380 -40.93 -0.18 -24.41
CA ALA G 380 -41.45 -1.54 -24.51
C ALA G 380 -40.61 -2.40 -25.46
N THR G 381 -39.33 -2.55 -25.18
CA THR G 381 -38.59 -3.64 -25.78
C THR G 381 -37.78 -4.31 -24.68
N VAL G 382 -37.27 -3.50 -23.75
CA VAL G 382 -36.78 -4.04 -22.49
C VAL G 382 -37.96 -4.47 -21.62
N GLY G 383 -39.13 -3.86 -21.83
CA GLY G 383 -40.30 -4.15 -21.04
C GLY G 383 -40.12 -3.73 -19.60
N VAL G 384 -40.02 -2.44 -19.36
CA VAL G 384 -39.91 -1.99 -17.97
C VAL G 384 -41.24 -1.84 -17.23
N PRO G 385 -42.26 -1.07 -17.69
CA PRO G 385 -43.42 -0.86 -16.82
C PRO G 385 -44.41 -2.00 -16.96
N LEU G 386 -45.62 -1.84 -16.43
CA LEU G 386 -46.64 -2.85 -16.67
C LEU G 386 -47.07 -2.74 -18.13
N PHE G 387 -46.28 -3.37 -19.01
CA PHE G 387 -46.41 -3.26 -20.45
C PHE G 387 -46.49 -4.68 -20.98
N ASN G 388 -46.45 -4.85 -22.29
CA ASN G 388 -46.72 -6.15 -22.87
C ASN G 388 -45.47 -6.96 -23.18
N VAL G 389 -44.40 -6.34 -23.66
CA VAL G 389 -43.14 -7.04 -23.82
C VAL G 389 -42.54 -7.47 -22.50
N PHE G 390 -42.78 -6.75 -21.41
CA PHE G 390 -42.45 -7.20 -20.07
C PHE G 390 -43.14 -8.51 -19.71
N TRP G 391 -44.45 -8.60 -19.94
CA TRP G 391 -45.19 -9.84 -19.73
C TRP G 391 -44.65 -10.96 -20.61
N SER G 392 -44.37 -10.64 -21.86
CA SER G 392 -43.98 -11.68 -22.80
C SER G 392 -42.56 -12.16 -22.55
N LYS G 393 -41.64 -11.24 -22.29
CA LYS G 393 -40.26 -11.64 -22.05
C LYS G 393 -40.14 -12.37 -20.72
N LEU G 394 -40.99 -12.03 -19.75
CA LEU G 394 -41.06 -12.83 -18.54
C LEU G 394 -41.56 -14.23 -18.82
N ARG G 395 -42.49 -14.36 -19.76
CA ARG G 395 -42.99 -15.69 -20.11
C ARG G 395 -41.92 -16.50 -20.83
N ILE G 396 -41.04 -15.84 -21.58
CA ILE G 396 -40.01 -16.57 -22.33
C ILE G 396 -38.86 -16.95 -21.41
N ILE G 397 -38.48 -16.08 -20.48
CA ILE G 397 -37.39 -16.40 -19.57
C ILE G 397 -37.81 -17.46 -18.56
N LEU G 398 -39.07 -17.43 -18.13
CA LEU G 398 -39.58 -18.54 -17.33
C LEU G 398 -39.75 -19.80 -18.16
N ALA G 399 -39.87 -19.67 -19.49
CA ALA G 399 -39.95 -20.86 -20.32
C ALA G 399 -38.63 -21.60 -20.38
N ALA G 400 -37.51 -20.87 -20.29
CA ALA G 400 -36.20 -21.48 -20.33
C ALA G 400 -35.74 -21.88 -18.93
N ALA G 401 -36.58 -22.66 -18.27
CA ALA G 401 -36.27 -23.18 -16.95
C ALA G 401 -36.11 -24.70 -16.95
N HIS G 402 -37.12 -25.43 -17.40
CA HIS G 402 -37.15 -26.88 -17.23
C HIS G 402 -36.10 -27.57 -18.10
N GLU G 403 -35.82 -27.03 -19.27
CA GLU G 403 -34.83 -27.60 -20.17
C GLU G 403 -34.03 -26.47 -20.81
N GLY G 404 -32.72 -26.66 -20.89
CA GLY G 404 -31.82 -25.66 -21.45
C GLY G 404 -31.78 -24.41 -20.60
N ASN G 405 -31.32 -24.55 -19.35
CA ASN G 405 -31.43 -23.48 -18.38
C ASN G 405 -30.09 -22.81 -18.15
N LEU G 406 -30.17 -21.53 -17.79
CA LEU G 406 -29.20 -20.67 -17.10
C LEU G 406 -27.96 -20.33 -17.93
N TRP G 407 -27.67 -21.08 -18.98
CA TRP G 407 -26.87 -20.54 -20.08
C TRP G 407 -27.70 -19.98 -21.22
N PRO G 408 -28.80 -20.62 -21.69
CA PRO G 408 -29.66 -19.92 -22.64
C PRO G 408 -30.62 -18.95 -22.01
N VAL G 409 -30.41 -18.62 -20.73
CA VAL G 409 -31.03 -17.47 -20.10
C VAL G 409 -30.05 -16.31 -20.01
N ALA G 410 -28.83 -16.57 -19.51
CA ALA G 410 -27.89 -15.50 -19.22
C ALA G 410 -27.23 -14.91 -20.47
N LEU G 411 -27.74 -15.18 -21.66
CA LEU G 411 -27.35 -14.46 -22.86
C LEU G 411 -28.48 -13.64 -23.45
N VAL G 412 -29.69 -14.19 -23.51
CA VAL G 412 -30.84 -13.39 -23.94
C VAL G 412 -31.17 -12.32 -22.89
N LEU G 413 -31.13 -12.69 -21.62
CA LEU G 413 -31.32 -11.75 -20.54
C LEU G 413 -30.11 -10.86 -20.34
N PHE G 414 -28.96 -11.23 -20.89
CA PHE G 414 -27.83 -10.31 -20.94
C PHE G 414 -28.06 -9.23 -21.98
N ALA G 415 -28.74 -9.57 -23.08
CA ALA G 415 -28.89 -8.64 -24.17
C ALA G 415 -29.86 -7.53 -23.82
N SER G 416 -30.84 -7.82 -22.98
CA SER G 416 -31.77 -6.78 -22.54
C SER G 416 -31.10 -5.78 -21.61
N VAL G 417 -29.98 -6.16 -20.99
CA VAL G 417 -29.14 -5.18 -20.32
C VAL G 417 -28.43 -4.30 -21.35
N VAL G 418 -27.99 -4.89 -22.46
CA VAL G 418 -27.33 -4.10 -23.50
C VAL G 418 -28.36 -3.29 -24.27
N GLU G 419 -29.54 -3.87 -24.50
CA GLU G 419 -30.61 -3.16 -25.18
C GLU G 419 -31.16 -2.03 -24.31
N ALA G 420 -30.95 -2.12 -23.00
CA ALA G 420 -31.26 -1.01 -22.11
C ALA G 420 -30.35 0.19 -22.36
N VAL G 421 -29.20 -0.04 -22.99
CA VAL G 421 -28.24 1.04 -23.15
C VAL G 421 -28.53 1.82 -24.44
N TYR G 422 -28.71 1.12 -25.56
CA TYR G 422 -28.81 1.87 -26.81
C TYR G 422 -30.20 2.42 -27.07
N TYR G 423 -31.13 2.31 -26.12
CA TYR G 423 -32.37 3.05 -26.25
C TYR G 423 -32.31 4.34 -25.45
N PHE G 424 -31.76 4.29 -24.26
CA PHE G 424 -31.65 5.51 -23.49
C PHE G 424 -30.38 6.28 -23.78
N ARG G 425 -29.60 5.83 -24.76
CA ARG G 425 -28.70 6.76 -25.43
C ARG G 425 -29.38 7.38 -26.64
N LEU G 426 -30.62 6.96 -26.92
CA LEU G 426 -31.35 7.51 -28.05
C LEU G 426 -32.51 8.39 -27.59
N ILE G 427 -33.25 7.95 -26.56
CA ILE G 427 -34.36 8.75 -26.06
C ILE G 427 -33.82 9.99 -25.36
N HIS G 428 -32.60 9.92 -24.83
CA HIS G 428 -32.01 11.09 -24.21
C HIS G 428 -31.63 12.14 -25.26
N THR G 429 -31.11 11.71 -26.40
CA THR G 429 -30.67 12.69 -27.39
C THR G 429 -31.79 13.14 -28.31
N MET G 430 -33.04 12.83 -27.98
CA MET G 430 -34.15 13.40 -28.73
C MET G 430 -35.12 14.17 -27.85
N TRP G 431 -35.05 14.04 -26.54
CA TRP G 431 -35.95 14.77 -25.66
C TRP G 431 -35.25 15.86 -24.84
N PHE G 432 -34.00 15.65 -24.45
CA PHE G 432 -33.34 16.56 -23.52
C PHE G 432 -32.03 17.10 -24.08
N LYS G 433 -31.92 17.19 -25.40
CA LYS G 433 -30.73 17.79 -26.01
C LYS G 433 -31.09 18.78 -27.11
N GLY G 434 -32.38 19.06 -27.31
CA GLY G 434 -32.92 19.69 -28.49
C GLY G 434 -32.37 21.01 -28.97
N LYS G 435 -32.59 22.08 -28.18
CA LYS G 435 -32.15 23.45 -28.47
C LYS G 435 -32.66 23.97 -29.81
N SER G 436 -33.84 23.51 -30.24
CA SER G 436 -34.36 23.87 -31.56
C SER G 436 -35.88 23.76 -31.61
N GLY G 437 -36.57 24.90 -31.52
CA GLY G 437 -38.02 24.93 -31.56
C GLY G 437 -38.63 25.16 -32.93
N GLU G 438 -38.54 24.18 -33.82
CA GLU G 438 -39.18 24.25 -35.14
C GLU G 438 -40.43 23.37 -35.09
N ARG G 439 -41.61 23.98 -35.22
CA ARG G 439 -42.86 23.30 -34.91
C ARG G 439 -43.17 22.11 -35.83
N ILE G 440 -43.00 22.32 -37.14
CA ILE G 440 -43.10 21.36 -38.25
C ILE G 440 -44.29 20.40 -38.09
N PRO G 441 -45.51 20.88 -38.35
CA PRO G 441 -46.70 20.10 -37.99
C PRO G 441 -46.87 18.84 -38.82
N GLU G 442 -47.21 17.75 -38.15
CA GLU G 442 -47.34 16.44 -38.79
C GLU G 442 -48.57 15.71 -38.26
N GLY G 443 -49.71 16.39 -38.21
CA GLY G 443 -50.89 15.83 -37.59
C GLY G 443 -51.69 14.83 -38.40
N ALA G 444 -51.04 14.13 -39.33
CA ALA G 444 -51.70 13.10 -40.11
C ALA G 444 -51.51 11.72 -39.51
N ILE G 445 -50.58 11.57 -38.57
CA ILE G 445 -50.34 10.28 -37.93
C ILE G 445 -50.29 10.53 -36.42
N ALA G 446 -50.58 11.77 -36.04
CA ALA G 446 -50.66 12.15 -34.63
C ALA G 446 -51.79 11.44 -33.90
N ILE G 447 -52.78 10.90 -34.62
CA ILE G 447 -53.84 10.11 -34.03
C ILE G 447 -53.70 8.63 -34.34
N VAL G 448 -53.20 8.26 -35.53
CA VAL G 448 -53.32 6.87 -35.97
C VAL G 448 -52.26 6.01 -35.33
N LEU G 449 -51.02 6.51 -35.29
CA LEU G 449 -49.96 5.84 -34.56
C LEU G 449 -50.23 5.85 -33.05
N LEU G 450 -51.01 6.83 -32.59
CA LEU G 450 -51.24 6.95 -31.17
C LEU G 450 -52.37 6.05 -30.70
N LEU G 451 -53.37 5.81 -31.57
CA LEU G 451 -54.35 4.76 -31.27
C LEU G 451 -53.69 3.40 -31.32
N LEU G 452 -52.65 3.25 -32.14
CA LEU G 452 -51.80 2.08 -32.02
C LEU G 452 -51.00 2.13 -30.72
N ALA G 453 -50.55 3.32 -30.32
CA ALA G 453 -49.78 3.45 -29.08
C ALA G 453 -50.67 3.28 -27.86
N MET G 454 -51.98 3.42 -28.02
CA MET G 454 -52.90 3.10 -26.92
C MET G 454 -53.36 1.65 -27.00
N LEU G 455 -52.90 0.92 -28.02
CA LEU G 455 -53.21 -0.50 -28.11
C LEU G 455 -52.18 -1.30 -27.33
N ILE G 456 -50.98 -0.73 -27.13
CA ILE G 456 -50.01 -1.41 -26.27
C ILE G 456 -50.17 -0.99 -24.83
N ILE G 457 -51.02 -0.02 -24.54
CA ILE G 457 -51.24 0.34 -23.15
C ILE G 457 -52.40 -0.44 -22.54
N VAL G 458 -53.22 -1.09 -23.38
CA VAL G 458 -54.40 -1.81 -22.90
C VAL G 458 -54.04 -3.28 -22.71
N ILE G 459 -53.14 -3.79 -23.55
CA ILE G 459 -52.66 -5.15 -23.40
C ILE G 459 -51.67 -5.17 -22.25
N GLY G 460 -51.07 -4.02 -21.95
CA GLY G 460 -50.17 -3.92 -20.82
C GLY G 460 -50.86 -4.04 -19.49
N VAL G 461 -52.13 -3.65 -19.40
CA VAL G 461 -52.85 -3.77 -18.14
C VAL G 461 -53.82 -4.94 -18.14
N TYR G 462 -54.24 -5.42 -19.32
CA TYR G 462 -55.15 -6.55 -19.43
C TYR G 462 -54.54 -7.64 -20.30
N PRO G 463 -53.59 -8.43 -19.79
CA PRO G 463 -53.09 -9.55 -20.59
C PRO G 463 -54.01 -10.74 -20.57
N THR G 464 -54.70 -11.01 -19.45
CA THR G 464 -55.59 -12.16 -19.37
C THR G 464 -56.81 -12.15 -20.30
N PRO G 465 -57.30 -11.03 -20.87
CA PRO G 465 -58.20 -11.19 -22.03
C PRO G 465 -57.49 -11.60 -23.30
N PHE G 466 -56.16 -11.50 -23.36
CA PHE G 466 -55.42 -11.91 -24.54
C PHE G 466 -54.56 -13.14 -24.31
N TRP G 467 -54.20 -13.43 -23.06
CA TRP G 467 -53.42 -14.63 -22.78
C TRP G 467 -54.27 -15.88 -22.80
N ASN G 468 -55.59 -15.75 -22.67
CA ASN G 468 -56.45 -16.91 -22.86
C ASN G 468 -56.54 -17.34 -24.32
N LEU G 469 -56.21 -16.44 -25.26
CA LEU G 469 -56.24 -16.80 -26.67
C LEU G 469 -55.11 -17.75 -27.01
N VAL G 470 -53.89 -17.44 -26.55
CA VAL G 470 -52.73 -18.23 -26.92
C VAL G 470 -52.66 -19.56 -26.20
N THR G 471 -53.51 -19.79 -25.20
CA THR G 471 -53.63 -21.14 -24.66
C THR G 471 -54.28 -22.07 -25.67
N LYS G 472 -55.41 -21.65 -26.24
CA LYS G 472 -56.05 -22.41 -27.30
C LYS G 472 -55.40 -22.19 -28.65
N ALA G 473 -54.51 -21.20 -28.78
CA ALA G 473 -53.73 -21.01 -30.00
C ALA G 473 -52.34 -21.64 -29.90
N GLY G 474 -52.02 -22.29 -28.80
CA GLY G 474 -50.79 -23.03 -28.70
C GLY G 474 -51.05 -24.46 -29.12
N SER G 475 -52.32 -24.84 -29.21
CA SER G 475 -52.76 -26.19 -29.52
C SER G 475 -52.54 -26.59 -30.97
N ASP G 476 -51.99 -25.72 -31.82
CA ASP G 476 -51.60 -26.09 -33.17
C ASP G 476 -50.14 -26.49 -33.27
N ILE G 477 -49.33 -26.19 -32.24
CA ILE G 477 -47.89 -26.44 -32.28
C ILE G 477 -47.45 -27.39 -31.19
N VAL G 478 -48.23 -27.50 -30.10
CA VAL G 478 -47.79 -28.28 -28.95
C VAL G 478 -47.77 -29.78 -29.26
N GLU G 479 -48.71 -30.24 -30.07
CA GLU G 479 -48.95 -31.66 -30.22
C GLU G 479 -49.07 -32.03 -31.69
N VAL G 480 -49.39 -33.29 -31.92
CA VAL G 480 -49.57 -33.81 -33.26
C VAL G 480 -50.92 -34.53 -33.35
N SER G 481 -51.37 -35.09 -32.24
CA SER G 481 -52.48 -36.04 -32.27
C SER G 481 -53.83 -35.33 -32.43
N LYS G 482 -54.08 -34.27 -31.67
CA LYS G 482 -55.28 -33.48 -31.91
C LYS G 482 -55.15 -32.64 -33.17
N TYR G 483 -53.94 -32.38 -33.65
CA TYR G 483 -53.77 -31.73 -34.95
C TYR G 483 -54.14 -32.68 -36.09
N VAL G 484 -53.65 -33.91 -36.04
CA VAL G 484 -53.87 -34.86 -37.13
C VAL G 484 -55.34 -35.29 -37.17
N ALA G 485 -55.90 -35.59 -35.99
CA ALA G 485 -57.30 -36.03 -35.92
C ALA G 485 -58.28 -34.92 -36.28
N ASN G 486 -57.86 -33.65 -36.21
CA ASN G 486 -58.64 -32.56 -36.74
C ASN G 486 -58.34 -32.27 -38.20
N VAL G 487 -57.63 -33.16 -38.89
CA VAL G 487 -57.47 -33.11 -40.33
C VAL G 487 -58.11 -34.32 -40.99
N LEU G 488 -57.70 -35.52 -40.59
CA LEU G 488 -58.28 -36.74 -41.14
C LEU G 488 -59.58 -37.06 -40.42
N ASN H 2 -60.99 -6.58 -3.37
CA ASN H 2 -61.83 -5.91 -2.38
C ASN H 2 -61.15 -4.67 -1.82
N GLU H 3 -60.51 -4.84 -0.66
CA GLU H 3 -59.88 -3.73 0.05
C GLU H 3 -58.36 -3.77 -0.08
N LEU H 4 -57.84 -4.89 -0.55
CA LEU H 4 -56.42 -5.08 -0.80
C LEU H 4 -55.89 -4.58 -2.16
N PRO H 5 -56.56 -4.81 -3.34
CA PRO H 5 -55.91 -4.39 -4.59
C PRO H 5 -56.02 -2.91 -4.90
N ILE H 6 -56.92 -2.20 -4.22
CA ILE H 6 -57.19 -0.79 -4.51
C ILE H 6 -55.97 0.04 -4.17
N ILE H 7 -55.22 -0.38 -3.15
CA ILE H 7 -54.08 0.39 -2.67
C ILE H 7 -52.87 0.14 -3.54
N LEU H 8 -52.95 -0.83 -4.45
CA LEU H 8 -51.84 -1.07 -5.36
C LEU H 8 -52.04 -0.32 -6.67
N LEU H 9 -53.29 -0.08 -7.05
CA LEU H 9 -53.58 0.70 -8.24
C LEU H 9 -53.64 2.19 -7.94
N SER H 10 -53.85 2.56 -6.68
CA SER H 10 -54.05 3.96 -6.29
C SER H 10 -52.84 4.87 -6.54
N PRO H 11 -51.59 4.48 -6.28
CA PRO H 11 -50.49 5.35 -6.74
C PRO H 11 -50.25 5.23 -8.24
N LEU H 12 -50.57 4.09 -8.84
CA LEU H 12 -50.56 3.98 -10.30
C LEU H 12 -51.62 4.86 -10.93
N ILE H 13 -52.81 4.93 -10.30
CA ILE H 13 -53.87 5.78 -10.83
C ILE H 13 -53.55 7.25 -10.54
N GLY H 14 -52.78 7.49 -9.48
CA GLY H 14 -52.34 8.86 -9.19
C GLY H 14 -51.29 9.33 -10.17
N GLY H 15 -50.41 8.44 -10.61
CA GLY H 15 -49.49 8.74 -11.68
C GLY H 15 -50.21 8.89 -13.00
N ALA H 16 -51.32 8.17 -13.15
CA ALA H 16 -52.10 8.25 -14.38
C ALA H 16 -52.90 9.53 -14.45
N LEU H 17 -53.55 9.91 -13.34
CA LEU H 17 -54.46 11.05 -13.37
C LEU H 17 -53.71 12.36 -13.47
N ALA H 18 -52.51 12.44 -12.89
CA ALA H 18 -51.77 13.69 -12.90
C ALA H 18 -50.91 13.82 -14.16
N TRP H 19 -51.52 13.61 -15.32
CA TRP H 19 -50.87 13.83 -16.60
C TRP H 19 -51.81 14.61 -17.50
N LEU H 20 -53.11 14.32 -17.39
CA LEU H 20 -54.16 14.98 -18.15
C LEU H 20 -54.67 16.25 -17.49
N ILE H 21 -54.48 16.40 -16.18
CA ILE H 21 -55.15 17.42 -15.41
C ILE H 21 -54.33 18.71 -15.32
N ARG H 22 -53.35 18.89 -16.21
CA ARG H 22 -52.52 20.08 -16.17
C ARG H 22 -53.20 21.31 -16.78
N VAL H 23 -54.40 21.62 -16.30
CA VAL H 23 -55.13 22.80 -16.73
C VAL H 23 -55.07 23.92 -15.71
N LYS H 24 -55.04 23.59 -14.42
CA LYS H 24 -55.16 24.56 -13.34
C LYS H 24 -54.10 24.21 -12.30
N GLY H 25 -54.20 24.84 -11.12
CA GLY H 25 -53.36 24.48 -10.00
C GLY H 25 -53.94 23.35 -9.17
N ILE H 26 -54.48 22.34 -9.84
CA ILE H 26 -55.14 21.22 -9.18
C ILE H 26 -54.35 19.92 -9.34
N ARG H 27 -53.27 19.93 -10.14
CA ARG H 27 -52.40 18.76 -10.24
C ARG H 27 -51.63 18.52 -8.95
N GLU H 28 -51.51 19.52 -8.08
CA GLU H 28 -50.93 19.30 -6.77
C GLU H 28 -51.92 18.64 -5.83
N ALA H 29 -53.10 19.26 -5.68
CA ALA H 29 -54.08 18.91 -4.65
C ALA H 29 -54.66 17.50 -4.83
N ILE H 30 -55.34 17.26 -5.95
CA ILE H 30 -55.91 15.92 -6.17
C ILE H 30 -54.84 14.91 -6.54
N GLY H 31 -53.64 15.37 -6.91
CA GLY H 31 -52.54 14.46 -7.16
C GLY H 31 -51.93 13.90 -5.89
N VAL H 32 -51.84 14.71 -4.85
CA VAL H 32 -51.16 14.27 -3.64
C VAL H 32 -52.07 13.43 -2.76
N VAL H 33 -53.39 13.62 -2.86
CA VAL H 33 -54.30 12.81 -2.07
C VAL H 33 -54.56 11.49 -2.77
N SER H 34 -54.13 11.38 -4.03
CA SER H 34 -54.14 10.10 -4.72
C SER H 34 -53.11 9.15 -4.11
N SER H 35 -52.04 9.70 -3.53
CA SER H 35 -51.06 8.91 -2.80
C SER H 35 -51.25 8.98 -1.29
N ALA H 36 -52.30 9.63 -0.80
CA ALA H 36 -52.53 9.76 0.63
C ALA H 36 -53.59 8.80 1.15
N ILE H 37 -54.37 8.19 0.27
CA ILE H 37 -55.27 7.11 0.68
C ILE H 37 -54.63 5.78 1.12
N PRO H 38 -53.42 5.35 0.72
CA PRO H 38 -52.91 4.07 1.27
C PRO H 38 -52.66 4.07 2.77
N LEU H 39 -52.37 5.20 3.41
CA LEU H 39 -52.32 5.19 4.86
C LEU H 39 -53.70 4.94 5.46
N TYR H 40 -54.73 5.55 4.86
CA TYR H 40 -56.09 5.40 5.36
C TYR H 40 -56.62 4.00 5.11
N PHE H 41 -56.09 3.33 4.09
CA PHE H 41 -56.55 1.98 3.83
C PHE H 41 -55.75 0.95 4.61
N LEU H 42 -54.46 1.19 4.84
CA LEU H 42 -53.65 0.28 5.65
C LEU H 42 -54.09 0.28 7.11
N ILE H 43 -54.35 1.47 7.67
CA ILE H 43 -54.75 1.52 9.07
C ILE H 43 -56.19 1.04 9.24
N LYS H 44 -57.00 1.10 8.17
CA LYS H 44 -58.32 0.49 8.22
C LYS H 44 -58.23 -1.04 8.27
N LEU H 45 -57.20 -1.63 7.68
CA LEU H 45 -57.01 -3.07 7.72
C LEU H 45 -55.95 -3.50 8.72
N TYR H 46 -55.49 -2.60 9.58
CA TYR H 46 -54.54 -3.01 10.62
C TYR H 46 -55.15 -3.92 11.69
N PRO H 47 -56.37 -3.70 12.22
CA PRO H 47 -56.87 -4.68 13.21
C PRO H 47 -57.23 -6.03 12.63
N ALA H 48 -57.33 -6.17 11.31
CA ALA H 48 -57.68 -7.46 10.74
C ALA H 48 -56.44 -8.31 10.47
N LEU H 49 -55.27 -7.81 10.86
CA LEU H 49 -54.05 -8.61 10.82
C LEU H 49 -54.04 -9.69 11.88
N GLU H 50 -54.69 -9.46 13.02
CA GLU H 50 -54.73 -10.44 14.09
C GLU H 50 -55.64 -11.60 13.72
N GLY H 51 -56.69 -11.32 12.94
CA GLY H 51 -57.47 -12.34 12.29
C GLY H 51 -56.69 -13.07 11.22
N GLU H 52 -57.17 -14.24 10.79
CA GLU H 52 -56.55 -15.09 9.78
C GLU H 52 -56.37 -14.31 8.48
N PRO H 53 -55.24 -14.51 7.75
CA PRO H 53 -54.66 -13.43 6.94
C PRO H 53 -55.48 -12.98 5.74
N ILE H 54 -55.11 -11.82 5.21
CA ILE H 54 -55.86 -11.19 4.13
C ILE H 54 -55.13 -11.48 2.83
N ARG H 55 -55.80 -12.11 1.88
CA ARG H 55 -55.17 -12.34 0.60
C ARG H 55 -56.10 -12.08 -0.57
N TYR H 56 -55.57 -12.25 -1.78
CA TYR H 56 -56.27 -11.93 -3.03
C TYR H 56 -55.50 -12.61 -4.14
N SER H 57 -56.14 -12.98 -5.24
CA SER H 57 -55.44 -13.72 -6.28
C SER H 57 -55.29 -12.92 -7.57
N LEU H 58 -56.39 -12.56 -8.24
CA LEU H 58 -56.40 -11.86 -9.52
C LEU H 58 -55.51 -12.55 -10.55
N ASN H 59 -55.97 -13.72 -11.00
CA ASN H 59 -55.22 -14.50 -11.97
C ASN H 59 -55.16 -13.75 -13.31
N VAL H 60 -54.02 -13.12 -13.57
CA VAL H 60 -53.85 -12.25 -14.73
C VAL H 60 -52.58 -12.67 -15.45
N GLY H 61 -52.66 -12.74 -16.78
CA GLY H 61 -51.58 -13.30 -17.56
C GLY H 61 -51.38 -14.78 -17.36
N GLY H 62 -52.37 -15.47 -16.78
CA GLY H 62 -52.25 -16.87 -16.44
C GLY H 62 -51.46 -17.17 -15.19
N PHE H 63 -50.94 -16.15 -14.52
CA PHE H 63 -50.15 -16.35 -13.32
C PHE H 63 -51.06 -16.39 -12.09
N GLU H 64 -50.44 -16.33 -10.92
CA GLU H 64 -51.17 -16.43 -9.66
C GLU H 64 -51.36 -15.07 -9.01
N LEU H 65 -50.26 -14.35 -8.75
CA LEU H 65 -50.24 -13.02 -8.11
C LEU H 65 -50.96 -13.01 -6.75
N THR H 66 -50.65 -13.99 -5.91
CA THR H 66 -51.26 -14.02 -4.58
C THR H 66 -50.64 -12.91 -3.74
N LEU H 67 -51.29 -11.75 -3.71
CA LEU H 67 -50.95 -10.71 -2.76
C LEU H 67 -51.49 -11.09 -1.39
N ALA H 68 -50.65 -11.01 -0.38
CA ALA H 68 -51.11 -11.24 1.00
C ALA H 68 -50.25 -10.43 1.93
N LEU H 69 -50.84 -9.96 3.01
CA LEU H 69 -50.22 -9.00 3.92
C LEU H 69 -49.93 -9.70 5.23
N SER H 70 -48.65 -9.90 5.51
CA SER H 70 -48.22 -10.60 6.72
C SER H 70 -48.10 -9.62 7.88
N HIS H 71 -47.48 -10.08 8.96
CA HIS H 71 -47.31 -9.26 10.15
C HIS H 71 -46.22 -8.21 9.98
N ILE H 72 -45.28 -8.44 9.07
CA ILE H 72 -44.10 -7.59 8.92
C ILE H 72 -44.10 -6.86 7.58
N SER H 73 -44.72 -7.47 6.57
CA SER H 73 -44.91 -6.80 5.29
C SER H 73 -45.79 -5.57 5.44
N TRP H 74 -46.75 -5.62 6.37
CA TRP H 74 -47.52 -4.44 6.70
C TRP H 74 -46.65 -3.36 7.32
N ILE H 75 -45.64 -3.76 8.11
CA ILE H 75 -44.79 -2.78 8.79
C ILE H 75 -43.96 -2.01 7.76
N PHE H 76 -43.37 -2.73 6.81
CA PHE H 76 -42.66 -2.06 5.74
C PHE H 76 -43.62 -1.28 4.83
N ALA H 77 -44.85 -1.74 4.67
CA ALA H 77 -45.80 -0.98 3.86
C ALA H 77 -46.30 0.26 4.58
N MET H 78 -46.33 0.23 5.91
CA MET H 78 -46.76 1.40 6.66
C MET H 78 -45.71 2.49 6.58
N ILE H 79 -44.44 2.11 6.68
CA ILE H 79 -43.41 3.12 6.47
C ILE H 79 -43.32 3.51 5.00
N ALA H 80 -43.75 2.62 4.10
CA ALA H 80 -43.82 2.96 2.69
C ALA H 80 -44.84 4.07 2.46
N ALA H 81 -46.00 3.97 3.11
CA ALA H 81 -47.02 4.98 2.98
C ALA H 81 -46.60 6.30 3.60
N VAL H 82 -46.01 6.26 4.80
CA VAL H 82 -45.75 7.51 5.51
C VAL H 82 -44.52 8.23 4.94
N VAL H 83 -43.52 7.48 4.46
CA VAL H 83 -42.36 8.13 3.87
C VAL H 83 -42.68 8.58 2.46
N GLY H 84 -43.41 7.76 1.71
CA GLY H 84 -43.89 8.16 0.41
C GLY H 84 -44.87 9.30 0.46
N LEU H 85 -45.58 9.48 1.57
CA LEU H 85 -46.39 10.68 1.76
C LEU H 85 -45.52 11.89 2.06
N SER H 86 -44.56 11.73 2.99
CA SER H 86 -43.80 12.87 3.48
C SER H 86 -42.87 13.44 2.42
N ALA H 87 -42.57 12.66 1.39
CA ALA H 87 -41.89 13.22 0.23
C ALA H 87 -42.88 13.87 -0.73
N VAL H 88 -44.05 13.26 -0.91
CA VAL H 88 -44.89 13.69 -2.03
C VAL H 88 -45.67 14.95 -1.70
N LEU H 89 -45.94 15.22 -0.43
CA LEU H 89 -46.55 16.52 -0.17
C LEU H 89 -45.49 17.60 -0.06
N GLY H 90 -44.22 17.20 0.03
CA GLY H 90 -43.12 18.08 -0.26
C GLY H 90 -42.75 18.11 -1.73
N LEU H 91 -43.39 17.27 -2.54
CA LEU H 91 -43.17 17.26 -3.97
C LEU H 91 -44.16 18.13 -4.72
N VAL H 92 -45.07 18.79 -4.02
CA VAL H 92 -46.02 19.66 -4.71
C VAL H 92 -45.33 20.94 -5.15
N SER H 93 -44.18 21.25 -4.57
CA SER H 93 -43.23 22.21 -5.11
C SER H 93 -42.02 21.45 -5.63
N THR H 94 -41.00 22.20 -6.05
CA THR H 94 -39.71 21.68 -6.54
C THR H 94 -39.88 20.70 -7.70
N ALA H 95 -40.75 21.04 -8.62
CA ALA H 95 -40.97 20.19 -9.78
C ALA H 95 -40.68 20.89 -11.09
N LYS H 96 -41.14 22.14 -11.25
CA LYS H 96 -41.11 23.00 -12.45
C LYS H 96 -41.45 22.29 -13.75
N ASP H 97 -42.34 21.29 -13.68
CA ASP H 97 -42.86 20.60 -14.85
C ASP H 97 -44.14 19.88 -14.44
N SER H 98 -44.76 19.24 -15.42
CA SER H 98 -45.89 18.34 -15.16
C SER H 98 -45.53 16.89 -15.33
N ASN H 99 -44.32 16.59 -15.81
CA ASN H 99 -43.88 15.22 -16.06
C ASN H 99 -43.17 14.62 -14.86
N GLU H 100 -43.49 15.07 -13.66
CA GLU H 100 -42.92 14.52 -12.45
C GLU H 100 -43.83 13.50 -11.79
N TRP H 101 -45.13 13.78 -11.78
CA TRP H 101 -46.04 12.98 -10.96
C TRP H 101 -46.35 11.64 -11.62
N LEU H 102 -45.98 11.47 -12.90
CA LEU H 102 -46.26 10.22 -13.59
C LEU H 102 -45.36 9.10 -13.09
N PHE H 103 -44.14 9.45 -12.66
CA PHE H 103 -43.17 8.44 -12.26
C PHE H 103 -43.00 8.35 -10.75
N ALA H 104 -43.06 9.48 -10.05
CA ALA H 104 -42.85 9.47 -8.61
C ALA H 104 -44.04 8.85 -7.88
N LEU H 105 -45.19 8.76 -8.55
CA LEU H 105 -46.30 8.01 -7.98
C LEU H 105 -46.32 6.58 -8.49
N MET H 106 -45.73 6.34 -9.67
CA MET H 106 -45.57 4.97 -10.13
C MET H 106 -44.57 4.22 -9.25
N SER H 107 -43.60 4.96 -8.71
CA SER H 107 -42.60 4.36 -7.84
C SER H 107 -43.20 3.91 -6.51
N LEU H 108 -44.18 4.66 -6.01
CA LEU H 108 -44.80 4.27 -4.75
C LEU H 108 -45.69 3.06 -4.93
N ALA H 109 -46.29 2.91 -6.11
CA ALA H 109 -47.02 1.69 -6.39
C ALA H 109 -46.09 0.52 -6.66
N GLY H 110 -44.84 0.78 -7.01
CA GLY H 110 -43.86 -0.28 -6.99
C GLY H 110 -43.50 -0.64 -5.57
N ALA H 111 -43.46 0.38 -4.71
CA ALA H 111 -43.01 0.19 -3.33
C ALA H 111 -44.04 -0.58 -2.52
N LEU H 112 -45.32 -0.25 -2.69
CA LEU H 112 -46.38 -1.01 -2.03
C LEU H 112 -46.52 -2.39 -2.65
N GLY H 113 -46.04 -2.57 -3.88
CA GLY H 113 -46.12 -3.86 -4.52
C GLY H 113 -45.10 -4.86 -4.04
N VAL H 114 -43.86 -4.41 -3.82
CA VAL H 114 -42.83 -5.31 -3.32
C VAL H 114 -43.12 -5.72 -1.88
N PHE H 115 -43.66 -4.79 -1.10
CA PHE H 115 -43.95 -5.09 0.30
C PHE H 115 -45.16 -6.01 0.43
N LEU H 116 -46.22 -5.72 -0.32
CA LEU H 116 -47.36 -6.62 -0.33
C LEU H 116 -47.20 -7.79 -1.28
N ALA H 117 -45.98 -8.15 -1.65
CA ALA H 117 -45.75 -9.29 -2.52
C ALA H 117 -45.67 -10.54 -1.66
N ASN H 118 -46.65 -11.41 -1.81
CA ASN H 118 -46.62 -12.72 -1.20
C ASN H 118 -46.40 -13.83 -2.21
N ASP H 119 -46.63 -13.55 -3.49
CA ASP H 119 -46.15 -14.43 -4.55
C ASP H 119 -44.87 -13.84 -5.13
N PHE H 120 -44.39 -14.41 -6.23
CA PHE H 120 -43.25 -13.84 -6.93
C PHE H 120 -43.64 -13.10 -8.19
N VAL H 121 -44.70 -13.52 -8.87
CA VAL H 121 -45.07 -12.84 -10.11
C VAL H 121 -45.72 -11.48 -9.82
N VAL H 122 -46.02 -11.19 -8.56
CA VAL H 122 -46.30 -9.81 -8.19
C VAL H 122 -45.03 -9.13 -7.70
N PHE H 123 -44.04 -9.91 -7.27
CA PHE H 123 -42.82 -9.36 -6.69
C PHE H 123 -41.96 -8.72 -7.77
N PHE H 124 -41.60 -9.50 -8.80
CA PHE H 124 -40.66 -9.00 -9.79
C PHE H 124 -41.31 -7.95 -10.71
N LEU H 125 -42.62 -8.06 -10.92
CA LEU H 125 -43.36 -7.02 -11.65
C LEU H 125 -43.26 -5.69 -10.95
N SER H 126 -43.51 -5.68 -9.64
CA SER H 126 -43.46 -4.45 -8.88
C SER H 126 -42.05 -3.92 -8.75
N TRP H 127 -41.08 -4.83 -8.67
CA TRP H 127 -39.68 -4.43 -8.59
C TRP H 127 -39.20 -3.79 -9.87
N GLU H 128 -39.65 -4.32 -11.01
CA GLU H 128 -39.26 -3.76 -12.30
C GLU H 128 -39.94 -2.40 -12.53
N ILE H 129 -41.19 -2.27 -12.10
CA ILE H 129 -41.89 -0.99 -12.18
C ILE H 129 -41.20 0.06 -11.32
N MET H 130 -40.76 -0.35 -10.14
CA MET H 130 -40.05 0.56 -9.23
C MET H 130 -38.72 1.02 -9.80
N THR H 131 -37.94 0.08 -10.34
CA THR H 131 -36.68 0.40 -11.00
C THR H 131 -36.86 1.38 -12.16
N PHE H 132 -37.88 1.13 -12.99
CA PHE H 132 -38.14 2.02 -14.12
C PHE H 132 -38.55 3.41 -13.67
N ALA H 133 -39.41 3.49 -12.65
CA ALA H 133 -39.92 4.79 -12.22
C ALA H 133 -38.83 5.62 -11.59
N SER H 134 -37.94 4.98 -10.83
CA SER H 134 -36.83 5.70 -10.21
C SER H 134 -35.81 6.14 -11.26
N PHE H 135 -35.56 5.28 -12.25
CA PHE H 135 -34.66 5.63 -13.34
C PHE H 135 -35.20 6.82 -14.13
N MET H 136 -36.45 6.73 -14.58
CA MET H 136 -37.05 7.79 -15.37
C MET H 136 -37.25 9.07 -14.57
N MET H 137 -37.23 8.97 -13.24
CA MET H 137 -37.16 10.19 -12.44
C MET H 137 -35.77 10.82 -12.52
N VAL H 138 -34.72 10.00 -12.46
CA VAL H 138 -33.38 10.56 -12.47
C VAL H 138 -32.88 10.68 -13.90
N PHE H 139 -33.74 10.33 -14.86
CA PHE H 139 -33.44 10.49 -16.28
C PHE H 139 -34.03 11.81 -16.77
N LYS H 140 -33.50 12.90 -16.22
CA LYS H 140 -33.81 14.23 -16.71
C LYS H 140 -32.58 15.04 -17.05
N TYR H 141 -31.44 14.75 -16.44
CA TYR H 141 -30.19 15.43 -16.70
C TYR H 141 -29.06 14.59 -16.13
N ASN H 142 -27.87 14.76 -16.72
CA ASN H 142 -26.69 13.93 -16.47
C ASN H 142 -26.99 12.46 -16.71
N ARG H 143 -27.24 12.15 -18.00
CA ARG H 143 -27.58 10.84 -18.52
C ARG H 143 -26.62 9.74 -18.09
N HIS H 144 -25.33 10.06 -18.02
CA HIS H 144 -24.34 9.05 -17.65
C HIS H 144 -24.52 8.60 -16.21
N ALA H 145 -25.00 9.50 -15.35
CA ALA H 145 -25.33 9.12 -13.99
C ALA H 145 -26.58 8.26 -13.94
N SER H 146 -27.52 8.51 -14.85
CA SER H 146 -28.80 7.84 -14.81
C SER H 146 -28.70 6.42 -15.35
N LEU H 147 -28.00 6.27 -16.47
CA LEU H 147 -27.98 5.00 -17.19
C LEU H 147 -27.14 3.97 -16.44
N LYS H 148 -26.20 4.44 -15.62
CA LYS H 148 -25.42 3.54 -14.78
C LYS H 148 -26.30 2.87 -13.74
N TYR H 149 -27.19 3.66 -13.12
CA TYR H 149 -28.17 3.11 -12.19
C TYR H 149 -29.11 2.15 -12.91
N PHE H 150 -29.47 2.47 -14.14
CA PHE H 150 -30.43 1.62 -14.82
C PHE H 150 -29.82 0.28 -15.22
N VAL H 151 -28.58 0.29 -15.71
CA VAL H 151 -27.93 -0.95 -16.12
C VAL H 151 -27.69 -1.85 -14.92
N LEU H 152 -27.26 -1.25 -13.80
CA LEU H 152 -27.00 -2.04 -12.60
C LEU H 152 -28.29 -2.62 -12.02
N SER H 153 -29.36 -1.82 -11.98
CA SER H 153 -30.56 -2.33 -11.35
C SER H 153 -31.32 -3.27 -12.27
N ILE H 154 -31.16 -3.13 -13.59
CA ILE H 154 -31.71 -4.14 -14.50
C ILE H 154 -30.92 -5.43 -14.39
N ALA H 155 -29.60 -5.33 -14.18
CA ALA H 155 -28.80 -6.53 -13.95
C ALA H 155 -29.20 -7.23 -12.66
N GLY H 156 -29.58 -6.46 -11.65
CA GLY H 156 -30.06 -7.07 -10.42
C GLY H 156 -31.44 -7.69 -10.58
N ALA H 157 -32.36 -6.96 -11.22
CA ALA H 157 -33.71 -7.47 -11.49
C ALA H 157 -33.67 -8.72 -12.33
N TYR H 158 -32.82 -8.72 -13.36
CA TYR H 158 -32.80 -9.84 -14.27
C TYR H 158 -31.93 -10.98 -13.78
N ALA H 159 -30.97 -10.74 -12.90
CA ALA H 159 -30.35 -11.87 -12.22
C ALA H 159 -31.30 -12.49 -11.22
N MET H 160 -32.22 -11.70 -10.66
CA MET H 160 -33.30 -12.27 -9.89
C MET H 160 -34.24 -13.08 -10.76
N LEU H 161 -34.44 -12.66 -12.01
CA LEU H 161 -35.22 -13.46 -12.95
C LEU H 161 -34.50 -14.76 -13.29
N LEU H 162 -33.17 -14.73 -13.33
CA LEU H 162 -32.40 -15.95 -13.55
C LEU H 162 -32.51 -16.88 -12.35
N ALA H 163 -32.42 -16.33 -11.14
CA ALA H 163 -32.54 -17.13 -9.93
C ALA H 163 -33.93 -17.69 -9.77
N ILE H 164 -34.96 -16.93 -10.15
CA ILE H 164 -36.30 -17.46 -10.05
C ILE H 164 -36.55 -18.47 -11.16
N GLY H 165 -35.83 -18.37 -12.27
CA GLY H 165 -35.92 -19.40 -13.29
C GLY H 165 -35.36 -20.72 -12.80
N ILE H 166 -34.26 -20.66 -12.05
CA ILE H 166 -33.66 -21.88 -11.53
C ILE H 166 -34.50 -22.48 -10.40
N ILE H 167 -35.04 -21.63 -9.53
CA ILE H 167 -35.85 -22.17 -8.44
C ILE H 167 -37.27 -22.51 -8.88
N TYR H 168 -37.69 -22.07 -10.07
CA TYR H 168 -38.92 -22.59 -10.66
C TYR H 168 -38.67 -23.87 -11.45
N ALA H 169 -37.46 -24.04 -11.98
CA ALA H 169 -37.11 -25.27 -12.67
C ALA H 169 -36.95 -26.42 -11.70
N LYS H 170 -36.08 -26.24 -10.69
CA LYS H 170 -35.68 -27.34 -9.81
C LYS H 170 -36.82 -27.80 -8.93
N THR H 171 -37.78 -26.94 -8.62
CA THR H 171 -38.93 -27.32 -7.83
C THR H 171 -40.14 -27.67 -8.68
N GLY H 172 -40.41 -26.88 -9.72
CA GLY H 172 -41.55 -27.14 -10.57
C GLY H 172 -42.66 -26.12 -10.38
N SER H 173 -42.88 -25.71 -9.13
CA SER H 173 -43.95 -24.77 -8.83
C SER H 173 -43.39 -23.37 -8.62
N LEU H 174 -44.24 -22.37 -8.83
CA LEU H 174 -43.86 -20.97 -8.81
C LEU H 174 -44.28 -20.25 -7.54
N SER H 175 -45.27 -20.78 -6.83
CA SER H 175 -45.89 -20.04 -5.73
C SER H 175 -44.97 -19.93 -4.53
N PHE H 176 -44.77 -18.72 -4.10
CA PHE H 176 -43.90 -18.31 -3.01
C PHE H 176 -44.33 -18.76 -1.60
N PRO H 177 -45.62 -18.85 -1.22
CA PRO H 177 -45.92 -19.43 0.09
C PRO H 177 -45.57 -20.89 0.24
N GLU H 178 -45.81 -21.72 -0.76
CA GLU H 178 -45.52 -23.14 -0.64
C GLU H 178 -44.05 -23.47 -0.89
N ILE H 179 -43.28 -22.55 -1.49
CA ILE H 179 -41.91 -22.87 -1.82
C ILE H 179 -41.02 -22.81 -0.59
N SER H 180 -41.51 -22.22 0.52
CA SER H 180 -40.79 -22.37 1.77
C SER H 180 -41.03 -23.74 2.39
N ALA H 181 -42.16 -24.38 2.05
CA ALA H 181 -42.46 -25.68 2.61
C ALA H 181 -41.60 -26.77 1.99
N ILE H 182 -41.35 -26.67 0.69
CA ILE H 182 -40.53 -27.69 0.04
C ILE H 182 -39.06 -27.47 0.32
N PHE H 183 -38.66 -26.25 0.67
CA PHE H 183 -37.30 -26.08 1.16
C PHE H 183 -37.14 -26.63 2.57
N ARG H 184 -38.21 -26.62 3.35
CA ARG H 184 -38.21 -27.40 4.58
C ARG H 184 -38.18 -28.90 4.28
N GLN H 185 -38.77 -29.30 3.15
CA GLN H 185 -38.79 -30.72 2.80
C GLN H 185 -37.42 -31.24 2.41
N ASP H 186 -36.61 -30.45 1.74
CA ASP H 186 -35.23 -30.88 1.52
C ASP H 186 -34.24 -30.27 2.50
N ALA H 187 -34.72 -29.66 3.59
CA ALA H 187 -33.84 -29.26 4.68
C ALA H 187 -33.27 -30.45 5.45
N MET H 188 -33.88 -31.63 5.36
CA MET H 188 -33.37 -32.82 6.01
C MET H 188 -32.62 -33.70 5.04
N THR H 201 -24.86 -27.61 -4.04
CA THR H 201 -23.90 -27.55 -5.14
C THR H 201 -24.59 -26.76 -6.25
N GLU H 202 -25.92 -26.75 -6.20
CA GLU H 202 -26.72 -25.89 -7.06
C GLU H 202 -27.37 -24.77 -6.28
N THR H 203 -27.20 -24.74 -4.97
CA THR H 203 -27.84 -23.74 -4.12
C THR H 203 -26.87 -22.70 -3.59
N LEU H 204 -25.57 -22.88 -3.78
CA LEU H 204 -24.65 -21.78 -3.48
C LEU H 204 -24.65 -20.76 -4.60
N LEU H 205 -25.19 -21.12 -5.76
CA LEU H 205 -25.39 -20.15 -6.82
C LEU H 205 -26.66 -19.34 -6.56
N ILE H 206 -27.67 -19.97 -5.95
CA ILE H 206 -28.96 -19.30 -5.74
C ILE H 206 -28.81 -18.17 -4.74
N TYR H 207 -28.09 -18.42 -3.64
CA TYR H 207 -27.89 -17.41 -2.63
C TYR H 207 -27.03 -16.25 -3.16
N ALA H 208 -25.97 -16.57 -3.90
CA ALA H 208 -25.07 -15.54 -4.38
C ALA H 208 -25.72 -14.70 -5.47
N LEU H 209 -26.51 -15.33 -6.33
CA LEU H 209 -27.21 -14.56 -7.36
C LEU H 209 -28.35 -13.76 -6.78
N PHE H 210 -28.96 -14.25 -5.69
CA PHE H 210 -29.99 -13.46 -5.00
C PHE H 210 -29.37 -12.29 -4.26
N LEU H 211 -28.14 -12.47 -3.78
CA LEU H 211 -27.43 -11.41 -3.08
C LEU H 211 -26.98 -10.33 -4.06
N VAL H 212 -26.55 -10.72 -5.25
CA VAL H 212 -26.24 -9.75 -6.29
C VAL H 212 -27.53 -9.10 -6.77
N ALA H 213 -28.64 -9.83 -6.74
CA ALA H 213 -29.93 -9.28 -7.16
C ALA H 213 -30.43 -8.21 -6.19
N PHE H 214 -29.98 -8.25 -4.95
CA PHE H 214 -30.33 -7.24 -3.96
C PHE H 214 -29.12 -6.51 -3.42
N GLY H 215 -27.95 -6.73 -4.00
CA GLY H 215 -26.85 -5.81 -3.83
C GLY H 215 -26.90 -4.62 -4.74
N VAL H 216 -27.83 -4.61 -5.69
CA VAL H 216 -28.00 -3.47 -6.58
C VAL H 216 -28.84 -2.36 -5.96
N LYS H 217 -29.72 -2.68 -5.02
CA LYS H 217 -30.52 -1.68 -4.34
C LYS H 217 -30.15 -1.62 -2.86
N ALA H 218 -28.86 -1.77 -2.59
CA ALA H 218 -28.30 -1.62 -1.27
C ALA H 218 -26.95 -0.93 -1.44
N GLY H 219 -26.14 -0.95 -0.40
CA GLY H 219 -24.88 -0.25 -0.42
C GLY H 219 -23.68 -1.17 -0.43
N MET H 220 -23.86 -2.38 -0.95
CA MET H 220 -22.83 -3.41 -0.99
C MET H 220 -21.57 -2.94 -1.70
N PHE H 221 -20.42 -3.05 -1.03
CA PHE H 221 -19.17 -2.49 -1.51
C PHE H 221 -18.71 -2.97 -2.90
N PRO H 222 -18.99 -4.21 -3.36
CA PRO H 222 -18.79 -4.46 -4.79
C PRO H 222 -19.63 -3.61 -5.71
N LEU H 223 -20.91 -3.40 -5.39
CA LEU H 223 -21.81 -2.76 -6.34
C LEU H 223 -22.69 -1.72 -5.64
N HIS H 224 -22.17 -0.51 -5.55
CA HIS H 224 -22.89 0.61 -4.97
C HIS H 224 -22.60 1.90 -5.73
N VAL H 225 -22.07 1.79 -6.94
CA VAL H 225 -21.58 2.96 -7.65
C VAL H 225 -22.74 3.77 -8.24
N TRP H 226 -23.94 3.18 -8.29
CA TRP H 226 -25.10 3.97 -8.69
C TRP H 226 -25.53 4.95 -7.61
N ALA H 227 -25.21 4.65 -6.36
CA ALA H 227 -25.63 5.51 -5.24
C ALA H 227 -25.06 6.92 -5.28
N PRO H 228 -23.75 7.18 -5.51
CA PRO H 228 -23.31 8.58 -5.58
C PRO H 228 -23.69 9.29 -6.86
N ASP H 229 -24.54 8.71 -7.70
CA ASP H 229 -25.03 9.36 -8.90
C ASP H 229 -26.55 9.44 -8.93
N ALA H 230 -27.24 8.38 -8.50
CA ALA H 230 -28.69 8.39 -8.54
C ALA H 230 -29.28 9.08 -7.31
N TYR H 231 -28.66 8.89 -6.15
CA TYR H 231 -29.01 9.75 -5.01
C TYR H 231 -28.48 11.16 -5.21
N SER H 232 -27.47 11.31 -6.06
CA SER H 232 -27.07 12.61 -6.58
C SER H 232 -28.04 13.01 -7.68
N GLU H 233 -27.65 14.04 -8.45
CA GLU H 233 -28.50 15.03 -9.11
C GLU H 233 -29.81 14.50 -9.70
N THR H 234 -30.90 15.10 -9.24
CA THR H 234 -32.26 14.60 -9.33
C THR H 234 -33.21 15.64 -8.74
N ASN H 235 -34.50 15.35 -8.74
CA ASN H 235 -35.42 16.07 -7.87
C ASN H 235 -35.13 15.62 -6.45
N GLN H 236 -34.74 16.55 -5.59
CA GLN H 236 -34.30 16.17 -4.26
C GLN H 236 -35.47 15.85 -3.35
N SER H 237 -36.62 16.47 -3.60
CA SER H 237 -37.80 16.14 -2.81
C SER H 237 -38.34 14.77 -3.19
N TYR H 238 -37.99 14.28 -4.37
CA TYR H 238 -38.30 12.90 -4.71
C TYR H 238 -37.45 11.92 -3.91
N THR H 239 -36.23 12.31 -3.55
CA THR H 239 -35.21 11.37 -3.10
C THR H 239 -35.52 10.79 -1.72
N ALA H 240 -36.41 11.44 -0.96
CA ALA H 240 -36.78 10.96 0.36
C ALA H 240 -37.49 9.61 0.31
N MET H 241 -38.12 9.29 -0.81
CA MET H 241 -38.59 7.92 -1.04
C MET H 241 -37.56 7.07 -1.76
N PHE H 242 -36.59 7.69 -2.43
CA PHE H 242 -35.56 6.94 -3.15
C PHE H 242 -34.56 6.29 -2.22
N SER H 243 -34.47 6.76 -0.98
CA SER H 243 -33.74 6.07 0.08
C SER H 243 -34.68 5.57 1.16
N GLY H 244 -35.84 6.18 1.31
CA GLY H 244 -36.71 5.86 2.42
C GLY H 244 -37.61 4.69 2.12
N VAL H 245 -37.90 4.43 0.85
CA VAL H 245 -38.62 3.20 0.56
C VAL H 245 -37.98 2.45 -0.60
N LEU H 246 -37.23 3.15 -1.45
CA LEU H 246 -36.63 2.45 -2.59
C LEU H 246 -35.31 1.81 -2.27
N SER H 247 -34.82 1.96 -1.03
CA SER H 247 -33.73 1.15 -0.57
C SER H 247 -34.15 0.17 0.52
N LYS H 248 -35.36 0.29 1.02
CA LYS H 248 -35.90 -0.75 1.89
C LYS H 248 -36.32 -1.99 1.14
N THR H 249 -36.46 -1.89 -0.18
CA THR H 249 -36.82 -3.03 -0.98
C THR H 249 -35.69 -4.05 -1.06
N GLY H 250 -34.43 -3.60 -0.93
CA GLY H 250 -33.34 -4.55 -0.81
C GLY H 250 -33.35 -5.25 0.54
N VAL H 251 -33.70 -4.52 1.59
CA VAL H 251 -33.82 -5.09 2.93
C VAL H 251 -34.93 -6.13 2.95
N TYR H 252 -36.07 -5.80 2.35
CA TYR H 252 -37.17 -6.76 2.30
C TYR H 252 -36.85 -7.92 1.38
N GLY H 253 -35.97 -7.71 0.41
CA GLY H 253 -35.51 -8.83 -0.40
C GLY H 253 -34.68 -9.83 0.38
N PHE H 254 -33.73 -9.35 1.19
CA PHE H 254 -32.94 -10.26 1.99
C PHE H 254 -33.77 -10.91 3.09
N PHE H 255 -34.77 -10.19 3.61
CA PHE H 255 -35.64 -10.79 4.61
C PHE H 255 -36.55 -11.85 3.98
N LEU H 256 -36.99 -11.63 2.73
CA LEU H 256 -37.75 -12.66 2.04
C LEU H 256 -36.89 -13.87 1.72
N LEU H 257 -35.58 -13.65 1.52
CA LEU H 257 -34.66 -14.77 1.39
C LEU H 257 -34.59 -15.58 2.67
N TYR H 258 -34.65 -14.92 3.83
CA TYR H 258 -34.68 -15.67 5.08
C TYR H 258 -36.01 -16.36 5.28
N LEU H 259 -37.09 -15.78 4.74
CA LEU H 259 -38.39 -16.44 4.82
C LEU H 259 -38.44 -17.64 3.89
N LEU H 260 -37.63 -17.64 2.84
CA LEU H 260 -37.59 -18.79 1.95
C LEU H 260 -36.84 -19.94 2.59
N MET H 261 -35.57 -19.75 2.92
CA MET H 261 -34.82 -20.78 3.60
C MET H 261 -33.82 -20.13 4.54
N TYR H 262 -33.60 -20.77 5.68
CA TYR H 262 -32.52 -20.37 6.56
C TYR H 262 -31.69 -21.59 6.94
N GLY H 263 -32.37 -22.71 7.17
CA GLY H 263 -31.71 -23.91 7.61
C GLY H 263 -31.13 -24.69 6.46
N LYS H 264 -31.80 -24.62 5.31
CA LYS H 264 -31.30 -25.29 4.12
C LYS H 264 -30.05 -24.61 3.59
N LEU H 265 -29.92 -23.31 3.81
CA LEU H 265 -28.70 -22.59 3.45
C LEU H 265 -27.62 -22.68 4.52
N ALA H 266 -27.95 -23.20 5.70
CA ALA H 266 -26.96 -23.38 6.76
C ALA H 266 -26.38 -24.78 6.81
N ILE H 267 -27.05 -25.77 6.22
CA ILE H 267 -26.49 -27.11 6.16
C ILE H 267 -25.52 -27.24 5.01
N THR H 268 -25.86 -26.70 3.84
CA THR H 268 -24.96 -26.71 2.70
C THR H 268 -23.80 -25.74 2.83
N LEU H 269 -23.79 -24.90 3.86
CA LEU H 269 -22.74 -23.90 4.04
C LEU H 269 -22.43 -23.85 5.53
N GLY H 270 -21.32 -24.48 5.92
CA GLY H 270 -21.05 -24.68 7.34
C GLY H 270 -20.61 -23.39 8.02
N ASN H 271 -21.11 -23.20 9.24
CA ASN H 271 -20.95 -21.93 9.96
C ASN H 271 -19.50 -21.69 10.35
N VAL H 272 -19.05 -20.45 10.15
CA VAL H 272 -17.67 -20.10 10.46
C VAL H 272 -17.51 -19.84 11.96
N ARG H 273 -18.59 -19.51 12.63
CA ARG H 273 -18.62 -19.23 14.06
C ARG H 273 -20.06 -19.48 14.50
N SER H 274 -20.46 -18.92 15.65
CA SER H 274 -21.82 -19.04 16.15
C SER H 274 -22.87 -18.45 15.21
N ALA H 275 -22.46 -17.57 14.27
CA ALA H 275 -23.20 -16.97 13.18
C ALA H 275 -23.14 -17.84 11.93
N PRO H 276 -24.21 -17.89 11.13
CA PRO H 276 -24.14 -18.67 9.89
C PRO H 276 -23.29 -17.97 8.86
N THR H 277 -22.67 -18.77 7.98
CA THR H 277 -21.61 -18.23 7.12
C THR H 277 -22.18 -17.40 5.98
N PHE H 278 -23.41 -17.67 5.55
CA PHE H 278 -24.02 -16.81 4.55
C PHE H 278 -24.49 -15.51 5.20
N GLY H 279 -24.97 -15.60 6.43
CA GLY H 279 -25.24 -14.39 7.19
C GLY H 279 -23.98 -13.66 7.55
N TYR H 280 -22.89 -14.40 7.79
CA TYR H 280 -21.61 -13.76 8.08
C TYR H 280 -21.06 -13.07 6.85
N ILE H 281 -21.26 -13.66 5.66
CA ILE H 281 -20.76 -13.05 4.43
C ILE H 281 -21.53 -11.77 4.12
N ILE H 282 -22.86 -11.81 4.26
CA ILE H 282 -23.64 -10.62 3.95
C ILE H 282 -23.43 -9.55 5.02
N ALA H 283 -23.13 -9.94 6.27
CA ALA H 283 -22.89 -8.94 7.29
C ALA H 283 -21.47 -8.42 7.22
N PHE H 284 -20.52 -9.20 6.70
CA PHE H 284 -19.17 -8.69 6.49
C PHE H 284 -19.15 -7.69 5.35
N LEU H 285 -19.91 -7.97 4.28
CA LEU H 285 -20.05 -6.99 3.22
C LEU H 285 -20.84 -5.78 3.69
N GLY H 286 -21.77 -5.99 4.63
CA GLY H 286 -22.44 -4.85 5.25
C GLY H 286 -21.53 -4.02 6.13
N GLY H 287 -20.61 -4.65 6.86
CA GLY H 287 -19.69 -3.89 7.70
C GLY H 287 -18.69 -3.11 6.88
N LEU H 288 -18.22 -3.70 5.77
CA LEU H 288 -17.43 -2.96 4.80
C LEU H 288 -18.24 -1.82 4.19
N THR H 289 -19.55 -2.02 4.02
CA THR H 289 -20.41 -0.98 3.49
C THR H 289 -20.52 0.21 4.45
N ILE H 290 -20.64 -0.03 5.76
CA ILE H 290 -20.71 1.09 6.70
C ILE H 290 -19.39 1.83 6.74
N MET H 291 -18.27 1.09 6.65
CA MET H 291 -16.96 1.71 6.59
C MET H 291 -16.80 2.62 5.37
N VAL H 292 -17.06 2.09 4.17
CA VAL H 292 -16.79 2.86 2.96
C VAL H 292 -17.83 3.95 2.77
N GLY H 293 -19.06 3.72 3.25
CA GLY H 293 -20.09 4.73 3.11
C GLY H 293 -19.83 5.92 3.99
N GLY H 294 -19.43 5.67 5.23
CA GLY H 294 -19.07 6.76 6.11
C GLY H 294 -17.83 7.50 5.66
N ILE H 295 -16.80 6.76 5.23
CA ILE H 295 -15.54 7.39 4.87
C ILE H 295 -15.69 8.21 3.60
N LEU H 296 -16.40 7.70 2.61
CA LEU H 296 -16.64 8.48 1.41
C LEU H 296 -17.65 9.59 1.63
N ALA H 297 -18.39 9.57 2.74
CA ALA H 297 -19.24 10.72 3.06
C ALA H 297 -18.44 11.92 3.55
N ALA H 298 -17.14 11.78 3.81
CA ALA H 298 -16.36 12.87 4.37
C ALA H 298 -15.84 13.83 3.30
N LEU H 299 -15.05 13.33 2.37
CA LEU H 299 -14.35 14.13 1.37
C LEU H 299 -15.16 14.27 0.08
N GLN H 300 -16.40 14.70 0.24
CA GLN H 300 -17.42 14.62 -0.79
C GLN H 300 -18.12 15.95 -0.96
N GLU H 301 -17.36 17.00 -1.31
CA GLU H 301 -17.88 18.36 -1.31
C GLU H 301 -18.98 18.55 -2.37
N ASP H 302 -20.21 18.38 -1.90
CA ASP H 302 -21.47 18.49 -2.62
C ASP H 302 -22.57 18.30 -1.59
N ILE H 303 -23.75 18.86 -1.83
CA ILE H 303 -24.77 18.78 -0.81
C ILE H 303 -25.51 17.45 -0.87
N ARG H 304 -25.56 16.82 -2.04
CA ARG H 304 -26.30 15.58 -2.15
C ARG H 304 -25.39 14.37 -2.31
N LYS H 305 -24.22 14.55 -2.93
CA LYS H 305 -23.29 13.45 -3.05
C LYS H 305 -22.69 13.07 -1.72
N LEU H 306 -22.67 13.97 -0.76
CA LEU H 306 -22.42 13.65 0.63
C LEU H 306 -23.51 12.77 1.23
N PHE H 307 -24.76 13.02 0.86
CA PHE H 307 -25.88 12.32 1.46
C PHE H 307 -26.18 10.99 0.78
N ALA H 308 -25.63 10.77 -0.41
CA ALA H 308 -25.70 9.47 -1.05
C ALA H 308 -24.96 8.43 -0.22
N TYR H 309 -23.75 8.77 0.19
CA TYR H 309 -22.96 7.90 1.04
C TYR H 309 -23.58 7.76 2.42
N SER H 310 -24.36 8.75 2.86
CA SER H 310 -25.09 8.61 4.12
C SER H 310 -26.18 7.58 3.99
N SER H 311 -26.94 7.63 2.89
CA SER H 311 -28.06 6.74 2.70
C SER H 311 -27.61 5.30 2.55
N ILE H 312 -26.45 5.08 1.94
CA ILE H 312 -25.93 3.72 1.91
C ILE H 312 -25.02 3.41 3.10
N SER H 313 -24.78 4.37 3.99
CA SER H 313 -24.07 4.01 5.21
C SER H 313 -24.97 3.26 6.17
N GLN H 314 -26.24 3.65 6.24
CA GLN H 314 -27.12 3.04 7.21
C GLN H 314 -27.75 1.75 6.70
N ILE H 315 -27.56 1.42 5.43
CA ILE H 315 -28.04 0.14 4.92
C ILE H 315 -27.23 -1.00 5.50
N GLY H 316 -25.93 -0.78 5.70
CA GLY H 316 -25.07 -1.83 6.24
C GLY H 316 -25.39 -2.17 7.68
N TYR H 317 -26.02 -1.25 8.42
CA TYR H 317 -26.55 -1.58 9.72
C TYR H 317 -27.63 -2.64 9.63
N ILE H 318 -28.56 -2.46 8.69
CA ILE H 318 -29.65 -3.41 8.51
C ILE H 318 -29.11 -4.72 7.99
N LEU H 319 -28.07 -4.67 7.17
CA LEU H 319 -27.57 -5.92 6.63
C LEU H 319 -26.53 -6.57 7.52
N ILE H 320 -26.18 -5.91 8.63
CA ILE H 320 -25.45 -6.59 9.69
C ILE H 320 -26.42 -7.26 10.65
N GLY H 321 -27.47 -6.54 11.02
CA GLY H 321 -28.48 -7.11 11.92
C GLY H 321 -29.24 -8.25 11.28
N LEU H 322 -29.61 -8.09 10.01
CA LEU H 322 -30.26 -9.13 9.24
C LEU H 322 -29.23 -10.02 8.55
N GLY H 323 -28.03 -10.08 9.09
CA GLY H 323 -27.04 -11.07 8.77
C GLY H 323 -27.03 -12.10 9.87
N ILE H 324 -26.15 -11.89 10.85
CA ILE H 324 -25.94 -12.84 11.92
C ILE H 324 -27.16 -12.95 12.83
N GLY H 325 -27.35 -14.13 13.41
CA GLY H 325 -28.30 -14.33 14.48
C GLY H 325 -29.71 -14.65 14.02
N THR H 326 -30.17 -15.88 14.26
CA THR H 326 -31.56 -16.17 13.91
C THR H 326 -32.59 -15.68 14.94
N PRO H 327 -32.34 -15.59 16.26
CA PRO H 327 -33.25 -14.75 17.05
C PRO H 327 -32.71 -13.34 17.17
N LEU H 328 -33.64 -12.40 17.23
CA LEU H 328 -33.40 -10.98 17.54
C LEU H 328 -32.62 -10.25 16.44
N GLY H 329 -32.11 -10.95 15.44
CA GLY H 329 -31.31 -10.33 14.40
C GLY H 329 -32.19 -9.60 13.41
N ILE H 330 -33.20 -10.30 12.90
CA ILE H 330 -34.23 -9.64 12.10
C ILE H 330 -35.02 -8.68 12.98
N ALA H 331 -35.29 -9.06 14.22
CA ALA H 331 -36.08 -8.25 15.13
C ALA H 331 -35.39 -6.94 15.52
N ALA H 332 -34.07 -6.84 15.33
CA ALA H 332 -33.39 -5.58 15.53
C ALA H 332 -33.11 -4.86 14.22
N ALA H 333 -32.90 -5.61 13.13
CA ALA H 333 -32.59 -4.96 11.87
C ALA H 333 -33.80 -4.28 11.25
N THR H 334 -35.00 -4.86 11.39
CA THR H 334 -36.20 -4.20 10.92
C THR H 334 -36.49 -2.94 11.71
N TYR H 335 -36.10 -2.92 12.99
CA TYR H 335 -36.29 -1.73 13.81
C TYR H 335 -35.43 -0.59 13.29
N HIS H 336 -34.15 -0.86 13.00
CA HIS H 336 -33.30 0.17 12.41
C HIS H 336 -33.75 0.51 11.00
N ALA H 337 -34.36 -0.43 10.28
CA ALA H 337 -34.86 -0.14 8.95
C ALA H 337 -35.97 0.90 9.00
N ILE H 338 -36.91 0.73 9.95
CA ILE H 338 -37.95 1.75 10.14
C ILE H 338 -37.34 3.06 10.59
N SER H 339 -36.40 3.01 11.53
CA SER H 339 -35.85 4.24 12.10
C SER H 339 -35.06 5.03 11.07
N HIS H 340 -34.18 4.35 10.32
CA HIS H 340 -33.32 5.05 9.38
C HIS H 340 -34.10 5.62 8.21
N ALA H 341 -35.04 4.85 7.67
CA ALA H 341 -35.84 5.38 6.56
C ALA H 341 -36.71 6.53 7.02
N LEU H 342 -37.16 6.49 8.28
CA LEU H 342 -38.03 7.53 8.81
C LEU H 342 -37.30 8.85 8.99
N PHE H 343 -36.04 8.85 9.41
CA PHE H 343 -35.38 10.14 9.49
C PHE H 343 -34.66 10.54 8.21
N LYS H 344 -34.28 9.58 7.36
CA LYS H 344 -33.58 9.98 6.14
C LYS H 344 -34.55 10.56 5.14
N GLY H 345 -35.83 10.21 5.25
CA GLY H 345 -36.86 10.99 4.57
C GLY H 345 -36.85 12.45 5.00
N LEU H 346 -36.63 12.69 6.29
CA LEU H 346 -36.61 14.07 6.79
C LEU H 346 -35.35 14.78 6.33
N PHE H 347 -34.23 14.05 6.25
CA PHE H 347 -32.98 14.67 5.84
C PHE H 347 -33.02 15.05 4.36
N PHE H 348 -33.60 14.19 3.53
CA PHE H 348 -33.70 14.55 2.13
C PHE H 348 -34.76 15.61 1.91
N LEU H 349 -35.77 15.67 2.78
CA LEU H 349 -36.73 16.76 2.72
C LEU H 349 -36.07 18.09 3.08
N ILE H 350 -35.19 18.08 4.08
CA ILE H 350 -34.59 19.33 4.52
C ILE H 350 -33.50 19.78 3.55
N VAL H 351 -32.86 18.83 2.86
CA VAL H 351 -31.86 19.20 1.88
C VAL H 351 -32.55 19.64 0.59
N ALA H 352 -33.75 19.15 0.34
CA ALA H 352 -34.52 19.65 -0.80
C ALA H 352 -35.01 21.06 -0.54
N THR H 353 -35.37 21.35 0.70
CA THR H 353 -35.78 22.70 1.07
C THR H 353 -34.63 23.68 0.93
N ILE H 354 -33.44 23.29 1.41
CA ILE H 354 -32.31 24.18 1.31
C ILE H 354 -31.74 24.26 -0.10
N ILE H 355 -32.07 23.30 -0.97
CA ILE H 355 -31.65 23.42 -2.37
C ILE H 355 -32.69 24.13 -3.22
N TYR H 356 -33.94 24.24 -2.75
CA TYR H 356 -34.95 24.95 -3.52
C TYR H 356 -35.00 26.43 -3.16
N ARG H 357 -34.97 26.75 -1.87
CA ARG H 357 -35.12 28.13 -1.46
C ARG H 357 -33.91 28.97 -1.82
N THR H 358 -32.74 28.34 -1.89
CA THR H 358 -31.52 29.00 -2.29
C THR H 358 -31.20 28.65 -3.74
N GLY H 359 -29.98 28.98 -4.15
CA GLY H 359 -29.59 28.80 -5.55
C GLY H 359 -28.79 27.54 -5.76
N LYS H 360 -27.48 27.68 -5.82
CA LYS H 360 -26.64 26.60 -6.35
C LYS H 360 -26.42 25.50 -5.33
N THR H 361 -25.71 24.46 -5.77
CA THR H 361 -25.63 23.16 -5.12
C THR H 361 -24.40 23.00 -4.24
N GLU H 362 -23.25 23.46 -4.71
CA GLU H 362 -21.96 23.20 -4.09
C GLU H 362 -21.86 23.85 -2.72
N PHE H 363 -21.01 23.27 -1.85
CA PHE H 363 -20.79 23.82 -0.51
C PHE H 363 -20.21 25.22 -0.57
N LYS H 364 -19.50 25.57 -1.63
CA LYS H 364 -19.00 26.93 -1.80
C LYS H 364 -20.05 27.82 -2.43
N ASP H 365 -21.28 27.76 -1.92
CA ASP H 365 -22.33 28.70 -2.25
C ASP H 365 -22.91 29.30 -0.99
N TYR H 366 -23.20 28.47 0.00
CA TYR H 366 -23.91 28.95 1.18
C TYR H 366 -23.21 28.51 2.45
N GLY H 367 -23.44 29.26 3.51
CA GLY H 367 -23.03 28.90 4.84
C GLY H 367 -23.75 29.81 5.81
N GLY H 368 -23.91 29.39 7.05
CA GLY H 368 -24.53 30.25 8.05
C GLY H 368 -26.01 30.48 7.82
N LEU H 369 -26.65 29.57 7.10
CA LEU H 369 -28.06 29.72 6.76
C LEU H 369 -28.90 28.89 7.73
N ALA H 370 -28.99 29.40 8.96
CA ALA H 370 -29.80 28.76 9.98
C ALA H 370 -30.57 29.79 10.78
N GLU H 371 -30.49 31.06 10.38
CA GLU H 371 -31.24 32.12 11.03
C GLU H 371 -32.36 32.66 10.16
N LYS H 372 -32.26 32.52 8.85
CA LYS H 372 -33.30 32.94 7.92
C LYS H 372 -34.39 31.89 7.78
N MET H 373 -34.21 30.71 8.36
CA MET H 373 -35.20 29.65 8.28
C MET H 373 -35.13 28.75 9.52
N PRO H 374 -35.68 29.20 10.65
CA PRO H 374 -35.54 28.41 11.88
C PRO H 374 -36.41 27.18 11.92
N ILE H 375 -37.47 27.12 11.12
CA ILE H 375 -38.29 25.91 11.04
C ILE H 375 -37.49 24.77 10.45
N THR H 376 -36.72 25.06 9.39
CA THR H 376 -35.80 24.10 8.81
C THR H 376 -34.76 23.64 9.82
N PHE H 377 -34.19 24.59 10.55
CA PHE H 377 -33.12 24.30 11.50
C PHE H 377 -33.60 23.41 12.63
N ALA H 378 -34.78 23.73 13.19
CA ALA H 378 -35.30 22.94 14.30
C ALA H 378 -35.74 21.56 13.84
N MET H 379 -36.39 21.47 12.67
CA MET H 379 -36.90 20.19 12.20
C MET H 379 -35.76 19.23 11.87
N ALA H 380 -34.65 19.74 11.34
CA ALA H 380 -33.52 18.85 11.12
C ALA H 380 -32.59 18.81 12.33
N PHE H 381 -32.85 19.62 13.36
CA PHE H 381 -32.21 19.38 14.65
C PHE H 381 -32.81 18.17 15.31
N VAL H 382 -34.08 17.87 15.04
CA VAL H 382 -34.63 16.57 15.39
C VAL H 382 -33.88 15.47 14.65
N ALA H 383 -33.56 15.70 13.37
CA ALA H 383 -32.96 14.66 12.55
C ALA H 383 -31.48 14.49 12.87
N ILE H 384 -30.82 15.59 13.25
CA ILE H 384 -29.45 15.49 13.76
C ILE H 384 -29.44 14.67 15.04
N LEU H 385 -30.46 14.86 15.88
CA LEU H 385 -30.61 14.03 17.06
C LEU H 385 -31.06 12.62 16.67
N SER H 386 -31.68 12.47 15.50
CA SER H 386 -32.15 11.14 15.11
C SER H 386 -31.06 10.31 14.46
N LEU H 387 -29.83 10.82 14.41
CA LEU H 387 -28.74 10.11 13.80
C LEU H 387 -27.61 9.96 14.82
N ALA H 388 -26.80 8.91 14.65
CA ALA H 388 -25.53 8.65 15.35
C ALA H 388 -25.66 8.37 16.84
N GLY H 389 -26.87 8.44 17.39
CA GLY H 389 -27.11 8.06 18.76
C GLY H 389 -27.35 9.23 19.69
N ILE H 390 -28.62 9.52 19.93
CA ILE H 390 -29.05 10.51 20.91
C ILE H 390 -30.23 9.91 21.64
N PRO H 391 -30.20 9.82 22.96
CA PRO H 391 -31.11 8.90 23.71
C PRO H 391 -32.60 9.25 23.63
N PRO H 392 -33.03 10.53 23.51
CA PRO H 392 -34.46 10.72 23.26
C PRO H 392 -34.92 10.27 21.87
N MET H 393 -34.02 10.09 20.92
CA MET H 393 -34.48 9.88 19.56
C MET H 393 -34.26 8.43 19.11
N ALA H 394 -34.86 8.11 17.95
CA ALA H 394 -34.89 6.77 17.40
C ALA H 394 -33.54 6.30 16.89
N GLY H 395 -32.61 7.23 16.65
CA GLY H 395 -31.28 6.85 16.22
C GLY H 395 -30.55 6.01 17.25
N PHE H 396 -30.56 6.45 18.50
CA PHE H 396 -29.89 5.70 19.56
C PHE H 396 -30.55 4.35 19.82
N ALA H 397 -31.87 4.27 19.76
CA ALA H 397 -32.58 3.00 19.91
C ALA H 397 -32.21 2.03 18.79
N SER H 398 -32.16 2.53 17.56
CA SER H 398 -31.86 1.68 16.42
C SER H 398 -30.43 1.18 16.44
N LYS H 399 -29.47 2.07 16.69
CA LYS H 399 -28.08 1.65 16.76
C LYS H 399 -27.84 0.72 17.94
N TRP H 400 -28.53 0.95 19.05
CA TRP H 400 -28.34 0.10 20.22
C TRP H 400 -28.89 -1.29 19.99
N LEU H 401 -30.00 -1.40 19.24
CA LEU H 401 -30.49 -2.73 18.89
C LEU H 401 -29.53 -3.46 17.96
N ILE H 402 -28.92 -2.74 17.02
CA ILE H 402 -27.98 -3.37 16.10
C ILE H 402 -26.75 -3.84 16.86
N PHE H 403 -26.31 -3.04 17.85
CA PHE H 403 -25.16 -3.44 18.66
C PHE H 403 -25.53 -4.54 19.64
N GLU H 404 -26.82 -4.67 19.95
CA GLU H 404 -27.24 -5.75 20.81
C GLU H 404 -27.25 -7.07 20.06
N ALA H 405 -27.57 -7.03 18.77
CA ALA H 405 -27.61 -8.27 17.99
C ALA H 405 -26.22 -8.78 17.66
N VAL H 406 -25.19 -7.94 17.76
CA VAL H 406 -23.84 -8.35 17.45
C VAL H 406 -23.23 -9.24 18.53
N ILE H 407 -23.44 -8.90 19.80
CA ILE H 407 -22.72 -9.56 20.89
C ILE H 407 -23.25 -10.97 21.13
N SER H 408 -24.56 -11.15 21.06
CA SER H 408 -25.12 -12.49 20.99
C SER H 408 -24.69 -13.15 19.68
N ARG H 409 -24.39 -14.44 19.76
CA ARG H 409 -23.67 -15.19 18.71
C ARG H 409 -22.38 -14.46 18.36
N ASN H 410 -21.47 -14.49 19.34
CA ASN H 410 -20.27 -13.66 19.49
C ASN H 410 -19.49 -13.43 18.21
N LEU H 411 -19.25 -12.16 17.91
CA LEU H 411 -18.51 -11.75 16.71
C LEU H 411 -17.67 -10.52 17.01
N PRO H 412 -16.39 -10.71 17.29
CA PRO H 412 -15.55 -9.56 17.66
C PRO H 412 -15.05 -8.76 16.45
N ILE H 413 -14.80 -9.44 15.34
CA ILE H 413 -14.22 -8.79 14.18
C ILE H 413 -15.28 -7.94 13.46
N LEU H 414 -16.54 -8.30 13.63
CA LEU H 414 -17.61 -7.59 12.93
C LEU H 414 -18.20 -6.50 13.81
N GLY H 415 -18.04 -6.61 15.13
CA GLY H 415 -18.49 -5.56 16.01
C GLY H 415 -17.65 -4.30 15.94
N ALA H 416 -16.41 -4.41 15.46
CA ALA H 416 -15.54 -3.25 15.40
C ALA H 416 -15.92 -2.32 14.27
N MET H 417 -16.25 -2.88 13.10
CA MET H 417 -16.55 -2.03 11.95
C MET H 417 -17.90 -1.35 12.06
N VAL H 418 -18.86 -1.98 12.73
CA VAL H 418 -20.16 -1.35 12.89
C VAL H 418 -20.09 -0.26 13.95
N PHE H 419 -19.21 -0.42 14.95
CA PHE H 419 -19.00 0.63 15.94
C PHE H 419 -18.24 1.80 15.35
N PHE H 420 -17.22 1.49 14.54
CA PHE H 420 -16.55 2.49 13.71
C PHE H 420 -17.53 3.17 12.77
N GLY H 421 -18.56 2.44 12.34
CA GLY H 421 -19.58 3.04 11.52
C GLY H 421 -20.44 4.02 12.27
N SER H 422 -20.67 3.79 13.56
CA SER H 422 -21.40 4.78 14.35
C SER H 422 -20.56 6.04 14.54
N ALA H 423 -19.24 5.87 14.70
CA ALA H 423 -18.35 7.01 14.79
C ALA H 423 -18.32 7.81 13.50
N ILE H 424 -18.19 7.13 12.36
CA ILE H 424 -18.10 7.84 11.10
C ILE H 424 -19.49 8.28 10.65
N GLY H 425 -20.54 7.68 11.22
CA GLY H 425 -21.86 8.25 11.05
C GLY H 425 -22.00 9.55 11.79
N PHE H 426 -21.35 9.65 12.95
CA PHE H 426 -21.33 10.91 13.70
C PHE H 426 -20.58 11.99 12.96
N VAL H 427 -19.50 11.61 12.26
CA VAL H 427 -18.53 12.57 11.76
C VAL H 427 -19.07 13.40 10.60
N TYR H 428 -19.71 12.76 9.62
CA TYR H 428 -20.11 13.48 8.42
C TYR H 428 -21.25 14.46 8.68
N LEU H 429 -22.09 14.15 9.66
CA LEU H 429 -23.20 15.04 10.01
C LEU H 429 -22.67 16.32 10.64
N ILE H 430 -21.56 16.22 11.36
CA ILE H 430 -20.85 17.40 11.84
C ILE H 430 -20.28 18.17 10.67
N ARG H 431 -19.87 17.46 9.62
CA ARG H 431 -19.39 18.12 8.41
C ARG H 431 -20.52 18.79 7.65
N PHE H 432 -21.72 18.21 7.72
CA PHE H 432 -22.86 18.81 7.04
C PHE H 432 -23.32 20.08 7.74
N THR H 433 -23.49 20.01 9.06
CA THR H 433 -24.14 21.10 9.77
C THR H 433 -23.20 22.28 9.99
N TYR H 434 -21.96 22.18 9.52
CA TYR H 434 -20.98 23.23 9.71
C TYR H 434 -20.95 24.25 8.59
N ALA H 435 -20.65 23.82 7.37
CA ALA H 435 -20.48 24.74 6.25
C ALA H 435 -21.77 24.90 5.46
N VAL H 436 -22.91 24.52 6.03
CA VAL H 436 -24.20 24.72 5.39
C VAL H 436 -25.01 25.60 6.32
N TRP H 437 -24.75 25.48 7.62
CA TRP H 437 -25.65 26.10 8.58
C TRP H 437 -25.02 27.09 9.53
N PHE H 438 -23.72 27.03 9.80
CA PHE H 438 -23.10 27.94 10.75
C PHE H 438 -22.04 28.76 10.04
N GLY H 439 -21.50 29.73 10.75
CA GLY H 439 -20.55 30.64 10.16
C GLY H 439 -21.23 31.88 9.61
N GLN H 440 -20.52 32.57 8.73
CA GLN H 440 -21.04 33.76 8.10
C GLN H 440 -21.85 33.40 6.87
N ARG H 441 -22.70 34.31 6.44
CA ARG H 441 -23.45 34.09 5.23
C ARG H 441 -22.87 34.93 4.09
N PRO H 442 -22.78 34.39 2.88
CA PRO H 442 -22.35 35.21 1.74
C PRO H 442 -23.46 36.18 1.36
N SER H 443 -23.09 37.19 0.59
CA SER H 443 -24.01 38.27 0.30
C SER H 443 -24.89 38.03 -0.92
N ASP H 444 -25.14 36.77 -1.26
CA ASP H 444 -26.17 36.41 -2.22
C ASP H 444 -27.35 35.69 -1.57
N LEU H 445 -27.30 35.46 -0.26
CA LEU H 445 -28.39 34.82 0.46
C LEU H 445 -29.23 35.81 1.24
N GLU H 446 -29.05 37.11 1.01
CA GLU H 446 -29.96 38.08 1.58
C GLU H 446 -31.30 38.09 0.87
N ASP H 447 -31.35 37.54 -0.34
CA ASP H 447 -32.60 37.38 -1.08
C ASP H 447 -33.05 35.93 -0.92
N VAL H 448 -33.57 35.61 0.27
CA VAL H 448 -34.09 34.29 0.55
C VAL H 448 -35.24 34.47 1.54
N LYS H 449 -36.11 33.47 1.61
CA LYS H 449 -37.26 33.49 2.49
C LYS H 449 -37.20 32.28 3.43
N ASP H 450 -38.29 32.06 4.16
CA ASP H 450 -38.38 30.96 5.11
C ASP H 450 -38.70 29.65 4.38
N ALA H 451 -39.07 28.64 5.14
CA ALA H 451 -39.55 27.40 4.54
C ALA H 451 -41.01 27.54 4.15
N PRO H 452 -41.41 27.01 2.99
CA PRO H 452 -42.83 26.99 2.64
C PRO H 452 -43.56 25.96 3.49
N LEU H 453 -44.88 26.16 3.57
CA LEU H 453 -45.73 25.24 4.33
C LEU H 453 -45.79 23.79 3.84
N PRO H 454 -45.88 23.44 2.53
CA PRO H 454 -46.14 22.02 2.21
C PRO H 454 -44.95 21.10 2.45
N LEU H 455 -43.73 21.62 2.37
CA LEU H 455 -42.60 20.85 2.86
C LEU H 455 -42.60 20.80 4.39
N ALA H 456 -43.09 21.85 5.04
CA ALA H 456 -43.07 21.92 6.50
C ALA H 456 -44.07 20.97 7.13
N ILE H 457 -45.15 20.64 6.42
CA ILE H 457 -46.07 19.61 6.93
C ILE H 457 -45.40 18.26 6.93
N GLY H 458 -44.60 17.96 5.90
CA GLY H 458 -43.86 16.71 5.87
C GLY H 458 -42.78 16.66 6.94
N MET H 459 -42.13 17.80 7.19
CA MET H 459 -41.13 17.89 8.24
C MET H 459 -41.77 17.67 9.62
N GLY H 460 -42.91 18.29 9.86
CA GLY H 460 -43.58 18.13 11.14
C GLY H 460 -44.12 16.73 11.35
N ILE H 461 -44.60 16.10 10.26
CA ILE H 461 -45.14 14.74 10.35
C ILE H 461 -44.03 13.76 10.69
N LEU H 462 -42.89 13.88 10.00
CA LEU H 462 -41.78 12.98 10.30
C LEU H 462 -41.15 13.28 11.65
N ALA H 463 -41.24 14.52 12.13
CA ALA H 463 -40.66 14.84 13.43
C ALA H 463 -41.51 14.29 14.58
N ILE H 464 -42.84 14.42 14.49
CA ILE H 464 -43.69 13.90 15.56
C ILE H 464 -43.67 12.37 15.54
N LEU H 465 -43.51 11.79 14.35
CA LEU H 465 -43.38 10.34 14.26
C LEU H 465 -42.03 9.88 14.80
N ASN H 466 -41.00 10.71 14.65
CA ASN H 466 -39.70 10.39 15.20
C ASN H 466 -39.70 10.48 16.72
N VAL H 467 -40.40 11.46 17.29
CA VAL H 467 -40.35 11.64 18.73
C VAL H 467 -41.24 10.63 19.44
N ILE H 468 -42.25 10.10 18.72
CA ILE H 468 -43.02 9.02 19.32
C ILE H 468 -42.33 7.68 19.05
N PHE H 469 -41.38 7.66 18.12
CA PHE H 469 -40.58 6.47 17.87
C PHE H 469 -39.41 6.33 18.82
N GLY H 470 -38.81 7.44 19.24
CA GLY H 470 -37.56 7.39 19.96
C GLY H 470 -37.71 7.27 21.47
N VAL H 471 -38.60 8.07 22.06
CA VAL H 471 -38.71 8.09 23.51
C VAL H 471 -39.44 6.87 24.06
N ALA H 472 -40.04 6.06 23.20
CA ALA H 472 -40.78 4.91 23.69
C ALA H 472 -40.85 3.79 22.66
N PRO H 473 -39.80 2.98 22.49
CA PRO H 473 -40.00 1.68 21.81
C PRO H 473 -40.11 0.51 22.78
N GLY H 474 -41.30 -0.04 22.97
CA GLY H 474 -42.54 0.66 22.69
C GLY H 474 -43.51 0.03 21.74
N LEU H 475 -44.22 0.90 21.01
CA LEU H 475 -45.37 0.47 20.24
C LEU H 475 -44.96 -0.36 19.04
N VAL H 476 -43.92 0.08 18.32
CA VAL H 476 -43.51 -0.67 17.14
C VAL H 476 -42.70 -1.90 17.54
N ALA H 477 -42.03 -1.85 18.70
CA ALA H 477 -41.29 -3.01 19.17
C ALA H 477 -42.23 -4.12 19.61
N ARG H 478 -43.29 -3.75 20.35
CA ARG H 478 -44.32 -4.69 20.73
C ARG H 478 -45.11 -5.18 19.52
N GLU H 479 -45.18 -4.36 18.47
CA GLU H 479 -45.87 -4.80 17.25
C GLU H 479 -45.07 -5.87 16.51
N LEU H 480 -43.77 -5.62 16.30
CA LEU H 480 -42.98 -6.60 15.56
C LEU H 480 -42.55 -7.78 16.43
N ASN H 481 -42.71 -7.66 17.75
CA ASN H 481 -42.38 -8.76 18.65
C ASN H 481 -43.39 -9.89 18.52
N LYS H 482 -44.64 -9.60 18.83
CA LYS H 482 -45.69 -10.61 18.80
C LYS H 482 -46.08 -10.91 17.36
N LEU H 483 -46.75 -12.07 17.20
CA LEU H 483 -47.25 -12.62 15.94
C LEU H 483 -46.16 -12.90 14.91
N PHE H 484 -44.88 -12.87 15.31
CA PHE H 484 -43.78 -13.09 14.39
C PHE H 484 -42.56 -13.49 15.21
N SER H 485 -42.16 -14.76 15.12
CA SER H 485 -40.93 -15.28 15.73
C SER H 485 -40.92 -15.07 17.24
N ASN H 486 -41.75 -15.90 17.92
CA ASN H 486 -42.28 -15.84 19.28
C ASN H 486 -41.29 -15.30 20.31
N PRO H 487 -41.75 -14.51 21.30
CA PRO H 487 -41.09 -13.23 21.65
C PRO H 487 -39.64 -13.38 22.08
N PRO H 488 -38.72 -12.66 21.42
CA PRO H 488 -37.38 -12.48 21.98
C PRO H 488 -37.34 -11.37 23.02
N ILE H 489 -38.20 -10.37 22.89
CA ILE H 489 -38.21 -9.21 23.77
C ILE H 489 -39.55 -9.14 24.48
N GLY H 490 -39.52 -8.95 25.80
CA GLY H 490 -40.73 -8.82 26.58
C GLY H 490 -41.15 -7.38 26.79
N GLY H 491 -41.26 -6.64 25.70
CA GLY H 491 -41.39 -5.19 25.77
C GLY H 491 -42.72 -4.72 26.30
N THR H 492 -42.71 -3.45 26.70
CA THR H 492 -43.91 -2.74 27.17
C THR H 492 -44.03 -1.42 26.44
N ILE H 493 -44.90 -0.54 26.94
CA ILE H 493 -45.19 0.72 26.25
C ILE H 493 -43.98 1.65 26.28
N TRP H 494 -43.14 1.56 27.31
CA TRP H 494 -42.02 2.48 27.44
C TRP H 494 -40.66 1.81 27.45
N GLU H 495 -40.50 0.70 28.19
CA GLU H 495 -39.23 -0.01 28.21
C GLU H 495 -39.11 -0.89 26.97
N LEU H 496 -38.05 -1.70 26.92
CA LEU H 496 -37.84 -2.58 25.79
C LEU H 496 -37.68 -4.02 26.24
N ASP H 497 -37.05 -4.22 27.40
CA ASP H 497 -36.96 -5.50 28.11
C ASP H 497 -36.30 -6.59 27.26
N LEU H 498 -35.02 -6.37 26.96
CA LEU H 498 -34.22 -7.39 26.30
C LEU H 498 -33.88 -8.51 27.28
N GLY H 499 -33.26 -9.57 26.76
CA GLY H 499 -32.88 -10.69 27.60
C GLY H 499 -31.82 -10.34 28.63
N PHE H 500 -30.94 -9.40 28.30
CA PHE H 500 -29.90 -8.99 29.24
C PHE H 500 -29.67 -7.48 29.22
N GLY H 501 -30.47 -6.73 28.47
CA GLY H 501 -30.45 -5.29 28.53
C GLY H 501 -31.85 -4.77 28.78
N ARG H 502 -31.94 -3.48 29.07
CA ARG H 502 -33.26 -2.91 29.31
C ARG H 502 -33.62 -1.81 28.34
N TYR H 503 -32.80 -0.75 28.27
CA TYR H 503 -33.07 0.45 27.46
C TYR H 503 -34.44 1.06 27.77
N ASN H 504 -34.58 1.64 28.95
CA ASN H 504 -35.79 2.41 29.23
C ASN H 504 -35.81 3.66 28.36
N GLY H 505 -37.01 4.19 28.14
CA GLY H 505 -37.14 5.41 27.36
C GLY H 505 -37.86 6.49 28.12
N LEU H 506 -38.62 6.10 29.15
CA LEU H 506 -39.26 7.07 30.01
C LEU H 506 -38.22 7.74 30.91
N LEU H 507 -37.50 6.95 31.70
CA LEU H 507 -36.53 7.48 32.65
C LEU H 507 -35.13 7.56 32.05
N LEU H 508 -35.06 7.75 30.74
CA LEU H 508 -33.85 8.16 30.05
C LEU H 508 -34.02 9.51 29.36
N SER H 509 -35.21 9.82 28.88
CA SER H 509 -35.52 11.14 28.34
C SER H 509 -35.85 12.16 29.42
N ILE H 510 -36.50 11.74 30.51
CA ILE H 510 -36.83 12.71 31.53
C ILE H 510 -35.61 13.06 32.36
N TRP H 511 -34.60 12.19 32.41
CA TRP H 511 -33.36 12.61 33.04
C TRP H 511 -32.57 13.53 32.14
N LEU H 512 -32.82 13.48 30.83
CA LEU H 512 -32.27 14.50 29.95
C LEU H 512 -32.92 15.85 30.20
N VAL H 513 -34.26 15.88 30.24
CA VAL H 513 -34.96 17.16 30.33
C VAL H 513 -34.85 17.71 31.76
N ILE H 514 -34.59 16.85 32.74
CA ILE H 514 -34.23 17.35 34.06
C ILE H 514 -32.80 17.86 34.05
N GLY H 515 -31.90 17.13 33.38
CA GLY H 515 -30.52 17.54 33.30
C GLY H 515 -30.33 18.79 32.45
N LEU H 516 -31.24 19.03 31.52
CA LEU H 516 -31.22 20.29 30.79
C LEU H 516 -31.80 21.43 31.63
N ILE H 517 -32.68 21.12 32.57
CA ILE H 517 -33.20 22.14 33.48
C ILE H 517 -32.10 22.57 34.46
N ILE H 518 -31.40 21.60 35.05
CA ILE H 518 -30.30 21.90 35.95
C ILE H 518 -29.14 22.57 35.22
N ALA H 519 -28.94 22.24 33.95
CA ALA H 519 -28.01 23.00 33.13
C ALA H 519 -28.53 24.40 32.81
N ALA H 520 -29.84 24.57 32.67
CA ALA H 520 -30.36 25.92 32.44
C ALA H 520 -30.37 26.74 33.71
N ILE H 521 -30.43 26.09 34.87
CA ILE H 521 -30.33 26.80 36.14
C ILE H 521 -28.95 27.45 36.27
N LEU H 522 -27.91 26.73 35.87
CA LEU H 522 -26.56 27.26 35.90
C LEU H 522 -26.24 28.18 34.73
N TYR H 523 -27.20 28.45 33.84
CA TYR H 523 -26.92 29.43 32.79
C TYR H 523 -27.90 30.60 32.82
N PHE H 524 -29.19 30.33 32.94
CA PHE H 524 -30.22 31.36 32.86
C PHE H 524 -30.21 32.14 34.18
N MET H 525 -29.23 33.04 34.29
CA MET H 525 -29.02 33.82 35.50
C MET H 525 -28.82 35.30 35.23
N GLY H 526 -28.98 35.74 33.98
CA GLY H 526 -28.86 37.13 33.64
C GLY H 526 -27.44 37.66 33.59
N ALA H 527 -27.20 38.77 34.29
CA ALA H 527 -25.89 39.43 34.43
C ALA H 527 -25.27 39.83 33.09
N GLY H 528 -26.11 40.16 32.10
CA GLY H 528 -25.63 40.71 30.85
C GLY H 528 -25.39 39.64 29.81
N VAL H 529 -26.30 39.52 28.84
CA VAL H 529 -26.20 38.45 27.84
C VAL H 529 -26.18 39.12 26.47
N ARG H 530 -25.48 40.26 26.38
CA ARG H 530 -25.52 41.14 25.21
C ARG H 530 -25.04 40.46 23.94
N LYS H 531 -25.88 40.52 22.90
CA LYS H 531 -25.58 39.92 21.60
C LYS H 531 -24.54 40.74 20.86
N VAL H 532 -23.77 40.05 20.02
CA VAL H 532 -22.67 40.68 19.29
C VAL H 532 -22.78 40.25 17.84
N PRO H 533 -22.27 41.01 16.88
CA PRO H 533 -22.23 40.51 15.49
C PRO H 533 -21.18 39.42 15.27
N VAL H 534 -21.23 38.80 14.11
CA VAL H 534 -20.35 37.69 13.75
C VAL H 534 -19.09 38.18 13.03
N THR H 535 -19.20 39.28 12.26
CA THR H 535 -18.08 39.76 11.45
C THR H 535 -16.94 40.28 12.31
N ASP H 536 -17.23 40.70 13.54
CA ASP H 536 -16.22 41.07 14.51
C ASP H 536 -15.98 39.88 15.43
N THR H 537 -14.86 39.20 15.24
CA THR H 537 -14.59 37.94 15.92
C THR H 537 -13.11 37.91 16.31
N TYR H 538 -12.62 36.72 16.67
CA TYR H 538 -11.26 36.56 17.17
C TYR H 538 -10.18 36.88 16.14
N GLN H 539 -10.03 36.00 15.14
CA GLN H 539 -9.02 36.08 14.08
C GLN H 539 -7.61 36.36 14.61
N SER H 540 -7.24 35.70 15.70
CA SER H 540 -5.98 35.91 16.43
C SER H 540 -5.79 37.35 16.86
N GLY H 541 -6.88 37.97 17.33
CA GLY H 541 -6.86 39.33 17.81
C GLY H 541 -6.51 40.31 16.72
N ASN H 542 -7.38 40.46 15.73
CA ASN H 542 -7.07 41.21 14.53
C ASN H 542 -8.36 41.74 13.96
N PRO H 543 -8.30 42.76 13.08
CA PRO H 543 -9.52 43.15 12.40
C PRO H 543 -9.87 42.20 11.27
N VAL H 544 -11.16 41.92 11.12
CA VAL H 544 -11.67 41.05 10.07
C VAL H 544 -12.94 41.65 9.49
N THR H 545 -12.95 41.81 8.17
CA THR H 545 -14.06 42.44 7.47
C THR H 545 -15.05 41.41 6.95
N MET H 546 -15.99 41.89 6.15
CA MET H 546 -17.01 40.98 5.60
C MET H 546 -16.45 40.18 4.43
N GLU H 547 -15.44 40.71 3.74
CA GLU H 547 -14.94 40.03 2.55
C GLU H 547 -13.75 39.13 2.90
N TYR H 548 -13.89 38.38 3.98
CA TYR H 548 -12.88 37.41 4.38
C TYR H 548 -13.59 36.07 4.53
N ASN H 549 -13.22 35.11 3.70
CA ASN H 549 -13.78 33.77 3.83
C ASN H 549 -13.20 33.13 5.07
N LEU H 550 -13.88 33.24 6.21
CA LEU H 550 -13.28 32.75 7.45
C LEU H 550 -13.80 31.37 7.83
N THR H 551 -15.05 31.07 7.50
CA THR H 551 -15.56 29.73 7.68
C THR H 551 -15.03 28.81 6.58
N ILE H 552 -14.49 27.68 6.98
CA ILE H 552 -13.75 26.81 6.07
C ILE H 552 -14.80 25.99 5.32
N ARG H 553 -14.57 25.81 4.02
CA ARG H 553 -15.55 25.17 3.16
C ARG H 553 -14.89 24.35 2.07
N ARG H 554 -13.65 23.95 2.31
CA ARG H 554 -12.91 23.29 1.25
C ARG H 554 -12.32 22.00 1.79
N ASN H 555 -13.07 20.92 1.54
CA ASN H 555 -12.79 19.50 1.75
C ASN H 555 -12.82 19.05 3.20
N PHE H 556 -12.60 19.96 4.16
CA PHE H 556 -12.77 19.77 5.60
C PHE H 556 -12.03 18.58 6.24
N PHE H 557 -11.42 17.69 5.46
CA PHE H 557 -10.90 16.45 5.98
C PHE H 557 -9.61 16.03 5.30
N LEU H 558 -8.76 16.99 5.00
CA LEU H 558 -7.52 16.70 4.27
C LEU H 558 -6.55 15.78 5.02
N PRO H 559 -6.41 15.80 6.35
CA PRO H 559 -5.64 14.70 6.97
C PRO H 559 -6.35 13.36 6.93
N LEU H 560 -7.69 13.36 6.92
CA LEU H 560 -8.43 12.11 6.81
C LEU H 560 -8.26 11.52 5.41
N LYS H 561 -8.20 12.36 4.39
CA LYS H 561 -7.93 11.86 3.04
C LYS H 561 -6.48 11.43 2.90
N GLU H 562 -5.56 12.18 3.50
CA GLU H 562 -4.14 11.85 3.37
C GLU H 562 -3.70 10.76 4.34
N ALA H 563 -4.54 10.35 5.29
CA ALA H 563 -4.21 9.18 6.09
C ALA H 563 -4.35 7.91 5.27
N MET H 564 -5.56 7.66 4.76
CA MET H 564 -5.80 6.53 3.87
C MET H 564 -5.71 6.93 2.41
N ALA H 565 -4.61 7.58 2.03
CA ALA H 565 -4.41 7.93 0.63
C ALA H 565 -4.07 6.71 -0.23
N PHE H 566 -3.70 5.59 0.39
CA PHE H 566 -3.54 4.34 -0.33
C PHE H 566 -4.85 3.63 -0.58
N TRP H 567 -5.78 3.68 0.38
CA TRP H 567 -7.06 2.99 0.24
C TRP H 567 -7.96 3.62 -0.80
N LEU H 568 -7.82 4.90 -1.06
CA LEU H 568 -8.68 5.58 -2.01
C LEU H 568 -8.14 5.60 -3.43
N LYS H 569 -6.94 5.09 -3.64
CA LYS H 569 -6.43 4.93 -4.99
C LYS H 569 -7.07 3.76 -5.72
N MET H 570 -7.73 2.86 -5.00
CA MET H 570 -8.38 1.70 -5.59
C MET H 570 -9.88 1.87 -5.46
N SER H 571 -10.47 2.59 -6.41
CA SER H 571 -11.89 2.80 -6.41
C SER H 571 -12.58 1.71 -7.22
N PHE H 572 -13.91 1.71 -7.17
CA PHE H 572 -14.68 0.74 -7.95
C PHE H 572 -15.44 1.43 -9.07
N ASP H 573 -15.52 2.75 -9.00
CA ASP H 573 -16.07 3.58 -10.07
C ASP H 573 -15.22 3.43 -11.32
N ARG H 574 -13.91 3.27 -11.14
CA ARG H 574 -13.00 3.12 -12.27
C ARG H 574 -13.12 1.73 -12.88
N LEU H 575 -13.32 0.71 -12.06
CA LEU H 575 -13.33 -0.67 -12.55
C LEU H 575 -14.58 -0.95 -13.36
N TYR H 576 -15.73 -0.43 -12.93
CA TYR H 576 -16.96 -0.72 -13.66
C TYR H 576 -17.01 0.06 -14.97
N HIS H 577 -16.43 1.25 -15.00
CA HIS H 577 -16.31 1.97 -16.25
C HIS H 577 -15.34 1.27 -17.18
N ASP H 578 -14.30 0.63 -16.62
CA ASP H 578 -13.40 -0.18 -17.44
C ASP H 578 -14.12 -1.37 -18.04
N ILE H 579 -14.92 -2.07 -17.23
CA ILE H 579 -15.56 -3.29 -17.73
C ILE H 579 -16.69 -2.95 -18.69
N TRP H 580 -17.31 -1.78 -18.54
CA TRP H 580 -18.34 -1.41 -19.50
C TRP H 580 -17.73 -0.89 -20.78
N LYS H 581 -16.59 -0.20 -20.71
CA LYS H 581 -15.94 0.24 -21.93
C LYS H 581 -15.35 -0.95 -22.68
N ALA H 582 -14.99 -2.02 -21.97
CA ALA H 582 -14.56 -3.24 -22.62
C ALA H 582 -15.71 -3.93 -23.34
N ILE H 583 -16.89 -3.96 -22.72
CA ILE H 583 -18.06 -4.53 -23.38
C ILE H 583 -18.48 -3.66 -24.56
N GLU H 584 -18.36 -2.34 -24.42
CA GLU H 584 -18.78 -1.43 -25.48
C GLU H 584 -17.81 -1.46 -26.65
N GLU H 585 -16.53 -1.73 -26.41
CA GLU H 585 -15.61 -1.84 -27.53
C GLU H 585 -15.64 -3.25 -28.12
N LEU H 586 -16.08 -4.23 -27.32
CA LEU H 586 -16.41 -5.52 -27.90
C LEU H 586 -17.67 -5.42 -28.75
N ALA H 587 -18.55 -4.49 -28.42
CA ALA H 587 -19.72 -4.24 -29.25
C ALA H 587 -19.33 -3.64 -30.59
N ASP H 588 -18.27 -2.84 -30.60
CA ASP H 588 -17.74 -2.35 -31.86
C ASP H 588 -16.92 -3.43 -32.55
N LEU H 589 -16.48 -4.44 -31.78
CA LEU H 589 -15.69 -5.53 -32.36
C LEU H 589 -16.58 -6.51 -33.12
N ALA H 590 -17.66 -6.94 -32.48
CA ALA H 590 -18.53 -7.95 -33.09
C ALA H 590 -19.31 -7.37 -34.26
N ARG H 591 -19.47 -6.05 -34.29
CA ARG H 591 -20.12 -5.33 -35.38
C ARG H 591 -19.33 -5.47 -36.68
N SER H 592 -18.00 -5.38 -36.60
CA SER H 592 -17.20 -5.35 -37.82
C SER H 592 -16.74 -6.74 -38.23
N TYR H 593 -16.70 -7.68 -37.29
CA TYR H 593 -16.19 -9.01 -37.62
C TYR H 593 -17.26 -9.87 -38.27
N VAL H 594 -18.36 -10.10 -37.58
CA VAL H 594 -19.41 -10.96 -38.08
C VAL H 594 -20.16 -10.31 -39.24
N TYR H 595 -20.38 -9.01 -39.18
CA TYR H 595 -21.26 -8.32 -40.10
C TYR H 595 -20.39 -7.56 -41.09
N ASN H 596 -19.97 -8.26 -42.15
CA ASN H 596 -19.08 -7.72 -43.16
C ASN H 596 -19.86 -7.31 -44.39
N GLY H 597 -19.15 -6.65 -45.32
CA GLY H 597 -19.69 -6.48 -46.65
C GLY H 597 -19.37 -7.63 -47.56
N ASN H 598 -18.49 -8.53 -47.14
CA ASN H 598 -18.10 -9.68 -47.94
C ASN H 598 -19.26 -10.67 -48.00
N ILE H 599 -19.80 -10.85 -49.20
CA ILE H 599 -20.88 -11.82 -49.41
C ILE H 599 -20.37 -13.23 -49.15
N GLN H 600 -19.15 -13.51 -49.59
CA GLN H 600 -18.56 -14.82 -49.39
C GLN H 600 -18.28 -15.12 -47.92
N ALA H 601 -18.20 -14.10 -47.07
CA ALA H 601 -18.10 -14.35 -45.63
C ALA H 601 -19.39 -14.98 -45.10
N TYR H 602 -20.54 -14.50 -45.57
CA TYR H 602 -21.79 -15.12 -45.14
C TYR H 602 -22.01 -16.47 -45.79
N ALA H 603 -21.49 -16.66 -47.00
CA ALA H 603 -21.47 -17.99 -47.59
C ALA H 603 -20.63 -18.95 -46.77
N TRP H 604 -19.50 -18.46 -46.25
CA TRP H 604 -18.66 -19.31 -45.40
C TRP H 604 -19.32 -19.60 -44.07
N TYR H 605 -20.11 -18.64 -43.55
CA TYR H 605 -20.86 -18.88 -42.33
C TYR H 605 -21.91 -19.96 -42.53
N LEU H 606 -22.57 -19.93 -43.69
CA LEU H 606 -23.56 -20.95 -44.03
C LEU H 606 -22.90 -22.31 -44.21
N ALA H 607 -21.71 -22.32 -44.81
CA ALA H 607 -21.00 -23.59 -44.99
C ALA H 607 -20.47 -24.13 -43.66
N ILE H 608 -20.14 -23.24 -42.72
CA ILE H 608 -19.70 -23.69 -41.40
C ILE H 608 -20.85 -24.31 -40.62
N ILE H 609 -22.03 -23.68 -40.64
CA ILE H 609 -23.13 -24.25 -39.86
C ILE H 609 -23.69 -25.50 -40.54
N LEU H 610 -23.58 -25.57 -41.86
CA LEU H 610 -23.87 -26.82 -42.55
C LEU H 610 -22.88 -27.91 -42.17
N LEU H 611 -21.61 -27.53 -41.97
CA LEU H 611 -20.62 -28.49 -41.51
C LEU H 611 -20.92 -28.99 -40.10
N ILE H 612 -21.50 -28.12 -39.26
CA ILE H 612 -21.93 -28.56 -37.92
C ILE H 612 -23.10 -29.53 -38.03
N LEU H 613 -23.97 -29.32 -39.02
CA LEU H 613 -25.06 -30.26 -39.23
C LEU H 613 -24.55 -31.59 -39.78
N VAL H 614 -23.42 -31.57 -40.48
CA VAL H 614 -22.73 -32.82 -40.82
C VAL H 614 -22.25 -33.51 -39.55
N ALA H 615 -21.68 -32.73 -38.62
CA ALA H 615 -21.11 -33.32 -37.42
C ALA H 615 -22.16 -33.87 -36.46
N MET H 616 -23.44 -33.52 -36.64
CA MET H 616 -24.58 -34.01 -35.86
C MET H 616 -24.45 -33.78 -34.36
N PHE I 7 -23.82 37.95 48.26
CA PHE I 7 -23.99 38.13 46.83
C PHE I 7 -22.69 38.63 46.21
N GLU I 8 -22.27 39.80 46.64
CA GLU I 8 -21.12 40.50 46.08
C GLU I 8 -19.75 40.01 46.58
N PRO I 9 -19.50 39.77 47.88
CA PRO I 9 -18.16 39.28 48.25
C PRO I 9 -17.95 37.80 47.97
N LEU I 10 -18.99 37.06 47.62
CA LEU I 10 -18.80 35.69 47.15
C LEU I 10 -18.11 35.64 45.81
N PHE I 11 -18.26 36.67 44.98
CA PHE I 11 -17.56 36.81 43.72
C PHE I 11 -16.31 37.66 43.82
N ASN I 12 -16.22 38.54 44.82
CA ASN I 12 -15.11 39.49 44.88
C ASN I 12 -13.82 38.81 45.28
N TRP I 13 -13.87 37.90 46.25
CA TRP I 13 -12.71 37.09 46.57
C TRP I 13 -12.37 36.11 45.46
N ALA I 14 -13.36 35.70 44.67
CA ALA I 14 -13.12 34.73 43.61
C ALA I 14 -12.33 35.34 42.47
N ARG I 15 -12.38 36.66 42.31
CA ARG I 15 -11.68 37.28 41.19
C ARG I 15 -10.18 37.31 41.43
N LYS I 16 -9.77 37.52 42.68
CA LYS I 16 -8.38 37.85 42.98
C LYS I 16 -7.57 36.58 43.25
N LYS I 17 -8.08 35.46 42.76
CA LYS I 17 -7.40 34.21 43.01
C LYS I 17 -7.14 33.46 41.72
N SER I 18 -7.87 33.81 40.66
CA SER I 18 -7.73 33.13 39.38
C SER I 18 -7.70 34.13 38.24
N LEU I 19 -6.85 35.14 38.36
CA LEU I 19 -6.63 36.07 37.26
C LEU I 19 -5.98 35.38 36.07
N TRP I 20 -6.73 35.19 35.00
CA TRP I 20 -6.20 34.57 33.80
C TRP I 20 -5.58 35.64 32.93
N ILE I 21 -4.29 35.49 32.67
CA ILE I 21 -3.53 36.46 31.87
C ILE I 21 -3.53 35.99 30.43
N VAL I 22 -3.65 36.92 29.49
CA VAL I 22 -3.52 36.59 28.09
C VAL I 22 -2.10 36.89 27.65
N ALA I 23 -1.49 35.96 26.92
CA ALA I 23 -0.06 36.02 26.61
C ALA I 23 0.13 36.75 25.29
N PHE I 24 0.08 38.08 25.37
CA PHE I 24 0.34 38.88 24.17
C PHE I 24 1.81 38.89 23.82
N CYS I 25 2.66 38.87 24.86
CA CYS I 25 4.14 38.94 24.69
C CYS I 25 4.41 40.08 23.71
N THR I 26 4.37 41.31 24.20
CA THR I 26 4.51 42.47 23.31
C THR I 26 5.99 42.79 23.11
N GLY I 27 6.61 42.04 22.20
CA GLY I 27 7.93 42.32 21.68
C GLY I 27 9.07 42.27 22.67
N CYS I 28 9.74 43.40 22.84
CA CYS I 28 10.75 43.54 23.88
C CYS I 28 10.04 43.50 25.22
N GLY I 29 10.25 42.41 25.94
CA GLY I 29 9.59 42.25 27.22
C GLY I 29 9.03 40.86 27.39
N GLY I 30 9.03 40.08 26.31
CA GLY I 30 8.67 38.68 26.34
C GLY I 30 9.84 37.79 26.70
N ILE I 31 10.79 38.36 27.45
CA ILE I 31 11.88 37.64 28.07
C ILE I 31 11.75 37.67 29.58
N GLU I 32 10.87 38.51 30.13
CA GLU I 32 10.49 38.44 31.53
C GLU I 32 8.99 38.30 31.70
N MET I 33 8.26 38.03 30.63
CA MET I 33 6.90 37.50 30.73
C MET I 33 6.89 35.98 30.89
N PRO I 34 7.66 35.16 30.15
CA PRO I 34 7.65 33.71 30.43
C PRO I 34 8.25 33.35 31.80
N PRO I 35 9.52 33.76 32.18
CA PRO I 35 10.08 33.21 33.42
C PRO I 35 9.45 33.78 34.68
N LEU I 36 8.59 34.77 34.51
CA LEU I 36 7.64 35.14 35.53
C LEU I 36 6.63 34.03 35.79
N MET I 37 6.27 33.27 34.77
CA MET I 37 5.22 32.25 34.88
C MET I 37 5.76 30.85 34.67
N THR I 38 6.92 30.54 35.24
CA THR I 38 7.55 29.23 35.10
C THR I 38 8.07 28.79 36.46
N ALA I 39 8.97 27.81 36.41
CA ALA I 39 9.27 26.97 37.58
C ALA I 39 9.91 27.75 38.72
N ARG I 40 10.61 28.84 38.41
CA ARG I 40 11.18 29.75 39.39
C ARG I 40 10.11 30.67 39.96
N TYR I 41 10.48 31.92 40.31
CA TYR I 41 9.54 32.93 40.79
C TYR I 41 8.31 32.92 39.89
N ASP I 42 7.19 32.49 40.43
CA ASP I 42 6.09 31.97 39.65
C ASP I 42 4.83 32.79 39.85
N LEU I 43 3.80 32.39 39.14
CA LEU I 43 2.51 33.01 39.26
C LEU I 43 1.36 32.03 39.38
N GLU I 44 1.58 30.74 39.11
CA GLU I 44 0.49 29.80 39.25
C GLU I 44 0.16 29.54 40.71
N ARG I 45 1.09 29.86 41.62
CA ARG I 45 0.77 29.84 43.04
C ARG I 45 -0.27 30.90 43.38
N PHE I 46 -0.23 32.03 42.68
CA PHE I 46 -1.32 33.00 42.78
C PHE I 46 -2.51 32.61 41.93
N GLY I 47 -2.42 31.53 41.16
CA GLY I 47 -3.49 31.14 40.28
C GLY I 47 -3.47 31.80 38.93
N ILE I 48 -2.39 32.49 38.57
CA ILE I 48 -2.34 33.22 37.32
C ILE I 48 -2.02 32.24 36.19
N MET I 49 -3.05 31.64 35.62
CA MET I 49 -2.86 30.64 34.57
C MET I 49 -3.02 31.29 33.21
N PRO I 50 -2.01 31.28 32.37
CA PRO I 50 -2.13 31.92 31.06
C PRO I 50 -2.86 31.05 30.04
N ASP I 51 -3.66 31.73 29.20
CA ASP I 51 -4.31 31.07 28.10
C ASP I 51 -4.51 32.11 27.00
N PRO I 52 -4.28 31.76 25.75
CA PRO I 52 -4.37 32.75 24.67
C PRO I 52 -5.78 32.89 24.09
N SER I 53 -6.63 33.59 24.82
CA SER I 53 -7.97 33.81 24.37
C SER I 53 -8.38 35.23 24.75
N PRO I 54 -9.06 35.96 23.88
CA PRO I 54 -9.48 37.32 24.21
C PRO I 54 -10.79 37.40 24.99
N ARG I 55 -11.36 36.27 25.34
CA ARG I 55 -12.56 36.23 26.17
C ARG I 55 -12.29 35.63 27.54
N GLN I 56 -11.40 34.65 27.60
CA GLN I 56 -11.11 33.96 28.85
C GLN I 56 -9.89 34.56 29.52
N TYR I 57 -9.93 35.87 29.72
CA TYR I 57 -8.87 36.55 30.45
C TYR I 57 -9.45 37.74 31.18
N ASP I 58 -8.77 38.14 32.26
CA ASP I 58 -9.07 39.43 32.85
C ASP I 58 -7.82 40.10 33.41
N LEU I 59 -6.66 39.89 32.80
CA LEU I 59 -5.45 40.57 33.25
C LEU I 59 -4.53 40.70 32.04
N PHE I 60 -4.54 41.86 31.42
CA PHE I 60 -3.77 42.09 30.21
C PHE I 60 -2.47 42.77 30.60
N LEU I 61 -1.35 42.26 30.09
CA LEU I 61 -0.04 42.82 30.41
C LEU I 61 0.52 43.50 29.18
N ILE I 62 0.47 44.83 29.15
CA ILE I 62 1.00 45.59 28.02
C ILE I 62 2.51 45.69 28.26
N THR I 63 3.22 44.68 27.77
CA THR I 63 4.61 44.50 28.13
C THR I 63 5.46 45.42 27.28
N GLY I 64 5.63 46.64 27.75
CA GLY I 64 6.52 47.57 27.12
C GLY I 64 5.83 48.45 26.10
N TYR I 65 6.53 48.66 24.99
CA TYR I 65 6.10 49.61 23.97
C TYR I 65 4.86 49.11 23.23
N VAL I 66 4.26 50.03 22.48
CA VAL I 66 3.10 49.73 21.66
C VAL I 66 3.25 50.39 20.30
N THR I 67 3.47 49.60 19.27
CA THR I 67 3.48 50.15 17.93
C THR I 67 2.03 50.41 17.51
N PRO I 68 1.76 51.43 16.69
CA PRO I 68 0.39 51.61 16.19
C PRO I 68 -0.07 50.54 15.22
N LYS I 69 0.83 49.71 14.72
CA LYS I 69 0.40 48.48 14.09
C LYS I 69 0.12 47.38 15.10
N THR I 70 0.28 47.66 16.39
CA THR I 70 -0.08 46.75 17.47
C THR I 70 -1.10 47.35 18.41
N LEU I 71 -1.21 48.69 18.44
CA LEU I 71 -2.28 49.32 19.20
C LEU I 71 -3.63 49.06 18.59
N LYS I 72 -3.70 48.77 17.29
CA LYS I 72 -4.95 48.27 16.72
C LYS I 72 -5.28 46.91 17.31
N ARG I 73 -4.29 46.02 17.36
CA ARG I 73 -4.52 44.66 17.84
C ARG I 73 -4.75 44.63 19.34
N ILE I 74 -4.09 45.51 20.08
CA ILE I 74 -4.28 45.55 21.53
C ILE I 74 -5.68 46.07 21.88
N ILE I 75 -6.15 47.11 21.18
CA ILE I 75 -7.46 47.63 21.52
C ILE I 75 -8.57 46.73 20.99
N ILE I 76 -8.28 45.91 19.97
CA ILE I 76 -9.26 44.92 19.56
C ILE I 76 -9.32 43.78 20.55
N THR I 77 -8.18 43.40 21.12
CA THR I 77 -8.19 42.41 22.20
C THR I 77 -8.86 42.98 23.45
N TYR I 78 -8.64 44.26 23.73
CA TYR I 78 -9.24 44.90 24.88
C TYR I 78 -10.73 45.12 24.73
N GLU I 79 -11.26 45.11 23.52
CA GLU I 79 -12.69 45.29 23.34
C GLU I 79 -13.49 44.00 23.60
N MET I 80 -12.81 42.88 23.85
CA MET I 80 -13.51 41.60 23.91
C MET I 80 -13.61 40.98 25.29
N ALA I 81 -12.75 41.35 26.24
CA ALA I 81 -12.89 40.84 27.60
C ALA I 81 -14.08 41.49 28.26
N PRO I 82 -15.08 40.72 28.71
CA PRO I 82 -16.37 41.32 29.06
C PRO I 82 -16.41 42.24 30.28
N ASP I 83 -16.38 41.69 31.50
CA ASP I 83 -16.38 42.61 32.65
C ASP I 83 -14.97 42.97 33.12
N PRO I 84 -14.19 42.07 33.73
CA PRO I 84 -13.15 42.51 34.67
C PRO I 84 -11.80 42.74 33.99
N LYS I 85 -11.82 43.36 32.82
CA LYS I 85 -10.57 43.64 32.14
C LYS I 85 -9.91 44.83 32.81
N TYR I 86 -8.69 44.64 33.27
CA TYR I 86 -7.86 45.76 33.67
C TYR I 86 -6.41 45.48 33.34
N VAL I 87 -5.85 46.34 32.55
CA VAL I 87 -4.51 46.13 32.05
C VAL I 87 -3.52 46.56 33.11
N LEU I 88 -2.41 45.88 33.13
CA LEU I 88 -1.30 46.23 34.01
C LEU I 88 -0.21 46.73 33.08
N ALA I 89 0.02 48.04 33.07
CA ALA I 89 1.12 48.54 32.26
C ALA I 89 2.43 48.09 32.85
N HIS I 90 3.43 48.00 31.99
CA HIS I 90 4.63 47.30 32.36
C HIS I 90 5.79 48.20 32.00
N GLY I 91 7.00 47.77 32.35
CA GLY I 91 8.22 48.45 31.95
C GLY I 91 8.32 49.91 32.32
N SER I 92 8.75 50.72 31.36
CA SER I 92 8.69 52.16 31.48
C SER I 92 8.28 52.80 30.18
N CYS I 93 7.88 51.95 29.23
CA CYS I 93 7.42 52.42 27.90
C CYS I 93 6.08 53.13 28.11
N PRO I 94 5.02 52.46 28.60
CA PRO I 94 3.71 53.10 28.78
C PRO I 94 3.74 54.38 29.59
N ILE I 95 4.60 54.45 30.59
CA ILE I 95 4.78 55.70 31.33
C ILE I 95 5.61 56.59 30.42
N ASN I 96 4.99 57.61 29.86
CA ASN I 96 5.64 58.74 29.20
C ASN I 96 6.42 58.37 27.94
N GLY I 97 6.44 57.13 27.51
CA GLY I 97 7.36 56.73 26.47
C GLY I 97 8.67 56.31 27.09
N GLY I 98 9.23 55.20 26.64
CA GLY I 98 10.49 54.72 27.19
C GLY I 98 11.66 55.46 26.58
N ILE I 99 12.67 54.71 26.16
CA ILE I 99 13.77 55.34 25.45
C ILE I 99 13.37 55.67 24.02
N TYR I 100 12.26 55.13 23.55
CA TYR I 100 11.75 55.47 22.24
C TYR I 100 10.78 56.64 22.30
N TRP I 101 11.19 57.72 22.95
CA TRP I 101 10.44 58.94 22.81
C TRP I 101 10.74 59.63 21.50
N ASP I 102 11.81 59.22 20.84
CA ASP I 102 12.26 59.75 19.57
C ASP I 102 11.80 58.83 18.46
N ALA I 103 10.64 58.24 18.63
CA ALA I 103 10.13 57.33 17.62
C ALA I 103 8.84 57.90 17.04
N TYR I 104 8.77 57.88 15.72
CA TYR I 104 7.52 58.16 15.04
C TYR I 104 6.50 57.06 15.27
N ASN I 105 6.97 55.84 15.57
CA ASN I 105 6.08 54.73 15.83
C ASN I 105 5.70 54.60 17.30
N ALA I 106 6.68 54.36 18.17
CA ALA I 106 6.42 53.84 19.52
C ALA I 106 5.61 54.81 20.36
N ILE I 107 4.41 54.37 20.72
CA ILE I 107 3.36 55.23 21.21
C ILE I 107 3.67 55.66 22.63
N LYS I 108 3.81 56.96 22.82
CA LYS I 108 3.99 57.55 24.13
C LYS I 108 2.65 57.65 24.83
N GLN I 109 2.70 57.68 26.17
CA GLN I 109 1.60 58.13 27.03
C GLN I 109 0.35 57.27 26.85
N LEU I 110 0.46 56.02 27.30
CA LEU I 110 -0.55 55.00 27.02
C LEU I 110 -1.89 55.27 27.68
N ASP I 111 -1.94 56.11 28.71
CA ASP I 111 -3.22 56.38 29.37
C ASP I 111 -4.17 57.17 28.49
N LYS I 112 -3.68 57.88 27.49
CA LYS I 112 -4.54 58.59 26.56
C LYS I 112 -5.21 57.69 25.54
N TYR I 113 -4.98 56.38 25.56
CA TYR I 113 -5.57 55.49 24.57
C TYR I 113 -6.41 54.38 25.18
N ILE I 114 -5.87 53.64 26.15
CA ILE I 114 -6.64 52.61 26.85
C ILE I 114 -6.41 52.79 28.34
N PRO I 115 -7.41 52.52 29.18
CA PRO I 115 -7.26 52.81 30.61
C PRO I 115 -6.35 51.85 31.33
N VAL I 116 -5.19 52.36 31.72
CA VAL I 116 -4.23 51.62 32.53
C VAL I 116 -4.69 51.60 33.97
N ASP I 117 -4.60 50.44 34.62
CA ASP I 117 -4.84 50.37 36.06
C ASP I 117 -3.59 50.76 36.84
N VAL I 118 -2.52 49.97 36.71
CA VAL I 118 -1.35 50.12 37.58
C VAL I 118 -0.09 50.10 36.71
N TYR I 119 0.85 50.98 37.03
CA TYR I 119 2.14 51.02 36.38
C TYR I 119 3.21 50.42 37.28
N ILE I 120 4.20 49.78 36.67
CA ILE I 120 5.42 49.38 37.35
C ILE I 120 6.54 50.16 36.69
N ALA I 121 7.71 50.16 37.31
CA ALA I 121 8.90 50.73 36.69
C ALA I 121 9.94 49.64 36.48
N GLY I 122 10.95 49.96 35.67
CA GLY I 122 12.02 49.01 35.41
C GLY I 122 12.22 48.80 33.92
N CYS I 123 13.46 48.47 33.54
CA CYS I 123 13.78 48.21 32.14
C CYS I 123 14.91 47.18 32.14
N MET I 124 14.59 45.89 32.05
CA MET I 124 13.25 45.34 32.12
C MET I 124 12.87 45.26 33.59
N PRO I 125 11.60 45.33 33.89
CA PRO I 125 11.20 45.13 35.28
C PRO I 125 11.46 43.73 35.74
N ARG I 126 12.16 43.62 36.85
CA ARG I 126 12.45 42.35 37.46
C ARG I 126 11.15 41.70 37.92
N PRO I 127 11.04 40.36 37.84
CA PRO I 127 9.81 39.67 38.28
C PRO I 127 9.39 39.92 39.71
N GLU I 128 10.30 40.32 40.59
CA GLU I 128 9.89 40.76 41.92
C GLU I 128 9.08 42.04 41.86
N ALA I 129 9.40 42.92 40.91
CA ALA I 129 8.60 44.13 40.75
C ALA I 129 7.23 43.81 40.17
N VAL I 130 7.15 42.77 39.34
CA VAL I 130 5.85 42.34 38.82
C VAL I 130 5.03 41.70 39.92
N MET I 131 5.70 41.01 40.84
CA MET I 131 5.02 40.46 42.01
C MET I 131 4.47 41.57 42.88
N ASP I 132 5.25 42.64 43.07
CA ASP I 132 4.75 43.79 43.83
C ASP I 132 3.60 44.46 43.09
N GLY I 133 3.66 44.50 41.76
CA GLY I 133 2.58 45.11 41.00
C GLY I 133 1.29 44.34 41.11
N ILE I 134 1.36 43.01 40.98
CA ILE I 134 0.16 42.19 41.10
C ILE I 134 -0.34 42.17 42.54
N LYS I 135 0.56 42.22 43.52
CA LYS I 135 0.12 42.23 44.92
C LYS I 135 -0.59 43.53 45.27
N LYS I 136 -0.11 44.66 44.74
CA LYS I 136 -0.84 45.91 44.88
C LYS I 136 -2.12 45.89 44.06
N LEU I 137 -2.16 45.11 42.98
CA LEU I 137 -3.39 44.98 42.21
C LEU I 137 -4.42 44.14 42.97
N MET I 138 -3.96 43.14 43.74
CA MET I 138 -4.87 42.40 44.61
C MET I 138 -5.43 43.30 45.70
N GLU I 139 -4.57 44.11 46.32
CA GLU I 139 -5.02 45.07 47.33
C GLU I 139 -6.00 46.08 46.75
N MET I 140 -5.78 46.48 45.50
CA MET I 140 -6.70 47.40 44.85
C MET I 140 -8.03 46.72 44.53
N ILE I 141 -8.00 45.42 44.21
CA ILE I 141 -9.23 44.75 43.79
C ILE I 141 -10.01 44.16 44.96
N GLU I 142 -9.47 44.22 46.19
CA GLU I 142 -10.23 43.78 47.37
C GLU I 142 -11.49 44.62 47.56
N ASN I 143 -11.31 45.90 47.86
CA ASN I 143 -12.46 46.77 48.00
C ASN I 143 -13.07 47.12 46.65
N GLY I 144 -12.23 47.32 45.63
CA GLY I 144 -12.73 47.64 44.31
C GLY I 144 -12.84 49.13 44.12
N GLU I 145 -12.01 49.67 43.19
CA GLU I 145 -11.42 51.03 43.34
C GLU I 145 -11.61 51.87 42.08
N ALA I 146 -12.72 51.63 41.39
CA ALA I 146 -13.14 52.36 40.17
C ALA I 146 -12.09 52.28 39.06
N ASP I 147 -11.64 51.07 38.77
CA ASP I 147 -10.48 50.87 37.90
C ASP I 147 -10.87 50.99 36.43
N GLY I 148 -9.98 50.50 35.56
CA GLY I 148 -10.31 50.29 34.17
C GLY I 148 -11.41 49.25 34.07
N TRP I 149 -12.16 49.25 32.96
CA TRP I 149 -13.48 48.70 32.65
C TRP I 149 -14.61 49.50 33.28
N LYS I 150 -14.30 50.38 34.21
CA LYS I 150 -15.30 51.30 34.71
C LYS I 150 -15.06 52.72 34.22
N ARG I 151 -13.90 52.98 33.62
CA ARG I 151 -13.65 54.24 32.95
C ARG I 151 -13.71 54.12 31.43
N TYR I 152 -13.54 52.93 30.89
CA TYR I 152 -13.71 52.72 29.46
C TYR I 152 -15.17 52.65 29.05
N LYS I 153 -16.10 52.65 30.00
CA LYS I 153 -17.52 52.52 29.73
C LYS I 153 -18.23 53.88 29.76
N GLU I 154 -18.09 54.61 30.86
CA GLU I 154 -18.76 55.91 30.97
C GLU I 154 -17.95 57.01 30.31
N ASN I 155 -16.63 56.98 30.46
CA ASN I 155 -15.76 57.98 29.84
C ASN I 155 -15.26 57.47 28.49
N TYR I 156 -16.18 57.02 27.64
CA TYR I 156 -15.79 56.52 26.33
C TYR I 156 -15.63 57.65 25.32
N GLU I 157 -16.27 58.79 25.58
CA GLU I 157 -16.25 59.92 24.66
C GLU I 157 -14.87 60.53 24.51
N TRP I 158 -14.00 60.38 25.51
CA TRP I 158 -12.66 60.94 25.46
C TRP I 158 -11.68 59.98 24.80
N TYR I 159 -11.76 58.69 25.15
CA TYR I 159 -10.83 57.72 24.59
C TYR I 159 -11.13 57.46 23.12
N ARG I 160 -12.41 57.45 22.75
CA ARG I 160 -12.77 57.23 21.34
C ARG I 160 -12.35 58.42 20.49
N LYS I 161 -12.36 59.62 21.06
CA LYS I 161 -11.85 60.78 20.35
C LYS I 161 -10.33 60.72 20.23
N ASN I 162 -9.66 60.25 21.28
CA ASN I 162 -8.20 60.20 21.23
C ASN I 162 -7.71 59.00 20.42
N GLN I 163 -8.53 57.96 20.32
CA GLN I 163 -8.22 56.85 19.43
C GLN I 163 -8.28 57.29 17.98
N ASP I 164 -9.32 58.04 17.64
CA ASP I 164 -9.60 58.39 16.26
C ASP I 164 -8.69 59.51 15.78
N GLU I 165 -8.03 60.22 16.69
CA GLU I 165 -7.23 61.38 16.32
C GLU I 165 -5.85 60.96 15.84
N LEU I 166 -5.26 59.94 16.48
CA LEU I 166 -3.91 59.50 16.12
C LEU I 166 -3.91 58.82 14.77
N LEU I 167 -4.54 57.66 14.68
CA LEU I 167 -4.41 56.76 13.55
C LEU I 167 -5.77 56.51 12.90
N GLY I 168 -6.81 56.35 13.72
CA GLY I 168 -8.20 56.59 13.40
C GLY I 168 -8.81 56.16 12.09
N GLU I 169 -9.72 57.02 11.61
CA GLU I 169 -10.59 56.90 10.43
C GLU I 169 -11.14 55.51 10.18
N GLY I 170 -11.53 54.79 11.24
CA GLY I 170 -12.11 53.49 11.04
C GLY I 170 -11.13 52.43 10.59
N TRP I 171 -10.29 51.94 11.51
CA TRP I 171 -9.32 50.88 11.22
C TRP I 171 -9.92 49.63 10.62
N ARG I 172 -11.21 49.36 10.88
CA ARG I 172 -11.92 48.22 10.35
C ARG I 172 -12.13 48.28 8.84
N GLU I 173 -11.77 49.39 8.20
CA GLU I 173 -11.66 49.45 6.75
C GLU I 173 -10.24 49.67 6.27
N LYS I 174 -9.35 50.24 7.09
CA LYS I 174 -7.98 50.43 6.64
C LYS I 174 -7.13 49.18 6.81
N GLU I 175 -7.23 48.49 7.94
CA GLU I 175 -6.51 47.26 8.19
C GLU I 175 -7.37 46.03 7.83
N ALA I 176 -8.29 46.20 6.90
CA ALA I 176 -9.03 45.06 6.39
C ALA I 176 -8.94 45.03 4.87
N ARG I 177 -9.00 46.20 4.25
CA ARG I 177 -8.86 46.37 2.82
C ARG I 177 -7.40 46.42 2.40
N LYS I 178 -6.48 46.31 3.34
CA LYS I 178 -5.05 46.37 3.04
C LYS I 178 -4.49 45.05 2.54
N TRP I 179 -5.33 44.04 2.30
CA TRP I 179 -4.82 42.76 1.84
C TRP I 179 -5.58 42.22 0.64
N ILE I 180 -6.85 42.58 0.51
CA ILE I 180 -7.67 42.08 -0.60
C ILE I 180 -7.21 42.50 -2.00
N PRO I 181 -6.45 43.58 -2.23
CA PRO I 181 -5.77 43.65 -3.53
C PRO I 181 -4.53 42.78 -3.58
N TRP I 182 -3.90 42.54 -2.44
CA TRP I 182 -2.61 41.83 -2.42
C TRP I 182 -2.77 40.38 -2.00
N LEU I 183 -3.83 39.74 -2.50
CA LEU I 183 -4.13 38.36 -2.23
C LEU I 183 -3.06 37.41 -2.77
N GLU J 4 46.60 38.65 3.37
CA GLU J 4 47.41 38.34 2.20
C GLU J 4 46.58 37.64 1.14
N LYS J 5 45.84 36.60 1.55
CA LYS J 5 45.09 35.79 0.60
C LYS J 5 43.94 36.57 -0.01
N GLY J 6 43.44 37.57 0.71
CA GLY J 6 42.43 38.45 0.15
C GLY J 6 42.97 39.31 -0.97
N GLU J 7 44.27 39.65 -0.91
CA GLU J 7 44.88 40.39 -2.01
C GLU J 7 44.95 39.54 -3.26
N GLU J 8 45.21 38.23 -3.10
CA GLU J 8 45.17 37.32 -4.24
C GLU J 8 43.75 37.15 -4.76
N ILE J 9 42.78 37.13 -3.86
CA ILE J 9 41.37 36.98 -4.26
C ILE J 9 40.91 38.21 -5.03
N VAL J 10 41.23 39.41 -4.54
CA VAL J 10 40.83 40.61 -5.24
C VAL J 10 41.65 40.79 -6.53
N LYS J 11 42.87 40.24 -6.59
CA LYS J 11 43.61 40.26 -7.85
C LYS J 11 42.97 39.32 -8.86
N GLN J 12 42.39 38.22 -8.40
CA GLN J 12 41.67 37.33 -9.29
C GLN J 12 40.36 37.95 -9.74
N ILE J 13 39.74 38.78 -8.90
CA ILE J 13 38.50 39.44 -9.28
C ILE J 13 38.78 40.54 -10.29
N LEU J 14 39.86 41.29 -10.09
CA LEU J 14 40.20 42.39 -11.00
C LEU J 14 40.59 41.94 -12.39
N GLU J 15 40.98 40.66 -12.56
CA GLU J 15 41.19 40.13 -13.89
C GLU J 15 39.86 40.02 -14.65
N LYS J 16 38.78 39.70 -13.95
CA LYS J 16 37.48 39.49 -14.57
C LYS J 16 36.62 40.75 -14.61
N ALA J 17 37.13 41.89 -14.14
CA ALA J 17 36.36 43.12 -14.13
C ALA J 17 37.25 44.35 -14.09
N PRO J 18 37.02 45.34 -14.95
CA PRO J 18 37.89 46.52 -14.97
C PRO J 18 37.56 47.61 -13.94
N TYR J 19 36.28 47.86 -13.66
CA TYR J 19 35.85 49.02 -12.89
C TYR J 19 35.67 48.65 -11.41
N ALA J 20 36.70 48.04 -10.84
CA ALA J 20 36.50 47.33 -9.59
C ALA J 20 37.56 47.63 -8.53
N GLU J 21 37.85 48.90 -8.26
CA GLU J 21 39.07 49.30 -7.55
C GLU J 21 39.10 48.80 -6.10
N GLY J 22 39.80 47.68 -5.91
CA GLY J 22 39.69 46.91 -4.68
C GLY J 22 40.72 47.29 -3.64
N LYS J 23 40.24 47.75 -2.49
CA LYS J 23 41.08 48.01 -1.35
C LYS J 23 40.87 46.91 -0.33
N VAL J 24 41.96 46.34 0.16
CA VAL J 24 41.91 45.23 1.12
C VAL J 24 42.17 45.80 2.51
N ARG J 25 41.14 45.81 3.34
CA ARG J 25 41.32 46.15 4.74
C ARG J 25 41.74 44.89 5.51
N ARG J 26 41.69 44.99 6.85
CA ARG J 26 42.69 44.43 7.77
C ARG J 26 43.27 43.06 7.42
N GLU J 27 42.45 42.01 7.35
CA GLU J 27 42.77 40.82 6.56
C GLU J 27 41.65 40.47 5.60
N ARG J 28 40.40 40.42 6.10
CA ARG J 28 39.26 39.99 5.29
C ARG J 28 38.14 41.01 5.47
N ARG J 29 38.27 42.15 4.79
CA ARG J 29 37.24 43.16 4.69
C ARG J 29 37.25 43.80 3.31
N LEU J 30 37.25 42.98 2.25
CA LEU J 30 37.56 43.45 0.91
C LEU J 30 36.52 44.42 0.39
N GLU J 31 36.83 45.71 0.46
CA GLU J 31 35.87 46.78 0.16
C GLU J 31 36.27 47.44 -1.15
N PHE J 32 35.30 47.62 -2.05
CA PHE J 32 35.54 48.33 -3.30
C PHE J 32 34.28 48.98 -3.83
N ARG J 33 34.45 50.05 -4.59
CA ARG J 33 33.35 50.78 -5.19
C ARG J 33 33.27 50.49 -6.68
N VAL J 34 32.05 50.39 -7.18
CA VAL J 34 31.78 50.26 -8.60
C VAL J 34 30.88 51.41 -9.01
N PRO J 35 30.80 51.70 -10.31
CA PRO J 35 29.77 52.65 -10.78
C PRO J 35 28.37 52.10 -10.58
N ALA J 36 27.39 52.99 -10.77
CA ALA J 36 26.02 52.71 -10.34
C ALA J 36 25.36 51.66 -11.22
N ASP J 37 25.23 51.92 -12.50
CA ASP J 37 24.51 51.02 -13.40
C ASP J 37 25.45 50.03 -14.07
N LYS J 38 26.37 49.48 -13.29
CA LYS J 38 27.28 48.45 -13.77
C LYS J 38 27.37 47.26 -12.83
N ILE J 39 26.76 47.34 -11.66
CA ILE J 39 26.87 46.26 -10.67
C ILE J 39 25.99 45.08 -11.06
N ARG J 40 24.93 45.32 -11.84
CA ARG J 40 24.04 44.25 -12.26
C ARG J 40 24.75 43.26 -13.19
N ASP J 41 25.66 43.75 -14.02
CA ASP J 41 26.52 42.89 -14.83
C ASP J 41 27.79 42.50 -14.09
N PHE J 42 27.82 42.66 -12.77
CA PHE J 42 29.03 42.50 -11.97
C PHE J 42 28.81 41.61 -10.76
N LEU J 43 27.60 41.59 -10.21
CA LEU J 43 27.39 40.90 -8.94
C LEU J 43 27.40 39.40 -9.12
N ARG J 44 27.15 38.92 -10.35
CA ARG J 44 27.22 37.50 -10.64
C ARG J 44 28.63 37.06 -10.98
N ILE J 45 29.53 38.02 -11.25
CA ILE J 45 30.95 37.69 -11.26
C ILE J 45 31.39 37.39 -9.84
N MET J 46 30.86 38.14 -8.89
CA MET J 46 31.15 37.95 -7.49
C MET J 46 30.43 36.75 -6.90
N LYS J 47 29.26 36.41 -7.42
CA LYS J 47 28.54 35.21 -7.02
C LYS J 47 29.23 33.95 -7.50
N GLU J 48 29.57 33.88 -8.78
CA GLU J 48 30.16 32.68 -9.35
C GLU J 48 31.60 32.46 -8.95
N SER J 49 32.34 33.51 -8.59
CA SER J 49 33.72 33.31 -8.14
C SER J 49 33.77 32.55 -6.82
N ASN J 50 33.40 33.22 -5.73
CA ASN J 50 33.42 32.52 -4.44
C ASN J 50 32.38 33.00 -3.43
N PHE J 51 31.54 33.97 -3.78
CA PHE J 51 30.73 34.61 -2.72
C PHE J 51 29.24 34.36 -2.95
N PRO J 52 28.69 33.28 -2.42
CA PRO J 52 27.26 33.02 -2.65
C PRO J 52 26.33 33.88 -1.80
N LEU J 53 26.65 34.02 -0.52
CA LEU J 53 25.70 34.53 0.45
C LEU J 53 25.74 36.04 0.50
N MET J 54 24.55 36.65 0.49
CA MET J 54 24.42 38.09 0.49
C MET J 54 23.71 38.55 1.76
N LEU J 55 24.32 39.48 2.47
CA LEU J 55 23.73 40.07 3.65
C LEU J 55 22.94 41.31 3.23
N GLN J 56 22.61 42.15 4.22
CA GLN J 56 21.63 43.22 4.05
C GLN J 56 22.13 44.30 3.09
N ILE J 57 21.24 44.76 2.21
CA ILE J 57 21.54 45.89 1.33
C ILE J 57 21.34 47.13 2.19
N THR J 58 22.41 47.55 2.85
CA THR J 58 22.36 48.70 3.73
C THR J 58 22.74 49.94 2.95
N ALA J 59 21.98 51.01 3.11
CA ALA J 59 22.19 52.18 2.28
C ALA J 59 22.29 53.43 3.13
N VAL J 60 23.47 54.03 3.17
CA VAL J 60 23.68 55.27 3.89
C VAL J 60 23.23 56.42 3.00
N ASP J 61 23.02 57.58 3.61
CA ASP J 61 22.60 58.77 2.89
C ASP J 61 23.64 59.87 3.06
N TRP J 62 23.60 60.84 2.15
CA TRP J 62 24.51 62.00 2.23
C TRP J 62 23.74 63.21 1.70
N PRO J 63 23.52 64.23 2.53
CA PRO J 63 22.83 65.43 2.03
C PRO J 63 23.76 66.42 1.39
N LYS J 64 25.05 66.40 1.71
CA LYS J 64 26.00 67.35 1.15
C LYS J 64 26.23 67.06 -0.33
N GLU J 65 26.73 65.88 -0.65
CA GLU J 65 26.70 65.35 -2.01
C GLU J 65 25.50 64.42 -2.08
N GLY J 66 24.50 64.80 -2.88
CA GLY J 66 23.26 64.04 -2.85
C GLY J 66 23.38 62.71 -3.55
N GLU J 67 23.48 61.65 -2.75
CA GLU J 67 23.62 60.29 -3.26
C GLU J 67 23.37 59.30 -2.13
N ILE J 68 22.49 58.34 -2.37
CA ILE J 68 22.28 57.26 -1.41
C ILE J 68 23.28 56.16 -1.75
N GLU J 69 24.39 56.11 -1.03
CA GLU J 69 25.42 55.13 -1.32
C GLU J 69 25.00 53.74 -0.86
N LEU J 70 24.28 53.02 -1.71
CA LEU J 70 23.87 51.65 -1.39
C LEU J 70 25.06 50.72 -1.36
N VAL J 71 25.59 50.41 -0.19
CA VAL J 71 26.66 49.44 -0.09
C VAL J 71 26.00 48.07 -0.02
N TYR J 72 26.62 47.08 -0.65
CA TYR J 72 26.04 45.75 -0.73
C TYR J 72 26.98 44.81 0.01
N HIS J 73 26.45 44.08 0.97
CA HIS J 73 27.28 43.18 1.76
C HIS J 73 27.25 41.78 1.17
N LEU J 74 28.41 41.31 0.79
CA LEU J 74 28.60 39.93 0.36
C LEU J 74 29.43 39.24 1.42
N ILE J 75 29.51 37.91 1.35
CA ILE J 75 30.30 37.16 2.31
C ILE J 75 30.80 35.90 1.62
N ASN J 76 31.84 35.29 2.18
CA ASN J 76 32.37 34.04 1.69
C ASN J 76 31.94 32.90 2.60
N VAL J 77 32.10 31.68 2.12
CA VAL J 77 31.88 30.50 2.94
C VAL J 77 33.08 29.58 3.01
N GLU J 78 34.04 29.70 2.10
CA GLU J 78 35.23 28.85 2.08
C GLU J 78 36.45 29.51 2.71
N LEU J 79 36.48 30.83 2.76
CA LEU J 79 37.57 31.57 3.38
C LEU J 79 37.13 32.38 4.59
N GLY J 80 36.01 33.07 4.48
CA GLY J 80 35.47 33.86 5.56
C GLY J 80 35.53 35.36 5.39
N THR J 81 35.75 35.85 4.18
CA THR J 81 35.83 37.28 3.95
C THR J 81 34.46 37.87 3.69
N HIS J 82 34.41 39.19 3.52
CA HIS J 82 33.13 39.89 3.51
C HIS J 82 33.29 41.12 2.62
N ALA J 83 32.74 41.05 1.41
CA ALA J 83 32.84 42.16 0.48
C ALA J 83 31.88 43.27 0.86
N MET J 84 32.17 44.48 0.36
CA MET J 84 31.36 45.66 0.63
C MET J 84 31.17 46.47 -0.64
N VAL J 85 30.76 45.81 -1.73
CA VAL J 85 30.64 46.46 -3.03
C VAL J 85 29.55 47.53 -2.98
N LYS J 86 29.89 48.73 -3.43
CA LYS J 86 29.05 49.89 -3.20
C LYS J 86 28.87 50.72 -4.46
N THR J 87 27.72 51.36 -4.58
CA THR J 87 27.37 52.21 -5.71
C THR J 87 27.10 53.63 -5.21
N ARG J 88 26.70 54.51 -6.13
CA ARG J 88 26.37 55.88 -5.80
C ARG J 88 25.30 56.35 -6.78
N ILE J 89 24.04 56.29 -6.37
CA ILE J 89 22.92 56.65 -7.25
C ILE J 89 22.35 57.97 -6.78
N PRO J 90 21.72 58.77 -7.65
CA PRO J 90 21.28 60.11 -7.24
C PRO J 90 20.16 60.11 -6.21
N ARG J 91 19.88 61.29 -5.68
CA ARG J 91 19.11 61.42 -4.44
C ARG J 91 17.66 61.82 -4.64
N ASP J 92 17.28 62.31 -5.82
CA ASP J 92 15.89 62.68 -6.04
C ASP J 92 15.04 61.42 -6.17
N LEU J 93 13.75 61.56 -5.83
CA LEU J 93 12.83 60.43 -5.96
C LEU J 93 12.53 60.13 -7.43
N ASP J 94 12.69 61.12 -8.30
CA ASP J 94 12.60 60.89 -9.74
C ASP J 94 13.75 60.01 -10.20
N LYS J 95 14.97 60.32 -9.75
CA LYS J 95 16.17 59.61 -10.16
C LYS J 95 16.53 58.45 -9.24
N ALA J 96 15.70 58.15 -8.24
CA ALA J 96 15.98 57.03 -7.35
C ALA J 96 15.68 55.71 -8.05
N ARG J 97 16.54 55.30 -8.96
CA ARG J 97 16.34 54.07 -9.71
C ARG J 97 17.54 53.17 -9.56
N MET J 98 17.28 51.89 -9.48
CA MET J 98 18.31 50.89 -9.25
C MET J 98 17.77 49.54 -9.72
N PRO J 99 18.48 48.84 -10.61
CA PRO J 99 18.01 47.53 -11.07
C PRO J 99 18.13 46.48 -9.98
N THR J 100 17.07 45.71 -9.81
CA THR J 100 17.01 44.75 -8.71
C THR J 100 17.82 43.49 -9.01
N VAL J 101 18.53 43.02 -7.98
CA VAL J 101 19.24 41.75 -8.08
C VAL J 101 18.38 40.61 -7.53
N LYS J 102 17.46 40.10 -8.35
CA LYS J 102 16.67 38.94 -7.98
C LYS J 102 16.93 37.74 -8.86
N ASP J 103 17.42 37.95 -10.09
CA ASP J 103 17.74 36.84 -10.98
C ASP J 103 18.94 36.04 -10.51
N ILE J 104 19.82 36.65 -9.72
CA ILE J 104 21.05 36.02 -9.26
C ILE J 104 21.00 35.74 -7.77
N TYR J 105 20.44 36.65 -6.98
CA TYR J 105 20.36 36.47 -5.55
C TYR J 105 18.90 36.43 -5.14
N PRO J 106 18.41 35.35 -4.56
CA PRO J 106 17.10 35.40 -3.92
C PRO J 106 17.20 35.97 -2.51
N ALA J 107 18.42 36.34 -2.10
CA ALA J 107 18.57 37.05 -0.84
C ALA J 107 17.99 38.44 -0.92
N ALA J 108 18.08 39.08 -2.07
CA ALA J 108 17.58 40.43 -2.22
C ALA J 108 16.11 40.49 -2.60
N GLU J 109 15.33 39.45 -2.28
CA GLU J 109 13.89 39.57 -2.43
C GLU J 109 13.28 40.40 -1.33
N THR J 110 13.89 40.38 -0.16
CA THR J 110 13.33 41.03 1.01
C THR J 110 14.13 42.23 1.47
N TYR J 111 15.45 42.24 1.24
CA TYR J 111 16.27 43.41 1.57
C TYR J 111 15.85 44.63 0.76
N GLU J 112 15.45 44.39 -0.50
CA GLU J 112 15.04 45.52 -1.32
C GLU J 112 13.68 46.06 -0.87
N ARG J 113 12.86 45.23 -0.24
CA ARG J 113 11.58 45.72 0.26
C ARG J 113 11.80 46.69 1.41
N ASP J 114 12.74 46.39 2.30
CA ASP J 114 12.97 47.28 3.43
C ASP J 114 13.66 48.56 2.98
N VAL J 115 14.61 48.47 2.05
CA VAL J 115 15.30 49.68 1.61
C VAL J 115 14.40 50.52 0.69
N HIS J 116 13.36 49.93 0.10
CA HIS J 116 12.44 50.75 -0.67
C HIS J 116 11.37 51.36 0.21
N ASP J 117 10.89 50.62 1.22
CA ASP J 117 9.87 51.21 2.07
C ASP J 117 10.44 52.20 3.07
N PHE J 118 11.72 52.11 3.41
CA PHE J 118 12.30 53.05 4.36
C PHE J 118 12.66 54.38 3.73
N PHE J 119 13.37 54.38 2.61
CA PHE J 119 13.79 55.64 2.00
C PHE J 119 14.03 55.45 0.52
N GLY J 120 13.45 56.33 -0.28
CA GLY J 120 13.88 56.51 -1.65
C GLY J 120 13.65 55.35 -2.58
N VAL J 121 14.76 54.65 -2.85
CA VAL J 121 15.07 53.87 -4.05
C VAL J 121 13.93 52.97 -4.54
N TYR J 122 13.73 52.95 -5.84
CA TYR J 122 12.72 52.09 -6.43
C TYR J 122 13.39 51.09 -7.35
N PHE J 123 12.98 49.82 -7.22
CA PHE J 123 13.63 48.73 -7.92
C PHE J 123 12.67 48.22 -8.98
N GLU J 124 13.15 48.12 -10.22
CA GLU J 124 12.23 47.98 -11.35
C GLU J 124 11.63 46.58 -11.48
N GLY J 125 12.47 45.57 -11.68
CA GLY J 125 11.96 44.27 -12.08
C GLY J 125 11.60 43.34 -10.93
N ASN J 126 10.82 43.83 -9.97
CA ASN J 126 10.40 43.03 -8.82
C ASN J 126 8.90 43.16 -8.61
N GLU J 127 8.31 42.17 -7.97
CA GLU J 127 6.86 42.07 -7.85
C GLU J 127 6.34 42.51 -6.50
N LYS J 128 7.14 42.34 -5.44
CA LYS J 128 6.72 42.70 -4.08
C LYS J 128 7.19 44.11 -3.77
N MET J 129 6.56 45.08 -4.41
CA MET J 129 6.99 46.47 -4.31
C MET J 129 6.01 47.34 -3.54
N GLU J 130 4.75 47.34 -3.93
CA GLU J 130 3.72 48.13 -3.26
C GLU J 130 3.02 47.36 -2.16
N MET J 131 3.57 46.22 -1.77
CA MET J 131 3.03 45.44 -0.68
C MET J 131 3.27 46.17 0.64
N PRO J 132 2.30 46.17 1.55
CA PRO J 132 2.55 46.72 2.88
C PRO J 132 3.48 45.83 3.69
N TRP J 133 4.78 45.91 3.37
CA TRP J 133 5.79 45.14 4.08
C TRP J 133 5.91 45.61 5.52
N ILE J 134 6.21 46.88 5.70
CA ILE J 134 6.33 47.51 7.00
C ILE J 134 5.90 48.96 6.82
N LEU J 135 5.68 49.65 7.95
CA LEU J 135 5.38 51.09 7.99
C LEU J 135 4.09 51.39 7.22
N ASP J 136 2.99 50.93 7.81
CA ASP J 136 1.67 51.16 7.23
C ASP J 136 1.29 52.64 7.22
N ASP J 137 0.18 52.92 6.56
CA ASP J 137 -0.34 54.26 6.43
C ASP J 137 -0.76 54.82 7.79
N PRO J 138 -0.43 56.10 8.08
CA PRO J 138 0.23 57.06 7.19
C PRO J 138 1.74 57.21 7.38
N GLU J 139 2.49 56.11 7.46
CA GLU J 139 3.94 56.20 7.45
C GLU J 139 4.56 55.86 6.12
N ARG J 140 3.83 55.17 5.24
CA ARG J 140 4.33 54.84 3.92
C ARG J 140 4.39 56.06 3.00
N GLY J 141 3.56 57.07 3.26
CA GLY J 141 3.43 58.23 2.39
C GLY J 141 4.60 59.19 2.43
N LEU J 142 5.53 59.01 3.38
CA LEU J 142 6.74 59.81 3.41
C LEU J 142 7.85 58.94 3.98
N TYR J 143 9.04 59.06 3.41
CA TYR J 143 10.15 58.15 3.68
C TYR J 143 10.95 58.63 4.90
N PRO J 144 10.82 57.96 6.04
CA PRO J 144 11.32 58.54 7.28
C PRO J 144 12.78 58.25 7.62
N HIS J 145 13.53 57.63 6.72
CA HIS J 145 14.88 57.23 7.04
C HIS J 145 15.93 57.97 6.22
N ARG J 146 15.54 58.96 5.46
CA ARG J 146 16.48 59.83 4.78
C ARG J 146 16.78 61.02 5.70
N LYS J 147 17.42 62.05 5.16
CA LYS J 147 17.74 63.23 5.97
C LYS J 147 16.82 64.40 5.68
N ASP J 148 15.86 64.24 4.76
CA ASP J 148 14.83 65.25 4.57
C ASP J 148 13.73 65.15 5.61
N PHE J 149 13.62 64.00 6.27
CA PHE J 149 12.63 63.77 7.33
C PHE J 149 13.35 63.95 8.66
N ASP J 150 12.98 64.99 9.39
CA ASP J 150 13.54 65.20 10.72
C ASP J 150 12.52 64.76 11.77
N MET J 151 13.03 64.13 12.82
CA MET J 151 12.19 63.83 13.97
C MET J 151 11.89 65.11 14.74
N LEU J 152 10.98 64.98 15.70
CA LEU J 152 10.59 66.01 16.66
C LEU J 152 9.96 67.24 16.01
N ALA J 153 9.59 67.13 14.74
CA ALA J 153 8.66 68.03 14.10
C ALA J 153 7.62 67.26 13.32
N TYR J 154 7.78 65.95 13.17
CA TYR J 154 6.73 65.04 12.77
C TYR J 154 6.07 64.37 13.95
N VAL J 155 6.85 64.07 14.99
CA VAL J 155 6.31 63.48 16.21
C VAL J 155 5.39 64.47 16.91
N LYS J 156 5.71 65.77 16.82
CA LYS J 156 4.80 66.77 17.36
C LYS J 156 3.51 66.87 16.54
N LYS J 157 3.59 66.63 15.24
CA LYS J 157 2.38 66.64 14.42
C LYS J 157 1.64 65.33 14.46
N LYS J 158 2.21 64.30 15.08
CA LYS J 158 1.52 63.05 15.29
C LYS J 158 1.02 62.87 16.71
N TYR J 159 1.79 63.35 17.69
CA TYR J 159 1.37 63.34 19.09
C TYR J 159 1.59 64.74 19.64
N LYS J 160 0.56 65.29 20.29
CA LYS J 160 0.58 66.69 20.69
C LYS J 160 1.53 66.95 21.85
N ILE J 161 1.48 66.11 22.87
CA ILE J 161 2.39 66.21 24.02
C ILE J 161 3.26 64.97 24.05
N LEU J 162 4.52 65.15 24.42
CA LEU J 162 5.43 64.05 24.64
C LEU J 162 5.73 63.83 26.11
N ASP J 163 5.22 64.68 26.99
CA ASP J 163 5.39 64.45 28.41
C ASP J 163 4.03 64.56 29.10
N ARG J 164 3.61 63.44 29.72
CA ARG J 164 2.53 63.49 30.69
C ARG J 164 2.89 64.37 31.86
N PHE J 165 4.16 64.35 32.25
CA PHE J 165 4.67 65.22 33.29
C PHE J 165 4.98 66.61 32.75
N ASP J 166 5.80 67.30 33.52
CA ASP J 166 6.11 68.71 33.40
C ASP J 166 7.12 69.03 32.31
N GLU J 167 7.94 70.03 32.58
CA GLU J 167 8.35 71.18 31.77
C GLU J 167 8.58 70.90 30.28
N ASP J 168 9.72 70.30 29.87
CA ASP J 168 10.09 70.35 28.47
C ASP J 168 10.89 69.14 27.98
N LYS J 169 10.54 67.94 28.39
CA LYS J 169 11.36 66.82 27.96
C LYS J 169 11.01 66.35 26.55
N ASP J 170 11.30 67.21 25.56
CA ASP J 170 11.15 66.83 24.17
C ASP J 170 12.23 67.39 23.26
N LYS J 171 13.17 68.15 23.77
CA LYS J 171 14.24 68.72 22.95
C LYS J 171 15.44 67.77 22.99
N TYR J 172 16.58 68.19 22.48
CA TYR J 172 17.77 67.37 22.50
C TYR J 172 18.83 67.99 23.40
N VAL J 173 19.88 67.19 23.63
CA VAL J 173 21.16 67.58 24.21
C VAL J 173 21.06 68.36 25.51
N TYR K 19 -19.52 40.55 0.53
CA TYR K 19 -19.47 39.26 -0.14
C TYR K 19 -18.07 38.69 -0.08
N PRO K 20 -17.93 37.48 0.46
CA PRO K 20 -16.60 36.91 0.67
C PRO K 20 -15.95 36.47 -0.63
N ILE K 21 -15.03 37.28 -1.15
CA ILE K 21 -14.42 36.97 -2.42
C ILE K 21 -13.13 36.19 -2.23
N ASP K 22 -13.25 34.94 -1.81
CA ASP K 22 -12.27 33.93 -2.19
C ASP K 22 -12.99 32.62 -2.47
N LYS K 23 -13.91 32.29 -1.55
CA LYS K 23 -14.79 31.12 -1.55
C LYS K 23 -14.08 29.76 -1.66
N ASP K 24 -12.77 29.72 -1.59
CA ASP K 24 -12.00 28.49 -1.73
C ASP K 24 -10.98 28.29 -0.62
N THR K 25 -10.29 29.36 -0.24
CA THR K 25 -9.16 29.26 0.67
C THR K 25 -9.41 30.19 1.84
N TYR K 26 -9.58 29.62 3.03
CA TYR K 26 -9.83 30.44 4.20
C TYR K 26 -8.52 30.97 4.74
N GLU K 27 -8.51 32.25 5.10
CA GLU K 27 -7.29 32.93 5.56
C GLU K 27 -7.29 33.10 7.08
N LEU K 28 -7.01 32.01 7.80
CA LEU K 28 -6.63 32.17 9.19
C LEU K 28 -5.24 32.73 9.23
N PHE K 29 -4.96 33.56 10.22
CA PHE K 29 -3.61 34.07 10.34
C PHE K 29 -3.20 34.30 11.77
N PHE K 30 -2.03 33.78 12.10
CA PHE K 30 -1.48 33.83 13.44
C PHE K 30 -0.94 35.22 13.69
N GLY K 31 -1.76 36.09 14.27
CA GLY K 31 -1.34 37.42 14.60
C GLY K 31 -0.51 37.46 15.86
N PRO K 32 -0.47 38.61 16.52
CA PRO K 32 0.36 38.74 17.73
C PRO K 32 -0.18 37.94 18.91
N GLN K 33 -1.46 38.09 19.22
CA GLN K 33 -2.03 37.41 20.38
C GLN K 33 -2.38 35.99 19.99
N HIS K 34 -1.35 35.16 19.88
CA HIS K 34 -1.55 33.75 19.53
C HIS K 34 -0.75 32.79 20.38
N MET K 35 0.35 33.23 21.00
CA MET K 35 1.27 32.51 21.88
C MET K 35 2.08 31.43 21.15
N ALA K 36 1.86 31.23 19.86
CA ALA K 36 2.79 30.42 19.07
C ALA K 36 3.81 31.32 18.38
N THR K 37 3.36 32.17 17.47
CA THR K 37 4.24 33.22 16.97
C THR K 37 4.34 34.30 18.03
N GLU K 38 5.52 34.90 18.13
CA GLU K 38 5.72 35.83 19.23
C GLU K 38 5.04 37.15 18.91
N ASN K 39 5.51 37.88 17.87
CA ASN K 39 4.90 39.16 17.53
C ASN K 39 4.88 39.45 16.04
N PHE K 40 4.91 38.44 15.18
CA PHE K 40 4.87 38.73 13.75
C PHE K 40 3.78 37.89 13.09
N SER K 41 2.90 38.56 12.37
CA SER K 41 1.73 37.94 11.79
C SER K 41 2.08 37.30 10.47
N ILE K 42 1.74 36.04 10.31
CA ILE K 42 1.90 35.33 9.06
C ILE K 42 0.52 35.08 8.51
N ILE K 43 0.16 35.73 7.42
CA ILE K 43 -1.13 35.48 6.80
C ILE K 43 -1.04 34.23 5.93
N LEU K 44 -1.82 33.23 6.29
CA LEU K 44 -1.76 31.92 5.66
C LEU K 44 -3.01 31.73 4.82
N LYS K 45 -2.82 31.56 3.51
CA LYS K 45 -3.93 31.20 2.63
C LYS K 45 -4.11 29.68 2.70
N MET K 46 -4.86 29.26 3.71
CA MET K 46 -4.99 27.84 4.00
C MET K 46 -5.89 27.16 2.98
N ASP K 47 -5.55 25.92 2.64
CA ASP K 47 -6.36 25.07 1.77
C ASP K 47 -6.76 23.85 2.59
N GLY K 48 -7.85 23.98 3.34
CA GLY K 48 -8.38 22.88 4.12
C GLY K 48 -7.57 22.58 5.36
N ASN K 49 -6.39 21.99 5.18
CA ASN K 49 -5.45 21.83 6.27
C ASN K 49 -4.01 22.02 5.83
N ARG K 50 -3.76 22.37 4.58
CA ARG K 50 -2.42 22.69 4.13
C ARG K 50 -2.34 24.18 3.85
N VAL K 51 -1.16 24.63 3.43
CA VAL K 51 -0.92 26.01 3.06
C VAL K 51 -0.52 26.04 1.60
N VAL K 52 -1.13 26.92 0.83
CA VAL K 52 -0.75 27.12 -0.56
C VAL K 52 -0.08 28.46 -0.81
N LYS K 53 -0.16 29.40 0.12
CA LYS K 53 0.53 30.67 0.00
C LYS K 53 0.70 31.24 1.39
N ALA K 54 1.94 31.47 1.80
CA ALA K 54 2.25 31.90 3.16
C ALA K 54 3.15 33.14 3.10
N ILE K 55 2.54 34.29 2.96
CA ILE K 55 3.27 35.54 3.05
C ILE K 55 3.16 36.05 4.47
N ALA K 56 4.14 36.84 4.89
CA ALA K 56 4.24 37.28 6.27
C ALA K 56 4.14 38.80 6.34
N ASN K 57 3.55 39.28 7.40
CA ASN K 57 3.52 40.72 7.65
C ASN K 57 4.29 40.98 8.93
N PRO K 58 5.59 41.22 8.85
CA PRO K 58 6.35 41.57 10.04
C PRO K 58 6.30 43.07 10.26
N GLY K 59 6.81 43.48 11.41
CA GLY K 59 6.84 44.90 11.69
C GLY K 59 5.72 45.33 12.61
N PHE K 60 5.37 44.47 13.56
CA PHE K 60 4.52 44.90 14.65
C PHE K 60 5.32 45.55 15.77
N LEU K 61 6.63 45.67 15.59
CA LEU K 61 7.54 46.06 16.66
C LEU K 61 8.54 47.09 16.18
N HIS K 62 8.23 47.79 15.10
CA HIS K 62 9.23 48.64 14.46
C HIS K 62 9.46 49.91 15.27
N ARG K 63 10.38 49.80 16.22
CA ARG K 63 10.83 50.98 16.97
C ARG K 63 11.58 51.94 16.06
N GLY K 64 12.33 51.41 15.10
CA GLY K 64 13.26 52.19 14.33
C GLY K 64 14.59 52.29 15.04
N PHE K 65 15.67 51.99 14.35
CA PHE K 65 17.01 52.19 14.87
C PHE K 65 17.95 52.87 13.89
N GLU K 66 17.54 53.05 12.64
CA GLU K 66 18.35 53.81 11.70
C GLU K 66 18.25 55.30 11.99
N LYS K 67 17.03 55.84 11.97
CA LYS K 67 16.79 57.23 12.27
C LYS K 67 16.49 57.47 13.74
N LEU K 68 16.76 56.49 14.58
CA LEU K 68 16.59 56.71 16.02
C LEU K 68 17.89 56.63 16.79
N ALA K 69 18.85 55.83 16.35
CA ALA K 69 20.13 55.78 17.00
C ALA K 69 21.14 56.71 16.36
N GLU K 70 20.68 57.57 15.46
CA GLU K 70 21.50 58.58 14.83
C GLU K 70 21.51 59.87 15.63
N TYR K 71 20.74 59.94 16.69
CA TYR K 71 20.65 61.17 17.46
C TYR K 71 21.32 61.11 18.81
N ARG K 72 21.90 59.97 19.17
CA ARG K 72 22.55 59.87 20.46
C ARG K 72 24.07 59.90 20.29
N PRO K 73 24.82 60.33 21.30
CA PRO K 73 26.29 60.24 21.23
C PRO K 73 26.85 58.82 21.11
N TRP K 74 28.17 58.72 20.94
CA TRP K 74 28.76 57.44 20.54
C TRP K 74 28.78 56.43 21.67
N TYR K 75 28.99 56.88 22.90
CA TYR K 75 29.06 55.97 24.03
C TYR K 75 27.70 55.57 24.54
N THR K 76 26.74 56.48 24.53
CA THR K 76 25.41 56.25 25.06
C THR K 76 24.51 55.55 24.07
N ASN K 77 25.02 55.19 22.91
CA ASN K 77 24.25 54.47 21.92
C ASN K 77 24.39 52.96 22.11
N ILE K 78 24.85 52.54 23.28
CA ILE K 78 24.86 51.12 23.64
C ILE K 78 23.47 50.78 24.15
N ALA K 79 23.03 51.47 25.19
CA ALA K 79 21.82 51.18 25.94
C ALA K 79 20.57 51.25 25.09
N LEU K 80 20.60 52.07 24.06
CA LEU K 80 19.52 52.15 23.10
C LEU K 80 19.58 51.03 22.06
N LEU K 81 20.72 50.40 21.90
CA LEU K 81 20.91 49.40 20.87
C LEU K 81 20.77 47.98 21.40
N LEU K 82 20.56 47.80 22.70
CA LEU K 82 20.41 46.46 23.24
C LEU K 82 19.14 45.78 22.75
N ARG K 83 18.07 46.54 22.60
CA ARG K 83 16.75 45.97 22.42
C ARG K 83 16.47 45.57 20.98
N ILE K 84 17.49 45.50 20.12
CA ILE K 84 17.26 44.99 18.78
C ILE K 84 17.11 43.47 18.80
N CYS K 85 17.68 42.78 19.78
CA CYS K 85 17.41 41.35 19.86
C CYS K 85 17.23 40.99 21.33
N VAL K 86 16.00 40.59 21.68
CA VAL K 86 15.58 40.31 23.05
C VAL K 86 16.19 39.05 23.70
N PRO K 87 16.25 37.85 23.05
CA PRO K 87 16.74 36.68 23.80
C PRO K 87 18.21 36.74 24.17
N GLU K 88 19.03 37.36 23.34
CA GLU K 88 20.43 37.55 23.66
C GLU K 88 20.65 39.01 24.01
N PRO K 89 20.80 39.32 25.29
CA PRO K 89 20.97 40.71 25.69
C PRO K 89 22.43 41.14 25.74
N ASP K 90 23.32 40.37 25.12
CA ASP K 90 24.73 40.73 25.05
C ASP K 90 25.29 40.71 23.64
N VAL K 91 24.72 39.89 22.75
CA VAL K 91 25.24 39.83 21.39
C VAL K 91 25.02 41.12 20.60
N PRO K 92 23.91 41.87 20.75
CA PRO K 92 23.87 43.20 20.11
C PRO K 92 24.83 44.24 20.67
N GLU K 93 25.11 44.26 21.97
CA GLU K 93 26.09 45.23 22.42
C GLU K 93 27.52 44.81 22.11
N ALA K 94 27.81 43.52 22.11
CA ALA K 94 29.18 43.07 21.89
C ALA K 94 29.59 43.11 20.42
N ILE K 95 28.66 43.42 19.51
CA ILE K 95 29.07 43.62 18.13
C ILE K 95 29.30 45.10 17.83
N TYR K 96 28.48 46.00 18.37
CA TYR K 96 28.72 47.43 18.30
C TYR K 96 29.96 47.82 19.09
N SER K 97 30.20 47.15 20.21
CA SER K 97 31.46 47.37 20.93
C SER K 97 32.66 46.84 20.17
N MET K 98 32.44 45.89 19.25
CA MET K 98 33.54 45.41 18.44
C MET K 98 33.78 46.32 17.24
N ALA K 99 32.74 47.06 16.83
CA ALA K 99 32.85 47.87 15.62
C ALA K 99 33.42 49.24 15.94
N VAL K 100 33.02 49.83 17.06
CA VAL K 100 33.60 51.11 17.48
C VAL K 100 35.02 50.88 17.99
N ASP K 101 35.33 49.64 18.36
CA ASP K 101 36.72 49.24 18.61
C ASP K 101 37.58 49.42 17.37
N GLU K 102 37.01 49.25 16.19
CA GLU K 102 37.82 49.20 14.98
C GLU K 102 38.07 50.58 14.39
N ILE K 103 37.05 51.45 14.40
CA ILE K 103 37.20 52.77 13.76
C ILE K 103 38.09 53.67 14.58
N ILE K 104 38.13 53.47 15.90
CA ILE K 104 39.06 54.25 16.71
C ILE K 104 40.39 53.51 16.84
N GLY K 105 40.34 52.18 16.91
CA GLY K 105 41.57 51.41 17.04
C GLY K 105 42.12 51.40 18.45
N TRP K 106 41.40 50.79 19.37
CA TRP K 106 41.84 50.77 20.76
C TRP K 106 42.92 49.72 20.98
N GLU K 107 43.19 49.49 22.26
CA GLU K 107 44.11 48.47 22.73
C GLU K 107 43.43 47.73 23.88
N VAL K 108 42.23 47.21 23.59
CA VAL K 108 41.41 46.43 24.52
C VAL K 108 42.24 45.30 25.12
N PRO K 109 42.40 45.27 26.42
CA PRO K 109 43.39 44.38 27.03
C PRO K 109 42.94 42.93 27.07
N GLU K 110 43.76 42.08 27.67
CA GLU K 110 43.42 40.67 27.76
C GLU K 110 42.26 40.45 28.70
N ARG K 111 42.18 41.24 29.76
CA ARG K 111 41.13 41.06 30.77
C ARG K 111 39.76 41.43 30.20
N ALA K 112 39.69 42.53 29.47
CA ALA K 112 38.43 42.92 28.85
C ALA K 112 38.04 41.95 27.75
N GLN K 113 39.03 41.41 27.03
CA GLN K 113 38.75 40.43 26.01
C GLN K 113 38.21 39.14 26.60
N TRP K 114 38.76 38.73 27.74
CA TRP K 114 38.28 37.52 28.40
C TRP K 114 36.89 37.71 28.97
N ILE K 115 36.62 38.89 29.56
CA ILE K 115 35.31 39.15 30.14
C ILE K 115 34.25 39.19 29.06
N ARG K 116 34.55 39.89 27.97
CA ARG K 116 33.60 39.94 26.86
C ARG K 116 33.43 38.59 26.19
N THR K 117 34.47 37.75 26.23
CA THR K 117 34.32 36.39 25.69
C THR K 117 33.36 35.56 26.51
N LEU K 118 33.54 35.57 27.83
CA LEU K 118 32.73 34.71 28.69
C LEU K 118 31.29 35.19 28.77
N VAL K 119 31.07 36.50 28.72
CA VAL K 119 29.69 36.96 28.72
C VAL K 119 29.06 36.77 27.34
N LEU K 120 29.87 36.75 26.27
CA LEU K 120 29.31 36.44 24.96
C LEU K 120 28.96 34.97 24.82
N GLU K 121 29.53 34.09 25.64
CA GLU K 121 29.18 32.69 25.53
C GLU K 121 28.11 32.29 26.54
N MET K 122 28.02 33.00 27.65
CA MET K 122 26.99 32.67 28.62
C MET K 122 25.66 33.28 28.24
N ALA K 123 25.67 34.38 27.48
CA ALA K 123 24.43 34.87 26.91
C ALA K 123 23.97 33.97 25.77
N ARG K 124 24.90 33.27 25.13
CA ARG K 124 24.53 32.37 24.06
C ARG K 124 23.87 31.11 24.61
N VAL K 125 24.35 30.61 25.75
CA VAL K 125 23.69 29.46 26.36
C VAL K 125 22.37 29.87 27.00
N THR K 126 22.25 31.14 27.40
CA THR K 126 20.96 31.65 27.84
C THR K 126 19.98 31.70 26.68
N ALA K 127 20.45 32.13 25.51
CA ALA K 127 19.56 32.21 24.36
C ALA K 127 19.18 30.84 23.83
N TYR K 128 20.08 29.86 23.96
CA TYR K 128 19.71 28.47 23.63
C TYR K 128 18.67 27.94 24.59
N LEU K 129 18.82 28.25 25.89
CA LEU K 129 17.83 27.80 26.87
C LEU K 129 16.49 28.48 26.64
N PHE K 130 16.51 29.75 26.23
CA PHE K 130 15.25 30.42 25.94
C PHE K 130 14.61 29.86 24.68
N TRP K 131 15.43 29.47 23.70
CA TRP K 131 14.85 28.87 22.49
C TRP K 131 14.24 27.51 22.80
N ILE K 132 14.84 26.76 23.73
CA ILE K 132 14.25 25.48 24.14
C ILE K 132 12.92 25.72 24.84
N MET K 133 12.85 26.71 25.72
CA MET K 133 11.62 27.00 26.43
C MET K 133 10.55 27.53 25.48
N GLY K 134 10.94 28.39 24.54
CA GLY K 134 10.02 28.86 23.53
C GLY K 134 9.55 27.78 22.59
N LEU K 135 10.38 26.78 22.33
CA LEU K 135 9.94 25.66 21.50
C LEU K 135 8.98 24.77 22.25
N SER K 136 9.23 24.54 23.53
CA SER K 136 8.38 23.63 24.26
C SER K 136 7.05 24.25 24.65
N PHE K 137 6.94 25.56 24.72
CA PHE K 137 5.65 26.18 25.00
C PHE K 137 4.68 26.07 23.85
N LYS K 138 5.17 25.82 22.63
CA LYS K 138 4.32 25.67 21.47
C LYS K 138 4.33 24.25 20.94
N LEU K 139 5.19 23.39 21.46
CA LEU K 139 5.16 21.98 21.09
C LEU K 139 4.37 21.16 22.09
N GLY K 140 3.53 21.78 22.90
CA GLY K 140 2.69 21.03 23.81
C GLY K 140 3.32 20.71 25.15
N VAL K 141 4.45 20.00 25.13
CA VAL K 141 5.11 19.53 26.34
C VAL K 141 5.61 20.69 27.18
N TYR K 142 5.03 20.87 28.36
CA TYR K 142 5.39 22.02 29.17
C TYR K 142 6.60 21.75 30.04
N THR K 143 6.92 20.49 30.31
CA THR K 143 7.96 20.16 31.28
C THR K 143 9.33 20.56 30.76
N ALA K 144 9.56 20.39 29.46
CA ALA K 144 10.80 20.90 28.88
C ALA K 144 10.78 22.42 28.75
N GLY K 145 9.64 23.05 28.91
CA GLY K 145 9.59 24.50 28.93
C GLY K 145 9.89 25.03 30.32
N GLN K 146 9.25 24.44 31.33
CA GLN K 146 9.45 24.91 32.70
C GLN K 146 10.85 24.63 33.19
N TRP K 147 11.44 23.51 32.77
CA TRP K 147 12.81 23.23 33.16
C TRP K 147 13.77 24.20 32.49
N ALA K 148 13.53 24.51 31.22
CA ALA K 148 14.44 25.38 30.48
C ALA K 148 14.40 26.79 31.03
N ALA K 149 13.23 27.26 31.42
CA ALA K 149 13.16 28.59 32.01
C ALA K 149 13.73 28.61 33.43
N ALA K 150 13.59 27.50 34.16
CA ALA K 150 14.16 27.42 35.49
C ALA K 150 15.68 27.45 35.44
N TYR K 151 16.26 26.77 34.45
CA TYR K 151 17.71 26.74 34.41
C TYR K 151 18.26 27.95 33.68
N ARG K 152 17.41 28.67 32.97
CA ARG K 152 17.82 29.98 32.50
C ARG K 152 17.82 30.99 33.63
N GLU K 153 16.99 30.79 34.64
CA GLU K 153 16.89 31.78 35.71
C GLU K 153 18.14 31.81 36.58
N ARG K 154 18.81 30.67 36.76
CA ARG K 154 20.04 30.74 37.54
C ARG K 154 21.17 31.38 36.75
N PHE K 155 21.13 31.32 35.42
CA PHE K 155 22.08 32.07 34.61
C PHE K 155 21.79 33.56 34.67
N MET K 156 20.52 33.92 34.74
CA MET K 156 20.17 35.33 34.92
C MET K 156 20.60 35.82 36.29
N ALA K 157 20.39 35.02 37.32
CA ALA K 157 20.80 35.39 38.66
C ALA K 157 22.32 35.31 38.83
N LEU K 158 23.02 34.70 37.89
CA LEU K 158 24.48 34.78 37.90
C LEU K 158 24.98 36.01 37.15
N PHE K 159 24.25 36.44 36.12
CA PHE K 159 24.60 37.69 35.44
C PHE K 159 24.39 38.88 36.34
N GLU K 160 23.38 38.79 37.21
CA GLU K 160 23.03 39.91 38.08
C GLU K 160 24.11 40.21 39.11
N GLN K 161 24.90 39.21 39.49
CA GLN K 161 26.06 39.47 40.33
C GLN K 161 27.07 40.33 39.60
N LEU K 162 27.22 40.12 38.30
CA LEU K 162 28.29 40.75 37.55
C LEU K 162 28.00 42.20 37.22
N THR K 163 26.92 42.45 36.48
CA THR K 163 26.82 43.68 35.71
C THR K 163 25.63 44.55 36.09
N GLY K 164 24.48 43.95 36.36
CA GLY K 164 23.31 44.76 36.56
C GLY K 164 22.05 43.94 36.58
N ALA K 165 21.10 44.29 35.73
CA ALA K 165 19.80 43.63 35.73
C ALA K 165 19.90 42.24 35.12
N ARG K 166 18.74 41.57 35.05
CA ARG K 166 18.64 40.25 34.47
C ARG K 166 18.96 40.27 32.98
N VAL K 167 18.10 40.92 32.20
CA VAL K 167 18.32 41.12 30.79
C VAL K 167 18.57 42.59 30.57
N TYR K 168 19.02 42.92 29.35
CA TYR K 168 19.47 44.24 28.96
C TYR K 168 20.50 44.79 29.93
N HIS K 169 21.55 44.00 30.16
CA HIS K 169 22.63 44.45 31.02
C HIS K 169 23.58 45.27 30.17
N ILE K 170 23.51 46.59 30.34
CA ILE K 170 24.35 47.49 29.56
C ILE K 170 25.75 47.35 30.11
N TYR K 171 26.55 46.54 29.44
CA TYR K 171 27.83 46.12 29.97
C TYR K 171 29.00 46.61 29.13
N THR K 172 29.02 46.27 27.86
CA THR K 172 30.23 46.39 27.05
C THR K 172 30.21 47.74 26.35
N ILE K 173 30.80 48.74 26.98
CA ILE K 173 30.98 50.04 26.34
C ILE K 173 32.03 49.86 25.25
N PRO K 174 32.09 50.76 24.22
CA PRO K 174 33.03 50.63 23.10
C PRO K 174 34.50 50.36 23.40
N GLY K 175 34.94 50.69 24.61
CA GLY K 175 36.22 50.19 25.03
C GLY K 175 36.09 49.38 26.31
N GLY K 176 36.33 48.08 26.21
CA GLY K 176 36.34 47.25 27.41
C GLY K 176 34.94 47.04 27.96
N VAL K 177 34.84 46.96 29.29
CA VAL K 177 33.60 46.71 29.98
C VAL K 177 33.40 47.80 31.03
N ARG K 178 32.36 47.63 31.85
CA ARG K 178 32.02 48.63 32.85
C ARG K 178 32.27 48.18 34.27
N ARG K 179 32.03 46.91 34.60
CA ARG K 179 32.26 46.40 35.94
C ARG K 179 32.99 45.08 35.84
N ASP K 180 34.08 44.94 36.59
CA ASP K 180 34.85 43.71 36.55
C ASP K 180 34.19 42.61 37.37
N ILE K 181 34.89 41.48 37.46
CA ILE K 181 34.38 40.33 38.22
C ILE K 181 34.39 40.66 39.71
N PRO K 182 33.44 40.12 40.49
CA PRO K 182 33.57 40.23 41.95
C PRO K 182 34.73 39.44 42.51
N GLY K 183 34.99 38.25 41.96
CA GLY K 183 36.13 37.46 42.41
C GLY K 183 35.84 35.98 42.56
N ASP K 184 36.38 35.38 43.62
CA ASP K 184 36.26 33.94 43.80
C ASP K 184 34.86 33.53 44.21
N LYS K 185 34.05 34.49 44.69
CA LYS K 185 32.65 34.18 44.95
C LYS K 185 31.89 33.99 43.65
N TRP K 186 32.36 34.61 42.57
CA TRP K 186 31.67 34.52 41.31
C TRP K 186 32.25 33.45 40.40
N LEU K 187 33.57 33.37 40.29
CA LEU K 187 34.19 32.47 39.32
C LEU K 187 34.05 31.02 39.76
N ARG K 188 33.99 30.78 41.07
CA ARG K 188 33.68 29.44 41.54
C ARG K 188 32.22 29.11 41.28
N GLN K 189 31.35 30.12 41.29
CA GLN K 189 29.92 29.89 41.11
C GLN K 189 29.59 29.47 39.69
N VAL K 190 30.31 30.02 38.70
CA VAL K 190 30.07 29.65 37.31
C VAL K 190 30.50 28.21 37.06
N ARG K 191 31.57 27.78 37.72
CA ARG K 191 31.98 26.37 37.65
C ARG K 191 30.91 25.47 38.20
N ASP K 192 30.24 25.91 39.28
CA ASP K 192 29.19 25.12 39.90
C ASP K 192 27.99 24.97 38.98
N THR K 193 27.52 26.08 38.39
CA THR K 193 26.33 25.98 37.56
C THR K 193 26.61 25.32 36.22
N VAL K 194 27.84 25.41 35.72
CA VAL K 194 28.14 24.77 34.43
C VAL K 194 28.30 23.27 34.61
N GLU K 195 28.95 22.84 35.69
CA GLU K 195 29.02 21.40 35.97
C GLU K 195 27.64 20.85 36.32
N TYR K 196 26.81 21.66 36.96
CA TYR K 196 25.44 21.24 37.27
C TYR K 196 24.63 21.07 36.00
N LEU K 197 24.72 22.02 35.07
CA LEU K 197 23.89 21.94 33.88
C LEU K 197 24.43 20.92 32.90
N LYS K 198 25.73 20.63 32.97
CA LYS K 198 26.27 19.55 32.14
C LYS K 198 25.85 18.19 32.68
N ASP K 199 25.60 18.09 33.99
CA ASP K 199 24.95 16.88 34.48
C ASP K 199 23.45 16.92 34.27
N LYS K 200 22.89 18.11 34.06
CA LYS K 200 21.45 18.25 33.91
C LYS K 200 20.98 18.02 32.48
N LEU K 201 21.87 18.24 31.50
CA LEU K 201 21.48 18.27 30.09
C LEU K 201 21.05 16.90 29.58
N LYS K 202 21.45 15.83 30.26
CA LYS K 202 20.99 14.50 29.88
C LYS K 202 19.54 14.23 30.28
N ASP K 203 18.88 15.15 30.97
CA ASP K 203 17.45 15.06 31.24
C ASP K 203 16.63 15.98 30.33
N PHE K 204 17.28 16.72 29.44
CA PHE K 204 16.56 17.41 28.38
C PHE K 204 16.38 16.54 27.15
N ASP K 205 17.29 15.58 26.95
CA ASP K 205 17.22 14.71 25.79
C ASP K 205 16.01 13.79 25.87
N ASN K 206 15.73 13.26 27.05
CA ASN K 206 14.65 12.31 27.22
C ASN K 206 13.27 12.95 27.11
N VAL K 207 13.17 14.27 27.15
CA VAL K 207 11.87 14.92 27.06
C VAL K 207 11.74 15.62 25.71
N LEU K 208 12.85 16.04 25.12
CA LEU K 208 12.73 16.83 23.90
C LEU K 208 13.34 16.15 22.67
N PHE K 209 14.30 15.25 22.86
CA PHE K 209 15.01 14.73 21.69
C PHE K 209 15.11 13.22 21.64
N GLU K 210 14.42 12.51 22.53
CA GLU K 210 14.53 11.06 22.50
C GLU K 210 13.17 10.39 22.36
N ASN K 211 12.11 11.18 22.53
CA ASN K 211 10.76 10.63 22.44
C ASN K 211 10.38 10.37 20.99
N TYR K 212 9.50 9.38 20.79
CA TYR K 212 9.07 9.02 19.45
C TYR K 212 7.84 9.82 19.04
N ILE K 213 7.52 10.86 19.80
CA ILE K 213 6.49 11.80 19.38
C ILE K 213 7.14 12.91 18.56
N THR K 214 8.11 13.60 19.17
CA THR K 214 8.79 14.73 18.54
C THR K 214 9.52 14.32 17.28
N TYR K 215 10.23 13.20 17.34
CA TYR K 215 10.90 12.65 16.16
C TYR K 215 9.91 12.29 15.06
N LYS K 216 8.71 11.87 15.41
CA LYS K 216 7.67 11.57 14.43
C LYS K 216 6.82 12.79 14.11
N ARG K 217 7.00 13.87 14.86
CA ARG K 217 6.29 15.11 14.60
C ARG K 217 7.05 16.06 13.69
N LEU K 218 8.38 16.07 13.75
CA LEU K 218 9.19 17.03 13.02
C LEU K 218 9.96 16.36 11.90
N GLU K 219 9.58 15.15 11.54
CA GLU K 219 10.28 14.38 10.51
C GLU K 219 9.81 14.84 9.15
N GLY K 220 10.74 15.30 8.32
CA GLY K 220 10.48 15.57 6.93
C GLY K 220 9.69 16.83 6.66
N ILE K 221 9.36 17.61 7.69
CA ILE K 221 8.61 18.84 7.46
C ILE K 221 9.56 19.98 7.19
N GLY K 222 9.18 20.85 6.25
CA GLY K 222 10.00 21.96 5.82
C GLY K 222 11.34 21.52 5.25
N VAL K 223 11.31 20.76 4.15
CA VAL K 223 12.55 20.26 3.57
C VAL K 223 13.30 21.41 2.93
N MET K 224 14.46 21.73 3.50
CA MET K 224 15.32 22.78 2.99
C MET K 224 16.43 22.13 2.18
N ASP K 225 16.58 22.58 0.93
CA ASP K 225 17.55 21.98 0.03
C ASP K 225 18.94 22.50 0.39
N LYS K 226 19.96 21.98 -0.28
CA LYS K 226 21.33 22.42 -0.07
C LYS K 226 21.65 23.71 -0.80
N LYS K 227 21.08 23.88 -2.00
CA LYS K 227 21.25 25.10 -2.79
C LYS K 227 20.25 26.17 -2.38
N PHE K 228 19.41 25.85 -1.40
CA PHE K 228 18.32 26.71 -0.98
C PHE K 228 18.67 27.45 0.30
N ALA K 229 19.87 27.25 0.82
CA ALA K 229 20.22 27.81 2.12
C ALA K 229 21.33 28.82 1.99
N LEU K 230 22.34 28.53 1.17
CA LEU K 230 23.53 29.36 1.14
C LEU K 230 23.30 30.64 0.36
N GLU K 231 22.43 30.60 -0.64
CA GLU K 231 22.17 31.77 -1.47
C GLU K 231 20.90 32.50 -1.08
N GLU K 232 20.27 32.11 0.03
CA GLU K 232 18.93 32.61 0.33
C GLU K 232 18.98 33.75 1.33
N GLY K 233 19.97 33.75 2.22
CA GLY K 233 20.03 34.78 3.24
C GLY K 233 20.24 34.15 4.59
N VAL K 234 20.41 32.83 4.58
CA VAL K 234 20.49 32.08 5.82
C VAL K 234 21.95 32.02 6.29
N THR K 235 22.16 32.34 7.57
CA THR K 235 23.52 32.52 8.05
C THR K 235 23.71 31.82 9.41
N GLY K 236 22.64 31.25 9.94
CA GLY K 236 22.65 30.78 11.31
C GLY K 236 23.27 29.43 11.52
N PRO K 237 22.79 28.71 12.53
CA PRO K 237 23.10 27.29 12.65
C PRO K 237 22.14 26.41 11.89
N ASN K 238 21.11 26.98 11.30
CA ASN K 238 20.09 26.15 10.66
C ASN K 238 20.45 25.84 9.21
N LEU K 239 21.28 26.66 8.57
CA LEU K 239 21.80 26.20 7.28
C LEU K 239 22.96 25.24 7.49
N ARG K 240 23.51 25.22 8.70
CA ARG K 240 24.56 24.27 9.04
C ARG K 240 24.01 22.86 9.17
N ALA K 241 22.70 22.71 9.38
CA ALA K 241 22.10 21.38 9.32
C ALA K 241 22.01 20.91 7.88
N THR K 242 21.81 21.83 6.94
CA THR K 242 22.06 21.51 5.55
C THR K 242 23.57 21.47 5.31
N GLY K 243 23.96 20.97 4.15
CA GLY K 243 25.39 20.81 3.96
C GLY K 243 26.07 22.12 3.64
N VAL K 244 26.62 22.73 4.68
CA VAL K 244 27.32 24.01 4.58
C VAL K 244 28.35 24.03 5.70
N ALA K 245 29.59 24.33 5.37
CA ALA K 245 30.67 24.43 6.36
C ALA K 245 30.95 25.91 6.56
N TYR K 246 30.27 26.52 7.53
CA TYR K 246 30.45 27.94 7.81
C TYR K 246 30.08 28.21 9.26
N ASP K 247 31.09 28.46 10.08
CA ASP K 247 30.92 28.91 11.45
C ASP K 247 31.82 30.12 11.63
N VAL K 248 31.21 31.27 11.96
CA VAL K 248 31.96 32.52 12.06
C VAL K 248 32.88 32.51 13.26
N ARG K 249 32.58 31.70 14.28
CA ARG K 249 33.53 31.52 15.38
C ARG K 249 34.73 30.70 14.92
N LYS K 250 34.52 29.80 13.97
CA LYS K 250 35.61 28.95 13.51
C LYS K 250 36.34 29.57 12.34
N SER K 251 35.61 30.22 11.42
CA SER K 251 36.23 30.76 10.22
C SER K 251 37.12 31.94 10.53
N ASP K 252 36.56 32.97 11.17
CA ASP K 252 37.31 34.16 11.57
C ASP K 252 37.06 34.42 13.05
N PRO K 253 37.87 33.84 13.92
CA PRO K 253 37.70 34.06 15.36
C PRO K 253 38.04 35.50 15.73
N TYR K 254 37.23 36.07 16.61
CA TYR K 254 37.27 37.48 16.91
C TYR K 254 37.69 37.75 18.34
N LEU K 255 37.01 37.16 19.30
CA LEU K 255 37.31 37.27 20.72
C LEU K 255 38.23 36.11 21.08
N LEU K 256 38.35 35.77 22.36
CA LEU K 256 39.27 34.70 22.76
C LEU K 256 38.69 33.32 22.40
N TYR K 257 38.43 33.12 21.12
CA TYR K 257 38.07 31.90 20.41
C TYR K 257 39.17 30.96 19.90
N PRO K 258 40.31 31.43 19.33
CA PRO K 258 41.25 30.44 18.75
C PRO K 258 41.87 29.47 19.74
N GLU K 259 42.01 29.87 21.00
CA GLU K 259 42.54 29.01 22.04
C GLU K 259 41.39 28.34 22.78
N LEU K 260 40.46 27.76 22.01
CA LEU K 260 39.35 27.02 22.62
C LEU K 260 39.24 25.58 22.09
N ASP K 261 39.38 25.42 20.77
CA ASP K 261 39.30 24.14 20.05
C ASP K 261 38.01 23.38 20.37
N PHE K 262 36.90 23.96 19.94
CA PHE K 262 35.61 23.30 19.96
C PHE K 262 35.34 22.69 18.59
N GLU K 263 34.39 21.78 18.54
CA GLU K 263 34.05 21.08 17.30
C GLU K 263 32.61 21.40 16.90
N ILE K 264 32.41 21.75 15.63
CA ILE K 264 31.13 22.24 15.16
C ILE K 264 30.35 21.12 14.49
N PRO K 265 29.02 21.14 14.54
CA PRO K 265 28.22 20.12 13.87
C PRO K 265 27.75 20.53 12.49
N VAL K 266 27.79 19.55 11.57
CA VAL K 266 27.33 19.71 10.20
C VAL K 266 26.63 18.42 9.79
N LEU K 267 25.40 18.53 9.29
CA LEU K 267 24.67 17.38 8.78
C LEU K 267 24.44 17.52 7.28
N LYS K 268 24.04 16.43 6.66
CA LYS K 268 23.68 16.46 5.23
C LYS K 268 22.17 16.49 5.03
N GLU K 269 21.40 16.49 6.11
CA GLU K 269 19.95 16.56 6.13
C GLU K 269 19.50 18.01 5.96
N GLY K 270 18.32 18.37 6.48
CA GLY K 270 17.74 19.64 6.11
C GLY K 270 16.24 19.73 6.29
N ASP K 271 15.62 18.64 6.72
CA ASP K 271 14.31 18.72 7.34
C ASP K 271 14.41 19.41 8.71
N ALA K 272 13.25 19.60 9.34
CA ALA K 272 13.16 20.51 10.49
C ALA K 272 13.90 19.99 11.70
N LEU K 273 13.81 18.70 11.98
CA LEU K 273 14.48 18.18 13.17
C LEU K 273 15.98 18.07 12.97
N ALA K 274 16.47 18.17 11.73
CA ALA K 274 17.90 18.34 11.55
C ALA K 274 18.35 19.69 12.07
N ARG K 275 17.52 20.71 11.94
CA ARG K 275 17.84 22.05 12.41
C ARG K 275 17.53 22.25 13.89
N VAL K 276 17.21 21.18 14.62
CA VAL K 276 16.99 21.22 16.06
C VAL K 276 18.07 20.44 16.80
N LEU K 277 18.43 19.27 16.27
CA LEU K 277 19.51 18.48 16.86
C LEU K 277 20.85 19.21 16.75
N VAL K 278 21.03 20.01 15.70
CA VAL K 278 22.26 20.77 15.56
C VAL K 278 22.33 21.85 16.63
N ARG K 279 21.19 22.42 17.02
CA ARG K 279 21.22 23.44 18.07
C ARG K 279 21.39 22.80 19.44
N ARG K 280 20.92 21.57 19.60
CA ARG K 280 21.16 20.84 20.85
C ARG K 280 22.64 20.52 21.00
N TYR K 281 23.27 20.07 19.92
CA TYR K 281 24.70 19.80 19.97
C TYR K 281 25.52 21.08 20.12
N GLU K 282 25.00 22.20 19.59
CA GLU K 282 25.67 23.47 19.81
C GLU K 282 25.59 23.87 21.28
N LEU K 283 24.49 23.53 21.95
CA LEU K 283 24.38 23.79 23.39
C LEU K 283 25.40 22.97 24.16
N GLU K 284 25.58 21.71 23.76
CA GLU K 284 26.53 20.83 24.44
C GLU K 284 27.97 21.34 24.28
N GLN K 285 28.38 21.65 23.05
CA GLN K 285 29.74 22.10 22.85
C GLN K 285 29.97 23.52 23.37
N ASP K 286 28.93 24.37 23.43
CA ASP K 286 29.12 25.70 23.99
C ASP K 286 29.25 25.67 25.50
N LEU K 287 28.55 24.73 26.14
CA LEU K 287 28.75 24.56 27.57
C LEU K 287 30.12 23.97 27.85
N TYR K 288 30.63 23.14 26.94
CA TYR K 288 32.01 22.67 27.04
C TYR K 288 33.01 23.81 26.83
N ILE K 289 32.63 24.82 26.03
CA ILE K 289 33.49 25.98 25.84
C ILE K 289 33.60 26.76 27.14
N ILE K 290 32.46 27.04 27.78
CA ILE K 290 32.46 27.82 29.02
C ILE K 290 33.17 27.07 30.13
N GLU K 291 33.08 25.74 30.14
CA GLU K 291 33.89 24.99 31.11
C GLU K 291 35.38 25.05 30.74
N GLN K 292 35.70 25.08 29.45
CA GLN K 292 37.09 25.11 29.04
C GLN K 292 37.69 26.50 29.22
N LEU K 293 36.88 27.53 29.04
CA LEU K 293 37.36 28.90 29.19
C LEU K 293 37.63 29.24 30.64
N LEU K 294 36.90 28.63 31.56
CA LEU K 294 37.00 28.99 32.97
C LEU K 294 38.30 28.51 33.60
N ASP K 295 38.75 27.31 33.20
CA ASP K 295 39.98 26.76 33.77
C ASP K 295 41.22 27.51 33.29
N MET K 296 41.10 28.27 32.21
CA MET K 296 42.13 29.26 31.89
C MET K 296 42.22 30.32 32.97
N GLY K 297 41.13 31.04 33.20
CA GLY K 297 41.13 32.13 34.17
C GLY K 297 41.76 33.37 33.61
N PRO K 298 41.23 34.54 33.94
CA PRO K 298 41.78 35.78 33.43
C PRO K 298 43.00 36.21 34.21
N PRO K 299 44.08 36.58 33.55
CA PRO K 299 45.17 37.26 34.23
C PRO K 299 44.85 38.71 34.58
N SER K 300 45.85 39.44 35.08
CA SER K 300 45.63 40.81 35.50
C SER K 300 45.46 41.74 34.30
N GLY K 301 45.08 42.98 34.60
CA GLY K 301 44.83 43.97 33.59
C GLY K 301 43.71 44.90 34.00
N PRO K 302 43.54 46.00 33.27
CA PRO K 302 42.42 46.90 33.54
C PRO K 302 41.16 46.46 32.80
N TYR K 303 40.03 46.96 33.27
CA TYR K 303 38.78 46.67 32.57
C TYR K 303 38.52 47.73 31.51
N LYS K 304 38.85 48.99 31.78
CA LYS K 304 38.78 50.01 30.77
C LYS K 304 39.94 49.85 29.78
N VAL K 305 39.95 50.66 28.73
CA VAL K 305 41.00 50.54 27.74
C VAL K 305 42.06 51.63 27.93
N GLN K 306 41.64 52.89 27.95
CA GLN K 306 42.54 54.03 27.98
C GLN K 306 41.94 55.09 28.87
N ASP K 307 42.80 55.81 29.57
CA ASP K 307 42.37 56.95 30.38
C ASP K 307 42.21 58.26 29.58
N PRO K 308 43.18 58.74 28.77
CA PRO K 308 43.00 60.11 28.23
C PRO K 308 41.96 60.23 27.12
N LYS K 309 41.89 59.28 26.19
CA LYS K 309 40.95 59.38 25.08
C LYS K 309 39.61 58.71 25.45
N LEU K 310 39.08 59.07 26.61
CA LEU K 310 37.73 58.67 26.94
C LEU K 310 36.96 59.78 27.65
N LYS K 311 37.63 60.81 28.14
CA LYS K 311 36.96 61.80 28.95
C LYS K 311 36.21 62.81 28.07
N ASN K 312 35.40 63.62 28.74
CA ASN K 312 34.30 64.39 28.15
C ASN K 312 33.42 63.48 27.28
N LEU K 313 32.89 62.45 27.93
CA LEU K 313 32.18 61.30 27.37
C LEU K 313 31.10 61.59 26.33
N PRO K 314 30.35 62.71 26.38
CA PRO K 314 29.57 63.05 25.19
C PRO K 314 30.40 63.49 24.00
N ARG K 315 31.30 64.46 24.20
CA ARG K 315 32.13 64.98 23.11
C ARG K 315 33.24 63.98 22.83
N PHE K 316 32.93 63.04 21.94
CA PHE K 316 33.78 61.89 21.68
C PHE K 316 34.09 61.76 20.19
N LYS K 317 34.66 62.81 19.60
CA LYS K 317 34.99 62.85 18.18
C LYS K 317 35.84 61.66 17.75
N VAL K 318 35.26 60.82 16.92
CA VAL K 318 35.91 59.65 16.34
C VAL K 318 36.36 60.01 14.92
N PRO K 319 37.57 59.63 14.50
CA PRO K 319 37.98 59.92 13.13
C PRO K 319 37.13 59.15 12.14
N PRO K 320 36.89 59.71 10.94
CA PRO K 320 35.93 59.11 10.01
C PRO K 320 36.37 57.78 9.42
N GLY K 321 35.48 57.17 8.65
CA GLY K 321 35.64 55.84 8.13
C GLY K 321 34.41 55.03 8.40
N GLU K 322 34.55 53.70 8.32
CA GLU K 322 33.44 52.80 8.55
C GLU K 322 33.98 51.47 9.03
N ALA K 323 33.10 50.67 9.61
CA ALA K 323 33.50 49.36 10.09
C ALA K 323 32.32 48.42 10.03
N PHE K 324 32.60 47.17 9.70
CA PHE K 324 31.62 46.10 9.75
C PHE K 324 32.14 45.09 10.76
N ALA K 325 31.23 44.54 11.54
CA ALA K 325 31.54 43.43 12.41
C ALA K 325 30.39 42.45 12.31
N HIS K 326 30.65 41.18 12.61
CA HIS K 326 29.60 40.18 12.62
C HIS K 326 30.01 39.05 13.55
N VAL K 327 29.02 38.46 14.21
CA VAL K 327 29.22 37.64 15.38
C VAL K 327 28.15 36.55 15.39
N GLU K 328 28.50 35.38 15.92
CA GLU K 328 27.56 34.27 15.99
C GLU K 328 26.46 34.54 17.01
N ALA K 329 25.24 34.12 16.66
CA ALA K 329 24.10 34.28 17.54
C ALA K 329 23.42 32.94 17.72
N THR K 330 22.30 32.96 18.43
CA THR K 330 21.51 31.74 18.60
C THR K 330 20.76 31.37 17.32
N LYS K 331 20.56 32.35 16.44
CA LYS K 331 19.69 32.13 15.28
C LYS K 331 20.32 32.55 13.96
N GLY K 332 21.28 33.48 13.99
CA GLY K 332 21.84 33.98 12.75
C GLY K 332 23.02 34.90 12.92
N ASP K 333 24.10 34.63 12.18
CA ASP K 333 25.29 35.48 12.19
C ASP K 333 24.90 36.84 11.64
N PHE K 334 24.73 37.80 12.53
CA PHE K 334 24.10 39.06 12.17
C PHE K 334 25.07 40.20 12.43
N GLY K 335 25.16 41.10 11.46
CA GLY K 335 26.18 42.11 11.45
C GLY K 335 25.68 43.47 11.84
N ALA K 336 26.63 44.33 12.13
CA ALA K 336 26.38 45.74 12.36
C ALA K 336 27.07 46.53 11.26
N TYR K 337 26.61 47.75 11.03
CA TYR K 337 27.27 48.60 10.06
C TYR K 337 27.26 50.02 10.61
N VAL K 338 28.40 50.48 11.08
CA VAL K 338 28.55 51.82 11.60
C VAL K 338 29.34 52.63 10.59
N VAL K 339 28.90 53.85 10.34
CA VAL K 339 29.68 54.81 9.58
C VAL K 339 29.81 56.06 10.43
N SER K 340 30.99 56.66 10.41
CA SER K 340 31.27 57.80 11.27
C SER K 340 31.55 58.99 10.39
N ASP K 341 30.77 60.05 10.58
CA ASP K 341 31.02 61.26 9.80
C ASP K 341 32.26 61.97 10.31
N GLY K 342 32.59 61.82 11.58
CA GLY K 342 33.75 62.47 12.14
C GLY K 342 33.42 63.21 13.41
N GLY K 343 32.15 63.19 13.81
CA GLY K 343 31.68 63.85 14.99
C GLY K 343 31.21 62.89 16.07
N HIS K 344 30.54 63.47 17.06
CA HIS K 344 30.01 62.69 18.17
C HIS K 344 28.64 62.14 17.89
N LYS K 345 28.42 61.57 16.71
CA LYS K 345 27.15 61.00 16.30
C LYS K 345 27.48 59.88 15.34
N PRO K 346 26.96 58.70 15.54
CA PRO K 346 27.05 57.70 14.49
C PRO K 346 26.21 58.13 13.32
N TYR K 347 26.83 58.20 12.15
CA TYR K 347 26.17 58.73 10.97
C TYR K 347 25.07 57.81 10.50
N ARG K 348 25.31 56.51 10.54
CA ARG K 348 24.26 55.51 10.41
C ARG K 348 24.77 54.26 11.08
N VAL K 349 24.09 53.82 12.12
CA VAL K 349 24.34 52.50 12.67
C VAL K 349 23.22 51.59 12.19
N HIS K 350 23.58 50.67 11.32
CA HIS K 350 22.65 49.66 10.85
C HIS K 350 22.90 48.38 11.63
N ILE K 351 21.86 47.88 12.27
CA ILE K 351 21.95 46.57 12.89
C ILE K 351 21.19 45.60 12.02
N ARG K 352 21.91 44.80 11.24
CA ARG K 352 21.27 43.78 10.45
C ARG K 352 20.69 42.73 11.37
N GLY K 353 19.37 42.58 11.37
CA GLY K 353 18.75 41.54 12.14
C GLY K 353 19.11 40.20 11.55
N PRO K 354 19.27 39.19 12.40
CA PRO K 354 19.54 37.84 11.88
C PRO K 354 18.38 37.26 11.11
N SER K 355 17.15 37.62 11.46
CA SER K 355 15.96 36.97 10.93
C SER K 355 15.30 37.78 9.82
N ILE K 356 16.07 38.52 9.02
CA ILE K 356 15.44 39.37 8.03
C ILE K 356 15.03 38.55 6.81
N ALA K 357 15.95 37.73 6.30
CA ALA K 357 15.64 36.74 5.26
C ALA K 357 15.76 35.33 5.79
N HIS K 358 15.44 35.15 7.07
CA HIS K 358 15.73 33.94 7.82
C HIS K 358 14.50 33.46 8.57
N GLY K 359 13.37 33.47 7.88
CA GLY K 359 12.11 33.30 8.56
C GLY K 359 11.11 34.31 8.05
N VAL K 360 11.47 35.03 7.00
CA VAL K 360 10.51 35.87 6.30
C VAL K 360 10.40 35.45 4.85
N ARG K 361 11.54 35.39 4.17
CA ARG K 361 11.57 34.96 2.78
C ARG K 361 11.76 33.46 2.64
N VAL K 362 12.64 32.87 3.45
CA VAL K 362 12.83 31.43 3.38
C VAL K 362 11.67 30.72 4.05
N LEU K 363 10.92 31.42 4.91
CA LEU K 363 9.71 30.84 5.48
C LEU K 363 8.58 30.76 4.47
N GLU K 364 8.59 31.63 3.46
CA GLU K 364 7.53 31.62 2.45
C GLU K 364 7.61 30.36 1.60
N GLN K 365 8.81 29.94 1.22
CA GLN K 365 8.95 28.69 0.49
C GLN K 365 9.21 27.51 1.40
N LEU K 366 8.90 27.63 2.69
CA LEU K 366 8.98 26.50 3.60
C LEU K 366 7.63 26.05 4.13
N LEU K 367 6.63 26.92 4.16
CA LEU K 367 5.31 26.56 4.63
C LEU K 367 4.40 26.05 3.53
N VAL K 368 4.81 26.16 2.27
CA VAL K 368 3.96 25.76 1.15
C VAL K 368 3.89 24.24 1.08
N GLY K 369 2.77 23.68 1.55
CA GLY K 369 2.58 22.25 1.57
C GLY K 369 2.52 21.69 2.97
N ALA K 370 3.06 22.43 3.94
CA ALA K 370 3.11 21.95 5.31
C ALA K 370 1.74 22.04 5.96
N ARG K 371 1.51 21.17 6.93
CA ARG K 371 0.24 21.11 7.63
C ARG K 371 0.17 22.21 8.68
N LEU K 372 -1.02 22.40 9.25
CA LEU K 372 -1.23 23.51 10.17
C LEU K 372 -0.56 23.24 11.51
N ALA K 373 -0.45 21.97 11.89
CA ALA K 373 0.23 21.62 13.13
C ALA K 373 1.71 21.95 13.11
N ASP K 374 2.31 22.01 11.92
CA ASP K 374 3.72 22.31 11.79
C ASP K 374 3.96 23.67 11.15
N VAL K 375 3.03 24.60 11.32
CA VAL K 375 3.33 26.03 11.17
C VAL K 375 4.00 26.59 12.42
N PRO K 376 3.56 26.32 13.67
CA PRO K 376 4.34 26.86 14.80
C PRO K 376 5.67 26.17 15.01
N ALA K 377 5.75 24.86 14.75
CA ALA K 377 7.00 24.14 14.97
C ALA K 377 8.07 24.57 13.97
N ILE K 378 7.68 24.81 12.72
CA ILE K 378 8.59 25.37 11.73
C ILE K 378 8.99 26.78 12.10
N LEU K 379 8.05 27.53 12.68
CA LEU K 379 8.33 28.90 13.11
C LEU K 379 9.38 28.95 14.22
N MET K 380 9.46 27.90 15.03
CA MET K 380 10.45 27.85 16.08
C MET K 380 11.67 27.02 15.70
N SER K 381 11.60 26.28 14.59
CA SER K 381 12.75 25.51 14.15
C SER K 381 13.72 26.38 13.35
N LEU K 382 13.36 27.63 13.13
CA LEU K 382 14.33 28.59 12.64
C LEU K 382 14.74 29.61 13.69
N ASP K 383 14.17 29.54 14.91
CA ASP K 383 14.32 30.55 15.97
C ASP K 383 13.96 31.95 15.47
N ASN K 384 12.69 32.12 15.12
CA ASN K 384 12.22 33.40 14.66
C ASN K 384 11.99 34.37 15.80
N CYS K 385 12.78 35.44 15.84
CA CYS K 385 12.65 36.46 16.86
C CYS K 385 12.19 37.75 16.20
N PRO K 386 10.96 38.21 16.45
CA PRO K 386 10.37 39.33 15.67
C PRO K 386 11.06 40.69 15.83
N PRO K 387 11.81 41.00 16.92
CA PRO K 387 12.54 42.28 16.88
C PRO K 387 13.71 42.40 15.91
N ASP K 388 13.94 41.43 15.03
CA ASP K 388 15.07 41.59 14.12
C ASP K 388 14.66 41.94 12.69
N ILE K 389 13.42 41.66 12.29
CA ILE K 389 13.01 41.96 10.91
C ILE K 389 12.82 43.46 10.75
N ASP K 390 12.22 44.08 11.75
CA ASP K 390 11.87 45.49 11.70
C ASP K 390 13.07 46.42 11.66
N ARG K 391 13.94 46.35 12.67
CA ARG K 391 15.06 47.28 12.95
C ARG K 391 14.64 48.75 12.88
N ILE L 2 -39.63 11.94 44.34
CA ILE L 2 -39.13 13.09 45.06
C ILE L 2 -37.83 12.73 45.80
N GLY L 3 -37.68 11.45 46.14
CA GLY L 3 -36.46 11.01 46.78
C GLY L 3 -35.37 10.69 45.78
N VAL L 4 -35.77 10.18 44.61
CA VAL L 4 -34.81 9.93 43.53
C VAL L 4 -34.31 11.27 42.97
N PHE L 5 -35.14 12.31 43.06
CA PHE L 5 -34.72 13.64 42.62
C PHE L 5 -33.64 14.21 43.55
N LEU L 6 -33.83 14.05 44.86
CA LEU L 6 -32.82 14.52 45.81
C LEU L 6 -31.57 13.67 45.75
N ARG L 7 -31.71 12.37 45.47
CA ARG L 7 -30.54 11.51 45.34
C ARG L 7 -29.76 11.83 44.08
N ALA L 8 -30.46 12.16 42.98
CA ALA L 8 -29.78 12.58 41.76
C ALA L 8 -29.13 13.95 41.94
N LEU L 9 -29.76 14.83 42.72
CA LEU L 9 -29.14 16.10 43.06
C LEU L 9 -27.91 15.90 43.93
N LEU L 10 -27.94 14.90 44.81
CA LEU L 10 -26.78 14.54 45.61
C LEU L 10 -25.64 14.06 44.73
N ILE L 11 -25.95 13.24 43.72
CA ILE L 11 -24.90 12.71 42.85
C ILE L 11 -24.32 13.80 41.96
N ILE L 12 -25.15 14.71 41.43
CA ILE L 12 -24.63 15.76 40.57
C ILE L 12 -23.82 16.78 41.37
N ILE L 13 -24.22 17.05 42.62
CA ILE L 13 -23.48 18.05 43.36
C ILE L 13 -22.20 17.44 43.95
N TYR L 14 -22.20 16.12 44.19
CA TYR L 14 -20.96 15.48 44.61
C TYR L 14 -20.01 15.36 43.44
N ALA L 15 -20.54 15.06 42.25
CA ALA L 15 -19.71 14.97 41.06
C ALA L 15 -19.11 16.32 40.71
N THR L 16 -19.85 17.40 40.98
CA THR L 16 -19.28 18.74 40.86
C THR L 16 -18.15 18.97 41.86
N PHE L 17 -18.44 18.77 43.14
CA PHE L 17 -17.46 19.09 44.17
C PHE L 17 -16.38 18.03 44.35
N VAL L 18 -16.31 16.99 43.52
CA VAL L 18 -15.14 16.13 43.47
C VAL L 18 -14.50 16.12 42.09
N GLY L 19 -15.25 16.43 41.04
CA GLY L 19 -14.67 16.51 39.72
C GLY L 19 -13.82 17.74 39.54
N PHE L 20 -14.25 18.87 40.13
CA PHE L 20 -13.41 20.07 40.10
C PHE L 20 -12.16 19.87 40.93
N ILE L 21 -12.26 19.11 42.01
CA ILE L 21 -11.09 18.84 42.84
C ILE L 21 -10.18 17.86 42.12
N PHE L 22 -10.74 17.00 41.27
CA PHE L 22 -9.90 16.09 40.49
C PHE L 22 -9.14 16.84 39.40
N MET L 23 -9.78 17.82 38.77
CA MET L 23 -9.08 18.66 37.81
C MET L 23 -8.03 19.51 38.50
N GLY L 24 -8.31 19.97 39.72
CA GLY L 24 -7.30 20.65 40.51
C GLY L 24 -6.16 19.75 40.92
N ILE L 25 -6.45 18.46 41.11
CA ILE L 25 -5.40 17.50 41.41
C ILE L 25 -4.52 17.26 40.17
N ILE L 26 -5.15 17.25 39.00
CA ILE L 26 -4.41 17.19 37.73
C ILE L 26 -3.51 18.39 37.58
N ARG L 27 -4.01 19.58 37.92
CA ARG L 27 -3.19 20.78 37.85
C ARG L 27 -2.07 20.75 38.88
N LYS L 28 -2.32 20.18 40.05
CA LYS L 28 -1.30 20.10 41.09
C LYS L 28 -0.21 19.12 40.72
N VAL L 29 -0.57 17.98 40.13
CA VAL L 29 0.44 17.00 39.78
C VAL L 29 1.25 17.46 38.58
N THR L 30 0.59 18.08 37.59
CA THR L 30 1.34 18.66 36.47
C THR L 30 2.17 19.86 36.92
N ALA L 31 1.82 20.49 38.03
CA ALA L 31 2.69 21.51 38.58
C ALA L 31 3.93 20.88 39.22
N ARG L 32 3.74 19.82 39.98
CA ARG L 32 4.88 19.18 40.62
C ARG L 32 5.69 18.34 39.65
N ILE L 33 5.16 18.06 38.46
CA ILE L 33 5.89 17.20 37.52
C ILE L 33 7.04 17.94 36.87
N HIS L 34 7.04 19.27 36.91
CA HIS L 34 8.14 20.06 36.39
C HIS L 34 8.49 21.17 37.34
N ARG L 35 8.57 20.81 38.63
CA ARG L 35 9.24 21.58 39.68
C ARG L 35 8.59 22.94 39.91
N ARG L 36 7.33 22.90 40.31
CA ARG L 36 6.65 24.12 40.67
C ARG L 36 5.54 23.79 41.66
N ILE L 37 5.27 24.72 42.58
CA ILE L 37 4.16 24.55 43.53
C ILE L 37 2.84 24.53 42.78
N GLY L 38 2.60 25.53 41.95
CA GLY L 38 1.37 25.60 41.20
C GLY L 38 0.21 26.01 42.08
N PRO L 39 -1.01 25.76 41.60
CA PRO L 39 -2.18 26.31 42.25
C PRO L 39 -2.51 25.56 43.53
N PRO L 40 -3.40 26.10 44.36
CA PRO L 40 -3.94 25.31 45.45
C PRO L 40 -4.86 24.20 44.94
N ILE L 41 -5.27 23.33 45.87
CA ILE L 41 -6.09 22.18 45.50
C ILE L 41 -7.48 22.64 45.06
N TYR L 42 -7.99 23.68 45.70
CA TYR L 42 -9.34 24.15 45.37
C TYR L 42 -9.26 25.23 44.31
N GLN L 43 -8.50 25.00 43.24
CA GLN L 43 -8.30 26.02 42.21
C GLN L 43 -9.46 26.16 41.21
N PRO L 44 -9.91 25.11 40.50
CA PRO L 44 -10.86 25.38 39.40
C PRO L 44 -12.26 25.68 39.87
N ILE L 45 -12.55 25.45 41.16
CA ILE L 45 -13.77 25.99 41.76
C ILE L 45 -13.76 27.52 41.68
N ILE L 46 -12.59 28.12 41.90
CA ILE L 46 -12.48 29.57 41.79
C ILE L 46 -12.46 30.01 40.32
N ASP L 47 -12.08 29.11 39.40
CA ASP L 47 -12.24 29.40 37.98
C ASP L 47 -13.71 29.51 37.59
N THR L 48 -14.50 28.51 38.02
CA THR L 48 -15.93 28.52 37.74
C THR L 48 -16.62 29.67 38.46
N LEU L 49 -16.17 29.98 39.67
CA LEU L 49 -16.79 31.05 40.45
C LEU L 49 -16.44 32.41 39.86
N LYS L 50 -15.29 32.50 39.18
CA LYS L 50 -14.97 33.73 38.48
C LYS L 50 -15.80 33.88 37.22
N PHE L 51 -15.96 32.79 36.46
CA PHE L 51 -16.58 32.88 35.15
C PHE L 51 -18.08 33.03 35.20
N PHE L 52 -18.71 33.04 36.38
CA PHE L 52 -20.12 33.38 36.48
C PHE L 52 -20.33 34.75 37.10
N GLY L 53 -19.30 35.59 37.07
CA GLY L 53 -19.37 36.88 37.72
C GLY L 53 -19.03 38.03 36.80
N LYS L 54 -19.28 37.86 35.51
CA LYS L 54 -19.01 38.93 34.55
C LYS L 54 -20.20 39.89 34.50
N LYS L 55 -20.16 40.81 33.53
CA LYS L 55 -21.26 41.72 33.26
C LYS L 55 -21.55 41.86 31.77
N GLU L 56 -20.87 41.09 30.93
CA GLU L 56 -21.18 41.04 29.52
C GLU L 56 -20.99 39.61 29.06
N ASN L 57 -21.66 39.25 27.98
CA ASN L 57 -21.48 37.95 27.36
C ASN L 57 -21.49 38.15 25.85
N ILE L 58 -21.53 37.05 25.11
CA ILE L 58 -21.36 37.14 23.67
C ILE L 58 -22.64 36.71 22.95
N THR L 59 -23.01 35.43 23.09
CA THR L 59 -24.21 34.81 22.50
C THR L 59 -24.36 35.13 21.01
N HIS L 60 -23.45 34.54 20.22
CA HIS L 60 -23.42 34.75 18.78
C HIS L 60 -24.73 34.35 18.11
N GLY L 61 -25.39 33.31 18.61
CA GLY L 61 -26.60 32.85 17.98
C GLY L 61 -27.55 32.17 18.94
N LEU L 62 -28.72 31.82 18.39
CA LEU L 62 -29.73 31.08 19.14
C LEU L 62 -29.29 29.66 19.45
N ILE L 63 -28.44 29.07 18.61
CA ILE L 63 -27.91 27.74 18.85
C ILE L 63 -26.61 27.79 19.64
N TYR L 64 -25.94 28.95 19.67
CA TYR L 64 -24.69 29.11 20.39
C TYR L 64 -24.85 28.89 21.89
N ASP L 65 -26.05 29.13 22.40
CA ASP L 65 -26.34 28.77 23.79
C ASP L 65 -26.61 27.28 23.91
N PHE L 66 -27.56 26.77 23.12
CA PHE L 66 -28.17 25.48 23.37
C PHE L 66 -27.23 24.30 23.14
N GLY L 67 -26.15 24.49 22.39
CA GLY L 67 -25.22 23.40 22.16
C GLY L 67 -24.44 23.02 23.41
N ILE L 68 -23.85 24.01 24.08
CA ILE L 68 -23.08 23.70 25.28
C ILE L 68 -23.98 23.36 26.46
N ILE L 69 -25.21 23.90 26.48
CA ILE L 69 -26.16 23.50 27.50
C ILE L 69 -26.59 22.05 27.28
N TYR L 70 -26.67 21.64 26.02
CA TYR L 70 -26.92 20.24 25.72
C TYR L 70 -25.70 19.39 26.07
N ALA L 71 -24.50 19.96 25.96
CA ALA L 71 -23.30 19.23 26.36
C ALA L 71 -23.28 18.98 27.86
N VAL L 72 -23.70 19.97 28.63
CA VAL L 72 -23.77 19.80 30.09
C VAL L 72 -24.87 18.80 30.45
N GLY L 73 -26.00 18.84 29.75
CA GLY L 73 -27.05 17.86 30.00
C GLY L 73 -26.64 16.45 29.64
N ALA L 74 -25.86 16.31 28.57
CA ALA L 74 -25.40 14.97 28.17
C ALA L 74 -24.34 14.44 29.11
N THR L 75 -23.46 15.29 29.62
CA THR L 75 -22.43 14.80 30.53
C THR L 75 -22.99 14.55 31.93
N ILE L 76 -24.12 15.17 32.25
CA ILE L 76 -24.81 14.79 33.48
C ILE L 76 -25.55 13.47 33.29
N LEU L 77 -26.12 13.28 32.10
CA LEU L 77 -26.78 12.02 31.80
C LEU L 77 -25.79 10.86 31.73
N ALA L 78 -24.52 11.16 31.44
CA ALA L 78 -23.51 10.10 31.39
C ALA L 78 -23.23 9.54 32.77
N LEU L 79 -23.10 10.41 33.77
CA LEU L 79 -22.75 9.99 35.13
C LEU L 79 -23.95 9.49 35.93
N MET L 80 -25.16 9.67 35.41
CA MET L 80 -26.35 9.26 36.14
C MET L 80 -26.58 7.76 36.12
N PHE L 81 -25.94 7.03 35.20
CA PHE L 81 -26.22 5.61 35.02
C PHE L 81 -25.10 4.72 35.53
N ILE L 82 -23.87 5.22 35.50
CA ILE L 82 -22.74 4.45 36.01
C ILE L 82 -22.89 4.33 37.54
N PRO L 83 -22.66 3.16 38.13
CA PRO L 83 -23.00 2.98 39.55
C PRO L 83 -22.00 3.62 40.49
N LEU L 84 -22.23 4.88 40.85
CA LEU L 84 -21.37 5.57 41.79
C LEU L 84 -21.58 4.96 43.16
N GLY L 85 -20.84 3.89 43.45
CA GLY L 85 -20.99 3.16 44.68
C GLY L 85 -22.29 2.39 44.71
N PRO L 86 -22.80 2.12 45.92
CA PRO L 86 -24.13 1.52 46.00
C PRO L 86 -25.23 2.51 45.72
N ILE L 87 -24.99 3.79 45.99
CA ILE L 87 -26.00 4.84 45.79
C ILE L 87 -26.10 5.12 44.30
N SER L 88 -27.08 4.51 43.65
CA SER L 88 -27.37 4.72 42.24
C SER L 88 -28.83 5.08 42.13
N VAL L 89 -29.15 6.06 41.28
CA VAL L 89 -30.54 6.40 41.04
C VAL L 89 -31.24 5.30 40.24
N LEU L 90 -30.46 4.52 39.50
CA LEU L 90 -30.98 3.35 38.78
C LEU L 90 -29.77 2.47 38.48
N ARG L 91 -29.92 1.16 38.67
CA ARG L 91 -28.87 0.20 38.35
C ARG L 91 -29.39 -0.89 37.43
N ALA L 92 -30.65 -0.80 37.03
CA ALA L 92 -31.23 -1.77 36.12
C ALA L 92 -30.65 -1.67 34.72
N TYR L 93 -30.31 -0.47 34.27
CA TYR L 93 -29.86 -0.25 32.89
C TYR L 93 -28.73 0.78 32.91
N GLY L 94 -27.51 0.27 32.88
CA GLY L 94 -26.36 1.13 32.77
C GLY L 94 -25.42 0.60 31.71
N ASP L 95 -26.02 0.15 30.60
CA ASP L 95 -25.35 -0.63 29.56
C ASP L 95 -24.12 0.05 28.99
N LEU L 96 -23.20 -0.76 28.48
CA LEU L 96 -21.91 -0.33 27.97
C LEU L 96 -22.03 0.66 26.82
N ILE L 97 -22.92 0.37 25.87
CA ILE L 97 -23.02 1.19 24.66
C ILE L 97 -23.61 2.55 24.99
N LEU L 98 -24.50 2.59 26.00
CA LEU L 98 -25.09 3.85 26.45
C LEU L 98 -24.03 4.81 26.98
N VAL L 99 -23.22 4.33 27.92
CA VAL L 99 -22.23 5.20 28.56
C VAL L 99 -21.10 5.54 27.59
N THR L 100 -20.75 4.57 26.74
CA THR L 100 -19.70 4.78 25.75
C THR L 100 -20.11 5.84 24.72
N PHE L 101 -21.35 5.80 24.26
CA PHE L 101 -21.80 6.85 23.36
C PHE L 101 -22.10 8.15 24.07
N LEU L 102 -22.44 8.11 25.35
CA LEU L 102 -22.75 9.35 26.05
C LEU L 102 -21.51 10.03 26.60
N LEU L 103 -20.34 9.47 26.37
CA LEU L 103 -19.14 10.29 26.53
C LEU L 103 -18.88 11.13 25.29
N GLU L 104 -19.29 10.64 24.12
CA GLU L 104 -18.98 11.34 22.87
C GLU L 104 -19.89 12.53 22.65
N ILE L 105 -21.09 12.50 23.24
CA ILE L 105 -22.05 13.60 23.03
C ILE L 105 -21.61 14.90 23.69
N PRO L 106 -20.88 14.91 24.83
CA PRO L 106 -20.13 16.13 25.19
C PRO L 106 -19.18 16.66 24.13
N MET L 107 -18.57 15.78 23.33
CA MET L 107 -17.72 16.27 22.25
C MET L 107 -18.53 16.74 21.05
N LEU L 108 -19.84 16.51 21.04
CA LEU L 108 -20.70 17.25 20.12
C LEU L 108 -20.95 18.65 20.63
N GLY L 109 -21.57 18.77 21.80
CA GLY L 109 -22.18 20.03 22.20
C GLY L 109 -21.16 21.08 22.58
N ILE L 110 -19.95 20.66 22.94
CA ILE L 110 -18.88 21.60 23.19
C ILE L 110 -18.25 22.08 21.89
N MET L 111 -18.61 21.44 20.79
CA MET L 111 -18.14 21.75 19.44
C MET L 111 -19.28 22.19 18.53
N PHE L 112 -20.48 21.66 18.74
CA PHE L 112 -21.65 22.04 17.94
C PHE L 112 -22.02 23.50 18.20
N ALA L 113 -21.79 23.99 19.41
CA ALA L 113 -21.95 25.39 19.72
C ALA L 113 -20.65 26.16 19.57
N ALA L 114 -19.52 25.48 19.39
CA ALA L 114 -18.29 26.17 19.01
C ALA L 114 -18.26 26.48 17.52
N MET L 115 -19.13 25.88 16.74
CA MET L 115 -19.23 26.19 15.32
C MET L 115 -20.11 27.40 15.06
N SER L 116 -21.06 27.67 15.95
CA SER L 116 -22.04 28.72 15.71
C SER L 116 -21.42 30.10 15.84
N SER L 117 -20.30 30.18 16.56
CA SER L 117 -19.53 31.42 16.59
C SER L 117 -19.02 31.77 15.21
N GLY L 118 -18.33 30.82 14.58
CA GLY L 118 -17.87 31.00 13.23
C GLY L 118 -16.46 31.55 13.28
N ASN L 119 -15.47 30.69 13.07
CA ASN L 119 -14.09 31.09 13.18
C ASN L 119 -13.25 30.08 12.43
N PRO L 120 -12.18 30.49 11.78
CA PRO L 120 -11.25 29.50 11.24
C PRO L 120 -10.50 28.78 12.33
N TYR L 121 -10.35 29.40 13.50
CA TYR L 121 -9.74 28.72 14.63
C TYR L 121 -10.71 27.71 15.22
N ALA L 122 -11.98 28.10 15.36
CA ALA L 122 -12.98 27.14 15.82
C ALA L 122 -13.27 26.10 14.75
N GLY L 123 -13.17 26.48 13.48
CA GLY L 123 -13.37 25.52 12.40
C GLY L 123 -12.27 24.49 12.33
N ILE L 124 -11.02 24.92 12.42
CA ILE L 124 -9.92 23.97 12.40
C ILE L 124 -9.71 23.31 13.73
N GLY L 125 -10.29 23.85 14.81
CA GLY L 125 -10.32 23.11 16.06
C GLY L 125 -11.31 21.97 15.99
N ALA L 126 -12.48 22.24 15.42
CA ALA L 126 -13.49 21.20 15.22
C ALA L 126 -13.03 20.20 14.18
N GLN L 127 -12.20 20.65 13.24
CA GLN L 127 -11.60 19.76 12.27
C GLN L 127 -10.62 18.82 12.95
N ARG L 128 -9.86 19.33 13.91
CA ARG L 128 -8.87 18.49 14.56
C ARG L 128 -9.44 17.79 15.80
N ALA L 129 -10.67 18.11 16.18
CA ALA L 129 -11.31 17.39 17.27
C ALA L 129 -12.09 16.19 16.76
N LEU L 130 -12.62 16.27 15.53
CA LEU L 130 -13.53 15.22 15.05
C LEU L 130 -12.78 14.02 14.51
N LEU L 131 -11.52 14.21 14.09
CA LEU L 131 -10.74 13.05 13.67
C LEU L 131 -10.33 12.18 14.85
N THR L 132 -10.27 12.76 16.05
CA THR L 132 -10.05 11.95 17.25
C THR L 132 -11.23 11.02 17.46
N LEU L 133 -12.42 11.62 17.59
CA LEU L 133 -13.66 10.88 17.82
C LEU L 133 -13.97 9.91 16.69
N LEU L 134 -13.43 10.17 15.51
CA LEU L 134 -13.39 9.12 14.49
C LEU L 134 -12.43 8.02 14.88
N ALA L 135 -11.18 8.38 15.21
CA ALA L 135 -10.13 7.38 15.30
C ALA L 135 -10.20 6.60 16.61
N ILE L 136 -10.72 7.23 17.67
CA ILE L 136 -10.66 6.59 18.97
C ILE L 136 -11.69 5.49 19.12
N GLN L 137 -12.72 5.45 18.29
CA GLN L 137 -13.74 4.43 18.44
C GLN L 137 -13.37 3.11 17.80
N VAL L 138 -12.21 3.00 17.18
CA VAL L 138 -11.77 1.71 16.65
C VAL L 138 -11.18 0.84 17.76
N PRO L 139 -10.33 1.35 18.71
CA PRO L 139 -9.99 0.47 19.84
C PRO L 139 -10.99 0.55 20.97
N LEU L 140 -11.86 1.55 20.96
CA LEU L 140 -12.84 1.67 22.03
C LEU L 140 -13.93 0.61 21.90
N GLY L 141 -14.40 0.39 20.68
CA GLY L 141 -15.42 -0.62 20.47
C GLY L 141 -14.91 -2.02 20.76
N LEU L 142 -13.65 -2.28 20.43
CA LEU L 142 -13.07 -3.59 20.69
C LEU L 142 -12.86 -3.83 22.18
N ALA L 143 -12.60 -2.76 22.93
CA ALA L 143 -12.52 -2.89 24.38
C ALA L 143 -13.90 -3.22 24.98
N ILE L 144 -14.95 -2.65 24.40
CA ILE L 144 -16.30 -2.90 24.89
C ILE L 144 -16.74 -4.32 24.53
N ILE L 145 -16.36 -4.80 23.35
CA ILE L 145 -16.63 -6.21 22.99
C ILE L 145 -15.85 -7.15 23.89
N ALA L 146 -14.61 -6.78 24.24
CA ALA L 146 -13.80 -7.64 25.09
C ALA L 146 -14.35 -7.67 26.52
N VAL L 147 -14.97 -6.58 26.96
CA VAL L 147 -15.69 -6.61 28.24
C VAL L 147 -16.97 -7.43 28.08
N ALA L 148 -17.61 -7.32 26.91
CA ALA L 148 -18.91 -7.94 26.68
C ALA L 148 -18.82 -9.46 26.67
N GLU L 149 -17.99 -10.01 25.79
CA GLU L 149 -17.96 -11.45 25.59
C GLU L 149 -17.24 -12.17 26.72
N TYR L 150 -16.51 -11.42 27.56
CA TYR L 150 -15.90 -12.06 28.73
C TYR L 150 -16.91 -12.25 29.85
N TYR L 151 -17.92 -11.38 29.94
CA TYR L 151 -18.97 -11.55 30.93
C TYR L 151 -20.27 -12.03 30.32
N GLY L 152 -20.80 -11.29 29.36
CA GLY L 152 -22.08 -11.64 28.75
C GLY L 152 -23.16 -10.65 29.09
N THR L 153 -23.22 -10.21 30.34
CA THR L 153 -24.27 -9.29 30.73
C THR L 153 -23.87 -7.86 30.44
N PHE L 154 -24.86 -7.00 30.33
CA PHE L 154 -24.67 -5.60 29.96
C PHE L 154 -25.14 -4.62 31.01
N SER L 155 -26.17 -4.99 31.77
CA SER L 155 -26.60 -4.18 32.90
C SER L 155 -25.45 -4.09 33.88
N THR L 156 -24.96 -2.87 34.11
CA THR L 156 -23.68 -2.68 34.79
C THR L 156 -23.74 -3.04 36.27
N TYR L 157 -24.94 -3.25 36.83
CA TYR L 157 -25.02 -3.84 38.13
C TYR L 157 -24.77 -5.34 38.09
N GLU L 158 -24.95 -5.98 36.94
CA GLU L 158 -24.59 -7.36 36.74
C GLU L 158 -23.17 -7.52 36.21
N ILE L 159 -22.32 -6.52 36.42
CA ILE L 159 -20.89 -6.61 36.15
C ILE L 159 -20.07 -6.40 37.41
N VAL L 160 -20.43 -5.38 38.20
CA VAL L 160 -19.76 -5.19 39.50
C VAL L 160 -20.15 -6.31 40.46
N MET L 161 -21.34 -6.89 40.29
CA MET L 161 -21.69 -8.09 41.04
C MET L 161 -20.82 -9.27 40.59
N ALA L 162 -20.59 -9.39 39.28
CA ALA L 162 -19.74 -10.46 38.77
C ALA L 162 -18.26 -10.20 39.02
N GLN L 163 -17.90 -9.01 39.50
CA GLN L 163 -16.53 -8.76 39.92
C GLN L 163 -16.35 -9.00 41.41
N GLN L 164 -17.27 -8.49 42.22
CA GLN L 164 -17.17 -8.71 43.66
C GLN L 164 -17.52 -10.14 44.05
N LYS L 165 -18.15 -10.90 43.17
CA LYS L 165 -18.27 -12.33 43.40
C LYS L 165 -16.92 -13.02 43.24
N MET L 166 -16.27 -12.82 42.09
CA MET L 166 -15.01 -13.50 41.83
C MET L 166 -14.10 -12.60 41.00
N GLY L 167 -12.82 -12.60 41.35
CA GLY L 167 -11.79 -12.00 40.53
C GLY L 167 -11.77 -10.49 40.45
N TRP L 168 -10.65 -9.94 40.01
CA TRP L 168 -10.56 -8.54 39.66
C TRP L 168 -10.81 -8.46 38.15
N SER L 169 -10.65 -7.30 37.54
CA SER L 169 -10.93 -7.21 36.12
C SER L 169 -9.78 -6.67 35.28
N ILE L 170 -8.76 -6.06 35.88
CA ILE L 170 -7.52 -5.82 35.14
C ILE L 170 -6.63 -7.05 35.11
N PHE L 171 -7.00 -8.11 35.79
CA PHE L 171 -6.35 -9.40 35.61
C PHE L 171 -7.07 -10.11 34.47
N HIS L 172 -6.76 -11.39 34.26
CA HIS L 172 -7.38 -12.23 33.24
C HIS L 172 -7.17 -11.64 31.84
N LEU L 173 -5.91 -11.76 31.39
CA LEU L 173 -5.25 -11.14 30.22
C LEU L 173 -6.10 -10.87 28.97
N PRO L 174 -7.05 -11.73 28.54
CA PRO L 174 -7.98 -11.27 27.48
C PRO L 174 -8.81 -10.05 27.86
N LEU L 175 -8.97 -9.75 29.15
CA LEU L 175 -9.61 -8.52 29.55
C LEU L 175 -8.61 -7.42 29.87
N LEU L 176 -7.36 -7.76 30.17
CA LEU L 176 -6.34 -6.75 30.42
C LEU L 176 -5.91 -6.07 29.13
N LEU L 177 -5.98 -6.78 28.01
CA LEU L 177 -5.63 -6.17 26.74
C LEU L 177 -6.68 -5.16 26.27
N ALA L 178 -7.88 -5.21 26.86
CA ALA L 178 -8.83 -4.12 26.64
C ALA L 178 -8.53 -2.94 27.54
N ALA L 179 -7.91 -3.18 28.69
CA ALA L 179 -7.63 -2.09 29.63
C ALA L 179 -6.51 -1.20 29.13
N ILE L 180 -5.52 -1.78 28.45
CA ILE L 180 -4.45 -0.98 27.88
C ILE L 180 -4.98 -0.15 26.73
N ALA L 181 -5.91 -0.71 25.95
CA ALA L 181 -6.61 0.06 24.93
C ALA L 181 -7.43 1.17 25.56
N TYR L 182 -8.05 0.91 26.71
CA TYR L 182 -8.77 1.99 27.37
C TYR L 182 -7.81 2.99 28.02
N ASP L 183 -6.66 2.52 28.51
CA ASP L 183 -5.69 3.43 29.11
C ASP L 183 -5.09 4.36 28.07
N ILE L 184 -5.03 3.93 26.81
CA ILE L 184 -4.55 4.81 25.76
C ILE L 184 -5.69 5.70 25.23
N VAL L 185 -6.92 5.18 25.17
CA VAL L 185 -8.00 5.98 24.61
C VAL L 185 -8.50 7.02 25.62
N LEU L 186 -8.14 6.87 26.89
CA LEU L 186 -8.66 7.77 27.92
C LEU L 186 -8.02 9.15 27.83
N GLN L 187 -6.76 9.21 27.39
CA GLN L 187 -6.10 10.51 27.26
C GLN L 187 -6.71 11.32 26.12
N ALA L 188 -7.19 10.64 25.08
CA ALA L 188 -7.90 11.34 24.02
C ALA L 188 -9.30 11.74 24.46
N MET L 189 -10.00 10.84 25.15
CA MET L 189 -11.36 11.12 25.57
C MET L 189 -11.41 12.21 26.62
N PHE L 190 -10.32 12.35 27.39
CA PHE L 190 -10.21 13.45 28.33
C PHE L 190 -9.84 14.74 27.63
N GLY L 191 -8.72 14.75 26.93
CA GLY L 191 -8.07 15.95 26.45
C GLY L 191 -6.76 16.16 27.18
N LYS L 192 -6.08 15.06 27.51
CA LYS L 192 -4.77 15.18 28.11
C LYS L 192 -3.72 15.13 27.00
N GLU L 193 -2.48 15.50 27.30
CA GLU L 193 -1.44 16.04 26.43
C GLU L 193 -0.98 15.21 25.23
N PRO L 194 -0.83 13.85 25.28
CA PRO L 194 -0.40 13.15 24.07
C PRO L 194 -1.43 13.23 22.95
N PHE L 195 -2.69 12.93 23.26
CA PHE L 195 -3.74 13.05 22.27
C PHE L 195 -4.58 14.31 22.47
N ASP L 196 -3.93 15.41 22.86
CA ASP L 196 -4.50 16.66 23.35
C ASP L 196 -5.53 17.34 22.48
N ILE L 197 -5.44 17.11 21.17
CA ILE L 197 -5.69 18.10 20.11
C ILE L 197 -7.11 18.69 20.09
N MET L 198 -8.07 18.10 20.82
CA MET L 198 -9.35 18.79 20.95
C MET L 198 -9.31 19.96 21.94
N ILE L 199 -8.21 20.11 22.68
CA ILE L 199 -7.95 21.32 23.44
C ILE L 199 -6.91 22.19 22.75
N ALA L 200 -5.73 21.62 22.49
CA ALA L 200 -4.58 22.21 21.80
C ALA L 200 -4.17 23.59 22.30
N PRO L 201 -3.73 23.76 23.54
CA PRO L 201 -3.35 25.11 23.98
C PRO L 201 -1.97 25.49 23.46
N GLY L 202 -1.94 26.37 22.47
CA GLY L 202 -0.66 26.90 22.00
C GLY L 202 -0.36 26.71 20.53
N GLU L 203 -0.66 25.54 19.96
CA GLU L 203 -0.37 25.30 18.55
C GLU L 203 -1.34 26.06 17.67
N ILE L 204 -2.61 25.71 17.78
CA ILE L 204 -3.73 26.58 17.44
C ILE L 204 -4.05 27.33 18.72
N SER L 205 -4.89 28.36 18.64
CA SER L 205 -5.15 29.24 19.78
C SER L 205 -5.75 28.48 20.96
N LEU L 206 -6.99 28.03 20.82
CA LEU L 206 -7.49 27.05 21.76
C LEU L 206 -8.43 26.07 21.08
N GLY L 207 -8.50 26.06 19.75
CA GLY L 207 -9.32 25.12 19.03
C GLY L 207 -10.79 25.43 19.12
N PRO L 208 -11.56 24.52 19.73
CA PRO L 208 -13.00 24.74 19.83
C PRO L 208 -13.40 25.83 20.81
N MET L 209 -12.82 25.83 22.00
CA MET L 209 -13.16 26.82 23.00
C MET L 209 -12.29 28.07 22.85
N VAL L 210 -12.20 28.59 21.63
CA VAL L 210 -11.23 29.64 21.36
C VAL L 210 -11.78 31.00 21.77
N GLU L 211 -13.07 31.22 21.56
CA GLU L 211 -13.77 32.40 22.08
C GLU L 211 -15.15 31.93 22.55
N PHE L 212 -15.30 31.83 23.88
CA PHE L 212 -16.59 31.48 24.47
C PHE L 212 -17.16 32.62 25.29
N GLY L 213 -16.38 33.14 26.22
CA GLY L 213 -16.85 34.21 27.06
C GLY L 213 -16.98 33.75 28.48
N GLY L 214 -17.74 34.52 29.26
CA GLY L 214 -17.85 34.26 30.68
C GLY L 214 -18.61 33.01 31.05
N LYS L 215 -19.92 33.01 30.81
CA LYS L 215 -20.76 31.92 31.28
C LYS L 215 -20.50 30.63 30.52
N HIS L 216 -20.15 30.74 29.24
CA HIS L 216 -19.94 29.57 28.42
C HIS L 216 -18.70 28.80 28.84
N MET L 217 -17.66 29.51 29.28
CA MET L 217 -16.49 28.81 29.80
C MET L 217 -16.78 28.19 31.16
N GLY L 218 -17.69 28.79 31.93
CA GLY L 218 -18.11 28.18 33.18
C GLY L 218 -18.85 26.87 32.96
N MET L 219 -19.75 26.85 31.97
CA MET L 219 -20.41 25.60 31.61
C MET L 219 -19.43 24.59 31.05
N LEU L 220 -18.39 25.08 30.37
CA LEU L 220 -17.37 24.16 29.86
C LEU L 220 -16.56 23.55 30.99
N GLN L 221 -16.25 24.32 32.02
CA GLN L 221 -15.49 23.77 33.13
C GLN L 221 -16.30 22.74 33.90
N ILE L 222 -17.62 22.98 34.03
CA ILE L 222 -18.51 21.98 34.62
C ILE L 222 -18.55 20.72 33.75
N GLN L 223 -18.69 20.91 32.44
CA GLN L 223 -18.77 19.78 31.51
C GLN L 223 -17.45 19.01 31.46
N HIS L 224 -16.32 19.72 31.52
CA HIS L 224 -15.03 19.06 31.47
C HIS L 224 -14.75 18.28 32.74
N ALA L 225 -15.18 18.81 33.88
CA ALA L 225 -15.03 18.07 35.12
C ALA L 225 -15.94 16.84 35.14
N MET L 226 -17.14 16.94 34.55
CA MET L 226 -18.01 15.78 34.51
C MET L 226 -17.54 14.77 33.47
N ALA L 227 -16.92 15.23 32.38
CA ALA L 227 -16.35 14.31 31.42
C ALA L 227 -15.20 13.53 32.03
N LEU L 228 -14.37 14.22 32.82
CA LEU L 228 -13.36 13.58 33.65
C LEU L 228 -13.98 12.52 34.54
N PHE L 229 -14.97 12.91 35.34
CA PHE L 229 -15.52 12.01 36.35
C PHE L 229 -16.29 10.86 35.72
N ALA L 230 -17.00 11.10 34.62
CA ALA L 230 -17.80 10.05 34.01
C ALA L 230 -16.93 9.01 33.32
N GLU L 231 -15.91 9.43 32.58
CA GLU L 231 -15.07 8.45 31.90
C GLU L 231 -14.17 7.72 32.90
N THR L 232 -13.84 8.37 34.01
CA THR L 232 -13.00 7.71 35.01
C THR L 232 -13.83 6.73 35.83
N LEU L 233 -15.08 7.09 36.12
CA LEU L 233 -15.96 6.20 36.85
C LEU L 233 -16.42 5.05 35.96
N PHE L 234 -16.49 5.28 34.65
CA PHE L 234 -16.82 4.18 33.74
C PHE L 234 -15.66 3.22 33.62
N PHE L 235 -14.43 3.73 33.69
CA PHE L 235 -13.29 2.82 33.68
C PHE L 235 -13.19 2.06 34.99
N SER L 236 -13.56 2.69 36.11
CA SER L 236 -13.35 2.04 37.40
C SER L 236 -14.50 1.09 37.73
N ASN L 237 -15.71 1.41 37.28
CA ASN L 237 -16.82 0.51 37.57
C ASN L 237 -16.95 -0.62 36.56
N ILE L 238 -16.01 -0.75 35.63
CA ILE L 238 -15.99 -1.85 34.70
C ILE L 238 -14.71 -2.66 34.82
N PHE L 239 -13.57 -2.00 34.73
CA PHE L 239 -12.28 -2.68 34.77
C PHE L 239 -11.71 -2.81 36.18
N LEU L 240 -12.29 -2.12 37.15
CA LEU L 240 -11.80 -2.24 38.53
C LEU L 240 -12.88 -2.76 39.47
N GLY L 241 -14.02 -2.08 39.52
CA GLY L 241 -15.15 -2.57 40.28
C GLY L 241 -15.12 -2.10 41.71
N GLY L 242 -16.01 -1.19 42.11
CA GLY L 242 -16.00 -0.77 43.49
C GLY L 242 -16.99 -1.51 44.38
N GLY L 243 -18.27 -1.43 44.06
CA GLY L 243 -19.29 -2.24 44.70
C GLY L 243 -19.58 -1.87 46.14
N VAL L 244 -18.65 -2.19 47.03
CA VAL L 244 -18.79 -1.94 48.46
C VAL L 244 -17.41 -1.93 49.11
N PRO L 251 -26.20 0.77 56.41
CA PRO L 251 -24.94 1.17 57.05
C PRO L 251 -24.25 2.30 56.29
N LEU L 252 -23.87 3.36 57.00
CA LEU L 252 -23.20 4.48 56.37
C LEU L 252 -21.69 4.38 56.44
N LEU L 253 -21.15 3.72 57.47
CA LEU L 253 -19.70 3.53 57.57
C LEU L 253 -19.18 2.50 56.57
N ASN L 254 -20.07 1.71 55.96
CA ASN L 254 -19.71 0.87 54.82
C ASN L 254 -19.86 1.65 53.51
N THR L 255 -20.90 2.47 53.41
CA THR L 255 -21.19 3.17 52.17
C THR L 255 -20.16 4.26 51.89
N LEU L 256 -19.80 5.03 52.92
CA LEU L 256 -18.84 6.12 52.75
C LEU L 256 -17.45 5.56 52.45
N ALA L 257 -17.09 4.44 53.06
CA ALA L 257 -15.81 3.82 52.75
C ALA L 257 -15.82 3.16 51.37
N SER L 258 -16.99 2.69 50.93
CA SER L 258 -17.13 2.19 49.57
C SER L 258 -16.88 3.29 48.55
N LEU L 259 -17.47 4.45 48.79
CA LEU L 259 -17.26 5.59 47.91
C LEU L 259 -15.85 6.13 48.02
N ALA L 260 -15.22 5.94 49.19
CA ALA L 260 -13.84 6.39 49.37
C ALA L 260 -12.86 5.51 48.59
N VAL L 261 -13.06 4.19 48.62
CA VAL L 261 -12.16 3.32 47.87
C VAL L 261 -12.47 3.42 46.38
N LEU L 262 -13.71 3.79 46.04
CA LEU L 262 -14.02 4.13 44.66
C LEU L 262 -13.29 5.40 44.24
N LEU L 263 -13.18 6.36 45.15
CA LEU L 263 -12.45 7.59 44.86
C LEU L 263 -10.96 7.33 44.73
N VAL L 264 -10.44 6.37 45.48
CA VAL L 264 -9.04 5.98 45.35
C VAL L 264 -8.79 5.35 44.00
N LYS L 265 -9.72 4.52 43.52
CA LYS L 265 -9.57 3.96 42.18
C LYS L 265 -9.89 4.98 41.09
N GLN L 266 -10.61 6.06 41.43
CA GLN L 266 -10.75 7.17 40.49
C GLN L 266 -9.41 7.87 40.30
N ILE L 267 -8.71 8.13 41.40
CA ILE L 267 -7.41 8.80 41.35
C ILE L 267 -6.37 7.89 40.69
N ALA L 268 -6.56 6.57 40.81
CA ALA L 268 -5.55 5.60 40.37
C ALA L 268 -5.31 5.65 38.87
N VAL L 269 -6.37 5.55 38.07
CA VAL L 269 -6.20 5.71 36.63
C VAL L 269 -5.94 7.18 36.30
N LEU L 270 -6.43 8.10 37.13
CA LEU L 270 -6.13 9.51 36.92
C LEU L 270 -4.67 9.81 37.20
N LEU L 271 -4.03 9.02 38.07
CA LEU L 271 -2.61 9.24 38.34
C LEU L 271 -1.76 8.78 37.16
N ILE L 272 -2.15 7.70 36.49
CA ILE L 272 -1.38 7.22 35.34
C ILE L 272 -1.82 7.95 34.08
N ALA L 273 -2.88 8.74 34.15
CA ALA L 273 -3.25 9.58 33.03
C ALA L 273 -2.41 10.85 32.98
N ILE L 274 -1.81 11.24 34.10
CA ILE L 274 -1.04 12.47 34.14
C ILE L 274 0.42 12.24 33.82
N PHE L 275 0.99 11.10 34.24
CA PHE L 275 2.41 10.84 34.11
C PHE L 275 2.78 10.67 32.65
N VAL L 276 1.93 10.00 31.86
CA VAL L 276 1.99 10.03 30.42
C VAL L 276 1.69 11.41 29.88
N GLY L 277 0.72 12.12 30.46
CA GLY L 277 0.24 13.35 29.89
C GLY L 277 0.97 14.63 30.29
N ALA L 278 2.26 14.53 30.57
CA ALA L 278 3.09 15.73 30.58
C ALA L 278 4.43 15.56 29.89
N ILE L 279 4.95 14.33 29.78
CA ILE L 279 6.26 14.07 29.21
C ILE L 279 6.10 13.73 27.74
N PHE L 280 4.94 14.02 27.19
CA PHE L 280 4.70 13.66 25.81
C PHE L 280 4.12 14.86 25.07
N PRO L 281 4.74 15.29 23.99
CA PRO L 281 4.28 16.48 23.28
C PRO L 281 2.97 16.24 22.55
N ARG L 282 2.44 17.33 22.01
CA ARG L 282 1.17 17.28 21.31
C ARG L 282 1.35 16.54 19.99
N PHE L 283 0.25 15.99 19.49
CA PHE L 283 0.28 15.07 18.37
C PHE L 283 -0.41 15.70 17.19
N THR L 284 0.21 15.60 16.02
CA THR L 284 -0.45 16.01 14.79
C THR L 284 -1.64 15.11 14.53
N ILE L 285 -2.74 15.71 14.06
CA ILE L 285 -3.99 14.97 13.94
C ILE L 285 -3.91 13.94 12.82
N ASP L 286 -3.03 14.18 11.84
CA ASP L 286 -2.80 13.19 10.80
C ASP L 286 -2.09 11.97 11.35
N GLN L 287 -1.24 12.13 12.36
CA GLN L 287 -0.66 10.99 13.03
C GLN L 287 -1.58 10.43 14.10
N ALA L 288 -2.48 11.24 14.64
CA ALA L 288 -3.43 10.74 15.63
C ALA L 288 -4.46 9.83 14.99
N ALA L 289 -4.80 10.07 13.72
CA ALA L 289 -5.62 9.11 13.01
C ALA L 289 -4.85 7.85 12.66
N LYS L 290 -3.54 7.98 12.45
CA LYS L 290 -2.72 6.84 12.08
C LYS L 290 -2.27 6.01 13.27
N PHE L 291 -2.31 6.57 14.48
CA PHE L 291 -1.81 5.85 15.65
C PHE L 291 -2.86 4.94 16.23
N TYR L 292 -4.11 5.36 16.23
CA TYR L 292 -5.18 4.56 16.82
C TYR L 292 -5.69 3.47 15.90
N TRP L 293 -5.01 3.24 14.81
CA TRP L 293 -5.25 2.03 14.03
C TRP L 293 -4.07 1.07 14.07
N LYS L 294 -2.87 1.50 14.40
CA LYS L 294 -1.75 0.57 14.42
C LYS L 294 -1.64 -0.19 15.72
N TRP L 295 -1.26 0.49 16.82
CA TRP L 295 -0.89 -0.26 18.02
C TRP L 295 -2.07 -0.61 18.94
N PRO L 296 -2.95 0.33 19.35
CA PRO L 296 -4.00 -0.10 20.29
C PRO L 296 -5.10 -0.87 19.61
N THR L 297 -5.21 -0.79 18.29
CA THR L 297 -6.22 -1.58 17.59
C THR L 297 -5.83 -3.06 17.57
N ILE L 298 -4.56 -3.37 17.33
CA ILE L 298 -4.17 -4.78 17.29
C ILE L 298 -4.08 -5.35 18.70
N ILE L 299 -3.83 -4.51 19.70
CA ILE L 299 -3.85 -4.96 21.09
C ILE L 299 -5.27 -5.33 21.49
N ALA L 300 -6.22 -4.45 21.18
CA ALA L 300 -7.61 -4.72 21.51
C ALA L 300 -8.20 -5.82 20.63
N ALA L 301 -7.65 -6.01 19.43
CA ALA L 301 -8.13 -7.09 18.57
C ALA L 301 -7.64 -8.44 19.07
N ILE L 302 -6.40 -8.50 19.57
CA ILE L 302 -5.92 -9.73 20.20
C ILE L 302 -6.71 -10.01 21.47
N GLY L 303 -7.09 -8.96 22.19
CA GLY L 303 -7.98 -9.14 23.32
C GLY L 303 -9.37 -9.59 22.92
N ALA L 304 -9.83 -9.14 21.75
CA ALA L 304 -11.18 -9.49 21.30
C ALA L 304 -11.24 -10.92 20.78
N ILE L 305 -10.16 -11.42 20.18
CA ILE L 305 -10.16 -12.81 19.76
C ILE L 305 -9.74 -13.74 20.88
N MET L 306 -9.15 -13.22 21.96
CA MET L 306 -8.91 -14.06 23.13
C MET L 306 -10.06 -14.03 24.12
N ALA L 307 -11.00 -13.10 23.95
CA ALA L 307 -12.27 -13.14 24.66
C ALA L 307 -13.36 -13.86 23.88
N SER L 308 -12.97 -14.73 22.96
CA SER L 308 -13.91 -15.44 22.11
C SER L 308 -13.29 -16.74 21.59
N PHE M 6 36.71 22.20 8.36
CA PHE M 6 37.65 22.26 9.48
C PHE M 6 36.98 21.84 10.77
N ARG M 7 37.43 20.69 11.29
CA ARG M 7 37.01 20.14 12.59
C ARG M 7 35.50 19.90 12.64
N ILE M 8 34.99 19.24 11.61
CA ILE M 8 33.60 18.79 11.60
C ILE M 8 33.48 17.67 12.63
N ALA M 9 32.57 17.81 13.58
CA ALA M 9 32.53 16.90 14.72
C ALA M 9 32.01 15.50 14.38
N PRO M 10 30.77 15.31 13.84
CA PRO M 10 30.28 13.94 13.72
C PRO M 10 30.53 13.31 12.37
N GLU M 11 30.06 12.07 12.22
CA GLU M 11 29.49 11.67 10.94
C GLU M 11 28.01 11.32 11.09
N GLU M 12 27.64 10.59 12.13
CA GLU M 12 26.25 10.48 12.58
C GLU M 12 26.19 10.48 14.10
N LYS M 13 27.12 11.21 14.75
CA LYS M 13 27.26 11.10 16.19
C LYS M 13 26.22 11.92 16.95
N VAL M 14 25.80 13.05 16.39
CA VAL M 14 24.83 13.91 17.06
C VAL M 14 23.42 13.33 16.98
N LYS M 15 23.04 12.76 15.84
CA LYS M 15 21.68 12.28 15.65
C LYS M 15 21.43 11.04 16.49
N LYS M 16 20.42 11.12 17.35
CA LYS M 16 20.14 10.06 18.30
C LYS M 16 18.96 9.23 17.83
N LYS M 17 18.62 8.20 18.61
CA LYS M 17 17.58 7.27 18.26
C LYS M 17 16.31 7.61 19.04
N PRO M 18 15.17 7.73 18.40
CA PRO M 18 13.92 7.90 19.14
C PRO M 18 13.56 6.64 19.92
N SER M 19 12.70 6.82 20.91
CA SER M 19 12.51 5.82 21.95
C SER M 19 11.13 5.94 22.57
N PHE M 20 10.55 4.79 22.88
CA PHE M 20 9.16 4.68 23.33
C PHE M 20 8.93 5.26 24.71
N LEU M 21 9.57 4.67 25.73
CA LEU M 21 9.24 4.93 27.12
C LEU M 21 10.37 5.61 27.88
N LYS M 22 11.33 6.13 27.16
CA LYS M 22 12.40 6.95 27.73
C LYS M 22 11.95 8.30 28.30
N PRO M 23 10.88 8.96 27.82
CA PRO M 23 10.36 10.14 28.55
C PRO M 23 9.97 9.95 30.01
N TRP M 24 9.85 8.72 30.51
CA TRP M 24 9.60 8.53 31.93
C TRP M 24 10.76 8.92 32.81
N PHE M 25 11.93 9.21 32.25
CA PHE M 25 13.03 9.76 33.03
C PHE M 25 12.91 11.26 33.21
N GLY M 26 11.92 11.88 32.59
CA GLY M 26 11.56 13.22 32.97
C GLY M 26 10.57 13.28 34.10
N LEU M 27 10.16 12.12 34.61
CA LEU M 27 9.20 12.02 35.69
C LEU M 27 9.89 11.90 37.04
N LYS M 28 11.21 12.10 37.08
CA LYS M 28 11.98 11.92 38.30
C LYS M 28 11.65 12.95 39.37
N TYR M 29 11.13 14.12 38.98
CA TYR M 29 10.92 15.19 39.94
C TYR M 29 9.52 15.21 40.49
N LEU M 30 8.92 14.04 40.66
CA LEU M 30 7.68 13.92 41.40
C LEU M 30 7.88 13.97 42.89
N PHE M 31 9.11 13.83 43.37
CA PHE M 31 9.35 13.77 44.81
C PHE M 31 10.42 14.73 45.30
N LYS M 32 11.25 15.30 44.44
CA LYS M 32 12.22 16.28 44.89
C LYS M 32 11.54 17.58 45.28
N LYS M 33 12.29 18.42 45.96
CA LYS M 33 11.76 19.69 46.43
C LYS M 33 11.57 20.62 45.25
N PRO M 34 10.38 21.19 45.06
CA PRO M 34 10.12 22.04 43.88
C PRO M 34 10.84 23.38 44.01
N VAL M 35 11.49 23.80 42.93
CA VAL M 35 12.43 24.91 43.01
C VAL M 35 11.69 26.21 42.77
N THR M 36 10.99 26.69 43.78
CA THR M 36 10.35 27.98 43.64
C THR M 36 10.56 28.79 44.90
N ILE M 37 10.32 30.08 44.79
CA ILE M 37 10.46 31.01 45.90
C ILE M 37 9.05 31.53 46.18
N LYS M 38 8.58 31.37 47.41
CA LYS M 38 7.27 31.89 47.76
C LYS M 38 7.39 33.35 48.13
N ILE M 39 7.06 34.24 47.19
CA ILE M 39 7.43 35.66 47.28
C ILE M 39 6.64 36.41 48.34
N PRO M 40 5.33 36.11 48.61
CA PRO M 40 4.82 36.47 49.95
C PRO M 40 4.87 35.31 50.94
N TYR M 41 5.76 35.37 51.94
CA TYR M 41 6.83 36.36 52.00
C TYR M 41 8.17 35.71 52.27
N GLU M 42 8.85 35.27 51.23
CA GLU M 42 10.26 34.92 51.30
C GLU M 42 10.98 35.87 50.36
N PHE M 43 11.84 36.71 50.91
CA PHE M 43 12.50 37.71 50.10
C PHE M 43 13.68 37.09 49.36
N ILE M 44 14.25 37.87 48.44
CA ILE M 44 15.23 37.37 47.50
C ILE M 44 16.64 37.86 47.82
N GLU M 45 16.80 39.05 48.44
CA GLU M 45 18.05 39.77 48.66
C GLU M 45 18.81 39.98 47.35
N PRO M 46 18.44 40.99 46.54
CA PRO M 46 19.17 41.30 45.31
C PRO M 46 20.65 41.65 45.49
N ALA M 47 21.34 41.80 44.34
CA ALA M 47 22.79 41.91 44.29
C ALA M 47 23.28 43.16 45.00
N PRO M 48 24.52 43.17 45.49
CA PRO M 48 25.04 44.37 46.18
C PRO M 48 25.18 45.59 45.30
N ARG M 49 25.23 45.42 43.98
CA ARG M 49 25.34 46.55 43.06
C ARG M 49 24.33 46.46 41.93
N TYR M 50 23.11 46.10 42.27
CA TYR M 50 22.02 46.10 41.30
C TYR M 50 21.66 47.52 40.93
N ARG M 51 21.44 47.75 39.64
CA ARG M 51 21.15 49.10 39.18
C ARG M 51 19.71 49.48 39.51
N GLY M 52 19.55 50.58 40.23
CA GLY M 52 18.27 50.97 40.75
C GLY M 52 17.98 52.44 40.60
N PHE M 53 17.67 53.10 41.70
CA PHE M 53 17.25 54.50 41.65
C PHE M 53 18.40 55.39 42.07
N HIS M 54 18.16 56.70 42.01
CA HIS M 54 19.24 57.67 42.08
C HIS M 54 19.27 58.39 43.42
N THR M 55 20.49 58.70 43.85
CA THR M 55 20.75 59.20 45.18
C THR M 55 21.73 60.38 45.09
N LEU M 56 21.34 61.38 44.32
CA LEU M 56 22.08 62.64 44.16
C LEU M 56 22.45 63.27 45.50
N ASP M 57 23.68 63.79 45.58
CA ASP M 57 24.12 64.50 46.77
C ASP M 57 24.08 66.00 46.52
N TRP M 58 23.30 66.72 47.32
CA TRP M 58 23.01 68.10 47.03
C TRP M 58 24.17 69.05 47.28
N LYS M 59 25.27 68.58 47.86
CA LYS M 59 26.39 69.43 48.22
C LYS M 59 27.58 69.25 47.28
N LYS M 60 27.50 68.33 46.33
CA LYS M 60 28.61 68.10 45.43
C LYS M 60 28.19 68.38 43.99
N CYS M 61 26.90 68.50 43.77
CA CYS M 61 26.36 68.79 42.45
C CYS M 61 26.72 70.20 42.02
N ILE M 62 27.28 70.32 40.82
CA ILE M 62 27.71 71.61 40.29
C ILE M 62 26.85 72.08 39.14
N GLY M 63 25.93 71.27 38.65
CA GLY M 63 25.01 71.71 37.62
C GLY M 63 25.65 71.86 36.26
N CYS M 64 26.65 71.06 35.96
CA CYS M 64 27.37 71.22 34.71
C CYS M 64 26.69 70.55 33.54
N ASN M 65 25.60 69.81 33.79
CA ASN M 65 24.80 69.15 32.77
C ASN M 65 25.61 68.17 31.93
N MET M 66 26.64 67.58 32.54
CA MET M 66 27.38 66.54 31.85
C MET M 66 26.55 65.27 31.71
N CYS M 67 25.66 65.02 32.65
CA CYS M 67 24.74 63.89 32.58
C CYS M 67 23.67 64.12 31.54
N GLY M 68 23.34 65.38 31.27
CA GLY M 68 22.28 65.75 30.35
C GLY M 68 22.51 65.30 28.94
N GLN M 69 23.77 65.14 28.59
CA GLN M 69 24.20 64.87 27.24
C GLN M 69 24.66 63.43 27.06
N ILE M 70 24.37 62.55 28.02
CA ILE M 70 24.73 61.15 27.83
C ILE M 70 23.57 60.27 28.27
N CYS M 71 22.51 60.88 28.76
CA CYS M 71 21.29 60.12 28.98
C CYS M 71 20.73 59.63 27.66
N PRO M 72 20.58 58.34 27.47
CA PRO M 72 20.09 57.85 26.19
C PRO M 72 18.62 58.09 26.01
N ALA M 73 17.92 58.39 27.10
CA ALA M 73 16.48 58.57 27.01
C ALA M 73 16.03 59.97 27.36
N ARG M 74 16.97 60.90 27.54
CA ARG M 74 16.71 62.34 27.65
C ARG M 74 15.79 62.64 28.83
N ALA M 75 16.05 61.99 29.95
CA ALA M 75 15.41 62.37 31.18
C ALA M 75 16.45 62.50 32.27
N ILE M 76 17.19 63.60 32.24
CA ILE M 76 17.87 64.06 33.42
C ILE M 76 17.82 65.59 33.39
N GLU M 77 16.70 66.12 32.89
CA GLU M 77 16.51 67.56 32.70
C GLU M 77 16.72 68.35 33.98
N MET M 78 17.29 69.54 33.82
CA MET M 78 17.78 70.35 34.93
C MET M 78 16.71 71.28 35.48
N THR M 79 16.74 71.49 36.79
CA THR M 79 15.91 72.49 37.45
C THR M 79 16.81 73.52 38.11
N TRP M 80 16.18 74.50 38.75
CA TRP M 80 16.87 75.45 39.60
C TRP M 80 16.37 75.30 41.03
N ILE M 81 17.29 74.99 41.94
CA ILE M 81 17.11 74.86 43.39
C ILE M 81 15.95 73.93 43.76
N PRO M 87 21.76 74.24 40.68
CA PRO M 87 20.92 73.80 39.57
C PRO M 87 20.97 72.30 39.35
N HIS M 88 20.21 71.56 40.14
CA HIS M 88 20.28 70.11 40.16
C HIS M 88 19.32 69.50 39.15
N PRO M 89 19.53 68.23 38.77
CA PRO M 89 18.61 67.58 37.84
C PRO M 89 17.49 66.82 38.52
N LYS M 90 16.32 66.78 37.91
CA LYS M 90 15.27 65.85 38.32
C LYS M 90 15.26 64.73 37.29
N ILE M 91 15.53 63.52 37.75
CA ILE M 91 15.39 62.35 36.91
C ILE M 91 13.96 61.89 36.99
N ASP M 92 13.31 61.78 35.84
CA ASP M 92 12.00 61.15 35.81
C ASP M 92 12.17 59.75 35.27
N TYR M 93 11.47 58.81 35.87
CA TYR M 93 11.53 57.42 35.42
C TYR M 93 10.48 57.14 34.38
N GLY M 94 9.85 58.18 33.85
CA GLY M 94 9.02 58.00 32.67
C GLY M 94 9.84 57.51 31.50
N ARG M 95 10.95 58.16 31.23
CA ARG M 95 11.78 57.78 30.11
C ARG M 95 13.21 57.57 30.61
N CYS M 96 13.44 56.38 31.16
CA CYS M 96 14.74 56.08 31.76
C CYS M 96 14.92 54.58 31.78
N THR M 97 16.05 54.12 31.29
CA THR M 97 16.27 52.69 31.14
C THR M 97 17.16 52.08 32.21
N PHE M 98 17.48 52.84 33.26
CA PHE M 98 18.39 52.42 34.33
C PHE M 98 19.74 51.94 33.81
N CYS M 99 20.23 52.60 32.77
CA CYS M 99 21.49 52.15 32.18
C CYS M 99 22.67 52.62 32.99
N GLN M 100 22.47 53.59 33.88
CA GLN M 100 23.49 54.13 34.77
C GLN M 100 24.70 54.65 34.01
N PHE M 101 24.44 55.29 32.88
CA PHE M 101 25.48 56.09 32.27
C PHE M 101 25.60 57.44 32.92
N CYS M 102 24.60 57.86 33.65
CA CYS M 102 24.79 59.09 34.38
C CYS M 102 25.58 58.91 35.60
N VAL M 103 25.96 57.71 36.04
CA VAL M 103 26.77 57.59 37.24
C VAL M 103 28.25 57.77 36.97
N ASP M 104 28.80 57.05 35.99
CA ASP M 104 30.24 57.07 35.76
C ASP M 104 30.66 58.21 34.84
N VAL M 105 29.76 59.13 34.58
CA VAL M 105 30.05 60.30 33.76
C VAL M 105 29.97 61.60 34.54
N CYS M 106 29.13 61.67 35.57
CA CYS M 106 29.12 62.71 36.59
C CYS M 106 30.51 62.90 37.17
N PRO M 107 31.10 64.08 37.01
CA PRO M 107 32.50 64.26 37.39
C PRO M 107 32.73 64.29 38.88
N THR M 108 31.87 64.99 39.60
CA THR M 108 32.07 65.16 41.04
C THR M 108 31.80 63.87 41.78
N GLY M 109 30.87 63.08 41.25
CA GLY M 109 30.49 61.84 41.90
C GLY M 109 29.15 61.97 42.57
N ALA M 110 28.44 63.06 42.32
CA ALA M 110 27.19 63.30 43.03
C ALA M 110 25.99 62.74 42.29
N LEU M 111 26.07 61.49 41.83
CA LEU M 111 24.90 60.81 41.32
C LEU M 111 25.08 59.31 41.46
N GLY M 112 24.65 58.75 42.57
CA GLY M 112 24.88 57.34 42.81
C GLY M 112 23.69 56.51 42.43
N PHE M 113 23.81 55.22 42.65
CA PHE M 113 22.71 54.30 42.39
C PHE M 113 22.71 53.23 43.47
N ILE M 114 21.55 52.97 44.03
CA ILE M 114 21.40 51.96 45.07
C ILE M 114 20.32 50.98 44.66
N GLU M 115 20.36 49.79 45.24
CA GLU M 115 19.44 48.72 44.87
C GLU M 115 18.03 49.01 45.38
N THR M 116 17.21 49.62 44.53
CA THR M 116 15.80 49.86 44.87
C THR M 116 15.04 49.90 43.57
N TYR M 117 14.15 48.94 43.35
CA TYR M 117 13.55 48.83 42.03
C TYR M 117 12.03 48.75 42.09
N MET M 118 11.49 48.25 43.20
CA MET M 118 10.05 48.07 43.33
C MET M 118 9.36 49.41 43.44
N LEU M 119 8.53 49.74 42.46
CA LEU M 119 7.85 51.03 42.43
C LEU M 119 6.56 50.84 41.66
N THR M 120 5.44 50.79 42.37
CA THR M 120 4.14 50.55 41.77
C THR M 120 3.22 51.70 42.10
N THR M 121 2.72 52.39 41.09
CA THR M 121 1.77 53.47 41.26
C THR M 121 0.52 53.20 40.45
N THR M 122 -0.58 53.82 40.86
CA THR M 122 -1.89 53.54 40.29
C THR M 122 -2.21 54.53 39.17
N TRP M 123 -3.46 54.52 38.72
CA TRP M 123 -3.79 55.25 37.50
C TRP M 123 -4.01 56.73 37.70
N ARG M 124 -4.27 57.18 38.93
CA ARG M 124 -4.61 58.57 39.15
C ARG M 124 -3.38 59.46 39.04
N GLU M 125 -3.60 60.71 38.64
CA GLU M 125 -2.49 61.61 38.36
C GLU M 125 -1.74 62.00 39.64
N GLU M 126 -2.45 62.07 40.77
CA GLU M 126 -1.83 62.47 42.03
C GLU M 126 -0.82 61.43 42.50
N GLU M 127 -1.04 60.16 42.16
CA GLU M 127 -0.03 59.14 42.39
C GLU M 127 0.97 59.04 41.25
N LEU M 128 0.74 59.75 40.15
CA LEU M 128 1.65 59.72 39.02
C LEU M 128 2.56 60.94 38.97
N LEU M 129 2.45 61.84 39.94
CA LEU M 129 3.46 62.89 40.09
C LEU M 129 4.67 62.34 40.82
N LEU M 130 4.59 61.08 41.26
CA LEU M 130 5.61 60.32 41.95
C LEU M 130 6.84 60.03 41.09
N TYR M 131 6.78 60.30 39.81
CA TYR M 131 7.83 59.95 38.86
C TYR M 131 8.61 61.16 38.42
N ASP M 132 8.73 62.18 39.26
CA ASP M 132 9.37 63.42 38.83
C ASP M 132 10.30 63.95 39.89
N TRP M 133 11.04 63.08 40.54
CA TRP M 133 11.62 63.45 41.82
C TRP M 133 13.04 63.96 41.62
N VAL M 134 13.35 65.09 42.25
CA VAL M 134 14.75 65.47 42.43
C VAL M 134 15.28 64.48 43.45
N PRO M 135 16.27 63.66 43.10
CA PRO M 135 16.68 62.58 43.99
C PRO M 135 17.34 63.11 45.25
N ILE M 136 17.05 62.45 46.37
CA ILE M 136 17.46 62.89 47.68
C ILE M 136 18.85 62.38 48.01
N GLU M 137 19.43 62.91 49.09
CA GLU M 137 20.73 62.59 49.67
C GLU M 137 20.86 61.10 49.97
N PRO M 138 22.06 60.56 50.19
CA PRO M 138 22.20 59.14 50.56
C PRO M 138 21.80 58.81 51.99
N GLU M 139 21.09 59.69 52.70
CA GLU M 139 20.31 59.26 53.86
C GLU M 139 19.10 58.43 53.46
N LYS M 140 18.77 58.36 52.17
CA LYS M 140 17.78 57.39 51.68
C LYS M 140 18.28 55.96 51.79
N PHE M 141 19.58 55.75 52.00
CA PHE M 141 20.05 54.43 52.39
C PHE M 141 19.61 54.05 53.79
N LYS M 142 19.23 55.03 54.61
CA LYS M 142 18.54 54.73 55.86
C LYS M 142 17.04 54.60 55.67
N GLU M 143 16.57 54.56 54.43
CA GLU M 143 15.23 54.10 54.09
C GLU M 143 15.25 52.75 53.39
N ILE M 144 16.44 52.21 53.13
CA ILE M 144 16.60 50.89 52.53
C ILE M 144 16.92 49.94 53.67
N GLN M 145 17.71 50.41 54.62
CA GLN M 145 17.91 49.73 55.89
C GLN M 145 17.28 50.58 56.98
N GLU M 146 17.06 49.96 58.15
CA GLU M 146 16.51 50.59 59.38
C GLU M 146 15.05 51.04 59.23
N LYS M 147 14.48 50.91 58.05
CA LYS M 147 13.04 51.02 57.90
C LYS M 147 12.56 49.87 57.03
N PHE M 148 12.42 48.69 57.63
CA PHE M 148 11.61 47.59 57.12
C PHE M 148 12.01 47.16 55.71
N LYS M 149 13.13 46.42 55.59
CA LYS M 149 13.90 46.31 54.35
C LYS M 149 13.09 45.64 53.25
N ASP M 150 12.27 46.47 52.59
CA ASP M 150 11.30 46.05 51.60
C ASP M 150 11.73 46.35 50.17
N TYR M 151 12.81 47.13 50.03
CA TYR M 151 13.37 47.49 48.70
C TYR M 151 12.30 48.18 47.84
N LYS M 152 11.71 49.26 48.35
CA LYS M 152 10.73 50.00 47.58
C LYS M 152 11.08 51.48 47.59
N PHE M 153 10.52 52.20 46.64
CA PHE M 153 10.83 53.61 46.39
C PHE M 153 10.37 54.47 47.56
N PRO M 154 11.29 55.07 48.30
CA PRO M 154 10.92 55.74 49.55
C PRO M 154 10.57 57.22 49.35
N VAL M 155 9.61 57.47 48.46
CA VAL M 155 9.07 58.81 48.33
C VAL M 155 7.57 58.75 48.50
N GLU M 156 6.94 57.78 47.83
CA GLU M 156 5.64 57.16 48.14
C GLU M 156 4.41 58.07 48.06
N LYS M 157 4.60 59.39 47.89
CA LYS M 157 3.60 60.37 47.42
C LYS M 157 4.27 61.72 47.24
N ILE M 158 3.80 62.52 46.28
CA ILE M 158 4.36 63.83 46.01
C ILE M 158 3.21 64.81 45.84
N GLU M 159 3.26 65.90 46.61
CA GLU M 159 2.21 66.92 46.54
C GLU M 159 2.78 68.16 45.87
N PHE M 160 2.71 68.19 44.54
CA PHE M 160 2.94 69.39 43.77
C PHE M 160 1.86 70.42 44.07
N ASN M 161 2.18 71.70 43.86
CA ASN M 161 1.19 72.75 44.05
C ASN M 161 1.46 73.85 43.03
N LYS M 162 0.46 74.15 42.21
CA LYS M 162 0.61 75.20 41.22
C LYS M 162 0.65 76.57 41.90
N GLU M 163 1.58 77.42 41.41
CA GLU M 163 1.86 78.82 41.79
C GLU M 163 2.52 78.93 43.16
N THR M 164 2.56 77.84 43.92
CA THR M 164 3.24 77.74 45.20
C THR M 164 4.14 76.52 45.17
N LYS M 165 5.01 76.45 44.16
CA LYS M 165 5.66 75.22 43.74
C LYS M 165 6.63 74.72 44.80
N GLU M 166 6.12 73.86 45.68
CA GLU M 166 6.84 73.35 46.84
C GLU M 166 6.50 71.87 46.92
N VAL M 167 7.31 71.04 46.26
CA VAL M 167 7.06 69.61 46.30
C VAL M 167 7.44 69.07 47.67
N THR M 168 6.73 68.04 48.09
CA THR M 168 6.89 67.47 49.42
C THR M 168 7.09 65.97 49.27
N TYR M 169 8.32 65.51 49.33
CA TYR M 169 8.53 64.07 49.39
C TYR M 169 8.15 63.58 50.76
N TYR M 170 6.89 63.19 50.95
CA TYR M 170 6.47 62.62 52.22
C TYR M 170 7.09 61.25 52.35
N LEU M 171 8.20 61.16 53.08
CA LEU M 171 8.95 59.92 53.20
C LEU M 171 8.19 58.91 54.06
N ARG M 172 8.87 57.79 54.37
CA ARG M 172 8.22 56.67 55.04
C ARG M 172 7.78 57.04 56.45
N ASP M 173 8.68 57.60 57.25
CA ASP M 173 8.26 58.37 58.41
C ASP M 173 9.15 59.59 58.66
N GLY M 174 10.13 59.85 57.80
CA GLY M 174 11.11 60.89 58.05
C GLY M 174 10.64 62.26 57.64
N THR M 175 11.60 63.05 57.18
CA THR M 175 11.35 64.45 56.87
C THR M 175 10.52 64.61 55.61
N THR M 176 9.68 65.64 55.60
CA THR M 176 8.82 65.89 54.46
C THR M 176 9.59 66.45 53.28
N PHE M 177 10.77 67.03 53.54
CA PHE M 177 11.75 67.42 52.52
C PHE M 177 11.18 68.46 51.55
N LYS M 178 10.78 69.59 52.10
CA LYS M 178 10.23 70.64 51.26
C LYS M 178 11.33 71.44 50.60
N PHE M 179 11.10 71.79 49.33
CA PHE M 179 11.93 72.75 48.63
C PHE M 179 11.14 73.35 47.49
N LYS M 180 11.49 74.56 47.12
CA LYS M 180 10.84 75.25 46.02
C LYS M 180 11.54 74.93 44.71
N ILE M 181 10.75 74.86 43.63
CA ILE M 181 11.26 74.66 42.29
C ILE M 181 10.74 75.80 41.43
N LEU M 182 11.65 76.58 40.87
CA LEU M 182 11.27 77.65 39.96
C LEU M 182 12.21 77.59 38.77
N GLY M 183 11.65 77.64 37.57
CA GLY M 183 12.46 77.56 36.36
C GLY M 183 12.94 76.16 36.04
N TYR M 184 13.18 75.91 34.77
CA TYR M 184 13.77 74.65 34.32
C TYR M 184 14.76 74.93 33.20
N GLY M 185 15.44 73.89 32.75
CA GLY M 185 16.40 74.05 31.68
C GLY M 185 17.63 74.83 32.13
N LEU M 186 18.22 75.55 31.19
CA LEU M 186 19.41 76.34 31.48
C LEU M 186 19.25 77.76 30.95
N ILE N 7 50.14 1.74 99.91
CA ILE N 7 50.00 0.34 100.29
C ILE N 7 49.05 0.22 101.46
N SER N 8 48.99 1.27 102.28
CA SER N 8 48.02 1.37 103.37
C SER N 8 46.78 2.13 102.91
N ARG N 9 46.93 2.96 101.89
CA ARG N 9 45.77 3.59 101.27
C ARG N 9 44.91 2.58 100.54
N TYR N 10 45.50 1.45 100.13
CA TYR N 10 44.75 0.38 99.49
C TYR N 10 43.71 -0.20 100.45
N LEU N 11 44.14 -0.52 101.66
CA LEU N 11 43.18 -0.99 102.66
C LEU N 11 42.29 0.14 103.16
N TYR N 12 42.69 1.41 102.97
CA TYR N 12 41.76 2.50 103.25
C TYR N 12 40.59 2.51 102.26
N THR N 13 40.89 2.40 100.96
CA THR N 13 39.82 2.26 99.96
C THR N 13 38.98 1.02 100.21
N PHE N 14 39.62 -0.06 100.66
CA PHE N 14 38.90 -1.28 101.01
C PHE N 14 37.92 -1.03 102.16
N ILE N 15 38.34 -0.22 103.14
CA ILE N 15 37.49 0.02 104.32
C ILE N 15 36.28 0.87 103.94
N VAL N 16 36.48 1.88 103.08
CA VAL N 16 35.37 2.74 102.69
C VAL N 16 34.38 1.98 101.80
N LEU N 17 34.90 1.17 100.87
CA LEU N 17 34.01 0.35 100.04
C LEU N 17 33.29 -0.72 100.88
N PHE N 18 33.95 -1.21 101.92
CA PHE N 18 33.32 -2.22 102.77
C PHE N 18 32.19 -1.63 103.60
N ILE N 19 32.38 -0.41 104.12
CA ILE N 19 31.35 0.17 104.95
C ILE N 19 30.18 0.67 104.10
N ILE N 20 30.43 1.05 102.84
CA ILE N 20 29.33 1.36 101.94
C ILE N 20 28.57 0.09 101.58
N TRP N 21 29.27 -1.03 101.45
CA TRP N 21 28.60 -2.31 101.24
C TRP N 21 27.79 -2.71 102.48
N LEU N 22 28.28 -2.35 103.67
CA LEU N 22 27.55 -2.65 104.89
C LEU N 22 26.26 -1.82 104.98
N PHE N 23 26.33 -0.56 104.56
CA PHE N 23 25.13 0.27 104.57
C PHE N 23 24.16 -0.10 103.46
N LEU N 24 24.65 -0.60 102.33
CA LEU N 24 23.82 -0.86 101.17
C LEU N 24 22.95 -2.10 101.35
N THR N 25 23.40 -3.04 102.17
CA THR N 25 22.64 -4.29 102.44
C THR N 25 22.08 -4.24 103.86
N ALA N 26 20.77 -4.02 104.00
CA ALA N 26 20.10 -3.94 105.31
C ALA N 26 20.42 -5.19 106.14
N SER N 27 19.95 -6.36 105.68
CA SER N 27 20.10 -7.62 106.45
C SER N 27 21.48 -8.25 106.16
N LEU N 28 22.54 -7.64 106.70
CA LEU N 28 23.91 -8.15 106.49
C LEU N 28 24.07 -9.48 107.25
N ASP N 29 24.29 -10.58 106.52
CA ASP N 29 24.44 -11.88 107.13
C ASP N 29 25.91 -12.29 107.11
N PRO N 30 26.39 -12.94 108.18
CA PRO N 30 27.78 -13.43 108.16
C PRO N 30 28.04 -14.51 107.12
N GLN N 31 26.99 -15.19 106.63
CA GLN N 31 27.11 -16.12 105.52
C GLN N 31 26.88 -15.44 104.17
N GLU N 32 27.03 -14.12 104.11
CA GLU N 32 26.95 -13.38 102.86
C GLU N 32 28.13 -12.42 102.74
N LEU N 33 28.65 -12.00 103.90
CA LEU N 33 29.58 -10.88 103.96
C LEU N 33 30.93 -11.19 103.33
N THR N 34 31.32 -12.46 103.26
CA THR N 34 32.58 -12.83 102.63
C THR N 34 32.57 -12.51 101.14
N ILE N 35 31.39 -12.56 100.52
CA ILE N 35 31.29 -12.32 99.08
C ILE N 35 31.43 -10.82 98.79
N GLY N 36 30.85 -9.97 99.65
CA GLY N 36 31.01 -8.54 99.46
C GLY N 36 32.40 -8.05 99.85
N ALA N 37 33.00 -8.72 100.84
CA ALA N 37 34.37 -8.40 101.23
C ALA N 37 35.34 -8.79 100.11
N LEU N 38 35.04 -9.88 99.41
CA LEU N 38 35.87 -10.28 98.28
C LEU N 38 35.74 -9.29 97.14
N PHE N 39 34.52 -8.85 96.84
CA PHE N 39 34.36 -7.94 95.70
C PHE N 39 34.80 -6.53 96.03
N SER N 40 34.70 -6.11 97.29
CA SER N 40 35.31 -4.85 97.72
C SER N 40 36.82 -4.92 97.60
N ALA N 41 37.40 -6.11 97.83
CA ALA N 41 38.84 -6.26 97.69
C ALA N 41 39.28 -6.20 96.22
N ILE N 42 38.56 -6.87 95.32
CA ILE N 42 38.95 -6.79 93.90
C ILE N 42 38.66 -5.42 93.32
N ALA N 43 37.66 -4.72 93.86
CA ALA N 43 37.39 -3.37 93.36
C ALA N 43 38.43 -2.40 93.89
N ALA N 44 38.97 -2.68 95.07
CA ALA N 44 40.06 -1.88 95.62
C ALA N 44 41.32 -2.07 94.79
N LEU N 45 41.75 -3.33 94.61
CA LEU N 45 42.99 -3.58 93.86
C LEU N 45 42.83 -3.30 92.38
N PHE N 46 41.59 -3.14 91.89
CA PHE N 46 41.39 -2.58 90.57
C PHE N 46 41.89 -1.14 90.51
N THR N 47 41.26 -0.23 91.26
CA THR N 47 41.63 1.19 91.29
C THR N 47 41.69 1.67 92.73
N TYR N 48 42.85 1.56 93.36
CA TYR N 48 43.10 2.22 94.64
C TYR N 48 44.02 3.41 94.49
N GLU N 49 44.36 3.80 93.26
CA GLU N 49 45.12 5.01 92.98
C GLU N 49 44.23 6.22 92.80
N ILE N 50 43.07 6.18 93.42
CA ILE N 50 42.06 7.21 93.25
C ILE N 50 41.79 7.97 94.55
N PHE N 51 41.73 7.28 95.69
CA PHE N 51 41.36 7.90 96.95
C PHE N 51 42.57 8.45 97.70
N THR N 52 43.61 8.88 96.98
CA THR N 52 44.87 9.33 97.60
C THR N 52 44.71 10.71 98.24
N THR N 53 43.97 10.74 99.34
CA THR N 53 43.89 11.95 100.16
C THR N 53 44.90 11.85 101.28
N ARG N 54 46.19 11.92 100.91
CA ARG N 54 47.34 11.78 101.81
C ARG N 54 47.27 10.46 102.58
N GLY N 55 47.23 9.37 101.83
CA GLY N 55 47.31 8.02 102.38
C GLY N 55 46.12 7.60 103.23
N LEU N 56 46.42 6.71 104.16
CA LEU N 56 45.46 6.16 105.11
C LEU N 56 45.13 7.13 106.24
N ALA N 57 45.95 8.17 106.43
CA ALA N 57 45.88 9.01 107.63
C ALA N 57 44.66 9.92 107.62
N ASN N 58 43.47 9.30 107.71
CA ASN N 58 42.20 10.00 107.89
C ASN N 58 41.38 9.30 108.96
N LEU N 59 41.99 8.41 109.73
CA LEU N 59 41.34 7.62 110.75
C LEU N 59 41.29 8.32 112.11
N HIS N 60 41.60 9.61 112.16
CA HIS N 60 41.68 10.37 113.39
C HIS N 60 40.31 10.42 114.07
N PRO N 61 40.20 10.03 115.34
CA PRO N 61 38.90 10.03 116.02
C PRO N 61 38.33 11.41 116.25
N LYS N 62 39.16 12.44 116.22
CA LYS N 62 38.65 13.80 116.26
C LYS N 62 38.02 14.19 114.92
N ARG N 63 38.55 13.66 113.81
CA ARG N 63 38.17 14.15 112.50
C ARG N 63 36.80 13.62 112.09
N VAL N 64 36.60 12.31 112.16
CA VAL N 64 35.34 11.72 111.71
C VAL N 64 34.19 12.13 112.64
N LEU N 65 34.49 12.33 113.93
CA LEU N 65 33.49 12.84 114.85
C LEU N 65 33.15 14.29 114.54
N TYR N 66 34.14 15.07 114.10
CA TYR N 66 33.92 16.44 113.65
C TYR N 66 32.97 16.49 112.45
N PHE N 67 33.19 15.59 111.48
CA PHE N 67 32.39 15.65 110.26
C PHE N 67 30.97 15.13 110.49
N ILE N 68 30.82 14.09 111.32
CA ILE N 68 29.48 13.57 111.58
C ILE N 68 28.73 14.48 112.55
N ALA N 69 29.43 15.22 113.41
CA ALA N 69 28.73 16.21 114.21
C ALA N 69 28.33 17.42 113.39
N TYR N 70 29.02 17.70 112.28
CA TYR N 70 28.67 18.87 111.49
C TYR N 70 28.00 18.56 110.17
N ILE N 71 27.61 17.32 109.91
CA ILE N 71 26.65 17.07 108.83
C ILE N 71 25.22 17.53 109.19
N PRO N 72 24.71 17.48 110.44
CA PRO N 72 23.43 18.19 110.66
C PRO N 72 23.57 19.69 110.64
N TYR N 73 24.77 20.21 110.93
CA TYR N 73 25.07 21.62 110.70
C TYR N 73 24.89 21.98 109.22
N PHE N 74 25.45 21.14 108.35
CA PHE N 74 25.22 21.26 106.90
C PHE N 74 23.74 21.22 106.57
N LEU N 75 23.03 20.18 107.06
CA LEU N 75 21.65 19.95 106.67
C LEU N 75 20.72 21.04 107.20
N TRP N 76 21.06 21.63 108.35
CA TRP N 76 20.27 22.76 108.86
C TRP N 76 20.45 23.98 107.98
N ALA N 77 21.67 24.19 107.47
CA ALA N 77 21.88 25.25 106.49
C ALA N 77 21.09 24.99 105.22
N MET N 78 21.02 23.73 104.79
CA MET N 78 20.30 23.41 103.55
C MET N 78 18.81 23.67 103.69
N ILE N 79 18.20 23.24 104.80
CA ILE N 79 16.76 23.37 104.94
C ILE N 79 16.36 24.83 105.12
N MET N 80 17.19 25.60 105.85
CA MET N 80 16.86 27.01 106.08
C MET N 80 17.03 27.82 104.80
N ALA N 81 18.10 27.57 104.04
CA ALA N 81 18.34 28.33 102.83
C ALA N 81 17.36 27.96 101.73
N ASN N 82 16.94 26.70 101.68
CA ASN N 82 16.00 26.30 100.64
C ASN N 82 14.59 26.79 100.96
N LEU N 83 14.23 26.88 102.24
CA LEU N 83 12.96 27.53 102.59
C LEU N 83 13.01 29.03 102.32
N ASP N 84 14.18 29.64 102.42
CA ASP N 84 14.33 31.05 102.07
C ASP N 84 14.11 31.27 100.58
N VAL N 85 14.65 30.39 99.74
CA VAL N 85 14.43 30.56 98.31
C VAL N 85 13.03 30.09 97.92
N ALA N 86 12.36 29.33 98.78
CA ALA N 86 10.94 29.09 98.59
C ALA N 86 10.14 30.35 98.88
N TYR N 87 10.59 31.13 99.87
CA TYR N 87 9.95 32.42 100.16
C TYR N 87 10.23 33.44 99.07
N ARG N 88 11.29 33.23 98.29
CA ARG N 88 11.62 34.12 97.18
C ARG N 88 10.55 34.10 96.08
N VAL N 89 9.74 33.05 96.00
CA VAL N 89 8.70 32.96 94.97
C VAL N 89 7.49 33.72 95.52
N LEU N 90 7.53 35.03 95.39
CA LEU N 90 6.40 35.90 95.68
C LEU N 90 5.68 36.19 94.38
N HIS N 91 4.38 36.50 94.47
CA HIS N 91 3.54 36.33 93.29
C HIS N 91 3.72 37.46 92.28
N PRO N 92 3.69 38.77 92.63
CA PRO N 92 4.25 39.74 91.67
C PRO N 92 5.66 40.19 92.02
N LYS N 93 6.17 39.83 93.19
CA LYS N 93 7.25 40.57 93.83
C LYS N 93 8.41 39.65 94.21
N ARG N 94 9.32 40.21 95.01
CA ARG N 94 10.62 39.63 95.33
C ARG N 94 11.37 39.07 94.11
N PRO N 95 11.75 39.91 93.15
CA PRO N 95 12.39 39.39 91.94
C PRO N 95 13.89 39.17 92.16
N ILE N 96 14.36 37.98 91.83
CA ILE N 96 15.78 37.70 91.99
C ILE N 96 16.55 38.28 90.82
N ASN N 97 17.59 39.03 91.12
CA ASN N 97 18.60 39.39 90.15
C ASN N 97 19.80 38.46 90.30
N PRO N 98 20.46 38.13 89.20
CA PRO N 98 21.58 37.19 89.28
C PRO N 98 22.81 37.77 89.97
N GLY N 99 23.74 36.90 90.34
CA GLY N 99 24.99 37.32 90.92
C GLY N 99 26.16 36.68 90.22
N ILE N 100 27.33 37.30 90.30
CA ILE N 100 28.51 36.76 89.64
C ILE N 100 29.66 36.79 90.65
N VAL N 101 29.33 37.15 91.89
CA VAL N 101 30.32 37.51 92.90
C VAL N 101 31.20 36.31 93.28
N GLU N 102 32.44 36.61 93.64
CA GLU N 102 33.47 35.60 93.80
C GLU N 102 33.85 35.41 95.26
N CYS N 103 34.54 34.31 95.53
CA CYS N 103 35.05 33.99 96.86
C CYS N 103 36.36 33.22 96.74
N LYS N 104 37.36 33.65 97.50
CA LYS N 104 38.67 33.04 97.47
C LYS N 104 38.80 31.98 98.56
N THR N 105 39.64 30.99 98.29
CA THR N 105 39.91 29.91 99.22
C THR N 105 41.40 29.77 99.47
N THR N 106 41.73 29.03 100.52
CA THR N 106 43.10 28.74 100.90
C THR N 106 43.26 27.25 101.22
N LEU N 107 42.47 26.42 100.52
CA LEU N 107 42.37 24.99 100.82
C LEU N 107 43.20 24.18 99.83
N THR N 108 44.09 23.35 100.38
CA THR N 108 44.66 22.25 99.63
C THR N 108 43.74 21.04 99.82
N ASN N 109 44.19 19.84 99.44
CA ASN N 109 43.43 18.59 99.51
C ASN N 109 42.13 18.72 98.71
N ASN N 110 42.31 18.74 97.38
CA ASN N 110 41.33 19.08 96.33
C ASN N 110 39.93 18.53 96.51
N VAL N 111 39.79 17.41 97.24
CA VAL N 111 38.49 16.94 97.71
C VAL N 111 37.83 17.98 98.61
N GLY N 112 38.62 18.82 99.29
CA GLY N 112 38.03 19.93 100.02
C GLY N 112 37.47 20.99 99.10
N LYS N 113 38.09 21.19 97.93
CA LYS N 113 37.52 22.10 96.93
C LYS N 113 36.23 21.54 96.36
N MET N 114 36.19 20.22 96.15
CA MET N 114 34.93 19.54 95.86
C MET N 114 33.89 19.72 96.94
N ALA N 115 34.27 19.56 98.20
CA ALA N 115 33.29 19.61 99.28
C ALA N 115 32.80 21.03 99.49
N LEU N 116 33.67 22.03 99.28
CA LEU N 116 33.21 23.41 99.38
C LEU N 116 32.27 23.74 98.23
N ALA N 117 32.59 23.25 97.02
CA ALA N 117 31.72 23.51 95.87
C ALA N 117 30.38 22.83 96.02
N ASN N 118 30.35 21.63 96.57
CA ASN N 118 29.09 20.92 96.77
C ASN N 118 28.26 21.57 97.87
N SER N 119 28.90 21.94 98.98
CA SER N 119 28.18 22.56 100.08
C SER N 119 27.70 23.96 99.72
N ILE N 120 28.46 24.66 98.87
CA ILE N 120 27.96 25.96 98.44
C ILE N 120 26.87 25.79 97.38
N THR N 121 26.85 24.66 96.66
CA THR N 121 25.76 24.38 95.73
C THR N 121 24.52 23.89 96.46
N LEU N 122 24.65 23.52 97.73
CA LEU N 122 23.49 23.11 98.52
C LEU N 122 22.98 24.18 99.46
N THR N 123 23.55 25.39 99.42
CA THR N 123 23.09 26.58 100.11
C THR N 123 22.42 27.49 99.05
N PRO N 124 21.80 28.70 99.39
CA PRO N 124 20.45 29.04 98.86
C PRO N 124 20.23 29.07 97.35
N GLY N 125 21.23 28.79 96.55
CA GLY N 125 21.15 29.07 95.13
C GLY N 125 22.51 29.47 94.63
N THR N 126 23.48 29.43 95.54
CA THR N 126 24.84 29.83 95.23
C THR N 126 25.53 28.81 94.34
N ILE N 127 25.20 28.82 93.05
CA ILE N 127 25.71 27.81 92.15
C ILE N 127 27.15 28.12 91.75
N THR N 128 28.01 27.12 91.90
CA THR N 128 29.39 27.21 91.47
C THR N 128 29.45 27.24 89.95
N LEU N 129 30.39 28.02 89.41
CA LEU N 129 30.76 27.87 88.01
C LEU N 129 32.24 28.17 87.86
N ASP N 130 32.98 27.21 87.27
CA ASP N 130 34.38 27.37 86.85
C ASP N 130 35.31 27.73 88.00
N VAL N 131 35.50 26.76 88.90
CA VAL N 131 36.55 26.81 89.92
C VAL N 131 37.91 26.97 89.26
N ASP N 132 38.63 28.03 89.63
CA ASP N 132 40.04 28.15 89.29
C ASP N 132 40.89 27.86 90.52
N GLY N 133 42.21 27.91 90.33
CA GLY N 133 43.12 27.59 91.41
C GLY N 133 43.32 28.65 92.46
N ASP N 134 42.56 29.75 92.42
CA ASP N 134 42.74 30.83 93.37
C ASP N 134 41.46 31.16 94.13
N LYS N 135 40.32 31.05 93.47
CA LYS N 135 39.05 31.49 94.06
C LYS N 135 37.93 30.60 93.56
N TYR N 136 36.71 31.02 93.84
CA TYR N 136 35.51 30.41 93.29
C TYR N 136 34.68 31.49 92.61
N PHE N 137 33.82 31.08 91.70
CA PHE N 137 32.90 32.00 91.04
C PHE N 137 31.49 31.48 91.25
N ILE N 138 30.64 32.35 91.79
CA ILE N 138 29.35 31.94 92.33
C ILE N 138 28.25 32.66 91.56
N HIS N 139 27.26 31.91 91.10
CA HIS N 139 26.02 32.49 90.61
C HIS N 139 25.12 32.74 91.80
N TRP N 140 25.19 33.95 92.32
CA TRP N 140 24.61 34.28 93.61
C TRP N 140 23.11 34.59 93.45
N ILE N 141 22.52 35.17 94.48
CA ILE N 141 21.13 35.59 94.55
C ILE N 141 21.17 37.11 94.51
N ASP N 142 20.03 37.76 94.77
CA ASP N 142 19.83 39.21 94.75
C ASP N 142 20.97 39.99 95.37
N VAL N 143 21.61 40.84 94.56
CA VAL N 143 22.89 41.44 94.90
C VAL N 143 22.64 42.67 95.76
N LYS N 144 22.98 42.55 97.04
CA LYS N 144 22.97 43.68 97.98
C LYS N 144 24.19 43.73 98.86
N ASP N 145 25.00 42.68 98.94
CA ASP N 145 26.14 42.65 99.86
C ASP N 145 27.35 43.35 99.25
N SER N 146 27.91 42.80 98.17
CA SER N 146 29.15 43.31 97.61
C SER N 146 29.31 42.78 96.19
N SER N 147 30.10 43.52 95.40
CA SER N 147 30.47 43.05 94.07
C SER N 147 31.67 42.11 94.15
N VAL N 148 32.68 42.48 94.93
CA VAL N 148 33.77 41.59 95.30
C VAL N 148 33.72 41.44 96.82
N GLU N 149 33.84 40.19 97.28
CA GLU N 149 33.69 39.88 98.69
C GLU N 149 35.04 39.43 99.25
N GLY N 150 35.54 40.18 100.24
CA GLY N 150 36.78 39.84 100.90
C GLY N 150 36.66 38.81 102.00
N ALA N 151 35.55 38.09 102.05
CA ALA N 151 35.34 37.05 103.06
C ALA N 151 34.41 36.00 102.43
N SER N 152 33.82 35.16 103.28
CA SER N 152 32.80 34.20 102.87
C SER N 152 31.55 34.25 103.72
N GLU N 153 31.59 34.88 104.89
CA GLU N 153 30.48 34.84 105.82
C GLU N 153 29.34 35.74 105.39
N HIS N 154 29.58 36.65 104.46
CA HIS N 154 28.52 37.52 103.97
C HIS N 154 27.70 36.86 102.88
N ILE N 155 28.33 35.97 102.10
CA ILE N 155 27.61 35.28 101.04
C ILE N 155 27.09 33.92 101.50
N THR N 156 27.91 33.16 102.22
CA THR N 156 27.57 31.84 102.73
C THR N 156 27.69 31.86 104.25
N LYS N 157 27.56 30.73 104.82
CA LYS N 157 27.91 30.42 106.18
C LYS N 157 29.37 29.94 106.20
N PRO N 158 30.13 30.15 107.28
CA PRO N 158 31.52 29.69 107.29
C PRO N 158 31.69 28.19 107.29
N PHE N 159 31.51 27.57 106.11
CA PHE N 159 31.97 26.20 105.92
C PHE N 159 33.46 26.12 105.74
N GLU N 160 34.14 27.26 105.56
CA GLU N 160 35.57 27.24 105.28
C GLU N 160 36.38 26.86 106.50
N LYS N 161 35.86 27.08 107.70
CA LYS N 161 36.59 26.72 108.90
C LYS N 161 36.54 25.23 109.19
N PHE N 162 35.45 24.57 108.83
CA PHE N 162 35.32 23.14 109.13
C PHE N 162 35.93 22.30 108.01
N LEU N 163 35.93 22.84 106.79
CA LEU N 163 36.64 22.18 105.70
C LEU N 163 38.14 22.42 105.78
N ARG N 164 38.56 23.38 106.61
CA ARG N 164 39.97 23.59 106.92
C ARG N 164 40.54 22.46 107.77
N VAL N 165 39.71 21.62 108.37
CA VAL N 165 40.18 20.58 109.27
C VAL N 165 39.68 19.22 108.76
N ILE N 166 39.34 19.17 107.47
CA ILE N 166 39.08 17.88 106.84
C ILE N 166 40.37 17.10 106.59
N PHE N 167 41.53 17.73 106.74
CA PHE N 167 42.79 17.03 106.65
C PHE N 167 43.51 17.10 107.99
N VAL O 4 -0.29 7.38 101.47
CA VAL O 4 0.16 6.28 100.64
C VAL O 4 -0.37 6.44 99.23
N ASN O 5 -1.38 7.27 99.07
CA ASN O 5 -2.12 7.36 97.83
C ASN O 5 -2.19 8.78 97.28
N ILE O 6 -2.25 9.78 98.15
CA ILE O 6 -2.47 11.15 97.69
C ILE O 6 -1.21 11.73 97.07
N TYR O 7 -0.05 11.35 97.64
CA TYR O 7 1.25 11.83 97.18
C TYR O 7 1.51 11.48 95.73
N LEU O 8 0.96 10.35 95.28
CA LEU O 8 1.15 9.86 93.93
C LEU O 8 0.55 10.82 92.91
N LEU O 9 -0.68 11.26 93.16
CA LEU O 9 -1.32 12.21 92.28
C LEU O 9 -0.66 13.59 92.37
N LEU O 10 -0.08 13.92 93.52
CA LEU O 10 0.69 15.17 93.60
C LEU O 10 1.94 15.12 92.74
N ILE O 11 2.62 13.98 92.69
CA ILE O 11 3.81 13.88 91.86
C ILE O 11 3.45 13.89 90.38
N GLY O 12 2.30 13.31 90.02
CA GLY O 12 1.83 13.41 88.64
C GLY O 12 1.51 14.84 88.25
N VAL O 13 0.93 15.60 89.18
CA VAL O 13 0.72 17.03 88.98
C VAL O 13 2.05 17.76 88.80
N ALA O 14 3.06 17.35 89.57
CA ALA O 14 4.37 17.99 89.47
C ALA O 14 5.04 17.74 88.13
N THR O 15 4.95 16.51 87.61
CA THR O 15 5.71 16.21 86.41
C THR O 15 5.05 16.80 85.16
N LEU O 16 3.71 16.85 85.11
CA LEU O 16 3.11 17.47 83.93
C LEU O 16 3.15 19.00 84.06
N LEU O 17 3.37 19.51 85.28
CA LEU O 17 3.61 20.94 85.40
C LEU O 17 5.03 21.29 85.00
N SER O 18 5.97 20.34 85.11
CA SER O 18 7.31 20.57 84.58
C SER O 18 7.38 20.39 83.07
N MET O 19 6.35 19.80 82.47
CA MET O 19 6.31 19.62 81.02
C MET O 19 6.31 20.94 80.24
N TYR O 20 5.94 22.06 80.87
CA TYR O 20 5.89 23.34 80.17
C TYR O 20 7.27 23.79 79.69
N ARG O 21 8.32 23.40 80.39
CA ARG O 21 9.65 23.84 80.04
C ARG O 21 10.23 23.09 78.85
N VAL O 22 9.74 21.90 78.55
CA VAL O 22 10.30 21.13 77.43
C VAL O 22 9.48 21.37 76.17
N PHE O 23 8.23 21.80 76.33
CA PHE O 23 7.41 22.07 75.15
C PHE O 23 7.73 23.44 74.57
N ARG O 24 7.64 24.48 75.40
CA ARG O 24 8.05 25.82 75.04
C ARG O 24 9.51 26.00 75.47
N GLY O 25 9.98 27.24 75.45
CA GLY O 25 11.33 27.53 75.86
C GLY O 25 12.25 27.61 74.66
N PRO O 26 12.66 28.82 74.29
CA PRO O 26 13.33 29.00 73.00
C PRO O 26 14.78 28.56 73.01
N THR O 27 15.42 28.51 74.17
CA THR O 27 16.83 28.21 74.24
C THR O 27 17.10 26.72 73.98
N THR O 28 18.37 26.39 73.82
CA THR O 28 18.78 25.01 73.56
C THR O 28 19.00 24.22 74.83
N VAL O 29 19.00 24.86 75.99
CA VAL O 29 19.36 24.19 77.24
C VAL O 29 18.23 24.23 78.27
N ASP O 30 17.17 25.00 78.03
CA ASP O 30 16.02 24.93 78.93
C ASP O 30 15.33 23.58 78.85
N ARG O 31 15.40 22.92 77.70
CA ARG O 31 14.94 21.53 77.61
C ARG O 31 15.81 20.62 78.45
N LEU O 32 17.10 20.93 78.53
CA LEU O 32 18.02 20.10 79.30
C LEU O 32 17.77 20.25 80.79
N VAL O 33 17.48 21.47 81.24
CA VAL O 33 17.13 21.65 82.64
C VAL O 33 15.73 21.11 82.90
N ALA O 34 14.92 20.93 81.85
CA ALA O 34 13.63 20.28 82.05
C ALA O 34 13.80 18.79 82.30
N VAL O 35 14.68 18.11 81.56
CA VAL O 35 14.74 16.65 81.71
C VAL O 35 15.47 16.30 83.00
N ASP O 36 16.50 17.08 83.37
CA ASP O 36 17.33 16.73 84.51
C ASP O 36 16.56 16.81 85.83
N ILE O 37 15.61 17.73 85.91
CA ILE O 37 14.78 17.82 87.10
C ILE O 37 13.67 16.77 87.03
N MET O 38 13.30 16.37 85.80
CA MET O 38 12.25 15.36 85.63
C MET O 38 12.71 13.99 86.10
N THR O 39 14.02 13.75 86.15
CA THR O 39 14.51 12.45 86.60
C THR O 39 14.46 12.34 88.11
N THR O 40 14.77 13.42 88.82
CA THR O 40 14.84 13.35 90.28
C THR O 40 13.46 13.24 90.89
N ILE O 41 12.46 13.91 90.29
CA ILE O 41 11.10 13.81 90.79
C ILE O 41 10.54 12.41 90.51
N THR O 42 11.00 11.76 89.44
CA THR O 42 10.53 10.40 89.19
C THR O 42 11.34 9.38 89.97
N VAL O 43 12.54 9.73 90.41
CA VAL O 43 13.25 8.90 91.38
C VAL O 43 12.51 8.95 92.71
N GLY O 44 12.10 10.14 93.14
CA GLY O 44 11.26 10.29 94.30
C GLY O 44 9.87 9.69 94.13
N LEU O 45 9.43 9.51 92.89
CA LEU O 45 8.25 8.70 92.62
C LEU O 45 8.55 7.21 92.78
N MET O 46 9.73 6.79 92.33
CA MET O 46 10.06 5.38 92.30
C MET O 46 10.33 4.82 93.70
N VAL O 47 10.79 5.68 94.60
CA VAL O 47 10.88 5.28 96.00
C VAL O 47 9.49 5.22 96.64
N LEU O 48 8.57 6.07 96.17
CA LEU O 48 7.24 6.15 96.77
C LEU O 48 6.42 4.90 96.50
N PHE O 49 6.62 4.27 95.34
CA PHE O 49 5.85 3.07 95.01
C PHE O 49 6.31 1.85 95.77
N ALA O 50 7.49 1.89 96.39
CA ALA O 50 7.90 0.81 97.27
C ALA O 50 6.96 0.72 98.47
N LEU O 51 6.44 1.86 98.91
CA LEU O 51 5.39 1.85 99.92
C LEU O 51 4.08 1.33 99.33
N TYR O 52 3.83 1.63 98.05
CA TYR O 52 2.53 1.34 97.46
C TYR O 52 2.35 -0.13 97.18
N TYR O 53 3.41 -0.81 96.77
CA TYR O 53 3.35 -2.23 96.49
C TYR O 53 3.98 -3.08 97.59
N ARG O 54 4.52 -2.43 98.63
CA ARG O 54 5.08 -3.07 99.83
C ARG O 54 6.24 -4.01 99.51
N ARG O 55 7.03 -3.68 98.50
CA ARG O 55 8.09 -4.57 98.05
C ARG O 55 9.46 -4.03 98.38
N ILE O 56 10.33 -4.91 98.87
CA ILE O 56 11.68 -4.52 99.25
C ILE O 56 12.60 -4.37 98.05
N ILE O 57 12.20 -4.88 96.88
CA ILE O 57 13.07 -4.87 95.72
C ILE O 57 12.86 -3.66 94.84
N PHE O 58 11.84 -2.85 95.12
CA PHE O 58 11.53 -1.74 94.23
C PHE O 58 12.40 -0.53 94.50
N LEU O 59 13.17 -0.53 95.58
CA LEU O 59 14.19 0.50 95.76
C LEU O 59 15.44 0.19 94.96
N ASP O 60 15.58 -1.05 94.48
CA ASP O 60 16.78 -1.45 93.77
C ASP O 60 16.84 -0.89 92.36
N VAL O 61 15.73 -0.34 91.86
CA VAL O 61 15.77 0.34 90.57
C VAL O 61 15.93 1.84 90.74
N ALA O 62 15.62 2.36 91.93
CA ALA O 62 15.55 3.80 92.12
C ALA O 62 16.95 4.40 92.17
N LEU O 63 17.86 3.74 92.88
CA LEU O 63 19.22 4.25 92.98
C LEU O 63 19.98 4.06 91.68
N VAL O 64 19.67 2.99 90.93
CA VAL O 64 20.27 2.81 89.61
C VAL O 64 19.83 3.91 88.67
N TYR O 65 18.57 4.34 88.76
CA TYR O 65 18.19 5.50 87.96
C TYR O 65 18.73 6.79 88.53
N ALA O 66 19.14 6.80 89.80
CA ALA O 66 19.79 7.98 90.34
C ALA O 66 21.21 8.14 89.84
N ILE O 67 21.86 7.05 89.42
CA ILE O 67 23.11 7.22 88.66
C ILE O 67 22.82 7.78 87.27
N LEU O 68 21.97 7.09 86.51
CA LEU O 68 22.01 7.20 85.05
C LEU O 68 21.34 8.46 84.53
N SER O 69 20.75 9.28 85.41
CA SER O 69 20.45 10.66 85.04
C SER O 69 21.74 11.47 84.94
N PHE O 70 22.59 11.32 85.94
CA PHE O 70 23.72 12.21 86.15
C PHE O 70 24.78 12.07 85.07
N ALA O 71 25.01 10.83 84.63
CA ALA O 71 25.89 10.57 83.49
C ALA O 71 25.33 11.18 82.23
N GLY O 72 24.01 11.09 82.04
CA GLY O 72 23.39 11.66 80.85
C GLY O 72 23.51 13.16 80.80
N VAL O 73 23.28 13.84 81.92
CA VAL O 73 23.31 15.29 81.92
C VAL O 73 24.73 15.86 81.92
N ILE O 74 25.73 15.10 82.36
CA ILE O 74 27.10 15.49 82.05
C ILE O 74 27.36 15.37 80.56
N ALA O 75 26.92 14.26 79.96
CA ALA O 75 27.22 14.01 78.55
C ALA O 75 26.46 14.96 77.63
N PHE O 76 25.26 15.39 78.03
CA PHE O 76 24.55 16.40 77.25
C PHE O 76 25.21 17.76 77.38
N ALA O 77 25.75 18.05 78.56
CA ALA O 77 26.38 19.34 78.84
C ALA O 77 27.89 19.24 78.84
N ARG O 78 28.45 18.43 77.96
CA ARG O 78 29.89 18.43 77.75
C ARG O 78 30.25 18.77 76.31
N TYR O 79 29.44 18.36 75.35
CA TYR O 79 29.63 18.82 73.97
C TYR O 79 29.37 20.31 73.85
N LEU O 80 28.50 20.85 74.70
CA LEU O 80 28.21 22.28 74.68
C LEU O 80 29.42 23.11 75.07
N GLU O 81 30.32 22.53 75.86
CA GLU O 81 31.59 23.16 76.15
C GLU O 81 32.74 22.57 75.35
N GLY O 82 32.77 21.26 75.17
CA GLY O 82 33.84 20.62 74.44
C GLY O 82 34.30 19.32 75.07
N SER P 5 6.41 5.80 111.37
CA SER P 5 5.46 6.36 112.30
C SER P 5 4.78 7.60 111.72
N LEU P 6 4.06 8.33 112.57
CA LEU P 6 3.25 9.45 112.10
C LEU P 6 4.11 10.64 111.67
N ILE P 7 5.30 10.77 112.26
CA ILE P 7 6.19 11.87 111.93
C ILE P 7 6.72 11.72 110.51
N GLY P 8 6.86 10.47 110.05
CA GLY P 8 7.18 10.25 108.64
C GLY P 8 6.03 10.63 107.74
N GLU P 9 4.80 10.42 108.20
CA GLU P 9 3.62 10.77 107.43
C GLU P 9 3.46 12.28 107.30
N LEU P 10 4.06 13.07 108.19
CA LEU P 10 4.11 14.50 107.96
C LEU P 10 5.38 14.95 107.24
N LEU P 11 6.49 14.22 107.38
CA LEU P 11 7.73 14.62 106.74
C LEU P 11 7.66 14.41 105.23
N VAL P 12 6.98 13.35 104.79
CA VAL P 12 6.84 13.15 103.35
C VAL P 12 5.86 14.16 102.75
N LEU P 13 4.87 14.61 103.54
CA LEU P 13 4.04 15.73 103.12
C LEU P 13 4.85 17.00 102.95
N PHE P 14 5.77 17.26 103.88
CA PHE P 14 6.65 18.41 103.76
C PHE P 14 7.56 18.30 102.53
N GLY P 15 8.05 17.10 102.26
CA GLY P 15 8.89 16.90 101.09
C GLY P 15 8.12 16.99 99.78
N THR P 16 6.84 16.62 99.77
CA THR P 16 6.11 16.66 98.52
C THR P 16 5.51 18.05 98.24
N VAL P 17 5.22 18.84 99.27
CA VAL P 17 4.93 20.25 99.03
C VAL P 17 6.21 20.96 98.59
N PHE P 18 7.35 20.50 99.09
CA PHE P 18 8.64 21.01 98.62
C PHE P 18 8.86 20.67 97.15
N TYR P 19 8.47 19.46 96.74
CA TYR P 19 8.51 19.05 95.34
C TYR P 19 7.64 19.94 94.46
N LEU P 20 6.41 20.19 94.89
CA LEU P 20 5.47 20.93 94.06
C LEU P 20 5.83 22.40 93.98
N LEU P 21 6.33 22.98 95.06
CA LEU P 21 6.76 24.38 95.01
C LEU P 21 8.08 24.52 94.27
N SER P 22 8.90 23.46 94.26
CA SER P 22 10.07 23.41 93.39
C SER P 22 9.67 23.49 91.93
N THR P 23 8.69 22.68 91.54
CA THR P 23 8.31 22.63 90.13
C THR P 23 7.57 23.91 89.73
N LEU P 24 6.85 24.53 90.65
CA LEU P 24 6.30 25.85 90.39
C LEU P 24 7.41 26.88 90.26
N GLY P 25 8.49 26.72 91.02
CA GLY P 25 9.62 27.62 90.90
C GLY P 25 10.42 27.46 89.63
N LEU P 26 10.33 26.29 88.98
CA LEU P 26 11.00 26.10 87.71
C LEU P 26 10.38 26.95 86.61
N ILE P 27 9.04 27.06 86.59
CA ILE P 27 8.39 27.83 85.54
C ILE P 27 8.29 29.31 85.87
N ARG P 28 8.41 29.68 87.14
CA ARG P 28 8.32 31.08 87.56
C ARG P 28 9.73 31.63 87.73
N MET P 29 10.48 31.63 86.62
CA MET P 29 11.79 32.25 86.56
C MET P 29 12.01 32.82 85.15
N PRO P 30 12.52 34.04 85.04
CA PRO P 30 12.66 34.67 83.72
C PRO P 30 13.67 34.03 82.78
N ASP P 31 14.92 33.85 83.21
CA ASP P 31 15.97 33.41 82.31
C ASP P 31 16.43 32.00 82.66
N VAL P 32 17.50 31.56 81.99
CA VAL P 32 18.00 30.19 82.13
C VAL P 32 18.63 29.98 83.49
N TYR P 33 19.40 30.95 83.97
CA TYR P 33 20.28 30.71 85.11
C TYR P 33 19.51 30.59 86.41
N ASN P 34 18.53 31.47 86.64
CA ASN P 34 17.73 31.35 87.85
C ASN P 34 16.80 30.16 87.77
N ARG P 35 16.32 29.85 86.56
CA ARG P 35 15.62 28.58 86.31
C ARG P 35 16.45 27.38 86.69
N MET P 36 17.75 27.43 86.42
CA MET P 36 18.58 26.28 86.70
C MET P 36 18.90 26.21 88.18
N GLN P 37 19.11 27.36 88.83
CA GLN P 37 19.51 27.34 90.22
C GLN P 37 18.37 26.90 91.13
N THR P 38 17.15 27.43 90.94
CA THR P 38 16.09 27.09 91.89
C THR P 38 15.58 25.67 91.69
N ALA P 39 15.74 25.14 90.47
CA ALA P 39 15.33 23.77 90.20
C ALA P 39 16.31 22.79 90.81
N THR P 40 17.60 23.08 90.70
CA THR P 40 18.57 22.22 91.37
C THR P 40 18.64 22.49 92.87
N LYS P 41 17.98 23.54 93.37
CA LYS P 41 17.85 23.64 94.82
C LYS P 41 16.72 22.79 95.35
N SER P 42 15.51 23.16 95.03
CA SER P 42 14.36 22.73 95.81
C SER P 42 13.80 21.39 95.36
N ALA P 43 14.43 20.74 94.38
CA ALA P 43 14.05 19.38 93.98
C ALA P 43 15.11 18.36 94.36
N THR P 44 16.00 18.69 95.30
CA THR P 44 16.99 17.74 95.76
C THR P 44 17.23 17.71 97.26
N LEU P 45 16.70 18.67 98.03
CA LEU P 45 16.76 18.53 99.49
C LEU P 45 15.44 18.02 100.05
N GLY P 46 14.32 18.44 99.47
CA GLY P 46 13.06 17.79 99.75
C GLY P 46 13.02 16.36 99.26
N SER P 47 13.87 16.04 98.27
CA SER P 47 14.10 14.66 97.87
C SER P 47 14.59 13.82 99.05
N LEU P 48 15.71 14.21 99.66
CA LEU P 48 16.23 13.48 100.82
C LEU P 48 15.27 13.51 102.00
N GLY P 49 14.49 14.59 102.12
CA GLY P 49 13.42 14.61 103.11
C GLY P 49 12.38 13.52 102.88
N VAL P 50 12.01 13.30 101.61
CA VAL P 50 11.07 12.24 101.27
C VAL P 50 11.67 10.86 101.53
N ILE P 51 12.97 10.69 101.23
CA ILE P 51 13.56 9.36 101.29
C ILE P 51 13.76 8.93 102.75
N ILE P 52 14.31 9.82 103.58
CA ILE P 52 14.44 9.52 105.00
C ILE P 52 13.06 9.46 105.65
N GLY P 53 12.10 10.21 105.09
CA GLY P 53 10.72 10.10 105.54
C GLY P 53 10.13 8.73 105.28
N THR P 54 10.42 8.15 104.10
CA THR P 54 9.94 6.81 103.80
C THR P 54 10.65 5.76 104.65
N GLY P 55 11.91 6.01 105.01
CA GLY P 55 12.60 5.17 105.97
C GLY P 55 11.93 5.13 107.34
N ILE P 56 11.61 6.32 107.88
CA ILE P 56 10.91 6.35 109.15
C ILE P 56 9.42 6.09 109.01
N TRP P 57 8.89 6.10 107.79
CA TRP P 57 7.62 5.42 107.52
C TRP P 57 7.74 3.94 107.82
N ALA P 58 8.85 3.34 107.41
CA ALA P 58 9.10 1.94 107.65
C ALA P 58 9.84 1.67 108.96
N LEU P 59 9.92 2.65 109.85
CA LEU P 59 10.58 2.44 111.15
C LEU P 59 9.83 1.41 111.99
N GLY P 60 8.55 1.62 112.21
CA GLY P 60 7.74 0.66 112.92
C GLY P 60 6.85 -0.10 111.95
N GLU P 61 6.33 0.61 110.96
CA GLU P 61 5.56 0.00 109.88
C GLU P 61 6.51 -0.59 108.84
N GLY P 62 5.97 -0.94 107.68
CA GLY P 62 6.81 -1.62 106.69
C GLY P 62 6.98 -3.06 107.11
N PHE P 63 8.21 -3.55 107.15
CA PHE P 63 8.46 -4.89 107.65
C PHE P 63 9.31 -4.88 108.92
N SER P 64 10.57 -4.42 108.89
CA SER P 64 11.18 -4.07 110.16
C SER P 64 11.85 -2.71 110.21
N VAL P 65 13.04 -2.61 109.61
CA VAL P 65 13.79 -1.35 109.65
C VAL P 65 14.58 -1.17 108.36
N ALA P 66 14.68 -2.24 107.56
CA ALA P 66 15.73 -2.34 106.54
C ALA P 66 15.45 -1.44 105.34
N TRP P 67 14.23 -0.90 105.23
CA TRP P 67 13.99 0.09 104.18
C TRP P 67 14.70 1.39 104.49
N LEU P 68 14.87 1.72 105.78
CA LEU P 68 15.57 2.94 106.17
C LEU P 68 17.04 2.89 105.76
N THR P 69 17.63 1.70 105.76
CA THR P 69 19.03 1.55 105.41
C THR P 69 19.28 1.82 103.93
N LYS P 70 18.46 1.20 103.07
CA LYS P 70 18.53 1.48 101.65
C LYS P 70 18.14 2.92 101.35
N ALA P 71 17.23 3.47 102.17
CA ALA P 71 16.82 4.86 102.02
C ALA P 71 17.96 5.81 102.31
N ILE P 72 18.71 5.56 103.39
CA ILE P 72 19.82 6.45 103.73
C ILE P 72 20.97 6.27 102.74
N VAL P 73 21.05 5.11 102.08
CA VAL P 73 22.06 4.91 101.05
C VAL P 73 21.73 5.73 99.82
N ILE P 74 20.49 5.64 99.32
CA ILE P 74 20.14 6.39 98.12
C ILE P 74 20.05 7.89 98.43
N ALA P 75 19.73 8.26 99.67
CA ALA P 75 19.70 9.67 100.04
C ALA P 75 21.10 10.25 100.11
N ALA P 76 22.02 9.55 100.76
CA ALA P 76 23.39 10.05 100.84
C ALA P 76 24.10 9.95 99.50
N PHE P 77 23.62 9.09 98.60
CA PHE P 77 24.18 9.08 97.25
C PHE P 77 23.61 10.20 96.40
N LEU P 78 22.31 10.47 96.54
CA LEU P 78 21.67 11.53 95.76
C LEU P 78 22.11 12.91 96.23
N LEU P 79 22.60 13.01 97.47
CA LEU P 79 22.97 14.30 98.02
C LEU P 79 24.23 14.85 97.36
N LEU P 80 25.18 13.97 97.02
CA LEU P 80 26.45 14.46 96.49
C LEU P 80 26.54 14.39 94.97
N THR P 81 25.56 13.79 94.28
CA THR P 81 25.70 13.65 92.84
C THR P 81 25.03 14.78 92.06
N ASN P 82 24.00 15.40 92.61
CA ASN P 82 23.29 16.49 91.93
C ASN P 82 24.04 17.82 91.92
N PRO P 83 24.85 18.19 92.95
CA PRO P 83 25.76 19.33 92.77
C PRO P 83 26.66 19.28 91.55
N ILE P 84 27.23 18.12 91.22
CA ILE P 84 28.10 18.03 90.05
C ILE P 84 27.29 18.14 88.77
N SER P 85 26.04 17.64 88.81
CA SER P 85 25.13 17.80 87.68
C SER P 85 24.78 19.26 87.46
N ALA P 86 24.52 20.00 88.55
CA ALA P 86 24.15 21.40 88.45
C ALA P 86 25.32 22.26 88.00
N HIS P 87 26.53 21.94 88.47
CA HIS P 87 27.72 22.66 88.05
C HIS P 87 28.00 22.45 86.57
N ALA P 88 28.03 21.18 86.13
CA ALA P 88 28.32 20.91 84.73
C ALA P 88 27.19 21.34 83.81
N LEU P 89 25.97 21.49 84.32
CA LEU P 89 24.92 22.11 83.52
C LEU P 89 25.13 23.61 83.40
N ILE P 90 25.55 24.26 84.49
CA ILE P 90 25.73 25.70 84.48
C ILE P 90 26.97 26.09 83.68
N ARG P 91 28.08 25.37 83.92
CA ARG P 91 29.37 25.74 83.36
C ARG P 91 29.38 25.64 81.84
N ALA P 92 28.72 24.63 81.29
CA ALA P 92 28.61 24.52 79.84
C ALA P 92 27.62 25.53 79.29
N ALA P 93 26.69 26.01 80.13
CA ALA P 93 25.70 26.97 79.66
C ALA P 93 26.27 28.37 79.49
N TYR P 94 27.48 28.63 79.99
CA TYR P 94 28.06 29.95 79.75
C TYR P 94 28.69 30.04 78.38
N LYS P 95 29.25 28.94 77.88
CA LYS P 95 29.80 28.93 76.55
C LYS P 95 28.67 28.94 75.51
N SER P 96 29.07 29.29 74.28
CA SER P 96 28.17 29.43 73.12
C SER P 96 27.05 30.44 73.40
N GLY P 97 27.47 31.64 73.77
CA GLY P 97 26.54 32.72 74.03
C GLY P 97 25.72 32.55 75.29
N ILE P 98 24.40 32.44 75.13
CA ILE P 98 23.41 32.22 76.19
C ILE P 98 23.52 33.33 77.24
N PRO P 99 23.03 34.53 76.95
CA PRO P 99 23.22 35.66 77.86
C PRO P 99 22.40 35.51 79.13
N LEU P 100 22.68 36.40 80.08
CA LEU P 100 22.07 36.37 81.39
C LEU P 100 20.98 37.43 81.49
N TRP P 101 20.43 37.60 82.69
CA TRP P 101 19.37 38.55 82.96
C TRP P 101 20.00 39.93 83.18
N GLU P 102 19.16 40.93 83.51
CA GLU P 102 19.62 42.26 83.87
C GLU P 102 20.16 42.21 85.30
N GLY P 103 21.36 41.65 85.43
CA GLY P 103 21.99 41.54 86.73
C GLY P 103 22.78 42.79 87.04
N SER P 104 23.17 42.95 88.30
CA SER P 104 24.02 44.07 88.69
C SER P 104 25.38 43.95 88.02
N VAL P 105 26.08 42.85 88.27
CA VAL P 105 27.38 42.59 87.66
C VAL P 105 27.38 41.15 87.15
N VAL P 106 27.89 40.96 85.93
CA VAL P 106 28.07 39.64 85.34
C VAL P 106 29.49 39.56 84.80
N ASP P 107 30.20 40.69 84.82
CA ASP P 107 31.44 40.83 84.06
C ASP P 107 32.63 40.17 84.74
N LYS P 108 32.56 39.93 86.05
CA LYS P 108 33.72 39.48 86.81
C LYS P 108 34.19 38.10 86.36
N TYR P 109 33.27 37.29 85.85
CA TYR P 109 33.66 36.04 85.22
C TYR P 109 34.10 36.27 83.77
N LYS P 110 33.46 37.22 83.09
CA LYS P 110 33.84 37.54 81.72
C LYS P 110 35.20 38.22 81.69
N GLU P 111 35.45 39.12 82.64
CA GLU P 111 36.72 39.84 82.67
C GLU P 111 37.85 38.91 83.10
N HIS P 112 37.54 37.89 83.89
CA HIS P 112 38.59 36.98 84.33
C HIS P 112 38.81 35.85 83.34
N LEU P 113 37.88 35.67 82.37
CA LEU P 113 38.24 35.08 81.06
C LEU P 113 39.17 35.98 80.25
N GLU P 114 38.76 37.21 79.97
CA GLU P 114 39.54 38.06 79.06
C GLU P 114 40.68 38.80 79.77
N ARG P 115 41.11 38.34 80.95
CA ARG P 115 42.25 38.94 81.62
C ARG P 115 43.55 38.69 80.87
N LYS P 116 43.67 37.50 80.25
CA LYS P 116 44.83 37.06 79.45
C LYS P 116 46.16 37.14 80.19
N CYS Q 3 -3.65 8.26 93.24
CA CYS Q 3 -4.64 7.39 92.61
C CYS Q 3 -3.98 6.10 92.11
N ILE Q 4 -4.62 5.48 91.13
CA ILE Q 4 -4.15 4.23 90.55
C ILE Q 4 -3.90 4.38 89.05
N VAL Q 5 -4.94 4.74 88.31
CA VAL Q 5 -4.88 4.78 86.85
C VAL Q 5 -4.58 6.18 86.33
N CYS Q 6 -4.79 7.22 87.14
CA CYS Q 6 -4.61 8.59 86.67
C CYS Q 6 -3.15 8.92 86.45
N ILE Q 7 -2.28 8.47 87.36
CA ILE Q 7 -0.83 8.69 87.17
C ILE Q 7 -0.31 7.85 86.01
N GLU Q 8 -0.96 6.71 85.75
CA GLU Q 8 -0.63 5.90 84.59
C GLU Q 8 -0.95 6.64 83.30
N TYR Q 9 -2.10 7.29 83.24
CA TYR Q 9 -2.45 8.09 82.08
C TYR Q 9 -1.54 9.31 81.95
N ILE Q 10 -1.09 9.85 83.08
CA ILE Q 10 -0.17 10.98 83.07
C ILE Q 10 1.17 10.57 82.50
N ILE Q 11 1.70 9.43 82.95
CA ILE Q 11 2.99 8.94 82.47
C ILE Q 11 2.93 8.57 80.99
N VAL Q 12 1.81 7.97 80.56
CA VAL Q 12 1.75 7.51 79.19
C VAL Q 12 1.53 8.69 78.23
N ALA Q 13 0.79 9.71 78.64
CA ALA Q 13 0.65 10.88 77.79
C ALA Q 13 1.90 11.73 77.81
N LEU Q 14 2.67 11.66 78.89
CA LEU Q 14 3.94 12.36 78.95
C LEU Q 14 4.97 11.67 78.06
N MET Q 15 4.90 10.35 77.97
CA MET Q 15 5.76 9.61 77.06
C MET Q 15 5.40 9.91 75.60
N ILE Q 16 4.11 10.08 75.32
CA ILE Q 16 3.69 10.40 73.95
C ILE Q 16 4.08 11.83 73.59
N ILE Q 17 3.95 12.77 74.54
CA ILE Q 17 4.31 14.15 74.20
C ILE Q 17 5.83 14.32 74.18
N SER Q 18 6.57 13.40 74.83
CA SER Q 18 8.02 13.41 74.66
C SER Q 18 8.44 12.56 73.48
N ALA Q 19 7.51 11.85 72.87
CA ALA Q 19 7.81 11.13 71.63
C ALA Q 19 7.60 12.02 70.42
N ILE Q 20 6.47 12.74 70.38
CA ILE Q 20 6.15 13.62 69.26
C ILE Q 20 7.18 14.75 69.18
N LEU Q 21 7.54 15.29 70.35
CA LEU Q 21 8.50 16.38 70.41
C LEU Q 21 9.94 15.89 70.38
N ALA Q 22 10.16 14.58 70.25
CA ALA Q 22 11.50 14.06 70.01
C ALA Q 22 11.86 14.08 68.54
N VAL Q 23 10.87 14.20 67.65
CA VAL Q 23 11.12 14.22 66.22
C VAL Q 23 10.74 15.54 65.57
N GLU Q 24 10.03 16.43 66.26
CA GLU Q 24 9.69 17.73 65.69
C GLU Q 24 10.86 18.70 65.72
N TRP Q 25 11.80 18.54 66.64
CA TRP Q 25 12.90 19.49 66.77
C TRP Q 25 13.93 19.28 65.67
N ARG Q 26 14.68 20.35 65.40
CA ARG Q 26 15.78 20.29 64.47
C ARG Q 26 17.13 20.12 65.16
N ASP Q 27 17.27 20.67 66.36
CA ASP Q 27 18.51 20.53 67.13
C ASP Q 27 18.68 19.09 67.57
N LEU Q 28 19.78 18.46 67.16
CA LEU Q 28 19.96 17.04 67.42
C LEU Q 28 20.34 16.77 68.87
N LEU Q 29 20.99 17.73 69.54
CA LEU Q 29 21.22 17.60 70.98
C LEU Q 29 19.89 17.62 71.73
N ALA Q 30 18.94 18.41 71.24
CA ALA Q 30 17.60 18.39 71.79
C ALA Q 30 16.91 17.07 71.48
N SER Q 31 17.22 16.44 70.35
CA SER Q 31 16.66 15.13 70.05
C SER Q 31 17.21 14.06 70.98
N THR Q 32 18.49 14.20 71.38
CA THR Q 32 19.02 13.30 72.39
C THR Q 32 18.37 13.53 73.74
N VAL Q 33 18.02 14.79 74.05
CA VAL Q 33 17.27 15.10 75.26
C VAL Q 33 15.89 14.42 75.22
N GLY Q 34 15.22 14.50 74.07
CA GLY Q 34 13.92 13.84 73.94
C GLY Q 34 14.02 12.33 73.99
N MET Q 35 15.12 11.78 73.45
CA MET Q 35 15.35 10.34 73.53
C MET Q 35 15.60 9.90 74.97
N ALA Q 36 16.32 10.73 75.75
CA ALA Q 36 16.57 10.39 77.14
C ALA Q 36 15.30 10.48 77.97
N ALA Q 37 14.43 11.44 77.66
CA ALA Q 37 13.17 11.53 78.37
C ALA Q 37 12.24 10.36 78.01
N VAL Q 38 12.33 9.88 76.77
CA VAL Q 38 11.55 8.70 76.40
C VAL Q 38 12.06 7.47 77.14
N SER Q 39 13.38 7.36 77.31
CA SER Q 39 13.93 6.27 78.12
C SER Q 39 13.55 6.41 79.59
N LEU Q 40 13.37 7.65 80.06
CA LEU Q 40 12.87 7.89 81.41
C LEU Q 40 11.48 7.32 81.58
N PHE Q 41 10.55 7.73 80.72
CA PHE Q 41 9.16 7.34 80.89
C PHE Q 41 8.97 5.86 80.58
N ALA Q 42 9.82 5.30 79.72
CA ALA Q 42 9.81 3.86 79.50
C ALA Q 42 10.26 3.11 80.74
N SER Q 43 11.29 3.62 81.43
CA SER Q 43 11.75 2.96 82.65
C SER Q 43 10.71 3.06 83.76
N ILE Q 44 10.04 4.21 83.86
CA ILE Q 44 9.00 4.38 84.87
C ILE Q 44 7.80 3.50 84.55
N LEU Q 45 7.48 3.34 83.26
CA LEU Q 45 6.36 2.50 82.89
C LEU Q 45 6.69 1.02 83.06
N PHE Q 46 7.95 0.65 82.83
CA PHE Q 46 8.39 -0.72 83.11
C PHE Q 46 8.28 -1.02 84.59
N PHE Q 47 8.66 -0.06 85.41
CA PHE Q 47 8.61 -0.26 86.85
C PHE Q 47 7.17 -0.26 87.34
N PHE Q 48 6.32 0.58 86.75
CA PHE Q 48 4.93 0.68 87.18
C PHE Q 48 4.12 -0.51 86.71
N LEU Q 49 4.56 -1.16 85.63
CA LEU Q 49 3.93 -2.39 85.16
C LEU Q 49 4.52 -3.62 85.86
N GLN Q 50 5.32 -3.39 86.90
CA GLN Q 50 5.79 -4.38 87.85
C GLN Q 50 6.64 -5.45 87.17
N ALA Q 51 7.74 -4.97 86.61
CA ALA Q 51 8.84 -5.84 86.18
C ALA Q 51 10.11 -5.05 86.37
N PRO Q 52 10.82 -5.27 87.47
CA PRO Q 52 11.94 -4.37 87.81
C PRO Q 52 13.22 -4.70 87.07
N ASP Q 53 13.36 -5.95 86.63
CA ASP Q 53 14.49 -6.39 85.83
C ASP Q 53 14.65 -5.59 84.53
N VAL Q 54 13.55 -5.41 83.79
CA VAL Q 54 13.62 -4.67 82.54
C VAL Q 54 13.74 -3.19 82.84
N ALA Q 55 13.19 -2.73 83.97
CA ALA Q 55 13.27 -1.32 84.34
C ALA Q 55 14.70 -0.91 84.64
N MET Q 56 15.43 -1.71 85.41
CA MET Q 56 16.80 -1.34 85.70
C MET Q 56 17.74 -1.62 84.54
N THR Q 57 17.42 -2.60 83.69
CA THR Q 57 18.22 -2.82 82.49
C THR Q 57 18.04 -1.68 81.50
N GLU Q 58 16.81 -1.26 81.27
CA GLU Q 58 16.55 -0.11 80.39
C GLU Q 58 17.03 1.18 81.02
N ALA Q 59 17.13 1.23 82.35
CA ALA Q 59 17.75 2.37 83.02
C ALA Q 59 19.23 2.42 82.69
N ALA Q 60 19.90 1.28 82.76
CA ALA Q 60 21.33 1.27 82.49
C ALA Q 60 21.65 1.27 81.00
N ILE Q 61 20.66 1.10 80.13
CA ILE Q 61 20.88 1.07 78.70
C ILE Q 61 20.40 2.34 78.00
N GLY Q 62 19.16 2.77 78.25
CA GLY Q 62 18.61 3.86 77.47
C GLY Q 62 18.88 5.25 78.01
N ALA Q 63 19.32 5.34 79.26
CA ALA Q 63 19.52 6.64 79.89
C ALA Q 63 20.90 7.22 79.59
N ALA Q 64 21.96 6.41 79.68
CA ALA Q 64 23.28 6.92 79.36
C ALA Q 64 24.14 5.91 78.58
N LEU Q 65 23.54 4.93 77.93
CA LEU Q 65 24.24 4.13 76.94
C LEU Q 65 23.56 4.12 75.59
N SER Q 66 22.35 4.64 75.49
CA SER Q 66 21.73 4.87 74.20
C SER Q 66 21.56 6.35 73.89
N ALA Q 67 21.26 7.15 74.90
CA ALA Q 67 21.21 8.60 74.70
C ALA Q 67 22.60 9.21 74.79
N ALA Q 68 23.44 8.68 75.67
CA ALA Q 68 24.79 9.23 75.79
C ALA Q 68 25.75 8.57 74.83
N VAL Q 69 25.28 7.67 73.98
CA VAL Q 69 26.09 7.24 72.85
C VAL Q 69 25.69 7.99 71.59
N PHE Q 70 24.51 8.63 71.59
CA PHE Q 70 24.02 9.26 70.38
C PHE Q 70 24.58 10.67 70.22
N ILE Q 71 24.53 11.46 71.30
CA ILE Q 71 25.19 12.77 71.30
C ILE Q 71 26.69 12.60 71.20
N PHE Q 72 27.19 11.48 71.70
CA PHE Q 72 28.56 11.03 71.51
C PHE Q 72 28.88 10.83 70.03
N ALA Q 73 27.86 10.53 69.22
CA ALA Q 73 28.06 10.43 67.78
C ALA Q 73 27.82 11.74 67.04
N ILE Q 74 26.96 12.62 67.57
CA ILE Q 74 26.78 13.92 66.92
C ILE Q 74 27.91 14.89 67.26
N LYS Q 75 28.82 14.48 68.14
CA LYS Q 75 30.01 15.28 68.46
C LYS Q 75 30.82 15.65 67.22
N ARG Q 76 31.25 14.66 66.46
CA ARG Q 76 32.04 14.90 65.25
C ARG Q 76 31.17 14.87 64.00
N THR Q 77 29.93 15.34 64.12
CA THR Q 77 28.98 15.34 63.02
C THR Q 77 28.25 16.68 63.09
N TYR Q 78 27.10 16.79 62.41
CA TYR Q 78 26.26 17.97 62.47
C TYR Q 78 25.69 18.19 63.87
N ARG Q 79 25.14 19.38 64.05
CA ARG Q 79 24.28 19.66 65.19
C ARG Q 79 22.91 20.14 64.78
N TYR Q 80 22.78 20.81 63.64
CA TYR Q 80 21.51 21.27 63.13
C TYR Q 80 21.00 20.30 62.07
N GLU Q 81 19.71 20.47 61.70
CA GLU Q 81 19.17 20.03 60.38
C GLU Q 81 19.87 20.69 59.20
N THR Q 82 20.36 21.92 59.39
CA THR Q 82 20.95 22.76 58.34
C THR Q 82 19.98 22.92 57.16
N GLU Q 83 18.84 23.53 57.46
CA GLU Q 83 17.81 23.82 56.45
C GLU Q 83 17.82 25.32 56.21
N GLU Q 84 18.30 25.73 55.05
CA GLU Q 84 18.41 27.14 54.70
C GLU Q 84 17.35 27.55 53.69
N LEU Q 88 16.15 32.96 52.45
CA LEU Q 88 17.37 33.70 52.12
C LEU Q 88 18.23 32.90 51.17
N GLY Q 89 18.90 33.58 50.26
CA GLY Q 89 19.91 32.94 49.43
C GLY Q 89 19.67 33.08 47.95
N TRP Q 90 20.76 33.05 47.19
CA TRP Q 90 20.64 33.18 45.74
C TRP Q 90 20.40 31.84 45.08
N TRP Q 91 21.30 30.89 45.32
CA TRP Q 91 21.21 29.54 44.80
C TRP Q 91 20.91 28.67 46.01
N VAL Q 92 19.64 28.59 46.35
CA VAL Q 92 19.20 27.95 47.58
C VAL Q 92 17.91 27.19 47.27
N ARG Q 93 17.72 26.07 47.96
CA ARG Q 93 16.59 25.15 47.77
C ARG Q 93 16.50 24.72 46.31
N TRP Q 94 17.62 24.25 45.80
CA TRP Q 94 17.72 23.92 44.39
C TRP Q 94 17.95 22.44 44.20
N MET R 1 3.26 19.21 52.61
CA MET R 1 2.11 18.81 53.40
C MET R 1 1.54 17.50 52.89
N LEU R 2 1.96 17.08 51.70
CA LEU R 2 1.43 15.85 51.13
C LEU R 2 2.00 14.64 51.84
N LYS R 3 3.30 14.65 52.12
CA LYS R 3 3.98 13.47 52.65
C LYS R 3 3.61 13.24 54.10
N ARG R 4 3.54 14.31 54.88
CA ARG R 4 3.25 14.18 56.31
C ARG R 4 1.82 13.73 56.56
N VAL R 5 0.86 14.35 55.86
CA VAL R 5 -0.55 13.98 56.06
C VAL R 5 -0.83 12.59 55.53
N LEU R 6 -0.21 12.21 54.40
CA LEU R 6 -0.44 10.88 53.87
C LEU R 6 0.19 9.82 54.77
N ALA R 7 1.34 10.13 55.37
CA ALA R 7 1.93 9.21 56.33
C ALA R 7 1.07 9.07 57.57
N ILE R 8 0.43 10.16 58.00
CA ILE R 8 -0.45 10.10 59.18
C ILE R 8 -1.67 9.25 58.89
N LEU R 9 -2.20 9.31 57.67
CA LEU R 9 -3.31 8.43 57.26
C LEU R 9 -2.91 6.95 57.30
N THR R 10 -1.81 6.60 56.64
CA THR R 10 -1.39 5.20 56.60
C THR R 10 -0.96 4.70 57.97
N ILE R 11 -0.43 5.58 58.81
CA ILE R 11 0.04 5.10 60.09
C ILE R 11 -1.13 5.03 61.07
N LEU R 12 -2.20 5.78 60.76
CA LEU R 12 -3.41 5.63 61.55
C LEU R 12 -4.10 4.33 61.22
N VAL R 13 -4.05 3.90 59.95
CA VAL R 13 -4.69 2.61 59.65
C VAL R 13 -3.81 1.46 60.14
N ILE R 14 -2.49 1.69 60.26
CA ILE R 14 -1.62 0.68 60.86
C ILE R 14 -1.92 0.54 62.35
N GLY R 15 -2.04 1.68 63.06
CA GLY R 15 -2.35 1.62 64.48
C GLY R 15 -3.73 1.09 64.77
N TYR R 16 -4.70 1.38 63.90
CA TYR R 16 -6.03 0.81 64.06
C TYR R 16 -6.01 -0.69 63.80
N TRP R 17 -5.18 -1.13 62.86
CA TRP R 17 -5.07 -2.56 62.57
C TRP R 17 -4.44 -3.31 63.74
N LEU R 18 -3.45 -2.70 64.39
CA LEU R 18 -2.84 -3.34 65.54
C LEU R 18 -3.77 -3.31 66.74
N ALA R 19 -4.55 -2.24 66.88
CA ALA R 19 -5.45 -2.13 68.03
C ALA R 19 -6.64 -3.05 67.88
N GLN R 20 -7.12 -3.26 66.66
CA GLN R 20 -8.12 -4.30 66.42
C GLN R 20 -7.51 -5.68 66.60
N GLY R 21 -6.24 -5.83 66.21
CA GLY R 21 -5.51 -7.04 66.47
C GLY R 21 -5.10 -7.25 67.91
N LEU R 22 -5.25 -6.23 68.76
CA LEU R 22 -4.98 -6.34 70.18
C LEU R 22 -6.23 -6.66 70.98
N ALA R 23 -7.19 -7.35 70.37
CA ALA R 23 -8.41 -7.77 71.03
C ALA R 23 -8.31 -9.16 71.64
N ASP R 24 -7.11 -9.55 72.07
CA ASP R 24 -6.92 -10.87 72.65
C ASP R 24 -7.60 -10.98 74.01
N VAL R 25 -7.23 -10.12 74.95
CA VAL R 25 -7.77 -10.14 76.31
C VAL R 25 -7.51 -8.76 76.93
N PRO R 26 -8.48 -8.18 77.65
CA PRO R 26 -8.21 -6.90 78.36
C PRO R 26 -7.44 -7.11 79.66
N PHE R 27 -6.14 -7.43 79.51
CA PHE R 27 -5.18 -7.55 80.60
C PHE R 27 -5.57 -8.62 81.62
N GLY R 28 -6.19 -9.70 81.12
CA GLY R 28 -6.71 -10.72 81.99
C GLY R 28 -5.64 -11.64 82.54
N GLN R 29 -6.10 -12.70 83.19
CA GLN R 29 -5.23 -13.67 83.86
C GLN R 29 -4.84 -14.83 82.95
N ASP R 30 -5.74 -15.25 82.08
CA ASP R 30 -5.57 -16.47 81.30
C ASP R 30 -4.54 -16.30 80.19
N LYS R 31 -3.25 -16.36 80.54
CA LYS R 31 -2.21 -16.20 79.54
C LYS R 31 -1.21 -17.36 79.57
N MET R 32 -0.89 -17.86 80.76
CA MET R 32 0.16 -18.86 80.92
C MET R 32 -0.39 -20.23 80.54
N VAL R 33 0.02 -20.73 79.39
CA VAL R 33 -0.22 -22.13 79.05
C VAL R 33 1.03 -22.96 79.34
N VAL R 34 2.21 -22.35 79.34
CA VAL R 34 3.44 -23.02 79.68
C VAL R 34 4.12 -22.17 80.75
N GLY R 35 3.61 -20.94 80.93
CA GLY R 35 4.25 -20.00 81.84
C GLY R 35 4.03 -20.32 83.30
N LYS R 36 3.03 -21.13 83.62
CA LYS R 36 2.85 -21.54 85.01
C LYS R 36 3.93 -22.52 85.44
N TYR R 37 4.48 -23.29 84.50
CA TYR R 37 5.57 -24.21 84.80
C TYR R 37 6.85 -23.45 85.13
N TYR R 38 7.01 -22.25 84.58
CA TYR R 38 8.19 -21.45 84.87
C TYR R 38 8.14 -20.92 86.30
N LEU R 39 6.93 -20.68 86.81
CA LEU R 39 6.81 -20.09 88.13
C LEU R 39 6.76 -21.15 89.22
N GLU R 40 5.98 -22.21 89.00
CA GLU R 40 5.79 -23.21 90.04
C GLU R 40 6.97 -24.16 90.20
N HIS R 41 7.93 -24.12 89.28
CA HIS R 41 9.08 -25.01 89.31
C HIS R 41 10.38 -24.23 89.20
N VAL R 42 10.47 -23.10 89.90
CA VAL R 42 11.66 -22.27 89.87
C VAL R 42 12.40 -22.30 91.20
N LYS R 43 11.74 -22.68 92.28
CA LYS R 43 12.37 -22.70 93.59
C LYS R 43 13.14 -23.98 93.86
N GLU R 44 12.88 -25.03 93.09
CA GLU R 44 13.49 -26.32 93.35
C GLU R 44 14.26 -26.88 92.17
N GLU R 45 14.14 -26.30 90.98
CA GLU R 45 14.78 -26.85 89.79
C GLU R 45 16.05 -26.11 89.41
N THR R 46 16.19 -24.85 89.80
CA THR R 46 17.43 -24.11 89.57
C THR R 46 18.08 -23.72 90.89
N GLY R 47 17.34 -23.07 91.77
CA GLY R 47 17.88 -22.62 93.03
C GLY R 47 17.67 -21.14 93.23
N ALA R 48 17.72 -20.39 92.13
CA ALA R 48 17.49 -18.94 92.17
C ALA R 48 16.02 -18.69 92.39
N VAL R 49 15.68 -18.03 93.50
CA VAL R 49 14.29 -17.67 93.78
C VAL R 49 13.84 -16.54 92.86
N ASN R 50 14.79 -15.83 92.25
CA ASN R 50 14.50 -14.93 91.14
C ASN R 50 13.81 -15.69 90.02
N ALA R 51 12.86 -15.03 89.36
CA ALA R 51 12.14 -15.68 88.28
C ALA R 51 12.88 -15.52 86.96
N VAL R 52 13.38 -14.31 86.69
CA VAL R 52 13.86 -14.05 85.34
C VAL R 52 15.29 -14.55 85.14
N THR R 53 16.08 -14.62 86.21
CA THR R 53 17.45 -15.09 86.03
C THR R 53 17.53 -16.59 85.84
N ALA R 54 16.50 -17.33 86.23
CA ALA R 54 16.52 -18.76 86.03
C ALA R 54 15.96 -19.15 84.67
N VAL R 55 15.09 -18.30 84.10
CA VAL R 55 14.46 -18.69 82.85
C VAL R 55 15.34 -18.32 81.66
N VAL R 56 16.18 -17.30 81.81
CA VAL R 56 16.92 -16.79 80.66
C VAL R 56 18.34 -17.35 80.56
N VAL R 57 18.84 -17.98 81.62
CA VAL R 57 20.19 -18.54 81.55
C VAL R 57 20.13 -20.06 81.68
N ASN R 58 19.16 -20.59 82.41
CA ASN R 58 19.01 -22.03 82.51
C ASN R 58 17.94 -22.58 81.58
N TYR R 59 16.73 -22.03 81.60
CA TYR R 59 15.65 -22.57 80.77
C TYR R 59 15.82 -22.18 79.31
N ARG R 60 15.83 -20.89 79.02
CA ARG R 60 16.18 -20.41 77.68
C ARG R 60 17.68 -20.14 77.59
N GLY R 61 18.44 -21.22 77.78
CA GLY R 61 19.87 -21.13 77.99
C GLY R 61 20.70 -20.68 76.81
N LEU R 62 20.15 -20.66 75.60
CA LEU R 62 20.88 -20.22 74.43
C LEU R 62 20.44 -18.85 73.95
N ASP R 63 20.10 -17.96 74.88
CA ASP R 63 19.52 -16.67 74.56
C ASP R 63 20.23 -15.53 75.26
N THR R 64 20.82 -15.78 76.44
CA THR R 64 21.85 -14.88 76.91
C THR R 64 23.15 -15.14 76.18
N LEU R 65 23.28 -16.31 75.56
CA LEU R 65 24.45 -16.61 74.74
C LEU R 65 24.39 -15.87 73.42
N GLY R 66 23.23 -15.84 72.78
CA GLY R 66 23.06 -15.01 71.61
C GLY R 66 23.13 -13.53 71.94
N GLU R 67 22.76 -13.18 73.17
CA GLU R 67 22.86 -11.81 73.64
C GLU R 67 24.32 -11.36 73.74
N VAL R 68 25.17 -12.16 74.39
CA VAL R 68 26.58 -11.77 74.48
C VAL R 68 27.26 -11.88 73.12
N THR R 69 26.75 -12.77 72.25
CA THR R 69 27.22 -12.78 70.86
C THR R 69 26.91 -11.46 70.17
N VAL R 70 25.72 -10.91 70.41
CA VAL R 70 25.32 -9.65 69.81
C VAL R 70 26.13 -8.48 70.38
N LEU R 71 26.41 -8.50 71.68
CA LEU R 71 27.17 -7.38 72.23
C LEU R 71 28.64 -7.44 71.81
N PHE R 72 29.22 -8.64 71.81
CA PHE R 72 30.59 -8.80 71.33
C PHE R 72 30.70 -8.44 69.86
N ILE R 73 29.66 -8.73 69.07
CA ILE R 73 29.71 -8.40 67.65
C ILE R 73 29.54 -6.91 67.46
N ALA R 74 28.88 -6.23 68.39
CA ALA R 74 28.80 -4.77 68.32
C ALA R 74 30.15 -4.15 68.63
N SER R 75 30.88 -4.71 69.59
CA SER R 75 32.23 -4.24 69.89
C SER R 75 33.17 -4.41 68.70
N THR R 76 33.21 -5.63 68.13
CA THR R 76 34.13 -5.86 67.04
C THR R 76 33.67 -5.17 65.76
N GLY R 77 32.38 -4.85 65.66
CA GLY R 77 31.92 -4.14 64.49
C GLY R 77 32.29 -2.67 64.53
N VAL R 78 32.12 -2.03 65.69
CA VAL R 78 32.51 -0.63 65.80
C VAL R 78 34.03 -0.51 65.77
N ALA R 79 34.74 -1.52 66.28
CA ALA R 79 36.20 -1.49 66.21
C ALA R 79 36.69 -1.72 64.79
N ALA R 80 35.96 -2.51 63.99
CA ALA R 80 36.35 -2.68 62.60
C ALA R 80 35.95 -1.49 61.75
N LEU R 81 34.87 -0.81 62.10
CA LEU R 81 34.45 0.36 61.34
C LEU R 81 35.30 1.58 61.65
N LEU R 82 36.00 1.61 62.78
CA LEU R 82 36.82 2.76 63.16
C LEU R 82 38.21 2.21 63.49
N TRP R 83 39.15 2.41 62.58
CA TRP R 83 40.50 1.87 62.75
C TRP R 83 41.46 2.71 61.94
N LYS R 84 42.36 3.41 62.65
CA LYS R 84 43.22 4.38 61.97
C LYS R 84 44.67 4.34 62.44
N LYS R 85 45.02 3.52 63.44
CA LYS R 85 46.36 3.37 64.02
C LYS R 85 46.90 4.66 64.66
N LYS R 86 46.05 5.68 64.83
CA LYS R 86 46.50 6.92 65.45
C LYS R 86 45.77 7.14 66.77
N ARG R 87 44.44 7.24 66.70
CA ARG R 87 43.52 7.20 67.84
C ARG R 87 43.82 8.30 68.88
N GLU R 88 43.63 9.55 68.47
CA GLU R 88 43.85 10.68 69.36
C GLU R 88 42.53 11.26 69.85
N ARG R 89 42.60 12.00 70.95
CA ARG R 89 41.41 12.65 71.49
C ARG R 89 41.10 13.91 70.68
N THR R 90 40.00 14.58 71.05
CA THR R 90 39.42 15.57 70.14
C THR R 90 40.14 16.92 70.18
N ALA R 91 39.92 17.69 71.24
CA ALA R 91 40.72 18.88 71.53
C ALA R 91 40.93 18.99 73.04
N LYS R 92 40.07 18.27 73.78
CA LYS R 92 40.07 17.94 75.21
C LYS R 92 39.70 19.08 76.15
N THR R 93 39.82 20.34 75.69
CA THR R 93 39.01 21.54 76.04
C THR R 93 38.49 21.54 77.48
N GLU R 94 39.40 21.56 78.46
CA GLU R 94 39.28 21.01 79.85
C GLU R 94 37.97 21.43 80.52
N GLY R 95 37.74 22.71 80.79
CA GLY R 95 36.41 23.17 81.12
C GLY R 95 36.08 23.36 82.60
N SER R 96 36.42 22.37 83.42
CA SER R 96 36.08 22.42 84.83
C SER R 96 37.09 21.58 85.60
N VAL R 97 37.20 21.86 86.90
CA VAL R 97 38.04 21.03 87.76
C VAL R 97 37.28 20.39 88.90
N VAL R 98 36.03 20.81 89.16
CA VAL R 98 35.17 20.03 90.05
C VAL R 98 34.47 18.92 89.27
N LEU R 99 34.70 18.83 87.96
CA LEU R 99 34.24 17.70 87.16
C LEU R 99 35.24 16.56 87.13
N THR R 100 36.53 16.86 86.90
CA THR R 100 37.55 15.82 86.87
C THR R 100 37.72 15.20 88.24
N THR R 101 37.89 16.03 89.27
CA THR R 101 37.91 15.52 90.65
C THR R 101 36.54 15.02 91.06
N GLY R 102 35.48 15.52 90.42
CA GLY R 102 34.13 15.03 90.73
C GLY R 102 33.92 13.61 90.27
N ALA R 103 34.38 13.28 89.07
CA ALA R 103 34.25 11.91 88.61
C ALA R 103 35.43 11.04 89.03
N ARG R 104 36.48 11.64 89.60
CA ARG R 104 37.60 10.89 90.14
C ARG R 104 37.13 10.07 91.33
N LEU R 105 36.73 10.75 92.42
CA LEU R 105 36.29 10.08 93.63
C LEU R 105 35.01 9.29 93.43
N LEU R 106 34.17 9.69 92.48
CA LEU R 106 32.94 8.96 92.23
C LEU R 106 33.13 7.71 91.40
N PHE R 107 34.32 7.52 90.81
CA PHE R 107 34.55 6.36 89.97
C PHE R 107 34.61 5.03 90.72
N PRO R 108 35.22 4.90 91.91
CA PRO R 108 35.04 3.65 92.66
C PRO R 108 33.70 3.54 93.37
N PHE R 109 32.94 4.63 93.48
CA PHE R 109 31.61 4.51 94.07
C PHE R 109 30.63 3.83 93.12
N ILE R 110 30.87 3.94 91.81
CA ILE R 110 30.07 3.18 90.88
C ILE R 110 30.70 1.82 90.61
N ALA R 111 32.02 1.71 90.81
CA ALA R 111 32.70 0.43 90.61
C ALA R 111 32.33 -0.57 91.70
N LEU R 112 32.07 -0.07 92.92
CA LEU R 112 31.60 -0.95 93.99
C LEU R 112 30.16 -1.38 93.71
N PHE R 113 29.36 -0.48 93.16
CA PHE R 113 27.92 -0.71 93.12
C PHE R 113 27.53 -1.51 91.90
N GLY R 114 28.25 -1.32 90.79
CA GLY R 114 27.97 -2.09 89.59
C GLY R 114 28.28 -3.56 89.78
N MET R 115 29.30 -3.87 90.58
CA MET R 115 29.60 -5.24 90.90
C MET R 115 28.51 -5.84 91.78
N TYR R 116 27.93 -5.02 92.66
CA TYR R 116 26.85 -5.47 93.54
C TYR R 116 25.62 -5.88 92.76
N ILE R 117 25.38 -5.26 91.60
CA ILE R 117 24.23 -5.62 90.80
C ILE R 117 24.38 -7.00 90.19
N PHE R 118 25.51 -7.27 89.55
CA PHE R 118 25.59 -8.57 88.88
C PHE R 118 25.96 -9.71 89.81
N ILE R 119 26.42 -9.45 91.04
CA ILE R 119 26.64 -10.62 91.91
C ILE R 119 25.32 -11.06 92.50
N HIS R 120 24.34 -10.16 92.57
CA HIS R 120 23.05 -10.43 93.19
C HIS R 120 21.99 -10.51 92.11
N GLY R 121 21.79 -11.71 91.59
CA GLY R 121 20.63 -12.01 90.77
C GLY R 121 19.75 -13.02 91.48
N HIS R 122 19.74 -12.96 92.81
CA HIS R 122 19.03 -13.92 93.63
C HIS R 122 17.82 -13.31 94.32
N LEU R 123 18.01 -12.25 95.09
CA LEU R 123 16.90 -11.56 95.70
C LEU R 123 16.66 -10.20 95.08
N THR R 124 17.65 -9.65 94.48
CA THR R 124 17.56 -8.40 93.76
C THR R 124 17.19 -8.68 92.30
N PRO R 125 16.46 -7.78 91.66
CA PRO R 125 16.16 -7.95 90.24
C PRO R 125 17.38 -7.65 89.38
N GLY R 126 17.21 -7.87 88.09
CA GLY R 126 18.22 -7.49 87.12
C GLY R 126 18.97 -8.62 86.46
N GLY R 127 20.24 -8.75 86.79
CA GLY R 127 21.11 -9.73 86.18
C GLY R 127 22.47 -9.11 85.93
N GLY R 128 23.18 -9.67 84.95
CA GLY R 128 24.50 -9.15 84.65
C GLY R 128 24.51 -7.89 83.83
N PHE R 129 23.43 -7.59 83.13
CA PHE R 129 23.47 -6.52 82.12
C PHE R 129 23.32 -5.10 82.69
N PRO R 130 22.43 -4.80 83.66
CA PRO R 130 22.49 -3.45 84.24
C PRO R 130 23.76 -3.17 85.01
N GLY R 131 24.30 -4.17 85.70
CA GLY R 131 25.56 -3.97 86.41
C GLY R 131 26.73 -3.79 85.47
N GLY R 132 26.74 -4.54 84.37
CA GLY R 132 27.78 -4.35 83.38
C GLY R 132 27.66 -3.02 82.67
N ALA R 133 26.43 -2.56 82.43
CA ALA R 133 26.25 -1.28 81.76
C ALA R 133 26.59 -0.11 82.66
N THR R 134 26.39 -0.26 83.98
CA THR R 134 26.81 0.83 84.86
C THR R 134 28.29 0.73 85.23
N ILE R 135 28.91 -0.43 85.07
CA ILE R 135 30.37 -0.49 85.08
C ILE R 135 30.92 0.26 83.88
N ALA R 136 30.28 0.10 82.72
CA ALA R 136 30.63 0.89 81.55
C ALA R 136 30.32 2.38 81.76
N THR R 137 29.29 2.70 82.57
CA THR R 137 29.01 4.08 82.92
C THR R 137 30.14 4.68 83.75
N ALA R 138 30.66 3.90 84.72
CA ALA R 138 31.81 4.35 85.50
C ALA R 138 33.02 4.55 84.63
N PHE R 139 33.22 3.65 83.66
CA PHE R 139 34.28 3.85 82.65
C PHE R 139 34.04 5.12 81.85
N LEU R 140 32.78 5.44 81.58
CA LEU R 140 32.47 6.64 80.81
C LEU R 140 32.66 7.90 81.65
N LEU R 141 32.42 7.82 82.96
CA LEU R 141 32.65 8.98 83.83
C LEU R 141 34.13 9.31 83.91
N MET R 142 34.97 8.29 84.01
CA MET R 142 36.39 8.56 83.95
C MET R 142 36.85 8.89 82.54
N TYR R 143 36.06 8.53 81.53
CA TYR R 143 36.41 8.83 80.14
C TYR R 143 35.91 10.18 79.66
N LEU R 144 34.90 10.76 80.31
CA LEU R 144 34.38 12.05 79.92
C LEU R 144 34.67 13.11 80.97
N ALA R 145 35.65 12.86 81.82
CA ALA R 145 36.09 13.87 82.76
C ALA R 145 37.61 13.90 82.89
N PHE R 146 38.34 13.40 81.91
CA PHE R 146 39.79 13.49 81.91
C PHE R 146 40.28 13.86 80.51
N THR R 147 41.56 14.17 80.42
CA THR R 147 42.13 14.66 79.18
C THR R 147 42.63 13.54 78.26
N ILE R 148 42.94 12.36 78.80
CA ILE R 148 43.17 11.20 77.95
C ILE R 148 42.33 10.00 78.38
N TYR R 149 42.65 9.43 79.54
CA TYR R 149 42.10 8.17 80.07
C TYR R 149 41.95 7.08 79.00
N GLU R 150 43.08 6.70 78.42
CA GLU R 150 43.13 5.57 77.51
C GLU R 150 43.50 4.34 78.32
N ILE R 151 42.52 3.51 78.65
CA ILE R 151 42.83 2.20 79.23
C ILE R 151 43.56 1.37 78.17
N PRO R 152 44.63 0.65 78.53
CA PRO R 152 45.43 -0.06 77.51
C PRO R 152 44.65 -1.17 76.82
N HIS R 153 44.53 -1.04 75.50
CA HIS R 153 43.71 -1.94 74.71
C HIS R 153 44.32 -3.33 74.65
N ARG R 154 45.64 -3.40 74.44
CA ARG R 154 46.35 -4.66 74.48
C ARG R 154 46.38 -5.14 75.93
N GLY R 155 45.44 -6.02 76.27
CA GLY R 155 45.17 -6.37 77.65
C GLY R 155 43.80 -5.94 78.14
N PHE R 156 42.97 -5.37 77.27
CA PHE R 156 41.60 -5.00 77.63
C PHE R 156 40.57 -5.93 77.04
N GLU R 157 40.60 -6.15 75.72
CA GLU R 157 39.67 -7.07 75.09
C GLU R 157 40.04 -8.53 75.33
N VAL R 158 41.18 -8.79 75.95
CA VAL R 158 41.53 -10.15 76.34
C VAL R 158 40.57 -10.65 77.41
N THR R 159 40.26 -9.82 78.41
CA THR R 159 39.39 -10.26 79.48
C THR R 159 37.93 -10.31 79.04
N GLU R 160 37.57 -9.58 77.98
CA GLU R 160 36.22 -9.68 77.43
C GLU R 160 35.99 -11.03 76.78
N GLY R 161 36.92 -11.43 75.91
CA GLY R 161 36.86 -12.77 75.35
C GLY R 161 37.05 -13.85 76.38
N LEU R 162 37.82 -13.57 77.44
CA LEU R 162 38.00 -14.54 78.51
C LEU R 162 36.71 -14.74 79.29
N ALA R 163 35.92 -13.67 79.45
CA ALA R 163 34.66 -13.80 80.17
C ALA R 163 33.60 -14.49 79.33
N GLY R 164 33.60 -14.24 78.02
CA GLY R 164 32.72 -14.99 77.13
C GLY R 164 33.10 -16.46 77.07
N MET R 165 34.40 -16.74 77.05
CA MET R 165 34.88 -18.12 77.16
C MET R 165 34.48 -18.73 78.49
N GLY R 166 34.48 -17.92 79.55
CA GLY R 166 34.05 -18.41 80.85
C GLY R 166 32.59 -18.77 80.91
N TYR R 167 31.76 -18.09 80.11
CA TYR R 167 30.40 -18.58 79.90
C TYR R 167 30.43 -19.93 79.18
N VAL R 168 31.17 -20.02 78.08
CA VAL R 168 31.03 -21.17 77.20
C VAL R 168 31.78 -22.37 77.75
N ILE R 169 32.81 -22.13 78.57
CA ILE R 169 33.49 -23.26 79.22
C ILE R 169 32.59 -23.86 80.30
N THR R 170 31.60 -23.10 80.80
CA THR R 170 30.60 -23.72 81.65
C THR R 170 29.59 -24.50 80.81
N GLY R 171 29.48 -24.18 79.53
CA GLY R 171 28.69 -25.01 78.65
C GLY R 171 29.47 -26.23 78.18
N LEU R 172 30.78 -26.08 78.01
CA LEU R 172 31.60 -27.17 77.49
C LEU R 172 32.01 -28.16 78.58
N ILE R 173 32.30 -27.67 79.78
CA ILE R 173 32.48 -28.59 80.91
C ILE R 173 31.11 -28.97 81.46
N GLY R 174 30.08 -28.20 81.12
CA GLY R 174 28.73 -28.67 81.32
C GLY R 174 28.37 -29.84 80.41
N LEU R 175 29.11 -29.99 79.31
CA LEU R 175 28.91 -31.13 78.41
C LEU R 175 29.58 -32.40 78.93
N ALA R 176 30.15 -32.38 80.14
CA ALA R 176 30.61 -33.61 80.78
C ALA R 176 29.44 -34.51 81.13
N ILE R 177 28.26 -33.94 81.36
CA ILE R 177 27.01 -34.69 81.41
C ILE R 177 25.87 -33.87 80.81
N GLY R 178 25.34 -34.33 79.68
CA GLY R 178 24.15 -33.74 79.08
C GLY R 178 24.38 -32.38 78.45
N GLY R 179 23.27 -31.67 78.28
CA GLY R 179 23.29 -30.38 77.62
C GLY R 179 23.89 -29.26 78.44
N TYR R 180 23.23 -28.86 79.52
CA TYR R 180 23.77 -27.85 80.42
C TYR R 180 24.01 -28.41 81.82
N PHE R 181 22.96 -28.88 82.50
CA PHE R 181 22.98 -29.60 83.77
C PHE R 181 23.65 -28.87 84.93
N LEU R 182 23.99 -27.60 84.74
CA LEU R 182 24.40 -26.57 85.71
C LEU R 182 25.77 -26.79 86.32
N PHE R 183 26.29 -28.03 86.27
CA PHE R 183 27.62 -28.46 86.74
C PHE R 183 27.96 -28.07 88.20
N ASP R 184 27.02 -27.51 88.96
CA ASP R 184 27.44 -26.82 90.18
C ASP R 184 26.60 -27.08 91.41
N TRP R 185 25.32 -27.42 91.29
CA TRP R 185 24.51 -27.50 92.49
C TRP R 185 23.94 -28.90 92.65
N ILE R 186 23.83 -29.61 91.53
CA ILE R 186 23.21 -30.92 91.51
C ILE R 186 24.25 -32.04 91.58
N TRP R 187 25.52 -31.74 91.30
CA TRP R 187 26.60 -32.70 91.50
C TRP R 187 27.79 -31.96 92.10
N GLN R 188 28.40 -32.57 93.12
CA GLN R 188 29.55 -31.99 93.81
C GLN R 188 30.78 -32.11 92.90
N THR R 189 30.84 -31.23 91.92
CA THR R 189 31.88 -31.29 90.90
C THR R 189 33.16 -30.61 91.36
N TRP R 190 33.09 -29.31 91.64
CA TRP R 190 34.22 -28.59 92.22
C TRP R 190 33.99 -28.21 93.67
N GLY R 191 32.74 -27.96 94.05
CA GLY R 191 32.41 -27.59 95.41
C GLY R 191 31.07 -28.18 95.81
N TRP R 192 30.40 -27.57 96.77
CA TRP R 192 29.14 -28.11 97.24
C TRP R 192 28.03 -27.55 96.36
N GLY R 193 26.78 -27.75 96.78
CA GLY R 193 25.65 -27.19 96.08
C GLY R 193 24.35 -27.43 96.82
N HIS R 194 23.39 -26.51 96.66
CA HIS R 194 22.06 -26.57 97.29
C HIS R 194 22.17 -26.61 98.82
N GLU R 195 22.62 -25.49 99.38
CA GLU R 195 22.71 -25.45 100.83
C GLU R 195 21.35 -25.18 101.44
N ASN R 196 20.79 -23.98 101.28
CA ASN R 196 19.40 -23.85 101.68
C ASN R 196 18.46 -23.39 100.58
N ILE R 197 18.47 -22.09 100.28
CA ILE R 197 17.58 -21.56 99.20
C ILE R 197 17.39 -20.05 99.36
N GLY R 198 18.14 -19.43 100.27
CA GLY R 198 18.05 -17.98 100.49
C GLY R 198 19.12 -17.30 99.66
N ARG R 199 19.74 -16.25 100.20
CA ARG R 199 20.91 -15.62 99.54
C ARG R 199 22.19 -16.24 100.12
N LEU R 200 22.07 -17.45 100.67
CA LEU R 200 23.22 -18.17 101.29
C LEU R 200 23.79 -19.35 100.49
N PHE R 201 25.10 -19.57 100.59
CA PHE R 201 25.94 -20.35 99.66
C PHE R 201 25.60 -20.08 98.20
N SER R 202 25.09 -18.88 97.91
CA SER R 202 24.94 -18.35 96.55
C SER R 202 23.98 -19.19 95.69
N GLY R 203 22.98 -19.80 96.34
CA GLY R 203 21.94 -20.53 95.64
C GLY R 203 22.42 -21.76 94.90
N GLY R 204 22.46 -21.67 93.57
CA GLY R 204 22.91 -22.75 92.74
C GLY R 204 24.10 -22.40 91.86
N PHE R 205 23.85 -22.29 90.55
CA PHE R 205 24.88 -22.00 89.57
C PHE R 205 24.82 -20.58 89.02
N ILE R 206 23.67 -19.92 89.13
CA ILE R 206 23.42 -18.61 88.52
C ILE R 206 24.30 -17.43 88.98
N PRO R 207 24.97 -17.38 90.21
CA PRO R 207 25.76 -16.17 90.48
C PRO R 207 27.06 -16.06 89.71
N ILE R 208 27.80 -17.16 89.57
CA ILE R 208 29.14 -17.06 88.99
C ILE R 208 29.03 -16.85 87.48
N ILE R 209 27.92 -17.26 86.88
CA ILE R 209 27.71 -16.98 85.47
C ILE R 209 27.36 -15.51 85.29
N TYR R 210 26.81 -14.87 86.32
CA TYR R 210 26.51 -13.45 86.21
C TYR R 210 27.72 -12.59 86.51
N THR R 211 28.61 -13.08 87.36
CA THR R 211 29.90 -12.40 87.50
C THR R 211 30.67 -12.43 86.18
N LEU R 212 30.66 -13.57 85.50
CA LEU R 212 31.40 -13.68 84.25
C LEU R 212 30.72 -12.90 83.11
N ILE R 213 29.40 -12.97 83.01
CA ILE R 213 28.71 -12.23 81.95
C ILE R 213 28.69 -10.74 82.27
N GLY R 214 28.62 -10.38 83.55
CA GLY R 214 28.72 -8.97 83.91
C GLY R 214 30.10 -8.40 83.66
N ILE R 215 31.13 -9.23 83.79
CA ILE R 215 32.48 -8.78 83.44
C ILE R 215 32.60 -8.59 81.93
N LYS R 216 31.98 -9.50 81.16
CA LYS R 216 32.01 -9.39 79.70
C LYS R 216 31.29 -8.14 79.21
N VAL R 217 30.05 -7.95 79.65
CA VAL R 217 29.29 -6.78 79.23
C VAL R 217 29.76 -5.51 79.93
N GLY R 218 30.57 -5.66 80.99
CA GLY R 218 31.18 -4.49 81.62
C GLY R 218 32.27 -3.88 80.77
N THR R 219 33.11 -4.72 80.17
CA THR R 219 34.13 -4.25 79.24
C THR R 219 33.59 -4.10 77.82
N GLU R 220 32.28 -4.24 77.64
CA GLU R 220 31.70 -4.18 76.31
C GLU R 220 31.54 -2.73 75.84
N LEU R 221 30.68 -1.96 76.52
CA LEU R 221 30.37 -0.62 76.04
C LEU R 221 31.51 0.35 76.29
N SER R 222 32.37 0.05 77.26
CA SER R 222 33.54 0.88 77.51
C SER R 222 34.50 0.86 76.33
N GLY R 223 34.64 -0.31 75.70
CA GLY R 223 35.44 -0.39 74.48
C GLY R 223 34.81 0.35 73.31
N ILE R 224 33.47 0.36 73.26
CA ILE R 224 32.75 1.03 72.17
C ILE R 224 32.95 2.54 72.26
N VAL R 225 32.75 3.10 73.45
CA VAL R 225 32.93 4.54 73.61
C VAL R 225 34.41 4.91 73.52
N ASP R 226 35.31 3.95 73.81
CA ASP R 226 36.73 4.20 73.66
C ASP R 226 37.11 4.39 72.20
N ASN R 227 36.81 3.42 71.35
CA ASN R 227 37.21 3.58 69.95
C ASN R 227 36.26 4.45 69.16
N MET R 228 35.21 4.99 69.76
CA MET R 228 34.44 6.03 69.11
C MET R 228 34.80 7.44 69.59
N LEU R 229 35.55 7.57 70.68
CA LEU R 229 36.16 8.86 71.02
C LEU R 229 37.62 8.91 70.60
N LYS R 230 37.90 8.68 69.32
CA LYS R 230 39.26 8.73 68.82
C LYS R 230 39.22 9.43 67.46
N GLU R 231 39.86 10.59 67.38
CA GLU R 231 39.99 11.29 66.10
C GLU R 231 41.28 10.83 65.43
N GLU R 232 41.68 11.55 64.38
CA GLU R 232 42.97 11.34 63.74
C GLU R 232 44.13 11.64 64.67
N ILE S 2 -9.56 0.70 75.21
CA ILE S 2 -8.24 0.07 75.31
C ILE S 2 -7.45 0.63 76.49
N SER S 3 -6.57 -0.21 77.08
CA SER S 3 -5.75 0.23 78.20
C SER S 3 -4.65 1.16 77.74
N SER S 4 -4.10 1.92 78.68
CA SER S 4 -3.14 2.96 78.33
C SER S 4 -1.81 2.35 77.88
N TYR S 5 -1.49 1.16 78.39
CA TYR S 5 -0.23 0.54 78.03
C TYR S 5 -0.22 0.06 76.59
N TYR S 6 -1.34 -0.51 76.13
CA TYR S 6 -1.47 -0.97 74.76
C TYR S 6 -1.36 0.19 73.79
N PHE S 7 -2.13 1.24 74.04
CA PHE S 7 -2.11 2.42 73.18
C PHE S 7 -0.77 3.14 73.24
N GLY S 8 -0.17 3.24 74.42
CA GLY S 8 1.10 3.93 74.54
C GLY S 8 2.28 3.17 73.97
N ALA S 9 2.26 1.84 74.05
CA ALA S 9 3.29 1.04 73.43
C ALA S 9 3.14 0.97 71.92
N ILE S 10 1.92 1.00 71.40
CA ILE S 10 1.76 1.01 69.96
C ILE S 10 1.92 2.43 69.41
N SER S 11 1.74 3.46 70.23
CA SER S 11 1.98 4.80 69.72
C SER S 11 3.45 5.16 69.77
N LEU S 12 4.22 4.52 70.65
CA LEU S 12 5.67 4.71 70.62
C LEU S 12 6.27 4.04 69.40
N ILE S 13 5.76 2.86 69.05
CA ILE S 13 6.12 2.21 67.79
C ILE S 13 5.61 3.04 66.61
N LEU S 14 4.47 3.70 66.78
CA LEU S 14 3.92 4.55 65.73
C LEU S 14 4.81 5.76 65.47
N ILE S 15 5.26 6.43 66.53
CA ILE S 15 6.09 7.62 66.37
C ILE S 15 7.48 7.22 65.85
N GLY S 16 8.00 6.08 66.31
CA GLY S 16 9.25 5.59 65.77
C GLY S 16 9.15 5.20 64.31
N LEU S 17 7.97 4.75 63.89
CA LEU S 17 7.76 4.46 62.47
C LEU S 17 7.59 5.74 61.66
N TYR S 18 6.88 6.72 62.21
CA TYR S 18 6.68 8.01 61.58
C TYR S 18 7.99 8.79 61.40
N ALA S 19 8.98 8.54 62.25
CA ALA S 19 10.25 9.23 62.17
C ALA S 19 11.24 8.55 61.23
N VAL S 20 10.79 7.51 60.52
CA VAL S 20 11.58 6.90 59.48
C VAL S 20 11.14 7.34 58.10
N LEU S 21 9.86 7.60 57.91
CA LEU S 21 9.33 7.96 56.60
C LEU S 21 9.59 9.42 56.27
N VAL S 22 9.12 10.33 57.11
CA VAL S 22 9.00 11.73 56.71
C VAL S 22 10.26 12.53 57.00
N LYS S 23 11.13 12.04 57.88
CA LYS S 23 12.27 12.84 58.28
C LYS S 23 13.43 12.65 57.30
N LYS S 24 14.26 13.68 57.17
CA LYS S 24 15.27 13.71 56.13
C LYS S 24 16.69 13.64 56.65
N ASN S 25 16.97 14.19 57.83
CA ASN S 25 18.30 14.05 58.41
C ASN S 25 18.50 12.61 58.89
N LEU S 26 19.73 12.11 58.77
CA LEU S 26 19.97 10.70 59.00
C LEU S 26 19.92 10.35 60.49
N LEU S 27 20.46 11.22 61.33
CA LEU S 27 20.45 10.94 62.76
C LEU S 27 19.06 11.04 63.35
N LYS S 28 18.17 11.81 62.73
CA LYS S 28 16.77 11.79 63.13
C LYS S 28 16.13 10.44 62.80
N ILE S 29 16.56 9.80 61.71
CA ILE S 29 16.06 8.47 61.37
C ILE S 29 16.55 7.46 62.39
N LEU S 30 17.78 7.61 62.88
CA LEU S 30 18.26 6.69 63.91
C LEU S 30 17.56 6.92 65.24
N ILE S 31 17.14 8.16 65.50
CA ILE S 31 16.32 8.45 66.68
C ILE S 31 14.98 7.74 66.57
N GLY S 32 14.42 7.70 65.36
CA GLY S 32 13.20 6.95 65.14
C GLY S 32 13.36 5.45 65.32
N LEU S 33 14.53 4.93 64.92
CA LEU S 33 14.79 3.50 65.11
C LEU S 33 14.90 3.15 66.59
N SER S 34 15.60 3.98 67.37
CA SER S 34 15.76 3.71 68.80
C SER S 34 14.45 3.87 69.56
N ILE S 35 13.64 4.87 69.18
CA ILE S 35 12.33 5.09 69.80
C ILE S 35 11.42 3.90 69.52
N MET S 36 11.46 3.40 68.29
CA MET S 36 10.58 2.31 67.91
C MET S 36 10.98 1.01 68.60
N GLU S 37 12.29 0.81 68.81
CA GLU S 37 12.73 -0.36 69.56
C GLU S 37 12.34 -0.25 71.04
N THR S 38 12.34 0.98 71.57
CA THR S 38 11.91 1.20 72.95
C THR S 38 10.41 0.90 73.11
N GLY S 39 9.60 1.34 72.16
CA GLY S 39 8.19 1.02 72.21
C GLY S 39 7.91 -0.46 71.98
N VAL S 40 8.79 -1.13 71.24
CA VAL S 40 8.64 -2.55 70.99
C VAL S 40 8.86 -3.34 72.27
N ASN S 41 9.90 -3.01 73.02
CA ASN S 41 10.11 -3.75 74.26
C ASN S 41 9.11 -3.34 75.33
N LEU S 42 8.51 -2.15 75.20
CA LEU S 42 7.41 -1.78 76.09
C LEU S 42 6.17 -2.63 75.82
N LEU S 43 5.86 -2.87 74.54
CA LEU S 43 4.78 -3.79 74.21
C LEU S 43 5.12 -5.21 74.65
N LEU S 44 6.39 -5.59 74.52
CA LEU S 44 6.83 -6.93 74.89
C LEU S 44 6.65 -7.21 76.37
N ILE S 45 6.78 -6.18 77.22
CA ILE S 45 6.41 -6.37 78.62
C ILE S 45 4.90 -6.36 78.79
N SER S 46 4.22 -5.40 78.16
CA SER S 46 2.79 -5.25 78.37
C SER S 46 1.97 -6.24 77.56
N ILE S 47 2.21 -7.53 77.76
CA ILE S 47 1.35 -8.55 77.17
C ILE S 47 0.82 -9.44 78.29
N GLY S 48 1.63 -9.61 79.33
CA GLY S 48 1.32 -10.61 80.33
C GLY S 48 0.88 -10.10 81.67
N TYR S 49 0.53 -8.82 81.80
CA TYR S 49 0.11 -8.30 83.09
C TYR S 49 -1.26 -8.85 83.45
N VAL S 50 -1.35 -9.49 84.61
CA VAL S 50 -2.52 -10.27 84.99
C VAL S 50 -3.48 -9.43 85.83
N SER S 51 -3.14 -8.15 86.03
CA SER S 51 -3.97 -7.16 86.72
C SER S 51 -4.28 -7.61 88.16
N GLY S 52 -3.24 -7.66 88.97
CA GLY S 52 -3.39 -8.24 90.29
C GLY S 52 -2.09 -8.63 90.97
N LYS S 53 -2.00 -9.90 91.34
CA LYS S 53 -0.86 -10.53 92.02
C LYS S 53 0.47 -10.13 91.37
N SER S 54 1.41 -9.68 92.20
CA SER S 54 2.58 -9.01 91.65
C SER S 54 3.77 -9.06 92.61
N ALA S 55 4.69 -9.97 92.33
CA ALA S 55 6.08 -9.93 92.76
C ALA S 55 6.86 -10.88 91.87
N PRO S 56 7.36 -10.44 90.71
CA PRO S 56 8.12 -11.34 89.83
C PRO S 56 9.37 -11.90 90.49
N ILE S 57 10.17 -11.05 91.11
CA ILE S 57 11.29 -11.53 91.90
C ILE S 57 11.10 -11.17 93.37
N LEU S 58 10.43 -12.03 94.13
CA LEU S 58 10.83 -12.17 95.51
C LEU S 58 10.98 -13.65 95.86
N SER S 59 9.88 -14.39 95.71
CA SER S 59 9.71 -15.81 96.04
C SER S 59 10.13 -16.20 97.46
N GLU S 60 10.26 -15.23 98.37
CA GLU S 60 10.55 -15.49 99.77
C GLU S 60 9.48 -14.91 100.68
N GLY S 61 9.20 -13.61 100.56
CA GLY S 61 8.16 -12.99 101.36
C GLY S 61 6.82 -13.10 100.68
N VAL S 62 6.84 -13.17 99.36
CA VAL S 62 5.62 -13.34 98.57
C VAL S 62 5.48 -14.80 98.18
N THR S 63 4.27 -15.33 98.30
CA THR S 63 3.95 -16.69 97.89
C THR S 63 4.13 -16.85 96.38
N ALA S 64 4.44 -18.08 95.98
CA ALA S 64 4.54 -18.44 94.58
C ALA S 64 3.15 -18.52 93.96
N SER S 65 3.12 -18.71 92.63
CA SER S 65 1.91 -18.64 91.80
C SER S 65 1.19 -17.31 91.97
N ASN S 66 1.96 -16.24 92.22
CA ASN S 66 1.42 -14.89 92.33
C ASN S 66 2.35 -13.88 91.67
N ALA S 67 3.31 -14.34 90.87
CA ALA S 67 4.18 -13.44 90.14
C ALA S 67 3.56 -13.15 88.79
N VAL S 68 4.10 -12.16 88.08
CA VAL S 68 3.58 -11.74 86.79
C VAL S 68 4.58 -12.23 85.75
N ASP S 69 4.04 -12.88 84.70
CA ASP S 69 4.57 -13.16 83.36
C ASP S 69 6.07 -13.48 83.29
N PRO S 70 6.51 -14.65 83.76
CA PRO S 70 7.94 -14.96 83.70
C PRO S 70 8.47 -15.26 82.30
N ILE S 71 7.63 -15.38 81.28
CA ILE S 71 8.13 -15.54 79.91
C ILE S 71 8.57 -14.22 79.28
N PRO S 72 7.78 -13.13 79.22
CA PRO S 72 8.26 -11.96 78.47
C PRO S 72 9.37 -11.17 79.14
N GLN S 73 9.57 -11.35 80.44
CA GLN S 73 10.70 -10.69 81.08
C GLN S 73 12.03 -11.27 80.63
N ALA S 74 12.05 -12.52 80.16
CA ALA S 74 13.22 -13.07 79.51
C ALA S 74 13.29 -12.74 78.03
N LEU S 75 12.16 -12.40 77.41
CA LEU S 75 12.19 -11.98 76.01
C LEU S 75 12.69 -10.56 75.88
N VAL S 76 12.58 -9.78 76.95
CA VAL S 76 12.90 -8.35 76.87
C VAL S 76 14.33 -8.09 77.35
N LEU S 77 14.91 -9.04 78.08
CA LEU S 77 16.25 -8.85 78.63
C LEU S 77 17.30 -8.89 77.53
N THR S 78 17.01 -9.61 76.45
CA THR S 78 17.87 -9.53 75.28
C THR S 78 17.42 -8.42 74.34
N ALA S 79 16.10 -8.28 74.13
CA ALA S 79 15.58 -7.42 73.07
C ALA S 79 15.73 -5.92 73.35
N ILE S 80 16.19 -5.54 74.54
CA ILE S 80 16.55 -4.15 74.78
C ILE S 80 18.00 -3.91 74.33
N VAL S 81 18.91 -4.76 74.77
CA VAL S 81 20.32 -4.56 74.44
C VAL S 81 20.60 -4.95 72.99
N ILE S 82 19.69 -5.70 72.37
CA ILE S 82 19.62 -5.79 70.91
C ILE S 82 19.57 -4.40 70.29
N GLY S 83 18.70 -3.55 70.85
CA GLY S 83 18.51 -2.22 70.31
C GLY S 83 19.72 -1.31 70.49
N VAL S 84 20.40 -1.41 71.64
CA VAL S 84 21.53 -0.53 71.86
C VAL S 84 22.76 -1.05 71.10
N ALA S 85 22.84 -2.36 70.84
CA ALA S 85 23.92 -2.86 70.02
C ALA S 85 23.71 -2.50 68.55
N THR S 86 22.46 -2.56 68.09
CA THR S 86 22.15 -2.16 66.72
C THR S 86 22.34 -0.66 66.53
N THR S 87 22.00 0.13 67.56
CA THR S 87 22.20 1.57 67.48
C THR S 87 23.67 1.94 67.55
N ALA S 88 24.45 1.23 68.38
CA ALA S 88 25.89 1.47 68.41
C ALA S 88 26.56 1.05 67.11
N MET S 89 26.00 0.06 66.43
CA MET S 89 26.54 -0.34 65.13
C MET S 89 26.21 0.70 64.07
N ALA S 90 24.96 1.16 64.04
CA ALA S 90 24.54 2.13 63.03
C ALA S 90 25.16 3.50 63.25
N LEU S 91 25.53 3.84 64.48
CA LEU S 91 26.14 5.13 64.74
C LEU S 91 27.54 5.21 64.15
N SER S 92 28.24 4.08 64.05
CA SER S 92 29.54 4.06 63.39
C SER S 92 29.41 4.41 61.91
N VAL S 93 28.37 3.89 61.26
CA VAL S 93 28.10 4.22 59.87
C VAL S 93 27.67 5.67 59.74
N ALA S 94 26.95 6.19 60.74
CA ALA S 94 26.58 7.59 60.75
C ALA S 94 27.79 8.51 60.91
N ILE S 95 28.87 8.01 61.52
CA ILE S 95 30.11 8.77 61.60
C ILE S 95 30.91 8.67 60.31
N LEU S 96 30.96 7.47 59.73
CA LEU S 96 31.72 7.25 58.51
C LEU S 96 31.12 7.96 57.32
N LEU S 97 29.79 8.15 57.31
CA LEU S 97 29.16 8.79 56.18
C LEU S 97 29.40 10.29 56.16
N TYR S 98 29.64 10.90 57.32
CA TYR S 98 30.06 12.29 57.30
C TYR S 98 31.57 12.44 57.15
N GLU S 99 32.34 11.41 57.50
CA GLU S 99 33.78 11.49 57.28
C GLU S 99 34.11 11.36 55.79
N LYS S 100 33.59 10.32 55.13
CA LYS S 100 33.96 10.08 53.74
C LYS S 100 33.24 11.04 52.80
N TYR S 101 31.93 11.18 52.93
CA TYR S 101 31.18 12.13 52.13
C TYR S 101 31.22 13.50 52.78
N GLY S 102 30.37 14.42 52.33
CA GLY S 102 30.41 15.77 52.84
C GLY S 102 29.16 16.21 53.58
N THR S 103 28.16 15.35 53.66
CA THR S 103 26.90 15.74 54.28
C THR S 103 26.22 14.52 54.88
N LEU S 104 25.07 14.77 55.52
CA LEU S 104 24.31 13.71 56.17
C LEU S 104 22.82 13.88 55.88
N ASN S 105 22.47 14.09 54.63
CA ASN S 105 21.08 14.14 54.22
C ASN S 105 20.83 13.12 53.13
N ILE S 106 19.69 12.43 53.24
CA ILE S 106 19.42 11.27 52.40
C ILE S 106 19.16 11.62 50.94
N GLU S 107 18.83 12.87 50.64
CA GLU S 107 18.66 13.29 49.26
C GLU S 107 19.97 13.75 48.62
N GLU S 108 21.01 13.99 49.42
CA GLU S 108 22.27 14.49 48.91
C GLU S 108 23.36 13.44 48.82
N ILE S 109 23.21 12.32 49.51
CA ILE S 109 24.21 11.26 49.46
C ILE S 109 24.08 10.55 48.12
N ARG S 110 24.93 10.92 47.16
CA ARG S 110 24.97 10.31 45.84
C ARG S 110 26.32 9.64 45.67
N ARG S 111 26.29 8.33 45.44
CA ARG S 111 27.52 7.54 45.37
C ARG S 111 28.30 7.82 44.10
N SER T 2 21.64 -37.49 69.80
CA SER T 2 22.71 -37.31 70.77
C SER T 2 23.08 -35.84 70.89
N GLN T 3 23.22 -35.37 72.12
CA GLN T 3 23.61 -33.98 72.36
C GLN T 3 25.11 -33.76 72.25
N VAL T 4 25.88 -34.77 71.87
CA VAL T 4 27.29 -34.59 71.60
C VAL T 4 27.49 -33.79 70.31
N ALA T 5 26.50 -33.81 69.42
CA ALA T 5 26.52 -33.04 68.18
C ALA T 5 25.92 -31.65 68.35
N ALA T 6 25.94 -31.10 69.55
CA ALA T 6 25.49 -29.74 69.81
C ALA T 6 26.59 -28.71 69.58
N LEU T 7 27.74 -29.12 69.08
CA LEU T 7 28.86 -28.22 68.81
C LEU T 7 28.74 -27.50 67.48
N LEU T 8 27.58 -27.52 66.84
CA LEU T 8 27.39 -26.70 65.66
C LEU T 8 27.30 -25.22 65.99
N ILE T 9 26.97 -24.88 67.24
CA ILE T 9 26.96 -23.51 67.71
C ILE T 9 28.10 -23.23 68.68
N ALA T 10 28.43 -24.21 69.52
CA ALA T 10 29.38 -23.96 70.60
C ALA T 10 30.81 -23.85 70.08
N LEU T 11 31.17 -24.69 69.10
CA LEU T 11 32.53 -24.63 68.57
C LEU T 11 32.83 -23.35 67.77
N PRO T 12 31.94 -22.84 66.89
CA PRO T 12 32.21 -21.49 66.35
C PRO T 12 32.21 -20.41 67.42
N LEU T 13 31.48 -20.63 68.51
CA LEU T 13 31.40 -19.62 69.56
C LEU T 13 32.71 -19.53 70.33
N ILE T 14 33.24 -20.69 70.73
CA ILE T 14 34.47 -20.73 71.51
C ILE T 14 35.64 -20.29 70.66
N SER T 15 35.59 -20.55 69.35
CA SER T 15 36.70 -20.11 68.51
C SER T 15 36.59 -18.63 68.19
N ALA T 16 35.37 -18.09 68.14
CA ALA T 16 35.25 -16.64 67.94
C ALA T 16 35.52 -15.87 69.23
N PHE T 17 35.49 -16.54 70.38
CA PHE T 17 35.95 -15.92 71.61
C PHE T 17 37.40 -16.23 71.92
N PHE T 18 38.04 -17.12 71.16
CA PHE T 18 39.48 -17.34 71.30
C PHE T 18 40.30 -16.54 70.30
N VAL T 19 39.69 -16.04 69.23
CA VAL T 19 40.41 -15.23 68.25
C VAL T 19 40.73 -13.80 68.71
N PRO T 20 39.97 -13.09 69.58
CA PRO T 20 40.55 -11.87 70.14
C PRO T 20 41.50 -12.12 71.29
N VAL T 21 41.63 -13.38 71.73
CA VAL T 21 42.66 -13.75 72.70
C VAL T 21 44.00 -13.95 72.03
N LEU T 22 44.01 -14.41 70.78
CA LEU T 22 45.26 -14.57 70.03
C LEU T 22 45.52 -13.43 69.06
N LYS T 23 44.79 -12.33 69.12
CA LYS T 23 45.08 -11.21 68.24
C LYS T 23 46.24 -10.37 68.74
N GLN T 24 46.56 -10.44 70.03
CA GLN T 24 47.71 -9.73 70.55
C GLN T 24 48.92 -10.63 70.72
N ILE T 25 48.73 -11.95 70.62
CA ILE T 25 49.85 -12.89 70.73
C ILE T 25 50.72 -12.89 69.48
N GLY T 26 50.26 -12.30 68.39
CA GLY T 26 51.09 -12.16 67.20
C GLY T 26 50.26 -11.71 66.01
N LYS T 27 50.86 -11.88 64.83
CA LYS T 27 50.20 -11.63 63.56
C LYS T 27 50.10 -12.87 62.68
N SER T 28 50.96 -13.85 62.87
CA SER T 28 51.07 -15.04 62.01
C SER T 28 49.81 -15.90 62.07
N LEU T 29 49.48 -16.42 63.25
CA LEU T 29 48.38 -17.38 63.36
C LEU T 29 47.08 -16.65 63.72
N ILE T 30 46.67 -15.75 62.83
CA ILE T 30 45.38 -15.09 62.96
C ILE T 30 44.44 -15.61 61.88
N LYS T 31 44.80 -15.37 60.63
CA LYS T 31 44.06 -15.85 59.48
C LYS T 31 44.19 -17.38 59.28
N PRO T 32 45.32 -18.04 59.57
CA PRO T 32 45.27 -19.51 59.61
C PRO T 32 44.55 -20.08 60.83
N PHE T 33 44.10 -19.26 61.79
CA PHE T 33 43.23 -19.82 62.81
C PHE T 33 41.81 -20.01 62.30
N LEU T 34 41.46 -19.36 61.20
CA LEU T 34 40.09 -19.46 60.70
C LEU T 34 39.91 -20.73 59.87
N VAL T 35 40.97 -21.21 59.20
CA VAL T 35 40.81 -22.33 58.27
C VAL T 35 40.65 -23.65 59.03
N ILE T 36 41.40 -23.83 60.12
CA ILE T 36 41.38 -25.11 60.82
C ILE T 36 40.08 -25.27 61.60
N ILE T 37 39.50 -24.15 62.03
CA ILE T 37 38.26 -24.22 62.76
C ILE T 37 37.08 -24.49 61.84
N THR T 38 37.04 -23.89 60.65
CA THR T 38 35.94 -24.22 59.75
C THR T 38 36.12 -25.61 59.14
N LEU T 39 37.36 -26.14 59.12
CA LEU T 39 37.55 -27.54 58.82
C LEU T 39 36.97 -28.42 59.92
N LEU T 40 37.15 -28.00 61.18
CA LEU T 40 36.49 -28.68 62.29
C LEU T 40 34.98 -28.50 62.23
N GLN T 41 34.52 -27.41 61.62
CA GLN T 41 33.10 -27.20 61.43
C GLN T 41 32.54 -28.17 60.41
N THR T 42 33.29 -28.43 59.34
CA THR T 42 32.89 -29.46 58.39
C THR T 42 32.89 -30.84 59.03
N LEU T 43 33.81 -31.08 59.98
CA LEU T 43 33.82 -32.37 60.66
C LEU T 43 32.60 -32.54 61.56
N ILE T 44 32.26 -31.52 62.36
CA ILE T 44 31.12 -31.65 63.25
C ILE T 44 29.82 -31.57 62.46
N ALA T 45 29.85 -30.97 61.27
CA ALA T 45 28.66 -31.00 60.43
C ALA T 45 28.49 -32.38 59.80
N SER T 46 29.59 -33.00 59.37
CA SER T 46 29.51 -34.30 58.71
C SER T 46 29.09 -35.39 59.68
N TRP T 47 29.45 -35.23 60.96
CA TRP T 47 28.97 -36.13 62.00
C TRP T 47 27.45 -36.10 62.08
N ALA T 48 26.88 -34.89 62.17
CA ALA T 48 25.44 -34.75 62.23
C ALA T 48 24.79 -35.16 60.93
N PHE T 49 25.50 -34.97 59.80
CA PHE T 49 24.93 -35.26 58.49
C PHE T 49 24.77 -36.75 58.29
N VAL T 50 25.80 -37.53 58.62
CA VAL T 50 25.67 -38.97 58.48
C VAL T 50 24.91 -39.60 59.64
N GLN T 51 24.70 -38.87 60.74
CA GLN T 51 23.87 -39.43 61.80
C GLN T 51 22.40 -39.16 61.55
N VAL T 52 22.06 -38.07 60.86
CA VAL T 52 20.67 -37.79 60.57
C VAL T 52 20.13 -38.73 59.50
N TYR T 53 20.89 -38.91 58.42
CA TYR T 53 20.44 -39.79 57.34
C TYR T 53 20.71 -41.26 57.60
N SER T 54 21.29 -41.60 58.75
CA SER T 54 21.39 -43.01 59.14
C SER T 54 20.02 -43.57 59.49
N THR T 55 19.32 -42.92 60.42
CA THR T 55 18.01 -43.32 60.87
C THR T 55 16.96 -42.38 60.30
N GLY T 56 15.71 -42.55 60.73
CA GLY T 56 14.64 -41.68 60.31
C GLY T 56 14.25 -40.70 61.39
N LYS T 57 15.15 -40.44 62.33
CA LYS T 57 14.85 -39.59 63.47
C LYS T 57 15.88 -38.46 63.56
N PRO T 58 15.44 -37.22 63.68
CA PRO T 58 16.37 -36.11 63.90
C PRO T 58 16.90 -36.11 65.32
N ILE T 59 17.98 -35.36 65.52
CA ILE T 59 18.57 -35.20 66.84
C ILE T 59 17.92 -34.02 67.55
N ILE T 60 17.13 -34.33 68.58
CA ILE T 60 16.40 -33.28 69.36
C ILE T 60 17.38 -32.66 70.36
N ILE T 61 18.40 -31.95 69.85
CA ILE T 61 19.42 -31.29 70.72
C ILE T 61 18.70 -30.46 71.79
N TYR T 62 18.71 -30.94 73.03
CA TYR T 62 18.04 -30.24 74.16
C TYR T 62 18.88 -29.04 74.61
N ALA T 63 18.26 -28.11 75.33
CA ALA T 63 18.95 -26.90 75.85
C ALA T 63 19.31 -27.11 77.32
N GLY T 64 19.31 -28.38 77.76
CA GLY T 64 19.63 -28.73 79.15
C GLY T 64 18.81 -29.92 79.63
N GLY T 65 18.44 -29.93 80.91
CA GLY T 65 17.64 -31.02 81.49
C GLY T 65 16.16 -30.66 81.54
N TRP T 66 15.71 -29.85 80.58
CA TRP T 66 14.28 -29.43 80.51
C TRP T 66 13.69 -29.82 79.16
N LYS T 67 12.82 -30.83 79.14
CA LYS T 67 12.20 -31.29 77.92
C LYS T 67 11.37 -30.16 77.32
N PRO T 68 11.24 -30.10 76.00
CA PRO T 68 10.36 -29.11 75.37
C PRO T 68 8.91 -29.35 75.75
N PRO T 69 8.06 -28.31 75.73
CA PRO T 69 8.24 -26.96 75.21
C PRO T 69 8.74 -25.92 76.22
N ILE T 70 9.07 -26.34 77.44
CA ILE T 70 9.44 -25.36 78.45
C ILE T 70 10.87 -24.87 78.23
N GLY T 71 11.65 -25.58 77.41
CA GLY T 71 13.00 -25.19 77.11
C GLY T 71 13.20 -24.87 75.64
N ILE T 72 14.46 -24.82 75.23
CA ILE T 72 14.78 -24.68 73.82
C ILE T 72 15.18 -26.02 73.22
N ASN T 73 14.53 -26.37 72.11
CA ASN T 73 14.87 -27.55 71.34
C ASN T 73 15.55 -27.17 70.02
N LEU T 74 16.65 -27.82 69.68
CA LEU T 74 17.27 -27.65 68.37
C LEU T 74 16.88 -28.84 67.49
N TYR T 75 15.76 -28.70 66.80
CA TYR T 75 15.29 -29.76 65.92
C TYR T 75 16.18 -29.78 64.69
N ILE T 76 17.30 -30.49 64.77
CA ILE T 76 18.21 -30.60 63.64
C ILE T 76 17.64 -31.70 62.76
N GLY T 77 16.74 -31.32 61.87
CA GLY T 77 16.01 -32.28 61.07
C GLY T 77 16.83 -32.81 59.91
N HIS T 78 16.12 -33.43 58.97
CA HIS T 78 16.77 -33.85 57.73
C HIS T 78 17.18 -32.66 56.89
N PHE T 79 16.43 -31.55 57.00
CA PHE T 79 16.81 -30.29 56.38
C PHE T 79 18.09 -29.74 56.98
N ALA T 80 18.16 -29.75 58.30
CA ALA T 80 19.12 -28.91 59.01
C ALA T 80 20.53 -29.45 58.88
N ALA T 81 20.69 -30.77 58.93
CA ALA T 81 22.02 -31.36 58.80
C ALA T 81 22.58 -31.14 57.41
N LEU T 82 21.70 -31.18 56.40
CA LEU T 82 22.12 -30.90 55.03
C LEU T 82 22.58 -29.46 54.88
N PHE T 83 21.85 -28.52 55.48
CA PHE T 83 22.22 -27.13 55.26
C PHE T 83 23.39 -26.71 56.13
N ILE T 84 23.54 -27.32 57.31
CA ILE T 84 24.72 -27.08 58.13
C ILE T 84 25.96 -27.65 57.44
N LEU T 85 25.80 -28.78 56.74
CA LEU T 85 26.90 -29.34 55.98
C LEU T 85 27.29 -28.42 54.82
N VAL T 86 26.31 -27.91 54.08
CA VAL T 86 26.66 -27.12 52.90
C VAL T 86 27.18 -25.74 53.31
N ILE T 87 26.77 -25.20 54.46
CA ILE T 87 27.34 -23.94 54.89
C ILE T 87 28.73 -24.16 55.48
N ALA T 88 28.98 -25.35 56.03
CA ALA T 88 30.32 -25.65 56.52
C ALA T 88 31.29 -25.77 55.34
N VAL T 89 30.87 -26.40 54.26
CA VAL T 89 31.78 -26.60 53.14
C VAL T 89 31.95 -25.31 52.35
N VAL T 90 30.95 -24.42 52.36
CA VAL T 90 31.10 -23.14 51.68
C VAL T 90 31.97 -22.21 52.51
N SER T 91 31.81 -22.23 53.83
CA SER T 91 32.66 -21.40 54.68
C SER T 91 34.10 -21.90 54.68
N PHE T 92 34.30 -23.20 54.51
CA PHE T 92 35.66 -23.70 54.36
C PHE T 92 36.24 -23.33 53.00
N LEU T 93 35.37 -23.21 51.99
CA LEU T 93 35.83 -22.70 50.70
C LEU T 93 36.11 -21.19 50.77
N MET T 94 35.50 -20.50 51.73
CA MET T 94 35.77 -19.07 51.87
C MET T 94 37.03 -18.84 52.69
N ALA T 95 37.31 -19.72 53.63
CA ALA T 95 38.48 -19.53 54.49
C ALA T 95 39.77 -19.82 53.74
N LEU T 96 39.75 -20.77 52.80
CA LEU T 96 40.94 -20.96 52.00
C LEU T 96 41.00 -19.99 50.83
N PHE T 97 39.98 -19.17 50.64
CA PHE T 97 40.03 -18.08 49.68
C PHE T 97 40.52 -16.78 50.28
N ASN T 98 39.99 -16.38 51.45
CA ASN T 98 40.26 -15.03 51.99
C ASN T 98 41.64 -14.89 52.61
N PHE T 99 42.50 -15.90 52.50
CA PHE T 99 43.81 -15.84 53.14
C PHE T 99 44.72 -14.83 52.44
N LYS T 100 44.56 -14.68 51.12
CA LYS T 100 45.41 -13.78 50.35
C LYS T 100 44.58 -12.97 49.35
N ALA T 101 43.41 -12.50 49.78
CA ALA T 101 42.57 -11.72 48.89
C ALA T 101 41.93 -10.51 49.55
N VAL T 102 41.97 -10.43 50.88
CA VAL T 102 41.31 -9.37 51.63
C VAL T 102 42.29 -8.55 52.46
N THR T 103 43.58 -8.85 52.40
CA THR T 103 44.56 -8.15 53.25
C THR T 103 44.81 -6.75 52.68
N VAL T 104 43.86 -5.85 52.92
CA VAL T 104 44.02 -4.43 52.57
C VAL T 104 43.63 -3.65 53.83
N GLU T 105 42.90 -4.32 54.70
CA GLU T 105 42.11 -3.67 55.73
C GLU T 105 42.37 -4.41 57.06
N PRO T 106 41.85 -3.96 58.25
CA PRO T 106 42.22 -4.67 59.51
C PRO T 106 41.57 -6.02 59.72
N ILE T 107 42.22 -7.09 59.21
CA ILE T 107 41.77 -8.47 59.38
C ILE T 107 42.08 -8.96 60.80
N ASP T 108 42.70 -8.10 61.61
CA ASP T 108 42.84 -8.27 63.05
C ASP T 108 41.53 -8.61 63.75
N LYS T 109 40.42 -8.03 63.28
CA LYS T 109 39.12 -8.34 63.87
C LYS T 109 38.09 -8.86 62.88
N TYR T 110 38.46 -9.13 61.64
CA TYR T 110 37.50 -9.61 60.66
C TYR T 110 37.14 -11.08 60.90
N ALA T 111 38.06 -11.84 61.50
CA ALA T 111 37.88 -13.28 61.64
C ALA T 111 36.72 -13.61 62.58
N MET T 112 36.62 -12.88 63.68
CA MET T 112 35.50 -13.09 64.59
C MET T 112 34.17 -12.68 63.98
N LEU T 113 34.18 -11.68 63.10
CA LEU T 113 32.94 -11.27 62.46
C LEU T 113 32.45 -12.33 61.48
N PHE T 114 33.39 -12.93 60.74
CA PHE T 114 33.06 -14.04 59.85
C PHE T 114 32.54 -15.25 60.62
N LEU T 115 33.23 -15.60 61.71
CA LEU T 115 32.85 -16.79 62.44
C LEU T 115 31.56 -16.59 63.21
N LEU T 116 31.24 -15.36 63.57
CA LEU T 116 29.94 -15.12 64.20
C LEU T 116 28.83 -15.19 63.17
N LEU T 117 29.14 -14.90 61.90
CA LEU T 117 28.17 -15.19 60.85
C LEU T 117 27.94 -16.69 60.68
N LEU T 118 29.00 -17.49 60.85
CA LEU T 118 28.82 -18.94 60.82
C LEU T 118 28.02 -19.42 62.03
N LEU T 119 28.15 -18.73 63.15
CA LEU T 119 27.35 -19.05 64.33
C LEU T 119 25.88 -18.76 64.08
N GLY T 120 25.59 -17.58 63.54
CA GLY T 120 24.23 -17.25 63.15
C GLY T 120 23.69 -18.18 62.09
N ALA T 121 24.58 -18.76 61.29
CA ALA T 121 24.18 -19.75 60.30
C ALA T 121 23.64 -21.03 60.94
N THR T 122 24.49 -21.69 61.74
CA THR T 122 24.07 -22.94 62.35
C THR T 122 23.05 -22.73 63.46
N GLY T 123 22.86 -21.48 63.90
CA GLY T 123 21.76 -21.19 64.80
C GLY T 123 20.45 -20.99 64.07
N MET T 124 20.48 -20.36 62.90
CA MET T 124 19.23 -20.01 62.23
C MET T 124 18.58 -21.22 61.58
N ILE T 125 19.36 -22.17 61.10
CA ILE T 125 18.74 -23.35 60.48
C ILE T 125 18.87 -24.50 61.46
N ALA T 126 18.79 -24.19 62.74
CA ALA T 126 18.54 -25.23 63.74
C ALA T 126 17.57 -24.80 64.82
N THR T 127 16.92 -23.66 64.69
CA THR T 127 16.20 -23.09 65.83
C THR T 127 14.82 -23.74 65.99
N GLY T 128 14.42 -23.90 67.25
CA GLY T 128 13.09 -24.40 67.55
C GLY T 128 12.21 -23.36 68.21
N ASP T 129 12.77 -22.52 69.05
CA ASP T 129 12.00 -21.46 69.68
C ASP T 129 11.88 -20.28 68.73
N ILE T 130 10.73 -19.60 68.79
CA ILE T 130 10.55 -18.38 68.00
C ILE T 130 11.42 -17.26 68.57
N PHE T 131 11.71 -17.31 69.88
CA PHE T 131 12.66 -16.37 70.47
C PHE T 131 14.07 -16.61 69.95
N ASN T 132 14.50 -17.87 69.96
CA ASN T 132 15.83 -18.22 69.46
C ASN T 132 15.95 -17.95 67.98
N LEU T 133 14.84 -18.13 67.25
CA LEU T 133 14.75 -17.75 65.84
C LEU T 133 15.06 -16.27 65.67
N PHE T 134 14.46 -15.43 66.50
CA PHE T 134 14.71 -13.99 66.42
C PHE T 134 16.15 -13.65 66.80
N VAL T 135 16.67 -14.30 67.85
CA VAL T 135 17.97 -13.93 68.39
C VAL T 135 19.10 -14.29 67.42
N PHE T 136 19.02 -15.49 66.84
CA PHE T 136 20.01 -15.89 65.85
C PHE T 136 19.88 -15.06 64.57
N MET T 137 18.66 -14.62 64.23
CA MET T 137 18.52 -13.75 63.08
C MET T 137 19.13 -12.38 63.33
N GLU T 138 19.05 -11.90 64.57
CA GLU T 138 19.68 -10.61 64.85
C GLU T 138 21.20 -10.73 64.91
N ILE T 139 21.72 -11.90 65.30
CA ILE T 139 23.16 -12.16 65.22
C ILE T 139 23.64 -12.05 63.77
N THR T 140 22.93 -12.71 62.86
CA THR T 140 23.25 -12.62 61.43
C THR T 140 23.06 -11.21 60.90
N ALA T 141 22.07 -10.50 61.43
CA ALA T 141 21.78 -9.14 60.96
C ALA T 141 22.89 -8.17 61.33
N ILE T 142 23.33 -8.19 62.59
CA ILE T 142 24.38 -7.25 63.00
C ILE T 142 25.72 -7.68 62.43
N SER T 143 25.91 -8.99 62.20
CA SER T 143 27.04 -9.47 61.41
C SER T 143 27.08 -8.83 60.04
N ALA T 144 25.92 -8.74 59.40
CA ALA T 144 25.89 -8.16 58.06
C ALA T 144 26.01 -6.64 58.11
N TYR T 145 25.47 -6.00 59.16
CA TYR T 145 25.64 -4.56 59.36
C TYR T 145 27.10 -4.19 59.45
N ALA T 146 27.87 -4.98 60.19
CA ALA T 146 29.27 -4.69 60.41
C ALA T 146 30.13 -5.12 59.23
N LEU T 147 29.69 -6.06 58.42
CA LEU T 147 30.60 -6.63 57.44
C LEU T 147 30.35 -6.16 56.01
N THR T 148 29.17 -5.65 55.69
CA THR T 148 29.04 -4.94 54.42
C THR T 148 29.58 -3.52 54.50
N ALA T 149 29.75 -3.00 55.71
CA ALA T 149 30.35 -1.69 55.91
C ALA T 149 31.87 -1.74 55.94
N TYR T 150 32.44 -2.93 56.09
CA TYR T 150 33.88 -3.05 56.28
C TYR T 150 34.63 -2.89 54.96
N ASN T 151 34.54 -1.70 54.39
CA ASN T 151 35.54 -1.22 53.43
C ASN T 151 35.92 0.24 53.63
N LYS T 152 35.04 1.04 54.22
CA LYS T 152 35.28 2.45 54.58
C LYS T 152 35.67 3.29 53.37
N THR T 153 34.83 3.26 52.34
CA THR T 153 35.14 4.00 51.13
C THR T 153 33.98 4.86 50.63
N GLY T 154 33.09 5.30 51.52
CA GLY T 154 32.01 6.17 51.11
C GLY T 154 30.87 5.45 50.42
N GLU T 155 31.13 4.91 49.23
CA GLU T 155 30.14 4.11 48.52
C GLU T 155 29.85 2.81 49.24
N ALA T 156 30.82 2.30 50.01
CA ALA T 156 30.61 1.13 50.83
C ALA T 156 30.10 1.48 52.21
N ALA T 157 30.34 2.71 52.67
CA ALA T 157 29.81 3.13 53.95
C ALA T 157 28.31 3.28 53.89
N GLU T 158 27.81 3.89 52.81
CA GLU T 158 26.38 4.05 52.62
C GLU T 158 25.70 2.72 52.29
N ALA T 159 26.46 1.74 51.80
CA ALA T 159 25.89 0.46 51.42
C ALA T 159 25.36 -0.30 52.61
N SER T 160 25.91 -0.04 53.80
CA SER T 160 25.37 -0.67 54.99
C SER T 160 24.19 0.09 55.54
N MET T 161 24.21 1.42 55.43
CA MET T 161 23.34 2.34 56.15
C MET T 161 21.86 2.06 55.93
N LYS T 162 21.47 1.93 54.66
CA LYS T 162 20.09 1.61 54.35
C LYS T 162 19.72 0.21 54.83
N TYR T 163 20.69 -0.71 54.87
CA TYR T 163 20.38 -2.04 55.39
C TYR T 163 20.26 -2.02 56.91
N ILE T 164 21.04 -1.20 57.60
CA ILE T 164 20.96 -1.20 59.06
C ILE T 164 19.66 -0.55 59.50
N VAL T 165 19.21 0.48 58.78
CA VAL T 165 17.93 1.05 59.14
C VAL T 165 16.76 0.20 58.66
N LEU T 166 16.93 -0.62 57.62
CA LEU T 166 15.81 -1.45 57.21
C LEU T 166 15.74 -2.74 58.02
N GLY T 167 16.89 -3.31 58.35
CA GLY T 167 16.89 -4.45 59.25
C GLY T 167 16.53 -4.09 60.67
N GLY T 168 16.69 -2.82 61.03
CA GLY T 168 16.22 -2.38 62.33
C GLY T 168 14.71 -2.29 62.38
N ILE T 169 14.08 -1.86 61.29
CA ILE T 169 12.63 -1.70 61.29
C ILE T 169 11.96 -3.07 61.13
N GLY T 170 12.64 -4.02 60.48
CA GLY T 170 12.05 -5.33 60.30
C GLY T 170 12.14 -6.18 61.55
N SER T 171 13.25 -6.08 62.27
CA SER T 171 13.39 -6.80 63.53
C SER T 171 12.44 -6.24 64.58
N SER T 172 12.19 -4.94 64.52
CA SER T 172 11.18 -4.29 65.34
C SER T 172 9.79 -4.86 65.08
N PHE T 173 9.41 -4.96 63.80
CA PHE T 173 8.11 -5.52 63.46
C PHE T 173 8.02 -7.00 63.81
N PHE T 174 9.14 -7.71 63.72
CA PHE T 174 9.14 -9.13 64.05
C PHE T 174 8.91 -9.36 65.54
N LEU T 175 9.45 -8.47 66.37
CA LEU T 175 9.20 -8.62 67.80
C LEU T 175 7.75 -8.28 68.15
N VAL T 176 7.13 -7.37 67.38
CA VAL T 176 5.70 -7.11 67.61
C VAL T 176 4.88 -8.35 67.25
N GLY T 177 5.24 -9.02 66.15
CA GLY T 177 4.52 -10.22 65.76
C GLY T 177 4.72 -11.37 66.74
N VAL T 178 5.91 -11.48 67.33
CA VAL T 178 6.16 -12.46 68.37
C VAL T 178 5.32 -12.15 69.60
N ALA T 179 5.18 -10.86 69.92
CA ALA T 179 4.39 -10.46 71.08
C ALA T 179 2.91 -10.72 70.89
N LEU T 180 2.46 -10.76 69.63
CA LEU T 180 1.04 -11.00 69.38
C LEU T 180 0.72 -12.49 69.31
N ILE T 181 1.63 -13.30 68.75
CA ILE T 181 1.44 -14.74 68.74
C ILE T 181 1.53 -15.29 70.16
N TYR T 182 2.48 -14.78 70.94
CA TYR T 182 2.48 -15.07 72.38
C TYR T 182 1.27 -14.48 73.08
N GLY T 183 0.72 -13.37 72.55
CA GLY T 183 -0.40 -12.74 73.22
C GLY T 183 -1.69 -13.54 73.10
N ALA T 184 -1.82 -14.31 72.03
CA ALA T 184 -2.97 -15.19 71.91
C ALA T 184 -2.72 -16.52 72.62
N THR T 185 -1.62 -17.18 72.29
CA THR T 185 -1.38 -18.53 72.80
C THR T 185 -0.86 -18.49 74.22
N GLY T 186 0.31 -17.91 74.42
CA GLY T 186 1.03 -17.98 75.67
C GLY T 186 2.23 -18.90 75.62
N THR T 187 2.42 -19.62 74.52
CA THR T 187 3.56 -20.50 74.33
C THR T 187 4.47 -19.97 73.25
N LEU T 188 5.68 -20.51 73.19
CA LEU T 188 6.70 -20.02 72.27
C LEU T 188 7.26 -21.09 71.37
N ASN T 189 7.46 -22.31 71.89
CA ASN T 189 8.04 -23.38 71.11
C ASN T 189 7.09 -23.82 70.01
N MET T 190 7.63 -24.01 68.80
CA MET T 190 6.80 -24.30 67.64
C MET T 190 6.17 -25.68 67.71
N ALA T 191 6.70 -26.56 68.55
CA ALA T 191 6.04 -27.84 68.79
C ALA T 191 4.71 -27.64 69.48
N HIS T 192 4.70 -26.82 70.53
CA HIS T 192 3.47 -26.57 71.27
C HIS T 192 2.64 -25.46 70.66
N LEU T 193 3.17 -24.80 69.63
CA LEU T 193 2.49 -23.70 68.98
C LEU T 193 1.55 -24.17 67.88
N ALA T 194 1.98 -25.13 67.07
CA ALA T 194 1.19 -25.53 65.91
C ALA T 194 0.02 -26.40 66.33
N MET T 195 0.18 -27.21 67.37
CA MET T 195 -0.93 -27.99 67.89
C MET T 195 -1.96 -27.10 68.58
N LEU T 196 -1.57 -25.90 68.99
CA LEU T 196 -2.46 -24.94 69.64
C LEU T 196 -3.07 -23.95 68.67
N ALA T 197 -2.32 -23.53 67.64
CA ALA T 197 -2.79 -22.48 66.73
C ALA T 197 -3.71 -23.09 65.67
N ASN T 198 -4.90 -23.47 66.11
CA ASN T 198 -6.00 -23.75 65.19
C ASN T 198 -7.23 -22.98 65.66
N ASP T 199 -7.33 -22.78 66.97
CA ASP T 199 -8.49 -22.10 67.55
C ASP T 199 -8.06 -21.13 68.64
N ILE T 200 -6.96 -20.41 68.44
CA ILE T 200 -6.54 -19.42 69.43
C ILE T 200 -7.41 -18.18 69.34
N ASN T 201 -7.37 -17.48 68.20
CA ASN T 201 -8.29 -16.43 67.79
C ASN T 201 -8.09 -16.20 66.30
N PRO T 202 -9.15 -16.24 65.49
CA PRO T 202 -8.97 -16.05 64.04
C PRO T 202 -8.63 -14.62 63.65
N THR T 203 -8.87 -13.63 64.52
CA THR T 203 -8.56 -12.25 64.20
C THR T 203 -7.28 -11.75 64.85
N VAL T 204 -6.66 -12.55 65.71
CA VAL T 204 -5.41 -12.18 66.34
C VAL T 204 -4.23 -12.88 65.68
N VAL T 205 -4.44 -14.12 65.23
CA VAL T 205 -3.38 -14.85 64.54
C VAL T 205 -3.11 -14.29 63.15
N GLN T 206 -4.06 -13.56 62.55
CA GLN T 206 -3.84 -13.04 61.21
C GLN T 206 -2.81 -11.91 61.23
N VAL T 207 -2.98 -10.95 62.14
CA VAL T 207 -2.08 -9.80 62.19
C VAL T 207 -0.71 -10.23 62.69
N GLY T 208 -0.69 -11.20 63.62
CA GLY T 208 0.57 -11.70 64.13
C GLY T 208 1.36 -12.49 63.10
N LEU T 209 0.68 -13.34 62.34
CA LEU T 209 1.37 -14.11 61.31
C LEU T 209 1.81 -13.23 60.16
N ALA T 210 0.98 -12.24 59.80
CA ALA T 210 1.34 -11.33 58.72
C ALA T 210 2.56 -10.50 59.09
N LEU T 211 2.62 -10.03 60.33
CA LEU T 211 3.76 -9.22 60.75
C LEU T 211 4.99 -10.07 61.02
N ILE T 212 4.82 -11.34 61.38
CA ILE T 212 5.98 -12.22 61.57
C ILE T 212 6.62 -12.54 60.22
N ILE T 213 5.79 -12.88 59.23
CA ILE T 213 6.30 -13.13 57.88
C ILE T 213 6.90 -11.86 57.29
N PHE T 214 6.31 -10.72 57.60
CA PHE T 214 6.84 -9.43 57.19
C PHE T 214 8.22 -9.17 57.77
N GLY T 215 8.32 -9.17 59.10
CA GLY T 215 9.57 -8.82 59.76
C GLY T 215 10.67 -9.86 59.57
N LEU T 216 10.29 -11.10 59.25
CA LEU T 216 11.31 -12.06 58.86
C LEU T 216 11.69 -11.91 57.39
N ALA T 217 10.84 -11.24 56.60
CA ALA T 217 11.20 -11.07 55.20
C ALA T 217 12.20 -9.96 54.98
N VAL T 218 12.26 -8.97 55.88
CA VAL T 218 13.04 -7.75 55.65
C VAL T 218 14.53 -8.04 55.63
N GLU T 219 15.00 -8.91 56.53
CA GLU T 219 16.40 -9.31 56.52
C GLU T 219 16.72 -10.19 55.33
N ALA T 220 15.72 -10.89 54.79
CA ALA T 220 15.84 -11.59 53.52
C ALA T 220 15.44 -10.61 52.43
N GLU T 221 15.14 -11.09 51.23
CA GLU T 221 14.82 -10.16 50.15
C GLU T 221 13.59 -10.66 49.42
N LEU T 222 12.55 -9.84 49.32
CA LEU T 222 11.79 -10.04 48.09
C LEU T 222 11.66 -8.80 47.22
N PHE T 223 10.58 -8.01 47.37
CA PHE T 223 10.44 -6.82 46.55
C PHE T 223 10.78 -5.49 47.23
N PRO T 224 10.18 -5.12 48.41
CA PRO T 224 10.46 -3.78 48.94
C PRO T 224 11.81 -3.69 49.61
N LEU T 225 12.03 -4.69 50.45
CA LEU T 225 13.15 -4.86 51.36
C LEU T 225 14.25 -5.69 50.73
N ASN T 226 14.63 -5.33 49.52
CA ASN T 226 15.69 -6.03 48.83
C ASN T 226 16.83 -5.14 48.39
N ALA T 227 16.57 -3.86 48.06
CA ALA T 227 17.52 -3.04 47.31
C ALA T 227 18.77 -2.68 48.08
N TRP T 228 18.83 -2.99 49.38
CA TRP T 228 20.11 -3.00 50.07
C TRP T 228 20.99 -4.15 49.62
N ALA T 229 20.41 -5.25 49.10
CA ALA T 229 21.23 -6.41 48.79
C ALA T 229 21.99 -6.26 47.47
N PRO T 230 21.42 -5.70 46.38
CA PRO T 230 22.30 -5.31 45.29
C PRO T 230 22.89 -3.93 45.47
N ASP T 231 23.25 -3.61 46.68
CA ASP T 231 24.13 -2.58 47.21
C ASP T 231 25.12 -3.19 48.17
N ALA T 232 24.81 -4.35 48.74
CA ALA T 232 25.70 -5.00 49.69
C ALA T 232 26.72 -5.87 48.95
N TYR T 233 26.27 -6.62 47.96
CA TYR T 233 27.19 -7.43 47.16
C TYR T 233 28.12 -6.56 46.34
N GLN T 234 27.66 -5.37 45.93
CA GLN T 234 28.50 -4.49 45.14
C GLN T 234 29.61 -3.89 45.99
N ALA T 235 29.35 -3.67 47.27
CA ALA T 235 30.30 -3.01 48.17
C ALA T 235 30.46 -3.83 49.45
N ALA T 236 31.37 -4.81 49.40
CA ALA T 236 31.72 -5.61 50.55
C ALA T 236 33.08 -6.24 50.27
N PRO T 237 33.72 -6.83 51.28
CA PRO T 237 34.80 -7.77 50.98
C PRO T 237 34.30 -8.93 50.13
N HIS T 238 35.10 -9.30 49.15
CA HIS T 238 34.77 -10.37 48.20
C HIS T 238 34.44 -11.73 48.81
N PRO T 239 35.06 -12.22 49.89
CA PRO T 239 34.60 -13.50 50.44
C PRO T 239 33.25 -13.43 51.11
N ILE T 240 32.90 -12.32 51.76
CA ILE T 240 31.61 -12.28 52.44
C ILE T 240 30.47 -12.00 51.49
N THR T 241 30.74 -11.56 50.26
CA THR T 241 29.69 -11.50 49.26
C THR T 241 29.21 -12.90 48.91
N VAL T 242 30.10 -13.89 48.95
CA VAL T 242 29.69 -15.28 48.79
C VAL T 242 28.81 -15.70 49.96
N MET T 243 29.33 -15.52 51.18
CA MET T 243 28.66 -16.04 52.38
C MET T 243 27.33 -15.33 52.64
N PHE T 244 27.17 -14.13 52.09
CA PHE T 244 25.84 -13.52 52.13
C PHE T 244 24.97 -14.11 51.02
N SER T 245 25.48 -14.16 49.79
CA SER T 245 24.67 -14.61 48.67
C SER T 245 24.43 -16.11 48.71
N ALA T 246 25.39 -16.88 49.22
CA ALA T 246 25.13 -18.29 49.44
C ALA T 246 24.18 -18.47 50.62
N PHE T 247 24.60 -18.03 51.79
CA PHE T 247 23.84 -18.44 52.98
C PHE T 247 22.60 -17.60 53.26
N VAL T 248 22.80 -16.32 53.59
CA VAL T 248 21.88 -15.54 54.43
C VAL T 248 20.51 -15.39 53.78
N VAL T 249 20.47 -15.49 52.45
CA VAL T 249 19.20 -15.54 51.75
C VAL T 249 18.46 -16.87 52.03
N LYS T 250 19.20 -17.97 52.23
CA LYS T 250 18.55 -19.27 52.40
C LYS T 250 17.97 -19.44 53.79
N ALA T 251 18.66 -18.92 54.81
CA ALA T 251 18.15 -19.03 56.17
C ALA T 251 16.87 -18.23 56.35
N GLY T 252 16.86 -17.01 55.79
CA GLY T 252 15.65 -16.20 55.84
C GLY T 252 14.51 -16.82 55.07
N LEU T 253 14.81 -17.37 53.89
CA LEU T 253 13.74 -17.95 53.09
C LEU T 253 13.27 -19.29 53.65
N TYR T 254 14.12 -19.98 54.39
CA TYR T 254 13.67 -21.23 55.01
C TYR T 254 12.86 -20.94 56.26
N ALA T 255 13.35 -20.06 57.11
CA ALA T 255 12.67 -19.77 58.36
C ALA T 255 11.37 -19.03 58.12
N MET T 256 11.28 -18.26 57.04
CA MET T 256 9.98 -17.77 56.60
C MET T 256 9.09 -18.93 56.16
N ALA T 257 9.63 -19.85 55.37
CA ALA T 257 8.81 -20.95 54.89
C ALA T 257 8.73 -22.08 55.89
N ARG T 258 9.48 -22.02 56.99
CA ARG T 258 9.21 -22.94 58.07
C ARG T 258 7.94 -22.50 58.80
N ILE T 259 7.98 -21.30 59.36
CA ILE T 259 6.91 -20.84 60.25
C ILE T 259 5.61 -20.60 59.49
N LEU T 260 5.68 -20.42 58.17
CA LEU T 260 4.47 -20.33 57.38
C LEU T 260 3.77 -21.68 57.27
N TYR T 261 4.54 -22.77 57.21
CA TYR T 261 3.99 -24.11 57.20
C TYR T 261 3.87 -24.68 58.61
N LEU T 262 3.96 -23.83 59.62
CA LEU T 262 3.63 -24.21 60.99
C LEU T 262 2.22 -23.78 61.37
N PHE T 263 1.63 -22.84 60.62
CA PHE T 263 0.27 -22.39 60.86
C PHE T 263 -0.65 -22.68 59.68
N LYS T 264 -0.56 -23.87 59.08
CA LYS T 264 -1.30 -24.15 57.84
C LYS T 264 -2.69 -24.73 58.12
N ASP T 265 -3.42 -24.05 59.01
CA ASP T 265 -4.79 -24.46 59.27
C ASP T 265 -5.72 -23.26 59.45
N VAL T 266 -5.14 -22.09 59.66
CA VAL T 266 -5.92 -20.92 60.07
C VAL T 266 -6.48 -20.20 58.85
N SER T 267 -7.47 -19.34 59.09
CA SER T 267 -8.03 -18.50 58.05
C SER T 267 -7.19 -17.24 57.89
N GLY T 268 -7.20 -16.69 56.67
CA GLY T 268 -6.34 -15.59 56.32
C GLY T 268 -4.94 -15.99 55.91
N TRP T 269 -4.56 -17.25 56.17
CA TRP T 269 -3.25 -17.74 55.73
C TRP T 269 -3.19 -17.85 54.22
N SER T 270 -4.31 -18.17 53.58
CA SER T 270 -4.33 -18.35 52.13
C SER T 270 -4.08 -17.03 51.41
N SER T 271 -4.60 -15.94 51.96
CA SER T 271 -4.29 -14.63 51.39
C SER T 271 -2.84 -14.24 51.67
N LEU T 272 -2.26 -14.75 52.76
CA LEU T 272 -0.87 -14.44 53.04
C LEU T 272 0.07 -15.14 52.07
N THR T 273 -0.18 -16.41 51.79
CA THR T 273 0.62 -17.06 50.77
C THR T 273 0.28 -16.58 49.36
N LYS T 274 -0.93 -16.05 49.13
CA LYS T 274 -1.22 -15.44 47.85
C LYS T 274 -0.57 -14.08 47.70
N LEU T 275 -0.21 -13.43 48.81
CA LEU T 275 0.65 -12.26 48.72
C LEU T 275 2.09 -12.67 48.50
N LEU T 276 2.52 -13.75 49.16
CA LEU T 276 3.94 -14.10 49.12
C LEU T 276 4.32 -14.66 47.75
N ILE T 277 3.38 -15.34 47.09
CA ILE T 277 3.51 -15.69 45.67
C ILE T 277 3.70 -14.45 44.82
N ALA T 278 2.84 -13.45 45.02
CA ALA T 278 2.84 -12.26 44.17
C ALA T 278 4.11 -11.45 44.36
N MET T 279 4.61 -11.38 45.58
CA MET T 279 5.81 -10.59 45.82
C MET T 279 7.06 -11.33 45.36
N ALA T 280 7.06 -12.66 45.48
CA ALA T 280 8.14 -13.44 44.89
C ALA T 280 8.16 -13.34 43.37
N THR T 281 7.00 -13.32 42.73
CA THR T 281 7.00 -13.11 41.29
C THR T 281 7.39 -11.70 40.93
N LEU T 282 7.05 -10.71 41.75
CA LEU T 282 7.46 -9.34 41.55
C LEU T 282 8.96 -9.14 41.77
N THR T 283 9.62 -10.07 42.44
CA THR T 283 11.06 -9.95 42.62
C THR T 283 11.88 -10.84 41.70
N VAL T 284 11.30 -11.84 41.06
CA VAL T 284 12.03 -12.50 39.98
C VAL T 284 12.07 -11.62 38.74
N VAL T 285 11.05 -10.80 38.50
CA VAL T 285 11.06 -9.92 37.35
C VAL T 285 11.97 -8.71 37.57
N PHE T 286 11.83 -7.96 38.67
CA PHE T 286 12.52 -6.68 38.83
C PHE T 286 14.02 -6.86 39.03
N ALA T 287 14.41 -7.83 39.86
CA ALA T 287 15.82 -8.05 40.11
C ALA T 287 16.53 -8.58 38.87
N GLU T 288 15.96 -9.58 38.22
CA GLU T 288 16.62 -10.18 37.07
C GLU T 288 16.37 -9.42 35.78
N LEU T 289 15.67 -8.29 35.83
CA LEU T 289 15.61 -7.38 34.70
C LEU T 289 16.34 -6.07 34.95
N SER T 290 16.66 -5.76 36.19
CA SER T 290 17.49 -4.59 36.46
C SER T 290 18.97 -4.86 36.17
N ALA T 291 19.33 -6.11 35.91
CA ALA T 291 20.69 -6.45 35.54
C ALA T 291 20.94 -6.31 34.04
N LEU T 292 19.96 -5.86 33.28
CA LEU T 292 20.09 -5.90 31.83
C LEU T 292 20.99 -4.77 31.34
N ARG T 293 20.65 -3.54 31.69
CA ARG T 293 21.52 -2.39 31.40
C ARG T 293 22.42 -2.09 32.59
N GLN T 294 23.15 -3.10 33.06
CA GLN T 294 23.97 -2.97 34.26
C GLN T 294 25.43 -2.87 33.84
N LYS T 295 26.16 -1.95 34.47
CA LYS T 295 27.55 -1.71 34.06
C LYS T 295 28.51 -2.49 34.94
N ASN T 296 28.41 -2.34 36.26
CA ASN T 296 29.30 -3.03 37.17
C ASN T 296 28.97 -4.52 37.21
N VAL T 297 29.99 -5.36 37.00
CA VAL T 297 29.73 -6.79 36.81
C VAL T 297 29.46 -7.46 38.14
N LYS T 298 29.89 -6.85 39.24
CA LYS T 298 29.53 -7.37 40.54
C LYS T 298 28.05 -7.11 40.81
N ARG T 299 27.55 -5.99 40.33
CA ARG T 299 26.12 -5.71 40.39
C ARG T 299 25.34 -6.58 39.42
N MET T 300 25.94 -6.95 38.29
CA MET T 300 25.31 -7.82 37.29
C MET T 300 25.10 -9.24 37.80
N ILE T 301 25.84 -9.65 38.82
CA ILE T 301 25.61 -10.93 39.48
C ILE T 301 24.80 -10.74 40.76
N ALA T 302 24.92 -9.57 41.38
CA ALA T 302 24.15 -9.27 42.58
C ALA T 302 22.65 -9.27 42.30
N TYR T 303 22.26 -8.73 41.15
CA TYR T 303 20.86 -8.75 40.76
C TYR T 303 20.43 -10.16 40.40
N SER T 304 21.36 -10.99 39.92
CA SER T 304 21.02 -12.35 39.52
C SER T 304 20.79 -13.23 40.73
N SER T 305 21.48 -12.93 41.84
CA SER T 305 21.35 -13.77 43.02
C SER T 305 20.03 -13.51 43.74
N ILE T 306 19.47 -12.31 43.57
CA ILE T 306 18.17 -12.02 44.15
C ILE T 306 17.07 -12.70 43.35
N GLY T 307 17.24 -12.76 42.03
CA GLY T 307 16.22 -13.36 41.19
C GLY T 307 16.17 -14.87 41.31
N GLN T 308 17.24 -15.48 41.82
CA GLN T 308 17.23 -16.93 42.01
C GLN T 308 16.59 -17.30 43.34
N VAL T 309 16.65 -16.39 44.32
CA VAL T 309 16.03 -16.66 45.61
C VAL T 309 14.56 -16.33 45.58
N GLY T 310 14.14 -15.43 44.67
CA GLY T 310 12.73 -15.16 44.51
C GLY T 310 11.94 -16.35 44.00
N LEU T 311 12.52 -17.12 43.08
CA LEU T 311 11.85 -18.32 42.64
C LEU T 311 11.97 -19.46 43.64
N ILE T 312 12.88 -19.36 44.60
CA ILE T 312 12.83 -20.25 45.75
C ILE T 312 11.63 -19.93 46.62
N ALA T 313 11.38 -18.66 46.89
CA ALA T 313 10.16 -18.22 47.59
C ALA T 313 8.89 -18.56 46.82
N LEU T 314 8.95 -18.63 45.50
CA LEU T 314 7.82 -19.00 44.67
C LEU T 314 7.30 -20.41 44.96
N ALA T 315 8.17 -21.38 45.16
CA ALA T 315 7.74 -22.73 45.43
C ALA T 315 7.85 -23.13 46.89
N LEU T 316 8.49 -22.32 47.73
CA LEU T 316 8.51 -22.61 49.14
C LEU T 316 7.20 -22.31 49.82
N SER T 317 6.38 -21.44 49.23
CA SER T 317 5.03 -21.21 49.72
C SER T 317 4.05 -21.22 48.55
N LEU T 318 3.72 -22.41 48.09
CA LEU T 318 2.65 -22.56 47.12
C LEU T 318 1.62 -23.57 47.60
N GLY T 319 2.10 -24.76 47.94
CA GLY T 319 1.24 -25.88 48.30
C GLY T 319 1.80 -26.63 49.47
N THR T 320 2.00 -27.94 49.34
CA THR T 320 2.62 -28.69 50.42
C THR T 320 3.77 -29.55 49.90
N GLN T 321 3.75 -29.93 48.64
CA GLN T 321 4.62 -30.99 48.17
C GLN T 321 4.77 -30.81 46.67
N GLU T 322 5.64 -31.64 46.06
CA GLU T 322 6.03 -31.56 44.65
C GLU T 322 6.55 -30.18 44.31
N GLY T 323 7.48 -29.69 45.12
CA GLY T 323 7.96 -28.34 44.97
C GLY T 323 8.41 -27.61 46.22
N VAL T 324 7.97 -28.03 47.40
CA VAL T 324 8.66 -27.58 48.62
C VAL T 324 9.88 -28.44 48.84
N SER T 325 9.71 -29.75 48.72
CA SER T 325 10.83 -30.68 48.65
C SER T 325 11.64 -30.54 47.37
N ALA T 326 11.13 -29.82 46.37
CA ALA T 326 11.95 -29.39 45.26
C ALA T 326 12.40 -27.94 45.37
N GLY T 327 11.80 -27.17 46.27
CA GLY T 327 12.33 -25.85 46.54
C GLY T 327 13.63 -25.91 47.33
N VAL T 328 13.76 -26.90 48.22
CA VAL T 328 15.04 -27.13 48.88
C VAL T 328 16.10 -27.55 47.86
N PHE T 329 15.66 -28.21 46.77
CA PHE T 329 16.55 -28.66 45.71
C PHE T 329 17.12 -27.48 44.94
N HIS T 330 16.51 -26.31 45.08
CA HIS T 330 17.13 -25.10 44.58
C HIS T 330 18.05 -24.42 45.58
N MET T 331 17.74 -24.51 46.88
CA MET T 331 18.58 -23.82 47.85
C MET T 331 19.91 -24.52 48.05
N LEU T 332 19.94 -25.84 48.06
CA LEU T 332 21.24 -26.49 48.17
C LEU T 332 22.00 -26.50 46.86
N ASN T 333 21.37 -26.06 45.77
CA ASN T 333 22.00 -26.04 44.47
C ASN T 333 22.45 -24.65 44.04
N HIS T 334 21.66 -23.60 44.32
CA HIS T 334 22.07 -22.28 43.90
C HIS T 334 23.19 -21.71 44.75
N ALA T 335 23.38 -22.25 45.95
CA ALA T 335 24.49 -21.82 46.79
C ALA T 335 25.82 -22.18 46.17
N ILE T 336 25.89 -23.34 45.51
CA ILE T 336 27.14 -23.77 44.88
C ILE T 336 27.42 -22.94 43.64
N VAL T 337 26.41 -22.71 42.81
CA VAL T 337 26.66 -22.00 41.57
C VAL T 337 26.88 -20.51 41.84
N LYS T 338 26.31 -19.97 42.93
CA LYS T 338 26.64 -18.59 43.29
C LYS T 338 27.91 -18.50 44.12
N THR T 339 28.39 -19.63 44.63
CA THR T 339 29.76 -19.65 45.13
C THR T 339 30.74 -19.51 43.98
N MET T 340 30.41 -20.07 42.81
CA MET T 340 31.29 -19.98 41.66
C MET T 340 31.37 -18.57 41.10
N MET T 341 30.23 -17.88 41.06
CA MET T 341 30.16 -16.54 40.50
C MET T 341 31.04 -15.56 41.27
N PHE T 342 30.84 -15.48 42.58
CA PHE T 342 31.54 -14.45 43.35
C PHE T 342 32.97 -14.87 43.66
N MET T 343 33.34 -16.10 43.31
CA MET T 343 34.75 -16.41 43.26
C MET T 343 35.43 -15.75 42.07
N ALA T 344 34.85 -15.90 40.89
CA ALA T 344 35.48 -15.37 39.69
C ALA T 344 35.50 -13.84 39.66
N ILE T 345 34.39 -13.21 40.05
CA ILE T 345 34.36 -11.76 40.21
C ILE T 345 35.35 -11.27 41.26
N GLY T 346 35.47 -12.00 42.37
CA GLY T 346 36.43 -11.65 43.40
C GLY T 346 37.86 -11.78 42.94
N TYR T 347 38.17 -12.83 42.20
CA TYR T 347 39.52 -13.02 41.69
C TYR T 347 39.88 -12.03 40.59
N VAL T 348 38.92 -11.60 39.78
CA VAL T 348 39.18 -10.51 38.85
C VAL T 348 39.42 -9.20 39.60
N GLY T 349 38.56 -8.88 40.56
CA GLY T 349 38.68 -7.64 41.33
C GLY T 349 39.91 -7.57 42.20
N ILE T 350 40.51 -8.72 42.53
CA ILE T 350 41.74 -8.71 43.29
C ILE T 350 42.98 -8.84 42.40
N THR T 351 42.86 -9.44 41.21
CA THR T 351 44.02 -9.54 40.34
C THR T 351 44.21 -8.27 39.52
N LEU T 352 43.23 -7.96 38.66
CA LEU T 352 43.32 -6.80 37.80
C LEU T 352 43.05 -5.52 38.59
N GLY T 353 41.89 -5.44 39.23
CA GLY T 353 41.53 -4.27 40.00
C GLY T 353 40.17 -3.73 39.63
N GLY T 354 39.27 -3.67 40.61
CA GLY T 354 37.92 -3.21 40.35
C GLY T 354 37.08 -4.25 39.61
N THR T 355 35.81 -3.90 39.40
CA THR T 355 34.87 -4.78 38.71
C THR T 355 34.15 -4.08 37.58
N MET T 356 34.72 -3.02 37.02
CA MET T 356 34.17 -2.41 35.82
C MET T 356 34.39 -3.33 34.64
N ILE T 357 33.48 -3.28 33.65
CA ILE T 357 33.58 -4.09 32.44
C ILE T 357 34.84 -3.75 31.65
N GLU T 358 35.26 -2.49 31.71
CA GLU T 358 36.43 -2.03 30.96
C GLU T 358 37.71 -2.68 31.49
N ASN T 359 37.76 -2.98 32.78
CA ASN T 359 38.84 -3.80 33.33
C ASN T 359 38.40 -5.22 33.59
N PHE T 360 37.22 -5.61 33.10
CA PHE T 360 36.80 -7.01 33.04
C PHE T 360 36.88 -7.57 31.63
N GLU T 361 36.97 -6.70 30.64
CA GLU T 361 36.97 -7.15 29.25
C GLU T 361 38.28 -7.87 28.93
N GLY T 362 38.17 -8.89 28.09
CA GLY T 362 39.36 -9.59 27.66
C GLY T 362 39.92 -10.58 28.65
N LEU T 363 39.20 -11.66 28.93
CA LEU T 363 39.68 -12.70 29.84
C LEU T 363 39.71 -14.07 29.21
N GLY T 364 39.59 -14.18 27.89
CA GLY T 364 39.68 -15.47 27.25
C GLY T 364 41.11 -15.98 27.26
N LYS T 365 42.00 -15.24 26.61
CA LYS T 365 43.41 -15.60 26.57
C LYS T 365 44.17 -15.04 27.77
N ARG T 366 43.73 -13.89 28.29
CA ARG T 366 44.45 -13.26 29.39
C ARG T 366 44.35 -14.06 30.67
N MET T 367 43.15 -14.41 31.06
CA MET T 367 43.00 -15.18 32.28
C MET T 367 42.95 -16.66 31.96
N PRO T 368 43.42 -17.49 32.86
CA PRO T 368 43.18 -18.94 32.73
C PRO T 368 41.73 -19.32 33.01
N LEU T 369 41.51 -20.62 33.20
CA LEU T 369 40.21 -21.27 33.32
C LEU T 369 39.32 -20.83 34.49
N THR T 370 39.76 -19.85 35.28
CA THR T 370 38.85 -19.09 36.13
C THR T 370 37.73 -18.45 35.31
N SER T 371 38.07 -17.93 34.12
CA SER T 371 37.06 -17.42 33.21
C SER T 371 36.16 -18.55 32.70
N LEU T 372 36.71 -19.75 32.57
CA LEU T 372 35.88 -20.91 32.28
C LEU T 372 34.97 -21.26 33.44
N SER T 373 35.39 -20.95 34.66
CA SER T 373 34.50 -21.17 35.82
C SER T 373 33.35 -20.18 35.82
N LEU T 374 33.61 -18.94 35.44
CA LEU T 374 32.51 -17.99 35.28
C LEU T 374 31.63 -18.39 34.09
N THR T 375 32.24 -18.97 33.05
CA THR T 375 31.47 -19.45 31.91
C THR T 375 30.52 -20.58 32.32
N ILE T 376 31.06 -21.61 32.97
CA ILE T 376 30.26 -22.75 33.38
C ILE T 376 29.37 -22.43 34.57
N GLY T 377 29.56 -21.28 35.21
CA GLY T 377 28.60 -20.81 36.19
C GLY T 377 27.46 -20.04 35.55
N GLY T 378 27.79 -19.15 34.61
CA GLY T 378 26.76 -18.36 33.96
C GLY T 378 25.90 -19.18 33.02
N ILE T 379 26.44 -20.30 32.54
CA ILE T 379 25.63 -21.27 31.81
C ILE T 379 24.56 -21.85 32.74
N ALA T 380 24.95 -22.13 33.99
CA ALA T 380 24.05 -22.74 34.95
C ALA T 380 23.34 -21.71 35.83
N THR T 381 22.60 -20.80 35.23
CA THR T 381 21.61 -20.06 35.98
C THR T 381 20.32 -20.05 35.17
N VAL T 382 20.46 -19.94 33.85
CA VAL T 382 19.34 -20.27 32.98
C VAL T 382 19.13 -21.78 32.94
N GLY T 383 20.18 -22.55 33.21
CA GLY T 383 20.10 -24.00 33.17
C GLY T 383 19.85 -24.50 31.78
N VAL T 384 20.81 -24.32 30.88
CA VAL T 384 20.64 -24.85 29.54
C VAL T 384 21.02 -26.33 29.37
N PRO T 385 22.24 -26.81 29.69
CA PRO T 385 22.54 -28.19 29.34
C PRO T 385 22.03 -29.16 30.38
N LEU T 386 22.45 -30.42 30.33
CA LEU T 386 22.09 -31.34 31.41
C LEU T 386 22.88 -30.94 32.64
N PHE T 387 22.37 -29.94 33.36
CA PHE T 387 23.05 -29.28 34.48
C PHE T 387 22.08 -29.33 35.65
N ASN T 388 22.41 -28.67 36.74
CA ASN T 388 21.62 -28.83 37.95
C ASN T 388 20.57 -27.76 38.15
N VAL T 389 20.85 -26.50 37.82
CA VAL T 389 19.82 -25.48 37.85
C VAL T 389 18.73 -25.71 36.82
N PHE T 390 19.04 -26.35 35.69
CA PHE T 390 18.03 -26.82 34.76
C PHE T 390 17.07 -27.82 35.40
N TRP T 391 17.59 -28.82 36.10
CA TRP T 391 16.77 -29.77 36.84
C TRP T 391 15.93 -29.06 37.89
N SER T 392 16.55 -28.14 38.62
CA SER T 392 15.88 -27.51 39.74
C SER T 392 14.82 -26.52 39.28
N LYS T 393 15.14 -25.71 38.26
CA LYS T 393 14.17 -24.74 37.77
C LYS T 393 13.01 -25.44 37.07
N LEU T 394 13.27 -26.60 36.45
CA LEU T 394 12.18 -27.40 35.93
C LEU T 394 11.30 -27.92 37.06
N ARG T 395 11.91 -28.26 38.20
CA ARG T 395 11.11 -28.73 39.33
C ARG T 395 10.27 -27.61 39.91
N ILE T 396 10.76 -26.37 39.84
CA ILE T 396 10.02 -25.25 40.42
C ILE T 396 8.89 -24.81 39.48
N ILE T 397 9.15 -24.80 38.17
CA ILE T 397 8.10 -24.39 37.23
C ILE T 397 7.01 -25.45 37.15
N LEU T 398 7.37 -26.73 37.25
CA LEU T 398 6.34 -27.75 37.37
C LEU T 398 5.66 -27.70 38.73
N ALA T 399 6.29 -27.10 39.74
CA ALA T 399 5.64 -26.96 41.03
C ALA T 399 4.52 -25.93 40.97
N ALA T 400 4.66 -24.93 40.13
CA ALA T 400 3.64 -23.89 40.00
C ALA T 400 2.60 -24.28 38.94
N ALA T 401 2.04 -25.46 39.14
CA ALA T 401 0.99 -25.97 38.26
C ALA T 401 -0.34 -26.09 38.97
N HIS T 402 -0.40 -26.84 40.06
CA HIS T 402 -1.67 -27.21 40.68
C HIS T 402 -2.35 -26.00 41.33
N GLU T 403 -1.56 -25.06 41.87
CA GLU T 403 -2.10 -23.87 42.50
C GLU T 403 -1.23 -22.68 42.13
N GLY T 404 -1.88 -21.56 41.81
CA GLY T 404 -1.19 -20.35 41.41
C GLY T 404 -0.46 -20.53 40.09
N ASN T 405 -1.22 -20.80 39.03
CA ASN T 405 -0.64 -21.20 37.77
C ASN T 405 -0.69 -20.07 36.75
N LEU T 406 0.29 -20.10 35.85
CA LEU T 406 0.37 -19.47 34.53
C LEU T 406 0.49 -17.96 34.54
N TRP T 407 0.11 -17.30 35.64
CA TRP T 407 0.66 -15.98 35.93
C TRP T 407 1.89 -16.01 36.84
N PRO T 408 1.95 -16.81 37.92
CA PRO T 408 3.23 -16.92 38.63
C PRO T 408 4.20 -17.90 37.98
N VAL T 409 3.92 -18.31 36.74
CA VAL T 409 4.89 -18.95 35.88
C VAL T 409 5.44 -17.97 34.87
N ALA T 410 4.58 -17.23 34.17
CA ALA T 410 4.99 -16.40 33.05
C ALA T 410 5.69 -15.11 33.48
N LEU T 411 6.11 -14.99 34.73
CA LEU T 411 7.00 -13.92 35.16
C LEU T 411 8.35 -14.44 35.60
N VAL T 412 8.39 -15.53 36.37
CA VAL T 412 9.67 -16.14 36.71
C VAL T 412 10.31 -16.76 35.48
N LEU T 413 9.51 -17.43 34.66
CA LEU T 413 9.98 -17.98 33.40
C LEU T 413 10.18 -16.91 32.35
N PHE T 414 9.62 -15.72 32.56
CA PHE T 414 9.97 -14.59 31.71
C PHE T 414 11.35 -14.07 32.05
N ALA T 415 11.73 -14.14 33.33
CA ALA T 415 12.98 -13.55 33.77
C ALA T 415 14.18 -14.35 33.27
N SER T 416 14.01 -15.67 33.13
CA SER T 416 15.08 -16.49 32.59
C SER T 416 15.31 -16.22 31.11
N VAL T 417 14.34 -15.65 30.41
CA VAL T 417 14.57 -15.11 29.08
C VAL T 417 15.41 -13.84 29.17
N VAL T 418 15.16 -13.01 30.18
CA VAL T 418 15.94 -11.79 30.35
C VAL T 418 17.32 -12.12 30.91
N GLU T 419 17.37 -13.11 31.82
CA GLU T 419 18.65 -13.55 32.37
C GLU T 419 19.49 -14.26 31.31
N ALA T 420 18.84 -14.76 30.26
CA ALA T 420 19.58 -15.28 29.11
C ALA T 420 20.32 -14.17 28.37
N VAL T 421 19.91 -12.92 28.54
CA VAL T 421 20.51 -11.84 27.78
C VAL T 421 21.74 -11.30 28.48
N TYR T 422 21.64 -11.00 29.79
CA TYR T 422 22.77 -10.33 30.41
C TYR T 422 23.88 -11.27 30.82
N TYR T 423 23.80 -12.56 30.49
CA TYR T 423 24.96 -13.41 30.67
C TYR T 423 25.74 -13.54 29.36
N PHE T 424 25.03 -13.68 28.26
CA PHE T 424 25.73 -13.78 26.99
C PHE T 424 25.98 -12.42 26.37
N ARG T 425 25.67 -11.34 27.08
CA ARG T 425 26.34 -10.09 26.80
C ARG T 425 27.56 -9.94 27.67
N LEU T 426 27.82 -10.91 28.54
CA LEU T 426 28.99 -10.87 29.41
C LEU T 426 30.00 -11.92 29.02
N ILE T 427 29.55 -13.14 28.72
CA ILE T 427 30.48 -14.19 28.32
C ILE T 427 31.05 -13.89 26.94
N HIS T 428 30.31 -13.13 26.13
CA HIS T 428 30.84 -12.75 24.83
C HIS T 428 31.95 -11.72 24.97
N THR T 429 31.81 -10.78 25.89
CA THR T 429 32.82 -9.73 26.00
C THR T 429 33.98 -10.12 26.90
N MET T 430 34.10 -11.40 27.24
CA MET T 430 35.28 -11.86 27.95
C MET T 430 36.01 -13.00 27.23
N TRP T 431 35.38 -13.62 26.24
CA TRP T 431 36.02 -14.69 25.50
C TRP T 431 36.35 -14.34 24.06
N PHE T 432 35.55 -13.51 23.41
CA PHE T 432 35.71 -13.27 21.98
C PHE T 432 35.86 -11.79 21.67
N LYS T 433 36.38 -11.01 22.61
CA LYS T 433 36.63 -9.60 22.35
C LYS T 433 38.01 -9.17 22.82
N GLY T 434 38.83 -10.12 23.30
CA GLY T 434 40.01 -9.86 24.10
C GLY T 434 41.09 -8.92 23.59
N LYS T 435 41.77 -9.33 22.52
CA LYS T 435 42.86 -8.56 21.87
C LYS T 435 44.00 -8.23 22.84
N SER T 436 44.24 -9.08 23.83
CA SER T 436 45.23 -8.80 24.87
C SER T 436 45.76 -10.08 25.52
N GLY T 437 46.96 -10.50 25.12
CA GLY T 437 47.57 -11.69 25.66
C GLY T 437 48.51 -11.48 26.83
N GLU T 438 47.98 -11.11 28.00
CA GLU T 438 48.78 -10.99 29.22
C GLU T 438 48.50 -12.21 30.08
N ARG T 439 49.53 -13.04 30.31
CA ARG T 439 49.33 -14.37 30.86
C ARG T 439 48.79 -14.36 32.29
N ILE T 440 49.38 -13.52 33.15
CA ILE T 440 49.03 -13.21 34.55
C ILE T 440 48.64 -14.46 35.34
N PRO T 441 49.61 -15.28 35.75
CA PRO T 441 49.29 -16.60 36.29
C PRO T 441 48.61 -16.53 37.65
N GLU T 442 47.58 -17.36 37.80
CA GLU T 442 46.76 -17.37 39.01
C GLU T 442 46.44 -18.80 39.42
N GLY T 443 47.44 -19.67 39.46
CA GLY T 443 47.21 -21.07 39.68
C GLY T 443 46.98 -21.51 41.12
N ALA T 444 46.48 -20.60 41.96
CA ALA T 444 46.16 -20.96 43.33
C ALA T 444 44.70 -21.34 43.51
N ILE T 445 43.86 -21.05 42.51
CA ILE T 445 42.45 -21.40 42.59
C ILE T 445 42.08 -22.09 41.27
N ALA T 446 43.10 -22.30 40.43
CA ALA T 446 42.93 -23.03 39.18
C ALA T 446 42.50 -24.47 39.38
N ILE T 447 42.70 -25.02 40.58
CA ILE T 447 42.24 -26.36 40.90
C ILE T 447 41.05 -26.34 41.86
N VAL T 448 40.98 -25.39 42.79
CA VAL T 448 40.03 -25.51 43.89
C VAL T 448 38.63 -25.07 43.45
N LEU T 449 38.56 -23.97 42.71
CA LEU T 449 37.31 -23.55 42.10
C LEU T 449 36.88 -24.54 41.02
N LEU T 450 37.83 -25.27 40.44
CA LEU T 450 37.50 -26.17 39.35
C LEU T 450 37.02 -27.52 39.87
N LEU T 451 37.53 -27.96 41.02
CA LEU T 451 36.92 -29.12 41.68
C LEU T 451 35.53 -28.77 42.18
N LEU T 452 35.30 -27.50 42.52
CA LEU T 452 33.93 -27.05 42.71
C LEU T 452 33.18 -27.03 41.39
N ALA T 453 33.86 -26.64 40.31
CA ALA T 453 33.21 -26.60 39.00
C ALA T 453 32.96 -28.00 38.45
N MET T 454 33.66 -29.00 38.99
CA MET T 454 33.36 -30.38 38.62
C MET T 454 32.34 -30.98 39.59
N LEU T 455 31.92 -30.21 40.58
CA LEU T 455 30.88 -30.67 41.50
C LEU T 455 29.51 -30.34 40.93
N ILE T 456 29.43 -29.32 40.05
CA ILE T 456 28.18 -29.06 39.37
C ILE T 456 28.05 -29.85 38.09
N ILE T 457 29.11 -30.56 37.68
CA ILE T 457 28.98 -31.39 36.49
C ILE T 457 28.56 -32.80 36.84
N VAL T 458 28.64 -33.19 38.12
CA VAL T 458 28.32 -34.54 38.54
C VAL T 458 26.88 -34.60 39.03
N ILE T 459 26.40 -33.50 39.60
CA ILE T 459 25.01 -33.40 40.01
C ILE T 459 24.18 -33.15 38.77
N GLY T 460 24.80 -32.61 37.72
CA GLY T 460 24.12 -32.40 36.47
C GLY T 460 23.79 -33.68 35.74
N VAL T 461 24.59 -34.73 35.94
CA VAL T 461 24.32 -35.99 35.28
C VAL T 461 23.71 -37.01 36.23
N TYR T 462 23.91 -36.85 37.55
CA TYR T 462 23.36 -37.76 38.55
C TYR T 462 22.51 -36.99 39.56
N PRO T 463 21.29 -36.58 39.21
CA PRO T 463 20.44 -35.95 40.22
C PRO T 463 19.79 -36.94 41.16
N THR T 464 19.43 -38.14 40.67
CA THR T 464 18.79 -39.14 41.52
C THR T 464 19.62 -39.69 42.68
N PRO T 465 20.96 -39.62 42.73
CA PRO T 465 21.60 -39.82 44.04
C PRO T 465 21.44 -38.65 44.98
N PHE T 466 21.03 -37.48 44.49
CA PHE T 466 20.82 -36.33 45.35
C PHE T 466 19.36 -35.92 45.49
N TRP T 467 18.52 -36.30 44.54
CA TRP T 467 17.10 -36.00 44.65
C TRP T 467 16.39 -36.92 45.62
N ASN T 468 16.98 -38.08 45.93
CA ASN T 468 16.41 -38.90 46.98
C ASN T 468 16.62 -38.32 48.37
N LEU T 469 17.60 -37.41 48.52
CA LEU T 469 17.82 -36.78 49.82
C LEU T 469 16.70 -35.82 50.16
N VAL T 470 16.32 -34.97 49.20
CA VAL T 470 15.32 -33.93 49.46
C VAL T 470 13.92 -34.47 49.56
N THR T 471 13.68 -35.73 49.21
CA THR T 471 12.40 -36.35 49.52
C THR T 471 12.25 -36.55 51.02
N LYS T 472 13.26 -37.14 51.66
CA LYS T 472 13.27 -37.27 53.10
C LYS T 472 13.68 -36.00 53.81
N ALA T 473 14.22 -35.01 53.09
CA ALA T 473 14.52 -33.71 53.65
C ALA T 473 13.41 -32.69 53.39
N GLY T 474 12.33 -33.10 52.75
CA GLY T 474 11.18 -32.23 52.61
C GLY T 474 10.23 -32.48 53.76
N SER T 475 10.45 -33.57 54.48
CA SER T 475 9.60 -34.02 55.59
C SER T 475 9.71 -33.17 56.82
N ASP T 476 10.53 -32.12 56.83
CA ASP T 476 10.57 -31.18 57.93
C ASP T 476 9.70 -29.96 57.69
N ILE T 477 9.25 -29.74 56.45
CA ILE T 477 8.49 -28.55 56.09
C ILE T 477 7.10 -28.90 55.56
N VAL T 478 6.93 -30.13 55.05
CA VAL T 478 5.68 -30.48 54.39
C VAL T 478 4.52 -30.56 55.39
N GLU T 479 4.80 -31.02 56.60
CA GLU T 479 3.76 -31.40 57.53
C GLU T 479 4.04 -30.82 58.91
N VAL T 480 3.18 -31.19 59.86
CA VAL T 480 3.31 -30.76 61.23
C VAL T 480 3.26 -31.96 62.16
N SER T 481 2.56 -33.02 61.73
CA SER T 481 2.22 -34.09 62.65
C SER T 481 3.40 -35.02 62.91
N LYS T 482 4.11 -35.44 61.86
CA LYS T 482 5.34 -36.19 62.08
C LYS T 482 6.46 -35.30 62.58
N TYR T 483 6.37 -33.99 62.38
CA TYR T 483 7.34 -33.08 63.00
C TYR T 483 7.11 -32.97 64.51
N VAL T 484 5.85 -32.80 64.92
CA VAL T 484 5.54 -32.60 66.34
C VAL T 484 5.78 -33.89 67.12
N ALA T 485 5.31 -35.02 66.57
CA ALA T 485 5.47 -36.30 67.24
C ALA T 485 6.92 -36.76 67.31
N ASN T 486 7.79 -36.23 66.45
CA ASN T 486 9.23 -36.43 66.59
C ASN T 486 9.89 -35.38 67.46
N VAL T 487 9.11 -34.59 68.20
CA VAL T 487 9.62 -33.71 69.24
C VAL T 487 9.10 -34.12 70.61
N LEU T 488 7.78 -34.18 70.77
CA LEU T 488 7.19 -34.61 72.03
C LEU T 488 7.16 -36.13 72.11
N ASN U 2 19.77 -50.85 28.16
CA ASN U 2 20.31 -51.95 27.36
C ASN U 2 20.87 -51.45 26.03
N GLU U 3 20.05 -51.52 24.98
CA GLU U 3 20.48 -51.15 23.63
C GLU U 3 19.90 -49.81 23.21
N LEU U 4 18.92 -49.33 23.95
CA LEU U 4 18.29 -48.03 23.73
C LEU U 4 19.01 -46.82 24.34
N PRO U 5 19.51 -46.83 25.63
CA PRO U 5 20.06 -45.58 26.15
C PRO U 5 21.46 -45.25 25.68
N ILE U 6 22.17 -46.22 25.12
CA ILE U 6 23.57 -46.06 24.73
C ILE U 6 23.66 -45.06 23.59
N ILE U 7 22.64 -45.02 22.74
CA ILE U 7 22.67 -44.17 21.56
C ILE U 7 22.30 -42.74 21.92
N LEU U 8 21.85 -42.52 23.16
CA LEU U 8 21.55 -41.16 23.60
C LEU U 8 22.73 -40.54 24.30
N LEU U 9 23.56 -41.35 24.93
CA LEU U 9 24.77 -40.86 25.56
C LEU U 9 25.95 -40.80 24.60
N SER U 10 25.88 -41.56 23.50
CA SER U 10 26.99 -41.68 22.56
C SER U 10 27.38 -40.38 21.85
N PRO U 11 26.45 -39.52 21.39
CA PRO U 11 26.93 -38.20 20.91
C PRO U 11 27.28 -37.26 22.04
N LEU U 12 26.67 -37.43 23.23
CA LEU U 12 27.10 -36.69 24.41
C LEU U 12 28.50 -37.12 24.83
N ILE U 13 28.78 -38.43 24.74
CA ILE U 13 30.12 -38.90 25.11
C ILE U 13 31.11 -38.53 24.02
N GLY U 14 30.63 -38.38 22.78
CA GLY U 14 31.51 -37.91 21.71
C GLY U 14 31.86 -36.45 21.85
N GLY U 15 30.92 -35.64 22.33
CA GLY U 15 31.20 -34.27 22.68
C GLY U 15 32.10 -34.19 23.89
N ALA U 16 31.98 -35.17 24.78
CA ALA U 16 32.80 -35.18 25.98
C ALA U 16 34.23 -35.60 25.67
N LEU U 17 34.39 -36.65 24.85
CA LEU U 17 35.73 -37.21 24.63
C LEU U 17 36.57 -36.29 23.76
N ALA U 18 35.95 -35.56 22.83
CA ALA U 18 36.72 -34.71 21.95
C ALA U 18 36.95 -33.33 22.54
N TRP U 19 37.44 -33.29 23.77
CA TRP U 19 37.83 -32.06 24.43
C TRP U 19 39.20 -32.26 25.08
N LEU U 20 39.43 -33.46 25.60
CA LEU U 20 40.67 -33.84 26.25
C LEU U 20 41.70 -34.38 25.27
N ILE U 21 41.27 -34.86 24.11
CA ILE U 21 42.12 -35.65 23.23
C ILE U 21 42.84 -34.77 22.21
N ARG U 22 42.94 -33.47 22.45
CA ARG U 22 43.60 -32.56 21.51
C ARG U 22 45.13 -32.62 21.61
N VAL U 23 45.69 -33.83 21.51
CA VAL U 23 47.12 -34.01 21.52
C VAL U 23 47.67 -34.30 20.12
N LYS U 24 46.91 -34.98 19.27
CA LYS U 24 47.37 -35.45 17.98
C LYS U 24 46.28 -35.15 16.96
N GLY U 25 46.43 -35.72 15.77
CA GLY U 25 45.38 -35.64 14.77
C GLY U 25 44.35 -36.74 14.90
N ILE U 26 43.95 -37.03 16.13
CA ILE U 26 43.03 -38.12 16.43
C ILE U 26 41.68 -37.61 16.93
N ARG U 27 41.56 -36.29 17.15
CA ARG U 27 40.27 -35.71 17.50
C ARG U 27 39.28 -35.75 16.34
N GLU U 28 39.76 -35.91 15.12
CA GLU U 28 38.87 -36.12 13.99
C GLU U 28 38.36 -37.56 13.96
N ALA U 29 39.29 -38.52 13.96
CA ALA U 29 39.01 -39.93 13.69
C ALA U 29 38.12 -40.58 14.75
N ILE U 30 38.58 -40.62 16.00
CA ILE U 30 37.77 -41.22 17.05
C ILE U 30 36.62 -40.31 17.46
N GLY U 31 36.67 -39.03 17.09
CA GLY U 31 35.57 -38.14 17.35
C GLY U 31 34.39 -38.35 16.43
N VAL U 32 34.66 -38.68 15.16
CA VAL U 32 33.57 -38.78 14.19
C VAL U 32 32.90 -40.15 14.27
N VAL U 33 33.63 -41.18 14.72
CA VAL U 33 33.01 -42.49 14.85
C VAL U 33 32.25 -42.58 16.16
N SER U 34 32.45 -41.60 17.05
CA SER U 34 31.62 -41.48 18.24
C SER U 34 30.20 -41.08 17.87
N SER U 35 30.03 -40.38 16.76
CA SER U 35 28.71 -40.07 16.23
C SER U 35 28.29 -40.97 15.08
N ALA U 36 29.07 -42.00 14.76
CA ALA U 36 28.75 -42.88 13.66
C ALA U 36 28.17 -44.22 14.12
N ILE U 37 28.28 -44.54 15.40
CA ILE U 37 27.58 -45.70 15.96
C ILE U 37 26.05 -45.61 16.07
N PRO U 38 25.34 -44.45 16.15
CA PRO U 38 23.87 -44.53 16.18
C PRO U 38 23.21 -45.08 14.93
N LEU U 39 23.82 -44.97 13.75
CA LEU U 39 23.26 -45.65 12.60
C LEU U 39 23.38 -47.17 12.76
N TYR U 40 24.52 -47.62 13.30
CA TYR U 40 24.75 -49.05 13.47
C TYR U 40 23.87 -49.62 14.57
N PHE U 41 23.47 -48.78 15.51
CA PHE U 41 22.60 -49.26 16.57
C PHE U 41 21.13 -49.17 16.20
N LEU U 42 20.74 -48.14 15.42
CA LEU U 42 19.35 -48.04 14.96
C LEU U 42 19.00 -49.15 13.98
N ILE U 43 19.89 -49.44 13.04
CA ILE U 43 19.59 -50.48 12.06
C ILE U 43 19.69 -51.87 12.70
N LYS U 44 20.45 -52.00 13.80
CA LYS U 44 20.43 -53.24 14.55
C LYS U 44 19.10 -53.47 15.25
N LEU U 45 18.40 -52.39 15.63
CA LEU U 45 17.10 -52.51 16.27
C LEU U 45 15.96 -52.19 15.33
N TYR U 46 16.21 -52.08 14.03
CA TYR U 46 15.12 -51.88 13.09
C TYR U 46 14.20 -53.09 12.93
N PRO U 47 14.67 -54.35 12.85
CA PRO U 47 13.68 -55.44 12.76
C PRO U 47 12.89 -55.70 14.03
N ALA U 48 13.30 -55.14 15.16
CA ALA U 48 12.56 -55.36 16.39
C ALA U 48 11.45 -54.34 16.58
N LEU U 49 11.27 -53.46 15.60
CA LEU U 49 10.14 -52.55 15.60
C LEU U 49 8.82 -53.25 15.32
N GLU U 50 8.86 -54.34 14.55
CA GLU U 50 7.66 -55.09 14.23
C GLU U 50 7.17 -55.88 15.44
N GLY U 51 8.11 -56.31 16.28
CA GLY U 51 7.79 -56.83 17.60
C GLY U 51 7.26 -55.74 18.51
N GLU U 52 6.62 -56.15 19.62
CA GLU U 52 6.04 -55.26 20.62
C GLU U 52 7.09 -54.31 21.18
N PRO U 53 6.75 -53.02 21.43
CA PRO U 53 7.73 -51.94 21.30
C PRO U 53 8.87 -51.93 22.30
N ILE U 54 9.90 -51.16 22.00
CA ILE U 54 11.12 -51.13 22.79
C ILE U 54 11.05 -49.91 23.69
N ARG U 55 11.14 -50.11 25.00
CA ARG U 55 11.17 -48.95 25.87
C ARG U 55 12.18 -49.11 27.01
N TYR U 56 12.27 -48.08 27.84
CA TYR U 56 13.27 -47.99 28.90
C TYR U 56 12.80 -46.88 29.83
N SER U 57 13.15 -46.94 31.12
CA SER U 57 12.63 -45.94 32.05
C SER U 57 13.71 -45.02 32.59
N LEU U 58 14.69 -45.55 33.33
CA LEU U 58 15.77 -44.79 33.98
C LEU U 58 15.21 -43.64 34.82
N ASN U 59 14.57 -44.01 35.93
CA ASN U 59 13.97 -43.00 36.81
C ASN U 59 15.06 -42.16 37.45
N VAL U 60 15.25 -40.95 36.93
CA VAL U 60 16.34 -40.07 37.32
C VAL U 60 15.75 -38.70 37.63
N GLY U 61 16.21 -38.11 38.74
CA GLY U 61 15.60 -36.90 39.24
C GLY U 61 14.20 -37.09 39.76
N GLY U 62 13.79 -38.33 40.02
CA GLY U 62 12.44 -38.65 40.42
C GLY U 62 11.42 -38.66 39.31
N PHE U 63 11.83 -38.39 38.08
CA PHE U 63 10.91 -38.37 36.96
C PHE U 63 10.78 -39.76 36.35
N GLU U 64 10.16 -39.82 35.18
CA GLU U 64 9.90 -41.09 34.52
C GLU U 64 10.89 -41.35 33.38
N LEU U 65 10.96 -40.44 32.41
CA LEU U 65 11.84 -40.51 31.23
C LEU U 65 11.64 -41.79 30.43
N THR U 66 10.38 -42.13 30.16
CA THR U 66 10.12 -43.33 29.36
C THR U 66 10.49 -43.03 27.92
N LEU U 67 11.71 -43.41 27.54
CA LEU U 67 12.11 -43.41 26.14
C LEU U 67 11.50 -44.63 25.46
N ALA U 68 10.87 -44.42 24.32
CA ALA U 68 10.36 -45.54 23.54
C ALA U 68 10.35 -45.14 22.07
N LEU U 69 10.58 -46.12 21.21
CA LEU U 69 10.82 -45.88 19.79
C LEU U 69 9.64 -46.42 19.01
N SER U 70 8.86 -45.52 18.42
CA SER U 70 7.66 -45.89 17.69
C SER U 70 8.01 -46.21 16.24
N HIS U 71 6.99 -46.31 15.40
CA HIS U 71 7.18 -46.63 14.00
C HIS U 71 7.69 -45.43 13.21
N ILE U 72 7.46 -44.22 13.69
CA ILE U 72 7.77 -43.00 12.95
C ILE U 72 8.87 -42.20 13.62
N SER U 73 8.97 -42.31 14.95
CA SER U 73 10.09 -41.70 15.67
C SER U 73 11.41 -42.32 15.25
N TRP U 74 11.39 -43.60 14.90
CA TRP U 74 12.58 -44.23 14.31
C TRP U 74 12.92 -43.61 12.97
N ILE U 75 11.90 -43.22 12.19
CA ILE U 75 12.14 -42.68 10.86
C ILE U 75 12.84 -41.32 10.96
N PHE U 76 12.35 -40.47 11.85
CA PHE U 76 13.03 -39.21 12.10
C PHE U 76 14.39 -39.42 12.75
N ALA U 77 14.54 -40.47 13.56
CA ALA U 77 15.86 -40.72 14.16
C ALA U 77 16.83 -41.29 13.14
N MET U 78 16.34 -41.99 12.12
CA MET U 78 17.22 -42.54 11.10
C MET U 78 17.76 -41.42 10.23
N ILE U 79 16.90 -40.46 9.89
CA ILE U 79 17.42 -39.31 9.15
C ILE U 79 18.25 -38.43 10.07
N ALA U 80 17.99 -38.48 11.39
CA ALA U 80 18.84 -37.77 12.34
C ALA U 80 20.26 -38.31 12.32
N ALA U 81 20.39 -39.64 12.30
CA ALA U 81 21.70 -40.26 12.26
C ALA U 81 22.40 -39.99 10.94
N VAL U 82 21.70 -40.11 9.81
CA VAL U 82 22.40 -40.03 8.53
C VAL U 82 22.72 -38.58 8.16
N VAL U 83 21.87 -37.62 8.55
CA VAL U 83 22.18 -36.22 8.25
C VAL U 83 23.21 -35.71 9.25
N GLY U 84 23.07 -36.09 10.52
CA GLY U 84 24.08 -35.76 11.50
C GLY U 84 25.41 -36.42 11.24
N LEU U 85 25.42 -37.55 10.53
CA LEU U 85 26.69 -38.12 10.08
C LEU U 85 27.26 -37.32 8.91
N SER U 86 26.41 -37.01 7.91
CA SER U 86 26.89 -36.42 6.67
C SER U 86 27.40 -35.01 6.87
N ALA U 87 27.00 -34.37 7.96
CA ALA U 87 27.63 -33.10 8.33
C ALA U 87 28.91 -33.34 9.12
N VAL U 88 28.93 -34.35 10.00
CA VAL U 88 30.02 -34.41 10.96
C VAL U 88 31.28 -35.00 10.35
N LEU U 89 31.15 -35.84 9.30
CA LEU U 89 32.39 -36.26 8.66
C LEU U 89 32.83 -35.22 7.65
N GLY U 90 31.97 -34.28 7.31
CA GLY U 90 32.38 -33.04 6.70
C GLY U 90 32.80 -32.00 7.70
N LEU U 91 32.64 -32.26 8.98
CA LEU U 91 33.07 -31.34 10.04
C LEU U 91 34.46 -31.66 10.53
N VAL U 92 35.13 -32.67 9.97
CA VAL U 92 36.49 -32.97 10.41
C VAL U 92 37.46 -31.93 9.87
N SER U 93 37.05 -31.20 8.83
CA SER U 93 37.69 -29.97 8.42
C SER U 93 36.75 -28.82 8.78
N THR U 94 37.15 -27.60 8.35
CA THR U 94 36.38 -26.35 8.53
C THR U 94 36.05 -26.09 10.00
N ALA U 95 37.02 -26.30 10.85
CA ALA U 95 36.81 -26.04 12.27
C ALA U 95 37.76 -25.01 12.83
N LYS U 96 39.05 -25.10 12.49
CA LYS U 96 40.20 -24.32 12.97
C LYS U 96 40.21 -24.07 14.48
N ASP U 97 39.70 -25.02 15.25
CA ASP U 97 39.74 -25.00 16.71
C ASP U 97 39.50 -26.41 17.22
N SER U 98 39.55 -26.56 18.54
CA SER U 98 39.15 -27.79 19.19
C SER U 98 37.85 -27.65 19.94
N ASN U 99 37.29 -26.44 20.03
CA ASN U 99 36.07 -26.18 20.76
C ASN U 99 34.83 -26.29 19.87
N GLU U 100 34.90 -27.09 18.82
CA GLU U 100 33.76 -27.32 17.94
C GLU U 100 33.03 -28.61 18.28
N TRP U 101 33.77 -29.66 18.60
CA TRP U 101 33.15 -30.98 18.70
C TRP U 101 32.39 -31.14 20.02
N LEU U 102 32.57 -30.21 20.96
CA LEU U 102 31.87 -30.31 22.23
C LEU U 102 30.39 -29.99 22.09
N PHE U 103 30.04 -29.13 21.14
CA PHE U 103 28.67 -28.69 20.98
C PHE U 103 27.98 -29.33 19.79
N ALA U 104 28.70 -29.53 18.69
CA ALA U 104 28.08 -30.10 17.50
C ALA U 104 27.75 -31.57 17.68
N LEU U 105 28.38 -32.22 18.66
CA LEU U 105 27.98 -33.57 19.00
C LEU U 105 26.97 -33.58 20.14
N MET U 106 26.96 -32.53 20.96
CA MET U 106 25.91 -32.40 21.96
C MET U 106 24.56 -32.13 21.30
N SER U 107 24.60 -31.45 20.15
CA SER U 107 23.38 -31.16 19.41
C SER U 107 22.76 -32.42 18.82
N LEU U 108 23.59 -33.37 18.40
CA LEU U 108 23.05 -34.60 17.84
C LEU U 108 22.45 -35.47 18.92
N ALA U 109 22.99 -35.41 20.13
CA ALA U 109 22.34 -36.09 21.24
C ALA U 109 21.09 -35.37 21.71
N GLY U 110 20.95 -34.10 21.40
CA GLY U 110 19.66 -33.46 21.56
C GLY U 110 18.70 -33.95 20.50
N ALA U 111 19.22 -34.15 19.30
CA ALA U 111 18.38 -34.51 18.16
C ALA U 111 17.85 -35.93 18.28
N LEU U 112 18.70 -36.87 18.72
CA LEU U 112 18.23 -38.23 18.97
C LEU U 112 17.33 -38.27 20.21
N GLY U 113 17.45 -37.28 21.08
CA GLY U 113 16.63 -37.25 22.27
C GLY U 113 15.20 -36.80 22.03
N VAL U 114 15.02 -35.78 21.18
CA VAL U 114 13.67 -35.33 20.88
C VAL U 114 12.92 -36.37 20.06
N PHE U 115 13.62 -37.06 19.18
CA PHE U 115 12.96 -38.07 18.35
C PHE U 115 12.63 -39.32 19.15
N LEU U 116 13.56 -39.77 19.99
CA LEU U 116 13.25 -40.90 20.85
C LEU U 116 12.56 -40.48 22.14
N ALA U 117 11.91 -39.33 22.17
CA ALA U 117 11.17 -38.89 23.34
C ALA U 117 9.77 -39.48 23.28
N ASN U 118 9.48 -40.39 24.20
CA ASN U 118 8.14 -40.90 24.37
C ASN U 118 7.49 -40.39 25.65
N ASP U 119 8.27 -39.88 26.59
CA ASP U 119 7.75 -39.09 27.69
C ASP U 119 7.95 -37.62 27.37
N PHE U 120 7.67 -36.76 28.35
CA PHE U 120 7.96 -35.34 28.19
C PHE U 120 9.21 -34.89 28.93
N VAL U 121 9.52 -35.52 30.07
CA VAL U 121 10.69 -35.10 30.82
C VAL U 121 11.98 -35.55 30.14
N VAL U 122 11.90 -36.39 29.12
CA VAL U 122 13.03 -36.58 28.22
C VAL U 122 12.93 -35.63 27.04
N PHE U 123 11.72 -35.15 26.74
CA PHE U 123 11.50 -34.32 25.57
C PHE U 123 12.08 -32.92 25.77
N PHE U 124 11.67 -32.25 26.84
CA PHE U 124 12.08 -30.87 27.02
C PHE U 124 13.55 -30.76 27.43
N LEU U 125 14.05 -31.78 28.14
CA LEU U 125 15.48 -31.85 28.45
C LEU U 125 16.32 -31.89 27.18
N SER U 126 15.94 -32.77 26.25
CA SER U 126 16.69 -32.90 25.01
C SER U 126 16.53 -31.67 24.13
N TRP U 127 15.35 -31.05 24.17
CA TRP U 127 15.10 -29.85 23.40
C TRP U 127 15.93 -28.69 23.91
N GLU U 128 16.07 -28.57 25.22
CA GLU U 128 16.87 -27.50 25.79
C GLU U 128 18.36 -27.71 25.54
N ILE U 129 18.81 -28.96 25.59
CA ILE U 129 20.19 -29.29 25.26
C ILE U 129 20.48 -28.95 23.81
N MET U 130 19.54 -29.26 22.92
CA MET U 130 19.69 -28.97 21.50
C MET U 130 19.76 -27.47 21.22
N THR U 131 18.87 -26.70 21.84
CA THR U 131 18.87 -25.24 21.73
C THR U 131 20.19 -24.65 22.21
N PHE U 132 20.69 -25.12 23.35
CA PHE U 132 21.96 -24.62 23.87
C PHE U 132 23.12 -24.95 22.96
N ALA U 133 23.17 -26.18 22.45
CA ALA U 133 24.29 -26.60 21.63
C ALA U 133 24.34 -25.85 20.32
N SER U 134 23.17 -25.60 19.72
CA SER U 134 23.12 -24.84 18.48
C SER U 134 23.47 -23.38 18.71
N PHE U 135 23.00 -22.82 19.83
CA PHE U 135 23.35 -21.45 20.17
C PHE U 135 24.84 -21.29 20.38
N MET U 136 25.43 -22.14 21.23
CA MET U 136 26.86 -22.06 21.52
C MET U 136 27.71 -22.41 20.32
N MET U 137 27.13 -23.08 19.32
CA MET U 137 27.84 -23.21 18.05
C MET U 137 27.85 -21.90 17.29
N VAL U 138 26.73 -21.19 17.27
CA VAL U 138 26.67 -19.95 16.51
C VAL U 138 27.11 -18.77 17.39
N PHE U 139 27.50 -19.08 18.63
CA PHE U 139 28.05 -18.08 19.55
C PHE U 139 29.57 -18.11 19.47
N LYS U 140 30.06 -17.74 18.29
CA LYS U 140 31.49 -17.53 18.11
C LYS U 140 31.82 -16.18 17.52
N TYR U 141 30.90 -15.57 16.77
CA TYR U 141 31.08 -14.26 16.17
C TYR U 141 29.71 -13.74 15.76
N ASN U 142 29.61 -12.41 15.69
CA ASN U 142 28.35 -11.68 15.50
C ASN U 142 27.32 -12.07 16.55
N ARG U 143 27.63 -11.68 17.78
CA ARG U 143 26.85 -11.93 18.98
C ARG U 143 25.39 -11.54 18.87
N HIS U 144 25.12 -10.42 18.17
CA HIS U 144 23.74 -9.95 18.04
C HIS U 144 22.91 -10.92 17.22
N ALA U 145 23.54 -11.60 16.27
CA ALA U 145 22.85 -12.63 15.51
C ALA U 145 22.60 -13.86 16.36
N SER U 146 23.52 -14.14 17.28
CA SER U 146 23.43 -15.37 18.06
C SER U 146 22.39 -15.25 19.16
N LEU U 147 22.41 -14.12 19.87
CA LEU U 147 21.59 -13.96 21.06
C LEU U 147 20.12 -13.81 20.69
N LYS U 148 19.84 -13.36 19.48
CA LYS U 148 18.47 -13.28 19.01
C LYS U 148 17.88 -14.67 18.85
N TYR U 149 18.66 -15.59 18.28
CA TYR U 149 18.24 -16.99 18.20
C TYR U 149 18.06 -17.59 19.58
N PHE U 150 18.93 -17.22 20.52
CA PHE U 150 18.84 -17.83 21.83
C PHE U 150 17.63 -17.34 22.59
N VAL U 151 17.32 -16.04 22.52
CA VAL U 151 16.16 -15.50 23.24
C VAL U 151 14.88 -16.06 22.66
N LEU U 152 14.80 -16.16 21.34
CA LEU U 152 13.58 -16.69 20.71
C LEU U 152 13.40 -18.17 21.02
N SER U 153 14.48 -18.95 20.96
CA SER U 153 14.29 -20.38 21.18
C SER U 153 14.13 -20.72 22.65
N ILE U 154 14.68 -19.89 23.55
CA ILE U 154 14.37 -20.07 24.96
C ILE U 154 12.94 -19.68 25.25
N ALA U 155 12.41 -18.66 24.56
CA ALA U 155 11.01 -18.31 24.70
C ALA U 155 10.11 -19.42 24.20
N GLY U 156 10.53 -20.12 23.14
CA GLY U 156 9.76 -21.26 22.67
C GLY U 156 9.83 -22.45 23.62
N ALA U 157 11.05 -22.77 24.08
CA ALA U 157 11.25 -23.86 25.04
C ALA U 157 10.49 -23.62 26.32
N TYR U 158 10.53 -22.39 26.81
CA TYR U 158 9.92 -22.10 28.09
C TYR U 158 8.43 -21.82 27.97
N ALA U 159 7.93 -21.41 26.81
CA ALA U 159 6.48 -21.42 26.63
C ALA U 159 5.97 -22.84 26.51
N MET U 160 6.80 -23.76 26.01
CA MET U 160 6.45 -25.17 26.08
C MET U 160 6.46 -25.66 27.52
N LEU U 161 7.35 -25.12 28.35
CA LEU U 161 7.33 -25.44 29.77
C LEU U 161 6.08 -24.89 30.45
N LEU U 162 5.59 -23.74 29.98
CA LEU U 162 4.34 -23.19 30.49
C LEU U 162 3.16 -24.06 30.07
N ALA U 163 3.15 -24.50 28.80
CA ALA U 163 2.07 -25.35 28.31
C ALA U 163 2.09 -26.72 28.97
N ILE U 164 3.28 -27.25 29.26
CA ILE U 164 3.32 -28.53 29.95
C ILE U 164 2.98 -28.36 31.41
N GLY U 165 3.19 -27.16 31.97
CA GLY U 165 2.72 -26.90 33.32
C GLY U 165 1.21 -26.90 33.40
N ILE U 166 0.55 -26.35 32.39
CA ILE U 166 -0.91 -26.31 32.38
C ILE U 166 -1.48 -27.70 32.12
N ILE U 167 -0.89 -28.46 31.20
CA ILE U 167 -1.42 -29.79 30.92
C ILE U 167 -0.98 -30.82 31.95
N TYR U 168 -0.01 -30.48 32.81
CA TYR U 168 0.25 -31.31 33.98
C TYR U 168 -0.64 -30.94 35.15
N ALA U 169 -1.06 -29.67 35.21
CA ALA U 169 -1.98 -29.24 36.25
C ALA U 169 -3.38 -29.80 36.03
N LYS U 170 -3.93 -29.54 34.83
CA LYS U 170 -5.33 -29.85 34.55
C LYS U 170 -5.60 -31.34 34.51
N THR U 171 -4.62 -32.15 34.18
CA THR U 171 -4.77 -33.59 34.18
C THR U 171 -4.28 -34.24 35.46
N GLY U 172 -3.13 -33.80 35.97
CA GLY U 172 -2.58 -34.39 37.17
C GLY U 172 -1.36 -35.24 36.91
N SER U 173 -1.37 -35.98 35.81
CA SER U 173 -0.28 -36.88 35.49
C SER U 173 0.60 -36.27 34.41
N LEU U 174 1.86 -36.70 34.38
CA LEU U 174 2.88 -36.14 33.50
C LEU U 174 3.19 -37.02 32.30
N SER U 175 2.87 -38.31 32.37
CA SER U 175 3.34 -39.26 31.37
C SER U 175 2.63 -39.06 30.04
N PHE U 176 3.41 -38.91 29.01
CA PHE U 176 3.02 -38.66 27.63
C PHE U 176 2.29 -39.81 26.93
N PRO U 177 2.59 -41.11 27.16
CA PRO U 177 1.73 -42.14 26.52
C PRO U 177 0.31 -42.17 27.02
N GLU U 178 0.07 -42.00 28.32
CA GLU U 178 -1.29 -42.06 28.83
C GLU U 178 -2.05 -40.76 28.67
N ILE U 179 -1.35 -39.65 28.39
CA ILE U 179 -2.05 -38.37 28.31
C ILE U 179 -2.80 -38.23 26.99
N SER U 180 -2.51 -39.10 26.02
CA SER U 180 -3.38 -39.16 24.85
C SER U 180 -4.66 -39.91 25.15
N ALA U 181 -4.64 -40.81 26.15
CA ALA U 181 -5.83 -41.58 26.47
C ALA U 181 -6.85 -40.72 27.20
N ILE U 182 -6.39 -39.83 28.09
CA ILE U 182 -7.34 -38.99 28.82
C ILE U 182 -7.83 -37.85 27.94
N PHE U 183 -7.09 -37.48 26.90
CA PHE U 183 -7.66 -36.55 25.95
C PHE U 183 -8.69 -37.22 25.07
N ARG U 184 -8.56 -38.52 24.83
CA ARG U 184 -9.67 -39.29 24.27
C ARG U 184 -10.83 -39.36 25.26
N GLN U 185 -10.53 -39.36 26.56
CA GLN U 185 -11.58 -39.46 27.56
C GLN U 185 -12.42 -38.20 27.64
N ASP U 186 -11.82 -37.02 27.46
CA ASP U 186 -12.65 -35.82 27.35
C ASP U 186 -12.90 -35.38 25.91
N ALA U 187 -12.59 -36.23 24.94
CA ALA U 187 -12.99 -35.97 23.55
C ALA U 187 -14.50 -36.09 23.35
N MET U 188 -15.21 -36.75 24.25
CA MET U 188 -16.66 -36.86 24.15
C MET U 188 -17.34 -35.89 25.09
N THR U 201 -11.94 -23.68 26.26
CA THR U 201 -11.86 -22.31 26.74
C THR U 201 -10.53 -22.19 27.45
N GLU U 202 -10.01 -23.33 27.90
CA GLU U 202 -8.66 -23.42 28.42
C GLU U 202 -7.74 -24.17 27.47
N THR U 203 -8.27 -24.69 26.37
CA THR U 203 -7.48 -25.48 25.43
C THR U 203 -7.17 -24.75 24.14
N LEU U 204 -7.77 -23.58 23.90
CA LEU U 204 -7.32 -22.76 22.78
C LEU U 204 -6.04 -22.02 23.13
N LEU U 205 -5.71 -21.96 24.42
CA LEU U 205 -4.42 -21.42 24.82
C LEU U 205 -3.33 -22.48 24.67
N ILE U 206 -3.69 -23.75 24.88
CA ILE U 206 -2.71 -24.83 24.85
C ILE U 206 -2.18 -25.01 23.44
N TYR U 207 -3.07 -25.01 22.45
CA TYR U 207 -2.66 -25.17 21.06
C TYR U 207 -1.84 -23.99 20.58
N ALA U 208 -2.25 -22.77 20.94
CA ALA U 208 -1.56 -21.58 20.46
C ALA U 208 -0.19 -21.43 21.11
N LEU U 209 -0.10 -21.77 22.40
CA LEU U 209 1.20 -21.70 23.06
C LEU U 209 2.11 -22.83 22.62
N PHE U 210 1.55 -23.98 22.24
CA PHE U 210 2.35 -25.05 21.68
C PHE U 210 2.83 -24.70 20.28
N LEU U 211 2.01 -23.95 19.55
CA LEU U 211 2.38 -23.52 18.19
C LEU U 211 3.46 -22.45 18.25
N VAL U 212 3.40 -21.55 19.23
CA VAL U 212 4.48 -20.60 19.44
C VAL U 212 5.72 -21.31 19.95
N ALA U 213 5.52 -22.40 20.70
CA ALA U 213 6.65 -23.18 21.21
C ALA U 213 7.39 -23.91 20.09
N PHE U 214 6.72 -24.17 18.97
CA PHE U 214 7.35 -24.79 17.82
C PHE U 214 7.30 -23.92 16.59
N GLY U 215 6.87 -22.67 16.72
CA GLY U 215 7.14 -21.66 15.73
C GLY U 215 8.50 -21.04 15.86
N VAL U 216 9.23 -21.34 16.92
CA VAL U 216 10.57 -20.84 17.10
C VAL U 216 11.62 -21.67 16.36
N LYS U 217 11.36 -22.94 16.10
CA LYS U 217 12.26 -23.79 15.35
C LYS U 217 11.62 -24.22 14.04
N ALA U 218 10.89 -23.28 13.44
CA ALA U 218 10.31 -23.45 12.12
C ALA U 218 10.42 -22.10 11.42
N GLY U 219 9.70 -21.96 10.32
CA GLY U 219 9.81 -20.75 9.52
C GLY U 219 8.56 -19.90 9.55
N MET U 220 7.81 -20.01 10.65
CA MET U 220 6.54 -19.29 10.83
C MET U 220 6.71 -17.78 10.69
N PHE U 221 5.92 -17.18 9.80
CA PHE U 221 6.07 -15.77 9.44
C PHE U 221 6.00 -14.78 10.60
N PRO U 222 5.23 -14.99 11.68
CA PRO U 222 5.45 -14.13 12.85
C PRO U 222 6.85 -14.23 13.45
N LEU U 223 7.40 -15.43 13.56
CA LEU U 223 8.65 -15.61 14.31
C LEU U 223 9.61 -16.53 13.54
N HIS U 224 10.40 -15.91 12.67
CA HIS U 224 11.41 -16.63 11.91
C HIS U 224 12.66 -15.77 11.74
N VAL U 225 12.81 -14.72 12.54
CA VAL U 225 13.86 -13.75 12.34
C VAL U 225 15.21 -14.30 12.81
N TRP U 226 15.22 -15.37 13.58
CA TRP U 226 16.48 -16.02 13.91
C TRP U 226 17.08 -16.75 12.73
N ALA U 227 16.24 -17.18 11.78
CA ALA U 227 16.73 -17.94 10.63
C ALA U 227 17.71 -17.19 9.72
N PRO U 228 17.48 -15.93 9.31
CA PRO U 228 18.52 -15.28 8.49
C PRO U 228 19.74 -14.82 9.26
N ASP U 229 19.89 -15.22 10.52
CA ASP U 229 21.07 -14.92 11.31
C ASP U 229 21.75 -16.17 11.84
N ALA U 230 20.97 -17.16 12.28
CA ALA U 230 21.57 -18.36 12.85
C ALA U 230 21.93 -19.35 11.76
N TYR U 231 21.10 -19.46 10.72
CA TYR U 231 21.54 -20.17 9.52
C TYR U 231 22.59 -19.38 8.77
N SER U 232 22.63 -18.07 8.98
CA SER U 232 23.76 -17.25 8.58
C SER U 232 24.88 -17.44 9.59
N GLU U 233 25.88 -16.54 9.52
CA GLU U 233 27.30 -16.75 9.85
C GLU U 233 27.57 -17.65 11.06
N THR U 234 28.35 -18.70 10.78
CA THR U 234 28.50 -19.90 11.61
C THR U 234 29.52 -20.80 10.97
N ASN U 235 29.79 -21.94 11.58
CA ASN U 235 30.44 -23.03 10.86
C ASN U 235 29.43 -23.59 9.89
N GLN U 236 29.75 -23.53 8.60
CA GLN U 236 28.76 -23.90 7.58
C GLN U 236 28.63 -25.41 7.46
N SER U 237 29.70 -26.15 7.76
CA SER U 237 29.59 -27.60 7.74
C SER U 237 28.78 -28.10 8.93
N TYR U 238 28.67 -27.29 9.98
CA TYR U 238 27.75 -27.60 11.05
C TYR U 238 26.30 -27.49 10.61
N THR U 239 26.01 -26.57 9.69
CA THR U 239 24.65 -26.09 9.45
C THR U 239 23.79 -27.16 8.79
N ALA U 240 24.40 -28.18 8.18
CA ALA U 240 23.65 -29.25 7.53
C ALA U 240 22.82 -30.06 8.52
N MET U 241 23.21 -30.08 9.78
CA MET U 241 22.33 -30.60 10.81
C MET U 241 21.48 -29.51 11.45
N PHE U 242 21.85 -28.24 11.30
CA PHE U 242 21.07 -27.14 11.87
C PHE U 242 19.79 -26.89 11.11
N SER U 243 19.69 -27.35 9.86
CA SER U 243 18.44 -27.40 9.14
C SER U 243 17.99 -28.82 8.88
N GLY U 244 18.91 -29.78 8.88
CA GLY U 244 18.58 -31.12 8.50
C GLY U 244 18.05 -31.94 9.64
N VAL U 245 18.41 -31.58 10.87
CA VAL U 245 17.77 -32.25 12.00
C VAL U 245 17.31 -31.25 13.05
N LEU U 246 17.90 -30.07 13.08
CA LEU U 246 17.51 -29.12 14.11
C LEU U 246 16.32 -28.27 13.70
N SER U 247 15.81 -28.46 12.49
CA SER U 247 14.51 -27.90 12.15
C SER U 247 13.47 -28.98 11.94
N LYS U 248 13.85 -30.25 11.93
CA LYS U 248 12.88 -31.33 11.97
C LYS U 248 12.28 -31.50 13.35
N THR U 249 12.90 -30.95 14.37
CA THR U 249 12.37 -31.04 15.72
C THR U 249 11.10 -30.21 15.88
N GLY U 250 10.93 -29.16 15.09
CA GLY U 250 9.65 -28.46 15.08
C GLY U 250 8.57 -29.27 14.39
N VAL U 251 8.95 -29.97 13.33
CA VAL U 251 8.02 -30.86 12.62
C VAL U 251 7.57 -31.98 13.53
N TYR U 252 8.52 -32.58 14.25
CA TYR U 252 8.16 -33.66 15.18
C TYR U 252 7.39 -33.12 16.36
N GLY U 253 7.58 -31.84 16.70
CA GLY U 253 6.75 -31.24 17.73
C GLY U 253 5.30 -31.12 17.33
N PHE U 254 5.03 -30.64 16.11
CA PHE U 254 3.65 -30.54 15.65
C PHE U 254 3.03 -31.91 15.44
N PHE U 255 3.84 -32.89 15.02
CA PHE U 255 3.30 -34.23 14.87
C PHE U 255 3.01 -34.86 16.23
N LEU U 256 3.82 -34.56 17.24
CA LEU U 256 3.50 -35.04 18.59
C LEU U 256 2.27 -34.35 19.14
N LEU U 257 2.01 -33.12 18.70
CA LEU U 257 0.75 -32.47 19.05
C LEU U 257 -0.43 -33.20 18.44
N TYR U 258 -0.27 -33.72 17.22
CA TYR U 258 -1.36 -34.51 16.63
C TYR U 258 -1.47 -35.86 17.32
N LEU U 259 -0.37 -36.39 17.83
CA LEU U 259 -0.45 -37.64 18.58
C LEU U 259 -1.09 -37.43 19.94
N LEU U 260 -1.02 -36.21 20.46
CA LEU U 260 -1.69 -35.92 21.72
C LEU U 260 -3.20 -35.83 21.53
N MET U 261 -3.64 -34.88 20.72
CA MET U 261 -5.06 -34.78 20.44
C MET U 261 -5.26 -34.29 19.01
N TYR U 262 -6.30 -34.80 18.36
CA TYR U 262 -6.71 -34.26 17.08
C TYR U 262 -8.19 -33.97 17.11
N GLY U 263 -8.96 -34.85 17.75
CA GLY U 263 -10.40 -34.72 17.77
C GLY U 263 -10.86 -33.78 18.85
N LYS U 264 -10.11 -33.76 19.96
CA LYS U 264 -10.44 -32.84 21.05
C LYS U 264 -10.16 -31.40 20.66
N LEU U 265 -9.20 -31.18 19.77
CA LEU U 265 -8.95 -29.84 19.26
C LEU U 265 -9.83 -29.49 18.07
N ALA U 266 -10.57 -30.45 17.54
CA ALA U 266 -11.50 -30.19 16.44
C ALA U 266 -12.93 -29.96 16.90
N ILE U 267 -13.29 -30.41 18.11
CA ILE U 267 -14.62 -30.15 18.64
C ILE U 267 -14.69 -28.75 19.25
N THR U 268 -13.67 -28.36 20.00
CA THR U 268 -13.61 -27.02 20.59
C THR U 268 -13.30 -25.94 19.56
N LEU U 269 -12.97 -26.30 18.33
CA LEU U 269 -12.61 -25.34 17.30
C LEU U 269 -13.24 -25.82 16.00
N GLY U 270 -14.35 -25.19 15.61
CA GLY U 270 -15.14 -25.72 14.50
C GLY U 270 -14.48 -25.47 13.15
N ASN U 271 -14.56 -26.48 12.28
CA ASN U 271 -13.82 -26.49 11.02
C ASN U 271 -14.33 -25.41 10.06
N VAL U 272 -13.40 -24.71 9.43
CA VAL U 272 -13.75 -23.65 8.50
C VAL U 272 -14.15 -24.22 7.15
N ARG U 273 -13.69 -25.43 6.85
CA ARG U 273 -13.97 -26.12 5.59
C ARG U 273 -13.77 -27.60 5.90
N SER U 274 -13.56 -28.42 4.87
CA SER U 274 -13.31 -29.85 5.05
C SER U 274 -12.06 -30.15 5.86
N ALA U 275 -11.13 -29.18 5.99
CA ALA U 275 -9.93 -29.15 6.80
C ALA U 275 -10.24 -28.62 8.20
N PRO U 276 -9.57 -29.12 9.24
CA PRO U 276 -9.78 -28.58 10.58
C PRO U 276 -9.15 -27.21 10.72
N THR U 277 -9.74 -26.37 11.58
CA THR U 277 -9.40 -24.96 11.59
C THR U 277 -8.06 -24.71 12.27
N PHE U 278 -7.65 -25.58 13.19
CA PHE U 278 -6.31 -25.44 13.75
C PHE U 278 -5.28 -25.93 12.76
N GLY U 279 -5.60 -26.99 12.01
CA GLY U 279 -4.77 -27.40 10.90
C GLY U 279 -4.77 -26.38 9.79
N TYR U 280 -5.92 -25.71 9.59
CA TYR U 280 -5.98 -24.66 8.57
C TYR U 280 -5.16 -23.45 8.99
N ILE U 281 -5.15 -23.12 10.28
CA ILE U 281 -4.39 -21.97 10.76
C ILE U 281 -2.89 -22.24 10.62
N ILE U 282 -2.45 -23.44 11.03
CA ILE U 282 -1.03 -23.74 10.93
C ILE U 282 -0.61 -23.92 9.48
N ALA U 283 -1.51 -24.36 8.60
CA ALA U 283 -1.13 -24.50 7.20
C ALA U 283 -1.22 -23.17 6.47
N PHE U 284 -2.06 -22.25 6.94
CA PHE U 284 -2.08 -20.92 6.35
C PHE U 284 -0.83 -20.15 6.72
N LEU U 285 -0.38 -20.29 7.97
CA LEU U 285 0.89 -19.70 8.35
C LEU U 285 2.05 -20.40 7.66
N GLY U 286 1.89 -21.69 7.37
CA GLY U 286 2.88 -22.38 6.55
C GLY U 286 2.92 -21.90 5.10
N GLY U 287 1.74 -21.61 4.53
CA GLY U 287 1.73 -21.12 3.16
C GLY U 287 2.28 -19.73 3.04
N LEU U 288 2.01 -18.88 4.03
CA LEU U 288 2.67 -17.59 4.12
C LEU U 288 4.18 -17.77 4.31
N THR U 289 4.59 -18.82 5.02
CA THR U 289 6.01 -19.10 5.21
C THR U 289 6.70 -19.46 3.90
N ILE U 290 6.05 -20.27 3.04
CA ILE U 290 6.68 -20.61 1.76
C ILE U 290 6.77 -19.39 0.87
N MET U 291 5.74 -18.53 0.92
CA MET U 291 5.77 -17.28 0.17
C MET U 291 6.92 -16.37 0.61
N VAL U 292 7.01 -16.08 1.90
CA VAL U 292 8.00 -15.10 2.36
C VAL U 292 9.41 -15.69 2.33
N GLY U 293 9.52 -17.01 2.53
CA GLY U 293 10.83 -17.64 2.49
C GLY U 293 11.40 -17.65 1.10
N GLY U 294 10.57 -17.99 0.11
CA GLY U 294 11.03 -17.94 -1.26
C GLY U 294 11.33 -16.53 -1.73
N ILE U 295 10.46 -15.58 -1.39
CA ILE U 295 10.63 -14.22 -1.89
C ILE U 295 11.85 -13.56 -1.27
N LEU U 296 12.05 -13.75 0.04
CA LEU U 296 13.24 -13.20 0.66
C LEU U 296 14.50 -13.98 0.29
N ALA U 297 14.37 -15.17 -0.30
CA ALA U 297 15.55 -15.84 -0.83
C ALA U 297 16.08 -15.22 -2.11
N ALA U 298 15.36 -14.27 -2.71
CA ALA U 298 15.76 -13.71 -3.99
C ALA U 298 16.75 -12.56 -3.83
N LEU U 299 16.35 -11.50 -3.14
CA LEU U 299 17.12 -10.27 -3.01
C LEU U 299 18.03 -10.27 -1.79
N GLN U 300 18.83 -11.32 -1.68
CA GLN U 300 19.54 -11.68 -0.47
C GLN U 300 21.00 -11.95 -0.76
N GLU U 301 21.71 -10.96 -1.29
CA GLU U 301 23.07 -11.16 -1.79
C GLU U 301 24.04 -11.51 -0.67
N ASP U 302 24.21 -12.82 -0.50
CA ASP U 302 25.06 -13.50 0.47
C ASP U 302 24.97 -14.98 0.16
N ILE U 303 25.99 -15.75 0.49
CA ILE U 303 25.95 -17.16 0.10
C ILE U 303 25.14 -17.98 1.09
N ARG U 304 25.06 -17.54 2.35
CA ARG U 304 24.34 -18.32 3.34
C ARG U 304 23.03 -17.68 3.74
N LYS U 305 22.94 -16.35 3.71
CA LYS U 305 21.69 -15.69 4.03
C LYS U 305 20.64 -15.93 2.97
N LEU U 306 21.05 -16.24 1.74
CA LEU U 306 20.17 -16.79 0.73
C LEU U 306 19.65 -18.17 1.11
N PHE U 307 20.48 -19.00 1.72
CA PHE U 307 20.10 -20.36 2.03
C PHE U 307 19.35 -20.51 3.34
N ALA U 308 19.40 -19.48 4.18
CA ALA U 308 18.55 -19.43 5.37
C ALA U 308 17.08 -19.41 4.98
N TYR U 309 16.74 -18.54 4.05
CA TYR U 309 15.38 -18.47 3.54
C TYR U 309 15.00 -19.71 2.75
N SER U 310 15.99 -20.41 2.19
CA SER U 310 15.70 -21.68 1.54
C SER U 310 15.30 -22.73 2.56
N SER U 311 16.05 -22.80 3.67
CA SER U 311 15.81 -23.82 4.69
C SER U 311 14.47 -23.61 5.37
N ILE U 312 14.04 -22.34 5.54
CA ILE U 312 12.70 -22.13 6.06
C ILE U 312 11.66 -22.02 4.97
N SER U 313 12.04 -22.10 3.70
CA SER U 313 11.02 -22.18 2.66
C SER U 313 10.38 -23.55 2.62
N GLN U 314 11.18 -24.60 2.83
CA GLN U 314 10.67 -25.95 2.70
C GLN U 314 10.02 -26.44 3.98
N ILE U 315 10.11 -25.69 5.07
CA ILE U 315 9.43 -26.07 6.30
C ILE U 315 7.93 -25.88 6.14
N GLY U 316 7.53 -24.83 5.40
CA GLY U 316 6.12 -24.57 5.20
C GLY U 316 5.41 -25.63 4.36
N TYR U 317 6.17 -26.37 3.55
CA TYR U 317 5.64 -27.55 2.89
C TYR U 317 5.19 -28.58 3.89
N ILE U 318 6.06 -28.86 4.87
CA ILE U 318 5.75 -29.86 5.88
C ILE U 318 4.62 -29.37 6.76
N LEU U 319 4.56 -28.07 7.01
CA LEU U 319 3.50 -27.59 7.89
C LEU U 319 2.22 -27.28 7.14
N ILE U 320 2.23 -27.42 5.81
CA ILE U 320 0.98 -27.47 5.06
C ILE U 320 0.45 -28.89 5.00
N GLY U 321 1.34 -29.85 4.74
CA GLY U 321 0.92 -31.24 4.69
C GLY U 321 0.50 -31.77 6.04
N LEU U 322 1.24 -31.41 7.09
CA LEU U 322 0.90 -31.74 8.46
C LEU U 322 0.00 -30.68 9.07
N GLY U 323 -0.72 -29.95 8.24
CA GLY U 323 -1.84 -29.12 8.64
C GLY U 323 -3.11 -29.86 8.30
N ILE U 324 -3.63 -29.57 7.11
CA ILE U 324 -4.92 -30.10 6.68
C ILE U 324 -4.86 -31.61 6.48
N GLY U 325 -5.99 -32.27 6.69
CA GLY U 325 -6.18 -33.65 6.30
C GLY U 325 -5.73 -34.66 7.33
N THR U 326 -6.67 -35.39 7.94
CA THR U 326 -6.24 -36.44 8.86
C THR U 326 -5.79 -37.75 8.17
N PRO U 327 -6.30 -38.19 7.01
CA PRO U 327 -5.52 -39.20 6.30
C PRO U 327 -4.59 -38.56 5.29
N LEU U 328 -3.45 -39.22 5.10
CA LEU U 328 -2.46 -38.93 4.06
C LEU U 328 -1.75 -37.58 4.26
N GLY U 329 -2.17 -36.76 5.22
CA GLY U 329 -1.58 -35.46 5.41
C GLY U 329 -0.26 -35.57 6.13
N ILE U 330 -0.26 -36.28 7.26
CA ILE U 330 0.98 -36.64 7.92
C ILE U 330 1.79 -37.58 7.04
N ALA U 331 1.11 -38.50 6.36
CA ALA U 331 1.79 -39.48 5.51
C ALA U 331 2.46 -38.88 4.31
N ALA U 332 2.09 -37.65 3.92
CA ALA U 332 2.83 -36.95 2.87
C ALA U 332 3.80 -35.92 3.43
N ALA U 333 3.49 -35.33 4.58
CA ALA U 333 4.38 -34.31 5.12
C ALA U 333 5.65 -34.91 5.70
N THR U 334 5.57 -36.09 6.32
CA THR U 334 6.79 -36.74 6.79
C THR U 334 7.66 -37.17 5.63
N TYR U 335 7.05 -37.49 4.49
CA TYR U 335 7.84 -37.86 3.32
C TYR U 335 8.65 -36.67 2.81
N HIS U 336 8.02 -35.50 2.72
CA HIS U 336 8.77 -34.30 2.36
C HIS U 336 9.76 -33.90 3.45
N ALA U 337 9.47 -34.22 4.70
CA ALA U 337 10.40 -33.91 5.77
C ALA U 337 11.69 -34.70 5.61
N ILE U 338 11.58 -35.99 5.30
CA ILE U 338 12.76 -36.80 5.01
C ILE U 338 13.47 -36.28 3.78
N SER U 339 12.72 -35.98 2.72
CA SER U 339 13.33 -35.59 1.45
C SER U 339 14.06 -34.26 1.56
N HIS U 340 13.42 -33.25 2.17
CA HIS U 340 14.01 -31.92 2.24
C HIS U 340 15.22 -31.89 3.15
N ALA U 341 15.15 -32.55 4.30
CA ALA U 341 16.31 -32.56 5.19
C ALA U 341 17.46 -33.34 4.55
N LEU U 342 17.14 -34.36 3.76
CA LEU U 342 18.16 -35.18 3.14
C LEU U 342 18.92 -34.43 2.06
N PHE U 343 18.27 -33.58 1.28
CA PHE U 343 19.07 -32.84 0.31
C PHE U 343 19.59 -31.51 0.85
N LYS U 344 18.94 -30.93 1.86
CA LYS U 344 19.45 -29.65 2.35
C LYS U 344 20.69 -29.85 3.20
N GLY U 345 20.86 -31.05 3.76
CA GLY U 345 22.17 -31.44 4.26
C GLY U 345 23.24 -31.41 3.18
N LEU U 346 22.88 -31.82 1.97
CA LEU U 346 23.85 -31.83 0.88
C LEU U 346 24.13 -30.40 0.40
N PHE U 347 23.11 -29.55 0.43
CA PHE U 347 23.28 -28.16 -0.01
C PHE U 347 24.15 -27.39 0.97
N PHE U 348 23.97 -27.61 2.26
CA PHE U 348 24.82 -26.92 3.22
C PHE U 348 26.22 -27.52 3.22
N LEU U 349 26.34 -28.81 2.88
CA LEU U 349 27.66 -29.39 2.72
C LEU U 349 28.39 -28.78 1.53
N ILE U 350 27.67 -28.55 0.43
CA ILE U 350 28.32 -28.05 -0.77
C ILE U 350 28.62 -26.56 -0.64
N VAL U 351 27.82 -25.84 0.15
CA VAL U 351 28.11 -24.43 0.37
C VAL U 351 29.22 -24.27 1.39
N ALA U 352 29.38 -25.25 2.28
CA ALA U 352 30.51 -25.23 3.19
C ALA U 352 31.80 -25.53 2.45
N THR U 353 31.73 -26.43 1.47
CA THR U 353 32.89 -26.72 0.64
C THR U 353 33.32 -25.50 -0.16
N ILE U 354 32.36 -24.81 -0.77
CA ILE U 354 32.71 -23.65 -1.57
C ILE U 354 33.06 -22.44 -0.70
N ILE U 355 32.70 -22.44 0.59
CA ILE U 355 33.14 -21.37 1.46
C ILE U 355 34.46 -21.68 2.14
N TYR U 356 34.88 -22.96 2.17
CA TYR U 356 36.15 -23.29 2.77
C TYR U 356 37.28 -23.27 1.76
N ARG U 357 37.07 -23.83 0.58
CA ARG U 357 38.15 -23.93 -0.40
C ARG U 357 38.50 -22.57 -0.97
N THR U 358 37.54 -21.67 -1.02
CA THR U 358 37.76 -20.32 -1.49
C THR U 358 37.87 -19.37 -0.30
N GLY U 359 37.83 -18.07 -0.58
CA GLY U 359 38.03 -17.08 0.45
C GLY U 359 36.72 -16.52 0.97
N LYS U 360 36.34 -15.34 0.47
CA LYS U 360 35.31 -14.56 1.13
C LYS U 360 33.91 -15.08 0.81
N THR U 361 32.93 -14.45 1.43
CA THR U 361 31.56 -14.93 1.55
C THR U 361 30.61 -14.36 0.50
N GLU U 362 30.72 -13.07 0.22
CA GLU U 362 29.77 -12.34 -0.60
C GLU U 362 29.78 -12.85 -2.05
N PHE U 363 28.64 -12.67 -2.73
CA PHE U 363 28.52 -13.06 -4.14
C PHE U 363 29.50 -12.30 -5.02
N LYS U 364 29.89 -11.10 -4.63
CA LYS U 364 30.90 -10.37 -5.36
C LYS U 364 32.31 -10.78 -4.94
N ASP U 365 32.54 -12.07 -4.86
CA ASP U 365 33.87 -12.63 -4.70
C ASP U 365 34.15 -13.65 -5.79
N TYR U 366 33.20 -14.54 -6.02
CA TYR U 366 33.45 -15.65 -6.93
C TYR U 366 32.35 -15.79 -7.95
N GLY U 367 32.68 -16.40 -9.08
CA GLY U 367 31.73 -16.78 -10.10
C GLY U 367 32.43 -17.72 -11.04
N GLY U 368 31.67 -18.56 -11.74
CA GLY U 368 32.27 -19.44 -12.73
C GLY U 368 33.15 -20.53 -12.13
N LEU U 369 32.88 -20.86 -10.87
CA LEU U 369 33.69 -21.85 -10.16
C LEU U 369 32.97 -23.19 -10.21
N ALA U 370 32.99 -23.81 -11.39
CA ALA U 370 32.40 -25.12 -11.57
C ALA U 370 33.27 -26.00 -12.43
N GLU U 371 34.45 -25.51 -12.81
CA GLU U 371 35.41 -26.28 -13.58
C GLU U 371 36.62 -26.71 -12.76
N LYS U 372 36.96 -25.97 -11.71
CA LYS U 372 38.05 -26.31 -10.82
C LYS U 372 37.64 -27.34 -9.77
N MET U 373 36.37 -27.68 -9.70
CA MET U 373 35.89 -28.67 -8.73
C MET U 373 34.65 -29.39 -9.27
N PRO U 374 34.82 -30.35 -10.18
CA PRO U 374 33.66 -30.99 -10.79
C PRO U 374 32.95 -31.97 -9.88
N ILE U 375 33.62 -32.46 -8.83
CA ILE U 375 32.95 -33.33 -7.86
C ILE U 375 31.89 -32.55 -7.11
N THR U 376 32.21 -31.31 -6.72
CA THR U 376 31.25 -30.41 -6.10
C THR U 376 30.08 -30.12 -7.03
N PHE U 377 30.40 -29.85 -8.30
CA PHE U 377 29.38 -29.48 -9.27
C PHE U 377 28.41 -30.62 -9.54
N ALA U 378 28.95 -31.83 -9.70
CA ALA U 378 28.08 -32.97 -9.98
C ALA U 378 27.25 -33.35 -8.76
N MET U 379 27.86 -33.33 -7.57
CA MET U 379 27.14 -33.73 -6.37
C MET U 379 26.01 -32.78 -6.03
N ALA U 380 26.21 -31.48 -6.28
CA ALA U 380 25.08 -30.57 -6.07
C ALA U 380 24.24 -30.42 -7.33
N PHE U 381 24.66 -31.00 -8.44
CA PHE U 381 23.73 -31.16 -9.56
C PHE U 381 22.69 -32.22 -9.26
N VAL U 382 23.04 -33.20 -8.42
CA VAL U 382 22.03 -34.06 -7.84
C VAL U 382 21.08 -33.25 -6.96
N ALA U 383 21.62 -32.31 -6.20
CA ALA U 383 20.81 -31.56 -5.25
C ALA U 383 19.97 -30.50 -5.95
N ILE U 384 20.48 -29.94 -7.05
CA ILE U 384 19.68 -29.06 -7.89
C ILE U 384 18.52 -29.84 -8.49
N LEU U 385 18.78 -31.09 -8.86
CA LEU U 385 17.70 -31.96 -9.30
C LEU U 385 16.83 -32.39 -8.12
N SER U 386 17.38 -32.35 -6.91
CA SER U 386 16.59 -32.78 -5.75
C SER U 386 15.69 -31.68 -5.23
N LEU U 387 15.66 -30.53 -5.88
CA LEU U 387 14.85 -29.41 -5.44
C LEU U 387 13.92 -29.00 -6.58
N ALA U 388 12.77 -28.42 -6.21
CA ALA U 388 11.79 -27.75 -7.09
C ALA U 388 11.06 -28.66 -8.05
N GLY U 389 11.40 -29.94 -8.08
CA GLY U 389 10.66 -30.91 -8.86
C GLY U 389 11.40 -31.38 -10.09
N ILE U 390 12.06 -32.53 -9.98
CA ILE U 390 12.71 -33.21 -11.09
C ILE U 390 12.39 -34.69 -10.92
N PRO U 391 11.83 -35.36 -11.92
CA PRO U 391 11.14 -36.65 -11.70
C PRO U 391 12.05 -37.80 -11.28
N PRO U 392 13.33 -37.88 -11.68
CA PRO U 392 14.15 -38.94 -11.06
C PRO U 392 14.47 -38.70 -9.59
N MET U 393 14.30 -37.49 -9.08
CA MET U 393 14.80 -37.22 -7.75
C MET U 393 13.67 -37.06 -6.73
N ALA U 394 14.07 -37.03 -5.46
CA ALA U 394 13.14 -37.01 -4.32
C ALA U 394 12.41 -35.69 -4.17
N GLY U 395 12.91 -34.62 -4.80
CA GLY U 395 12.22 -33.35 -4.75
C GLY U 395 10.85 -33.41 -5.39
N PHE U 396 10.75 -33.98 -6.59
CA PHE U 396 9.48 -34.09 -7.28
C PHE U 396 8.51 -35.00 -6.56
N ALA U 397 8.98 -36.11 -5.99
CA ALA U 397 8.14 -36.99 -5.20
C ALA U 397 7.58 -36.29 -3.97
N SER U 398 8.43 -35.53 -3.28
CA SER U 398 8.03 -34.84 -2.06
C SER U 398 7.01 -33.75 -2.35
N LYS U 399 7.30 -32.90 -3.34
CA LYS U 399 6.38 -31.83 -3.69
C LYS U 399 5.06 -32.38 -4.23
N TRP U 400 5.12 -33.50 -4.96
CA TRP U 400 3.91 -34.07 -5.52
C TRP U 400 3.04 -34.67 -4.41
N LEU U 401 3.65 -35.24 -3.38
CA LEU U 401 2.85 -35.72 -2.25
C LEU U 401 2.20 -34.57 -1.50
N ILE U 402 2.91 -33.45 -1.36
CA ILE U 402 2.33 -32.30 -0.65
C ILE U 402 1.19 -31.71 -1.46
N PHE U 403 1.32 -31.71 -2.80
CA PHE U 403 0.24 -31.22 -3.64
C PHE U 403 -0.90 -32.22 -3.72
N GLU U 404 -0.62 -33.49 -3.43
CA GLU U 404 -1.68 -34.47 -3.40
C GLU U 404 -2.51 -34.32 -2.14
N ALA U 405 -1.87 -33.94 -1.02
CA ALA U 405 -2.62 -33.80 0.22
C ALA U 405 -3.49 -32.54 0.24
N VAL U 406 -3.21 -31.58 -0.64
CA VAL U 406 -3.98 -30.34 -0.68
C VAL U 406 -5.36 -30.53 -1.30
N ILE U 407 -5.46 -31.30 -2.38
CA ILE U 407 -6.70 -31.35 -3.16
C ILE U 407 -7.76 -32.17 -2.44
N SER U 408 -7.37 -33.27 -1.82
CA SER U 408 -8.27 -33.94 -0.88
C SER U 408 -8.51 -33.03 0.32
N ARG U 409 -9.75 -33.04 0.81
CA ARG U 409 -10.27 -32.04 1.75
C ARG U 409 -10.02 -30.63 1.18
N ASN U 410 -10.77 -30.38 0.11
CA ASN U 410 -10.61 -29.30 -0.87
C ASN U 410 -10.25 -27.95 -0.27
N LEU U 411 -9.16 -27.37 -0.77
CA LEU U 411 -8.68 -26.06 -0.31
C LEU U 411 -8.09 -25.30 -1.48
N PRO U 412 -8.84 -24.39 -2.07
CA PRO U 412 -8.34 -23.65 -3.24
C PRO U 412 -7.42 -22.50 -2.89
N ILE U 413 -7.68 -21.84 -1.77
CA ILE U 413 -6.93 -20.64 -1.40
C ILE U 413 -5.55 -21.02 -0.89
N LEU U 414 -5.41 -22.24 -0.38
CA LEU U 414 -4.14 -22.67 0.20
C LEU U 414 -3.31 -23.41 -0.84
N GLY U 415 -3.95 -23.97 -1.86
CA GLY U 415 -3.20 -24.61 -2.93
C GLY U 415 -2.45 -23.65 -3.81
N ALA U 416 -2.86 -22.38 -3.83
CA ALA U 416 -2.21 -21.41 -4.70
C ALA U 416 -0.84 -21.00 -4.15
N MET U 417 -0.76 -20.78 -2.83
CA MET U 417 0.49 -20.29 -2.25
C MET U 417 1.55 -21.38 -2.20
N VAL U 418 1.15 -22.64 -2.05
CA VAL U 418 2.14 -23.70 -2.02
C VAL U 418 2.65 -23.99 -3.43
N PHE U 419 1.81 -23.79 -4.45
CA PHE U 419 2.23 -23.94 -5.83
C PHE U 419 3.14 -22.79 -6.24
N PHE U 420 2.77 -21.57 -5.82
CA PHE U 420 3.67 -20.41 -5.93
C PHE U 420 4.96 -20.64 -5.19
N GLY U 421 4.91 -21.41 -4.10
CA GLY U 421 6.12 -21.76 -3.40
C GLY U 421 7.02 -22.70 -4.16
N SER U 422 6.44 -23.59 -4.98
CA SER U 422 7.26 -24.43 -5.84
C SER U 422 7.92 -23.60 -6.92
N ALA U 423 7.21 -22.60 -7.44
CA ALA U 423 7.79 -21.69 -8.41
C ALA U 423 8.92 -20.88 -7.83
N ILE U 424 8.71 -20.30 -6.64
CA ILE U 424 9.74 -19.46 -6.05
C ILE U 424 10.81 -20.32 -5.41
N GLY U 425 10.52 -21.60 -5.17
CA GLY U 425 11.58 -22.53 -4.85
C GLY U 425 12.46 -22.80 -6.05
N PHE U 426 11.87 -22.82 -7.24
CA PHE U 426 12.63 -22.98 -8.46
C PHE U 426 13.53 -21.77 -8.71
N VAL U 427 13.05 -20.58 -8.37
CA VAL U 427 13.65 -19.33 -8.82
C VAL U 427 14.99 -19.06 -8.14
N TYR U 428 15.06 -19.21 -6.82
CA TYR U 428 16.27 -18.82 -6.10
C TYR U 428 17.44 -19.74 -6.39
N LEU U 429 17.15 -21.01 -6.68
CA LEU U 429 18.21 -21.96 -7.01
C LEU U 429 18.85 -21.61 -8.34
N ILE U 430 18.07 -21.06 -9.26
CA ILE U 430 18.61 -20.49 -10.49
C ILE U 430 19.47 -19.27 -10.18
N ARG U 431 19.08 -18.53 -9.14
CA ARG U 431 19.90 -17.38 -8.72
C ARG U 431 21.19 -17.85 -8.05
N PHE U 432 21.14 -19.00 -7.37
CA PHE U 432 22.35 -19.50 -6.73
C PHE U 432 23.33 -20.04 -7.75
N THR U 433 22.86 -20.85 -8.69
CA THR U 433 23.78 -21.58 -9.56
C THR U 433 24.32 -20.68 -10.68
N TYR U 434 23.92 -19.42 -10.71
CA TYR U 434 24.35 -18.51 -11.75
C TYR U 434 25.61 -17.74 -11.40
N ALA U 435 25.58 -16.94 -10.34
CA ALA U 435 26.70 -16.07 -9.99
C ALA U 435 27.64 -16.73 -9.00
N VAL U 436 27.54 -18.05 -8.83
CA VAL U 436 28.46 -18.77 -7.97
C VAL U 436 29.19 -19.78 -8.85
N TRP U 437 28.51 -20.24 -9.89
CA TRP U 437 29.03 -21.37 -10.63
C TRP U 437 29.26 -21.15 -12.11
N PHE U 438 28.60 -20.20 -12.75
CA PHE U 438 28.77 -20.00 -14.18
C PHE U 438 29.31 -18.60 -14.43
N GLY U 439 29.66 -18.34 -15.67
CA GLY U 439 30.27 -17.08 -16.02
C GLY U 439 31.78 -17.16 -15.98
N GLN U 440 32.41 -15.99 -15.89
CA GLN U 440 33.85 -15.90 -15.83
C GLN U 440 34.32 -16.02 -14.39
N ARG U 441 35.58 -16.38 -14.22
CA ARG U 441 36.13 -16.42 -12.87
C ARG U 441 37.02 -15.21 -12.63
N PRO U 442 36.97 -14.62 -11.44
CA PRO U 442 37.91 -13.54 -11.13
C PRO U 442 39.31 -14.11 -10.92
N SER U 443 40.30 -13.22 -10.96
CA SER U 443 41.68 -13.67 -10.96
C SER U 443 42.25 -13.84 -9.56
N ASP U 444 41.43 -14.10 -8.56
CA ASP U 444 41.88 -14.55 -7.25
C ASP U 444 41.50 -16.00 -6.97
N LEU U 445 40.80 -16.66 -7.89
CA LEU U 445 40.43 -18.05 -7.73
C LEU U 445 41.31 -18.99 -8.54
N GLU U 446 42.42 -18.49 -9.09
CA GLU U 446 43.39 -19.38 -9.71
C GLU U 446 44.18 -20.16 -8.66
N ASP U 447 44.19 -19.67 -7.42
CA ASP U 447 44.81 -20.39 -6.30
C ASP U 447 43.70 -21.09 -5.52
N VAL U 448 43.21 -22.19 -6.10
CA VAL U 448 42.20 -23.02 -5.46
C VAL U 448 42.43 -24.45 -5.92
N LYS U 449 41.92 -25.39 -5.14
CA LYS U 449 42.06 -26.81 -5.42
C LYS U 449 40.68 -27.43 -5.55
N ASP U 450 40.65 -28.76 -5.62
CA ASP U 450 39.41 -29.51 -5.77
C ASP U 450 38.70 -29.65 -4.41
N ALA U 451 37.72 -30.53 -4.36
CA ALA U 451 37.08 -30.84 -3.09
C ALA U 451 37.92 -31.85 -2.32
N PRO U 452 38.04 -31.69 -1.00
CA PRO U 452 38.72 -32.72 -0.21
C PRO U 452 37.84 -33.95 -0.07
N LEU U 453 38.49 -35.06 0.24
CA LEU U 453 37.77 -36.32 0.42
C LEU U 453 36.74 -36.39 1.57
N PRO U 454 36.96 -35.85 2.79
CA PRO U 454 35.98 -36.16 3.86
C PRO U 454 34.66 -35.45 3.71
N LEU U 455 34.64 -34.28 3.06
CA LEU U 455 33.37 -33.71 2.66
C LEU U 455 32.76 -34.49 1.50
N ALA U 456 33.62 -35.05 0.63
CA ALA U 456 33.13 -35.75 -0.55
C ALA U 456 32.48 -37.09 -0.19
N ILE U 457 32.89 -37.71 0.92
CA ILE U 457 32.21 -38.91 1.38
C ILE U 457 30.80 -38.58 1.82
N GLY U 458 30.61 -37.44 2.49
CA GLY U 458 29.27 -37.02 2.87
C GLY U 458 28.42 -36.66 1.68
N MET U 459 29.03 -36.03 0.67
CA MET U 459 28.33 -35.71 -0.57
C MET U 459 27.88 -36.97 -1.30
N GLY U 460 28.78 -37.97 -1.39
CA GLY U 460 28.43 -39.19 -2.06
C GLY U 460 27.39 -40.00 -1.31
N ILE U 461 27.45 -39.97 0.02
CA ILE U 461 26.47 -40.71 0.85
C ILE U 461 25.09 -40.11 0.68
N LEU U 462 25.00 -38.78 0.74
CA LEU U 462 23.69 -38.15 0.57
C LEU U 462 23.20 -38.26 -0.87
N ALA U 463 24.10 -38.36 -1.84
CA ALA U 463 23.67 -38.48 -3.24
C ALA U 463 23.12 -39.86 -3.54
N ILE U 464 23.79 -40.92 -3.05
CA ILE U 464 23.29 -42.26 -3.32
C ILE U 464 22.00 -42.50 -2.54
N LEU U 465 21.88 -41.87 -1.37
CA LEU U 465 20.64 -41.98 -0.60
C LEU U 465 19.53 -41.19 -1.28
N ASN U 466 19.88 -40.09 -1.95
CA ASN U 466 18.89 -39.33 -2.70
C ASN U 466 18.40 -40.09 -3.93
N VAL U 467 19.30 -40.79 -4.62
CA VAL U 467 18.91 -41.46 -5.86
C VAL U 467 18.15 -42.74 -5.56
N ILE U 468 18.36 -43.31 -4.38
CA ILE U 468 17.53 -44.46 -4.02
C ILE U 468 16.24 -43.98 -3.37
N PHE U 469 16.18 -42.71 -2.98
CA PHE U 469 14.96 -42.11 -2.47
C PHE U 469 14.02 -41.63 -3.57
N GLY U 470 14.58 -41.14 -4.68
CA GLY U 470 13.78 -40.46 -5.67
C GLY U 470 13.18 -41.37 -6.73
N VAL U 471 14.00 -42.28 -7.28
CA VAL U 471 13.52 -43.12 -8.38
C VAL U 471 12.57 -44.21 -7.92
N ALA U 472 12.44 -44.43 -6.61
CA ALA U 472 11.59 -45.50 -6.14
C ALA U 472 11.06 -45.23 -4.74
N PRO U 473 10.01 -44.41 -4.57
CA PRO U 473 9.24 -44.45 -3.33
C PRO U 473 7.94 -45.24 -3.44
N GLY U 474 7.88 -46.44 -2.88
CA GLY U 474 9.07 -47.22 -2.57
C GLY U 474 9.26 -47.67 -1.15
N LEU U 475 10.53 -47.74 -0.77
CA LEU U 475 10.92 -48.40 0.47
C LEU U 475 10.50 -47.59 1.69
N VAL U 476 10.72 -46.28 1.65
CA VAL U 476 10.35 -45.45 2.79
C VAL U 476 8.85 -45.19 2.81
N ALA U 477 8.20 -45.21 1.65
CA ALA U 477 6.76 -45.02 1.60
C ALA U 477 6.05 -46.23 2.16
N ARG U 478 6.51 -47.43 1.78
CA ARG U 478 5.97 -48.66 2.34
C ARG U 478 6.32 -48.79 3.82
N GLU U 479 7.42 -48.18 4.26
CA GLU U 479 7.77 -48.22 5.67
C GLU U 479 6.82 -47.36 6.49
N LEU U 480 6.59 -46.12 6.06
CA LEU U 480 5.73 -45.24 6.86
C LEU U 480 4.24 -45.54 6.62
N ASN U 481 3.92 -46.31 5.57
CA ASN U 481 2.54 -46.68 5.32
C ASN U 481 2.03 -47.66 6.37
N LYS U 482 2.65 -48.84 6.43
CA LYS U 482 2.23 -49.87 7.34
C LYS U 482 2.65 -49.53 8.77
N LEU U 483 2.00 -50.20 9.72
CA LEU U 483 2.20 -50.10 11.17
C LEU U 483 1.92 -48.70 11.71
N PHE U 484 1.28 -47.83 10.93
CA PHE U 484 1.00 -46.46 11.35
C PHE U 484 -0.11 -45.92 10.48
N SER U 485 -1.31 -45.76 11.05
CA SER U 485 -2.46 -45.11 10.39
C SER U 485 -2.84 -45.83 9.10
N ASN U 486 -3.45 -47.02 9.30
CA ASN U 486 -3.71 -48.15 8.40
C ASN U 486 -4.02 -47.74 6.96
N PRO U 487 -3.53 -48.49 5.95
CA PRO U 487 -2.84 -47.88 4.79
C PRO U 487 -3.69 -46.91 4.00
N PRO U 488 -3.21 -45.68 3.82
CA PRO U 488 -3.79 -44.80 2.80
C PRO U 488 -3.25 -45.09 1.40
N ILE U 489 -2.01 -45.58 1.32
CA ILE U 489 -1.36 -45.83 0.04
C ILE U 489 -1.03 -47.32 -0.06
N GLY U 490 -1.36 -47.93 -1.20
CA GLY U 490 -1.06 -49.32 -1.43
C GLY U 490 0.24 -49.53 -2.17
N GLY U 491 1.32 -48.93 -1.66
CA GLY U 491 2.54 -48.83 -2.41
C GLY U 491 3.28 -50.14 -2.58
N THR U 492 4.20 -50.12 -3.55
CA THR U 492 5.08 -51.24 -3.83
C THR U 492 6.52 -50.74 -3.89
N ILE U 493 7.43 -51.58 -4.41
CA ILE U 493 8.85 -51.24 -4.41
C ILE U 493 9.15 -50.08 -5.35
N TRP U 494 8.36 -49.91 -6.41
CA TRP U 494 8.66 -48.87 -7.39
C TRP U 494 7.55 -47.85 -7.55
N GLU U 495 6.29 -48.27 -7.61
CA GLU U 495 5.18 -47.34 -7.73
C GLU U 495 4.84 -46.75 -6.36
N LEU U 496 3.75 -45.99 -6.30
CA LEU U 496 3.34 -45.38 -5.04
C LEU U 496 1.90 -45.73 -4.72
N ASP U 497 1.06 -45.83 -5.76
CA ASP U 497 -0.31 -46.34 -5.69
C ASP U 497 -1.18 -45.53 -4.71
N LEU U 498 -1.39 -44.27 -5.05
CA LEU U 498 -2.31 -43.42 -4.31
C LEU U 498 -3.75 -43.83 -4.63
N GLY U 499 -4.70 -43.24 -3.91
CA GLY U 499 -6.11 -43.54 -4.14
C GLY U 499 -6.60 -43.11 -5.50
N PHE U 500 -6.04 -42.03 -6.05
CA PHE U 500 -6.45 -41.55 -7.36
C PHE U 500 -5.26 -41.08 -8.20
N GLY U 501 -4.04 -41.24 -7.70
CA GLY U 501 -2.85 -41.00 -8.49
C GLY U 501 -1.95 -42.23 -8.44
N ARG U 502 -0.94 -42.23 -9.28
CA ARG U 502 -0.03 -43.37 -9.28
C ARG U 502 1.41 -42.98 -8.96
N TYR U 503 2.00 -42.07 -9.74
CA TYR U 503 3.41 -41.67 -9.62
C TYR U 503 4.34 -42.88 -9.67
N ASN U 504 4.46 -43.51 -10.84
CA ASN U 504 5.49 -44.53 -11.01
C ASN U 504 6.87 -43.89 -10.95
N GLY U 505 7.87 -44.69 -10.63
CA GLY U 505 9.23 -44.20 -10.59
C GLY U 505 10.15 -45.01 -11.47
N LEU U 506 9.74 -46.23 -11.79
CA LEU U 506 10.50 -47.04 -12.74
C LEU U 506 10.33 -46.50 -14.15
N LEU U 507 9.09 -46.43 -14.63
CA LEU U 507 8.80 -46.01 -15.99
C LEU U 507 8.53 -44.51 -16.07
N LEU U 508 9.16 -43.74 -15.17
CA LEU U 508 9.27 -42.31 -15.28
C LEU U 508 10.73 -41.86 -15.36
N SER U 509 11.64 -42.58 -14.72
CA SER U 509 13.07 -42.33 -14.85
C SER U 509 13.67 -42.98 -16.09
N ILE U 510 13.16 -44.16 -16.49
CA ILE U 510 13.74 -44.78 -17.67
C ILE U 510 13.25 -44.10 -18.94
N TRP U 511 12.09 -43.43 -18.90
CA TRP U 511 11.73 -42.63 -20.06
C TRP U 511 12.54 -41.34 -20.11
N LEU U 512 13.07 -40.90 -18.98
CA LEU U 512 14.03 -39.80 -19.01
C LEU U 512 15.34 -40.26 -19.64
N VAL U 513 15.86 -41.40 -19.20
CA VAL U 513 17.19 -41.81 -19.68
C VAL U 513 17.10 -42.35 -21.11
N ILE U 514 15.90 -42.77 -21.53
CA ILE U 514 15.69 -43.05 -22.95
C ILE U 514 15.56 -41.75 -23.72
N GLY U 515 14.84 -40.79 -23.15
CA GLY U 515 14.67 -39.50 -23.80
C GLY U 515 15.96 -38.69 -23.84
N LEU U 516 16.87 -38.95 -22.91
CA LEU U 516 18.20 -38.34 -22.99
C LEU U 516 19.07 -39.05 -24.00
N ILE U 517 18.81 -40.34 -24.27
CA ILE U 517 19.54 -41.05 -25.31
C ILE U 517 19.12 -40.56 -26.69
N ILE U 518 17.80 -40.42 -26.91
CA ILE U 518 17.29 -39.90 -28.17
C ILE U 518 17.67 -38.44 -28.36
N ALA U 519 17.78 -37.69 -27.27
CA ALA U 519 18.36 -36.35 -27.35
C ALA U 519 19.85 -36.37 -27.63
N ALA U 520 20.57 -37.38 -27.14
CA ALA U 520 21.99 -37.47 -27.44
C ALA U 520 22.23 -37.98 -28.86
N ILE U 521 21.27 -38.74 -29.41
CA ILE U 521 21.37 -39.16 -30.80
C ILE U 521 21.32 -37.95 -31.73
N LEU U 522 20.46 -36.99 -31.43
CA LEU U 522 20.36 -35.78 -32.21
C LEU U 522 21.44 -34.76 -31.88
N TYR U 523 22.38 -35.07 -30.98
CA TYR U 523 23.46 -34.14 -30.75
C TYR U 523 24.83 -34.76 -31.03
N PHE U 524 25.06 -35.97 -30.51
CA PHE U 524 26.36 -36.62 -30.60
C PHE U 524 26.55 -37.15 -32.03
N MET U 525 26.87 -36.21 -32.93
CA MET U 525 26.99 -36.52 -34.35
C MET U 525 28.27 -35.95 -34.95
N GLY U 526 29.15 -35.37 -34.14
CA GLY U 526 30.42 -34.85 -34.63
C GLY U 526 30.32 -33.54 -35.38
N ALA U 527 30.91 -33.50 -36.58
CA ALA U 527 30.90 -32.35 -37.49
C ALA U 527 31.48 -31.09 -36.87
N GLY U 528 32.45 -31.23 -35.97
CA GLY U 528 33.18 -30.10 -35.45
C GLY U 528 32.56 -29.55 -34.18
N VAL U 529 33.17 -29.84 -33.02
CA VAL U 529 32.60 -29.45 -31.75
C VAL U 529 33.66 -28.62 -31.03
N ARG U 530 34.38 -27.79 -31.78
CA ARG U 530 35.56 -27.08 -31.31
C ARG U 530 35.27 -26.14 -30.14
N LYS U 531 36.03 -26.31 -29.06
CA LYS U 531 35.88 -25.51 -27.85
C LYS U 531 36.44 -24.11 -28.06
N VAL U 532 35.85 -23.15 -27.35
CA VAL U 532 36.22 -21.74 -27.50
C VAL U 532 36.43 -21.18 -26.09
N PRO U 533 37.23 -20.12 -25.92
CA PRO U 533 37.30 -19.47 -24.61
C PRO U 533 36.05 -18.68 -24.25
N VAL U 534 35.97 -18.23 -23.00
CA VAL U 534 34.83 -17.49 -22.49
C VAL U 534 35.01 -15.98 -22.63
N THR U 535 36.24 -15.49 -22.54
CA THR U 535 36.51 -14.05 -22.57
C THR U 535 36.19 -13.44 -23.92
N ASP U 536 36.20 -14.25 -24.97
CA ASP U 536 35.76 -13.81 -26.29
C ASP U 536 34.33 -14.28 -26.50
N THR U 537 33.38 -13.35 -26.40
CA THR U 537 31.96 -13.69 -26.39
C THR U 537 31.22 -12.64 -27.22
N TYR U 538 29.89 -12.62 -27.08
CA TYR U 538 29.03 -11.75 -27.88
C TYR U 538 29.25 -10.26 -27.64
N GLN U 539 28.81 -9.78 -26.46
CA GLN U 539 28.88 -8.38 -26.04
C GLN U 539 28.37 -7.41 -27.11
N SER U 540 27.26 -7.77 -27.76
CA SER U 540 26.67 -7.03 -28.89
C SER U 540 27.66 -6.84 -30.03
N GLY U 541 28.44 -7.88 -30.31
CA GLY U 541 29.40 -7.88 -31.38
C GLY U 541 30.49 -6.87 -31.17
N ASN U 542 31.32 -7.07 -30.15
CA ASN U 542 32.27 -6.06 -29.71
C ASN U 542 33.43 -6.77 -29.06
N PRO U 543 34.59 -6.10 -28.93
CA PRO U 543 35.66 -6.72 -28.14
C PRO U 543 35.40 -6.61 -26.65
N VAL U 544 35.73 -7.67 -25.93
CA VAL U 544 35.57 -7.72 -24.48
C VAL U 544 36.80 -8.39 -23.87
N THR U 545 37.42 -7.70 -22.91
CA THR U 545 38.65 -8.17 -22.29
C THR U 545 38.36 -8.92 -21.01
N MET U 546 39.42 -9.23 -20.27
CA MET U 546 39.26 -9.97 -19.02
C MET U 546 38.80 -9.06 -17.90
N GLU U 547 39.09 -7.75 -17.99
CA GLU U 547 38.76 -6.84 -16.90
C GLU U 547 37.40 -6.18 -17.15
N TYR U 548 36.43 -6.98 -17.56
CA TYR U 548 35.07 -6.49 -17.74
C TYR U 548 34.16 -7.39 -16.92
N ASN U 549 33.51 -6.83 -15.91
CA ASN U 549 32.57 -7.62 -15.14
C ASN U 549 31.33 -7.86 -15.99
N LEU U 550 31.28 -8.99 -16.69
CA LEU U 550 30.18 -9.21 -17.62
C LEU U 550 29.08 -10.07 -17.02
N THR U 551 29.44 -11.02 -16.17
CA THR U 551 28.44 -11.77 -15.44
C THR U 551 27.86 -10.92 -14.31
N ILE U 552 26.54 -10.87 -14.25
CA ILE U 552 25.86 -9.94 -13.36
C ILE U 552 25.86 -10.57 -11.97
N ARG U 553 26.09 -9.76 -10.95
CA ARG U 553 26.25 -10.27 -9.60
C ARG U 553 25.70 -9.30 -8.57
N ARG U 554 24.79 -8.43 -9.00
CA ARG U 554 24.32 -7.39 -8.12
C ARG U 554 22.81 -7.40 -8.08
N ASN U 555 22.28 -8.08 -7.07
CA ASN U 555 20.90 -8.20 -6.61
C ASN U 555 20.01 -9.05 -7.50
N PHE U 556 20.33 -9.18 -8.80
CA PHE U 556 19.71 -10.10 -9.76
C PHE U 556 18.18 -10.00 -9.92
N PHE U 557 17.49 -9.25 -9.09
CA PHE U 557 16.03 -9.30 -9.05
C PHE U 557 15.42 -7.93 -8.77
N LEU U 558 16.01 -6.89 -9.33
CA LEU U 558 15.54 -5.52 -9.07
C LEU U 558 14.11 -5.25 -9.53
N PRO U 559 13.58 -5.80 -10.65
CA PRO U 559 12.12 -5.65 -10.84
C PRO U 559 11.30 -6.47 -9.87
N LEU U 560 11.83 -7.59 -9.38
CA LEU U 560 11.10 -8.37 -8.38
C LEU U 560 11.04 -7.63 -7.05
N LYS U 561 12.10 -6.91 -6.71
CA LYS U 561 12.08 -6.09 -5.50
C LYS U 561 11.20 -4.87 -5.70
N GLU U 562 11.24 -4.26 -6.88
CA GLU U 562 10.46 -3.07 -7.13
C GLU U 562 9.00 -3.36 -7.49
N ALA U 563 8.64 -4.63 -7.72
CA ALA U 563 7.24 -4.97 -7.87
C ALA U 563 6.52 -4.89 -6.53
N MET U 564 6.96 -5.69 -5.57
CA MET U 564 6.43 -5.65 -4.21
C MET U 564 7.28 -4.76 -3.31
N ALA U 565 7.53 -3.53 -3.73
CA ALA U 565 8.25 -2.59 -2.89
C ALA U 565 7.41 -2.07 -1.73
N PHE U 566 6.10 -2.27 -1.78
CA PHE U 566 5.24 -1.98 -0.64
C PHE U 566 5.25 -3.09 0.40
N TRP U 567 5.31 -4.35 -0.03
CA TRP U 567 5.27 -5.48 0.88
C TRP U 567 6.54 -5.61 1.71
N LEU U 568 7.67 -5.13 1.20
CA LEU U 568 8.93 -5.26 1.91
C LEU U 568 9.24 -4.08 2.81
N LYS U 569 8.41 -3.04 2.79
CA LYS U 569 8.59 -1.96 3.75
C LYS U 569 8.11 -2.33 5.14
N MET U 570 7.35 -3.42 5.28
CA MET U 570 6.84 -3.87 6.57
C MET U 570 7.54 -5.18 6.93
N SER U 571 8.71 -5.06 7.52
CA SER U 571 9.45 -6.24 7.93
C SER U 571 9.11 -6.58 9.37
N PHE U 572 9.60 -7.74 9.81
CA PHE U 572 9.38 -8.16 11.18
C PHE U 572 10.66 -8.12 11.99
N ASP U 573 11.80 -7.98 11.29
CA ASP U 573 13.09 -7.76 11.90
C ASP U 573 13.10 -6.44 12.66
N ARG U 574 12.39 -5.45 12.12
CA ARG U 574 12.30 -4.14 12.74
C ARG U 574 11.41 -4.17 13.97
N LEU U 575 10.32 -4.94 13.91
CA LEU U 575 9.35 -4.93 15.01
C LEU U 575 9.90 -5.63 16.23
N TYR U 576 10.64 -6.72 16.05
CA TYR U 576 11.14 -7.44 17.22
C TYR U 576 12.29 -6.69 17.86
N HIS U 577 13.08 -5.98 17.06
CA HIS U 577 14.10 -5.12 17.64
C HIS U 577 13.46 -3.94 18.36
N ASP U 578 12.31 -3.47 17.87
CA ASP U 578 11.58 -2.43 18.59
C ASP U 578 11.08 -2.94 19.94
N ILE U 579 10.50 -4.15 19.96
CA ILE U 579 9.91 -4.65 21.19
C ILE U 579 11.00 -5.05 22.18
N TRP U 580 12.18 -5.45 21.69
CA TRP U 580 13.23 -5.77 22.62
C TRP U 580 13.90 -4.51 23.14
N LYS U 581 14.02 -3.48 22.31
CA LYS U 581 14.57 -2.22 22.82
C LYS U 581 13.61 -1.56 23.79
N ALA U 582 12.31 -1.81 23.65
CA ALA U 582 11.35 -1.32 24.62
C ALA U 582 11.49 -2.06 25.95
N ILE U 583 11.70 -3.37 25.91
CA ILE U 583 11.92 -4.12 27.15
C ILE U 583 13.25 -3.72 27.78
N GLU U 584 14.26 -3.46 26.95
CA GLU U 584 15.58 -3.12 27.45
C GLU U 584 15.60 -1.72 28.05
N GLU U 585 14.78 -0.80 27.53
CA GLU U 585 14.74 0.53 28.13
C GLU U 585 13.78 0.55 29.31
N LEU U 586 12.84 -0.39 29.34
CA LEU U 586 12.09 -0.61 30.57
C LEU U 586 12.98 -1.22 31.64
N ALA U 587 14.00 -1.97 31.23
CA ALA U 587 14.96 -2.50 32.18
C ALA U 587 15.80 -1.38 32.78
N ASP U 588 16.06 -0.34 31.99
CA ASP U 588 16.73 0.83 32.54
C ASP U 588 15.75 1.70 33.32
N LEU U 589 14.46 1.49 33.09
CA LEU U 589 13.44 2.26 33.80
C LEU U 589 13.24 1.72 35.20
N ALA U 590 13.05 0.41 35.33
CA ALA U 590 12.78 -0.18 36.64
C ALA U 590 14.00 -0.15 37.54
N ARG U 591 15.19 -0.05 36.94
CA ARG U 591 16.44 0.09 37.67
C ARG U 591 16.50 1.39 38.46
N SER U 592 16.01 2.48 37.87
CA SER U 592 16.17 3.79 38.51
C SER U 592 14.98 4.14 39.38
N TYR U 593 13.82 3.53 39.11
CA TYR U 593 12.62 3.89 39.86
C TYR U 593 12.57 3.18 41.19
N VAL U 594 12.54 1.85 41.16
CA VAL U 594 12.41 1.07 42.37
C VAL U 594 13.67 1.13 43.22
N TYR U 595 14.83 1.15 42.59
CA TYR U 595 16.11 0.99 43.28
C TYR U 595 16.76 2.37 43.35
N ASN U 596 16.40 3.13 44.38
CA ASN U 596 16.87 4.49 44.58
C ASN U 596 17.98 4.52 45.61
N GLY U 597 18.60 5.70 45.74
CA GLY U 597 19.44 5.96 46.88
C GLY U 597 18.68 6.49 48.08
N ASN U 598 17.41 6.87 47.88
CA ASN U 598 16.59 7.39 48.95
C ASN U 598 16.24 6.28 49.91
N ILE U 599 16.73 6.39 51.14
CA ILE U 599 16.42 5.42 52.18
C ILE U 599 14.93 5.47 52.52
N GLN U 600 14.38 6.68 52.56
CA GLN U 600 12.96 6.85 52.86
C GLN U 600 12.06 6.29 51.77
N ALA U 601 12.58 6.10 50.55
CA ALA U 601 11.81 5.41 49.52
C ALA U 601 11.59 3.95 49.89
N TYR U 602 12.61 3.30 50.44
CA TYR U 602 12.44 1.91 50.87
C TYR U 602 11.61 1.83 52.14
N ALA U 603 11.69 2.85 52.99
CA ALA U 603 10.79 2.92 54.13
C ALA U 603 9.34 3.05 53.67
N TRP U 604 9.12 3.82 52.61
CA TRP U 604 7.77 3.96 52.06
C TRP U 604 7.29 2.67 51.42
N TYR U 605 8.21 1.92 50.81
CA TYR U 605 7.85 0.62 50.25
C TYR U 605 7.45 -0.35 51.34
N LEU U 606 8.16 -0.32 52.47
CA LEU U 606 7.81 -1.16 53.61
C LEU U 606 6.47 -0.74 54.20
N ALA U 607 6.21 0.56 54.25
CA ALA U 607 4.91 1.04 54.77
C ALA U 607 3.77 0.70 53.82
N ILE U 608 4.05 0.65 52.51
CA ILE U 608 3.01 0.29 51.55
C ILE U 608 2.66 -1.19 51.68
N ILE U 609 3.65 -2.06 51.80
CA ILE U 609 3.33 -3.49 51.88
C ILE U 609 2.74 -3.83 53.24
N LEU U 610 3.12 -3.08 54.28
CA LEU U 610 2.44 -3.20 55.56
C LEU U 610 0.99 -2.74 55.45
N LEU U 611 0.72 -1.71 54.65
CA LEU U 611 -0.64 -1.27 54.41
C LEU U 611 -1.45 -2.34 53.67
N ILE U 612 -0.80 -3.10 52.79
CA ILE U 612 -1.49 -4.19 52.13
C ILE U 612 -1.80 -5.31 53.12
N LEU U 613 -0.92 -5.50 54.11
CA LEU U 613 -1.21 -6.48 55.15
C LEU U 613 -2.32 -6.01 56.07
N VAL U 614 -2.50 -4.69 56.19
CA VAL U 614 -3.71 -4.16 56.85
C VAL U 614 -4.94 -4.50 56.03
N ALA U 615 -4.84 -4.37 54.71
CA ALA U 615 -6.00 -4.60 53.85
C ALA U 615 -6.41 -6.06 53.77
N MET U 616 -5.54 -6.99 54.20
CA MET U 616 -5.79 -8.43 54.25
C MET U 616 -6.20 -9.04 52.92
N PHE V 7 23.81 -37.92 -48.11
CA PHE V 7 24.54 -37.29 -47.02
C PHE V 7 24.67 -35.80 -47.28
N GLU V 8 25.34 -35.46 -48.36
CA GLU V 8 25.67 -34.08 -48.71
C GLU V 8 24.53 -33.28 -49.36
N PRO V 9 23.76 -33.77 -50.35
CA PRO V 9 22.69 -32.93 -50.88
C PRO V 9 21.45 -32.86 -49.99
N LEU V 10 21.37 -33.70 -48.95
CA LEU V 10 20.30 -33.54 -47.97
C LEU V 10 20.47 -32.26 -47.16
N PHE V 11 21.70 -31.79 -46.98
CA PHE V 11 21.98 -30.52 -46.34
C PHE V 11 22.18 -29.38 -47.31
N ASN V 12 22.52 -29.67 -48.56
CA ASN V 12 22.86 -28.60 -49.50
C ASN V 12 21.62 -27.84 -49.96
N TRP V 13 20.53 -28.55 -50.23
CA TRP V 13 19.27 -27.89 -50.51
C TRP V 13 18.71 -27.20 -49.27
N ALA V 14 19.04 -27.69 -48.08
CA ALA V 14 18.50 -27.11 -46.85
C ALA V 14 19.12 -25.74 -46.57
N ARG V 15 20.31 -25.48 -47.09
CA ARG V 15 20.96 -24.21 -46.80
C ARG V 15 20.31 -23.07 -47.56
N LYS V 16 19.88 -23.33 -48.80
CA LYS V 16 19.49 -22.26 -49.71
C LYS V 16 18.00 -21.95 -49.59
N LYS V 17 17.42 -22.32 -48.44
CA LYS V 17 16.00 -22.10 -48.27
C LYS V 17 15.74 -21.35 -46.97
N SER V 18 16.69 -21.34 -46.05
CA SER V 18 16.53 -20.68 -44.76
C SER V 18 17.77 -19.90 -44.39
N LEU V 19 18.25 -19.07 -45.32
CA LEU V 19 19.34 -18.16 -45.01
C LEU V 19 18.92 -17.13 -43.98
N TRP V 20 19.45 -17.23 -42.77
CA TRP V 20 19.14 -16.27 -41.72
C TRP V 20 20.11 -15.11 -41.82
N ILE V 21 19.57 -13.92 -42.02
CA ILE V 21 20.36 -12.71 -42.18
C ILE V 21 20.48 -12.04 -40.81
N VAL V 22 21.65 -11.50 -40.50
CA VAL V 22 21.83 -10.73 -39.29
C VAL V 22 21.67 -9.25 -39.64
N ALA V 23 20.91 -8.54 -38.83
CA ALA V 23 20.50 -7.16 -39.15
C ALA V 23 21.52 -6.19 -38.57
N PHE V 24 22.64 -6.05 -39.27
CA PHE V 24 23.64 -5.08 -38.85
C PHE V 24 23.18 -3.65 -39.13
N CYS V 25 22.46 -3.48 -40.25
CA CYS V 25 21.99 -2.14 -40.69
C CYS V 25 23.20 -1.21 -40.61
N THR V 26 24.09 -1.27 -41.61
CA THR V 26 25.32 -0.50 -41.56
C THR V 26 25.07 0.91 -42.11
N GLY V 27 24.53 1.75 -41.24
CA GLY V 27 24.42 3.19 -41.48
C GLY V 27 23.57 3.62 -42.65
N CYS V 28 24.20 4.30 -43.61
CA CYS V 28 23.55 4.63 -44.86
C CYS V 28 23.31 3.34 -45.62
N GLY V 29 22.06 2.94 -45.72
CA GLY V 29 21.72 1.70 -46.36
C GLY V 29 20.70 0.90 -45.60
N GLY V 30 20.44 1.32 -44.36
CA GLY V 30 19.39 0.76 -43.55
C GLY V 30 18.05 1.41 -43.81
N ILE V 31 17.88 1.91 -45.03
CA ILE V 31 16.61 2.38 -45.56
C ILE V 31 16.14 1.50 -46.71
N GLU V 32 17.01 0.62 -47.22
CA GLU V 32 16.60 -0.43 -48.14
C GLU V 32 17.01 -1.80 -47.64
N MET V 33 17.47 -1.91 -46.40
CA MET V 33 17.52 -3.18 -45.71
C MET V 33 16.18 -3.55 -45.05
N PRO V 34 15.45 -2.66 -44.35
CA PRO V 34 14.12 -3.07 -43.84
C PRO V 34 13.10 -3.34 -44.94
N PRO V 35 12.81 -2.39 -45.92
CA PRO V 35 11.67 -2.65 -46.82
C PRO V 35 11.95 -3.74 -47.85
N LEU V 36 13.19 -4.20 -47.90
CA LEU V 36 13.52 -5.46 -48.52
C LEU V 36 12.88 -6.63 -47.80
N MET V 37 12.74 -6.55 -46.48
CA MET V 37 12.26 -7.66 -45.66
C MET V 37 10.93 -7.34 -44.98
N THR V 38 10.01 -6.72 -45.70
CA THR V 38 8.71 -6.35 -45.17
C THR V 38 7.65 -6.69 -46.19
N ALA V 39 6.47 -6.08 -46.02
CA ALA V 39 5.23 -6.58 -46.60
C ALA V 39 5.23 -6.50 -48.12
N ARG V 40 5.98 -5.56 -48.69
CA ARG V 40 6.18 -5.42 -50.13
C ARG V 40 7.17 -6.45 -50.63
N TYR V 41 7.94 -6.11 -51.68
CA TYR V 41 9.01 -6.96 -52.20
C TYR V 41 9.81 -7.53 -51.04
N ASP V 42 9.69 -8.83 -50.83
CA ASP V 42 9.98 -9.43 -49.55
C ASP V 42 11.09 -10.45 -49.65
N LEU V 43 11.41 -11.02 -48.50
CA LEU V 43 12.41 -12.06 -48.43
C LEU V 43 11.99 -13.25 -47.60
N GLU V 44 10.92 -13.15 -46.83
CA GLU V 44 10.50 -14.32 -46.05
C GLU V 44 9.89 -15.39 -46.94
N ARG V 45 9.46 -15.02 -48.16
CA ARG V 45 9.06 -16.03 -49.13
C ARG V 45 10.25 -16.88 -49.54
N PHE V 46 11.44 -16.30 -49.58
CA PHE V 46 12.66 -17.08 -49.73
C PHE V 46 13.11 -17.72 -48.43
N GLY V 47 12.43 -17.44 -47.33
CA GLY V 47 12.84 -17.95 -46.04
C GLY V 47 13.89 -17.11 -45.34
N ILE V 48 14.15 -15.90 -45.81
CA ILE V 48 15.21 -15.09 -45.22
C ILE V 48 14.66 -14.41 -43.97
N MET V 49 14.76 -15.08 -42.83
CA MET V 49 14.21 -14.56 -41.59
C MET V 49 15.32 -13.89 -40.80
N PRO V 50 15.21 -12.59 -40.51
CA PRO V 50 16.27 -11.91 -39.77
C PRO V 50 16.19 -12.14 -38.28
N ASP V 51 17.37 -12.27 -37.67
CA ASP V 51 17.48 -12.36 -36.23
C ASP V 51 18.82 -11.79 -35.82
N PRO V 52 18.88 -10.99 -34.76
CA PRO V 52 20.15 -10.35 -34.38
C PRO V 52 21.03 -11.20 -33.48
N SER V 53 21.70 -12.17 -34.09
CA SER V 53 22.58 -13.03 -33.34
C SER V 53 23.80 -13.31 -34.21
N PRO V 54 25.00 -13.32 -33.64
CA PRO V 54 26.20 -13.59 -34.43
C PRO V 54 26.50 -15.07 -34.59
N ARG V 55 25.65 -15.94 -34.06
CA ARG V 55 25.80 -17.37 -34.25
C ARG V 55 24.70 -17.96 -35.11
N GLN V 56 23.49 -17.43 -35.00
CA GLN V 56 22.34 -17.95 -35.72
C GLN V 56 22.13 -17.16 -37.01
N TYR V 57 23.18 -17.07 -37.81
CA TYR V 57 23.06 -16.44 -39.12
C TYR V 57 24.04 -17.09 -40.07
N ASP V 58 23.73 -17.01 -41.36
CA ASP V 58 24.72 -17.33 -42.37
C ASP V 58 24.59 -16.47 -43.62
N LEU V 59 24.18 -15.22 -43.46
CA LEU V 59 24.11 -14.31 -44.61
C LEU V 59 24.29 -12.89 -44.08
N PHE V 60 25.49 -12.37 -44.17
CA PHE V 60 25.82 -11.07 -43.64
C PHE V 60 25.74 -10.05 -44.77
N LEU V 61 25.05 -8.95 -44.54
CA LEU V 61 24.89 -7.92 -45.55
C LEU V 61 25.68 -6.68 -45.15
N ILE V 62 26.83 -6.49 -45.78
CA ILE V 62 27.67 -5.32 -45.49
C ILE V 62 27.06 -4.17 -46.28
N THR V 63 26.11 -3.49 -45.66
CA THR V 63 25.26 -2.54 -46.37
C THR V 63 26.02 -1.23 -46.49
N GLY V 64 26.82 -1.12 -47.53
CA GLY V 64 27.47 0.11 -47.84
C GLY V 64 28.85 0.21 -47.23
N TYR V 65 29.16 1.41 -46.74
CA TYR V 65 30.50 1.74 -46.26
C TYR V 65 30.83 1.00 -44.98
N VAL V 66 32.11 1.04 -44.63
CA VAL V 66 32.61 0.44 -43.41
C VAL V 66 33.60 1.39 -42.74
N THR V 67 33.21 1.97 -41.62
CA THR V 67 34.16 2.76 -40.86
C THR V 67 35.10 1.80 -40.12
N PRO V 68 36.36 2.18 -39.90
CA PRO V 68 37.24 1.32 -39.09
C PRO V 68 36.86 1.25 -37.62
N LYS V 69 35.98 2.12 -37.15
CA LYS V 69 35.33 1.86 -35.87
C LYS V 69 34.15 0.91 -36.00
N THR V 70 33.87 0.44 -37.21
CA THR V 70 32.86 -0.59 -37.45
C THR V 70 33.44 -1.83 -38.11
N LEU V 71 34.59 -1.70 -38.76
CA LEU V 71 35.28 -2.87 -39.29
C LEU V 71 35.82 -3.75 -38.16
N LYS V 72 36.06 -3.18 -36.99
CA LYS V 72 36.33 -4.01 -35.82
C LYS V 72 35.10 -4.83 -35.47
N ARG V 73 33.94 -4.19 -35.43
CA ARG V 73 32.71 -4.86 -35.03
C ARG V 73 32.24 -5.85 -36.09
N ILE V 74 32.47 -5.51 -37.37
CA ILE V 74 32.06 -6.42 -38.45
C ILE V 74 32.93 -7.67 -38.45
N ILE V 75 34.24 -7.52 -38.26
CA ILE V 75 35.08 -8.71 -38.29
C ILE V 75 34.94 -9.52 -37.01
N ILE V 76 34.50 -8.90 -35.92
CA ILE V 76 34.21 -9.68 -34.72
C ILE V 76 32.91 -10.45 -34.90
N THR V 77 31.93 -9.85 -35.58
CA THR V 77 30.72 -10.59 -35.92
C THR V 77 31.01 -11.70 -36.92
N TYR V 78 31.90 -11.43 -37.87
CA TYR V 78 32.27 -12.41 -38.87
C TYR V 78 33.11 -13.55 -38.30
N GLU V 79 33.74 -13.37 -37.15
CA GLU V 79 34.52 -14.45 -36.57
C GLU V 79 33.65 -15.47 -35.84
N MET V 80 32.36 -15.24 -35.71
CA MET V 80 31.53 -16.07 -34.85
C MET V 80 30.55 -16.98 -35.58
N ALA V 81 30.18 -16.68 -36.82
CA ALA V 81 29.30 -17.59 -37.57
C ALA V 81 30.10 -18.83 -37.97
N PRO V 82 29.69 -20.02 -37.55
CA PRO V 82 30.57 -21.18 -37.64
C PRO V 82 30.93 -21.67 -39.04
N ASP V 83 30.02 -22.38 -39.73
CA ASP V 83 30.38 -22.81 -41.09
C ASP V 83 29.97 -21.81 -42.16
N PRO V 84 28.66 -21.62 -42.47
CA PRO V 84 28.29 -21.16 -43.82
C PRO V 84 28.20 -19.64 -43.91
N LYS V 85 29.14 -18.94 -43.30
CA LYS V 85 29.14 -17.50 -43.38
C LYS V 85 29.64 -17.09 -44.75
N TYR V 86 28.84 -16.31 -45.46
CA TYR V 86 29.30 -15.64 -46.67
C TYR V 86 28.61 -14.30 -46.80
N VAL V 87 29.40 -13.27 -46.83
CA VAL V 87 28.87 -11.92 -46.82
C VAL V 87 28.46 -11.57 -48.24
N LEU V 88 27.43 -10.76 -48.34
CA LEU V 88 26.97 -10.23 -49.60
C LEU V 88 27.29 -8.75 -49.54
N ALA V 89 28.31 -8.32 -50.27
CA ALA V 89 28.60 -6.90 -50.32
C ALA V 89 27.48 -6.18 -51.03
N HIS V 90 27.31 -4.92 -50.69
CA HIS V 90 26.11 -4.22 -51.07
C HIS V 90 26.54 -2.90 -51.68
N GLY V 91 25.58 -2.15 -52.19
CA GLY V 91 25.81 -0.80 -52.68
C GLY V 91 26.88 -0.64 -53.73
N SER V 92 27.73 0.35 -53.56
CA SER V 92 28.93 0.49 -54.36
C SER V 92 30.10 0.93 -53.52
N CYS V 93 29.88 0.93 -52.21
CA CYS V 93 30.93 1.32 -51.24
C CYS V 93 31.99 0.21 -51.25
N PRO V 94 31.67 -1.06 -50.90
CA PRO V 94 32.67 -2.12 -50.87
C PRO V 94 33.44 -2.30 -52.16
N ILE V 95 32.81 -2.09 -53.31
CA ILE V 95 33.52 -2.09 -54.58
C ILE V 95 34.27 -0.77 -54.63
N ASN V 96 35.59 -0.83 -54.47
CA ASN V 96 36.51 0.26 -54.77
C ASN V 96 36.36 1.51 -53.90
N GLY V 97 35.44 1.51 -52.94
CA GLY V 97 35.11 2.76 -52.28
C GLY V 97 34.02 3.46 -53.04
N GLY V 98 33.02 3.98 -52.33
CA GLY V 98 31.91 4.65 -52.98
C GLY V 98 32.29 6.08 -53.32
N ILE V 99 31.40 7.01 -52.98
CA ILE V 99 31.76 8.41 -53.17
C ILE V 99 32.70 8.88 -52.07
N TYR V 100 32.87 8.09 -51.03
CA TYR V 100 33.82 8.39 -49.98
C TYR V 100 35.17 7.76 -50.27
N TRP V 101 35.69 7.96 -51.46
CA TRP V 101 37.08 7.61 -51.69
C TRP V 101 38.01 8.67 -51.14
N ASP V 102 37.47 9.83 -50.81
CA ASP V 102 38.19 10.96 -50.26
C ASP V 102 38.00 10.98 -48.76
N ALA V 103 37.89 9.80 -48.16
CA ALA V 103 37.69 9.75 -46.72
C ALA V 103 38.89 9.07 -46.07
N TYR V 104 39.38 9.69 -45.02
CA TYR V 104 40.36 9.03 -44.17
C TYR V 104 39.74 7.86 -43.40
N ASN V 105 38.43 7.89 -43.20
CA ASN V 105 37.74 6.82 -42.50
C ASN V 105 37.26 5.73 -43.44
N ALA V 106 36.35 6.05 -44.36
CA ALA V 106 35.53 5.05 -45.05
C ALA V 106 36.37 4.11 -45.90
N ILE V 107 36.35 2.84 -45.50
CA ILE V 107 37.32 1.85 -45.94
C ILE V 107 37.05 1.46 -47.37
N LYS V 108 38.03 1.71 -48.23
CA LYS V 108 37.98 1.29 -49.61
C LYS V 108 38.34 -0.19 -49.71
N GLN V 109 37.87 -0.83 -50.78
CA GLN V 109 38.38 -2.11 -51.27
C GLN V 109 38.21 -3.23 -50.23
N LEU V 110 36.96 -3.58 -49.99
CA LEU V 110 36.59 -4.45 -48.88
C LEU V 110 37.12 -5.87 -49.02
N ASP V 111 37.47 -6.31 -50.23
CA ASP V 111 37.97 -7.67 -50.41
C ASP V 111 39.33 -7.88 -49.77
N LYS V 112 40.10 -6.82 -49.53
CA LYS V 112 41.37 -6.94 -48.84
C LYS V 112 41.24 -7.14 -47.34
N TYR V 113 40.04 -7.18 -46.79
CA TYR V 113 39.88 -7.33 -45.34
C TYR V 113 39.05 -8.53 -44.95
N ILE V 114 37.87 -8.72 -45.53
CA ILE V 114 37.05 -9.89 -45.26
C ILE V 114 36.57 -10.46 -46.59
N PRO V 115 36.44 -11.77 -46.75
CA PRO V 115 36.12 -12.33 -48.06
C PRO V 115 34.69 -12.10 -48.48
N VAL V 116 34.52 -11.24 -49.46
CA VAL V 116 33.23 -10.98 -50.07
C VAL V 116 32.87 -12.12 -51.02
N ASP V 117 31.63 -12.58 -50.98
CA ASP V 117 31.14 -13.53 -51.96
C ASP V 117 30.69 -12.82 -53.24
N VAL V 118 29.65 -12.00 -53.14
CA VAL V 118 29.01 -11.42 -54.33
C VAL V 118 28.80 -9.93 -54.11
N TYR V 119 29.05 -9.16 -55.16
CA TYR V 119 28.80 -7.73 -55.15
C TYR V 119 27.55 -7.41 -55.95
N ILE V 120 26.85 -6.37 -55.53
CA ILE V 120 25.77 -5.76 -56.31
C ILE V 120 26.22 -4.35 -56.61
N ALA V 121 25.54 -3.69 -57.52
CA ALA V 121 25.78 -2.28 -57.76
C ALA V 121 24.52 -1.49 -57.45
N GLY V 122 24.67 -0.17 -57.36
CA GLY V 122 23.54 0.71 -57.07
C GLY V 122 23.81 1.59 -55.88
N CYS V 123 23.17 2.78 -55.88
CA CYS V 123 23.33 3.73 -54.77
C CYS V 123 22.02 4.50 -54.67
N MET V 124 21.09 4.05 -53.83
CA MET V 124 21.12 2.78 -53.11
C MET V 124 20.68 1.71 -54.07
N PRO V 125 21.13 0.49 -53.87
CA PRO V 125 20.63 -0.60 -54.71
C PRO V 125 19.17 -0.86 -54.45
N ARG V 126 18.42 -0.86 -55.52
CA ARG V 126 17.00 -1.16 -55.47
C ARG V 126 16.80 -2.61 -55.00
N PRO V 127 15.73 -2.89 -54.23
CA PRO V 127 15.50 -4.27 -53.76
C PRO V 127 15.36 -5.33 -54.84
N GLU V 128 15.02 -4.94 -56.07
CA GLU V 128 15.08 -5.89 -57.18
C GLU V 128 16.50 -6.31 -57.47
N ALA V 129 17.47 -5.40 -57.30
CA ALA V 129 18.85 -5.77 -57.49
C ALA V 129 19.33 -6.68 -56.36
N VAL V 130 18.78 -6.51 -55.16
CA VAL V 130 19.14 -7.39 -54.06
C VAL V 130 18.52 -8.77 -54.27
N MET V 131 17.34 -8.80 -54.89
CA MET V 131 16.73 -10.06 -55.27
C MET V 131 17.57 -10.78 -56.31
N ASP V 132 18.10 -10.04 -57.29
CA ASP V 132 18.98 -10.65 -58.28
C ASP V 132 20.28 -11.11 -57.62
N GLY V 133 20.76 -10.37 -56.62
CA GLY V 133 21.98 -10.77 -55.93
C GLY V 133 21.81 -12.05 -55.14
N ILE V 134 20.70 -12.17 -54.40
CA ILE V 134 20.44 -13.37 -53.63
C ILE V 134 20.11 -14.54 -54.55
N LYS V 135 19.44 -14.28 -55.68
CA LYS V 135 19.12 -15.37 -56.61
C LYS V 135 20.38 -15.92 -57.27
N LYS V 136 21.33 -15.04 -57.61
CA LYS V 136 22.63 -15.51 -58.07
C LYS V 136 23.41 -16.16 -56.95
N LEU V 137 23.16 -15.77 -55.70
CA LEU V 137 23.80 -16.44 -54.57
C LEU V 137 23.24 -17.84 -54.35
N MET V 138 21.94 -18.03 -54.62
CA MET V 138 21.36 -19.36 -54.59
C MET V 138 21.95 -20.24 -55.68
N GLU V 139 22.07 -19.71 -56.90
CA GLU V 139 22.69 -20.42 -58.00
C GLU V 139 24.15 -20.77 -57.69
N MET V 140 24.85 -19.88 -57.00
CA MET V 140 26.22 -20.15 -56.62
C MET V 140 26.29 -21.22 -55.53
N ILE V 141 25.29 -21.26 -54.63
CA ILE V 141 25.36 -22.18 -53.51
C ILE V 141 24.75 -23.54 -53.84
N GLU V 142 24.15 -23.72 -55.02
CA GLU V 142 23.67 -25.04 -55.43
C GLU V 142 24.80 -26.04 -55.54
N ASN V 143 25.71 -25.83 -56.48
CA ASN V 143 26.85 -26.72 -56.61
C ASN V 143 27.87 -26.46 -55.50
N GLY V 144 28.06 -25.20 -55.13
CA GLY V 144 29.01 -24.89 -54.07
C GLY V 144 30.38 -24.61 -54.63
N GLU V 145 30.84 -23.36 -54.49
CA GLU V 145 31.70 -22.70 -55.51
C GLU V 145 32.93 -22.05 -54.89
N ALA V 146 33.43 -22.67 -53.80
CA ALA V 146 34.65 -22.27 -53.07
C ALA V 146 34.55 -20.83 -52.56
N ASP V 147 33.46 -20.51 -51.90
CA ASP V 147 33.14 -19.13 -51.55
C ASP V 147 33.92 -18.67 -50.32
N GLY V 148 33.48 -17.56 -49.74
CA GLY V 148 33.93 -17.16 -48.42
C GLY V 148 33.51 -18.21 -47.40
N TRP V 149 34.22 -18.27 -46.26
CA TRP V 149 34.39 -19.32 -45.24
C TRP V 149 35.28 -20.45 -45.72
N LYS V 150 35.57 -20.50 -47.01
CA LYS V 150 36.56 -21.45 -47.49
C LYS V 150 37.84 -20.75 -47.92
N ARG V 151 37.82 -19.42 -47.99
CA ARG V 151 39.02 -18.65 -48.21
C ARG V 151 39.49 -17.93 -46.96
N TYR V 152 38.61 -17.72 -45.99
CA TYR V 152 39.01 -17.15 -44.71
C TYR V 152 39.68 -18.18 -43.81
N LYS V 153 39.71 -19.45 -44.21
CA LYS V 153 40.26 -20.52 -43.41
C LYS V 153 41.68 -20.90 -43.84
N GLU V 154 41.84 -21.22 -45.13
CA GLU V 154 43.17 -21.61 -45.61
C GLU V 154 44.02 -20.40 -45.96
N ASN V 155 43.41 -19.38 -46.56
CA ASN V 155 44.13 -18.15 -46.89
C ASN V 155 43.99 -17.12 -45.78
N TYR V 156 44.28 -17.53 -44.55
CA TYR V 156 44.17 -16.62 -43.42
C TYR V 156 45.42 -15.76 -43.27
N GLU V 157 46.54 -16.23 -43.81
CA GLU V 157 47.83 -15.55 -43.67
C GLU V 157 47.86 -14.21 -44.37
N TRP V 158 47.03 -14.02 -45.39
CA TRP V 158 46.98 -12.77 -46.15
C TRP V 158 46.01 -11.78 -45.50
N TYR V 159 44.83 -12.25 -45.10
CA TYR V 159 43.84 -11.36 -44.52
C TYR V 159 44.27 -10.89 -43.13
N ARG V 160 44.90 -11.78 -42.36
CA ARG V 160 45.36 -11.39 -41.03
C ARG V 160 46.50 -10.39 -41.12
N LYS V 161 47.32 -10.48 -42.17
CA LYS V 161 48.35 -9.48 -42.38
C LYS V 161 47.74 -8.17 -42.83
N ASN V 162 46.70 -8.21 -43.67
CA ASN V 162 46.10 -6.97 -44.14
C ASN V 162 45.18 -6.36 -43.08
N GLN V 163 44.67 -7.18 -42.18
CA GLN V 163 43.92 -6.65 -41.04
C GLN V 163 44.84 -5.88 -40.11
N ASP V 164 46.01 -6.45 -39.83
CA ASP V 164 46.91 -5.90 -38.84
C ASP V 164 47.66 -4.70 -39.36
N GLU V 165 47.67 -4.50 -40.69
CA GLU V 165 48.47 -3.43 -41.27
C GLU V 165 47.74 -2.09 -41.22
N LEU V 166 46.41 -2.11 -41.41
CA LEU V 166 45.63 -0.88 -41.41
C LEU V 166 45.54 -0.29 -40.02
N LEU V 167 44.84 -0.98 -39.13
CA LEU V 167 44.44 -0.44 -37.84
C LEU V 167 45.00 -1.29 -36.70
N GLY V 168 44.99 -2.62 -36.87
CA GLY V 168 45.85 -3.57 -36.22
C GLY V 168 46.20 -3.48 -34.76
N GLU V 169 47.46 -3.86 -34.48
CA GLU V 169 48.13 -3.99 -33.18
C GLU V 169 47.25 -4.57 -32.07
N GLY V 170 46.42 -5.56 -32.40
CA GLY V 170 45.62 -6.18 -31.36
C GLY V 170 44.50 -5.31 -30.85
N TRP V 171 43.43 -5.17 -31.62
CA TRP V 171 42.25 -4.39 -31.23
C TRP V 171 41.65 -4.80 -29.90
N ARG V 172 41.84 -6.05 -29.50
CA ARG V 172 41.34 -6.58 -28.23
C ARG V 172 42.02 -5.97 -27.02
N GLU V 173 43.05 -5.14 -27.20
CA GLU V 173 43.57 -4.29 -26.16
C GLU V 173 43.36 -2.81 -26.42
N LYS V 174 43.20 -2.40 -27.68
CA LYS V 174 42.98 -0.98 -27.93
C LYS V 174 41.52 -0.57 -27.74
N GLU V 175 40.58 -1.37 -28.25
CA GLU V 175 39.16 -1.10 -28.09
C GLU V 175 38.59 -1.85 -26.87
N ALA V 176 39.43 -2.12 -25.89
CA ALA V 176 38.95 -2.67 -24.63
C ALA V 176 39.43 -1.81 -23.48
N ARG V 177 40.67 -1.35 -23.57
CA ARG V 177 41.27 -0.46 -22.58
C ARG V 177 40.89 1.00 -22.83
N LYS V 178 40.08 1.26 -23.85
CA LYS V 178 39.67 2.62 -24.18
C LYS V 178 38.51 3.12 -23.33
N TRP V 179 38.09 2.36 -22.32
CA TRP V 179 36.97 2.80 -21.50
C TRP V 179 37.23 2.69 -20.02
N ILE V 180 38.10 1.76 -19.62
CA ILE V 180 38.39 1.55 -18.20
C ILE V 180 39.07 2.73 -17.50
N PRO V 181 39.77 3.68 -18.14
CA PRO V 181 40.01 4.93 -17.42
C PRO V 181 38.81 5.84 -17.40
N TRP V 182 37.94 5.75 -18.41
CA TRP V 182 36.83 6.68 -18.55
C TRP V 182 35.52 6.09 -18.08
N LEU V 183 35.58 5.35 -16.97
CA LEU V 183 34.43 4.70 -16.36
C LEU V 183 33.40 5.72 -15.87
N GLU W 4 12.64 44.13 -39.24
CA GLU W 4 12.49 45.36 -38.47
C GLU W 4 12.62 45.09 -36.98
N LYS W 5 11.91 44.07 -36.49
CA LYS W 5 11.88 43.78 -35.05
C LYS W 5 13.23 43.28 -34.58
N GLY W 6 14.00 42.67 -35.47
CA GLY W 6 15.35 42.27 -35.12
C GLY W 6 16.27 43.47 -34.90
N GLU W 7 16.00 44.57 -35.59
CA GLU W 7 16.78 45.78 -35.35
C GLU W 7 16.49 46.35 -33.96
N GLU W 8 15.24 46.24 -33.51
CA GLU W 8 14.91 46.64 -32.14
C GLU W 8 15.54 45.69 -31.13
N ILE W 9 15.59 44.39 -31.46
CA ILE W 9 16.18 43.41 -30.56
C ILE W 9 17.68 43.64 -30.43
N VAL W 10 18.37 43.87 -31.55
CA VAL W 10 19.80 44.12 -31.48
C VAL W 10 20.08 45.49 -30.88
N LYS W 11 19.15 46.45 -30.99
CA LYS W 11 19.33 47.72 -30.30
C LYS W 11 19.18 47.54 -28.80
N GLN W 12 18.32 46.62 -28.38
CA GLN W 12 18.20 46.32 -26.96
C GLN W 12 19.42 45.56 -26.45
N ILE W 13 20.05 44.76 -27.32
CA ILE W 13 21.25 44.04 -26.90
C ILE W 13 22.43 45.00 -26.80
N LEU W 14 22.54 45.93 -27.74
CA LEU W 14 23.67 46.88 -27.73
C LEU W 14 23.63 47.85 -26.55
N GLU W 15 22.48 48.04 -25.91
CA GLU W 15 22.44 48.80 -24.67
C GLU W 15 23.16 48.06 -23.55
N LYS W 16 23.08 46.73 -23.53
CA LYS W 16 23.66 45.93 -22.46
C LYS W 16 25.08 45.46 -22.77
N ALA W 17 25.64 45.85 -23.91
CA ALA W 17 26.99 45.41 -24.28
C ALA W 17 27.64 46.37 -25.27
N PRO W 18 28.89 46.80 -25.04
CA PRO W 18 29.52 47.75 -25.95
C PRO W 18 30.18 47.14 -27.20
N TYR W 19 30.80 45.96 -27.07
CA TYR W 19 31.67 45.42 -28.11
C TYR W 19 30.89 44.45 -29.00
N ALA W 20 29.75 44.89 -29.49
CA ALA W 20 28.78 43.95 -30.03
C ALA W 20 28.20 44.35 -31.38
N GLU W 21 29.05 44.68 -32.36
CA GLU W 21 28.63 45.40 -33.55
C GLU W 21 27.67 44.60 -34.43
N GLY W 22 26.37 44.87 -34.26
CA GLY W 22 25.33 44.00 -34.77
C GLY W 22 24.84 44.40 -36.14
N LYS W 23 25.00 43.49 -37.09
CA LYS W 23 24.45 43.64 -38.43
C LYS W 23 23.24 42.74 -38.57
N VAL W 24 22.14 43.30 -39.04
CA VAL W 24 20.89 42.57 -39.19
C VAL W 24 20.74 42.17 -40.66
N ARG W 25 20.86 40.88 -40.93
CA ARG W 25 20.55 40.36 -42.25
C ARG W 25 19.06 40.09 -42.35
N ARG W 26 18.67 39.37 -43.41
CA ARG W 26 17.45 39.62 -44.20
C ARG W 26 16.20 40.04 -43.42
N GLU W 27 15.68 39.21 -42.53
CA GLU W 27 14.85 39.68 -41.43
C GLU W 27 15.37 39.17 -40.09
N ARG W 28 15.64 37.86 -39.99
CA ARG W 28 16.05 37.25 -38.73
C ARG W 28 17.30 36.40 -38.99
N ARG W 29 18.44 37.06 -39.09
CA ARG W 29 19.75 36.43 -39.17
C ARG W 29 20.78 37.27 -38.43
N LEU W 30 20.48 37.67 -37.19
CA LEU W 30 21.25 38.71 -36.51
C LEU W 30 22.67 38.28 -36.24
N GLU W 31 23.60 38.74 -37.08
CA GLU W 31 24.99 38.28 -37.04
C GLU W 31 25.86 39.41 -36.51
N PHE W 32 26.73 39.10 -35.57
CA PHE W 32 27.69 40.07 -35.05
C PHE W 32 28.94 39.41 -34.52
N ARG W 33 30.04 40.15 -34.55
CA ARG W 33 31.32 39.66 -34.06
C ARG W 33 31.67 40.31 -32.73
N VAL W 34 32.27 39.53 -31.84
CA VAL W 34 32.79 40.02 -30.57
C VAL W 34 34.26 39.69 -30.52
N PRO W 35 35.03 40.34 -29.65
CA PRO W 35 36.41 39.90 -29.41
C PRO W 35 36.45 38.52 -28.76
N ALA W 36 37.66 37.96 -28.71
CA ALA W 36 37.83 36.54 -28.39
C ALA W 36 37.53 36.25 -26.93
N ASP W 37 38.28 36.86 -26.03
CA ASP W 37 38.15 36.56 -24.61
C ASP W 37 37.20 37.52 -23.92
N LYS W 38 36.06 37.77 -24.56
CA LYS W 38 35.02 38.60 -23.99
C LYS W 38 33.64 37.98 -24.14
N ILE W 39 33.51 36.87 -24.87
CA ILE W 39 32.21 36.26 -25.11
C ILE W 39 31.72 35.52 -23.88
N ARG W 40 32.65 35.08 -23.01
CA ARG W 40 32.26 34.35 -21.80
C ARG W 40 31.49 35.24 -20.84
N ASP W 41 31.84 36.52 -20.78
CA ASP W 41 31.06 37.51 -20.02
C ASP W 41 29.94 38.12 -20.85
N PHE W 42 29.59 37.49 -21.97
CA PHE W 42 28.67 38.05 -22.95
C PHE W 42 27.56 37.10 -23.35
N LEU W 43 27.83 35.79 -23.31
CA LEU W 43 26.88 34.83 -23.87
C LEU W 43 25.69 34.66 -22.95
N ARG W 44 25.84 35.01 -21.66
CA ARG W 44 24.74 34.95 -20.72
C ARG W 44 23.91 36.23 -20.74
N ILE W 45 24.44 37.30 -21.37
CA ILE W 45 23.59 38.43 -21.70
C ILE W 45 22.65 38.01 -22.80
N MET W 46 23.14 37.21 -23.73
CA MET W 46 22.35 36.69 -24.83
C MET W 46 21.42 35.58 -24.39
N LYS W 47 21.81 34.80 -23.39
CA LYS W 47 20.95 33.78 -22.82
C LYS W 47 19.79 34.37 -22.04
N GLU W 48 20.07 35.31 -21.14
CA GLU W 48 19.04 35.88 -20.30
C GLU W 48 18.11 36.84 -21.02
N SER W 49 18.55 37.46 -22.11
CA SER W 49 17.67 38.35 -22.85
C SER W 49 16.52 37.57 -23.50
N ASN W 50 16.83 36.82 -24.56
CA ASN W 50 15.76 36.04 -25.19
C ASN W 50 16.22 34.74 -25.85
N PHE W 51 17.50 34.38 -25.78
CA PHE W 51 17.97 33.28 -26.61
C PHE W 51 18.45 32.11 -25.79
N PRO W 52 17.59 31.17 -25.42
CA PRO W 52 18.04 30.05 -24.59
C PRO W 52 18.82 28.99 -25.35
N LEU W 53 18.34 28.62 -26.53
CA LEU W 53 18.79 27.42 -27.20
C LEU W 53 20.02 27.69 -28.04
N MET W 54 21.01 26.82 -27.91
CA MET W 54 22.27 26.96 -28.61
C MET W 54 22.49 25.80 -29.55
N LEU W 55 22.75 26.11 -30.81
CA LEU W 55 23.06 25.10 -31.82
C LEU W 55 24.56 24.89 -31.85
N GLN W 56 25.04 24.25 -32.92
CA GLN W 56 26.39 23.72 -32.99
C GLN W 56 27.44 24.83 -33.00
N ILE W 57 28.50 24.62 -32.23
CA ILE W 57 29.65 25.52 -32.25
C ILE W 57 30.46 25.14 -33.48
N THR W 58 30.13 25.77 -34.60
CA THR W 58 30.79 25.48 -35.85
C THR W 58 31.96 26.43 -36.02
N ALA W 59 33.11 25.90 -36.43
CA ALA W 59 34.30 26.72 -36.47
C ALA W 59 34.99 26.58 -37.82
N VAL W 60 34.99 27.65 -38.59
CA VAL W 60 35.69 27.69 -39.86
C VAL W 60 37.15 27.97 -39.61
N ASP W 61 37.98 27.69 -40.60
CA ASP W 61 39.42 27.93 -40.51
C ASP W 61 39.85 28.91 -41.60
N TRP W 62 41.01 29.54 -41.39
CA TRP W 62 41.59 30.46 -42.37
C TRP W 62 43.10 30.30 -42.32
N PRO W 63 43.74 29.87 -43.40
CA PRO W 63 45.21 29.76 -43.39
C PRO W 63 45.90 31.07 -43.75
N LYS W 64 45.23 31.97 -44.46
CA LYS W 64 45.84 33.23 -44.86
C LYS W 64 46.06 34.13 -43.66
N GLU W 65 44.99 34.50 -42.97
CA GLU W 65 45.05 35.09 -41.64
C GLU W 65 44.79 33.94 -40.66
N GLY W 66 45.80 33.59 -39.89
CA GLY W 66 45.67 32.40 -39.05
C GLY W 66 44.75 32.62 -37.86
N GLU W 67 43.54 32.10 -37.97
CA GLU W 67 42.53 32.24 -36.91
C GLU W 67 41.40 31.27 -37.19
N ILE W 68 41.03 30.48 -36.19
CA ILE W 68 39.86 29.62 -36.29
C ILE W 68 38.66 30.43 -35.82
N GLU W 69 37.91 30.97 -36.77
CA GLU W 69 36.77 31.81 -36.41
C GLU W 69 35.61 30.98 -35.89
N LEU W 70 35.62 30.67 -34.59
CA LEU W 70 34.53 29.92 -33.98
C LEU W 70 33.25 30.74 -33.95
N VAL W 71 32.34 30.52 -34.90
CA VAL W 71 31.06 31.19 -34.86
C VAL W 71 30.16 30.36 -33.96
N TYR W 72 29.32 31.02 -33.19
CA TYR W 72 28.46 30.34 -32.23
C TYR W 72 27.02 30.57 -32.65
N HIS W 73 26.27 29.50 -32.82
CA HIS W 73 24.90 29.61 -33.27
C HIS W 73 23.96 29.65 -32.09
N LEU W 74 23.23 30.73 -31.96
CA LEU W 74 22.16 30.86 -31.00
C LEU W 74 20.84 30.89 -31.76
N ILE W 75 19.73 30.74 -31.04
CA ILE W 75 18.42 30.78 -31.68
C ILE W 75 17.43 31.32 -30.68
N ASN W 76 16.30 31.80 -31.17
CA ASN W 76 15.21 32.26 -30.34
C ASN W 76 14.10 31.22 -30.31
N VAL W 77 13.19 31.39 -29.35
CA VAL W 77 11.99 30.56 -29.30
C VAL W 77 10.70 31.38 -29.31
N GLU W 78 10.75 32.68 -29.01
CA GLU W 78 9.56 33.52 -29.00
C GLU W 78 9.38 34.34 -30.27
N LEU W 79 10.45 34.57 -31.01
CA LEU W 79 10.39 35.29 -32.27
C LEU W 79 10.82 34.45 -33.46
N GLY W 80 11.89 33.69 -33.32
CA GLY W 80 12.37 32.82 -34.37
C GLY W 80 13.66 33.24 -35.04
N THR W 81 14.43 34.14 -34.43
CA THR W 81 15.67 34.58 -35.04
C THR W 81 16.81 33.66 -34.63
N HIS W 82 18.00 33.95 -35.17
CA HIS W 82 19.12 33.02 -35.06
C HIS W 82 20.41 33.83 -35.06
N ALA W 83 21.02 33.98 -33.89
CA ALA W 83 22.24 34.76 -33.78
C ALA W 83 23.43 33.95 -34.30
N MET W 84 24.50 34.67 -34.65
CA MET W 84 25.72 34.07 -35.17
C MET W 84 26.95 34.71 -34.55
N VAL W 85 26.96 34.81 -33.21
CA VAL W 85 28.03 35.50 -32.50
C VAL W 85 29.35 34.76 -32.69
N LYS W 86 30.38 35.49 -33.09
CA LYS W 86 31.61 34.87 -33.56
C LYS W 86 32.83 35.54 -32.95
N THR W 87 33.88 34.74 -32.77
CA THR W 87 35.15 35.19 -32.21
C THR W 87 36.27 34.96 -33.23
N ARG W 88 37.49 35.26 -32.83
CA ARG W 88 38.67 35.05 -33.67
C ARG W 88 39.85 34.75 -32.77
N ILE W 89 40.16 33.47 -32.60
CA ILE W 89 41.24 33.07 -31.70
C ILE W 89 42.41 32.59 -32.54
N PRO W 90 43.66 32.64 -32.05
CA PRO W 90 44.81 32.31 -32.90
C PRO W 90 44.88 30.83 -33.28
N ARG W 91 45.79 30.54 -34.21
CA ARG W 91 45.75 29.29 -34.95
C ARG W 91 46.75 28.24 -34.46
N ASP W 92 47.75 28.63 -33.67
CA ASP W 92 48.71 27.64 -33.19
C ASP W 92 48.05 26.78 -32.12
N LEU W 93 48.56 25.54 -31.98
CA LEU W 93 48.04 24.64 -30.96
C LEU W 93 48.45 25.08 -29.56
N ASP W 94 49.54 25.85 -29.45
CA ASP W 94 49.91 26.48 -28.19
C ASP W 94 48.87 27.52 -27.81
N LYS W 95 48.47 28.36 -28.76
CA LYS W 95 47.54 29.45 -28.51
C LYS W 95 46.09 29.07 -28.75
N ALA W 96 45.80 27.80 -29.07
CA ALA W 96 44.43 27.37 -29.27
C ALA W 96 43.71 27.24 -27.94
N ARG W 97 43.34 28.36 -27.34
CA ARG W 97 42.68 28.36 -26.05
C ARG W 97 41.37 29.13 -26.14
N MET W 98 40.38 28.63 -25.43
CA MET W 98 39.04 29.20 -25.47
C MET W 98 38.31 28.75 -24.22
N PRO W 99 37.76 29.68 -23.42
CA PRO W 99 37.03 29.28 -22.21
C PRO W 99 35.70 28.64 -22.56
N THR W 100 35.42 27.52 -21.90
CA THR W 100 34.24 26.73 -22.24
C THR W 100 32.98 27.33 -21.66
N VAL W 101 31.91 27.31 -22.46
CA VAL W 101 30.60 27.73 -21.98
C VAL W 101 29.80 26.51 -21.51
N LYS W 102 30.04 26.09 -20.27
CA LYS W 102 29.26 25.02 -19.66
C LYS W 102 28.47 25.48 -18.45
N ASP W 103 28.90 26.55 -17.79
CA ASP W 103 28.17 27.08 -16.64
C ASP W 103 26.84 27.70 -17.03
N ILE W 104 26.70 28.13 -18.28
CA ILE W 104 25.50 28.81 -18.75
C ILE W 104 24.73 27.94 -19.74
N TYR W 105 25.44 27.24 -20.62
CA TYR W 105 24.79 26.39 -21.61
C TYR W 105 25.21 24.95 -21.38
N PRO W 106 24.29 24.06 -21.08
CA PRO W 106 24.63 22.63 -21.12
C PRO W 106 24.54 22.10 -22.54
N ALA W 107 24.21 22.96 -23.50
CA ALA W 107 24.28 22.57 -24.90
C ALA W 107 25.71 22.38 -25.35
N ALA W 108 26.63 23.16 -24.82
CA ALA W 108 28.03 23.06 -25.22
C ALA W 108 28.80 22.04 -24.42
N GLU W 109 28.14 21.04 -23.85
CA GLU W 109 28.88 19.94 -23.25
C GLU W 109 29.42 19.01 -24.33
N THR W 110 28.72 18.90 -25.44
CA THR W 110 29.06 17.94 -26.47
C THR W 110 29.57 18.60 -27.75
N TYR W 111 29.13 19.83 -28.06
CA TYR W 111 29.64 20.55 -29.21
C TYR W 111 31.13 20.84 -29.06
N GLU W 112 31.56 21.12 -27.83
CA GLU W 112 32.97 21.39 -27.63
C GLU W 112 33.81 20.13 -27.76
N ARG W 113 33.22 18.96 -27.51
CA ARG W 113 33.97 17.72 -27.69
C ARG W 113 34.27 17.48 -29.16
N ASP W 114 33.31 17.75 -30.04
CA ASP W 114 33.55 17.53 -31.45
C ASP W 114 34.50 18.57 -32.02
N VAL W 115 34.37 19.83 -31.60
CA VAL W 115 35.27 20.85 -32.14
C VAL W 115 36.67 20.73 -31.54
N HIS W 116 36.82 20.05 -30.40
CA HIS W 116 38.16 19.83 -29.88
C HIS W 116 38.79 18.58 -30.49
N ASP W 117 37.99 17.53 -30.71
CA ASP W 117 38.58 16.35 -31.30
C ASP W 117 38.82 16.48 -32.80
N PHE W 118 38.09 17.36 -33.48
CA PHE W 118 38.29 17.53 -34.92
C PHE W 118 39.50 18.39 -35.25
N PHE W 119 39.61 19.57 -34.64
CA PHE W 119 40.72 20.45 -34.98
C PHE W 119 41.01 21.39 -33.82
N GLY W 120 42.28 21.48 -33.46
CA GLY W 120 42.75 22.58 -32.64
C GLY W 120 42.21 22.66 -31.24
N VAL W 121 41.28 23.59 -31.07
CA VAL W 121 40.93 24.32 -29.86
C VAL W 121 40.83 23.47 -28.59
N TYR W 122 41.38 23.97 -27.50
CA TYR W 122 41.29 23.28 -26.24
C TYR W 122 40.51 24.13 -25.25
N PHE W 123 39.58 23.50 -24.55
CA PHE W 123 38.65 24.20 -23.68
C PHE W 123 39.00 23.86 -22.24
N GLU W 124 39.19 24.88 -21.40
CA GLU W 124 39.86 24.68 -20.12
C GLU W 124 38.98 23.99 -19.08
N GLY W 125 37.87 24.61 -18.70
CA GLY W 125 37.14 24.15 -17.54
C GLY W 125 36.09 23.08 -17.81
N ASN W 126 36.46 22.03 -18.53
CA ASN W 126 35.54 20.94 -18.83
C ASN W 126 36.18 19.61 -18.52
N GLU W 127 35.36 18.59 -18.29
CA GLU W 127 35.82 17.30 -17.79
C GLU W 127 35.90 16.25 -18.88
N LYS W 128 35.06 16.33 -19.91
CA LYS W 128 35.02 15.35 -20.98
C LYS W 128 35.89 15.85 -22.13
N MET W 129 37.20 15.81 -21.90
CA MET W 129 38.15 16.38 -22.85
C MET W 129 38.99 15.31 -23.55
N GLU W 130 39.65 14.46 -22.78
CA GLU W 130 40.49 13.40 -23.33
C GLU W 130 39.72 12.10 -23.53
N MET W 131 38.40 12.16 -23.44
CA MET W 131 37.56 11.01 -23.68
C MET W 131 37.59 10.65 -25.16
N PRO W 132 37.65 9.38 -25.51
CA PRO W 132 37.52 8.99 -26.92
C PRO W 132 36.11 9.19 -27.43
N TRP W 133 35.76 10.45 -27.70
CA TRP W 133 34.43 10.78 -28.21
C TRP W 133 34.24 10.24 -29.62
N ILE W 134 35.13 10.63 -30.53
CA ILE W 134 35.12 10.15 -31.90
C ILE W 134 36.58 10.15 -32.36
N LEU W 135 36.83 9.51 -33.50
CA LEU W 135 38.14 9.50 -34.18
C LEU W 135 39.20 8.87 -33.27
N ASP W 136 39.06 7.57 -33.08
CA ASP W 136 39.99 6.80 -32.27
C ASP W 136 41.38 6.76 -32.89
N ASP W 137 42.32 6.23 -32.11
CA ASP W 137 43.70 6.09 -32.52
C ASP W 137 43.83 5.14 -33.71
N PRO W 138 44.66 5.50 -34.71
CA PRO W 138 45.52 6.68 -34.77
C PRO W 138 44.96 7.88 -35.54
N GLU W 139 43.71 8.26 -35.31
CA GLU W 139 43.20 9.49 -35.89
C GLU W 139 43.15 10.64 -34.89
N ARG W 140 43.20 10.35 -33.60
CA ARG W 140 43.21 11.41 -32.59
C ARG W 140 44.54 12.15 -32.54
N GLY W 141 45.62 11.51 -32.95
CA GLY W 141 46.95 12.07 -32.83
C GLY W 141 47.27 13.19 -33.80
N LEU W 142 46.40 13.44 -34.78
CA LEU W 142 46.56 14.58 -35.66
C LEU W 142 45.17 15.06 -36.05
N TYR W 143 45.00 16.37 -36.10
CA TYR W 143 43.69 16.99 -36.25
C TYR W 143 43.31 17.12 -37.72
N PRO W 144 42.39 16.30 -38.23
CA PRO W 144 42.20 16.18 -39.67
C PRO W 144 41.25 17.18 -40.30
N HIS W 145 40.76 18.15 -39.56
CA HIS W 145 39.75 19.05 -40.10
C HIS W 145 40.24 20.48 -40.23
N ARG W 146 41.52 20.73 -40.01
CA ARG W 146 42.11 22.03 -40.29
C ARG W 146 42.63 22.02 -41.71
N LYS W 147 43.44 23.02 -42.08
CA LYS W 147 43.99 23.08 -43.43
C LYS W 147 45.46 22.67 -43.47
N ASP W 148 46.04 22.32 -42.32
CA ASP W 148 47.38 21.73 -42.33
C ASP W 148 47.36 20.25 -42.67
N PHE W 149 46.20 19.61 -42.56
CA PHE W 149 46.03 18.20 -42.88
C PHE W 149 45.40 18.14 -44.27
N ASP W 150 46.14 17.65 -45.25
CA ASP W 150 45.61 17.46 -46.58
C ASP W 150 45.27 15.99 -46.79
N MET W 151 44.15 15.75 -47.47
CA MET W 151 43.81 14.40 -47.90
C MET W 151 44.72 13.98 -49.04
N LEU W 152 44.63 12.71 -49.39
CA LEU W 152 45.30 12.07 -50.52
C LEU W 152 46.81 12.10 -50.42
N ALA W 153 47.35 12.43 -49.24
CA ALA W 153 48.72 12.14 -48.88
C ALA W 153 48.79 11.54 -47.50
N TYR W 154 47.68 11.52 -46.76
CA TYR W 154 47.50 10.69 -45.59
C TYR W 154 46.76 9.40 -45.91
N VAL W 155 45.82 9.46 -46.85
CA VAL W 155 45.10 8.26 -47.29
C VAL W 155 46.04 7.32 -48.01
N LYS W 156 47.03 7.85 -48.73
CA LYS W 156 48.05 7.00 -49.34
C LYS W 156 48.95 6.37 -48.29
N LYS W 157 49.20 7.06 -47.18
CA LYS W 157 50.00 6.48 -46.11
C LYS W 157 49.19 5.59 -45.20
N LYS W 158 47.87 5.57 -45.35
CA LYS W 158 47.02 4.65 -44.60
C LYS W 158 46.56 3.48 -45.43
N TYR W 159 46.28 3.69 -46.72
CA TYR W 159 45.94 2.62 -47.64
C TYR W 159 46.82 2.77 -48.87
N LYS W 160 47.45 1.67 -49.28
CA LYS W 160 48.47 1.73 -50.31
C LYS W 160 47.86 1.98 -51.70
N ILE W 161 46.81 1.25 -52.04
CA ILE W 161 46.11 1.44 -53.31
C ILE W 161 44.69 1.92 -53.01
N LEU W 162 44.21 2.83 -53.85
CA LEU W 162 42.83 3.28 -53.78
C LEU W 162 41.98 2.72 -54.91
N ASP W 163 42.59 1.99 -55.85
CA ASP W 163 41.79 1.35 -56.89
C ASP W 163 42.18 -0.11 -56.99
N ARG W 164 41.20 -0.98 -56.72
CA ARG W 164 41.32 -2.39 -57.10
C ARG W 164 41.48 -2.53 -58.60
N PHE W 165 40.80 -1.67 -59.36
CA PHE W 165 40.94 -1.62 -60.81
C PHE W 165 42.16 -0.84 -61.22
N ASP W 166 42.13 -0.42 -62.46
CA ASP W 166 43.23 0.15 -63.22
C ASP W 166 43.48 1.62 -62.90
N GLU W 167 43.89 2.34 -63.93
CA GLU W 167 44.98 3.32 -64.05
C GLU W 167 45.19 4.23 -62.84
N ASP W 168 44.38 5.28 -62.64
CA ASP W 168 44.79 6.33 -61.71
C ASP W 168 43.64 7.03 -61.00
N LYS W 169 42.62 6.31 -60.56
CA LYS W 169 41.51 7.02 -59.94
C LYS W 169 41.78 7.37 -58.49
N ASP W 170 42.73 8.27 -58.28
CA ASP W 170 43.00 8.80 -56.94
C ASP W 170 43.37 10.28 -56.92
N LYS W 171 43.42 10.94 -58.06
CA LYS W 171 43.76 12.36 -58.11
C LYS W 171 42.46 13.17 -58.09
N TYR W 172 42.54 14.46 -58.34
CA TYR W 172 41.37 15.31 -58.37
C TYR W 172 41.11 15.84 -59.77
N VAL W 173 39.93 16.45 -59.92
CA VAL W 173 39.52 17.30 -61.03
C VAL W 173 39.74 16.68 -62.40
N TYR X 19 41.65 -9.55 -13.99
CA TYR X 19 40.80 -9.40 -12.82
C TYR X 19 39.74 -8.35 -13.08
N PRO X 20 38.47 -8.73 -12.95
CA PRO X 20 37.39 -7.80 -13.30
C PRO X 20 37.24 -6.67 -12.30
N ILE X 21 37.75 -5.50 -12.65
CA ILE X 21 37.70 -4.39 -11.71
C ILE X 21 36.47 -3.53 -11.92
N ASP X 22 35.30 -4.06 -11.57
CA ASP X 22 34.20 -3.23 -11.12
C ASP X 22 33.50 -3.92 -9.97
N LYS X 23 33.23 -5.22 -10.18
CA LYS X 23 32.60 -6.17 -9.26
C LYS X 23 31.23 -5.76 -8.74
N ASP X 24 30.64 -4.68 -9.26
CA ASP X 24 29.35 -4.19 -8.79
C ASP X 24 28.38 -3.93 -9.93
N THR X 25 28.86 -3.35 -11.02
CA THR X 25 28.00 -2.87 -12.08
C THR X 25 28.46 -3.52 -13.38
N TYR X 26 27.61 -4.37 -13.95
CA TYR X 26 27.96 -5.02 -15.20
C TYR X 26 27.69 -4.10 -16.38
N GLU X 27 28.64 -4.05 -17.31
CA GLU X 27 28.54 -3.14 -18.46
C GLU X 27 28.13 -3.87 -19.72
N LEU X 28 26.85 -4.20 -19.83
CA LEU X 28 26.32 -4.55 -21.13
C LEU X 28 26.22 -3.29 -21.96
N PHE X 29 26.46 -3.42 -23.25
CA PHE X 29 26.31 -2.25 -24.09
C PHE X 29 25.81 -2.59 -25.48
N PHE X 30 24.78 -1.87 -25.89
CA PHE X 30 24.11 -2.06 -27.16
C PHE X 30 24.98 -1.49 -28.27
N GLY X 31 25.82 -2.34 -28.86
CA GLY X 31 26.66 -1.90 -29.96
C GLY X 31 25.90 -1.84 -31.26
N PRO X 32 26.61 -1.93 -32.38
CA PRO X 32 25.94 -1.83 -33.67
C PRO X 32 25.05 -3.02 -33.99
N GLN X 33 25.56 -4.23 -33.86
CA GLN X 33 24.80 -5.43 -34.21
C GLN X 33 23.88 -5.76 -33.04
N HIS X 34 22.81 -5.00 -32.91
CA HIS X 34 21.84 -5.23 -31.84
C HIS X 34 20.39 -5.16 -32.30
N MET X 35 20.11 -4.46 -33.41
CA MET X 35 18.80 -4.27 -34.05
C MET X 35 17.85 -3.39 -33.24
N ALA X 36 18.25 -2.97 -32.04
CA ALA X 36 17.49 -1.93 -31.36
C ALA X 36 18.09 -0.55 -31.65
N THR X 37 19.32 -0.32 -31.21
CA THR X 37 20.04 0.86 -31.68
C THR X 37 20.51 0.60 -33.09
N GLU X 38 20.53 1.64 -33.90
CA GLU X 38 20.82 1.42 -35.31
C GLU X 38 22.32 1.24 -35.48
N ASN X 39 23.12 2.29 -35.22
CA ASN X 39 24.56 2.17 -35.38
C ASN X 39 25.37 2.97 -34.37
N PHE X 40 24.82 3.25 -33.19
CA PHE X 40 25.61 3.99 -32.21
C PHE X 40 25.58 3.26 -30.88
N SER X 41 26.76 3.00 -30.33
CA SER X 41 26.90 2.19 -29.14
C SER X 41 26.72 3.05 -27.91
N ILE X 42 25.84 2.62 -27.02
CA ILE X 42 25.64 3.26 -25.74
C ILE X 42 26.19 2.33 -24.68
N ILE X 43 27.28 2.70 -24.03
CA ILE X 43 27.80 1.88 -22.96
C ILE X 43 27.04 2.18 -21.68
N LEU X 44 26.37 1.16 -21.15
CA LEU X 44 25.47 1.31 -20.02
C LEU X 44 26.12 0.65 -18.81
N LYS X 45 26.37 1.44 -17.77
CA LYS X 45 26.83 0.89 -16.50
C LYS X 45 25.61 0.44 -15.72
N MET X 46 25.18 -0.79 -16.02
CA MET X 46 23.93 -1.29 -15.47
C MET X 46 24.08 -1.66 -14.00
N ASP X 47 23.03 -1.42 -13.23
CA ASP X 47 22.96 -1.81 -11.83
C ASP X 47 21.79 -2.77 -11.69
N GLY X 48 22.06 -4.05 -11.95
CA GLY X 48 21.05 -5.09 -11.81
C GLY X 48 20.03 -5.09 -12.91
N ASN X 49 19.12 -4.11 -12.89
CA ASN X 49 18.22 -3.88 -14.00
C ASN X 49 17.97 -2.42 -14.28
N ARG X 50 18.61 -1.51 -13.57
CA ARG X 50 18.53 -0.10 -13.87
C ARG X 50 19.86 0.37 -14.44
N VAL X 51 19.91 1.65 -14.78
CA VAL X 51 21.11 2.29 -15.28
C VAL X 51 21.52 3.38 -14.30
N VAL X 52 22.80 3.41 -13.93
CA VAL X 52 23.32 4.47 -13.08
C VAL X 52 24.27 5.40 -13.80
N LYS X 53 24.74 5.02 -14.99
CA LYS X 53 25.60 5.90 -15.80
C LYS X 53 25.49 5.43 -17.24
N ALA X 54 25.05 6.32 -18.13
CA ALA X 54 24.78 5.95 -19.52
C ALA X 54 25.49 6.95 -20.43
N ILE X 55 26.76 6.72 -20.68
CA ILE X 55 27.49 7.51 -21.66
C ILE X 55 27.44 6.78 -22.99
N ALA X 56 27.56 7.53 -24.07
CA ALA X 56 27.39 6.99 -25.41
C ALA X 56 28.68 7.15 -26.19
N ASN X 57 28.92 6.19 -27.07
CA ASN X 57 30.05 6.29 -27.98
C ASN X 57 29.50 6.34 -29.40
N PRO X 58 29.22 7.52 -29.92
CA PRO X 58 28.77 7.63 -31.31
C PRO X 58 29.97 7.74 -32.23
N GLY X 59 29.69 7.64 -33.52
CA GLY X 59 30.77 7.78 -34.46
C GLY X 59 31.25 6.45 -35.00
N PHE X 60 30.32 5.52 -35.17
CA PHE X 60 30.61 4.32 -35.94
C PHE X 60 30.43 4.54 -37.42
N LEU X 61 30.08 5.75 -37.83
CA LEU X 61 29.65 6.05 -39.18
C LEU X 61 30.29 7.31 -39.70
N HIS X 62 31.41 7.74 -39.10
CA HIS X 62 31.96 9.06 -39.40
C HIS X 62 32.64 9.06 -40.76
N ARG X 63 31.83 9.33 -41.80
CA ARG X 63 32.38 9.54 -43.13
C ARG X 63 33.22 10.80 -43.19
N GLY X 64 32.82 11.82 -42.44
CA GLY X 64 33.40 13.14 -42.58
C GLY X 64 32.69 13.91 -43.66
N PHE X 65 32.26 15.13 -43.36
CA PHE X 65 31.71 16.03 -44.36
C PHE X 65 32.28 17.43 -44.28
N GLU X 66 33.05 17.76 -43.25
CA GLU X 66 33.71 19.05 -43.20
C GLU X 66 34.89 19.09 -44.15
N LYS X 67 35.84 18.17 -43.96
CA LYS X 67 37.01 18.05 -44.82
C LYS X 67 36.78 17.10 -45.99
N LEU X 68 35.53 16.73 -46.25
CA LEU X 68 35.26 15.89 -47.40
C LEU X 68 34.40 16.57 -48.44
N ALA X 69 33.52 17.46 -48.03
CA ALA X 69 32.72 18.21 -48.99
C ALA X 69 33.34 19.55 -49.33
N GLU X 70 34.56 19.77 -48.89
CA GLU X 70 35.33 20.96 -49.22
C GLU X 70 36.11 20.79 -50.51
N TYR X 71 36.10 19.61 -51.09
CA TYR X 71 36.89 19.37 -52.28
C TYR X 71 36.06 19.24 -53.55
N ARG X 72 34.74 19.34 -53.46
CA ARG X 72 33.93 19.22 -54.65
C ARG X 72 33.41 20.59 -55.08
N PRO X 73 33.12 20.79 -56.36
CA PRO X 73 32.47 22.05 -56.78
C PRO X 73 31.11 22.33 -56.18
N TRP X 74 30.56 23.51 -56.46
CA TRP X 74 29.39 23.99 -55.72
C TRP X 74 28.12 23.26 -56.10
N TYR X 75 27.97 22.89 -57.36
CA TYR X 75 26.75 22.21 -57.80
C TYR X 75 26.77 20.73 -57.50
N THR X 76 27.93 20.09 -57.61
CA THR X 76 28.06 18.66 -57.43
C THR X 76 28.19 18.28 -55.97
N ASN X 77 28.11 19.24 -55.06
CA ASN X 77 28.17 18.96 -53.64
C ASN X 77 26.77 18.71 -53.07
N ILE X 78 25.81 18.44 -53.93
CA ILE X 78 24.49 18.01 -53.49
C ILE X 78 24.56 16.52 -53.21
N ALA X 79 24.93 15.75 -54.23
CA ALA X 79 24.89 14.29 -54.21
C ALA X 79 25.76 13.68 -53.14
N LEU X 80 26.82 14.37 -52.75
CA LEU X 80 27.66 13.96 -51.65
C LEU X 80 27.08 14.33 -50.31
N LEU X 81 26.15 15.27 -50.27
CA LEU X 81 25.62 15.78 -49.02
C LEU X 81 24.29 15.14 -48.66
N LEU X 82 23.73 14.29 -49.51
CA LEU X 82 22.47 13.64 -49.18
C LEU X 82 22.59 12.69 -48.00
N ARG X 83 23.70 12.00 -47.89
CA ARG X 83 23.81 10.88 -46.97
C ARG X 83 24.11 11.31 -45.54
N ILE X 84 23.97 12.59 -45.21
CA ILE X 84 24.13 12.99 -43.81
C ILE X 84 22.90 12.59 -43.00
N CYS X 85 21.73 12.44 -43.62
CA CYS X 85 20.60 11.92 -42.86
C CYS X 85 19.83 10.96 -43.75
N VAL X 86 19.85 9.68 -43.37
CA VAL X 86 19.27 8.59 -44.15
C VAL X 86 17.74 8.54 -44.22
N PRO X 87 16.95 8.71 -43.13
CA PRO X 87 15.49 8.55 -43.29
C PRO X 87 14.82 9.61 -44.14
N GLU X 88 15.32 10.82 -44.10
CA GLU X 88 14.81 11.87 -44.96
C GLU X 88 15.83 12.14 -46.07
N PRO X 89 15.55 11.68 -47.27
CA PRO X 89 16.51 11.87 -48.37
C PRO X 89 16.26 13.14 -49.15
N ASP X 90 15.51 14.08 -48.59
CA ASP X 90 15.28 15.36 -49.24
C ASP X 90 15.55 16.54 -48.33
N VAL X 91 15.42 16.38 -47.02
CA VAL X 91 15.66 17.50 -46.10
C VAL X 91 17.12 17.94 -46.08
N PRO X 92 18.14 17.05 -46.17
CA PRO X 92 19.50 17.58 -46.33
C PRO X 92 19.79 18.28 -47.65
N GLU X 93 19.21 17.86 -48.78
CA GLU X 93 19.49 18.63 -49.99
C GLU X 93 18.69 19.92 -50.04
N ALA X 94 17.48 19.94 -49.49
CA ALA X 94 16.64 21.12 -49.57
C ALA X 94 17.05 22.22 -48.61
N ILE X 95 18.01 21.96 -47.72
CA ILE X 95 18.54 23.03 -46.89
C ILE X 95 19.79 23.65 -47.50
N TYR X 96 20.67 22.84 -48.08
CA TYR X 96 21.81 23.33 -48.84
C TYR X 96 21.36 24.05 -50.10
N SER X 97 20.29 23.56 -50.73
CA SER X 97 19.72 24.30 -51.85
C SER X 97 19.06 25.60 -51.43
N MET X 98 18.69 25.72 -50.15
CA MET X 98 18.15 26.97 -49.65
C MET X 98 19.27 27.94 -49.28
N ALA X 99 20.44 27.40 -48.97
CA ALA X 99 21.53 28.24 -48.48
C ALA X 99 22.34 28.81 -49.63
N VAL X 100 22.59 28.01 -50.66
CA VAL X 100 23.28 28.50 -51.85
C VAL X 100 22.33 29.40 -52.66
N ASP X 101 21.03 29.26 -52.43
CA ASP X 101 20.06 30.23 -52.91
C ASP X 101 20.30 31.63 -52.35
N GLU X 102 20.83 31.71 -51.13
CA GLU X 102 20.92 33.00 -50.45
C GLU X 102 22.20 33.75 -50.79
N ILE X 103 23.33 33.05 -50.87
CA ILE X 103 24.61 33.73 -51.10
C ILE X 103 24.71 34.22 -52.54
N ILE X 104 24.04 33.54 -53.47
CA ILE X 104 24.03 34.07 -54.83
C ILE X 104 22.84 34.98 -55.04
N GLY X 105 21.72 34.69 -54.40
CA GLY X 105 20.53 35.51 -54.54
C GLY X 105 19.79 35.26 -55.84
N TRP X 106 19.22 34.07 -55.99
CA TRP X 106 18.51 33.74 -57.22
C TRP X 106 17.12 34.35 -57.25
N GLU X 107 16.35 33.89 -58.22
CA GLU X 107 14.96 34.24 -58.41
C GLU X 107 14.18 32.96 -58.68
N VAL X 108 14.33 32.00 -57.76
CA VAL X 108 13.66 30.71 -57.78
C VAL X 108 12.15 30.90 -57.96
N PRO X 109 11.59 30.37 -59.03
CA PRO X 109 10.22 30.74 -59.41
C PRO X 109 9.18 30.09 -58.54
N GLU X 110 7.91 30.33 -58.87
CA GLU X 110 6.82 29.75 -58.09
C GLU X 110 6.75 28.24 -58.28
N ARG X 111 7.06 27.77 -59.50
CA ARG X 111 6.95 26.34 -59.80
C ARG X 111 8.01 25.55 -59.06
N ALA X 112 9.24 26.06 -59.03
CA ALA X 112 10.30 25.37 -58.29
C ALA X 112 10.04 25.43 -56.79
N GLN X 113 9.46 26.53 -56.31
CA GLN X 113 9.12 26.65 -54.90
C GLN X 113 8.03 25.66 -54.52
N TRP X 114 7.05 25.47 -55.40
CA TRP X 114 5.98 24.53 -55.12
C TRP X 114 6.48 23.10 -55.16
N ILE X 115 7.34 22.78 -56.12
CA ILE X 115 7.88 21.42 -56.23
C ILE X 115 8.73 21.09 -55.02
N ARG X 116 9.61 22.01 -54.64
CA ARG X 116 10.43 21.79 -53.46
C ARG X 116 9.61 21.75 -52.19
N THR X 117 8.47 22.45 -52.15
CA THR X 117 7.59 22.37 -51.00
C THR X 117 6.97 20.99 -50.87
N LEU X 118 6.42 20.48 -51.96
CA LEU X 118 5.70 19.21 -51.90
C LEU X 118 6.65 18.04 -51.69
N VAL X 119 7.86 18.11 -52.23
CA VAL X 119 8.79 17.01 -51.97
C VAL X 119 9.38 17.16 -50.57
N LEU X 120 9.45 18.37 -50.02
CA LEU X 120 9.88 18.50 -48.64
C LEU X 120 8.84 18.03 -47.65
N GLU X 121 7.57 17.95 -48.05
CA GLU X 121 6.57 17.46 -47.12
C GLU X 121 6.29 15.98 -47.31
N MET X 122 6.51 15.46 -48.51
CA MET X 122 6.29 14.04 -48.72
C MET X 122 7.47 13.21 -48.26
N ALA X 123 8.67 13.81 -48.24
CA ALA X 123 9.78 13.13 -47.58
C ALA X 123 9.62 13.17 -46.08
N ARG X 124 8.90 14.15 -45.56
CA ARG X 124 8.69 14.22 -44.12
C ARG X 124 7.67 13.17 -43.67
N VAL X 125 6.65 12.90 -44.48
CA VAL X 125 5.71 11.84 -44.12
C VAL X 125 6.34 10.48 -44.35
N THR X 126 7.32 10.39 -45.27
CA THR X 126 8.10 9.17 -45.41
C THR X 126 8.96 8.94 -44.18
N ALA X 127 9.56 10.01 -43.65
CA ALA X 127 10.41 9.86 -42.47
C ALA X 127 9.59 9.55 -41.23
N TYR X 128 8.37 10.08 -41.15
CA TYR X 128 7.47 9.70 -40.05
C TYR X 128 7.08 8.23 -40.15
N LEU X 129 6.81 7.75 -41.37
CA LEU X 129 6.46 6.35 -41.55
C LEU X 129 7.64 5.44 -41.23
N PHE X 130 8.85 5.89 -41.56
CA PHE X 130 10.02 5.10 -41.23
C PHE X 130 10.28 5.11 -39.73
N TRP X 131 9.97 6.21 -39.06
CA TRP X 131 10.14 6.24 -37.60
C TRP X 131 9.13 5.34 -36.93
N ILE X 132 7.93 5.23 -37.48
CA ILE X 132 6.93 4.30 -36.94
C ILE X 132 7.40 2.86 -37.12
N MET X 133 7.93 2.54 -38.30
CA MET X 133 8.40 1.18 -38.54
C MET X 133 9.62 0.86 -37.70
N GLY X 134 10.54 1.81 -37.54
CA GLY X 134 11.67 1.63 -36.66
C GLY X 134 11.30 1.53 -35.20
N LEU X 135 10.22 2.19 -34.79
CA LEU X 135 9.76 2.04 -33.41
C LEU X 135 9.11 0.68 -33.20
N SER X 136 8.35 0.21 -34.17
CA SER X 136 7.65 -1.04 -33.96
C SER X 136 8.56 -2.25 -34.10
N PHE X 137 9.68 -2.14 -34.80
CA PHE X 137 10.60 -3.27 -34.85
C PHE X 137 11.32 -3.52 -33.54
N LYS X 138 11.37 -2.54 -32.65
CA LYS X 138 12.01 -2.69 -31.35
C LYS X 138 11.00 -2.65 -30.22
N LEU X 139 9.74 -2.35 -30.49
CA LEU X 139 8.70 -2.44 -29.48
C LEU X 139 7.95 -3.75 -29.55
N GLY X 140 8.52 -4.76 -30.19
CA GLY X 140 7.89 -6.06 -30.22
C GLY X 140 6.87 -6.26 -31.32
N VAL X 141 5.83 -5.43 -31.35
CA VAL X 141 4.73 -5.57 -32.30
C VAL X 141 5.20 -5.37 -33.73
N TYR X 142 5.15 -6.43 -34.52
CA TYR X 142 5.67 -6.32 -35.88
C TYR X 142 4.66 -5.80 -36.86
N THR X 143 3.36 -5.90 -36.54
CA THR X 143 2.33 -5.56 -37.50
C THR X 143 2.30 -4.07 -37.81
N ALA X 144 2.55 -3.24 -36.78
CA ALA X 144 2.70 -1.82 -37.04
C ALA X 144 4.03 -1.50 -37.71
N GLY X 145 4.96 -2.44 -37.74
CA GLY X 145 6.18 -2.23 -38.49
C GLY X 145 6.00 -2.59 -39.95
N GLN X 146 5.39 -3.75 -40.21
CA GLN X 146 5.21 -4.20 -41.58
C GLN X 146 4.24 -3.31 -42.33
N TRP X 147 3.21 -2.80 -41.64
CA TRP X 147 2.29 -1.89 -42.30
C TRP X 147 2.98 -0.57 -42.62
N ALA X 148 3.79 -0.06 -41.70
CA ALA X 148 4.44 1.22 -41.90
C ALA X 148 5.43 1.17 -43.03
N ALA X 149 6.16 0.06 -43.16
CA ALA X 149 7.08 -0.06 -44.27
C ALA X 149 6.36 -0.30 -45.58
N ALA X 150 5.21 -1.00 -45.54
CA ALA X 150 4.42 -1.19 -46.75
C ALA X 150 3.86 0.12 -47.27
N TYR X 151 3.43 0.99 -46.37
CA TYR X 151 2.84 2.23 -46.85
C TYR X 151 3.91 3.28 -47.09
N ARG X 152 5.12 3.04 -46.60
CA ARG X 152 6.23 3.87 -47.05
C ARG X 152 6.67 3.47 -48.44
N GLU X 153 6.46 2.22 -48.83
CA GLU X 153 6.94 1.76 -50.13
C GLU X 153 6.14 2.38 -51.27
N ARG X 154 4.86 2.66 -51.08
CA ARG X 154 4.14 3.31 -52.17
C ARG X 154 4.52 4.78 -52.29
N PHE X 155 4.97 5.40 -51.21
CA PHE X 155 5.52 6.76 -51.31
C PHE X 155 6.87 6.74 -52.02
N MET X 156 7.66 5.70 -51.79
CA MET X 156 8.91 5.55 -52.52
C MET X 156 8.65 5.31 -54.00
N ALA X 157 7.69 4.46 -54.32
CA ALA X 157 7.34 4.20 -55.70
C ALA X 157 6.61 5.38 -56.34
N LEU X 158 6.17 6.36 -55.54
CA LEU X 158 5.65 7.58 -56.12
C LEU X 158 6.76 8.60 -56.35
N PHE X 159 7.79 8.58 -55.50
CA PHE X 159 8.95 9.45 -55.73
C PHE X 159 9.70 9.01 -56.98
N GLU X 160 9.71 7.72 -57.24
CA GLU X 160 10.47 7.16 -58.35
C GLU X 160 9.92 7.61 -59.70
N GLN X 161 8.62 7.91 -59.78
CA GLN X 161 8.08 8.50 -60.99
C GLN X 161 8.66 9.89 -61.23
N LEU X 162 8.90 10.63 -60.16
CA LEU X 162 9.28 12.03 -60.28
C LEU X 162 10.75 12.20 -60.66
N THR X 163 11.65 11.72 -59.82
CA THR X 163 13.02 12.23 -59.81
C THR X 163 14.08 11.19 -60.12
N GLY X 164 13.93 9.98 -59.60
CA GLY X 164 15.00 9.03 -59.74
C GLY X 164 14.80 7.80 -58.89
N ALA X 165 15.79 7.50 -58.05
CA ALA X 165 15.75 6.30 -57.26
C ALA X 165 14.76 6.45 -56.10
N ARG X 166 14.69 5.39 -55.29
CA ARG X 166 13.82 5.36 -54.12
C ARG X 166 14.26 6.38 -53.09
N VAL X 167 15.43 6.17 -52.51
CA VAL X 167 16.03 7.10 -51.59
C VAL X 167 17.26 7.69 -52.26
N TYR X 168 17.80 8.74 -51.62
CA TYR X 168 18.87 9.56 -52.17
C TYR X 168 18.57 10.03 -53.58
N HIS X 169 17.41 10.66 -53.74
CA HIS X 169 17.05 11.22 -55.03
C HIS X 169 17.68 12.59 -55.13
N ILE X 170 18.75 12.68 -55.92
CA ILE X 170 19.46 13.94 -56.06
C ILE X 170 18.59 14.82 -56.93
N TYR X 171 17.83 15.69 -56.29
CA TYR X 171 16.77 16.43 -56.95
C TYR X 171 17.03 17.93 -56.97
N THR X 172 17.21 18.53 -55.80
CA THR X 172 17.12 19.97 -55.68
C THR X 172 18.52 20.56 -55.81
N ILE X 173 18.90 20.91 -57.03
CA ILE X 173 20.16 21.61 -57.27
C ILE X 173 19.99 23.02 -56.70
N PRO X 174 21.11 23.74 -56.37
CA PRO X 174 21.03 25.10 -55.78
C PRO X 174 20.11 26.13 -56.42
N GLY X 175 19.76 25.95 -57.68
CA GLY X 175 18.68 26.73 -58.22
C GLY X 175 17.59 25.83 -58.76
N GLY X 176 16.43 25.85 -58.11
CA GLY X 176 15.29 25.10 -58.62
C GLY X 176 15.47 23.61 -58.42
N VAL X 177 14.96 22.84 -59.39
CA VAL X 177 14.98 21.39 -59.35
C VAL X 177 15.59 20.88 -60.66
N ARG X 178 15.57 19.56 -60.83
CA ARG X 178 16.17 18.94 -61.99
C ARG X 178 15.17 18.35 -62.96
N ARG X 179 14.08 17.76 -62.48
CA ARG X 179 13.07 17.19 -63.35
C ARG X 179 11.70 17.62 -62.87
N ASP X 180 10.87 18.13 -63.77
CA ASP X 180 9.55 18.59 -63.39
C ASP X 180 8.58 17.42 -63.23
N ILE X 181 7.32 17.76 -62.97
CA ILE X 181 6.28 16.75 -62.81
C ILE X 181 6.00 16.06 -64.12
N PRO X 182 5.64 14.77 -64.13
CA PRO X 182 5.15 14.16 -65.36
C PRO X 182 3.80 14.71 -65.81
N GLY X 183 2.91 14.99 -64.88
CA GLY X 183 1.64 15.59 -65.23
C GLY X 183 0.45 15.02 -64.49
N ASP X 184 -0.66 14.82 -65.21
CA ASP X 184 -1.89 14.38 -64.56
C ASP X 184 -1.82 12.92 -64.17
N LYS X 185 -0.89 12.16 -64.74
CA LYS X 185 -0.68 10.79 -64.28
C LYS X 185 -0.06 10.77 -62.89
N TRP X 186 0.66 11.84 -62.54
CA TRP X 186 1.33 11.88 -61.26
C TRP X 186 0.53 12.63 -60.21
N LEU X 187 -0.02 13.80 -60.56
CA LEU X 187 -0.67 14.64 -59.57
C LEU X 187 -1.99 14.05 -59.12
N ARG X 188 -2.65 13.29 -60.00
CA ARG X 188 -3.83 12.56 -59.57
C ARG X 188 -3.44 11.39 -58.66
N GLN X 189 -2.24 10.84 -58.87
CA GLN X 189 -1.80 9.69 -58.10
C GLN X 189 -1.49 10.06 -56.66
N VAL X 190 -0.97 11.27 -56.44
CA VAL X 190 -0.67 11.70 -55.07
C VAL X 190 -1.96 11.93 -54.29
N ARG X 191 -3.00 12.43 -54.98
CA ARG X 191 -4.30 12.56 -54.36
C ARG X 191 -4.86 11.21 -53.94
N ASP X 192 -4.60 10.19 -54.75
CA ASP X 192 -5.08 8.85 -54.45
C ASP X 192 -4.39 8.27 -53.23
N THR X 193 -3.06 8.38 -53.16
CA THR X 193 -2.37 7.77 -52.04
C THR X 193 -2.54 8.57 -50.75
N VAL X 194 -2.77 9.88 -50.86
CA VAL X 194 -2.95 10.67 -49.64
C VAL X 194 -4.34 10.46 -49.06
N GLU X 195 -5.37 10.37 -49.92
CA GLU X 195 -6.70 10.03 -49.43
C GLU X 195 -6.75 8.61 -48.92
N TYR X 196 -5.97 7.71 -49.54
CA TYR X 196 -5.89 6.33 -49.06
C TYR X 196 -5.25 6.26 -47.69
N LEU X 197 -4.14 6.98 -47.49
CA LEU X 197 -3.44 6.86 -46.22
C LEU X 197 -4.16 7.65 -45.13
N LYS X 198 -4.94 8.66 -45.51
CA LYS X 198 -5.76 9.34 -44.50
C LYS X 198 -6.94 8.48 -44.09
N ASP X 199 -7.41 7.59 -44.96
CA ASP X 199 -8.35 6.57 -44.48
C ASP X 199 -7.64 5.41 -43.80
N LYS X 200 -6.34 5.25 -44.04
CA LYS X 200 -5.59 4.16 -43.47
C LYS X 200 -5.08 4.45 -42.07
N LEU X 201 -4.89 5.72 -41.74
CA LEU X 201 -4.19 6.11 -40.52
C LEU X 201 -4.98 5.76 -39.27
N LYS X 202 -6.29 5.57 -39.39
CA LYS X 202 -7.09 5.14 -38.25
C LYS X 202 -6.89 3.68 -37.90
N ASP X 203 -6.10 2.92 -38.67
CA ASP X 203 -5.71 1.57 -38.31
C ASP X 203 -4.29 1.50 -37.78
N PHE X 204 -3.59 2.63 -37.70
CA PHE X 204 -2.34 2.68 -36.97
C PHE X 204 -2.55 3.00 -35.50
N ASP X 205 -3.64 3.70 -35.18
CA ASP X 205 -3.92 4.08 -33.79
C ASP X 205 -4.23 2.86 -32.95
N ASN X 206 -5.01 1.92 -33.51
CA ASN X 206 -5.45 0.76 -32.76
C ASN X 206 -4.32 -0.24 -32.50
N VAL X 207 -3.18 -0.12 -33.18
CA VAL X 207 -2.09 -1.06 -32.96
C VAL X 207 -0.95 -0.36 -32.21
N LEU X 208 -0.82 0.96 -32.38
CA LEU X 208 0.33 1.62 -31.78
C LEU X 208 -0.03 2.64 -30.70
N PHE X 209 -1.23 3.19 -30.74
CA PHE X 209 -1.52 4.30 -29.82
C PHE X 209 -2.82 4.14 -29.04
N GLU X 210 -3.46 2.98 -29.11
CA GLU X 210 -4.72 2.83 -28.40
C GLU X 210 -4.68 1.64 -27.45
N ASN X 211 -3.67 0.79 -27.60
CA ASN X 211 -3.57 -0.39 -26.76
C ASN X 211 -3.09 -0.03 -25.36
N TYR X 212 -3.51 -0.83 -24.38
CA TYR X 212 -3.15 -0.58 -22.99
C TYR X 212 -1.84 -1.26 -22.65
N ILE X 213 -1.11 -1.74 -23.66
CA ILE X 213 0.24 -2.24 -23.43
C ILE X 213 1.21 -1.08 -23.60
N THR X 214 1.18 -0.45 -24.77
CA THR X 214 2.11 0.64 -25.10
C THR X 214 1.93 1.83 -24.18
N TYR X 215 0.67 2.19 -23.90
CA TYR X 215 0.39 3.26 -22.96
C TYR X 215 0.87 2.94 -21.56
N LYS X 216 0.88 1.66 -21.17
CA LYS X 216 1.39 1.23 -19.88
C LYS X 216 2.87 0.90 -19.96
N ARG X 217 3.44 0.85 -21.15
CA ARG X 217 4.86 0.61 -21.32
C ARG X 217 5.69 1.88 -21.37
N LEU X 218 5.15 2.97 -21.91
CA LEU X 218 5.91 4.19 -22.12
C LEU X 218 5.45 5.30 -21.18
N GLU X 219 4.71 4.94 -20.14
CA GLU X 219 4.16 5.92 -19.21
C GLU X 219 5.24 6.29 -18.21
N GLY X 220 5.56 7.58 -18.14
CA GLY X 220 6.41 8.12 -17.09
C GLY X 220 7.87 7.80 -17.24
N ILE X 221 8.29 7.15 -18.33
CA ILE X 221 9.70 6.83 -18.50
C ILE X 221 10.39 7.98 -19.22
N GLY X 222 11.61 8.29 -18.79
CA GLY X 222 12.37 9.40 -19.32
C GLY X 222 11.68 10.73 -19.13
N VAL X 223 11.46 11.14 -17.87
CA VAL X 223 10.76 12.38 -17.62
C VAL X 223 11.66 13.54 -17.98
N MET X 224 11.26 14.28 -19.01
CA MET X 224 11.99 15.46 -19.46
C MET X 224 11.30 16.69 -18.89
N ASP X 225 12.08 17.53 -18.21
CA ASP X 225 11.52 18.70 -17.55
C ASP X 225 11.28 19.79 -18.61
N LYS X 226 10.69 20.89 -18.18
CA LYS X 226 10.43 22.02 -19.07
C LYS X 226 11.67 22.89 -19.27
N LYS X 227 12.47 23.05 -18.22
CA LYS X 227 13.71 23.81 -18.28
C LYS X 227 14.86 22.95 -18.79
N PHE X 228 14.57 21.67 -19.08
CA PHE X 228 15.58 20.70 -19.46
C PHE X 228 15.59 20.47 -20.97
N ALA X 229 14.75 21.18 -21.70
CA ALA X 229 14.60 20.92 -23.12
C ALA X 229 15.07 22.10 -23.95
N LEU X 230 14.72 23.32 -23.52
CA LEU X 230 14.95 24.49 -24.36
C LEU X 230 16.42 24.90 -24.32
N GLU X 231 17.09 24.69 -23.19
CA GLU X 231 18.49 25.09 -23.06
C GLU X 231 19.46 23.94 -23.27
N GLU X 232 18.97 22.78 -23.71
CA GLU X 232 19.80 21.59 -23.72
C GLU X 232 20.39 21.31 -25.10
N GLY X 233 19.67 21.71 -26.15
CA GLY X 233 20.13 21.42 -27.49
C GLY X 233 19.02 20.79 -28.30
N VAL X 234 17.85 20.71 -27.68
CA VAL X 234 16.72 20.03 -28.30
C VAL X 234 15.93 21.01 -29.16
N THR X 235 15.65 20.58 -30.39
CA THR X 235 15.07 21.52 -31.35
C THR X 235 13.92 20.87 -32.12
N GLY X 236 13.67 19.60 -31.86
CA GLY X 236 12.78 18.83 -32.69
C GLY X 236 11.31 19.01 -32.39
N PRO X 237 10.53 17.96 -32.63
CA PRO X 237 9.15 17.93 -32.11
C PRO X 237 9.08 17.33 -30.72
N ASN X 238 10.19 16.86 -30.18
CA ASN X 238 10.13 16.19 -28.89
C ASN X 238 10.26 17.17 -27.73
N LEU X 239 10.85 18.35 -27.95
CA LEU X 239 10.73 19.35 -26.90
C LEU X 239 9.39 20.05 -27.00
N ARG X 240 8.71 19.90 -28.14
CA ARG X 240 7.37 20.44 -28.28
C ARG X 240 6.35 19.66 -27.47
N ALA X 241 6.67 18.43 -27.08
CA ALA X 241 5.81 17.72 -26.14
C ALA X 241 5.98 18.30 -24.74
N THR X 242 7.18 18.77 -24.41
CA THR X 242 7.32 19.62 -23.25
C THR X 242 6.78 21.01 -23.58
N GLY X 243 6.63 21.85 -22.57
CA GLY X 243 5.99 23.11 -22.86
C GLY X 243 6.95 24.09 -23.52
N VAL X 244 6.86 24.13 -24.85
CA VAL X 244 7.69 24.99 -25.68
C VAL X 244 6.89 25.29 -26.93
N ALA X 245 6.77 26.57 -27.28
CA ALA X 245 6.07 26.99 -28.49
C ALA X 245 7.14 27.39 -29.51
N TYR X 246 7.56 26.43 -30.32
CA TYR X 246 8.58 26.68 -31.34
C TYR X 246 8.42 25.68 -32.47
N ASP X 247 7.92 26.16 -33.60
CA ASP X 247 7.87 25.40 -34.85
C ASP X 247 8.47 26.28 -35.93
N VAL X 248 9.54 25.81 -36.55
CA VAL X 248 10.27 26.61 -37.53
C VAL X 248 9.45 26.77 -38.81
N ARG X 249 8.52 25.86 -39.07
CA ARG X 249 7.59 26.06 -40.18
C ARG X 249 6.59 27.17 -39.85
N LYS X 250 6.26 27.31 -38.57
CA LYS X 250 5.29 28.32 -38.17
C LYS X 250 5.95 29.65 -37.84
N SER X 251 7.12 29.61 -37.20
CA SER X 251 7.77 30.83 -36.75
C SER X 251 8.31 31.64 -37.92
N ASP X 252 9.16 31.03 -38.73
CA ASP X 252 9.72 31.66 -39.94
C ASP X 252 9.49 30.74 -41.13
N PRO X 253 8.35 30.88 -41.80
CA PRO X 253 8.08 30.05 -42.97
C PRO X 253 9.01 30.39 -44.12
N TYR X 254 9.50 29.36 -44.80
CA TYR X 254 10.57 29.49 -45.77
C TYR X 254 10.10 29.18 -47.18
N LEU X 255 9.52 28.01 -47.38
CA LEU X 255 8.96 27.56 -48.65
C LEU X 255 7.49 27.96 -48.68
N LEU X 256 6.69 27.35 -49.54
CA LEU X 256 5.27 27.73 -49.64
C LEU X 256 4.48 27.18 -48.45
N TYR X 257 4.88 27.58 -47.25
CA TYR X 257 4.26 27.40 -45.94
C TYR X 257 3.23 28.44 -45.47
N PRO X 258 3.37 29.77 -45.66
CA PRO X 258 2.38 30.69 -45.06
C PRO X 258 0.95 30.53 -45.56
N GLU X 259 0.78 30.08 -46.80
CA GLU X 259 -0.54 29.85 -47.35
C GLU X 259 -0.92 28.39 -47.18
N LEU X 260 -0.76 27.89 -45.94
CA LEU X 260 -1.17 26.52 -45.64
C LEU X 260 -2.13 26.44 -44.45
N ASP X 261 -1.83 27.20 -43.39
CA ASP X 261 -2.63 27.27 -42.15
C ASP X 261 -2.87 25.89 -41.54
N PHE X 262 -1.79 25.28 -41.10
CA PHE X 262 -1.83 24.06 -40.31
C PHE X 262 -1.74 24.43 -38.83
N GLU X 263 -2.11 23.48 -37.98
CA GLU X 263 -2.11 23.70 -36.54
C GLU X 263 -1.12 22.75 -35.87
N ILE X 264 -0.29 23.28 -34.98
CA ILE X 264 0.82 22.53 -34.40
C ILE X 264 0.42 22.01 -33.03
N PRO X 265 0.95 20.87 -32.60
CA PRO X 265 0.65 20.35 -31.26
C PRO X 265 1.69 20.73 -30.21
N VAL X 266 1.19 21.05 -29.03
CA VAL X 266 2.00 21.40 -27.86
C VAL X 266 1.35 20.79 -26.63
N LEU X 267 2.11 20.02 -25.85
CA LEU X 267 1.62 19.45 -24.60
C LEU X 267 2.37 20.06 -23.44
N LYS X 268 1.85 19.85 -22.23
CA LYS X 268 2.54 20.26 -21.01
C LYS X 268 3.24 19.11 -20.32
N GLU X 269 3.14 17.91 -20.88
CA GLU X 269 3.77 16.68 -20.41
C GLU X 269 5.23 16.64 -20.86
N GLY X 270 5.81 15.45 -21.02
CA GLY X 270 7.25 15.36 -21.17
C GLY X 270 7.85 14.03 -20.81
N ASP X 271 7.02 13.10 -20.36
CA ASP X 271 7.38 11.69 -20.42
C ASP X 271 7.42 11.20 -21.86
N ALA X 272 7.81 9.94 -22.04
CA ALA X 272 8.19 9.44 -23.37
C ALA X 272 7.02 9.35 -24.32
N LEU X 273 5.86 8.90 -23.83
CA LEU X 273 4.72 8.78 -24.74
C LEU X 273 4.11 10.13 -25.07
N ALA X 274 4.44 11.19 -24.34
CA ALA X 274 4.09 12.51 -24.80
C ALA X 274 4.86 12.87 -26.05
N ARG X 275 6.10 12.41 -26.18
CA ARG X 275 6.93 12.67 -27.35
C ARG X 275 6.67 11.69 -28.48
N VAL X 276 5.63 10.87 -28.39
CA VAL X 276 5.22 9.96 -29.45
C VAL X 276 3.87 10.36 -30.02
N LEU X 277 2.93 10.74 -29.15
CA LEU X 277 1.62 11.20 -29.60
C LEU X 277 1.74 12.51 -30.37
N VAL X 278 2.74 13.34 -30.02
CA VAL X 278 2.94 14.58 -30.75
C VAL X 278 3.42 14.29 -32.16
N ARG X 279 4.21 13.23 -32.34
CA ARG X 279 4.67 12.90 -33.69
C ARG X 279 3.57 12.24 -34.49
N ARG X 280 2.66 11.54 -33.82
CA ARG X 280 1.50 10.99 -34.50
C ARG X 280 0.58 12.10 -35.00
N TYR X 281 0.36 13.11 -34.16
CA TYR X 281 -0.46 14.24 -34.58
C TYR X 281 0.24 15.07 -35.64
N GLU X 282 1.57 15.10 -35.61
CA GLU X 282 2.30 15.77 -36.68
C GLU X 282 2.13 15.04 -37.99
N LEU X 283 2.04 13.71 -37.95
CA LEU X 283 1.77 12.94 -39.16
C LEU X 283 0.39 13.26 -39.71
N GLU X 284 -0.60 13.40 -38.82
CA GLU X 284 -1.96 13.70 -39.25
C GLU X 284 -2.05 15.06 -39.91
N GLN X 285 -1.49 16.09 -39.26
CA GLN X 285 -1.58 17.43 -39.83
C GLN X 285 -0.66 17.61 -41.04
N ASP X 286 0.44 16.86 -41.14
CA ASP X 286 1.28 16.97 -42.32
C ASP X 286 0.63 16.30 -43.53
N LEU X 287 -0.10 15.21 -43.30
CA LEU X 287 -0.86 14.63 -44.40
C LEU X 287 -2.00 15.55 -44.81
N TYR X 288 -2.56 16.29 -43.86
CA TYR X 288 -3.54 17.32 -44.21
C TYR X 288 -2.90 18.46 -44.98
N ILE X 289 -1.61 18.73 -44.73
CA ILE X 289 -0.89 19.76 -45.49
C ILE X 289 -0.76 19.34 -46.95
N ILE X 290 -0.32 18.10 -47.18
CA ILE X 290 -0.11 17.60 -48.54
C ILE X 290 -1.43 17.50 -49.29
N GLU X 291 -2.52 17.19 -48.59
CA GLU X 291 -3.82 17.25 -49.24
C GLU X 291 -4.23 18.70 -49.53
N GLN X 292 -3.86 19.63 -48.65
CA GLN X 292 -4.23 21.02 -48.85
C GLN X 292 -3.37 21.68 -49.92
N LEU X 293 -2.10 21.26 -50.01
CA LEU X 293 -1.20 21.84 -51.00
C LEU X 293 -1.56 21.39 -52.40
N LEU X 294 -2.12 20.19 -52.54
CA LEU X 294 -2.38 19.64 -53.86
C LEU X 294 -3.52 20.32 -54.57
N ASP X 295 -4.57 20.69 -53.82
CA ASP X 295 -5.73 21.34 -54.44
C ASP X 295 -5.41 22.77 -54.88
N MET X 296 -4.32 23.34 -54.39
CA MET X 296 -3.79 24.55 -55.01
C MET X 296 -3.33 24.26 -56.44
N GLY X 297 -2.37 23.35 -56.59
CA GLY X 297 -1.81 23.05 -57.89
C GLY X 297 -0.80 24.09 -58.32
N PRO X 298 0.27 23.68 -58.98
CA PRO X 298 1.28 24.63 -59.42
C PRO X 298 0.87 25.32 -60.69
N PRO X 299 0.99 26.64 -60.76
CA PRO X 299 0.89 27.33 -62.04
C PRO X 299 2.11 27.14 -62.93
N SER X 300 2.14 27.86 -64.04
CA SER X 300 3.22 27.70 -65.00
C SER X 300 4.52 28.33 -64.48
N GLY X 301 5.60 28.08 -65.21
CA GLY X 301 6.90 28.55 -64.83
C GLY X 301 7.98 27.56 -65.22
N PRO X 302 9.24 27.98 -65.16
CA PRO X 302 10.34 27.05 -65.42
C PRO X 302 10.74 26.31 -64.17
N TYR X 303 11.43 25.19 -64.37
CA TYR X 303 11.95 24.45 -63.23
C TYR X 303 13.34 24.94 -62.84
N LYS X 304 14.15 25.30 -63.82
CA LYS X 304 15.42 25.95 -63.53
C LYS X 304 15.18 27.40 -63.10
N VAL X 305 16.25 28.07 -62.70
CA VAL X 305 16.09 29.45 -62.24
C VAL X 305 16.53 30.44 -63.33
N GLN X 306 17.75 30.30 -63.84
CA GLN X 306 18.33 31.24 -64.77
C GLN X 306 19.14 30.46 -65.80
N ASP X 307 19.15 30.95 -67.02
CA ASP X 307 19.98 30.39 -68.07
C ASP X 307 21.44 30.88 -68.07
N PRO X 308 21.76 32.20 -68.02
CA PRO X 308 23.17 32.57 -68.24
C PRO X 308 24.09 32.28 -67.06
N LYS X 309 23.66 32.52 -65.82
CA LYS X 309 24.53 32.30 -64.67
C LYS X 309 24.36 30.87 -64.13
N LEU X 310 24.45 29.90 -65.01
CA LEU X 310 24.53 28.52 -64.59
C LEU X 310 25.50 27.71 -65.42
N LYS X 311 25.93 28.21 -66.58
CA LYS X 311 26.73 27.40 -67.47
C LYS X 311 28.19 27.38 -67.03
N ASN X 312 28.96 26.50 -67.67
CA ASN X 312 30.26 26.02 -67.20
C ASN X 312 30.15 25.57 -65.75
N LEU X 313 29.26 24.61 -65.53
CA LEU X 313 28.78 24.09 -64.25
C LEU X 313 29.83 23.75 -63.20
N PRO X 314 31.06 23.30 -63.54
CA PRO X 314 32.09 23.30 -62.49
C PRO X 314 32.56 24.68 -62.11
N ARG X 315 32.94 25.51 -63.07
CA ARG X 315 33.46 26.85 -62.79
C ARG X 315 32.28 27.76 -62.46
N PHE X 316 31.95 27.77 -61.18
CA PHE X 316 30.74 28.43 -60.70
C PHE X 316 31.05 29.42 -59.59
N LYS X 317 31.92 30.38 -59.86
CA LYS X 317 32.35 31.39 -58.90
C LYS X 317 31.16 32.12 -58.26
N VAL X 318 30.99 31.90 -56.97
CA VAL X 318 29.96 32.54 -56.16
C VAL X 318 30.61 33.70 -55.41
N PRO X 319 29.97 34.87 -55.32
CA PRO X 319 30.56 35.96 -54.55
C PRO X 319 30.60 35.61 -53.07
N PRO X 320 31.60 36.11 -52.34
CA PRO X 320 31.82 35.67 -50.96
C PRO X 320 30.74 36.11 -49.98
N GLY X 321 30.87 35.63 -48.75
CA GLY X 321 29.88 35.81 -47.71
C GLY X 321 29.58 34.49 -47.06
N GLU X 322 28.44 34.42 -46.38
CA GLU X 322 28.04 33.21 -45.69
C GLU X 322 26.53 33.18 -45.60
N ALA X 323 25.99 32.00 -45.31
CA ALA X 323 24.55 31.87 -45.16
C ALA X 323 24.26 30.73 -44.20
N PHE X 324 23.22 30.92 -43.40
CA PHE X 324 22.67 29.89 -42.54
C PHE X 324 21.26 29.63 -43.01
N ALA X 325 20.86 28.37 -43.01
CA ALA X 325 19.48 27.99 -43.23
C ALA X 325 19.16 26.91 -42.24
N HIS X 326 17.88 26.75 -41.92
CA HIS X 326 17.44 25.68 -41.04
C HIS X 326 15.99 25.36 -41.33
N VAL X 327 15.64 24.08 -41.18
CA VAL X 327 14.44 23.51 -41.74
C VAL X 327 13.95 22.41 -40.81
N GLU X 328 12.63 22.23 -40.76
CA GLU X 328 12.04 21.22 -39.90
C GLU X 328 12.33 19.81 -40.43
N ALA X 329 12.59 18.89 -39.51
CA ALA X 329 12.85 17.50 -39.86
C ALA X 329 11.93 16.61 -39.07
N THR X 330 12.13 15.30 -39.22
CA THR X 330 11.35 14.35 -38.44
C THR X 330 11.81 14.29 -37.00
N LYS X 331 13.03 14.74 -36.72
CA LYS X 331 13.62 14.56 -35.40
C LYS X 331 14.20 15.84 -34.82
N GLY X 332 14.60 16.80 -35.66
CA GLY X 332 15.26 17.98 -35.15
C GLY X 332 15.49 19.05 -36.19
N ASP X 333 15.12 20.29 -35.87
CA ASP X 333 15.36 21.44 -36.73
C ASP X 333 16.85 21.63 -36.86
N PHE X 334 17.41 21.20 -37.98
CA PHE X 334 18.85 21.07 -38.12
C PHE X 334 19.32 21.95 -39.25
N GLY X 335 20.40 22.68 -38.98
CA GLY X 335 20.85 23.73 -39.86
C GLY X 335 22.05 23.34 -40.68
N ALA X 336 22.30 24.16 -41.69
CA ALA X 336 23.50 24.08 -42.50
C ALA X 336 24.29 25.35 -42.29
N TYR X 337 25.57 25.29 -42.58
CA TYR X 337 26.38 26.50 -42.49
C TYR X 337 27.39 26.45 -43.63
N VAL X 338 27.15 27.25 -44.66
CA VAL X 338 28.03 27.35 -45.80
C VAL X 338 28.77 28.68 -45.71
N VAL X 339 30.06 28.65 -45.98
CA VAL X 339 30.85 29.86 -46.16
C VAL X 339 31.52 29.76 -47.52
N SER X 340 31.57 30.86 -48.23
CA SER X 340 32.10 30.87 -49.58
C SER X 340 33.32 31.76 -49.61
N ASP X 341 34.45 31.20 -50.01
CA ASP X 341 35.65 32.01 -50.12
C ASP X 341 35.59 32.92 -51.33
N GLY X 342 34.85 32.52 -52.36
CA GLY X 342 34.73 33.34 -53.55
C GLY X 342 35.03 32.55 -54.80
N GLY X 343 35.36 31.27 -54.63
CA GLY X 343 35.68 30.40 -55.73
C GLY X 343 34.66 29.28 -55.90
N HIS X 344 35.04 28.31 -56.72
CA HIS X 344 34.19 27.16 -57.01
C HIS X 344 34.37 26.05 -56.00
N LYS X 345 34.41 26.37 -54.73
CA LYS X 345 34.59 25.40 -53.65
C LYS X 345 33.85 25.98 -52.45
N PRO X 346 33.00 25.24 -51.82
CA PRO X 346 32.51 25.66 -50.51
C PRO X 346 33.64 25.62 -49.51
N TYR X 347 33.87 26.76 -48.87
CA TYR X 347 35.02 26.89 -47.98
C TYR X 347 34.85 26.04 -46.74
N ARG X 348 33.65 26.00 -46.19
CA ARG X 348 33.28 25.00 -45.21
C ARG X 348 31.78 24.86 -45.27
N VAL X 349 31.29 23.68 -45.61
CA VAL X 349 29.88 23.38 -45.45
C VAL X 349 29.73 22.53 -44.21
N HIS X 350 29.14 23.10 -43.19
CA HIS X 350 28.83 22.38 -41.97
C HIS X 350 27.37 21.97 -42.02
N ILE X 351 27.12 20.68 -41.89
CA ILE X 351 25.75 20.21 -41.74
C ILE X 351 25.56 19.84 -40.28
N ARG X 352 24.89 20.71 -39.54
CA ARG X 352 24.58 20.38 -38.16
C ARG X 352 23.58 19.25 -38.13
N GLY X 353 23.98 18.11 -37.58
CA GLY X 353 23.07 17.01 -37.42
C GLY X 353 22.00 17.38 -36.40
N PRO X 354 20.78 16.90 -36.61
CA PRO X 354 19.73 17.16 -35.61
C PRO X 354 19.99 16.47 -34.30
N SER X 355 20.64 15.31 -34.31
CA SER X 355 20.77 14.47 -33.13
C SER X 355 22.12 14.62 -32.44
N ILE X 356 22.73 15.79 -32.48
CA ILE X 356 24.06 15.92 -31.91
C ILE X 356 23.98 16.05 -30.39
N ALA X 357 23.11 16.94 -29.90
CA ALA X 357 22.79 17.03 -28.47
C ALA X 357 21.36 16.61 -28.21
N HIS X 358 20.85 15.67 -29.00
CA HIS X 358 19.44 15.32 -29.08
C HIS X 358 19.27 13.82 -28.97
N GLY X 359 19.97 13.21 -28.03
CA GLY X 359 20.07 11.78 -28.01
C GLY X 359 21.50 11.37 -27.77
N VAL X 360 22.36 12.34 -27.45
CA VAL X 360 23.70 12.02 -26.99
C VAL X 360 23.92 12.60 -25.60
N ARG X 361 23.68 13.90 -25.45
CA ARG X 361 23.81 14.55 -24.17
C ARG X 361 22.53 14.51 -23.36
N VAL X 362 21.38 14.74 -24.01
CA VAL X 362 20.12 14.68 -23.28
C VAL X 362 19.73 13.23 -23.02
N LEU X 363 20.30 12.29 -23.77
CA LEU X 363 20.09 10.88 -23.49
C LEU X 363 20.84 10.43 -22.25
N GLU X 364 21.94 11.11 -21.90
CA GLU X 364 22.71 10.72 -20.74
C GLU X 364 21.93 10.99 -19.45
N GLN X 365 21.26 12.13 -19.38
CA GLN X 365 20.41 12.40 -18.23
C GLN X 365 18.98 11.95 -18.42
N LEU X 366 18.73 11.04 -19.37
CA LEU X 366 17.42 10.45 -19.54
C LEU X 366 17.38 8.97 -19.23
N LEU X 367 18.49 8.27 -19.34
CA LEU X 367 18.55 6.84 -19.05
C LEU X 367 18.87 6.55 -17.59
N VAL X 368 19.27 7.55 -16.81
CA VAL X 368 19.68 7.34 -15.43
C VAL X 368 18.45 7.04 -14.57
N GLY X 369 18.26 5.76 -14.26
CA GLY X 369 17.12 5.34 -13.47
C GLY X 369 16.16 4.48 -14.25
N ALA X 370 16.21 4.59 -15.58
CA ALA X 370 15.29 3.84 -16.43
C ALA X 370 15.66 2.36 -16.49
N ARG X 371 14.66 1.53 -16.70
CA ARG X 371 14.86 0.09 -16.76
C ARG X 371 15.43 -0.30 -18.11
N LEU X 372 15.85 -1.56 -18.22
CA LEU X 372 16.53 -2.01 -19.43
C LEU X 372 15.55 -2.17 -20.58
N ALA X 373 14.30 -2.50 -20.27
CA ALA X 373 13.28 -2.62 -21.30
C ALA X 373 12.97 -1.30 -21.99
N ASP X 374 13.22 -0.19 -21.32
CA ASP X 374 12.97 1.13 -21.88
C ASP X 374 14.25 1.89 -22.17
N VAL X 375 15.33 1.18 -22.43
CA VAL X 375 16.47 1.77 -23.15
C VAL X 375 16.22 1.79 -24.65
N PRO X 376 15.71 0.74 -25.33
CA PRO X 376 15.45 0.92 -26.78
C PRO X 376 14.25 1.82 -27.06
N ALA X 377 13.22 1.79 -26.22
CA ALA X 377 12.04 2.60 -26.48
C ALA X 377 12.34 4.09 -26.30
N ILE X 378 13.16 4.43 -25.31
CA ILE X 378 13.63 5.81 -25.15
C ILE X 378 14.53 6.20 -26.31
N LEU X 379 15.33 5.24 -26.80
CA LEU X 379 16.21 5.50 -27.95
C LEU X 379 15.42 5.83 -29.21
N MET X 380 14.20 5.31 -29.32
CA MET X 380 13.38 5.62 -30.49
C MET X 380 12.35 6.68 -30.21
N SER X 381 12.15 7.05 -28.94
CA SER X 381 11.20 8.12 -28.62
C SER X 381 11.85 9.48 -28.79
N LEU X 382 13.13 9.51 -29.13
CA LEU X 382 13.74 10.76 -29.59
C LEU X 382 14.04 10.74 -31.08
N ASP X 383 13.77 9.64 -31.79
CA ASP X 383 14.16 9.39 -33.19
C ASP X 383 15.66 9.59 -33.38
N ASN X 384 16.44 8.73 -32.74
CA ASN X 384 17.89 8.78 -32.86
C ASN X 384 18.36 8.19 -34.17
N CYS X 385 18.94 9.03 -35.03
CA CYS X 385 19.48 8.57 -36.29
C CYS X 385 20.98 8.75 -36.27
N PRO X 386 21.76 7.67 -36.25
CA PRO X 386 23.23 7.77 -36.01
C PRO X 386 24.04 8.50 -37.07
N PRO X 387 23.60 8.64 -38.35
CA PRO X 387 24.41 9.49 -39.25
C PRO X 387 24.40 10.99 -38.97
N ASP X 388 23.82 11.46 -37.88
CA ASP X 388 23.83 12.91 -37.65
C ASP X 388 24.81 13.35 -36.57
N ILE X 389 25.21 12.47 -35.66
CA ILE X 389 26.14 12.87 -34.60
C ILE X 389 27.54 13.05 -35.16
N ASP X 390 27.93 12.15 -36.05
CA ASP X 390 29.28 12.11 -36.59
C ASP X 390 29.61 13.32 -37.48
N ARG X 391 28.82 13.54 -38.55
CA ARG X 391 29.06 14.48 -39.64
C ARG X 391 30.49 14.43 -40.18
N ILE Y 2 9.57 -53.91 -26.15
CA ILE Y 2 10.09 -53.65 -27.49
C ILE Y 2 9.00 -53.01 -28.36
N GLY Y 3 7.74 -53.27 -28.02
CA GLY Y 3 6.65 -52.66 -28.74
C GLY Y 3 6.31 -51.28 -28.19
N VAL Y 4 6.45 -51.11 -26.88
CA VAL Y 4 6.27 -49.79 -26.27
C VAL Y 4 7.39 -48.86 -26.69
N PHE Y 5 8.57 -49.41 -27.00
CA PHE Y 5 9.68 -48.60 -27.49
C PHE Y 5 9.40 -48.07 -28.89
N LEU Y 6 8.86 -48.92 -29.76
CA LEU Y 6 8.52 -48.49 -31.11
C LEU Y 6 7.32 -47.55 -31.09
N ARG Y 7 6.38 -47.76 -30.16
CA ARG Y 7 5.24 -46.86 -30.05
C ARG Y 7 5.66 -45.50 -29.51
N ALA Y 8 6.62 -45.46 -28.58
CA ALA Y 8 7.14 -44.19 -28.09
C ALA Y 8 7.98 -43.50 -29.17
N LEU Y 9 8.69 -44.28 -29.99
CA LEU Y 9 9.39 -43.71 -31.13
C LEU Y 9 8.41 -43.16 -32.16
N LEU Y 10 7.26 -43.81 -32.31
CA LEU Y 10 6.21 -43.30 -33.18
C LEU Y 10 5.66 -41.97 -32.67
N ILE Y 11 5.48 -41.86 -31.36
CA ILE Y 11 4.92 -40.63 -30.80
C ILE Y 11 5.93 -39.49 -30.87
N ILE Y 12 7.21 -39.77 -30.62
CA ILE Y 12 8.21 -38.69 -30.67
C ILE Y 12 8.45 -38.25 -32.11
N ILE Y 13 8.39 -39.18 -33.07
CA ILE Y 13 8.67 -38.76 -34.44
C ILE Y 13 7.44 -38.09 -35.05
N TYR Y 14 6.24 -38.45 -34.58
CA TYR Y 14 5.05 -37.73 -35.02
C TYR Y 14 5.00 -36.35 -34.40
N ALA Y 15 5.38 -36.24 -33.12
CA ALA Y 15 5.42 -34.95 -32.46
C ALA Y 15 6.44 -34.03 -33.10
N THR Y 16 7.55 -34.59 -33.59
CA THR Y 16 8.50 -33.82 -34.38
C THR Y 16 7.87 -33.34 -35.68
N PHE Y 17 7.35 -34.29 -36.48
CA PHE Y 17 6.87 -33.92 -37.80
C PHE Y 17 5.47 -33.31 -37.79
N VAL Y 18 4.87 -33.00 -36.65
CA VAL Y 18 3.69 -32.13 -36.60
C VAL Y 18 3.94 -30.89 -35.77
N GLY Y 19 4.89 -30.94 -34.83
CA GLY Y 19 5.20 -29.76 -34.05
C GLY Y 19 5.96 -28.73 -34.85
N PHE Y 20 6.87 -29.20 -35.72
CA PHE Y 20 7.55 -28.27 -36.62
C PHE Y 20 6.59 -27.68 -37.63
N ILE Y 21 5.59 -28.45 -38.05
CA ILE Y 21 4.61 -27.92 -38.98
C ILE Y 21 3.67 -26.97 -38.26
N PHE Y 22 3.49 -27.16 -36.95
CA PHE Y 22 2.67 -26.21 -36.19
C PHE Y 22 3.39 -24.89 -36.01
N MET Y 23 4.71 -24.94 -35.78
CA MET Y 23 5.48 -23.71 -35.71
C MET Y 23 5.53 -23.01 -37.08
N GLY Y 24 5.58 -23.80 -38.15
CA GLY Y 24 5.48 -23.23 -39.48
C GLY Y 24 4.11 -22.65 -39.76
N ILE Y 25 3.07 -23.21 -39.15
CA ILE Y 25 1.73 -22.64 -39.28
C ILE Y 25 1.63 -21.32 -38.51
N ILE Y 26 2.30 -21.25 -37.36
CA ILE Y 26 2.42 -20.00 -36.61
C ILE Y 26 3.12 -18.94 -37.45
N ARG Y 27 4.20 -19.33 -38.14
CA ARG Y 27 4.92 -18.39 -38.99
C ARG Y 27 4.08 -17.97 -40.19
N LYS Y 28 3.26 -18.90 -40.72
CA LYS Y 28 2.41 -18.59 -41.86
C LYS Y 28 1.29 -17.64 -41.48
N VAL Y 29 0.69 -17.85 -40.30
CA VAL Y 29 -0.42 -16.99 -39.90
C VAL Y 29 0.09 -15.61 -39.49
N THR Y 30 1.23 -15.55 -38.79
CA THR Y 30 1.84 -14.26 -38.50
C THR Y 30 2.35 -13.57 -39.76
N ALA Y 31 2.62 -14.33 -40.82
CA ALA Y 31 2.93 -13.69 -42.09
C ALA Y 31 1.68 -13.09 -42.72
N ARG Y 32 0.57 -13.83 -42.70
CA ARG Y 32 -0.64 -13.31 -43.30
C ARG Y 32 -1.32 -12.27 -42.41
N ILE Y 33 -0.92 -12.15 -41.14
CA ILE Y 33 -1.58 -11.22 -40.24
C ILE Y 33 -1.19 -9.79 -40.54
N HIS Y 34 -0.08 -9.57 -41.25
CA HIS Y 34 0.34 -8.24 -41.64
C HIS Y 34 0.79 -8.25 -43.09
N ARG Y 35 -0.01 -8.91 -43.93
CA ARG Y 35 -0.01 -8.74 -45.38
C ARG Y 35 1.31 -9.16 -46.01
N ARG Y 36 1.62 -10.44 -45.84
CA ARG Y 36 2.80 -10.98 -46.50
C ARG Y 36 2.60 -12.47 -46.69
N ILE Y 37 3.15 -13.01 -47.78
CA ILE Y 37 3.10 -14.45 -48.03
C ILE Y 37 3.89 -15.19 -46.95
N GLY Y 38 5.13 -14.79 -46.73
CA GLY Y 38 5.95 -15.43 -45.73
C GLY Y 38 6.43 -16.78 -46.19
N PRO Y 39 6.88 -17.59 -45.25
CA PRO Y 39 7.58 -18.83 -45.60
C PRO Y 39 6.60 -19.89 -46.09
N PRO Y 40 7.11 -20.97 -46.69
CA PRO Y 40 6.26 -22.13 -46.93
C PRO Y 40 5.87 -22.82 -45.63
N ILE Y 41 4.97 -23.79 -45.76
CA ILE Y 41 4.47 -24.50 -44.59
C ILE Y 41 5.56 -25.36 -43.98
N TYR Y 42 6.41 -25.94 -44.81
CA TYR Y 42 7.46 -26.82 -44.30
C TYR Y 42 8.72 -26.02 -44.04
N GLN Y 43 8.61 -24.87 -43.38
CA GLN Y 43 9.78 -24.01 -43.17
C GLN Y 43 10.71 -24.44 -42.04
N PRO Y 44 10.28 -24.64 -40.78
CA PRO Y 44 11.27 -24.82 -39.71
C PRO Y 44 11.91 -26.20 -39.73
N ILE Y 45 11.37 -27.14 -40.50
CA ILE Y 45 12.09 -28.37 -40.80
C ILE Y 45 13.39 -28.06 -41.51
N ILE Y 46 13.36 -27.07 -42.42
CA ILE Y 46 14.57 -26.68 -43.11
C ILE Y 46 15.47 -25.85 -42.20
N ASP Y 47 14.91 -25.21 -41.18
CA ASP Y 47 15.73 -24.56 -40.15
C ASP Y 47 16.54 -25.58 -39.37
N THR Y 48 15.86 -26.63 -38.90
CA THR Y 48 16.54 -27.69 -38.16
C THR Y 48 17.52 -28.44 -39.06
N LEU Y 49 17.15 -28.64 -40.32
CA LEU Y 49 18.03 -29.36 -41.24
C LEU Y 49 19.25 -28.52 -41.59
N LYS Y 50 19.11 -27.20 -41.55
CA LYS Y 50 20.27 -26.35 -41.75
C LYS Y 50 21.18 -26.37 -40.53
N PHE Y 51 20.62 -26.32 -39.34
CA PHE Y 51 21.41 -26.15 -38.14
C PHE Y 51 22.12 -27.42 -37.69
N PHE Y 52 21.95 -28.53 -38.39
CA PHE Y 52 22.75 -29.72 -38.11
C PHE Y 52 23.76 -29.97 -39.22
N GLY Y 53 24.07 -28.94 -40.00
CA GLY Y 53 24.95 -29.11 -41.14
C GLY Y 53 26.12 -28.15 -41.14
N LYS Y 54 26.55 -27.73 -39.95
CA LYS Y 54 27.69 -26.83 -39.85
C LYS Y 54 29.00 -27.63 -39.87
N LYS Y 55 30.10 -26.95 -39.59
CA LYS Y 55 31.41 -27.58 -39.44
C LYS Y 55 32.18 -27.02 -38.25
N GLU Y 56 31.56 -26.16 -37.46
CA GLU Y 56 32.16 -25.71 -36.21
C GLU Y 56 31.04 -25.56 -35.19
N ASN Y 57 31.41 -25.63 -33.93
CA ASN Y 57 30.46 -25.40 -32.85
C ASN Y 57 31.18 -24.60 -31.77
N ILE Y 58 30.54 -24.45 -30.62
CA ILE Y 58 31.07 -23.55 -29.60
C ILE Y 58 31.47 -24.32 -28.36
N THR Y 59 30.50 -24.93 -27.67
CA THR Y 59 30.66 -25.75 -26.46
C THR Y 59 31.54 -25.05 -25.42
N HIS Y 60 30.97 -23.99 -24.84
CA HIS Y 60 31.65 -23.20 -23.82
C HIS Y 60 32.08 -24.03 -22.62
N GLY Y 61 31.29 -25.02 -22.24
CA GLY Y 61 31.61 -25.79 -21.07
C GLY Y 61 31.06 -27.20 -21.11
N LEU Y 62 31.43 -27.97 -20.08
CA LEU Y 62 30.94 -29.33 -19.92
C LEU Y 62 29.45 -29.37 -19.60
N ILE Y 63 28.93 -28.33 -18.97
CA ILE Y 63 27.51 -28.23 -18.66
C ILE Y 63 26.75 -27.54 -19.78
N TYR Y 64 27.45 -26.79 -20.63
CA TYR Y 64 26.82 -26.07 -21.75
C TYR Y 64 26.16 -27.02 -22.73
N ASP Y 65 26.64 -28.25 -22.82
CA ASP Y 65 25.95 -29.26 -23.61
C ASP Y 65 24.77 -29.82 -22.84
N PHE Y 66 25.00 -30.29 -21.62
CA PHE Y 66 24.05 -31.17 -20.93
C PHE Y 66 22.78 -30.47 -20.50
N GLY Y 67 22.79 -29.13 -20.41
CA GLY Y 67 21.57 -28.43 -20.02
C GLY Y 67 20.49 -28.49 -21.08
N ILE Y 68 20.85 -28.16 -22.33
CA ILE Y 68 19.84 -28.18 -23.39
C ILE Y 68 19.49 -29.60 -23.80
N ILE Y 69 20.42 -30.54 -23.64
CA ILE Y 69 20.10 -31.95 -23.88
C ILE Y 69 19.12 -32.44 -22.81
N TYR Y 70 19.27 -31.94 -21.59
CA TYR Y 70 18.29 -32.24 -20.55
C TYR Y 70 16.97 -31.54 -20.84
N ALA Y 71 17.00 -30.38 -21.49
CA ALA Y 71 15.78 -29.70 -21.86
C ALA Y 71 15.01 -30.49 -22.91
N VAL Y 72 15.73 -31.08 -23.87
CA VAL Y 72 15.09 -31.91 -24.88
C VAL Y 72 14.54 -33.18 -24.25
N GLY Y 73 15.29 -33.77 -23.32
CA GLY Y 73 14.79 -34.96 -22.63
C GLY Y 73 13.57 -34.68 -21.78
N ALA Y 74 13.53 -33.49 -21.16
CA ALA Y 74 12.37 -33.13 -20.34
C ALA Y 74 11.15 -32.83 -21.19
N THR Y 75 11.34 -32.19 -22.35
CA THR Y 75 10.18 -31.87 -23.18
C THR Y 75 9.69 -33.10 -23.93
N ILE Y 76 10.53 -34.12 -24.09
CA ILE Y 76 10.04 -35.39 -24.60
C ILE Y 76 9.30 -36.14 -23.51
N LEU Y 77 9.78 -36.05 -22.28
CA LEU Y 77 9.10 -36.68 -21.15
C LEU Y 77 7.76 -36.02 -20.87
N ALA Y 78 7.61 -34.75 -21.27
CA ALA Y 78 6.34 -34.05 -21.06
C ALA Y 78 5.25 -34.62 -21.95
N LEU Y 79 5.57 -34.88 -23.22
CA LEU Y 79 4.58 -35.35 -24.19
C LEU Y 79 4.35 -36.85 -24.12
N MET Y 80 5.16 -37.58 -23.36
CA MET Y 80 5.03 -39.02 -23.28
C MET Y 80 3.86 -39.46 -22.42
N PHE Y 81 3.33 -38.58 -21.57
CA PHE Y 81 2.31 -38.97 -20.60
C PHE Y 81 0.93 -38.45 -20.95
N ILE Y 82 0.87 -37.31 -21.64
CA ILE Y 82 -0.41 -36.76 -22.07
C ILE Y 82 -1.01 -37.68 -23.14
N PRO Y 83 -2.31 -38.01 -23.08
CA PRO Y 83 -2.84 -39.04 -23.97
C PRO Y 83 -3.04 -38.58 -25.40
N LEU Y 84 -2.01 -38.74 -26.23
CA LEU Y 84 -2.12 -38.36 -27.63
C LEU Y 84 -3.05 -39.35 -28.31
N GLY Y 85 -4.34 -39.06 -28.26
CA GLY Y 85 -5.35 -39.94 -28.79
C GLY Y 85 -5.49 -41.19 -27.96
N PRO Y 86 -5.95 -42.28 -28.56
CA PRO Y 86 -5.97 -43.56 -27.83
C PRO Y 86 -4.59 -44.17 -27.71
N ILE Y 87 -3.71 -43.88 -28.66
CA ILE Y 87 -2.35 -44.44 -28.67
C ILE Y 87 -1.53 -43.71 -27.62
N SER Y 88 -1.43 -44.32 -26.44
CA SER Y 88 -0.62 -43.80 -25.35
C SER Y 88 0.31 -44.91 -24.90
N VAL Y 89 1.57 -44.55 -24.62
CA VAL Y 89 2.50 -45.56 -24.10
C VAL Y 89 2.14 -45.91 -22.67
N LEU Y 90 1.44 -45.03 -21.97
CA LEU Y 90 0.92 -45.30 -20.63
C LEU Y 90 -0.19 -44.28 -20.39
N ARG Y 91 -1.30 -44.74 -19.82
CA ARG Y 91 -2.41 -43.85 -19.46
C ARG Y 91 -2.79 -44.01 -18.01
N ALA Y 92 -2.07 -44.85 -17.28
CA ALA Y 92 -2.32 -45.04 -15.85
C ALA Y 92 -1.96 -43.82 -15.03
N TYR Y 93 -0.92 -43.09 -15.42
CA TYR Y 93 -0.41 -41.97 -14.62
C TYR Y 93 0.00 -40.85 -15.57
N GLY Y 94 -0.90 -39.91 -15.74
CA GLY Y 94 -0.60 -38.73 -16.52
C GLY Y 94 -1.02 -37.50 -15.77
N ASP Y 95 -0.76 -37.50 -14.45
CA ASP Y 95 -1.30 -36.54 -13.49
C ASP Y 95 -1.01 -35.10 -13.85
N LEU Y 96 -1.88 -34.20 -13.37
CA LEU Y 96 -1.84 -32.78 -13.68
C LEU Y 96 -0.55 -32.12 -13.23
N ILE Y 97 -0.09 -32.43 -12.02
CA ILE Y 97 1.08 -31.76 -11.46
C ILE Y 97 2.34 -32.19 -12.20
N LEU Y 98 2.36 -33.44 -12.68
CA LEU Y 98 3.49 -33.95 -13.45
C LEU Y 98 3.69 -33.16 -14.74
N VAL Y 99 2.62 -33.04 -15.54
CA VAL Y 99 2.74 -32.38 -16.84
C VAL Y 99 2.92 -30.88 -16.66
N THR Y 100 2.28 -30.32 -15.63
CA THR Y 100 2.39 -28.89 -15.35
C THR Y 100 3.82 -28.52 -14.95
N PHE Y 101 4.45 -29.34 -14.12
CA PHE Y 101 5.84 -29.08 -13.78
C PHE Y 101 6.80 -29.47 -14.88
N LEU Y 102 6.44 -30.41 -15.74
CA LEU Y 102 7.35 -30.81 -16.80
C LEU Y 102 7.22 -29.93 -18.03
N LEU Y 103 6.37 -28.91 -17.99
CA LEU Y 103 6.54 -27.86 -18.98
C LEU Y 103 7.58 -26.85 -18.54
N GLU Y 104 7.77 -26.69 -17.23
CA GLU Y 104 8.68 -25.66 -16.72
C GLU Y 104 10.13 -26.11 -16.83
N ILE Y 105 10.36 -27.43 -16.84
CA ILE Y 105 11.74 -27.93 -16.87
C ILE Y 105 12.42 -27.67 -18.21
N PRO Y 106 11.73 -27.64 -19.36
CA PRO Y 106 12.33 -26.98 -20.54
C PRO Y 106 12.79 -25.55 -20.33
N MET Y 107 12.09 -24.77 -19.50
CA MET Y 107 12.55 -23.42 -19.21
C MET Y 107 13.71 -23.41 -18.23
N LEU Y 108 14.04 -24.55 -17.63
CA LEU Y 108 15.33 -24.66 -16.96
C LEU Y 108 16.44 -24.89 -17.98
N GLY Y 109 16.36 -25.99 -18.72
CA GLY Y 109 17.51 -26.48 -19.45
C GLY Y 109 17.86 -25.65 -20.66
N ILE Y 110 16.89 -24.89 -21.16
CA ILE Y 110 17.18 -23.94 -22.23
C ILE Y 110 17.79 -22.67 -21.69
N MET Y 111 17.80 -22.51 -20.38
CA MET Y 111 18.37 -21.38 -19.66
C MET Y 111 19.52 -21.79 -18.75
N PHE Y 112 19.48 -23.00 -18.21
CA PHE Y 112 20.56 -23.50 -17.36
C PHE Y 112 21.84 -23.70 -18.16
N ALA Y 113 21.71 -24.05 -19.43
CA ALA Y 113 22.84 -24.08 -20.34
C ALA Y 113 23.03 -22.77 -21.09
N ALA Y 114 22.08 -21.86 -21.01
CA ALA Y 114 22.31 -20.52 -21.51
C ALA Y 114 23.10 -19.66 -20.54
N MET Y 115 23.22 -20.11 -19.29
CA MET Y 115 24.03 -19.41 -18.32
C MET Y 115 25.50 -19.79 -18.41
N SER Y 116 25.79 -21.00 -18.89
CA SER Y 116 27.14 -21.52 -18.87
C SER Y 116 28.01 -20.83 -19.91
N SER Y 117 27.38 -20.24 -20.92
CA SER Y 117 28.10 -19.39 -21.86
C SER Y 117 28.69 -18.18 -21.14
N GLY Y 118 27.85 -17.46 -20.43
CA GLY Y 118 28.31 -16.34 -19.64
C GLY Y 118 28.21 -15.10 -20.47
N ASN Y 119 27.16 -14.30 -20.24
CA ASN Y 119 26.91 -13.12 -21.04
C ASN Y 119 26.00 -12.21 -20.24
N PRO Y 120 26.15 -10.90 -20.35
CA PRO Y 120 25.15 -10.02 -19.75
C PRO Y 120 23.84 -10.08 -20.51
N TYR Y 121 23.88 -10.44 -21.79
CA TYR Y 121 22.65 -10.62 -22.55
C TYR Y 121 21.97 -11.92 -22.15
N ALA Y 122 22.75 -12.99 -21.97
CA ALA Y 122 22.17 -14.24 -21.48
C ALA Y 122 21.80 -14.12 -20.01
N GLY Y 123 22.54 -13.31 -19.26
CA GLY Y 123 22.22 -13.10 -17.85
C GLY Y 123 20.93 -12.33 -17.67
N ILE Y 124 20.77 -11.24 -18.44
CA ILE Y 124 19.54 -10.47 -18.33
C ILE Y 124 18.40 -11.10 -19.11
N GLY Y 125 18.70 -12.03 -20.02
CA GLY Y 125 17.63 -12.82 -20.60
C GLY Y 125 17.09 -13.83 -19.60
N ALA Y 126 17.99 -14.47 -18.86
CA ALA Y 126 17.59 -15.40 -17.81
C ALA Y 126 16.94 -14.65 -16.66
N GLN Y 127 17.34 -13.40 -16.46
CA GLN Y 127 16.70 -12.56 -15.47
C GLN Y 127 15.27 -12.24 -15.88
N ARG Y 128 15.05 -12.02 -17.17
CA ARG Y 128 13.71 -11.65 -17.61
C ARG Y 128 12.90 -12.88 -18.01
N ALA Y 129 13.53 -14.06 -18.02
CA ALA Y 129 12.76 -15.28 -18.26
C ALA Y 129 12.25 -15.90 -16.96
N LEU Y 130 12.98 -15.69 -15.85
CA LEU Y 130 12.63 -16.39 -14.62
C LEU Y 130 11.51 -15.69 -13.86
N LEU Y 131 11.32 -14.39 -14.09
CA LEU Y 131 10.19 -13.72 -13.45
C LEU Y 131 8.87 -14.13 -14.09
N THR Y 132 8.90 -14.59 -15.34
CA THR Y 132 7.69 -15.16 -15.93
C THR Y 132 7.30 -16.43 -15.21
N LEU Y 133 8.23 -17.39 -15.17
CA LEU Y 133 8.01 -18.69 -14.52
C LEU Y 133 7.74 -18.54 -13.03
N LEU Y 134 8.16 -17.43 -12.43
CA LEU Y 134 7.64 -17.06 -11.13
C LEU Y 134 6.18 -16.64 -11.22
N ALA Y 135 5.88 -15.70 -12.12
CA ALA Y 135 4.58 -15.04 -12.07
C ALA Y 135 3.48 -15.90 -12.67
N ILE Y 136 3.84 -16.78 -13.61
CA ILE Y 136 2.78 -17.50 -14.32
C ILE Y 136 2.21 -18.64 -13.51
N GLN Y 137 2.90 -19.08 -12.45
CA GLN Y 137 2.39 -20.20 -11.68
C GLN Y 137 1.37 -19.80 -10.64
N VAL Y 138 1.03 -18.52 -10.52
CA VAL Y 138 -0.03 -18.10 -9.63
C VAL Y 138 -1.41 -18.33 -10.27
N PRO Y 139 -1.67 -18.01 -11.58
CA PRO Y 139 -2.95 -18.45 -12.14
C PRO Y 139 -2.90 -19.87 -12.68
N LEU Y 140 -1.70 -20.42 -12.87
CA LEU Y 140 -1.60 -21.77 -13.40
C LEU Y 140 -2.01 -22.80 -12.37
N GLY Y 141 -1.57 -22.62 -11.13
CA GLY Y 141 -1.94 -23.54 -10.07
C GLY Y 141 -3.42 -23.50 -9.77
N LEU Y 142 -4.02 -22.32 -9.85
CA LEU Y 142 -5.45 -22.20 -9.59
C LEU Y 142 -6.28 -22.82 -10.71
N ALA Y 143 -5.76 -22.81 -11.94
CA ALA Y 143 -6.42 -23.51 -13.03
C ALA Y 143 -6.36 -25.01 -12.82
N ILE Y 144 -5.26 -25.51 -12.27
CA ILE Y 144 -5.12 -26.94 -12.02
C ILE Y 144 -6.01 -27.38 -10.87
N ILE Y 145 -6.14 -26.54 -9.83
CA ILE Y 145 -7.08 -26.83 -8.75
C ILE Y 145 -8.52 -26.79 -9.25
N ALA Y 146 -8.81 -25.86 -10.16
CA ALA Y 146 -10.17 -25.78 -10.70
C ALA Y 146 -10.50 -26.98 -11.58
N VAL Y 147 -9.50 -27.53 -12.26
CA VAL Y 147 -9.70 -28.79 -12.97
C VAL Y 147 -9.82 -29.94 -11.96
N ALA Y 148 -9.06 -29.85 -10.87
CA ALA Y 148 -8.98 -30.94 -9.89
C ALA Y 148 -10.29 -31.12 -9.15
N GLU Y 149 -10.76 -30.07 -8.49
CA GLU Y 149 -11.92 -30.19 -7.61
C GLU Y 149 -13.21 -30.30 -8.40
N TYR Y 150 -13.19 -29.98 -9.69
CA TYR Y 150 -14.39 -30.18 -10.50
C TYR Y 150 -14.56 -31.63 -10.91
N TYR Y 151 -13.46 -32.38 -11.04
CA TYR Y 151 -13.53 -33.79 -11.35
C TYR Y 151 -13.21 -34.66 -10.15
N GLY Y 152 -12.03 -34.49 -9.58
CA GLY Y 152 -11.59 -35.30 -8.46
C GLY Y 152 -10.46 -36.22 -8.83
N THR Y 153 -10.51 -36.84 -10.01
CA THR Y 153 -9.46 -37.76 -10.39
C THR Y 153 -8.31 -37.01 -11.05
N PHE Y 154 -7.15 -37.64 -11.04
CA PHE Y 154 -5.92 -37.05 -11.52
C PHE Y 154 -5.29 -37.82 -12.67
N SER Y 155 -5.46 -39.13 -12.70
CA SER Y 155 -5.02 -39.93 -13.83
C SER Y 155 -5.75 -39.45 -15.06
N THR Y 156 -5.01 -38.93 -16.04
CA THR Y 156 -5.61 -38.18 -17.13
C THR Y 156 -6.42 -39.05 -18.07
N TYR Y 157 -6.31 -40.37 -17.97
CA TYR Y 157 -7.26 -41.23 -18.66
C TYR Y 157 -8.61 -41.25 -17.94
N GLU Y 158 -8.65 -40.92 -16.66
CA GLU Y 158 -9.90 -40.76 -15.94
C GLU Y 158 -10.40 -39.32 -15.96
N ILE Y 159 -9.97 -38.54 -16.95
CA ILE Y 159 -10.52 -37.22 -17.22
C ILE Y 159 -11.13 -37.14 -18.61
N VAL Y 160 -10.41 -37.66 -19.62
CA VAL Y 160 -10.99 -37.73 -20.95
C VAL Y 160 -12.13 -38.75 -21.00
N MET Y 161 -12.08 -39.76 -20.14
CA MET Y 161 -13.23 -40.64 -19.97
C MET Y 161 -14.40 -39.90 -19.34
N ALA Y 162 -14.11 -39.05 -18.36
CA ALA Y 162 -15.17 -38.26 -17.73
C ALA Y 162 -15.63 -37.10 -18.59
N GLN Y 163 -14.95 -36.84 -19.70
CA GLN Y 163 -15.43 -35.85 -20.66
C GLN Y 163 -16.26 -36.51 -21.75
N GLN Y 164 -15.75 -37.60 -22.31
CA GLN Y 164 -16.49 -38.30 -23.36
C GLN Y 164 -17.70 -39.04 -22.82
N LYS Y 165 -17.77 -39.25 -21.50
CA LYS Y 165 -19.02 -39.72 -20.91
C LYS Y 165 -20.07 -38.62 -20.93
N MET Y 166 -19.75 -37.46 -20.38
CA MET Y 166 -20.72 -36.38 -20.29
C MET Y 166 -20.02 -35.04 -20.45
N GLY Y 167 -20.66 -34.13 -21.19
CA GLY Y 167 -20.26 -32.75 -21.23
C GLY Y 167 -18.96 -32.43 -21.93
N TRP Y 168 -18.80 -31.17 -22.29
CA TRP Y 168 -17.53 -30.66 -22.76
C TRP Y 168 -16.80 -30.09 -21.54
N SER Y 169 -15.67 -29.43 -21.71
CA SER Y 169 -14.96 -28.93 -20.54
C SER Y 169 -14.67 -27.44 -20.58
N ILE Y 170 -14.78 -26.77 -21.74
CA ILE Y 170 -14.79 -25.31 -21.75
C ILE Y 170 -16.17 -24.77 -21.42
N PHE Y 171 -17.17 -25.62 -21.28
CA PHE Y 171 -18.44 -25.20 -20.72
C PHE Y 171 -18.34 -25.34 -19.21
N HIS Y 172 -19.47 -25.21 -18.51
CA HIS Y 172 -19.56 -25.35 -17.05
C HIS Y 172 -18.64 -24.34 -16.34
N LEU Y 173 -19.07 -23.08 -16.39
CA LEU Y 173 -18.39 -21.83 -16.05
C LEU Y 173 -17.37 -21.85 -14.90
N PRO Y 174 -17.56 -22.58 -13.77
CA PRO Y 174 -16.42 -22.74 -12.84
C PRO Y 174 -15.19 -23.42 -13.45
N LEU Y 175 -15.35 -24.16 -14.54
CA LEU Y 175 -14.20 -24.69 -15.25
C LEU Y 175 -13.79 -23.81 -16.43
N LEU Y 176 -14.69 -22.97 -16.94
CA LEU Y 176 -14.32 -22.08 -18.03
C LEU Y 176 -13.46 -20.93 -17.54
N LEU Y 177 -13.62 -20.54 -16.27
CA LEU Y 177 -12.78 -19.48 -15.72
C LEU Y 177 -11.35 -19.95 -15.48
N ALA Y 178 -11.12 -21.27 -15.47
CA ALA Y 178 -9.76 -21.77 -15.51
C ALA Y 178 -9.20 -21.77 -16.92
N ALA Y 179 -10.07 -21.87 -17.93
CA ALA Y 179 -9.60 -21.93 -19.31
C ALA Y 179 -9.12 -20.58 -19.79
N ILE Y 180 -9.76 -19.50 -19.34
CA ILE Y 180 -9.29 -18.16 -19.69
C ILE Y 180 -7.96 -17.87 -19.02
N ALA Y 181 -7.79 -18.36 -17.79
CA ALA Y 181 -6.49 -18.29 -17.13
C ALA Y 181 -5.45 -19.11 -17.88
N TYR Y 182 -5.85 -20.26 -18.42
CA TYR Y 182 -4.88 -21.02 -19.23
C TYR Y 182 -4.67 -20.37 -20.58
N ASP Y 183 -5.70 -19.74 -21.15
CA ASP Y 183 -5.53 -19.07 -22.43
C ASP Y 183 -4.61 -17.86 -22.31
N ILE Y 184 -4.53 -17.25 -21.13
CA ILE Y 184 -3.61 -16.15 -20.94
C ILE Y 184 -2.22 -16.68 -20.57
N VAL Y 185 -2.14 -17.78 -19.82
CA VAL Y 185 -0.83 -18.27 -19.39
C VAL Y 185 -0.12 -19.02 -20.51
N LEU Y 186 -0.85 -19.39 -21.56
CA LEU Y 186 -0.27 -20.20 -22.63
C LEU Y 186 0.67 -19.37 -23.50
N GLN Y 187 0.39 -18.07 -23.65
CA GLN Y 187 1.26 -17.21 -24.44
C GLN Y 187 2.61 -17.01 -23.75
N ALA Y 188 2.60 -17.01 -22.42
CA ALA Y 188 3.86 -16.93 -21.69
C ALA Y 188 4.59 -18.26 -21.72
N MET Y 189 3.86 -19.36 -21.54
CA MET Y 189 4.49 -20.68 -21.50
C MET Y 189 5.03 -21.06 -22.87
N PHE Y 190 4.45 -20.51 -23.93
CA PHE Y 190 4.98 -20.71 -25.28
C PHE Y 190 6.19 -19.82 -25.52
N GLY Y 191 6.00 -18.51 -25.38
CA GLY Y 191 6.93 -17.52 -25.88
C GLY Y 191 6.32 -16.75 -27.02
N LYS Y 192 5.01 -16.54 -26.97
CA LYS Y 192 4.37 -15.72 -27.98
C LYS Y 192 4.31 -14.28 -27.47
N GLU Y 193 4.02 -13.33 -28.35
CA GLU Y 193 4.38 -11.91 -28.33
C GLU Y 193 3.94 -11.05 -27.14
N PRO Y 194 2.70 -11.20 -26.55
CA PRO Y 194 2.39 -10.34 -25.40
C PRO Y 194 3.27 -10.61 -24.20
N PHE Y 195 3.41 -11.87 -23.82
CA PHE Y 195 4.29 -12.24 -22.72
C PHE Y 195 5.61 -12.83 -23.21
N ASP Y 196 6.14 -12.29 -24.31
CA ASP Y 196 7.23 -12.80 -25.13
C ASP Y 196 8.54 -13.10 -24.41
N ILE Y 197 8.79 -12.39 -23.32
CA ILE Y 197 10.10 -11.89 -22.90
C ILE Y 197 11.17 -12.97 -22.66
N MET Y 198 10.79 -14.25 -22.58
CA MET Y 198 11.84 -15.28 -22.56
C MET Y 198 12.43 -15.54 -23.95
N ILE Y 199 11.86 -14.98 -25.00
CA ILE Y 199 12.50 -14.93 -26.30
C ILE Y 199 13.08 -13.55 -26.59
N ALA Y 200 12.22 -12.52 -26.54
CA ALA Y 200 12.50 -11.09 -26.72
C ALA Y 200 13.33 -10.77 -27.95
N PRO Y 201 12.85 -11.00 -29.17
CA PRO Y 201 13.68 -10.66 -30.34
C PRO Y 201 13.63 -9.17 -30.64
N GLY Y 202 14.72 -8.48 -30.33
CA GLY Y 202 14.83 -7.09 -30.69
C GLY Y 202 15.09 -6.11 -29.56
N GLU Y 203 14.43 -6.28 -28.43
CA GLU Y 203 14.62 -5.35 -27.31
C GLU Y 203 15.97 -5.59 -26.65
N ILE Y 204 16.15 -6.78 -26.09
CA ILE Y 204 17.44 -7.38 -25.86
C ILE Y 204 17.73 -8.18 -27.13
N SER Y 205 18.97 -8.66 -27.28
CA SER Y 205 19.40 -9.31 -28.51
C SER Y 205 18.56 -10.54 -28.82
N LEU Y 206 18.73 -11.60 -28.04
CA LEU Y 206 17.76 -12.67 -28.08
C LEU Y 206 17.55 -13.29 -26.70
N GLY Y 207 18.07 -12.67 -25.64
CA GLY Y 207 17.85 -13.15 -24.30
C GLY Y 207 18.66 -14.39 -23.98
N PRO Y 208 17.98 -15.50 -23.72
CA PRO Y 208 18.70 -16.73 -23.37
C PRO Y 208 19.42 -17.36 -24.54
N MET Y 209 18.75 -17.50 -25.68
CA MET Y 209 19.37 -18.11 -26.85
C MET Y 209 20.13 -17.09 -27.69
N VAL Y 210 20.97 -16.29 -27.04
CA VAL Y 210 21.57 -15.16 -27.71
C VAL Y 210 22.78 -15.60 -28.52
N GLU Y 211 23.56 -16.54 -28.00
CA GLU Y 211 24.64 -17.18 -28.74
C GLU Y 211 24.62 -18.68 -28.37
N PHE Y 212 24.12 -19.49 -29.29
CA PHE Y 212 24.12 -20.93 -29.10
C PHE Y 212 25.01 -21.63 -30.11
N GLY Y 213 24.81 -21.37 -31.39
CA GLY Y 213 25.59 -22.00 -32.41
C GLY Y 213 24.73 -22.93 -33.23
N GLY Y 214 25.39 -23.82 -33.96
CA GLY Y 214 24.70 -24.68 -34.89
C GLY Y 214 23.82 -25.74 -34.27
N LYS Y 215 24.42 -26.71 -33.58
CA LYS Y 215 23.67 -27.86 -33.09
C LYS Y 215 22.76 -27.48 -31.94
N HIS Y 216 23.18 -26.51 -31.14
CA HIS Y 216 22.40 -26.11 -29.97
C HIS Y 216 21.11 -25.42 -30.37
N MET Y 217 21.13 -24.64 -31.44
CA MET Y 217 19.89 -24.05 -31.93
C MET Y 217 18.98 -25.10 -32.57
N GLY Y 218 19.58 -26.16 -33.13
CA GLY Y 218 18.77 -27.25 -33.64
C GLY Y 218 18.04 -28.00 -32.53
N MET Y 219 18.74 -28.23 -31.42
CA MET Y 219 18.08 -28.84 -30.27
C MET Y 219 17.05 -27.90 -29.67
N LEU Y 220 17.29 -26.59 -29.76
CA LEU Y 220 16.31 -25.63 -29.28
C LEU Y 220 15.05 -25.64 -30.14
N GLN Y 221 15.21 -25.78 -31.46
CA GLN Y 221 14.03 -25.80 -32.32
C GLN Y 221 13.21 -27.06 -32.09
N ILE Y 222 13.89 -28.18 -31.83
CA ILE Y 222 13.19 -29.41 -31.46
C ILE Y 222 12.46 -29.22 -30.13
N GLN Y 223 13.15 -28.63 -29.14
CA GLN Y 223 12.56 -28.42 -27.83
C GLN Y 223 11.41 -27.43 -27.87
N HIS Y 224 11.54 -26.39 -28.70
CA HIS Y 224 10.49 -25.38 -28.79
C HIS Y 224 9.26 -25.93 -29.48
N ALA Y 225 9.46 -26.79 -30.49
CA ALA Y 225 8.32 -27.43 -31.13
C ALA Y 225 7.64 -28.42 -30.19
N MET Y 226 8.42 -29.10 -29.35
CA MET Y 226 7.80 -30.02 -28.40
C MET Y 226 7.14 -29.27 -27.25
N ALA Y 227 7.68 -28.13 -26.87
CA ALA Y 227 7.02 -27.31 -25.85
C ALA Y 227 5.69 -26.79 -26.36
N LEU Y 228 5.66 -26.37 -27.62
CA LEU Y 228 4.41 -26.06 -28.32
C LEU Y 228 3.44 -27.23 -28.25
N PHE Y 229 3.87 -28.40 -28.71
CA PHE Y 229 2.96 -29.53 -28.83
C PHE Y 229 2.54 -30.06 -27.47
N ALA Y 230 3.42 -30.06 -26.48
CA ALA Y 230 3.07 -30.60 -25.17
C ALA Y 230 2.10 -29.70 -24.43
N GLU Y 231 2.32 -28.38 -24.44
CA GLU Y 231 1.40 -27.51 -23.71
C GLU Y 231 0.07 -27.39 -24.44
N THR Y 232 0.08 -27.56 -25.76
CA THR Y 232 -1.17 -27.48 -26.52
C THR Y 232 -1.95 -28.78 -26.36
N LEU Y 233 -1.27 -29.91 -26.31
CA LEU Y 233 -1.94 -31.18 -26.09
C LEU Y 233 -2.40 -31.32 -24.64
N PHE Y 234 -1.70 -30.66 -23.72
CA PHE Y 234 -2.16 -30.66 -22.35
C PHE Y 234 -3.39 -29.80 -22.18
N PHE Y 235 -3.47 -28.70 -22.95
CA PHE Y 235 -4.68 -27.90 -22.88
C PHE Y 235 -5.85 -28.62 -23.56
N SER Y 236 -5.58 -29.39 -24.61
CA SER Y 236 -6.67 -29.99 -25.36
C SER Y 236 -7.13 -31.30 -24.72
N ASN Y 237 -6.23 -32.03 -24.08
CA ASN Y 237 -6.65 -33.27 -23.44
C ASN Y 237 -7.18 -33.06 -22.03
N ILE Y 238 -7.33 -31.82 -21.58
CA ILE Y 238 -7.92 -31.52 -20.31
C ILE Y 238 -9.16 -30.64 -20.46
N PHE Y 239 -9.03 -29.51 -21.15
CA PHE Y 239 -10.13 -28.58 -21.32
C PHE Y 239 -10.97 -28.85 -22.55
N LEU Y 240 -10.52 -29.71 -23.45
CA LEU Y 240 -11.31 -30.02 -24.63
C LEU Y 240 -11.66 -31.49 -24.71
N GLY Y 241 -10.66 -32.37 -24.67
CA GLY Y 241 -10.89 -33.79 -24.59
C GLY Y 241 -11.04 -34.41 -25.97
N GLY Y 242 -10.07 -35.21 -26.41
CA GLY Y 242 -10.20 -35.84 -27.70
C GLY Y 242 -10.76 -37.24 -27.66
N GLY Y 243 -10.07 -38.15 -26.96
CA GLY Y 243 -10.57 -39.48 -26.69
C GLY Y 243 -10.68 -40.40 -27.88
N VAL Y 244 -11.64 -40.12 -28.76
CA VAL Y 244 -11.90 -40.93 -29.95
C VAL Y 244 -12.67 -40.10 -30.96
N PRO Y 251 -9.56 -50.76 -34.80
CA PRO Y 251 -9.95 -49.95 -35.95
C PRO Y 251 -9.01 -48.79 -36.20
N LEU Y 252 -8.52 -48.65 -37.43
CA LEU Y 252 -7.60 -47.56 -37.76
C LEU Y 252 -8.32 -46.34 -38.32
N LEU Y 253 -9.46 -46.53 -38.97
CA LEU Y 253 -10.24 -45.40 -39.48
C LEU Y 253 -10.94 -44.63 -38.38
N ASN Y 254 -11.04 -45.20 -37.18
CA ASN Y 254 -11.47 -44.48 -35.99
C ASN Y 254 -10.29 -43.79 -35.31
N THR Y 255 -9.14 -44.47 -35.27
CA THR Y 255 -7.98 -43.94 -34.55
C THR Y 255 -7.37 -42.75 -35.27
N LEU Y 256 -7.24 -42.84 -36.59
CA LEU Y 256 -6.65 -41.75 -37.37
C LEU Y 256 -7.55 -40.53 -37.36
N ALA Y 257 -8.86 -40.74 -37.41
CA ALA Y 257 -9.79 -39.61 -37.31
C ALA Y 257 -9.83 -39.03 -35.90
N SER Y 258 -9.61 -39.87 -34.88
CA SER Y 258 -9.48 -39.38 -33.52
C SER Y 258 -8.28 -38.47 -33.38
N LEU Y 259 -7.15 -38.88 -33.95
CA LEU Y 259 -5.95 -38.05 -33.91
C LEU Y 259 -6.11 -36.82 -34.80
N ALA Y 260 -6.94 -36.91 -35.85
CA ALA Y 260 -7.17 -35.76 -36.71
C ALA Y 260 -8.01 -34.70 -36.02
N VAL Y 261 -9.07 -35.12 -35.31
CA VAL Y 261 -9.88 -34.13 -34.60
C VAL Y 261 -9.13 -33.62 -33.38
N LEU Y 262 -8.20 -34.42 -32.85
CA LEU Y 262 -7.30 -33.91 -31.83
C LEU Y 262 -6.36 -32.86 -32.42
N LEU Y 263 -5.92 -33.06 -33.66
CA LEU Y 263 -5.07 -32.09 -34.33
C LEU Y 263 -5.84 -30.81 -34.64
N VAL Y 264 -7.13 -30.93 -34.92
CA VAL Y 264 -7.96 -29.75 -35.15
C VAL Y 264 -8.10 -28.95 -33.85
N LYS Y 265 -8.25 -29.64 -32.72
CA LYS Y 265 -8.30 -28.92 -31.46
C LYS Y 265 -6.91 -28.47 -31.00
N GLN Y 266 -5.85 -29.05 -31.55
CA GLN Y 266 -4.51 -28.49 -31.34
C GLN Y 266 -4.38 -27.15 -32.04
N ILE Y 267 -4.84 -27.07 -33.28
CA ILE Y 267 -4.78 -25.84 -34.06
C ILE Y 267 -5.71 -24.79 -33.48
N ALA Y 268 -6.79 -25.23 -32.82
CA ALA Y 268 -7.86 -24.33 -32.36
C ALA Y 268 -7.37 -23.35 -31.30
N VAL Y 269 -6.73 -23.86 -30.24
CA VAL Y 269 -6.14 -22.94 -29.26
C VAL Y 269 -4.89 -22.30 -29.84
N LEU Y 270 -4.22 -22.98 -30.78
CA LEU Y 270 -3.08 -22.37 -31.45
C LEU Y 270 -3.50 -21.23 -32.36
N LEU Y 271 -4.74 -21.27 -32.87
CA LEU Y 271 -5.22 -20.19 -33.70
C LEU Y 271 -5.51 -18.94 -32.87
N ILE Y 272 -6.03 -19.11 -31.65
CA ILE Y 272 -6.32 -17.97 -30.81
C ILE Y 272 -5.06 -17.56 -30.02
N ALA Y 273 -4.01 -18.36 -30.10
CA ALA Y 273 -2.75 -17.94 -29.51
C ALA Y 273 -1.99 -16.99 -30.43
N ILE Y 274 -2.31 -16.98 -31.71
CA ILE Y 274 -1.59 -16.15 -32.67
C ILE Y 274 -2.25 -14.78 -32.83
N PHE Y 275 -3.58 -14.73 -32.78
CA PHE Y 275 -4.32 -13.51 -33.06
C PHE Y 275 -4.08 -12.48 -31.98
N VAL Y 276 -4.03 -12.92 -30.72
CA VAL Y 276 -3.50 -12.11 -29.64
C VAL Y 276 -2.01 -11.85 -29.80
N GLY Y 277 -1.26 -12.83 -30.27
CA GLY Y 277 0.19 -12.74 -30.28
C GLY Y 277 0.82 -12.12 -31.50
N ALA Y 278 0.14 -11.17 -32.14
CA ALA Y 278 0.81 -10.27 -33.07
C ALA Y 278 0.38 -8.83 -32.94
N ILE Y 279 -0.81 -8.55 -32.41
CA ILE Y 279 -1.35 -7.20 -32.32
C ILE Y 279 -1.03 -6.64 -30.95
N PHE Y 280 -0.13 -7.29 -30.24
CA PHE Y 280 0.17 -6.84 -28.89
C PHE Y 280 1.67 -6.76 -28.72
N PRO Y 281 2.18 -5.60 -28.32
CA PRO Y 281 3.63 -5.41 -28.21
C PRO Y 281 4.21 -6.18 -27.04
N ARG Y 282 5.54 -6.15 -26.98
CA ARG Y 282 6.25 -6.88 -25.93
C ARG Y 282 6.04 -6.18 -24.59
N PHE Y 283 6.19 -6.95 -23.52
CA PHE Y 283 5.80 -6.51 -22.20
C PHE Y 283 7.05 -6.37 -21.34
N THR Y 284 7.14 -5.27 -20.60
CA THR Y 284 8.20 -5.12 -19.62
C THR Y 284 8.00 -6.16 -18.52
N ILE Y 285 9.11 -6.73 -18.05
CA ILE Y 285 9.03 -7.85 -17.13
C ILE Y 285 8.55 -7.39 -15.76
N ASP Y 286 8.75 -6.11 -15.44
CA ASP Y 286 8.20 -5.56 -14.21
C ASP Y 286 6.69 -5.45 -14.27
N GLN Y 287 6.13 -5.23 -15.46
CA GLN Y 287 4.69 -5.28 -15.61
C GLN Y 287 4.19 -6.70 -15.83
N ALA Y 288 5.05 -7.60 -16.33
CA ALA Y 288 4.63 -8.99 -16.49
C ALA Y 288 4.51 -9.69 -15.15
N ALA Y 289 5.30 -9.28 -14.17
CA ALA Y 289 5.09 -9.78 -12.82
C ALA Y 289 3.84 -9.17 -12.20
N LYS Y 290 3.52 -7.94 -12.57
CA LYS Y 290 2.36 -7.25 -12.01
C LYS Y 290 1.05 -7.62 -12.68
N PHE Y 291 1.10 -8.19 -13.89
CA PHE Y 291 -0.14 -8.49 -14.62
C PHE Y 291 -0.70 -9.83 -14.22
N TYR Y 292 0.15 -10.81 -13.97
CA TYR Y 292 -0.30 -12.15 -13.64
C TYR Y 292 -0.70 -12.30 -12.18
N TRP Y 293 -0.76 -11.21 -11.45
CA TRP Y 293 -1.40 -11.22 -10.15
C TRP Y 293 -2.69 -10.42 -10.11
N LYS Y 294 -2.93 -9.50 -11.04
CA LYS Y 294 -4.17 -8.74 -10.99
C LYS Y 294 -5.32 -9.44 -11.67
N TRP Y 295 -5.30 -9.56 -13.00
CA TRP Y 295 -6.51 -10.01 -13.69
C TRP Y 295 -6.67 -11.53 -13.80
N PRO Y 296 -5.68 -12.31 -14.27
CA PRO Y 296 -5.97 -13.74 -14.39
C PRO Y 296 -5.93 -14.47 -13.06
N THR Y 297 -5.34 -13.87 -12.04
CA THR Y 297 -5.36 -14.50 -10.72
C THR Y 297 -6.75 -14.43 -10.11
N ILE Y 298 -7.43 -13.28 -10.21
CA ILE Y 298 -8.74 -13.17 -9.62
C ILE Y 298 -9.78 -13.92 -10.45
N ILE Y 299 -9.54 -14.08 -11.76
CA ILE Y 299 -10.42 -14.88 -12.58
C ILE Y 299 -10.31 -16.35 -12.20
N ALA Y 300 -9.07 -16.84 -12.06
CA ALA Y 300 -8.88 -18.23 -11.67
C ALA Y 300 -9.24 -18.45 -10.20
N ALA Y 301 -9.19 -17.41 -9.38
CA ALA Y 301 -9.60 -17.56 -7.98
C ALA Y 301 -11.11 -17.64 -7.86
N ILE Y 302 -11.84 -16.87 -8.67
CA ILE Y 302 -13.29 -17.00 -8.72
C ILE Y 302 -13.67 -18.37 -9.26
N GLY Y 303 -12.90 -18.87 -10.23
CA GLY Y 303 -13.11 -20.24 -10.69
C GLY Y 303 -12.78 -21.28 -9.63
N ALA Y 304 -11.80 -20.99 -8.78
CA ALA Y 304 -11.40 -21.95 -7.76
C ALA Y 304 -12.39 -22.00 -6.61
N ILE Y 305 -13.02 -20.86 -6.28
CA ILE Y 305 -14.04 -20.89 -5.24
C ILE Y 305 -15.41 -21.27 -5.80
N MET Y 306 -15.59 -21.24 -7.12
CA MET Y 306 -16.81 -21.78 -7.70
C MET Y 306 -16.69 -23.25 -8.06
N ALA Y 307 -15.47 -23.80 -8.05
CA ALA Y 307 -15.26 -25.24 -8.12
C ALA Y 307 -15.15 -25.87 -6.74
N SER Y 308 -15.70 -25.23 -5.73
CA SER Y 308 -15.63 -25.71 -4.36
C SER Y 308 -16.77 -25.14 -3.53
N PHE Z 6 1.07 30.65 -31.05
CA PHE Z 6 0.34 30.88 -32.29
C PHE Z 6 -0.22 29.59 -32.85
N ARG Z 7 -1.56 29.50 -32.84
CA ARG Z 7 -2.34 28.39 -33.41
C ARG Z 7 -1.96 27.04 -32.78
N ILE Z 8 -1.93 27.02 -31.45
CA ILE Z 8 -1.76 25.77 -30.72
C ILE Z 8 -3.03 24.96 -30.90
N ALA Z 9 -2.89 23.72 -31.39
CA ALA Z 9 -4.06 22.95 -31.79
C ALA Z 9 -4.90 22.44 -30.61
N PRO Z 10 -4.37 21.63 -29.66
CA PRO Z 10 -5.29 21.03 -28.69
C PRO Z 10 -5.42 21.83 -27.40
N GLU Z 11 -6.21 21.29 -26.48
CA GLU Z 11 -5.86 21.39 -25.07
C GLU Z 11 -5.62 20.00 -24.48
N GLU Z 12 -6.47 19.02 -24.77
CA GLU Z 12 -6.17 17.60 -24.57
C GLU Z 12 -6.71 16.79 -25.74
N LYS Z 13 -6.71 17.37 -26.94
CA LYS Z 13 -7.38 16.73 -28.06
C LYS Z 13 -6.56 15.63 -28.70
N VAL Z 14 -5.22 15.75 -28.69
CA VAL Z 14 -4.38 14.75 -29.31
C VAL Z 14 -4.27 13.50 -28.43
N LYS Z 15 -4.18 13.65 -27.12
CA LYS Z 15 -3.97 12.52 -26.23
C LYS Z 15 -5.22 11.65 -26.15
N LYS Z 16 -5.07 10.39 -26.50
CA LYS Z 16 -6.20 9.48 -26.61
C LYS Z 16 -6.26 8.58 -25.38
N LYS Z 17 -7.28 7.72 -25.35
CA LYS Z 17 -7.51 6.84 -24.21
C LYS Z 17 -7.02 5.44 -24.55
N PRO Z 18 -6.22 4.81 -23.69
CA PRO Z 18 -5.85 3.42 -23.90
C PRO Z 18 -7.06 2.51 -23.74
N SER Z 19 -6.93 1.30 -24.29
CA SER Z 19 -8.07 0.44 -24.53
C SER Z 19 -7.65 -1.01 -24.57
N PHE Z 20 -8.51 -1.87 -24.01
CA PHE Z 20 -8.21 -3.28 -23.79
C PHE Z 20 -8.14 -4.08 -25.08
N LEU Z 21 -9.26 -4.16 -25.81
CA LEU Z 21 -9.41 -5.11 -26.91
C LEU Z 21 -9.58 -4.41 -28.26
N LYS Z 22 -9.26 -3.14 -28.31
CA LYS Z 22 -9.21 -2.38 -29.56
C LYS Z 22 -8.10 -2.82 -30.54
N PRO Z 23 -6.94 -3.36 -30.11
CA PRO Z 23 -6.02 -3.95 -31.10
C PRO Z 23 -6.55 -5.06 -32.00
N TRP Z 24 -7.72 -5.63 -31.71
CA TRP Z 24 -8.30 -6.61 -32.63
C TRP Z 24 -8.77 -5.99 -33.94
N PHE Z 25 -8.79 -4.67 -34.08
CA PHE Z 25 -9.05 -4.04 -35.36
C PHE Z 25 -7.80 -3.97 -36.22
N GLY Z 26 -6.66 -4.38 -35.70
CA GLY Z 26 -5.52 -4.65 -36.54
C GLY Z 26 -5.49 -6.04 -37.10
N LEU Z 27 -6.49 -6.85 -36.76
CA LEU Z 27 -6.59 -8.22 -37.20
C LEU Z 27 -7.46 -8.35 -38.45
N LYS Z 28 -7.85 -7.22 -39.05
CA LYS Z 28 -8.75 -7.22 -40.19
C LYS Z 28 -8.14 -7.86 -41.43
N TYR Z 29 -6.82 -7.89 -41.54
CA TYR Z 29 -6.17 -8.36 -42.77
C TYR Z 29 -5.81 -9.83 -42.69
N LEU Z 30 -6.61 -10.62 -42.00
CA LEU Z 30 -6.49 -12.07 -42.08
C LEU Z 30 -7.08 -12.65 -43.34
N PHE Z 31 -7.86 -11.88 -44.09
CA PHE Z 31 -8.53 -12.41 -45.26
C PHE Z 31 -8.34 -11.59 -46.52
N LYS Z 32 -7.86 -10.35 -46.44
CA LYS Z 32 -7.60 -9.58 -47.65
C LYS Z 32 -6.38 -10.12 -48.37
N LYS Z 33 -6.22 -9.70 -49.61
CA LYS Z 33 -5.11 -10.16 -50.43
C LYS Z 33 -3.82 -9.56 -49.92
N PRO Z 34 -2.79 -10.36 -49.63
CA PRO Z 34 -1.55 -9.83 -49.06
C PRO Z 34 -0.76 -9.06 -50.10
N VAL Z 35 -0.27 -7.88 -49.70
CA VAL Z 35 0.26 -6.92 -50.67
C VAL Z 35 1.74 -7.20 -50.88
N THR Z 36 2.05 -8.22 -51.67
CA THR Z 36 3.45 -8.46 -51.99
C THR Z 36 3.57 -8.78 -53.45
N ILE Z 37 4.80 -8.69 -53.95
CA ILE Z 37 5.12 -8.98 -55.34
C ILE Z 37 6.01 -10.22 -55.31
N LYS Z 38 5.61 -11.27 -56.02
CA LYS Z 38 6.43 -12.46 -56.08
C LYS Z 38 7.49 -12.29 -57.17
N ILE Z 39 8.71 -11.93 -56.77
CA ILE Z 39 9.72 -11.42 -57.69
C ILE Z 39 10.28 -12.49 -58.62
N PRO Z 40 10.45 -13.78 -58.21
CA PRO Z 40 10.46 -14.83 -59.24
C PRO Z 40 9.09 -15.49 -59.44
N TYR Z 41 8.43 -15.25 -60.57
CA TYR Z 41 8.81 -14.20 -61.52
C TYR Z 41 7.63 -13.31 -61.88
N GLU Z 42 7.38 -12.29 -61.08
CA GLU Z 42 6.49 -11.20 -61.47
C GLU Z 42 7.35 -9.94 -61.48
N PHE Z 43 7.51 -9.35 -62.66
CA PHE Z 43 8.39 -8.20 -62.78
C PHE Z 43 7.67 -6.94 -62.31
N ILE Z 44 8.44 -5.87 -62.20
CA ILE Z 44 7.97 -4.64 -61.56
C ILE Z 44 7.71 -3.53 -62.57
N GLU Z 45 8.42 -3.51 -63.72
CA GLU Z 45 8.45 -2.42 -64.71
C GLU Z 45 8.80 -1.08 -64.07
N PRO Z 46 10.09 -0.81 -63.82
CA PRO Z 46 10.52 0.49 -63.29
C PRO Z 46 10.17 1.71 -64.14
N ALA Z 47 10.43 2.89 -63.57
CA ALA Z 47 9.96 4.16 -64.11
C ALA Z 47 10.56 4.44 -65.49
N PRO Z 48 9.89 5.25 -66.32
CA PRO Z 48 10.44 5.52 -67.66
C PRO Z 48 11.74 6.33 -67.65
N ARG Z 49 12.06 7.00 -66.56
CA ARG Z 49 13.30 7.76 -66.46
C ARG Z 49 14.04 7.46 -65.17
N TYR Z 50 14.12 6.19 -64.80
CA TYR Z 50 14.89 5.77 -63.66
C TYR Z 50 16.37 5.91 -63.96
N ARG Z 51 17.12 6.41 -63.00
CA ARG Z 51 18.55 6.64 -63.22
C ARG Z 51 19.30 5.33 -63.16
N GLY Z 52 20.03 5.03 -64.22
CA GLY Z 52 20.68 3.75 -64.35
C GLY Z 52 22.10 3.84 -64.89
N PHE Z 53 22.36 3.13 -65.98
CA PHE Z 53 23.72 3.05 -66.50
C PHE Z 53 23.86 3.97 -67.70
N HIS Z 54 25.08 4.03 -68.24
CA HIS Z 54 25.44 5.07 -69.18
C HIS Z 54 25.54 4.56 -70.60
N THR Z 55 25.15 5.41 -71.54
CA THR Z 55 25.00 5.05 -72.93
C THR Z 55 25.62 6.13 -73.81
N LEU Z 56 26.90 6.38 -73.58
CA LEU Z 56 27.72 7.29 -74.37
C LEU Z 56 27.61 7.05 -75.87
N ASP Z 57 27.53 8.13 -76.64
CA ASP Z 57 27.51 8.02 -78.10
C ASP Z 57 28.89 8.37 -78.65
N TRP Z 58 29.50 7.45 -79.36
CA TRP Z 58 30.90 7.58 -79.73
C TRP Z 58 31.13 8.61 -80.84
N LYS Z 59 30.08 9.16 -81.44
CA LYS Z 59 30.22 10.08 -82.56
C LYS Z 59 29.95 11.52 -82.18
N LYS Z 60 29.55 11.77 -80.93
CA LYS Z 60 29.26 13.14 -80.51
C LYS Z 60 30.18 13.57 -79.39
N CYS Z 61 30.88 12.57 -78.81
CA CYS Z 61 31.83 12.82 -77.70
C CYS Z 61 33.03 13.62 -78.22
N ILE Z 62 33.34 14.74 -77.57
CA ILE Z 62 34.45 15.59 -77.98
C ILE Z 62 35.61 15.54 -77.01
N GLY Z 63 35.47 14.86 -75.87
CA GLY Z 63 36.59 14.70 -74.97
C GLY Z 63 36.95 15.95 -74.22
N CYS Z 64 36.00 16.81 -73.93
CA CYS Z 64 36.32 18.08 -73.31
C CYS Z 64 36.45 17.98 -71.81
N ASN Z 65 36.17 16.80 -71.23
CA ASN Z 65 36.30 16.52 -69.80
C ASN Z 65 35.46 17.45 -68.94
N MET Z 66 34.34 17.91 -69.49
CA MET Z 66 33.41 18.70 -68.69
C MET Z 66 32.74 17.85 -67.63
N CYS Z 67 32.53 16.58 -67.92
CA CYS Z 67 31.98 15.64 -66.95
C CYS Z 67 32.98 15.31 -65.86
N GLY Z 68 34.27 15.39 -66.18
CA GLY Z 68 35.34 15.02 -65.27
C GLY Z 68 35.39 15.85 -64.02
N GLN Z 69 34.87 17.06 -64.12
CA GLN Z 69 34.97 18.07 -63.09
C GLN Z 69 33.65 18.28 -62.38
N ILE Z 70 32.68 17.40 -62.57
CA ILE Z 70 31.42 17.56 -61.84
C ILE Z 70 30.98 16.20 -61.31
N CYS Z 71 31.77 15.17 -61.61
CA CYS Z 71 31.49 13.83 -61.03
C CYS Z 71 31.81 13.93 -59.53
N PRO Z 72 30.85 13.74 -58.62
CA PRO Z 72 31.09 13.89 -57.19
C PRO Z 72 31.95 12.78 -56.65
N ALA Z 73 32.08 11.70 -57.39
CA ALA Z 73 32.82 10.57 -56.89
C ALA Z 73 34.06 10.25 -57.72
N ARG Z 74 34.40 11.12 -58.68
CA ARG Z 74 35.67 11.10 -59.40
C ARG Z 74 35.86 9.77 -60.14
N ALA Z 75 34.80 9.32 -60.78
CA ALA Z 75 34.92 8.20 -61.70
C ALA Z 75 34.22 8.55 -63.00
N ILE Z 76 34.86 9.39 -63.79
CA ILE Z 76 34.54 9.45 -65.21
C ILE Z 76 35.86 9.69 -65.94
N GLU Z 77 36.93 9.09 -65.42
CA GLU Z 77 38.28 9.29 -65.93
C GLU Z 77 38.40 8.96 -67.41
N MET Z 78 39.23 9.74 -68.12
CA MET Z 78 39.31 9.72 -69.56
C MET Z 78 40.32 8.71 -70.08
N THR Z 79 39.99 8.10 -71.22
CA THR Z 79 40.93 7.25 -71.95
C THR Z 79 41.20 7.85 -73.31
N TRP Z 80 42.02 7.16 -74.08
CA TRP Z 80 42.24 7.49 -75.49
C TRP Z 80 41.79 6.31 -76.34
N ILE Z 81 40.82 6.57 -77.23
CA ILE Z 81 40.26 5.65 -78.22
C ILE Z 81 39.80 4.34 -77.62
N PRO Z 87 38.89 10.85 -77.47
CA PRO Z 87 39.26 10.63 -76.08
C PRO Z 87 38.06 10.51 -75.16
N HIS Z 88 37.44 9.34 -75.12
CA HIS Z 88 36.19 9.13 -74.42
C HIS Z 88 36.42 8.73 -72.98
N PRO Z 89 35.41 8.88 -72.11
CA PRO Z 89 35.58 8.45 -70.71
C PRO Z 89 35.14 7.03 -70.46
N LYS Z 90 35.80 6.34 -69.53
CA LYS Z 90 35.28 5.09 -69.00
C LYS Z 90 34.72 5.40 -67.62
N ILE Z 91 33.43 5.18 -67.45
CA ILE Z 91 32.79 5.29 -66.15
C ILE Z 91 32.96 3.95 -65.46
N ASP Z 92 33.55 3.96 -64.28
CA ASP Z 92 33.55 2.78 -63.45
C ASP Z 92 32.51 2.94 -62.37
N TYR Z 93 31.76 1.88 -62.11
CA TYR Z 93 30.75 1.91 -61.07
C TYR Z 93 31.31 1.50 -59.74
N GLY Z 94 32.63 1.43 -59.64
CA GLY Z 94 33.24 1.30 -58.33
C GLY Z 94 32.94 2.50 -57.45
N ARG Z 95 33.14 3.68 -57.98
CA ARG Z 95 32.90 4.89 -57.21
C ARG Z 95 31.97 5.79 -58.00
N CYS Z 96 30.70 5.40 -58.03
CA CYS Z 96 29.66 6.15 -58.77
C CYS Z 96 28.35 6.10 -57.97
N THR Z 97 27.68 7.24 -57.80
CA THR Z 97 26.46 7.24 -57.02
C THR Z 97 25.20 7.34 -57.87
N PHE Z 98 25.32 7.22 -59.19
CA PHE Z 98 24.21 7.37 -60.15
C PHE Z 98 23.48 8.68 -59.98
N CYS Z 99 24.20 9.74 -59.67
CA CYS Z 99 23.54 11.02 -59.45
C CYS Z 99 23.17 11.69 -60.74
N GLN Z 100 23.74 11.25 -61.87
CA GLN Z 100 23.46 11.75 -63.20
C GLN Z 100 23.70 13.25 -63.32
N PHE Z 101 24.76 13.71 -62.67
CA PHE Z 101 25.24 15.03 -62.97
C PHE Z 101 26.09 15.05 -64.22
N CYS Z 102 26.47 13.85 -64.66
CA CYS Z 102 27.27 13.68 -65.89
C CYS Z 102 26.35 13.73 -67.12
N VAL Z 103 25.03 13.81 -66.92
CA VAL Z 103 24.16 13.87 -68.08
C VAL Z 103 23.82 15.29 -68.50
N ASP Z 104 23.36 16.12 -67.58
CA ASP Z 104 22.88 17.46 -67.92
C ASP Z 104 24.01 18.47 -67.94
N VAL Z 105 25.25 18.01 -67.88
CA VAL Z 105 26.41 18.89 -67.95
C VAL Z 105 27.25 18.65 -69.19
N CYS Z 106 27.26 17.43 -69.72
CA CYS Z 106 27.78 17.10 -71.05
C CYS Z 106 27.16 18.00 -72.11
N PRO Z 107 27.97 18.78 -72.80
CA PRO Z 107 27.44 19.81 -73.69
C PRO Z 107 26.82 19.24 -74.94
N THR Z 108 27.48 18.29 -75.57
CA THR Z 108 27.02 17.75 -76.84
C THR Z 108 25.77 16.92 -76.65
N GLY Z 109 25.67 16.26 -75.49
CA GLY Z 109 24.55 15.40 -75.23
C GLY Z 109 24.94 13.94 -75.34
N ALA Z 110 26.23 13.67 -75.44
CA ALA Z 110 26.67 12.30 -75.67
C ALA Z 110 26.94 11.56 -74.38
N LEU Z 111 26.03 11.64 -73.41
CA LEU Z 111 26.11 10.79 -72.24
C LEU Z 111 24.72 10.61 -71.64
N GLY Z 112 24.02 9.59 -72.06
CA GLY Z 112 22.65 9.42 -71.61
C GLY Z 112 22.57 8.45 -70.46
N PHE Z 113 21.36 8.20 -70.02
CA PHE Z 113 21.11 7.25 -68.94
C PHE Z 113 19.82 6.51 -69.24
N ILE Z 114 19.85 5.21 -69.12
CA ILE Z 114 18.68 4.37 -69.37
C ILE Z 114 18.44 3.50 -68.16
N GLU Z 115 17.21 3.02 -68.02
CA GLU Z 115 16.81 2.25 -66.85
C GLU Z 115 17.42 0.85 -66.87
N THR Z 116 18.58 0.70 -66.24
CA THR Z 116 19.22 -0.61 -66.11
C THR Z 116 20.03 -0.59 -64.84
N TYR Z 117 19.66 -1.40 -63.87
CA TYR Z 117 20.29 -1.26 -62.56
C TYR Z 117 20.81 -2.58 -62.01
N MET Z 118 20.19 -3.69 -62.42
CA MET Z 118 20.57 -5.00 -61.91
C MET Z 118 21.93 -5.41 -62.44
N LEU Z 119 22.89 -5.55 -61.54
CA LEU Z 119 24.26 -5.88 -61.93
C LEU Z 119 24.90 -6.61 -60.77
N THR Z 120 25.04 -7.92 -60.89
CA THR Z 120 25.58 -8.76 -59.83
C THR Z 120 26.78 -9.50 -60.35
N THR Z 121 27.93 -9.28 -59.72
CA THR Z 121 29.15 -9.98 -60.07
C THR Z 121 29.72 -10.67 -58.85
N THR Z 122 30.54 -11.70 -59.09
CA THR Z 122 31.02 -12.56 -58.02
C THR Z 122 32.40 -12.09 -57.54
N TRP Z 123 33.06 -12.91 -56.74
CA TRP Z 123 34.25 -12.45 -56.04
C TRP Z 123 35.50 -12.46 -56.89
N ARG Z 124 35.53 -13.22 -57.97
CA ARG Z 124 36.76 -13.39 -58.73
C ARG Z 124 37.04 -12.13 -59.54
N GLU Z 125 38.33 -11.90 -59.80
CA GLU Z 125 38.76 -10.66 -60.44
C GLU Z 125 38.32 -10.61 -61.90
N GLU Z 126 38.24 -11.77 -62.56
CA GLU Z 126 37.87 -11.80 -63.97
C GLU Z 126 36.42 -11.39 -64.18
N GLU Z 127 35.57 -11.62 -63.18
CA GLU Z 127 34.23 -11.06 -63.21
C GLU Z 127 34.16 -9.66 -62.63
N LEU Z 128 35.26 -9.18 -62.04
CA LEU Z 128 35.28 -7.84 -61.48
C LEU Z 128 35.96 -6.83 -62.39
N LEU Z 129 36.41 -7.26 -63.57
CA LEU Z 129 36.84 -6.29 -64.59
C LEU Z 129 35.62 -5.74 -65.32
N LEU Z 130 34.43 -6.26 -64.99
CA LEU Z 130 33.13 -5.88 -65.50
C LEU Z 130 32.72 -4.46 -65.13
N TYR Z 131 33.45 -3.81 -64.24
CA TYR Z 131 33.08 -2.51 -63.71
C TYR Z 131 33.95 -1.40 -64.27
N ASP Z 132 34.45 -1.55 -65.49
CA ASP Z 132 35.40 -0.58 -66.02
C ASP Z 132 35.09 -0.23 -67.46
N TRP Z 133 33.82 -0.10 -67.79
CA TRP Z 133 33.43 -0.19 -69.17
C TRP Z 133 33.36 1.20 -69.80
N VAL Z 134 33.95 1.33 -70.98
CA VAL Z 134 33.65 2.49 -71.82
C VAL Z 134 32.24 2.26 -72.29
N PRO Z 135 31.28 3.12 -71.97
CA PRO Z 135 29.88 2.81 -72.26
C PRO Z 135 29.60 2.84 -73.75
N ILE Z 136 28.75 1.91 -74.17
CA ILE Z 136 28.48 1.66 -75.57
C ILE Z 136 27.37 2.57 -76.07
N GLU Z 137 27.20 2.61 -77.39
CA GLU Z 137 26.20 3.35 -78.14
C GLU Z 137 24.77 3.05 -77.66
N PRO Z 138 23.77 3.86 -77.99
CA PRO Z 138 22.39 3.53 -77.60
C PRO Z 138 21.73 2.41 -78.41
N GLU Z 139 22.50 1.61 -79.15
CA GLU Z 139 22.03 0.29 -79.56
C GLU Z 139 21.95 -0.68 -78.38
N LYS Z 140 22.50 -0.31 -77.21
CA LYS Z 140 22.25 -1.06 -76.00
C LYS Z 140 20.81 -0.96 -75.52
N PHE Z 141 20.05 0.00 -76.04
CA PHE Z 141 18.61 -0.03 -75.84
C PHE Z 141 17.95 -1.19 -76.57
N LYS Z 142 18.61 -1.76 -77.59
CA LYS Z 142 18.19 -3.02 -78.15
C LYS Z 142 18.74 -4.22 -77.40
N GLU Z 143 19.35 -3.98 -76.24
CA GLU Z 143 19.62 -5.03 -75.26
C GLU Z 143 18.73 -4.90 -74.03
N ILE Z 144 17.90 -3.85 -73.98
CA ILE Z 144 16.94 -3.66 -72.90
C ILE Z 144 15.60 -4.13 -73.41
N GLN Z 145 15.34 -3.86 -74.68
CA GLN Z 145 14.22 -4.46 -75.39
C GLN Z 145 14.79 -5.40 -76.45
N GLU Z 146 13.92 -6.28 -76.98
CA GLU Z 146 14.21 -7.25 -78.05
C GLU Z 146 15.22 -8.33 -77.64
N LYS Z 147 15.79 -8.23 -76.44
CA LYS Z 147 16.50 -9.35 -75.87
C LYS Z 147 16.04 -9.52 -74.43
N PHE Z 148 14.88 -10.15 -74.24
CA PHE Z 148 14.47 -10.76 -72.98
C PHE Z 148 14.46 -9.79 -71.81
N LYS Z 149 13.45 -8.92 -71.73
CA LYS Z 149 13.50 -7.66 -70.99
C LYS Z 149 13.68 -7.90 -69.50
N ASP Z 150 14.93 -8.11 -69.11
CA ASP Z 150 15.32 -8.50 -67.77
C ASP Z 150 15.93 -7.37 -66.98
N TYR Z 151 16.21 -6.25 -67.66
CA TYR Z 151 16.78 -5.04 -67.01
C TYR Z 151 18.10 -5.38 -66.30
N LYS Z 152 19.06 -5.93 -67.03
CA LYS Z 152 20.35 -6.24 -66.46
C LYS Z 152 21.45 -5.70 -67.36
N PHE Z 153 22.63 -5.55 -66.78
CA PHE Z 153 23.78 -4.93 -67.41
C PHE Z 153 24.27 -5.75 -68.60
N PRO Z 154 24.12 -5.24 -69.82
CA PRO Z 154 24.37 -6.07 -71.01
C PRO Z 154 25.83 -5.99 -71.47
N VAL Z 155 26.75 -6.32 -70.57
CA VAL Z 155 28.15 -6.45 -70.95
C VAL Z 155 28.62 -7.83 -70.51
N GLU Z 156 28.31 -8.19 -69.27
CA GLU Z 156 28.20 -9.55 -68.72
C GLU Z 156 29.48 -10.38 -68.68
N LYS Z 157 30.58 -9.91 -69.29
CA LYS Z 157 31.97 -10.34 -69.06
C LYS Z 157 32.90 -9.44 -69.85
N ILE Z 158 34.11 -9.23 -69.35
CA ILE Z 158 35.09 -8.37 -70.01
C ILE Z 158 36.43 -9.08 -69.97
N GLU Z 159 37.05 -9.24 -71.14
CA GLU Z 159 38.34 -9.91 -71.23
C GLU Z 159 39.41 -8.87 -71.54
N PHE Z 160 39.95 -8.26 -70.50
CA PHE Z 160 41.15 -7.44 -70.61
C PHE Z 160 42.34 -8.33 -70.97
N ASN Z 161 43.36 -7.73 -71.57
CA ASN Z 161 44.57 -8.47 -71.90
C ASN Z 161 45.76 -7.54 -71.77
N LYS Z 162 46.71 -7.91 -70.92
CA LYS Z 162 47.91 -7.10 -70.74
C LYS Z 162 48.79 -7.15 -71.98
N GLU Z 163 49.31 -5.99 -72.38
CA GLU Z 163 50.24 -5.70 -73.48
C GLU Z 163 49.57 -5.80 -74.86
N THR Z 164 48.36 -6.36 -74.90
CA THR Z 164 47.53 -6.45 -76.10
C THR Z 164 46.15 -5.89 -75.77
N LYS Z 165 46.13 -4.65 -75.26
CA LYS Z 165 44.98 -4.11 -74.54
C LYS Z 165 43.79 -3.92 -75.46
N GLU Z 166 42.95 -4.95 -75.53
CA GLU Z 166 41.81 -5.02 -76.42
C GLU Z 166 40.66 -5.60 -75.61
N VAL Z 167 39.89 -4.74 -74.96
CA VAL Z 167 38.77 -5.21 -74.17
C VAL Z 167 37.66 -5.69 -75.10
N THR Z 168 36.92 -6.69 -74.64
CA THR Z 168 35.89 -7.33 -75.46
C THR Z 168 34.61 -7.35 -74.63
N TYR Z 169 33.70 -6.41 -74.89
CA TYR Z 169 32.39 -6.52 -74.28
C TYR Z 169 31.62 -7.64 -74.96
N TYR Z 170 31.73 -8.85 -74.46
CA TYR Z 170 30.96 -9.96 -75.00
C TYR Z 170 29.51 -9.74 -74.62
N LEU Z 171 28.72 -9.20 -75.53
CA LEU Z 171 27.33 -8.84 -75.26
C LEU Z 171 26.47 -10.09 -75.15
N ARG Z 172 25.15 -9.88 -75.06
CA ARG Z 172 24.21 -10.96 -74.78
C ARG Z 172 24.18 -11.99 -75.91
N ASP Z 173 24.00 -11.54 -77.14
CA ASP Z 173 24.39 -12.34 -78.30
C ASP Z 173 24.98 -11.50 -79.42
N GLY Z 174 25.12 -10.20 -79.25
CA GLY Z 174 25.50 -9.31 -80.33
C GLY Z 174 26.99 -9.26 -80.55
N THR Z 175 27.45 -8.06 -80.93
CA THR Z 175 28.84 -7.88 -81.32
C THR Z 175 29.76 -7.91 -80.11
N THR Z 176 30.97 -8.43 -80.34
CA THR Z 176 31.95 -8.54 -79.25
C THR Z 176 32.55 -7.19 -78.92
N PHE Z 177 32.47 -6.22 -79.84
CA PHE Z 177 32.78 -4.80 -79.60
C PHE Z 177 34.23 -4.61 -79.16
N LYS Z 178 35.14 -5.02 -80.02
CA LYS Z 178 36.55 -4.89 -79.71
C LYS Z 178 37.02 -3.47 -79.99
N PHE Z 179 37.88 -2.96 -79.11
CA PHE Z 179 38.62 -1.74 -79.36
C PHE Z 179 39.85 -1.72 -78.48
N LYS Z 180 40.87 -1.02 -78.95
CA LYS Z 180 42.11 -0.89 -78.20
C LYS Z 180 42.05 0.31 -77.27
N ILE Z 181 42.70 0.18 -76.12
CA ILE Z 181 42.81 1.25 -75.15
C ILE Z 181 44.29 1.45 -74.87
N LEU Z 182 44.80 2.64 -75.16
CA LEU Z 182 46.18 2.97 -74.86
C LEU Z 182 46.20 4.36 -74.24
N GLY Z 183 46.91 4.50 -73.14
CA GLY Z 183 46.96 5.78 -72.45
C GLY Z 183 45.71 6.10 -71.66
N TYR Z 184 45.87 6.91 -70.62
CA TYR Z 184 44.74 7.40 -69.84
C TYR Z 184 45.00 8.86 -69.46
N GLY Z 185 44.01 9.48 -68.83
CA GLY Z 185 44.17 10.86 -68.44
C GLY Z 185 44.16 11.80 -69.62
N LEU Z 186 44.87 12.92 -69.48
CA LEU Z 186 44.97 13.91 -70.52
C LEU Z 186 46.42 14.29 -70.79
FE1 SF4 AA . 10.35 50.06 26.87
FE2 SF4 AA . 12.39 49.51 28.60
FE3 SF4 AA . 12.22 48.20 26.23
FE4 SF4 AA . 10.42 47.67 28.20
S1 SF4 AA . 12.65 47.29 28.26
S2 SF4 AA . 9.98 48.00 26.00
S3 SF4 AA . 10.19 49.73 29.12
S4 SF4 AA . 12.56 50.43 26.53
FE1 SF4 BA . 20.63 58.18 34.16
FE2 SF4 BA . 20.33 55.84 32.82
FE3 SF4 BA . 20.19 58.19 31.49
FE4 SF4 BA . 18.19 57.49 33.19
S1 SF4 BA . 18.79 56.42 31.29
S2 SF4 BA . 19.19 59.51 33.04
S3 SF4 BA . 19.37 56.42 34.79
S4 SF4 BA . 21.98 57.35 32.55
FE1 SF4 CA . 25.66 67.04 39.13
FE2 SF4 CA . 27.19 65.46 37.52
FE3 SF4 CA . 26.51 67.97 36.73
FE4 SF4 CA . 24.62 66.01 36.84
S1 SF4 CA . 26.44 66.09 35.48
S2 SF4 CA . 24.41 68.13 37.61
S3 SF4 CA . 25.32 64.85 38.64
S4 SF4 CA . 27.80 67.42 38.50
FE1 SF4 DA . 28.17 3.93 -50.36
FE2 SF4 DA . 26.24 4.61 -52.14
FE3 SF4 DA . 26.07 5.46 -49.58
FE4 SF4 DA . 25.69 2.82 -50.16
S1 SF4 DA . 24.40 4.57 -50.83
S2 SF4 DA . 26.93 3.68 -48.48
S3 SF4 DA . 27.17 2.56 -51.86
S4 SF4 DA . 27.67 6.01 -51.09
FE1 SF4 EA . 28.24 10.34 -63.78
FE2 SF4 EA . 26.89 10.34 -61.41
FE3 SF4 EA . 29.42 11.33 -61.54
FE4 SF4 EA . 29.00 8.65 -61.79
S1 SF4 EA . 28.58 9.93 -59.96
S2 SF4 EA . 30.36 9.94 -63.08
S3 SF4 EA . 27.05 8.64 -62.91
S4 SF4 EA . 27.60 12.14 -62.57
FE1 SF4 FA . 31.87 13.61 -74.01
FE2 SF4 FA . 30.52 15.45 -72.51
FE3 SF4 FA . 33.20 15.72 -72.93
FE4 SF4 FA . 32.25 13.74 -71.32
S1 SF4 FA . 32.09 15.97 -70.97
S2 SF4 FA . 33.84 13.54 -72.92
S3 SF4 FA . 30.33 13.20 -72.39
S4 SF4 FA . 31.57 15.80 -74.50
#